data_8EY9
#
_entry.id   8EY9
#
_cell.length_a   222.906
_cell.length_b   82.908
_cell.length_c   271.784
_cell.angle_alpha   90.000
_cell.angle_beta   109.130
_cell.angle_gamma   90.000
#
_symmetry.space_group_name_H-M   'P 1 21 1'
#
loop_
_entity.id
_entity.type
_entity.pdbx_description
1 polymer 'Fatty acid amide hydrolase'
2 non-polymer (9R,10E,12Z)-9-hydroxy-N-(2-hydroxyethyl)octadeca-10,12-dienamide
#
_entity_poly.entity_id   1
_entity_poly.type   'polypeptide(L)'
_entity_poly.pdbx_seq_one_letter_code
;MGKYQVMKRASEVDLSTVKYKAETMKAPHLTGLSFKLFVNLLEAPLIGSLIVDYLKKDNGMTKIFRNTVIPEEPMFRPEF
PSQEPEHDVVIVGEDESPIDRLETALKCLPQYDPSRSLHADPVSSFRYWKIRDYAYAYRSKLTTPLQVAKRIISIIEEFG
YDKPPTPFLIRFDANEVIKQAEASTRRFEQGNPISVLDGIFVTIKDDIDCLPHPTNGGTTWLHEDRSVEKDSAVVSKLRS
CGAILLGKANMHELGMGTTGNNSNYGTTRNPHDPKRYTGGSSSGSAAIVAAGLCSAALGTDGGGAVRIPSALCGITGLKT
TYGRTDMTGSLCEGGTVEIIGPLASSLEDAFLVYAAILGSSSADRYNLKPSPPCFPKLLSHNGSNAIGSLRLGKYTKWFN
DVSSSDISDKCEDILKLLSNNHGCKVVEIVVPELEEMRAAHVISIGSPTLSSLTPYCEAGKNSKLSYDTRTSFAIFRSFS
ASDYIAAQCLRRRLMEYHLNIFKDVDVIVTPTTGMTAPVIPPDALKNGETNIQVTTDLMRFVLAANLLGFPAISVPVGYD
KEGLPIGLQIMGRPWAEATVLGLAAAVEELAPVTKKPAIFYDILNTNKGEFEAYVEQKLISEEDLNSAVDHHHHHH
;
_entity_poly.pdbx_strand_id   A,B,C,D,E,F,G,H,I,J,K,L
#
loop_
_chem_comp.id
_chem_comp.type
_chem_comp.name
_chem_comp.formula
X4X non-polymer (9R,10E,12Z)-9-hydroxy-N-(2-hydroxyethyl)octadeca-10,12-dienamide 'C20 H37 N O3'
#
# COMPACT_ATOMS: atom_id res chain seq x y z
N TYR A 4 -47.29 41.43 84.78
CA TYR A 4 -46.34 41.28 83.68
C TYR A 4 -46.73 40.09 82.80
N GLN A 5 -46.78 38.92 83.41
CA GLN A 5 -47.23 37.70 82.72
C GLN A 5 -47.55 36.66 83.78
N VAL A 6 -48.25 35.61 83.35
CA VAL A 6 -48.65 34.52 84.22
C VAL A 6 -48.35 33.19 83.52
N MET A 7 -48.39 32.11 84.29
CA MET A 7 -48.10 30.78 83.78
C MET A 7 -48.96 29.77 84.51
N LYS A 8 -49.01 28.54 83.97
CA LYS A 8 -49.81 27.46 84.52
C LYS A 8 -49.09 26.14 84.30
N ARG A 9 -49.77 25.05 84.65
CA ARG A 9 -49.28 23.69 84.43
C ARG A 9 -50.43 22.75 84.67
N ALA A 10 -50.79 21.97 83.64
CA ALA A 10 -52.01 21.18 83.67
C ALA A 10 -51.86 19.91 84.51
N SER A 11 -50.77 19.18 84.32
CA SER A 11 -50.62 17.89 85.00
C SER A 11 -50.41 18.01 86.51
N GLU A 12 -50.55 19.20 87.12
CA GLU A 12 -50.35 19.34 88.56
C GLU A 12 -51.37 20.25 89.22
N VAL A 13 -52.47 20.60 88.56
CA VAL A 13 -53.45 21.49 89.16
C VAL A 13 -54.15 20.80 90.31
N ASP A 14 -54.25 21.50 91.44
CA ASP A 14 -55.07 21.02 92.55
C ASP A 14 -56.53 21.13 92.15
N LEU A 15 -57.17 20.00 91.87
CA LEU A 15 -58.54 20.00 91.38
C LEU A 15 -59.58 20.28 92.46
N SER A 16 -59.15 20.59 93.69
CA SER A 16 -60.08 21.09 94.69
C SER A 16 -60.30 22.59 94.58
N THR A 17 -59.40 23.30 93.90
CA THR A 17 -59.46 24.75 93.80
C THR A 17 -59.85 25.23 92.41
N VAL A 18 -60.09 24.31 91.45
CA VAL A 18 -60.49 24.72 90.12
C VAL A 18 -61.85 25.40 90.18
N LYS A 19 -62.02 26.45 89.39
CA LYS A 19 -63.21 27.30 89.46
C LYS A 19 -63.82 27.46 88.08
N TYR A 20 -65.12 27.77 88.08
CA TYR A 20 -65.92 27.79 86.86
C TYR A 20 -65.89 29.17 86.23
N LYS A 21 -65.53 29.23 84.95
CA LYS A 21 -65.49 30.48 84.20
C LYS A 21 -66.86 30.69 83.56
N ALA A 22 -67.65 31.59 84.13
CA ALA A 22 -69.01 31.82 83.66
C ALA A 22 -69.19 33.21 83.08
N GLU A 23 -68.28 33.63 82.22
CA GLU A 23 -68.37 34.93 81.55
C GLU A 23 -68.79 34.70 80.10
N THR A 24 -69.94 35.24 79.74
CA THR A 24 -70.45 35.09 78.37
C THR A 24 -69.73 36.04 77.43
N MET A 25 -69.69 35.66 76.15
CA MET A 25 -69.06 36.48 75.12
C MET A 25 -69.87 37.75 74.93
N LYS A 26 -69.35 38.87 75.42
CA LYS A 26 -70.02 40.17 75.31
C LYS A 26 -69.47 40.89 74.09
N ALA A 27 -70.20 40.79 72.98
CA ALA A 27 -69.84 41.45 71.74
C ALA A 27 -71.09 42.05 71.13
N PRO A 28 -70.96 43.17 70.40
CA PRO A 28 -72.16 43.84 69.87
C PRO A 28 -72.89 42.98 68.85
N HIS A 29 -74.22 43.10 68.86
CA HIS A 29 -75.10 42.40 67.94
C HIS A 29 -75.76 43.43 67.03
N LEU A 30 -75.54 43.30 65.72
CA LEU A 30 -76.04 44.25 64.75
C LEU A 30 -76.87 43.54 63.68
N THR A 31 -77.88 44.26 63.18
CA THR A 31 -78.79 43.72 62.18
C THR A 31 -79.08 44.80 61.14
N GLY A 32 -79.13 44.39 59.88
CA GLY A 32 -79.59 45.29 58.84
C GLY A 32 -78.46 46.17 58.34
N LEU A 33 -78.75 47.45 58.16
CA LEU A 33 -77.77 48.37 57.60
C LEU A 33 -76.60 48.59 58.56
N SER A 34 -76.88 48.61 59.87
CA SER A 34 -75.81 48.75 60.85
C SER A 34 -74.81 47.61 60.75
N PHE A 35 -75.28 46.41 60.39
CA PHE A 35 -74.37 45.29 60.16
C PHE A 35 -73.55 45.49 58.90
N LYS A 36 -74.15 46.08 57.86
CA LYS A 36 -73.45 46.26 56.60
C LYS A 36 -72.27 47.21 56.75
N LEU A 37 -72.50 48.38 57.36
CA LEU A 37 -71.42 49.34 57.55
C LEU A 37 -70.38 48.83 58.53
N PHE A 38 -70.77 47.97 59.47
CA PHE A 38 -69.82 47.43 60.42
C PHE A 38 -68.86 46.44 59.77
N VAL A 39 -69.33 45.68 58.77
CA VAL A 39 -68.45 44.77 58.06
C VAL A 39 -67.43 45.56 57.23
N ASN A 40 -67.86 46.66 56.61
CA ASN A 40 -66.93 47.51 55.89
C ASN A 40 -65.95 48.20 56.84
N LEU A 41 -66.33 48.38 58.10
CA LEU A 41 -65.39 48.87 59.10
C LEU A 41 -64.27 47.86 59.32
N LEU A 42 -64.64 46.58 59.48
CA LEU A 42 -63.64 45.55 59.73
C LEU A 42 -62.74 45.33 58.52
N GLU A 43 -63.28 45.46 57.31
CA GLU A 43 -62.51 45.29 56.08
C GLU A 43 -61.81 46.57 55.65
N ALA A 44 -61.66 47.54 56.55
CA ALA A 44 -60.91 48.75 56.27
C ALA A 44 -59.43 48.52 56.55
N PRO A 45 -58.55 49.07 55.72
CA PRO A 45 -57.11 48.80 55.89
C PRO A 45 -56.54 49.30 57.21
N LEU A 46 -57.16 50.29 57.84
CA LEU A 46 -56.63 50.88 59.07
C LEU A 46 -57.51 50.53 60.26
N ILE A 47 -58.75 51.04 60.30
CA ILE A 47 -59.60 50.93 61.48
C ILE A 47 -60.20 49.53 61.54
N GLY A 48 -59.85 48.68 60.58
CA GLY A 48 -60.35 47.31 60.58
C GLY A 48 -59.70 46.47 61.66
N SER A 49 -58.37 46.42 61.66
CA SER A 49 -57.65 45.62 62.64
C SER A 49 -57.78 46.20 64.03
N LEU A 50 -58.01 47.51 64.15
CA LEU A 50 -58.14 48.13 65.46
C LEU A 50 -59.40 47.67 66.17
N ILE A 51 -60.51 47.55 65.44
CA ILE A 51 -61.75 47.08 66.04
C ILE A 51 -61.64 45.60 66.38
N VAL A 52 -61.02 44.81 65.51
CA VAL A 52 -60.88 43.38 65.76
C VAL A 52 -59.97 43.15 66.97
N ASP A 53 -58.88 43.91 67.07
CA ASP A 53 -58.01 43.78 68.23
C ASP A 53 -58.69 44.21 69.52
N TYR A 54 -59.70 45.08 69.44
CA TYR A 54 -60.47 45.42 70.62
C TYR A 54 -61.37 44.26 71.03
N LEU A 55 -61.97 43.57 70.06
CA LEU A 55 -62.83 42.44 70.37
C LEU A 55 -62.03 41.29 70.98
N LYS A 56 -60.80 41.09 70.51
CA LYS A 56 -59.95 40.05 71.09
C LYS A 56 -59.55 40.39 72.51
N LYS A 57 -59.10 41.63 72.73
CA LYS A 57 -58.66 42.03 74.07
C LYS A 57 -59.83 42.09 75.05
N ASP A 58 -61.02 42.43 74.57
CA ASP A 58 -62.18 42.55 75.46
C ASP A 58 -62.58 41.20 76.03
N ASN A 59 -62.66 40.18 75.19
CA ASN A 59 -63.09 38.85 75.60
C ASN A 59 -61.94 38.01 76.15
N GLY A 60 -60.84 38.63 76.55
CA GLY A 60 -59.74 37.92 77.17
C GLY A 60 -58.97 36.99 76.25
N MET A 61 -59.16 37.08 74.93
CA MET A 61 -58.44 36.22 74.01
C MET A 61 -57.00 36.68 73.79
N THR A 62 -56.71 37.97 74.01
CA THR A 62 -55.34 38.45 73.91
C THR A 62 -54.52 38.04 75.14
N LYS A 63 -55.12 38.15 76.33
CA LYS A 63 -54.42 37.75 77.55
C LYS A 63 -54.04 36.28 77.52
N ILE A 64 -54.87 35.44 76.89
CA ILE A 64 -54.59 34.01 76.84
C ILE A 64 -53.45 33.73 75.86
N PHE A 65 -53.54 34.28 74.65
CA PHE A 65 -52.60 33.93 73.59
C PHE A 65 -51.31 34.74 73.65
N ARG A 66 -51.27 35.83 74.41
CA ARG A 66 -50.11 36.71 74.42
C ARG A 66 -49.49 36.92 75.79
N ASN A 67 -50.28 36.91 76.86
CA ASN A 67 -49.79 37.24 78.19
C ASN A 67 -49.89 36.04 79.14
N THR A 68 -49.63 34.84 78.63
CA THR A 68 -49.73 33.64 79.46
C THR A 68 -48.76 32.59 78.93
N VAL A 69 -47.99 32.00 79.84
CA VAL A 69 -47.02 30.97 79.50
C VAL A 69 -47.67 29.61 79.68
N ILE A 70 -47.49 28.73 78.70
CA ILE A 70 -48.10 27.40 78.69
C ILE A 70 -46.96 26.38 78.63
N PRO A 71 -46.90 25.41 79.55
CA PRO A 71 -45.79 24.46 79.55
C PRO A 71 -46.05 23.25 78.67
N GLU A 72 -47.31 22.96 78.37
CA GLU A 72 -47.64 21.79 77.57
C GLU A 72 -47.14 21.95 76.14
N GLU A 73 -46.71 20.84 75.54
CA GLU A 73 -46.26 20.86 74.16
C GLU A 73 -47.46 20.98 73.22
N PRO A 74 -47.24 21.47 72.01
CA PRO A 74 -48.37 21.64 71.08
C PRO A 74 -48.96 20.29 70.66
N MET A 75 -50.27 20.17 70.82
CA MET A 75 -51.03 19.01 70.38
C MET A 75 -51.94 19.47 69.27
N PHE A 76 -51.54 19.21 68.01
CA PHE A 76 -52.27 19.72 66.87
C PHE A 76 -53.55 18.92 66.61
N ARG A 77 -53.40 17.61 66.43
CA ARG A 77 -54.55 16.74 66.27
C ARG A 77 -54.79 15.93 67.54
N PRO A 78 -56.03 15.50 67.79
CA PRO A 78 -56.30 14.66 68.97
C PRO A 78 -55.51 13.36 68.91
N GLU A 79 -54.79 13.07 69.99
CA GLU A 79 -54.00 11.86 70.11
C GLU A 79 -54.64 10.98 71.18
N PHE A 80 -55.21 9.85 70.76
CA PHE A 80 -55.93 9.02 71.70
C PHE A 80 -55.06 7.88 72.22
N PRO A 81 -55.09 7.64 73.52
CA PRO A 81 -54.37 6.48 74.08
C PRO A 81 -55.12 5.18 73.78
N SER A 82 -54.48 4.07 74.12
CA SER A 82 -55.11 2.76 73.97
C SER A 82 -56.25 2.63 74.97
N GLN A 83 -57.47 2.64 74.47
CA GLN A 83 -58.65 2.59 75.33
C GLN A 83 -59.02 1.16 75.69
N GLU A 84 -59.66 1.00 76.84
CA GLU A 84 -60.14 -0.31 77.26
C GLU A 84 -61.31 -0.74 76.38
N PRO A 85 -61.42 -2.04 76.10
CA PRO A 85 -62.50 -2.50 75.21
C PRO A 85 -63.87 -2.29 75.83
N GLU A 86 -64.83 -1.95 74.99
CA GLU A 86 -66.20 -1.71 75.44
C GLU A 86 -66.84 -3.01 75.90
N HIS A 87 -67.72 -2.90 76.89
CA HIS A 87 -68.37 -4.05 77.48
C HIS A 87 -69.67 -4.37 76.74
N ASP A 88 -69.81 -5.62 76.30
CA ASP A 88 -71.04 -6.15 75.71
C ASP A 88 -71.42 -5.38 74.45
N VAL A 89 -70.58 -5.57 73.42
CA VAL A 89 -70.79 -4.99 72.09
C VAL A 89 -70.56 -6.08 71.05
N VAL A 90 -70.75 -5.71 69.79
CA VAL A 90 -70.56 -6.61 68.65
C VAL A 90 -69.51 -5.98 67.74
N ILE A 91 -68.32 -6.59 67.71
CA ILE A 91 -67.24 -6.07 66.88
C ILE A 91 -67.61 -6.23 65.41
N VAL A 92 -67.47 -5.15 64.65
CA VAL A 92 -67.75 -5.15 63.23
C VAL A 92 -66.48 -4.76 62.47
N GLY A 93 -66.30 -5.35 61.30
CA GLY A 93 -65.12 -5.05 60.50
C GLY A 93 -65.15 -3.62 59.98
N GLU A 94 -63.97 -2.99 59.99
CA GLU A 94 -63.87 -1.61 59.54
C GLU A 94 -63.93 -1.50 58.02
N ASP A 95 -63.47 -2.53 57.30
CA ASP A 95 -63.51 -2.54 55.84
C ASP A 95 -64.68 -3.36 55.30
N GLU A 96 -65.60 -3.78 56.16
CA GLU A 96 -66.80 -4.45 55.69
C GLU A 96 -67.63 -3.50 54.83
N SER A 97 -68.26 -4.07 53.82
CA SER A 97 -69.19 -3.27 53.01
C SER A 97 -70.35 -2.82 53.90
N PRO A 98 -70.82 -1.58 53.74
CA PRO A 98 -71.93 -1.11 54.57
C PRO A 98 -73.19 -1.96 54.46
N ILE A 99 -73.31 -2.75 53.38
CA ILE A 99 -74.39 -3.74 53.30
C ILE A 99 -74.22 -4.79 54.38
N ASP A 100 -73.00 -5.32 54.53
CA ASP A 100 -72.74 -6.31 55.55
C ASP A 100 -72.81 -5.71 56.95
N ARG A 101 -72.37 -4.45 57.10
CA ARG A 101 -72.41 -3.80 58.40
C ARG A 101 -73.85 -3.55 58.84
N LEU A 102 -74.74 -3.24 57.90
CA LEU A 102 -76.15 -3.03 58.24
C LEU A 102 -76.80 -4.32 58.72
N GLU A 103 -76.34 -5.47 58.24
CA GLU A 103 -76.94 -6.74 58.63
C GLU A 103 -76.61 -7.08 60.08
N THR A 104 -75.33 -6.94 60.46
CA THR A 104 -74.97 -7.10 61.87
C THR A 104 -75.68 -6.08 62.74
N ALA A 105 -75.92 -4.87 62.21
CA ALA A 105 -76.64 -3.86 62.96
C ALA A 105 -78.10 -4.23 63.15
N LEU A 106 -78.70 -4.91 62.17
CA LEU A 106 -80.09 -5.34 62.32
C LEU A 106 -80.24 -6.39 63.40
N LYS A 107 -79.18 -7.18 63.64
CA LYS A 107 -79.22 -8.17 64.72
C LYS A 107 -79.17 -7.51 66.08
N CYS A 108 -78.52 -6.34 66.17
CA CYS A 108 -78.43 -5.63 67.45
C CYS A 108 -79.75 -4.99 67.84
N LEU A 109 -80.66 -4.81 66.89
CA LEU A 109 -81.93 -4.15 67.19
C LEU A 109 -82.93 -5.14 67.78
N PRO A 110 -83.86 -4.66 68.61
CA PRO A 110 -84.96 -5.53 69.05
C PRO A 110 -85.83 -5.93 67.87
N GLN A 111 -86.53 -7.06 68.04
CA GLN A 111 -87.34 -7.58 66.94
C GLN A 111 -88.46 -6.61 66.61
N TYR A 112 -88.63 -6.36 65.30
CA TYR A 112 -89.57 -5.35 64.84
C TYR A 112 -91.01 -5.83 65.05
N ASP A 113 -91.83 -4.98 65.69
CA ASP A 113 -93.22 -5.29 65.93
C ASP A 113 -94.08 -4.66 64.84
N PRO A 114 -94.82 -5.45 64.05
CA PRO A 114 -95.65 -4.86 63.00
C PRO A 114 -96.78 -3.98 63.53
N SER A 115 -97.02 -3.97 64.84
CA SER A 115 -98.06 -3.12 65.41
C SER A 115 -97.74 -1.63 65.31
N ARG A 116 -96.51 -1.28 64.96
CA ARG A 116 -96.12 0.12 64.80
C ARG A 116 -96.43 0.65 63.40
N SER A 117 -96.20 -0.15 62.37
CA SER A 117 -96.48 0.28 61.00
C SER A 117 -97.96 0.17 60.68
N LEU A 118 -98.43 -1.04 60.43
CA LEU A 118 -99.84 -1.30 60.15
C LEU A 118 -100.56 -1.72 61.43
N HIS A 119 -101.89 -1.60 61.39
CA HIS A 119 -102.74 -1.89 62.54
C HIS A 119 -102.34 -1.06 63.77
N ALA A 120 -101.85 0.15 63.54
CA ALA A 120 -101.51 1.04 64.64
C ALA A 120 -102.77 1.46 65.38
N ASP A 121 -102.67 1.51 66.71
CA ASP A 121 -103.84 1.83 67.53
C ASP A 121 -104.29 3.26 67.24
N PRO A 122 -105.57 3.48 66.92
CA PRO A 122 -106.01 4.84 66.55
C PRO A 122 -105.88 5.85 67.67
N VAL A 123 -105.93 5.41 68.93
CA VAL A 123 -105.85 6.34 70.05
C VAL A 123 -104.51 6.18 70.76
N SER A 124 -103.42 6.47 70.05
CA SER A 124 -102.08 6.43 70.60
C SER A 124 -101.43 7.81 70.48
N SER A 125 -100.25 7.94 71.06
CA SER A 125 -99.54 9.21 71.07
C SER A 125 -98.83 9.41 69.73
N PHE A 126 -98.00 10.45 69.65
CA PHE A 126 -97.28 10.79 68.43
C PHE A 126 -95.96 10.03 68.36
N ARG A 127 -95.55 9.69 67.14
CA ARG A 127 -94.32 8.95 66.92
C ARG A 127 -93.82 9.24 65.51
N TYR A 128 -92.50 9.13 65.34
CA TYR A 128 -91.88 9.28 64.04
C TYR A 128 -91.81 7.94 63.32
N TRP A 129 -91.69 8.00 62.00
CA TRP A 129 -91.51 6.80 61.19
C TRP A 129 -90.03 6.43 61.18
N LYS A 130 -89.74 5.17 61.53
CA LYS A 130 -88.38 4.69 61.61
C LYS A 130 -87.93 4.10 60.28
N ILE A 131 -86.63 3.83 60.17
CA ILE A 131 -86.09 3.25 58.95
C ILE A 131 -86.65 1.85 58.73
N ARG A 132 -86.77 1.06 59.80
CA ARG A 132 -87.37 -0.26 59.67
C ARG A 132 -88.84 -0.19 59.33
N ASP A 133 -89.50 0.94 59.61
CA ASP A 133 -90.90 1.11 59.20
C ASP A 133 -91.01 1.15 57.68
N TYR A 134 -90.16 1.94 57.03
CA TYR A 134 -90.16 1.99 55.57
C TYR A 134 -89.69 0.67 54.97
N ALA A 135 -88.66 0.06 55.57
CA ALA A 135 -88.16 -1.22 55.07
C ALA A 135 -89.18 -2.32 55.19
N TYR A 136 -90.17 -2.19 56.08
CA TYR A 136 -91.21 -3.19 56.22
C TYR A 136 -92.29 -3.00 55.16
N ALA A 137 -92.74 -1.76 54.97
CA ALA A 137 -93.77 -1.49 53.97
C ALA A 137 -93.25 -1.67 52.55
N TYR A 138 -91.95 -1.54 52.32
CA TYR A 138 -91.39 -1.80 51.00
C TYR A 138 -91.46 -3.29 50.65
N ARG A 139 -91.12 -4.15 51.61
CA ARG A 139 -91.12 -5.59 51.37
C ARG A 139 -92.49 -6.21 51.51
N SER A 140 -93.43 -5.53 52.19
CA SER A 140 -94.80 -5.99 52.31
C SER A 140 -95.69 -5.46 51.19
N LYS A 141 -95.09 -4.98 50.10
CA LYS A 141 -95.77 -4.38 48.95
C LYS A 141 -96.90 -3.43 49.33
N LEU A 142 -96.84 -2.88 50.56
CA LEU A 142 -97.82 -1.88 50.95
C LEU A 142 -97.59 -0.56 50.20
N THR A 143 -96.33 -0.23 49.91
CA THR A 143 -95.99 0.96 49.15
C THR A 143 -94.72 0.66 48.37
N THR A 144 -94.15 1.68 47.74
CA THR A 144 -92.96 1.53 46.92
C THR A 144 -92.14 2.81 47.04
N PRO A 145 -90.81 2.72 46.95
CA PRO A 145 -89.98 3.94 47.01
C PRO A 145 -90.34 4.97 45.95
N LEU A 146 -90.90 4.55 44.83
CA LEU A 146 -91.32 5.52 43.81
C LEU A 146 -92.54 6.31 44.26
N GLN A 147 -93.45 5.66 45.00
CA GLN A 147 -94.61 6.38 45.53
C GLN A 147 -94.21 7.35 46.63
N VAL A 148 -93.24 6.96 47.46
CA VAL A 148 -92.78 7.85 48.51
C VAL A 148 -92.04 9.04 47.92
N ALA A 149 -91.32 8.84 46.82
CA ALA A 149 -90.61 9.94 46.19
C ALA A 149 -91.59 10.97 45.61
N LYS A 150 -92.64 10.50 44.94
CA LYS A 150 -93.62 11.42 44.37
C LYS A 150 -94.34 12.22 45.44
N ARG A 151 -94.55 11.62 46.62
CA ARG A 151 -95.21 12.35 47.71
C ARG A 151 -94.28 13.39 48.30
N ILE A 152 -92.98 13.08 48.40
CA ILE A 152 -92.03 14.05 48.93
C ILE A 152 -91.81 15.18 47.93
N ILE A 153 -91.69 14.84 46.64
CA ILE A 153 -91.49 15.86 45.61
C ILE A 153 -92.66 16.84 45.60
N SER A 154 -93.87 16.34 45.84
CA SER A 154 -95.04 17.21 45.87
C SER A 154 -94.97 18.21 47.02
N ILE A 155 -94.54 17.75 48.20
CA ILE A 155 -94.46 18.63 49.37
C ILE A 155 -93.46 19.75 49.13
N ILE A 156 -92.29 19.41 48.60
CA ILE A 156 -91.25 20.41 48.35
C ILE A 156 -91.74 21.42 47.33
N GLU A 157 -92.39 20.96 46.26
CA GLU A 157 -92.82 21.86 45.21
C GLU A 157 -94.05 22.68 45.62
N GLU A 158 -94.86 22.15 46.54
CA GLU A 158 -96.07 22.86 46.93
C GLU A 158 -95.78 23.97 47.93
N PHE A 159 -94.95 23.70 48.93
CA PHE A 159 -94.65 24.67 49.97
C PHE A 159 -93.40 25.48 49.68
N GLY A 160 -92.74 25.26 48.54
CA GLY A 160 -91.54 26.00 48.21
C GLY A 160 -90.38 25.72 49.13
N TYR A 161 -90.06 24.44 49.32
CA TYR A 161 -88.95 24.03 50.17
C TYR A 161 -87.63 23.96 49.42
N ASP A 162 -87.62 24.20 48.11
CA ASP A 162 -86.40 24.35 47.33
C ASP A 162 -86.20 25.78 46.85
N LYS A 163 -87.11 26.69 47.20
CA LYS A 163 -87.06 28.09 46.82
C LYS A 163 -86.97 28.96 48.07
N PRO A 164 -86.45 30.18 47.95
CA PRO A 164 -86.50 31.13 49.07
C PRO A 164 -87.92 31.47 49.42
N PRO A 165 -88.17 32.07 50.60
CA PRO A 165 -87.21 32.47 51.63
C PRO A 165 -87.02 31.44 52.74
N THR A 166 -87.77 30.34 52.69
CA THR A 166 -87.72 29.30 53.72
C THR A 166 -87.56 27.94 53.04
N PRO A 167 -86.35 27.62 52.56
CA PRO A 167 -86.14 26.32 51.91
C PRO A 167 -85.50 25.28 52.83
N PHE A 168 -85.90 24.02 52.67
CA PHE A 168 -85.20 22.94 53.36
C PHE A 168 -83.94 22.53 52.60
N LEU A 169 -83.99 22.58 51.27
CA LEU A 169 -82.86 22.24 50.42
C LEU A 169 -82.47 23.44 49.58
N ILE A 170 -81.23 23.43 49.11
CA ILE A 170 -80.71 24.45 48.21
C ILE A 170 -80.22 23.86 46.89
N ARG A 171 -80.47 22.56 46.67
CA ARG A 171 -80.15 21.92 45.40
C ARG A 171 -81.02 20.67 45.31
N PHE A 172 -82.08 20.74 44.51
CA PHE A 172 -83.07 19.67 44.41
C PHE A 172 -83.30 19.33 42.95
N ASP A 173 -83.13 18.06 42.61
CA ASP A 173 -83.37 17.55 41.26
C ASP A 173 -84.45 16.48 41.37
N ALA A 174 -85.71 16.87 41.14
CA ALA A 174 -86.81 15.91 41.22
C ALA A 174 -86.68 14.82 40.16
N ASN A 175 -86.16 15.16 38.98
CA ASN A 175 -85.97 14.16 37.94
C ASN A 175 -84.91 13.14 38.31
N GLU A 176 -83.98 13.49 39.20
CA GLU A 176 -82.97 12.55 39.66
C GLU A 176 -83.52 11.63 40.75
N VAL A 177 -84.38 12.17 41.63
CA VAL A 177 -84.96 11.37 42.70
C VAL A 177 -85.85 10.28 42.12
N ILE A 178 -86.62 10.60 41.08
CA ILE A 178 -87.46 9.61 40.44
C ILE A 178 -86.61 8.53 39.78
N LYS A 179 -85.45 8.92 39.23
CA LYS A 179 -84.55 7.95 38.62
C LYS A 179 -84.01 6.97 39.66
N GLN A 180 -83.73 7.47 40.87
CA GLN A 180 -83.23 6.59 41.93
C GLN A 180 -84.34 5.73 42.51
N ALA A 181 -85.51 6.32 42.75
CA ALA A 181 -86.61 5.56 43.33
C ALA A 181 -87.10 4.48 42.38
N GLU A 182 -86.92 4.67 41.07
CA GLU A 182 -87.33 3.64 40.12
C GLU A 182 -86.45 2.41 40.22
N ALA A 183 -85.13 2.61 40.36
CA ALA A 183 -84.22 1.47 40.49
C ALA A 183 -84.48 0.69 41.77
N SER A 184 -84.76 1.40 42.87
CA SER A 184 -85.08 0.72 44.12
C SER A 184 -86.41 -0.02 44.01
N THR A 185 -87.42 0.62 43.41
CA THR A 185 -88.69 -0.06 43.17
C THR A 185 -88.50 -1.32 42.33
N ARG A 186 -87.67 -1.23 41.30
CA ARG A 186 -87.40 -2.39 40.46
C ARG A 186 -86.70 -3.50 41.24
N ARG A 187 -85.78 -3.12 42.13
CA ARG A 187 -85.08 -4.13 42.92
C ARG A 187 -86.01 -4.81 43.92
N PHE A 188 -86.96 -4.06 44.49
CA PHE A 188 -87.93 -4.66 45.40
C PHE A 188 -88.87 -5.59 44.65
N GLU A 189 -89.30 -5.20 43.44
CA GLU A 189 -90.17 -6.06 42.65
C GLU A 189 -89.44 -7.35 42.25
N GLN A 190 -88.15 -7.26 41.95
CA GLN A 190 -87.38 -8.45 41.65
C GLN A 190 -87.16 -9.32 42.87
N GLY A 191 -87.41 -8.80 44.06
CA GLY A 191 -87.29 -9.56 45.29
C GLY A 191 -85.90 -9.62 45.88
N ASN A 192 -85.01 -8.72 45.51
CA ASN A 192 -83.63 -8.69 46.02
C ASN A 192 -83.24 -7.27 46.39
N PRO A 193 -83.76 -6.76 47.51
CA PRO A 193 -83.30 -5.46 47.98
C PRO A 193 -81.86 -5.53 48.47
N ILE A 194 -81.16 -4.40 48.37
CA ILE A 194 -79.75 -4.37 48.73
C ILE A 194 -79.57 -4.55 50.23
N SER A 195 -80.22 -3.70 51.02
CA SER A 195 -80.10 -3.75 52.48
C SER A 195 -81.37 -3.15 53.09
N VAL A 196 -81.31 -2.90 54.39
CA VAL A 196 -82.43 -2.26 55.07
C VAL A 196 -82.54 -0.80 54.63
N LEU A 197 -81.43 -0.20 54.21
CA LEU A 197 -81.44 1.18 53.75
C LEU A 197 -81.87 1.33 52.29
N ASP A 198 -82.17 0.23 51.61
CA ASP A 198 -82.62 0.30 50.22
C ASP A 198 -83.98 0.98 50.17
N GLY A 199 -84.04 2.15 49.52
CA GLY A 199 -85.27 2.90 49.42
C GLY A 199 -85.47 3.96 50.49
N ILE A 200 -84.51 4.14 51.38
CA ILE A 200 -84.60 5.13 52.45
C ILE A 200 -84.11 6.47 51.92
N PHE A 201 -84.81 7.54 52.30
CA PHE A 201 -84.51 8.88 51.82
C PHE A 201 -83.57 9.57 52.80
N VAL A 202 -82.39 9.97 52.32
CA VAL A 202 -81.37 10.61 53.13
C VAL A 202 -80.99 11.93 52.49
N THR A 203 -80.94 12.99 53.29
CA THR A 203 -80.59 14.32 52.82
C THR A 203 -79.14 14.63 53.18
N ILE A 204 -78.37 15.07 52.20
CA ILE A 204 -76.94 15.35 52.36
C ILE A 204 -76.74 16.84 52.54
N LYS A 205 -75.90 17.22 53.49
CA LYS A 205 -75.60 18.63 53.73
C LYS A 205 -74.78 19.19 52.58
N ASP A 206 -74.90 20.51 52.37
CA ASP A 206 -74.31 21.15 51.20
C ASP A 206 -72.79 21.25 51.26
N ASP A 207 -72.15 20.86 52.36
CA ASP A 207 -70.69 20.83 52.43
C ASP A 207 -70.14 19.43 52.21
N ILE A 208 -70.96 18.49 51.76
CA ILE A 208 -70.54 17.13 51.47
C ILE A 208 -70.84 16.85 50.00
N ASP A 209 -69.85 16.30 49.29
CA ASP A 209 -70.01 16.04 47.87
C ASP A 209 -71.00 14.90 47.63
N CYS A 210 -72.10 15.21 46.96
CA CYS A 210 -73.11 14.21 46.61
C CYS A 210 -73.48 14.40 45.15
N LEU A 211 -73.18 13.39 44.34
CA LEU A 211 -73.47 13.45 42.92
C LEU A 211 -74.98 13.46 42.67
N PRO A 212 -75.45 14.17 41.63
CA PRO A 212 -74.63 14.97 40.71
C PRO A 212 -74.62 16.45 41.07
N HIS A 213 -75.09 16.79 42.26
CA HIS A 213 -75.21 18.19 42.64
C HIS A 213 -73.84 18.79 42.96
N PRO A 214 -73.60 20.05 42.61
CA PRO A 214 -72.36 20.70 42.99
C PRO A 214 -72.38 21.09 44.47
N THR A 215 -71.18 21.23 45.02
CA THR A 215 -70.98 21.52 46.44
C THR A 215 -70.69 23.01 46.59
N ASN A 216 -71.70 23.77 47.01
CA ASN A 216 -71.55 25.21 47.23
C ASN A 216 -71.32 25.57 48.69
N GLY A 217 -71.62 24.66 49.61
CA GLY A 217 -71.39 24.92 51.03
C GLY A 217 -72.19 26.08 51.60
N GLY A 218 -73.29 26.45 50.95
CA GLY A 218 -74.10 27.57 51.38
C GLY A 218 -73.80 28.87 50.68
N THR A 219 -72.74 28.92 49.87
CA THR A 219 -72.41 30.12 49.12
C THR A 219 -73.08 30.07 47.74
N THR A 220 -72.87 31.13 46.96
CA THR A 220 -73.44 31.24 45.62
C THR A 220 -72.37 31.19 44.53
N TRP A 221 -71.16 30.75 44.85
CA TRP A 221 -70.05 30.87 43.91
C TRP A 221 -69.05 29.72 44.03
N LEU A 222 -69.16 28.92 45.10
CA LEU A 222 -68.15 27.89 45.35
C LEU A 222 -68.12 26.86 44.22
N HIS A 223 -69.26 26.62 43.57
CA HIS A 223 -69.27 25.67 42.47
C HIS A 223 -68.44 26.16 41.28
N GLU A 224 -68.28 27.48 41.15
CA GLU A 224 -67.49 28.02 40.06
C GLU A 224 -66.01 27.67 40.21
N ASP A 225 -65.53 27.54 41.45
CA ASP A 225 -64.14 27.22 41.73
C ASP A 225 -63.92 25.75 42.07
N ARG A 226 -64.84 25.14 42.81
CA ARG A 226 -64.70 23.76 43.27
C ARG A 226 -65.57 22.84 42.42
N SER A 227 -64.93 21.89 41.74
CA SER A 227 -65.62 20.93 40.88
C SER A 227 -65.85 19.64 41.64
N VAL A 228 -67.06 19.11 41.55
CA VAL A 228 -67.44 17.86 42.18
C VAL A 228 -67.47 16.78 41.11
N GLU A 229 -66.46 15.91 41.10
CA GLU A 229 -66.32 14.92 40.05
C GLU A 229 -66.76 13.51 40.47
N LYS A 230 -66.79 13.23 41.77
CA LYS A 230 -67.19 11.89 42.22
C LYS A 230 -67.81 12.01 43.61
N ASP A 231 -68.43 10.90 44.03
CA ASP A 231 -69.12 10.86 45.31
C ASP A 231 -68.13 11.00 46.47
N SER A 232 -68.68 11.30 47.64
CA SER A 232 -67.88 11.37 48.86
C SER A 232 -67.82 9.99 49.51
N ALA A 233 -67.09 9.91 50.63
CA ALA A 233 -66.98 8.63 51.33
C ALA A 233 -68.31 8.22 51.95
N VAL A 234 -68.97 9.16 52.63
CA VAL A 234 -70.21 8.82 53.34
C VAL A 234 -71.35 8.60 52.36
N VAL A 235 -71.37 9.31 51.24
CA VAL A 235 -72.47 9.18 50.30
C VAL A 235 -72.38 7.88 49.51
N SER A 236 -71.18 7.55 49.02
CA SER A 236 -71.02 6.31 48.27
C SER A 236 -71.31 5.09 49.14
N LYS A 237 -71.12 5.20 50.45
CA LYS A 237 -71.50 4.11 51.34
C LYS A 237 -73.01 3.97 51.43
N LEU A 238 -73.72 5.10 51.51
CA LEU A 238 -75.18 5.03 51.54
C LEU A 238 -75.75 4.60 50.20
N ARG A 239 -75.14 5.06 49.11
CA ARG A 239 -75.61 4.66 47.78
C ARG A 239 -75.35 3.19 47.51
N SER A 240 -74.30 2.62 48.11
CA SER A 240 -74.04 1.19 47.97
C SER A 240 -75.07 0.35 48.71
N CYS A 241 -75.74 0.92 49.70
CA CYS A 241 -76.81 0.23 50.42
C CYS A 241 -78.16 0.34 49.74
N GLY A 242 -78.27 1.14 48.69
CA GLY A 242 -79.53 1.36 48.03
C GLY A 242 -80.33 2.55 48.53
N ALA A 243 -79.72 3.42 49.32
CA ALA A 243 -80.42 4.58 49.84
C ALA A 243 -80.74 5.57 48.72
N ILE A 244 -81.79 6.36 48.92
CA ILE A 244 -82.21 7.37 47.97
C ILE A 244 -81.70 8.71 48.46
N LEU A 245 -80.77 9.30 47.71
CA LEU A 245 -80.19 10.59 48.07
C LEU A 245 -81.11 11.70 47.58
N LEU A 246 -81.69 12.44 48.52
CA LEU A 246 -82.68 13.47 48.19
C LEU A 246 -82.01 14.68 47.53
N GLY A 247 -81.31 15.50 48.32
CA GLY A 247 -80.65 16.66 47.77
C GLY A 247 -79.76 17.31 48.79
N LYS A 248 -79.16 18.44 48.38
CA LYS A 248 -78.27 19.19 49.25
C LYS A 248 -79.08 20.06 50.20
N ALA A 249 -78.73 20.02 51.48
CA ALA A 249 -79.50 20.70 52.51
C ALA A 249 -78.99 22.12 52.74
N ASN A 250 -79.89 22.98 53.18
CA ASN A 250 -79.52 24.33 53.59
C ASN A 250 -78.62 24.28 54.82
N MET A 251 -77.81 25.33 54.97
CA MET A 251 -76.86 25.38 56.07
C MET A 251 -76.37 26.80 56.26
N HIS A 252 -75.86 27.08 57.46
CA HIS A 252 -75.16 28.34 57.69
C HIS A 252 -73.90 28.36 56.83
N GLU A 253 -73.63 29.52 56.22
CA GLU A 253 -72.60 29.62 55.20
C GLU A 253 -71.24 29.15 55.71
N LEU A 254 -70.76 28.03 55.16
CA LEU A 254 -69.43 27.50 55.47
C LEU A 254 -69.27 27.14 56.94
N GLY A 255 -70.39 26.81 57.60
CA GLY A 255 -70.34 26.37 58.98
C GLY A 255 -70.02 27.42 60.00
N MET A 256 -69.96 28.69 59.61
CA MET A 256 -69.57 29.77 60.52
C MET A 256 -70.82 30.43 61.11
N GLY A 257 -71.49 29.66 61.96
CA GLY A 257 -72.69 30.12 62.63
C GLY A 257 -73.50 28.99 63.24
N THR A 258 -73.97 29.19 64.47
CA THR A 258 -74.75 28.18 65.17
C THR A 258 -76.24 28.52 65.23
N THR A 259 -76.68 29.54 64.50
CA THR A 259 -78.09 29.88 64.42
C THR A 259 -78.77 29.30 63.18
N GLY A 260 -78.10 29.33 62.04
CA GLY A 260 -78.68 28.91 60.79
C GLY A 260 -79.07 30.04 59.86
N ASN A 261 -78.72 31.28 60.19
CA ASN A 261 -79.03 32.42 59.33
C ASN A 261 -78.24 32.31 58.03
N ASN A 262 -78.95 32.14 56.93
CA ASN A 262 -78.35 32.08 55.61
C ASN A 262 -78.99 33.17 54.77
N SER A 263 -78.39 34.36 54.78
CA SER A 263 -78.87 35.48 53.99
C SER A 263 -78.43 35.33 52.54
N ASN A 264 -78.36 34.10 52.05
CA ASN A 264 -77.98 33.77 50.68
C ASN A 264 -79.04 32.96 49.97
N TYR A 265 -79.60 31.95 50.62
CA TYR A 265 -80.71 31.17 50.08
C TYR A 265 -81.99 31.32 50.90
N GLY A 266 -81.94 31.94 52.06
CA GLY A 266 -83.06 32.03 52.97
C GLY A 266 -82.78 31.22 54.22
N THR A 267 -83.25 31.72 55.36
CA THR A 267 -83.03 31.06 56.63
C THR A 267 -84.07 29.96 56.82
N THR A 268 -83.60 28.73 57.02
CA THR A 268 -84.52 27.62 57.28
C THR A 268 -85.18 27.79 58.64
N ARG A 269 -86.49 27.57 58.67
CA ARG A 269 -87.29 27.78 59.87
C ARG A 269 -87.45 26.49 60.65
N ASN A 270 -87.67 26.63 61.95
CA ASN A 270 -87.83 25.48 62.83
C ASN A 270 -89.20 24.86 62.62
N PRO A 271 -89.28 23.54 62.39
CA PRO A 271 -90.60 22.91 62.24
C PRO A 271 -91.47 23.00 63.47
N HIS A 272 -90.89 23.18 64.66
CA HIS A 272 -91.68 23.36 65.87
C HIS A 272 -92.20 24.78 66.02
N ASP A 273 -91.54 25.76 65.40
CA ASP A 273 -91.98 27.15 65.41
C ASP A 273 -91.28 27.89 64.28
N PRO A 274 -92.00 28.20 63.18
CA PRO A 274 -91.35 28.80 62.02
C PRO A 274 -90.75 30.18 62.27
N LYS A 275 -91.15 30.86 63.34
CA LYS A 275 -90.59 32.16 63.67
C LYS A 275 -89.31 32.06 64.50
N ARG A 276 -88.80 30.86 64.72
CA ARG A 276 -87.62 30.65 65.54
C ARG A 276 -86.51 30.03 64.71
N TYR A 277 -85.27 30.20 65.18
CA TYR A 277 -84.11 29.65 64.49
C TYR A 277 -84.09 28.13 64.63
N THR A 278 -83.49 27.47 63.65
CA THR A 278 -83.37 26.02 63.68
C THR A 278 -82.04 25.53 64.22
N GLY A 279 -80.98 26.35 64.16
CA GLY A 279 -79.70 25.99 64.73
C GLY A 279 -78.67 25.58 63.71
N GLY A 280 -77.49 26.21 63.76
CA GLY A 280 -76.41 25.86 62.87
C GLY A 280 -75.44 24.87 63.48
N SER A 281 -74.55 24.35 62.64
CA SER A 281 -74.47 24.74 61.23
C SER A 281 -75.38 23.88 60.34
N SER A 282 -75.66 22.65 60.77
CA SER A 282 -76.53 21.75 60.02
C SER A 282 -77.99 22.17 60.25
N SER A 283 -78.34 23.30 59.63
CA SER A 283 -79.64 23.91 59.86
C SER A 283 -80.73 23.25 59.01
N GLY A 284 -80.52 23.22 57.68
CA GLY A 284 -81.51 22.65 56.80
C GLY A 284 -81.60 21.14 56.85
N SER A 285 -80.54 20.47 57.30
CA SER A 285 -80.56 19.02 57.39
C SER A 285 -81.29 18.53 58.64
N ALA A 286 -81.19 19.26 59.74
CA ALA A 286 -81.88 18.88 60.96
C ALA A 286 -83.35 19.27 60.95
N ALA A 287 -83.74 20.20 60.09
CA ALA A 287 -85.14 20.61 60.02
C ALA A 287 -85.96 19.68 59.14
N ILE A 288 -85.38 19.21 58.02
CA ILE A 288 -86.09 18.32 57.13
C ILE A 288 -86.35 16.98 57.80
N VAL A 289 -85.50 16.59 58.74
CA VAL A 289 -85.73 15.35 59.49
C VAL A 289 -86.80 15.58 60.56
N ALA A 290 -86.74 16.71 61.26
CA ALA A 290 -87.75 17.02 62.27
C ALA A 290 -89.13 17.20 61.64
N ALA A 291 -89.19 17.71 60.42
CA ALA A 291 -90.46 17.86 59.72
C ALA A 291 -91.01 16.53 59.21
N GLY A 292 -90.21 15.47 59.22
CA GLY A 292 -90.66 14.17 58.79
C GLY A 292 -90.61 13.92 57.30
N LEU A 293 -89.94 14.78 56.53
CA LEU A 293 -89.88 14.59 55.09
C LEU A 293 -88.96 13.44 54.71
N CYS A 294 -87.89 13.23 55.46
CA CYS A 294 -86.95 12.14 55.19
C CYS A 294 -86.62 11.44 56.49
N SER A 295 -85.98 10.27 56.36
CA SER A 295 -85.67 9.45 57.54
C SER A 295 -84.51 10.06 58.33
N ALA A 296 -83.37 10.23 57.68
CA ALA A 296 -82.18 10.75 58.34
C ALA A 296 -81.44 11.68 57.40
N ALA A 297 -80.45 12.38 57.95
CA ALA A 297 -79.66 13.33 57.18
C ALA A 297 -78.23 13.35 57.73
N LEU A 298 -77.27 13.48 56.82
CA LEU A 298 -75.87 13.60 57.20
C LEU A 298 -75.47 15.06 57.29
N GLY A 299 -74.40 15.32 58.04
CA GLY A 299 -73.91 16.67 58.22
C GLY A 299 -72.62 16.68 58.98
N THR A 300 -71.84 17.73 58.76
CA THR A 300 -70.57 17.90 59.45
C THR A 300 -70.80 18.51 60.84
N ASP A 301 -69.79 18.38 61.69
CA ASP A 301 -69.85 18.91 63.05
C ASP A 301 -68.42 19.21 63.50
N GLY A 302 -68.04 20.48 63.48
CA GLY A 302 -66.74 20.90 63.95
C GLY A 302 -66.85 21.82 65.14
N GLY A 303 -68.07 22.20 65.49
CA GLY A 303 -68.33 23.05 66.64
C GLY A 303 -69.73 22.87 67.18
N GLY A 304 -70.23 21.63 67.10
CA GLY A 304 -71.60 21.34 67.48
C GLY A 304 -72.61 21.48 66.38
N ALA A 305 -72.20 21.40 65.12
CA ALA A 305 -73.11 21.63 64.01
C ALA A 305 -74.18 20.57 63.88
N VAL A 306 -73.96 19.38 64.42
CA VAL A 306 -74.94 18.30 64.36
C VAL A 306 -75.78 18.23 65.62
N ARG A 307 -75.17 18.44 66.78
CA ARG A 307 -75.89 18.30 68.04
C ARG A 307 -76.76 19.50 68.35
N ILE A 308 -76.29 20.71 68.03
CA ILE A 308 -77.04 21.92 68.39
C ILE A 308 -78.41 21.98 67.71
N PRO A 309 -78.53 21.85 66.38
CA PRO A 309 -79.87 21.87 65.77
C PRO A 309 -80.70 20.64 66.12
N SER A 310 -80.06 19.52 66.45
CA SER A 310 -80.82 18.34 66.84
C SER A 310 -81.53 18.54 68.16
N ALA A 311 -81.00 19.41 69.03
CA ALA A 311 -81.65 19.71 70.29
C ALA A 311 -82.73 20.77 70.13
N LEU A 312 -82.50 21.74 69.24
CA LEU A 312 -83.49 22.79 69.03
C LEU A 312 -84.69 22.28 68.22
N CYS A 313 -84.46 21.33 67.33
CA CYS A 313 -85.54 20.75 66.54
C CYS A 313 -86.14 19.51 67.18
N GLY A 314 -85.42 18.86 68.09
CA GLY A 314 -85.94 17.70 68.78
C GLY A 314 -85.76 16.40 68.02
N ILE A 315 -84.54 16.15 67.54
CA ILE A 315 -84.20 14.91 66.87
C ILE A 315 -82.90 14.38 67.46
N THR A 316 -82.46 13.23 66.96
CA THR A 316 -81.26 12.58 67.46
C THR A 316 -80.08 12.90 66.55
N GLY A 317 -79.08 13.60 67.08
CA GLY A 317 -77.88 13.89 66.33
C GLY A 317 -76.66 13.17 66.90
N LEU A 318 -75.92 12.47 66.04
CA LEU A 318 -74.76 11.70 66.47
C LEU A 318 -73.49 12.38 66.01
N LYS A 319 -72.62 12.72 66.95
CA LYS A 319 -71.30 13.27 66.67
C LYS A 319 -70.28 12.16 66.94
N THR A 320 -69.71 11.61 65.88
CA THR A 320 -68.81 10.48 66.02
C THR A 320 -67.41 10.94 66.42
N THR A 321 -66.57 9.95 66.77
CA THR A 321 -65.19 10.22 67.15
C THR A 321 -64.41 10.78 65.97
N TYR A 322 -63.41 11.60 66.28
CA TYR A 322 -62.55 12.18 65.24
C TYR A 322 -61.88 11.06 64.44
N GLY A 323 -62.09 11.09 63.12
CA GLY A 323 -61.54 10.07 62.24
C GLY A 323 -62.31 8.78 62.18
N ARG A 324 -63.34 8.61 63.02
CA ARG A 324 -64.12 7.38 62.99
C ARG A 324 -64.87 7.23 61.67
N THR A 325 -65.55 8.27 61.24
CA THR A 325 -66.28 8.29 59.97
C THR A 325 -65.48 9.07 58.94
N ASP A 326 -65.21 8.43 57.80
CA ASP A 326 -64.38 9.05 56.77
C ASP A 326 -65.04 10.33 56.26
N MET A 327 -64.19 11.30 55.92
CA MET A 327 -64.65 12.60 55.43
C MET A 327 -64.14 12.89 54.02
N THR A 328 -63.58 11.90 53.32
CA THR A 328 -63.05 12.11 51.98
C THR A 328 -64.15 12.55 51.02
N GLY A 329 -64.16 13.85 50.69
CA GLY A 329 -65.16 14.38 49.79
C GLY A 329 -66.09 15.38 50.46
N SER A 330 -65.53 16.24 51.31
CA SER A 330 -66.29 17.27 51.99
C SER A 330 -65.46 18.54 52.04
N LEU A 331 -66.05 19.60 52.59
CA LEU A 331 -65.37 20.90 52.66
C LEU A 331 -64.47 21.04 53.88
N CYS A 332 -64.36 20.00 54.71
CA CYS A 332 -63.57 20.06 55.94
C CYS A 332 -62.68 18.83 56.07
N GLU A 333 -62.02 18.46 54.97
CA GLU A 333 -61.01 17.40 55.02
C GLU A 333 -59.74 17.94 55.64
N GLY A 334 -59.08 17.10 56.44
CA GLY A 334 -57.86 17.50 57.11
C GLY A 334 -58.05 18.38 58.32
N GLY A 335 -59.28 18.82 58.61
CA GLY A 335 -59.55 19.57 59.82
C GLY A 335 -59.26 18.76 61.06
N THR A 336 -59.23 19.47 62.20
CA THR A 336 -58.83 18.87 63.46
C THR A 336 -59.97 18.79 64.47
N VAL A 337 -61.19 19.20 64.11
CA VAL A 337 -62.29 19.22 65.07
C VAL A 337 -63.59 18.75 64.41
N GLU A 338 -63.53 18.36 63.15
CA GLU A 338 -64.72 18.09 62.36
C GLU A 338 -64.86 16.61 62.05
N ILE A 339 -66.12 16.14 62.02
CA ILE A 339 -66.45 14.80 61.57
C ILE A 339 -67.71 14.86 60.72
N ILE A 340 -68.28 13.70 60.38
CA ILE A 340 -69.53 13.62 59.63
C ILE A 340 -70.44 12.65 60.37
N GLY A 341 -71.48 13.18 61.01
CA GLY A 341 -72.39 12.36 61.78
C GLY A 341 -73.82 12.45 61.28
N PRO A 342 -74.61 11.41 61.52
CA PRO A 342 -75.99 11.39 61.04
C PRO A 342 -76.95 12.08 61.99
N LEU A 343 -78.03 12.60 61.41
CA LEU A 343 -79.12 13.20 62.17
C LEU A 343 -80.41 12.49 61.77
N ALA A 344 -81.12 11.95 62.77
CA ALA A 344 -82.32 11.17 62.51
C ALA A 344 -83.36 11.46 63.57
N SER A 345 -84.57 10.92 63.35
CA SER A 345 -85.68 11.17 64.27
C SER A 345 -85.65 10.27 65.50
N SER A 346 -85.07 9.08 65.37
CA SER A 346 -85.01 8.13 66.47
C SER A 346 -83.61 7.56 66.58
N LEU A 347 -83.31 6.97 67.75
CA LEU A 347 -82.01 6.35 67.95
C LEU A 347 -81.82 5.15 67.02
N GLU A 348 -82.88 4.38 66.80
CA GLU A 348 -82.80 3.23 65.90
C GLU A 348 -82.45 3.65 64.48
N ASP A 349 -82.89 4.84 64.06
CA ASP A 349 -82.58 5.32 62.72
C ASP A 349 -81.15 5.83 62.63
N ALA A 350 -80.75 6.69 63.58
CA ALA A 350 -79.39 7.24 63.53
C ALA A 350 -78.33 6.17 63.69
N PHE A 351 -78.61 5.13 64.48
CA PHE A 351 -77.65 4.05 64.64
C PHE A 351 -77.48 3.27 63.34
N LEU A 352 -78.56 3.08 62.58
CA LEU A 352 -78.47 2.35 61.32
C LEU A 352 -77.65 3.13 60.30
N VAL A 353 -77.86 4.45 60.22
CA VAL A 353 -77.09 5.25 59.27
C VAL A 353 -75.62 5.25 59.64
N TYR A 354 -75.31 5.33 60.94
CA TYR A 354 -73.92 5.23 61.38
C TYR A 354 -73.30 3.90 60.99
N ALA A 355 -74.10 2.83 60.98
CA ALA A 355 -73.58 1.51 60.62
C ALA A 355 -73.09 1.47 59.19
N ALA A 356 -73.63 2.33 58.32
CA ALA A 356 -73.27 2.32 56.92
C ALA A 356 -72.18 3.34 56.59
N ILE A 357 -72.23 4.52 57.22
CA ILE A 357 -71.31 5.59 56.87
C ILE A 357 -69.95 5.48 57.55
N LEU A 358 -69.82 4.63 58.57
CA LEU A 358 -68.58 4.54 59.31
C LEU A 358 -67.48 3.92 58.45
N GLY A 359 -66.26 3.97 58.97
CA GLY A 359 -65.10 3.47 58.26
C GLY A 359 -64.03 4.52 58.10
N SER A 360 -62.99 4.45 58.92
CA SER A 360 -61.94 5.46 58.89
C SER A 360 -61.19 5.44 57.57
N SER A 361 -60.72 6.61 57.15
CA SER A 361 -59.94 6.71 55.93
C SER A 361 -58.59 6.03 56.10
N SER A 362 -57.95 5.71 54.97
CA SER A 362 -56.64 5.08 55.02
C SER A 362 -55.61 5.99 55.66
N ALA A 363 -55.76 7.31 55.51
CA ALA A 363 -54.85 8.24 56.18
C ALA A 363 -55.13 8.30 57.67
N ASP A 364 -56.40 8.33 58.06
CA ASP A 364 -56.76 8.34 59.48
C ASP A 364 -56.55 6.98 60.13
N ARG A 365 -56.43 5.92 59.34
CA ARG A 365 -56.26 4.58 59.90
C ARG A 365 -54.91 4.44 60.59
N TYR A 366 -53.84 4.91 59.93
CA TYR A 366 -52.50 4.76 60.49
C TYR A 366 -52.16 5.87 61.47
N ASN A 367 -52.70 7.08 61.27
CA ASN A 367 -52.33 8.20 62.13
C ASN A 367 -53.09 8.16 63.46
N LEU A 368 -54.36 7.76 63.43
CA LEU A 368 -55.17 7.75 64.65
C LEU A 368 -55.29 6.38 65.30
N LYS A 369 -55.09 5.31 64.54
CA LYS A 369 -55.19 3.95 65.05
C LYS A 369 -56.54 3.70 65.75
N PRO A 370 -57.65 3.75 65.01
CA PRO A 370 -58.95 3.56 65.64
C PRO A 370 -59.21 2.10 65.97
N SER A 371 -59.86 1.89 67.10
CA SER A 371 -60.29 0.55 67.45
C SER A 371 -61.35 0.07 66.46
N PRO A 372 -61.48 -1.24 66.27
CA PRO A 372 -62.50 -1.76 65.35
C PRO A 372 -63.88 -1.27 65.73
N PRO A 373 -64.69 -0.85 64.75
CA PRO A 373 -66.03 -0.34 65.08
C PRO A 373 -66.92 -1.45 65.62
N CYS A 374 -67.72 -1.10 66.62
CA CYS A 374 -68.60 -2.07 67.26
C CYS A 374 -69.93 -1.40 67.57
N PHE A 375 -71.02 -2.15 67.35
CA PHE A 375 -72.39 -1.70 67.59
C PHE A 375 -72.87 -2.15 68.96
N PRO A 376 -73.71 -1.35 69.62
CA PRO A 376 -74.25 -1.77 70.90
C PRO A 376 -75.42 -2.73 70.73
N LYS A 377 -75.45 -3.75 71.58
CA LYS A 377 -76.54 -4.72 71.56
C LYS A 377 -77.82 -4.06 72.05
N LEU A 378 -78.54 -3.38 71.16
CA LEU A 378 -79.72 -2.61 71.54
C LEU A 378 -80.92 -3.48 71.89
N LEU A 379 -80.85 -4.79 71.70
CA LEU A 379 -81.84 -5.70 72.29
C LEU A 379 -81.46 -5.88 73.75
N SER A 380 -82.32 -5.41 74.66
CA SER A 380 -81.96 -5.18 76.04
C SER A 380 -82.11 -6.42 76.94
N HIS A 381 -82.19 -7.61 76.35
CA HIS A 381 -82.29 -8.84 77.12
C HIS A 381 -81.40 -9.90 76.47
N ASN A 382 -80.38 -10.36 77.19
CA ASN A 382 -80.11 -9.89 78.55
C ASN A 382 -79.28 -8.62 78.45
N GLY A 383 -79.73 -7.56 79.12
CA GLY A 383 -79.04 -6.30 79.15
C GLY A 383 -79.67 -5.48 80.25
N SER A 384 -79.35 -4.19 80.28
CA SER A 384 -79.65 -3.25 81.36
C SER A 384 -78.81 -3.47 82.62
N ASN A 385 -77.85 -4.40 82.56
CA ASN A 385 -76.78 -4.50 83.53
C ASN A 385 -75.58 -3.66 83.14
N ALA A 386 -75.32 -3.52 81.83
CA ALA A 386 -74.26 -2.64 81.37
C ALA A 386 -74.68 -1.18 81.42
N ILE A 387 -75.98 -0.90 81.24
CA ILE A 387 -76.45 0.48 81.31
C ILE A 387 -76.43 0.98 82.74
N GLY A 388 -76.75 0.13 83.70
CA GLY A 388 -76.77 0.56 85.09
C GLY A 388 -75.38 0.75 85.67
N SER A 389 -74.38 0.03 85.17
CA SER A 389 -73.02 0.14 85.66
C SER A 389 -72.29 1.35 85.12
N LEU A 390 -72.97 2.24 84.40
CA LEU A 390 -72.34 3.43 83.85
C LEU A 390 -72.25 4.51 84.92
N ARG A 391 -71.10 5.18 84.98
CA ARG A 391 -70.89 6.31 85.87
C ARG A 391 -71.03 7.59 85.06
N LEU A 392 -71.99 8.43 85.45
CA LEU A 392 -72.34 9.64 84.70
C LEU A 392 -71.63 10.84 85.31
N GLY A 393 -70.78 11.49 84.51
CA GLY A 393 -70.07 12.67 84.96
C GLY A 393 -70.88 13.94 84.81
N LYS A 394 -71.08 14.66 85.91
CA LYS A 394 -71.88 15.88 85.91
C LYS A 394 -71.10 17.00 86.59
N TYR A 395 -70.83 18.07 85.84
CA TYR A 395 -70.27 19.29 86.41
C TYR A 395 -71.45 20.20 86.76
N THR A 396 -71.82 20.20 88.04
CA THR A 396 -73.06 20.85 88.48
C THR A 396 -73.09 22.32 88.10
N LYS A 397 -72.00 23.04 88.36
CA LYS A 397 -71.93 24.45 87.99
C LYS A 397 -72.04 24.63 86.48
N TRP A 398 -71.40 23.73 85.72
CA TRP A 398 -71.54 23.74 84.27
C TRP A 398 -72.91 23.24 83.85
N PHE A 399 -73.51 22.33 84.62
CA PHE A 399 -74.77 21.72 84.24
C PHE A 399 -75.93 22.70 84.33
N ASN A 400 -75.87 23.67 85.25
CA ASN A 400 -76.98 24.58 85.49
C ASN A 400 -76.72 25.98 84.94
N ASP A 401 -75.69 26.15 84.10
CA ASP A 401 -75.42 27.45 83.47
C ASP A 401 -76.17 27.55 82.13
N VAL A 402 -77.49 27.49 82.24
CA VAL A 402 -78.38 27.62 81.08
C VAL A 402 -79.31 28.80 81.32
N SER A 403 -79.69 29.46 80.22
CA SER A 403 -80.55 30.63 80.29
C SER A 403 -82.02 30.28 80.47
N SER A 404 -82.35 29.02 80.70
CA SER A 404 -83.73 28.58 80.92
C SER A 404 -83.73 27.51 82.00
N SER A 405 -84.47 27.76 83.07
CA SER A 405 -84.49 26.83 84.20
C SER A 405 -85.14 25.50 83.85
N ASP A 406 -85.95 25.46 82.79
CA ASP A 406 -86.59 24.20 82.39
C ASP A 406 -85.59 23.21 81.82
N ILE A 407 -84.54 23.71 81.15
CA ILE A 407 -83.55 22.82 80.55
C ILE A 407 -82.74 22.11 81.64
N SER A 408 -82.31 22.87 82.66
CA SER A 408 -81.55 22.26 83.75
C SER A 408 -82.41 21.34 84.59
N ASP A 409 -83.73 21.57 84.62
CA ASP A 409 -84.62 20.72 85.40
C ASP A 409 -84.97 19.45 84.67
N LYS A 410 -85.27 19.54 83.37
CA LYS A 410 -85.62 18.34 82.60
C LYS A 410 -84.41 17.45 82.39
N CYS A 411 -83.22 18.05 82.21
CA CYS A 411 -82.01 17.24 82.07
C CYS A 411 -81.65 16.56 83.38
N GLU A 412 -81.89 17.25 84.51
CA GLU A 412 -81.69 16.60 85.81
C GLU A 412 -82.72 15.51 86.06
N ASP A 413 -83.91 15.65 85.47
CA ASP A 413 -84.93 14.61 85.62
C ASP A 413 -84.50 13.32 84.94
N ILE A 414 -83.89 13.43 83.76
CA ILE A 414 -83.39 12.24 83.07
C ILE A 414 -82.25 11.60 83.85
N LEU A 415 -81.43 12.42 84.52
CA LEU A 415 -80.39 11.86 85.37
C LEU A 415 -80.99 11.13 86.57
N LYS A 416 -82.03 11.70 87.17
CA LYS A 416 -82.74 11.00 88.24
C LYS A 416 -83.49 9.79 87.72
N LEU A 417 -84.01 9.87 86.48
CA LEU A 417 -84.71 8.74 85.90
C LEU A 417 -83.75 7.63 85.52
N LEU A 418 -82.57 7.99 85.01
CA LEU A 418 -81.57 6.97 84.66
C LEU A 418 -81.02 6.30 85.91
N SER A 419 -80.88 7.05 87.01
CA SER A 419 -80.41 6.48 88.26
C SER A 419 -81.46 5.66 88.97
N ASN A 420 -82.74 5.85 88.64
CA ASN A 420 -83.82 5.14 89.33
C ASN A 420 -84.26 3.89 88.59
N ASN A 421 -83.96 3.77 87.30
CA ASN A 421 -84.41 2.63 86.50
C ASN A 421 -83.31 1.65 86.15
N HIS A 422 -82.04 2.07 86.23
CA HIS A 422 -80.94 1.17 85.88
C HIS A 422 -79.88 1.17 86.98
N GLY A 423 -79.71 2.29 87.65
CA GLY A 423 -78.75 2.42 88.72
C GLY A 423 -77.49 3.20 88.41
N CYS A 424 -77.52 4.10 87.43
CA CYS A 424 -76.34 4.87 87.09
C CYS A 424 -75.99 5.84 88.21
N LYS A 425 -74.70 5.92 88.53
CA LYS A 425 -74.21 6.81 89.58
C LYS A 425 -73.81 8.14 88.95
N VAL A 426 -74.46 9.22 89.40
CA VAL A 426 -74.15 10.57 88.91
C VAL A 426 -72.94 11.07 89.69
N VAL A 427 -71.76 10.90 89.13
CA VAL A 427 -70.51 11.30 89.78
C VAL A 427 -70.23 12.76 89.47
N GLU A 428 -70.02 13.55 90.51
CA GLU A 428 -69.71 14.97 90.33
C GLU A 428 -68.30 15.14 89.79
N ILE A 429 -68.18 15.79 88.64
CA ILE A 429 -66.88 16.02 88.01
C ILE A 429 -66.64 17.53 87.91
N VAL A 430 -65.49 17.91 87.33
CA VAL A 430 -65.15 19.30 87.13
C VAL A 430 -64.29 19.41 85.88
N VAL A 431 -64.62 20.37 85.02
CA VAL A 431 -63.91 20.58 83.75
C VAL A 431 -63.11 21.87 83.83
N PRO A 432 -61.81 21.81 84.10
CA PRO A 432 -61.03 23.04 84.26
C PRO A 432 -60.78 23.72 82.93
N GLU A 433 -60.55 25.04 83.02
CA GLU A 433 -60.12 25.86 81.88
C GLU A 433 -61.12 25.82 80.73
N LEU A 434 -62.38 26.15 81.04
CA LEU A 434 -63.41 26.16 80.01
C LEU A 434 -63.31 27.38 79.11
N GLU A 435 -62.87 28.53 79.65
CA GLU A 435 -62.69 29.70 78.81
C GLU A 435 -61.56 29.49 77.81
N GLU A 436 -60.55 28.69 78.18
CA GLU A 436 -59.49 28.36 77.23
C GLU A 436 -60.02 27.46 76.11
N MET A 437 -60.93 26.55 76.45
CA MET A 437 -61.52 25.70 75.41
C MET A 437 -62.27 26.51 74.38
N ARG A 438 -62.86 27.63 74.79
CA ARG A 438 -63.50 28.53 73.83
C ARG A 438 -62.46 29.12 72.88
N ALA A 439 -61.44 29.77 73.43
CA ALA A 439 -60.43 30.42 72.61
C ALA A 439 -59.62 29.41 71.81
N ALA A 440 -59.32 28.26 72.40
CA ALA A 440 -58.54 27.24 71.69
C ALA A 440 -59.34 26.64 70.54
N HIS A 441 -60.66 26.57 70.66
CA HIS A 441 -61.49 26.01 69.60
C HIS A 441 -61.67 27.00 68.46
N VAL A 442 -62.05 28.24 68.77
CA VAL A 442 -62.43 29.21 67.75
C VAL A 442 -61.31 29.43 66.75
N ILE A 443 -60.06 29.28 67.18
CA ILE A 443 -58.93 29.47 66.27
C ILE A 443 -58.61 28.19 65.53
N SER A 444 -58.77 27.03 66.16
CA SER A 444 -58.46 25.76 65.51
C SER A 444 -59.51 25.32 64.51
N ILE A 445 -60.66 26.00 64.44
CA ILE A 445 -61.68 25.72 63.45
C ILE A 445 -61.65 26.74 62.32
N GLY A 446 -61.36 28.01 62.64
CA GLY A 446 -61.35 29.04 61.62
C GLY A 446 -60.05 29.12 60.84
N SER A 447 -58.94 28.73 61.46
CA SER A 447 -57.65 28.79 60.78
C SER A 447 -57.59 27.88 59.55
N PRO A 448 -57.95 26.59 59.62
CA PRO A 448 -57.93 25.78 58.40
C PRO A 448 -58.99 26.18 57.40
N THR A 449 -60.13 26.72 57.86
CA THR A 449 -61.17 27.14 56.93
C THR A 449 -60.75 28.38 56.17
N LEU A 450 -60.28 29.41 56.89
CA LEU A 450 -59.79 30.62 56.23
C LEU A 450 -58.62 30.31 55.31
N SER A 451 -57.80 29.32 55.67
CA SER A 451 -56.66 28.95 54.82
C SER A 451 -57.14 28.35 53.50
N SER A 452 -58.09 27.42 53.57
CA SER A 452 -58.57 26.77 52.35
C SER A 452 -59.36 27.73 51.47
N LEU A 453 -60.00 28.73 52.06
CA LEU A 453 -60.78 29.70 51.31
C LEU A 453 -59.96 30.93 50.91
N THR A 454 -58.71 31.03 51.34
CA THR A 454 -57.91 32.22 51.05
C THR A 454 -57.64 32.40 49.55
N PRO A 455 -57.24 31.38 48.79
CA PRO A 455 -57.00 31.61 47.36
C PRO A 455 -58.22 32.11 46.61
N TYR A 456 -59.42 31.88 47.12
CA TYR A 456 -60.64 32.35 46.50
C TYR A 456 -61.01 33.75 46.96
N CYS A 457 -60.79 34.06 48.25
CA CYS A 457 -61.07 35.40 48.75
C CYS A 457 -60.08 36.41 48.20
N GLU A 458 -58.80 36.02 48.07
CA GLU A 458 -57.82 36.87 47.41
C GLU A 458 -58.14 37.04 45.93
N ALA A 459 -58.94 36.13 45.37
CA ALA A 459 -59.35 36.16 43.98
C ALA A 459 -60.60 37.01 43.76
N GLY A 460 -60.88 37.95 44.65
CA GLY A 460 -62.04 38.81 44.53
C GLY A 460 -63.36 38.20 44.93
N LYS A 461 -63.43 36.87 45.08
CA LYS A 461 -64.68 36.22 45.46
C LYS A 461 -65.04 36.42 46.93
N ASN A 462 -64.25 37.19 47.69
CA ASN A 462 -64.60 37.45 49.07
C ASN A 462 -65.85 38.32 49.18
N SER A 463 -66.08 39.19 48.19
CA SER A 463 -67.28 40.03 48.20
C SER A 463 -68.54 39.19 48.00
N LYS A 464 -68.43 38.04 47.35
CA LYS A 464 -69.56 37.16 47.11
C LYS A 464 -69.96 36.33 48.33
N LEU A 465 -69.44 36.67 49.51
CA LEU A 465 -69.78 35.99 50.75
C LEU A 465 -70.74 36.83 51.58
N SER A 466 -71.41 36.18 52.52
CA SER A 466 -72.35 36.87 53.38
C SER A 466 -71.62 37.72 54.41
N TYR A 467 -72.38 38.58 55.08
CA TYR A 467 -71.80 39.46 56.09
C TYR A 467 -71.55 38.73 57.40
N ASP A 468 -72.30 37.66 57.67
CA ASP A 468 -72.05 36.84 58.85
C ASP A 468 -70.69 36.17 58.77
N THR A 469 -70.31 35.68 57.59
CA THR A 469 -69.03 35.00 57.42
C THR A 469 -67.88 35.98 57.39
N ARG A 470 -68.02 37.08 56.65
CA ARG A 470 -66.94 38.06 56.54
C ARG A 470 -66.63 38.71 57.87
N THR A 471 -67.61 38.77 58.78
CA THR A 471 -67.34 39.26 60.13
C THR A 471 -66.43 38.30 60.88
N SER A 472 -66.67 36.99 60.74
CA SER A 472 -65.80 36.01 61.37
C SER A 472 -64.46 35.93 60.66
N PHE A 473 -64.46 36.03 59.34
CA PHE A 473 -63.21 35.96 58.59
C PHE A 473 -62.30 37.14 58.90
N ALA A 474 -62.88 38.31 59.19
CA ALA A 474 -62.07 39.45 59.59
C ALA A 474 -61.38 39.19 60.92
N ILE A 475 -62.04 38.47 61.83
CA ILE A 475 -61.44 38.12 63.10
C ILE A 475 -60.45 36.96 62.94
N PHE A 476 -60.78 36.02 62.04
CA PHE A 476 -59.88 34.88 61.81
C PHE A 476 -58.55 35.32 61.24
N ARG A 477 -58.54 36.39 60.44
CA ARG A 477 -57.28 36.92 59.92
C ARG A 477 -56.42 37.54 61.01
N SER A 478 -57.01 37.87 62.15
CA SER A 478 -56.26 38.38 63.30
C SER A 478 -55.55 37.29 64.08
N PHE A 479 -55.64 36.04 63.65
CA PHE A 479 -54.98 34.92 64.31
C PHE A 479 -53.64 34.67 63.65
N SER A 480 -52.57 34.87 64.40
CA SER A 480 -51.22 34.65 63.89
C SER A 480 -50.80 33.21 64.08
N ALA A 481 -49.74 32.81 63.38
CA ALA A 481 -49.22 31.46 63.52
C ALA A 481 -48.74 31.18 64.94
N SER A 482 -48.21 32.20 65.61
CA SER A 482 -47.84 32.04 67.02
C SER A 482 -49.07 31.80 67.88
N ASP A 483 -50.19 32.44 67.55
CA ASP A 483 -51.42 32.23 68.30
C ASP A 483 -51.91 30.79 68.15
N TYR A 484 -51.72 30.20 66.96
CA TYR A 484 -52.17 28.84 66.73
C TYR A 484 -51.35 27.85 67.55
N ILE A 485 -50.03 28.01 67.54
CA ILE A 485 -49.16 27.10 68.29
C ILE A 485 -49.47 27.16 69.78
N ALA A 486 -49.72 28.36 70.31
CA ALA A 486 -50.11 28.48 71.70
C ALA A 486 -51.46 27.84 71.97
N ALA A 487 -52.35 27.86 70.98
CA ALA A 487 -53.68 27.27 71.15
C ALA A 487 -53.64 25.74 71.09
N GLN A 488 -52.74 25.17 70.29
CA GLN A 488 -52.62 23.72 70.25
C GLN A 488 -52.07 23.17 71.56
N CYS A 489 -51.29 23.98 72.29
CA CYS A 489 -50.85 23.57 73.62
C CYS A 489 -52.02 23.54 74.59
N LEU A 490 -52.97 24.46 74.43
CA LEU A 490 -54.18 24.43 75.26
C LEU A 490 -55.00 23.19 74.98
N ARG A 491 -54.96 22.68 73.74
CA ARG A 491 -55.66 21.44 73.43
C ARG A 491 -55.06 20.25 74.16
N ARG A 492 -53.74 20.24 74.33
CA ARG A 492 -53.10 19.18 75.09
C ARG A 492 -53.53 19.21 76.55
N ARG A 493 -53.67 20.42 77.12
CA ARG A 493 -54.10 20.54 78.50
C ARG A 493 -55.49 19.94 78.69
N LEU A 494 -56.46 20.40 77.90
CA LEU A 494 -57.83 19.93 78.04
C LEU A 494 -57.96 18.46 77.67
N MET A 495 -57.09 17.95 76.82
CA MET A 495 -57.08 16.52 76.53
C MET A 495 -56.71 15.71 77.77
N GLU A 496 -55.75 16.21 78.56
CA GLU A 496 -55.34 15.50 79.76
C GLU A 496 -56.39 15.63 80.86
N TYR A 497 -57.11 16.76 80.92
CA TYR A 497 -58.18 16.89 81.89
C TYR A 497 -59.29 15.89 81.62
N HIS A 498 -59.80 15.88 80.38
CA HIS A 498 -60.92 15.01 80.05
C HIS A 498 -60.54 13.54 80.14
N LEU A 499 -59.31 13.20 79.75
CA LEU A 499 -58.86 11.82 79.87
C LEU A 499 -58.78 11.39 81.34
N ASN A 500 -58.54 12.33 82.25
CA ASN A 500 -58.60 12.02 83.67
C ASN A 500 -60.03 11.88 84.15
N ILE A 501 -60.96 12.65 83.56
CA ILE A 501 -62.36 12.54 83.94
C ILE A 501 -62.92 11.18 83.51
N PHE A 502 -62.52 10.69 82.35
CA PHE A 502 -62.96 9.39 81.87
C PHE A 502 -62.36 8.23 82.65
N LYS A 503 -61.44 8.49 83.58
CA LYS A 503 -60.96 7.45 84.47
C LYS A 503 -61.92 7.22 85.63
N ASP A 504 -62.70 8.24 86.00
CA ASP A 504 -63.70 8.14 87.06
C ASP A 504 -65.09 7.84 86.54
N VAL A 505 -65.46 8.39 85.39
CA VAL A 505 -66.78 8.20 84.81
C VAL A 505 -66.64 7.60 83.41
N ASP A 506 -67.77 7.22 82.83
CA ASP A 506 -67.81 6.66 81.49
C ASP A 506 -68.29 7.64 80.44
N VAL A 507 -69.21 8.54 80.80
CA VAL A 507 -69.70 9.57 79.89
C VAL A 507 -69.87 10.86 80.67
N ILE A 508 -69.85 11.97 79.94
CA ILE A 508 -70.06 13.30 80.50
C ILE A 508 -71.42 13.80 80.01
N VAL A 509 -72.40 13.82 80.90
CA VAL A 509 -73.76 14.22 80.55
C VAL A 509 -73.92 15.71 80.80
N THR A 510 -74.38 16.43 79.78
CA THR A 510 -74.57 17.88 79.84
C THR A 510 -75.74 18.25 78.94
N PRO A 511 -76.42 19.36 79.21
CA PRO A 511 -77.41 19.86 78.25
C PRO A 511 -76.73 20.28 76.96
N THR A 512 -77.37 19.95 75.83
CA THR A 512 -76.77 20.23 74.53
C THR A 512 -76.61 21.72 74.30
N THR A 513 -77.63 22.50 74.63
CA THR A 513 -77.61 23.95 74.45
C THR A 513 -78.01 24.64 75.74
N GLY A 514 -77.47 25.84 75.94
CA GLY A 514 -77.83 26.66 77.08
C GLY A 514 -79.16 27.38 76.95
N MET A 515 -79.85 27.20 75.83
CA MET A 515 -81.11 27.87 75.58
C MET A 515 -81.95 27.01 74.64
N THR A 516 -83.25 27.27 74.63
CA THR A 516 -84.15 26.59 73.70
C THR A 516 -84.05 27.26 72.33
N ALA A 517 -85.01 26.98 71.46
CA ALA A 517 -85.00 27.56 70.12
C ALA A 517 -85.23 29.07 70.20
N PRO A 518 -84.27 29.90 69.82
CA PRO A 518 -84.46 31.35 69.93
C PRO A 518 -85.23 31.91 68.75
N VAL A 519 -85.91 33.04 69.03
CA VAL A 519 -86.71 33.69 67.99
C VAL A 519 -85.79 34.41 67.02
N ILE A 520 -86.13 34.36 65.74
CA ILE A 520 -85.34 35.02 64.70
C ILE A 520 -85.61 36.51 64.72
N PRO A 521 -84.60 37.35 64.88
CA PRO A 521 -84.80 38.80 64.74
C PRO A 521 -85.18 39.13 63.31
N PRO A 522 -86.36 39.71 63.10
CA PRO A 522 -86.82 39.98 61.72
C PRO A 522 -85.90 40.91 60.95
N ASP A 523 -85.15 41.78 61.65
CA ASP A 523 -84.21 42.66 60.97
C ASP A 523 -83.01 41.91 60.41
N ALA A 524 -82.76 40.68 60.87
CA ALA A 524 -81.61 39.91 60.44
C ALA A 524 -81.90 39.05 59.20
N LEU A 525 -83.13 39.03 58.72
CA LEU A 525 -83.47 38.24 57.55
C LEU A 525 -83.15 38.95 56.24
N LYS A 526 -82.55 40.13 56.29
CA LYS A 526 -82.19 40.88 55.09
C LYS A 526 -80.75 40.61 54.66
N ASN A 527 -79.80 40.77 55.58
CA ASN A 527 -78.40 40.54 55.27
C ASN A 527 -77.66 39.74 56.34
N GLY A 528 -78.31 39.37 57.43
CA GLY A 528 -77.69 38.60 58.49
C GLY A 528 -77.54 39.40 59.77
N GLU A 529 -76.98 38.73 60.77
CA GLU A 529 -76.71 39.33 62.06
C GLU A 529 -75.33 38.90 62.53
N THR A 530 -74.91 39.42 63.67
CA THR A 530 -73.61 39.12 64.25
C THR A 530 -73.71 38.96 65.76
N ASN A 531 -74.80 38.37 66.22
CA ASN A 531 -75.01 38.15 67.66
C ASN A 531 -74.02 37.11 68.14
N ILE A 532 -72.98 37.55 68.84
CA ILE A 532 -72.00 36.64 69.39
C ILE A 532 -72.42 36.12 70.76
N GLN A 533 -73.20 36.90 71.52
CA GLN A 533 -73.72 36.42 72.78
C GLN A 533 -74.65 35.22 72.58
N VAL A 534 -75.26 35.11 71.41
CA VAL A 534 -76.16 33.99 71.12
C VAL A 534 -75.41 32.86 70.42
N THR A 535 -74.58 33.18 69.42
CA THR A 535 -73.87 32.14 68.68
C THR A 535 -72.82 31.43 69.54
N THR A 536 -72.42 32.02 70.66
CA THR A 536 -71.49 31.37 71.57
C THR A 536 -72.21 30.58 72.65
N ASP A 537 -73.31 31.13 73.18
CA ASP A 537 -74.07 30.45 74.23
C ASP A 537 -74.58 29.09 73.77
N LEU A 538 -74.73 28.88 72.46
CA LEU A 538 -75.11 27.57 71.96
C LEU A 538 -73.93 26.61 71.95
N MET A 539 -72.72 27.11 71.79
CA MET A 539 -71.51 26.30 71.76
C MET A 539 -70.92 26.05 73.14
N ARG A 540 -71.69 26.31 74.21
CA ARG A 540 -71.12 26.22 75.55
C ARG A 540 -70.79 24.78 75.94
N PHE A 541 -71.53 23.81 75.41
CA PHE A 541 -71.39 22.42 75.83
C PHE A 541 -70.85 21.49 74.74
N VAL A 542 -70.78 21.94 73.49
CA VAL A 542 -70.43 21.07 72.38
C VAL A 542 -68.97 21.20 71.96
N LEU A 543 -68.24 22.19 72.47
CA LEU A 543 -66.86 22.39 72.03
C LEU A 543 -65.94 21.28 72.50
N ALA A 544 -66.28 20.62 73.61
CA ALA A 544 -65.39 19.59 74.16
C ALA A 544 -65.21 18.43 73.19
N ALA A 545 -66.29 17.97 72.58
CA ALA A 545 -66.22 16.82 71.68
C ALA A 545 -65.48 17.14 70.39
N ASN A 546 -65.37 18.42 70.03
CA ASN A 546 -64.68 18.81 68.80
C ASN A 546 -63.19 19.03 69.02
N LEU A 547 -62.83 19.85 69.99
CA LEU A 547 -61.43 20.17 70.24
C LEU A 547 -60.63 18.93 70.63
N LEU A 548 -61.29 17.94 71.22
CA LEU A 548 -60.63 16.73 71.67
C LEU A 548 -61.02 15.49 70.89
N GLY A 549 -61.96 15.60 69.95
CA GLY A 549 -62.33 14.48 69.11
C GLY A 549 -63.21 13.45 69.77
N PHE A 550 -63.88 13.79 70.87
CA PHE A 550 -64.72 12.83 71.57
C PHE A 550 -66.04 12.61 70.82
N PRO A 551 -66.64 11.43 70.97
CA PRO A 551 -67.98 11.22 70.42
C PRO A 551 -69.08 11.66 71.38
N ALA A 552 -69.97 12.52 70.90
CA ALA A 552 -71.11 12.98 71.69
C ALA A 552 -72.38 12.72 70.91
N ILE A 553 -73.51 12.78 71.62
CA ILE A 553 -74.81 12.54 70.99
C ILE A 553 -75.87 13.31 71.78
N SER A 554 -76.74 14.02 71.05
CA SER A 554 -77.82 14.79 71.65
C SER A 554 -79.14 14.07 71.38
N VAL A 555 -79.75 13.56 72.44
CA VAL A 555 -81.00 12.81 72.36
C VAL A 555 -82.10 13.65 72.99
N PRO A 556 -83.28 13.76 72.37
CA PRO A 556 -84.35 14.57 72.95
C PRO A 556 -84.83 13.99 74.28
N VAL A 557 -85.08 14.88 75.23
CA VAL A 557 -85.48 14.48 76.58
C VAL A 557 -86.79 15.08 77.03
N GLY A 558 -87.31 16.08 76.32
CA GLY A 558 -88.56 16.70 76.72
C GLY A 558 -88.71 18.07 76.07
N TYR A 559 -89.63 18.86 76.63
CA TYR A 559 -89.95 20.18 76.11
C TYR A 559 -90.01 21.17 77.26
N ASP A 560 -89.78 22.43 76.95
CA ASP A 560 -89.74 23.49 77.96
C ASP A 560 -91.16 24.03 78.18
N LYS A 561 -91.26 25.25 78.71
CA LYS A 561 -92.57 25.83 78.98
C LYS A 561 -93.33 26.13 77.69
N GLU A 562 -92.66 26.75 76.72
CA GLU A 562 -93.28 27.09 75.45
C GLU A 562 -93.30 25.94 74.46
N GLY A 563 -93.08 24.71 74.92
CA GLY A 563 -93.13 23.55 74.05
C GLY A 563 -91.93 23.36 73.14
N LEU A 564 -90.87 24.11 73.34
CA LEU A 564 -89.69 23.94 72.50
C LEU A 564 -88.89 22.72 72.95
N PRO A 565 -88.36 21.94 72.02
CA PRO A 565 -87.66 20.71 72.39
C PRO A 565 -86.40 20.99 73.19
N ILE A 566 -85.99 19.97 73.95
CA ILE A 566 -84.79 20.03 74.79
C ILE A 566 -83.99 18.76 74.53
N GLY A 567 -82.69 18.93 74.27
CA GLY A 567 -81.81 17.81 74.01
C GLY A 567 -80.71 17.71 75.06
N LEU A 568 -80.35 16.47 75.40
CA LEU A 568 -79.29 16.20 76.35
C LEU A 568 -78.11 15.55 75.64
N GLN A 569 -76.91 16.02 75.95
CA GLN A 569 -75.69 15.54 75.31
C GLN A 569 -75.03 14.45 76.14
N ILE A 570 -74.52 13.43 75.46
CA ILE A 570 -73.83 12.31 76.11
C ILE A 570 -72.50 12.13 75.37
N MET A 571 -71.42 12.62 75.98
CA MET A 571 -70.09 12.53 75.40
C MET A 571 -69.31 11.41 76.07
N GLY A 572 -68.78 10.49 75.28
CA GLY A 572 -68.11 9.32 75.78
C GLY A 572 -66.63 9.28 75.43
N ARG A 573 -66.00 8.15 75.79
CA ARG A 573 -64.59 7.96 75.57
C ARG A 573 -64.29 7.84 74.07
N PRO A 574 -63.02 7.98 73.67
CA PRO A 574 -62.67 7.82 72.26
C PRO A 574 -63.06 6.44 71.74
N TRP A 575 -63.61 6.43 70.52
CA TRP A 575 -64.07 5.20 69.86
C TRP A 575 -65.15 4.48 70.65
N ALA A 576 -65.91 5.22 71.47
CA ALA A 576 -66.99 4.61 72.24
C ALA A 576 -68.34 4.98 71.65
N GLU A 577 -68.53 4.73 70.35
CA GLU A 577 -69.82 4.99 69.72
C GLU A 577 -70.90 4.11 70.32
N ALA A 578 -70.60 2.83 70.55
CA ALA A 578 -71.59 1.91 71.09
C ALA A 578 -72.00 2.30 72.51
N THR A 579 -71.12 2.95 73.25
CA THR A 579 -71.44 3.30 74.63
C THR A 579 -72.41 4.48 74.70
N VAL A 580 -72.19 5.51 73.89
CA VAL A 580 -73.09 6.66 73.90
C VAL A 580 -74.39 6.35 73.19
N LEU A 581 -74.37 5.46 72.19
CA LEU A 581 -75.62 5.08 71.52
C LEU A 581 -76.49 4.24 72.43
N GLY A 582 -75.89 3.34 73.22
CA GLY A 582 -76.67 2.51 74.11
C GLY A 582 -77.31 3.31 75.24
N LEU A 583 -76.56 4.24 75.83
CA LEU A 583 -77.12 5.07 76.89
C LEU A 583 -78.18 6.02 76.34
N ALA A 584 -77.98 6.53 75.12
CA ALA A 584 -78.98 7.39 74.51
C ALA A 584 -80.25 6.62 74.19
N ALA A 585 -80.14 5.30 73.99
CA ALA A 585 -81.33 4.49 73.77
C ALA A 585 -82.15 4.36 75.05
N ALA A 586 -81.48 4.25 76.19
CA ALA A 586 -82.20 4.21 77.47
C ALA A 586 -82.84 5.56 77.79
N VAL A 587 -82.22 6.66 77.34
CA VAL A 587 -82.82 7.98 77.53
C VAL A 587 -84.07 8.12 76.68
N GLU A 588 -83.99 7.69 75.41
CA GLU A 588 -85.14 7.77 74.52
C GLU A 588 -86.29 6.91 75.03
N GLU A 589 -85.97 5.74 75.59
CA GLU A 589 -87.01 4.91 76.19
C GLU A 589 -87.59 5.55 77.43
N LEU A 590 -86.82 6.38 78.13
CA LEU A 590 -87.29 7.06 79.32
C LEU A 590 -87.95 8.41 79.02
N ALA A 591 -87.85 8.91 77.78
CA ALA A 591 -88.45 10.17 77.40
C ALA A 591 -88.63 10.22 75.88
N PRO A 592 -89.60 9.51 75.32
CA PRO A 592 -89.76 9.48 73.87
C PRO A 592 -90.39 10.76 73.34
N VAL A 593 -90.21 10.97 72.03
CA VAL A 593 -90.80 12.13 71.37
C VAL A 593 -92.32 11.96 71.33
N THR A 594 -93.04 12.95 71.84
CA THR A 594 -94.49 12.88 71.94
C THR A 594 -95.22 14.08 71.36
N LYS A 595 -94.56 15.20 71.12
CA LYS A 595 -95.20 16.40 70.58
C LYS A 595 -94.97 16.46 69.08
N LYS A 596 -96.06 16.53 68.32
CA LYS A 596 -95.96 16.70 66.88
C LYS A 596 -95.60 18.14 66.56
N PRO A 597 -94.53 18.38 65.79
CA PRO A 597 -94.14 19.75 65.46
C PRO A 597 -95.20 20.44 64.61
N ALA A 598 -95.10 21.77 64.56
CA ALA A 598 -96.03 22.56 63.77
C ALA A 598 -95.97 22.18 62.30
N ILE A 599 -94.77 22.30 61.71
CA ILE A 599 -94.56 21.92 60.32
C ILE A 599 -94.17 20.44 60.32
N PHE A 600 -95.12 19.57 60.00
CA PHE A 600 -94.88 18.14 59.95
C PHE A 600 -95.70 17.53 58.83
N TYR A 601 -95.12 16.56 58.13
CA TYR A 601 -95.76 15.91 57.00
C TYR A 601 -95.73 14.40 57.22
N ASP A 602 -96.91 13.83 57.50
CA ASP A 602 -97.02 12.39 57.70
C ASP A 602 -97.01 11.69 56.36
N ILE A 603 -96.10 10.74 56.19
CA ILE A 603 -95.97 9.99 54.95
C ILE A 603 -96.68 8.65 55.13
N LEU A 604 -96.80 7.89 54.03
CA LEU A 604 -97.33 6.53 54.04
C LEU A 604 -98.80 6.51 54.47
N ASN A 605 -99.58 7.45 53.94
CA ASN A 605 -101.00 7.51 54.26
C ASN A 605 -101.80 6.53 53.39
N MET B 1 -52.52 26.58 34.98
CA MET B 1 -53.54 27.04 35.91
C MET B 1 -52.95 28.02 36.92
N GLY B 2 -52.02 28.85 36.46
CA GLY B 2 -51.37 29.81 37.33
C GLY B 2 -51.63 31.26 36.96
N LYS B 3 -52.92 31.61 36.81
CA LYS B 3 -53.27 32.96 36.42
C LYS B 3 -54.02 33.68 37.53
N TYR B 4 -55.30 33.34 37.72
CA TYR B 4 -56.10 33.97 38.76
C TYR B 4 -55.81 33.37 40.12
N GLN B 5 -55.52 32.07 40.16
CA GLN B 5 -55.18 31.34 41.37
C GLN B 5 -54.51 30.05 40.95
N VAL B 6 -53.54 29.61 41.74
CA VAL B 6 -52.72 28.45 41.38
C VAL B 6 -53.28 27.21 42.07
N MET B 7 -53.09 26.06 41.43
CA MET B 7 -53.49 24.78 42.00
C MET B 7 -52.51 23.71 41.53
N LYS B 8 -52.42 22.64 42.32
CA LYS B 8 -51.48 21.57 42.02
C LYS B 8 -51.97 20.30 42.72
N ARG B 9 -51.16 19.24 42.61
CA ARG B 9 -51.44 17.97 43.28
C ARG B 9 -50.14 17.20 43.39
N ALA B 10 -49.80 16.78 44.61
CA ALA B 10 -48.49 16.17 44.85
C ALA B 10 -48.46 14.71 44.42
N SER B 11 -49.47 13.92 44.81
CA SER B 11 -49.44 12.49 44.55
C SER B 11 -49.61 12.12 43.08
N GLU B 12 -49.66 13.10 42.16
CA GLU B 12 -49.84 12.82 40.74
C GLU B 12 -48.92 13.66 39.87
N VAL B 13 -47.78 14.09 40.43
CA VAL B 13 -46.84 14.89 39.65
C VAL B 13 -46.11 14.00 38.67
N ASP B 14 -46.07 14.44 37.41
CA ASP B 14 -45.21 13.80 36.41
C ASP B 14 -43.78 14.19 36.73
N LEU B 15 -43.04 13.29 37.37
CA LEU B 15 -41.71 13.61 37.88
C LEU B 15 -40.73 13.96 36.76
N SER B 16 -41.04 13.63 35.51
CA SER B 16 -40.18 14.02 34.40
C SER B 16 -40.30 15.51 34.10
N THR B 17 -41.45 16.11 34.39
CA THR B 17 -41.74 17.50 34.05
C THR B 17 -41.50 18.44 35.24
N VAL B 18 -40.63 18.07 36.17
CA VAL B 18 -40.28 18.93 37.30
C VAL B 18 -38.98 19.64 36.99
N LYS B 19 -38.93 20.93 37.31
CA LYS B 19 -37.79 21.78 37.02
C LYS B 19 -37.31 22.44 38.31
N TYR B 20 -36.15 23.10 38.20
CA TYR B 20 -35.52 23.74 39.34
C TYR B 20 -35.89 25.22 39.40
N LYS B 21 -35.95 25.74 40.63
CA LYS B 21 -36.25 27.15 40.87
C LYS B 21 -34.98 27.84 41.38
N ALA B 22 -34.60 28.93 40.70
CA ALA B 22 -33.40 29.66 41.07
C ALA B 22 -33.59 30.34 42.43
N GLU B 23 -32.48 30.81 42.99
CA GLU B 23 -32.48 31.48 44.29
C GLU B 23 -33.23 32.80 44.19
N THR B 24 -34.50 32.79 44.57
CA THR B 24 -35.33 33.99 44.59
C THR B 24 -35.45 34.56 46.00
N MET B 25 -34.35 34.57 46.76
CA MET B 25 -34.34 35.10 48.12
C MET B 25 -33.73 36.51 48.08
N LYS B 26 -34.54 37.46 47.62
CA LYS B 26 -34.13 38.86 47.54
C LYS B 26 -34.48 39.55 48.85
N ALA B 27 -33.45 39.99 49.59
CA ALA B 27 -33.64 40.67 50.86
C ALA B 27 -32.41 41.52 51.12
N PRO B 28 -32.57 42.81 51.40
CA PRO B 28 -31.41 43.68 51.59
C PRO B 28 -30.59 43.29 52.81
N HIS B 29 -29.29 43.56 52.72
CA HIS B 29 -28.34 43.28 53.79
C HIS B 29 -27.91 44.60 54.40
N LEU B 30 -28.12 44.75 55.71
CA LEU B 30 -27.86 45.99 56.41
C LEU B 30 -26.95 45.74 57.61
N THR B 31 -26.02 46.67 57.83
CA THR B 31 -25.06 46.60 58.93
C THR B 31 -24.98 47.95 59.63
N GLY B 32 -24.68 47.90 60.93
CA GLY B 32 -24.50 49.10 61.72
C GLY B 32 -25.74 49.93 61.98
N LEU B 33 -25.61 51.24 61.80
CA LEU B 33 -26.71 52.15 62.12
C LEU B 33 -27.89 51.97 61.16
N SER B 34 -27.61 51.67 59.89
CA SER B 34 -28.69 51.44 58.94
C SER B 34 -29.54 50.24 59.36
N PHE B 35 -28.91 49.23 59.95
CA PHE B 35 -29.66 48.10 60.50
C PHE B 35 -30.47 48.50 61.72
N LYS B 36 -29.95 49.42 62.54
CA LYS B 36 -30.65 49.83 63.74
C LYS B 36 -31.94 50.58 63.40
N LEU B 37 -31.86 51.56 62.50
CA LEU B 37 -33.06 52.29 62.10
C LEU B 37 -34.05 51.38 61.37
N PHE B 38 -33.56 50.40 60.62
CA PHE B 38 -34.43 49.50 59.88
C PHE B 38 -35.28 48.65 60.82
N VAL B 39 -34.70 48.25 61.96
CA VAL B 39 -35.46 47.47 62.94
C VAL B 39 -36.54 48.32 63.58
N ASN B 40 -36.25 49.60 63.82
CA ASN B 40 -37.27 50.51 64.33
C ASN B 40 -38.40 50.69 63.32
N LEU B 41 -38.05 50.71 62.02
CA LEU B 41 -39.08 50.79 61.00
C LEU B 41 -39.97 49.55 61.02
N LEU B 42 -39.37 48.37 61.21
CA LEU B 42 -40.17 47.16 61.30
C LEU B 42 -41.02 47.13 62.57
N GLU B 43 -40.55 47.76 63.64
CA GLU B 43 -41.29 47.85 64.89
C GLU B 43 -42.25 49.03 64.92
N ALA B 44 -42.40 49.73 63.80
CA ALA B 44 -43.35 50.84 63.75
C ALA B 44 -44.78 50.29 63.68
N PRO B 45 -45.74 50.98 64.30
CA PRO B 45 -47.12 50.45 64.29
C PRO B 45 -47.75 50.43 62.92
N LEU B 46 -47.39 51.35 62.04
CA LEU B 46 -48.03 51.46 60.71
C LEU B 46 -47.10 50.95 59.62
N ILE B 47 -45.98 51.62 59.37
CA ILE B 47 -45.11 51.29 58.25
C ILE B 47 -44.33 50.00 58.56
N GLY B 48 -44.51 49.46 59.76
CA GLY B 48 -43.87 48.22 60.13
C GLY B 48 -44.36 47.04 59.32
N SER B 49 -45.65 46.75 59.40
CA SER B 49 -46.22 45.64 58.65
C SER B 49 -46.19 45.88 57.15
N LEU B 50 -46.13 47.14 56.71
CA LEU B 50 -46.07 47.42 55.28
C LEU B 50 -44.77 46.92 54.67
N ILE B 51 -43.66 47.09 55.39
CA ILE B 51 -42.36 46.63 54.88
C ILE B 51 -42.29 45.11 54.93
N VAL B 52 -42.87 44.50 55.97
CA VAL B 52 -42.83 43.05 56.09
C VAL B 52 -43.64 42.40 54.97
N ASP B 53 -44.80 42.97 54.65
CA ASP B 53 -45.63 42.40 53.59
C ASP B 53 -44.96 42.53 52.23
N TYR B 54 -44.14 43.56 52.03
CA TYR B 54 -43.39 43.67 50.78
C TYR B 54 -42.32 42.60 50.69
N LEU B 55 -41.73 42.22 51.82
CA LEU B 55 -40.75 41.14 51.81
C LEU B 55 -41.41 39.80 51.53
N LYS B 56 -42.60 39.58 52.08
CA LYS B 56 -43.32 38.33 51.83
C LYS B 56 -43.75 38.21 50.37
N LYS B 57 -44.19 39.33 49.78
CA LYS B 57 -44.67 39.30 48.40
C LYS B 57 -43.54 39.20 47.40
N ASP B 58 -42.36 39.75 47.71
CA ASP B 58 -41.25 39.73 46.78
C ASP B 58 -40.69 38.31 46.61
N ASN B 59 -40.50 37.61 47.72
CA ASN B 59 -39.96 36.25 47.69
C ASN B 59 -41.00 35.20 47.32
N GLY B 60 -42.19 35.61 46.91
CA GLY B 60 -43.23 34.67 46.53
C GLY B 60 -43.88 33.94 47.68
N MET B 61 -43.59 34.33 48.92
CA MET B 61 -44.20 33.67 50.07
C MET B 61 -45.68 34.00 50.19
N THR B 62 -46.10 35.17 49.70
CA THR B 62 -47.52 35.50 49.71
C THR B 62 -48.27 34.69 48.65
N LYS B 63 -47.68 34.55 47.46
CA LYS B 63 -48.30 33.74 46.42
C LYS B 63 -48.51 32.30 46.85
N ILE B 64 -47.59 31.77 47.66
CA ILE B 64 -47.69 30.38 48.10
C ILE B 64 -48.76 30.22 49.18
N PHE B 65 -48.79 31.14 50.15
CA PHE B 65 -49.67 31.00 51.30
C PHE B 65 -51.05 31.59 51.09
N ARG B 66 -51.23 32.45 50.09
CA ARG B 66 -52.49 33.16 49.91
C ARG B 66 -53.15 32.95 48.56
N ASN B 67 -52.41 32.54 47.53
CA ASN B 67 -52.96 32.46 46.18
C ASN B 67 -52.79 31.08 45.56
N THR B 68 -52.61 30.04 46.37
CA THR B 68 -52.36 28.70 45.88
C THR B 68 -53.26 27.72 46.63
N VAL B 69 -54.09 26.99 45.88
CA VAL B 69 -54.92 25.94 46.46
C VAL B 69 -54.07 24.68 46.59
N ILE B 70 -54.09 24.08 47.78
CA ILE B 70 -53.30 22.89 48.10
C ILE B 70 -54.25 21.77 48.49
N PRO B 71 -54.25 20.63 47.79
CA PRO B 71 -55.20 19.57 48.11
C PRO B 71 -54.79 18.68 49.27
N GLU B 72 -53.51 18.65 49.62
CA GLU B 72 -53.05 17.75 50.68
C GLU B 72 -53.56 18.20 52.04
N GLU B 73 -53.81 17.23 52.91
CA GLU B 73 -54.23 17.51 54.27
C GLU B 73 -53.05 17.96 55.11
N PRO B 74 -53.28 18.76 56.15
CA PRO B 74 -52.17 19.31 56.93
C PRO B 74 -51.42 18.21 57.69
N MET B 75 -50.09 18.25 57.61
CA MET B 75 -49.21 17.37 58.35
C MET B 75 -48.44 18.22 59.34
N PHE B 76 -48.83 18.16 60.61
CA PHE B 76 -48.24 19.04 61.61
C PHE B 76 -46.89 18.53 62.10
N ARG B 77 -46.79 17.23 62.35
CA ARG B 77 -45.54 16.61 62.78
C ARG B 77 -45.15 15.51 61.81
N PRO B 78 -43.85 15.18 61.72
CA PRO B 78 -43.42 14.14 60.78
C PRO B 78 -44.02 12.79 61.14
N GLU B 79 -44.84 12.28 60.22
CA GLU B 79 -45.46 10.97 60.36
C GLU B 79 -44.67 9.97 59.52
N PHE B 80 -43.97 9.06 60.20
CA PHE B 80 -43.14 8.09 59.50
C PHE B 80 -43.86 6.76 59.37
N PRO B 81 -43.86 6.15 58.19
CA PRO B 81 -44.48 4.83 58.04
C PRO B 81 -43.55 3.74 58.59
N SER B 82 -44.03 2.50 58.51
CA SER B 82 -43.22 1.36 58.94
C SER B 82 -42.05 1.19 57.99
N GLN B 83 -40.84 1.39 58.50
CA GLN B 83 -39.63 1.33 57.69
C GLN B 83 -39.08 -0.09 57.63
N GLU B 84 -38.42 -0.40 56.53
CA GLU B 84 -37.76 -1.69 56.39
C GLU B 84 -36.62 -1.81 57.40
N PRO B 85 -36.36 -3.00 57.92
CA PRO B 85 -35.26 -3.17 58.87
C PRO B 85 -33.92 -2.96 58.18
N GLU B 86 -33.03 -2.22 58.87
CA GLU B 86 -31.72 -1.94 58.32
C GLU B 86 -30.90 -3.23 58.19
N HIS B 87 -29.98 -3.22 57.23
CA HIS B 87 -29.16 -4.40 56.95
C HIS B 87 -27.84 -4.32 57.71
N ASP B 88 -27.54 -5.39 58.46
CA ASP B 88 -26.27 -5.57 59.15
C ASP B 88 -26.04 -4.45 60.18
N VAL B 89 -26.88 -4.48 61.21
CA VAL B 89 -26.79 -3.55 62.34
C VAL B 89 -26.87 -4.35 63.63
N VAL B 90 -26.81 -3.63 64.75
CA VAL B 90 -26.88 -4.23 66.08
C VAL B 90 -28.05 -3.58 66.82
N ILE B 91 -29.12 -4.35 67.02
CA ILE B 91 -30.29 -3.82 67.72
C ILE B 91 -29.93 -3.51 69.16
N VAL B 92 -30.19 -2.27 69.57
CA VAL B 92 -29.93 -1.80 70.92
C VAL B 92 -31.24 -1.44 71.58
N GLY B 93 -31.39 -1.82 72.85
CA GLY B 93 -32.59 -1.47 73.59
C GLY B 93 -32.69 0.03 73.81
N GLU B 94 -33.89 0.56 73.58
CA GLU B 94 -34.10 2.00 73.73
C GLU B 94 -34.03 2.42 75.19
N ASP B 95 -34.44 1.54 76.12
CA ASP B 95 -34.42 1.84 77.53
C ASP B 95 -33.14 1.38 78.22
N GLU B 96 -32.15 0.93 77.46
CA GLU B 96 -30.87 0.56 78.05
C GLU B 96 -30.14 1.81 78.55
N SER B 97 -29.42 1.65 79.65
CA SER B 97 -28.66 2.76 80.20
C SER B 97 -27.57 3.18 79.21
N PRO B 98 -27.25 4.47 79.13
CA PRO B 98 -26.19 4.90 78.20
C PRO B 98 -24.84 4.26 78.49
N ILE B 99 -24.59 3.83 79.73
CA ILE B 99 -23.37 3.07 80.01
C ILE B 99 -23.40 1.73 79.30
N ASP B 100 -24.56 1.07 79.30
CA ASP B 100 -24.69 -0.22 78.61
C ASP B 100 -24.71 -0.05 77.10
N ARG B 101 -25.19 1.10 76.61
CA ARG B 101 -25.18 1.36 75.18
C ARG B 101 -23.76 1.61 74.68
N LEU B 102 -22.93 2.26 75.51
CA LEU B 102 -21.55 2.51 75.12
C LEU B 102 -20.75 1.21 75.04
N GLU B 103 -21.01 0.28 75.96
CA GLU B 103 -20.34 -1.01 75.91
C GLU B 103 -20.72 -1.77 74.64
N THR B 104 -21.95 -1.62 74.17
CA THR B 104 -22.35 -2.21 72.90
C THR B 104 -21.71 -1.47 71.73
N ALA B 105 -21.69 -0.14 71.79
CA ALA B 105 -21.09 0.64 70.71
C ALA B 105 -19.61 0.38 70.57
N LEU B 106 -18.92 0.12 71.69
CA LEU B 106 -17.51 -0.21 71.63
C LEU B 106 -17.27 -1.52 70.88
N LYS B 107 -18.20 -2.48 71.01
CA LYS B 107 -18.07 -3.72 70.25
C LYS B 107 -18.19 -3.48 68.75
N CYS B 108 -18.91 -2.42 68.35
CA CYS B 108 -19.05 -2.10 66.94
C CYS B 108 -17.80 -1.44 66.36
N LEU B 109 -16.93 -0.89 67.21
CA LEU B 109 -15.76 -0.17 66.74
C LEU B 109 -14.63 -1.14 66.41
N PRO B 110 -13.78 -0.79 65.45
CA PRO B 110 -12.58 -1.61 65.20
C PRO B 110 -11.66 -1.57 66.41
N GLN B 111 -10.83 -2.62 66.52
CA GLN B 111 -9.95 -2.74 67.67
C GLN B 111 -8.96 -1.58 67.72
N TYR B 112 -8.85 -0.95 68.88
CA TYR B 112 -8.04 0.26 69.03
C TYR B 112 -6.57 -0.10 68.91
N ASP B 113 -5.88 0.53 67.96
CA ASP B 113 -4.45 0.35 67.81
C ASP B 113 -3.70 1.41 68.60
N PRO B 114 -2.90 1.03 69.61
CA PRO B 114 -2.22 2.05 70.42
C PRO B 114 -1.19 2.87 69.67
N SER B 115 -0.90 2.55 68.41
CA SER B 115 0.04 3.34 67.61
C SER B 115 -0.47 4.75 67.32
N ARG B 116 -1.75 5.02 67.59
CA ARG B 116 -2.31 6.34 67.38
C ARG B 116 -2.10 7.26 68.58
N SER B 117 -2.14 6.72 69.80
CA SER B 117 -1.93 7.54 71.00
C SER B 117 -0.44 7.70 71.29
N LEU B 118 0.20 6.64 71.76
CA LEU B 118 1.62 6.63 72.06
C LEU B 118 2.39 5.96 70.94
N HIS B 119 3.70 6.24 70.89
CA HIS B 119 4.59 5.73 69.85
C HIS B 119 4.11 6.13 68.45
N ALA B 120 3.47 7.29 68.35
CA ALA B 120 3.04 7.78 67.05
C ALA B 120 4.23 8.14 66.19
N ASP B 121 4.13 7.89 64.90
CA ASP B 121 5.25 8.12 63.99
C ASP B 121 5.53 9.62 63.90
N PRO B 122 6.78 10.05 64.10
CA PRO B 122 7.07 11.49 64.08
C PRO B 122 6.82 12.15 62.73
N VAL B 123 6.86 11.41 61.63
CA VAL B 123 6.62 11.99 60.31
C VAL B 123 5.34 11.44 59.73
N SER B 124 4.20 11.94 60.22
CA SER B 124 2.88 11.57 59.74
C SER B 124 2.05 12.82 59.51
N SER B 125 0.83 12.63 59.04
CA SER B 125 -0.06 13.74 58.73
C SER B 125 -0.78 14.20 60.01
N PHE B 126 -1.70 15.14 59.86
CA PHE B 126 -2.43 15.69 61.00
C PHE B 126 -3.63 14.82 61.34
N ARG B 127 -4.01 14.83 62.61
CA ARG B 127 -5.14 14.06 63.09
C ARG B 127 -5.66 14.68 64.37
N TYR B 128 -6.96 14.53 64.61
CA TYR B 128 -7.57 14.96 65.85
C TYR B 128 -7.38 13.89 66.92
N TRP B 129 -7.83 14.18 68.13
CA TRP B 129 -7.84 13.23 69.22
C TRP B 129 -9.24 12.65 69.38
N LYS B 130 -9.34 11.32 69.35
CA LYS B 130 -10.62 10.65 69.46
C LYS B 130 -10.97 10.37 70.91
N ILE B 131 -12.22 9.94 71.13
CA ILE B 131 -12.68 9.65 72.49
C ILE B 131 -11.93 8.45 73.05
N ARG B 132 -11.64 7.45 72.22
CA ARG B 132 -10.89 6.29 72.66
C ARG B 132 -9.43 6.64 72.98
N ASP B 133 -8.90 7.73 72.41
CA ASP B 133 -7.55 8.15 72.74
C ASP B 133 -7.47 8.63 74.18
N TYR B 134 -8.41 9.47 74.60
CA TYR B 134 -8.44 9.92 75.98
C TYR B 134 -8.74 8.77 76.94
N ALA B 135 -9.74 7.94 76.60
CA ALA B 135 -10.08 6.79 77.44
C ALA B 135 -8.94 5.80 77.57
N TYR B 136 -8.04 5.75 76.58
CA TYR B 136 -6.87 4.88 76.67
C TYR B 136 -5.82 5.48 77.62
N ALA B 137 -5.51 6.76 77.44
CA ALA B 137 -4.51 7.40 78.29
C ALA B 137 -4.99 7.52 79.73
N TYR B 138 -6.30 7.63 79.95
CA TYR B 138 -6.83 7.69 81.30
C TYR B 138 -6.62 6.35 82.02
N ARG B 139 -6.94 5.25 81.35
CA ARG B 139 -6.77 3.92 81.93
C ARG B 139 -5.31 3.48 81.95
N SER B 140 -4.48 4.02 81.04
CA SER B 140 -3.06 3.72 81.02
C SER B 140 -2.28 4.57 82.02
N LYS B 141 -2.95 5.48 82.72
CA LYS B 141 -2.34 6.38 83.70
C LYS B 141 -1.26 7.27 83.08
N LEU B 142 -1.29 7.43 81.75
CA LEU B 142 -0.39 8.40 81.12
C LEU B 142 -0.78 9.83 81.48
N THR B 143 -2.07 10.08 81.70
CA THR B 143 -2.56 11.38 82.14
C THR B 143 -3.74 11.13 83.08
N THR B 144 -4.49 12.18 83.36
CA THR B 144 -5.65 12.11 84.24
C THR B 144 -6.63 13.19 83.83
N PRO B 145 -7.95 12.96 84.00
CA PRO B 145 -8.92 14.01 83.66
C PRO B 145 -8.71 15.31 84.42
N LEU B 146 -8.00 15.28 85.55
CA LEU B 146 -7.69 16.51 86.26
C LEU B 146 -6.63 17.32 85.53
N GLN B 147 -5.61 16.66 84.98
CA GLN B 147 -4.58 17.36 84.23
C GLN B 147 -5.14 17.91 82.91
N VAL B 148 -6.03 17.16 82.26
CA VAL B 148 -6.63 17.63 81.03
C VAL B 148 -7.50 18.86 81.28
N ALA B 149 -8.22 18.88 82.40
CA ALA B 149 -9.05 20.02 82.73
C ALA B 149 -8.22 21.27 82.97
N LYS B 150 -7.12 21.15 83.72
CA LYS B 150 -6.27 22.30 83.98
C LYS B 150 -5.67 22.86 82.70
N ARG B 151 -5.39 21.99 81.72
CA ARG B 151 -4.86 22.46 80.44
C ARG B 151 -5.92 23.22 79.65
N ILE B 152 -7.16 22.72 79.65
CA ILE B 152 -8.24 23.39 78.94
C ILE B 152 -8.58 24.72 79.62
N ILE B 153 -8.68 24.70 80.95
CA ILE B 153 -9.02 25.91 81.69
C ILE B 153 -7.96 26.99 81.47
N SER B 154 -6.70 26.58 81.37
CA SER B 154 -5.63 27.55 81.14
C SER B 154 -5.77 28.23 79.78
N ILE B 155 -6.04 27.43 78.73
CA ILE B 155 -6.15 27.98 77.39
C ILE B 155 -7.33 28.93 77.30
N ILE B 156 -8.45 28.60 77.95
CA ILE B 156 -9.63 29.45 77.90
C ILE B 156 -9.36 30.79 78.59
N GLU B 157 -8.75 30.74 79.78
CA GLU B 157 -8.49 31.97 80.51
C GLU B 157 -7.39 32.79 79.86
N GLU B 158 -6.44 32.14 79.20
CA GLU B 158 -5.34 32.86 78.57
C GLU B 158 -5.79 33.57 77.30
N PHE B 159 -6.50 32.86 76.43
CA PHE B 159 -6.96 33.41 75.17
C PHE B 159 -8.31 34.10 75.29
N GLY B 160 -8.95 34.07 76.46
CA GLY B 160 -10.23 34.72 76.65
C GLY B 160 -11.34 34.08 75.85
N TYR B 161 -11.55 32.79 76.04
CA TYR B 161 -12.59 32.05 75.32
C TYR B 161 -13.90 31.99 76.10
N ASP B 162 -13.95 32.56 77.30
CA ASP B 162 -15.20 32.78 78.00
C ASP B 162 -15.53 34.27 78.13
N LYS B 163 -14.68 35.14 77.60
CA LYS B 163 -14.84 36.58 77.58
C LYS B 163 -15.01 37.09 76.16
N PRO B 164 -15.69 38.22 75.97
CA PRO B 164 -15.77 38.83 74.63
C PRO B 164 -14.40 39.25 74.16
N PRO B 165 -14.23 39.56 72.85
CA PRO B 165 -15.23 39.60 71.79
C PRO B 165 -15.37 38.29 71.02
N THR B 166 -14.54 37.30 71.33
CA THR B 166 -14.54 36.01 70.64
C THR B 166 -14.53 34.88 71.65
N PRO B 167 -15.65 34.63 72.33
CA PRO B 167 -15.70 33.54 73.31
C PRO B 167 -16.22 32.24 72.72
N PHE B 168 -15.52 31.15 73.06
CA PHE B 168 -16.04 29.82 72.73
C PHE B 168 -17.23 29.48 73.63
N LEU B 169 -17.18 29.91 74.89
CA LEU B 169 -18.24 29.65 75.86
C LEU B 169 -18.77 30.98 76.40
N ILE B 170 -20.07 31.04 76.62
CA ILE B 170 -20.69 32.18 77.28
C ILE B 170 -21.04 31.87 78.73
N ARG B 171 -20.66 30.69 79.21
CA ARG B 171 -20.83 30.31 80.62
C ARG B 171 -19.77 29.27 80.95
N PHE B 172 -18.87 29.62 81.87
CA PHE B 172 -17.74 28.74 82.20
C PHE B 172 -17.40 28.91 83.66
N ASP B 173 -17.66 27.86 84.45
CA ASP B 173 -17.26 27.82 85.86
C ASP B 173 -16.05 26.90 85.95
N ALA B 174 -14.86 27.49 85.99
CA ALA B 174 -13.64 26.70 86.10
C ALA B 174 -13.59 25.92 87.40
N ASN B 175 -14.23 26.43 88.46
CA ASN B 175 -14.28 25.70 89.71
C ASN B 175 -15.13 24.44 89.61
N GLU B 176 -16.15 24.45 88.74
CA GLU B 176 -17.00 23.29 88.56
C GLU B 176 -16.31 22.22 87.70
N VAL B 177 -15.58 22.65 86.67
CA VAL B 177 -14.91 21.69 85.79
C VAL B 177 -13.87 20.88 86.57
N ILE B 178 -13.20 21.51 87.54
CA ILE B 178 -12.25 20.80 88.36
C ILE B 178 -12.96 19.80 89.27
N LYS B 179 -14.14 20.19 89.79
CA LYS B 179 -14.88 19.30 90.68
C LYS B 179 -15.27 18.01 89.98
N GLN B 180 -15.63 18.09 88.70
CA GLN B 180 -15.95 16.89 87.95
C GLN B 180 -14.70 16.10 87.59
N ALA B 181 -13.59 16.78 87.34
CA ALA B 181 -12.36 16.09 86.96
C ALA B 181 -11.74 15.34 88.14
N GLU B 182 -11.96 15.82 89.36
CA GLU B 182 -11.41 15.15 90.53
C GLU B 182 -12.15 13.85 90.82
N ALA B 183 -13.47 13.86 90.65
CA ALA B 183 -14.26 12.64 90.87
C ALA B 183 -13.97 11.61 89.79
N SER B 184 -13.75 12.06 88.55
CA SER B 184 -13.41 11.13 87.48
C SER B 184 -12.01 10.56 87.68
N THR B 185 -11.07 11.38 88.11
CA THR B 185 -9.73 10.89 88.43
C THR B 185 -9.77 9.87 89.56
N ARG B 186 -10.56 10.14 90.59
CA ARG B 186 -10.68 9.22 91.72
C ARG B 186 -11.21 7.87 91.28
N ARG B 187 -12.15 7.86 90.33
CA ARG B 187 -12.67 6.59 89.83
C ARG B 187 -11.63 5.84 89.01
N PHE B 188 -10.76 6.57 88.30
CA PHE B 188 -9.70 5.91 87.54
C PHE B 188 -8.63 5.35 88.45
N GLU B 189 -8.35 6.01 89.58
CA GLU B 189 -7.36 5.49 90.51
C GLU B 189 -7.90 4.27 91.25
N GLN B 190 -9.18 4.30 91.64
CA GLN B 190 -9.79 3.15 92.30
C GLN B 190 -9.89 1.95 91.36
N GLY B 191 -9.84 2.17 90.06
CA GLY B 191 -9.87 1.08 89.10
C GLY B 191 -11.23 0.74 88.55
N ASN B 192 -12.22 1.63 88.71
CA ASN B 192 -13.58 1.38 88.24
C ASN B 192 -14.08 2.61 87.50
N PRO B 193 -13.66 2.82 86.26
CA PRO B 193 -14.26 3.87 85.44
C PRO B 193 -15.69 3.51 85.06
N ILE B 194 -16.50 4.55 84.83
CA ILE B 194 -17.91 4.33 84.53
C ILE B 194 -18.08 3.72 83.15
N SER B 195 -17.54 4.39 82.14
CA SER B 195 -17.66 3.92 80.76
C SER B 195 -16.50 4.50 79.96
N VAL B 196 -16.59 4.41 78.63
CA VAL B 196 -15.57 5.00 77.77
C VAL B 196 -15.66 6.52 77.83
N LEU B 197 -16.86 7.07 78.02
CA LEU B 197 -17.04 8.51 78.10
C LEU B 197 -16.65 9.09 79.46
N ASP B 198 -16.17 8.27 80.39
CA ASP B 198 -15.76 8.77 81.69
C ASP B 198 -14.50 9.62 81.55
N GLY B 199 -14.60 10.90 81.91
CA GLY B 199 -13.51 11.82 81.76
C GLY B 199 -13.44 12.53 80.43
N ILE B 200 -14.43 12.34 79.56
CA ILE B 200 -14.46 12.97 78.25
C ILE B 200 -15.15 14.33 78.38
N PHE B 201 -14.54 15.35 77.79
CA PHE B 201 -15.05 16.72 77.86
C PHE B 201 -16.04 16.95 76.74
N VAL B 202 -17.23 17.42 77.10
CA VAL B 202 -18.30 17.69 76.14
C VAL B 202 -18.88 19.07 76.45
N THR B 203 -19.02 19.89 75.42
CA THR B 203 -19.54 21.25 75.56
C THR B 203 -21.00 21.29 75.13
N ILE B 204 -21.81 21.98 75.92
CA ILE B 204 -23.27 22.00 75.74
C ILE B 204 -23.67 23.34 75.14
N LYS B 205 -24.53 23.30 74.12
CA LYS B 205 -25.07 24.51 73.53
C LYS B 205 -25.98 25.23 74.54
N ASP B 206 -26.04 26.55 74.43
CA ASP B 206 -26.70 27.35 75.46
C ASP B 206 -28.23 27.24 75.43
N ASP B 207 -28.80 26.58 74.43
CA ASP B 207 -30.25 26.36 74.41
C ASP B 207 -30.64 25.05 75.08
N ILE B 208 -29.69 24.37 75.73
CA ILE B 208 -29.94 23.12 76.43
C ILE B 208 -29.63 23.34 77.91
N ASP B 209 -30.42 22.72 78.78
CA ASP B 209 -30.25 22.90 80.21
C ASP B 209 -29.10 22.02 80.71
N CYS B 210 -28.13 22.64 81.38
CA CYS B 210 -26.99 21.92 81.95
C CYS B 210 -26.67 22.55 83.30
N LEU B 211 -26.82 21.76 84.36
CA LEU B 211 -26.55 22.26 85.70
C LEU B 211 -25.05 22.51 85.88
N PRO B 212 -24.67 23.54 86.66
CA PRO B 212 -25.59 24.48 87.31
C PRO B 212 -25.77 25.77 86.52
N HIS B 213 -25.28 25.79 85.28
CA HIS B 213 -25.32 27.00 84.48
C HIS B 213 -26.76 27.29 84.06
N PRO B 214 -27.15 28.57 84.03
CA PRO B 214 -28.49 28.92 83.53
C PRO B 214 -28.55 28.83 82.01
N THR B 215 -29.77 28.65 81.51
CA THR B 215 -30.04 28.54 80.08
C THR B 215 -30.51 29.89 79.56
N ASN B 216 -29.63 30.58 78.84
CA ASN B 216 -29.96 31.89 78.26
C ASN B 216 -30.22 31.82 76.77
N GLY B 217 -29.73 30.81 76.07
CA GLY B 217 -29.96 30.69 74.65
C GLY B 217 -29.33 31.78 73.83
N GLY B 218 -28.26 32.40 74.35
CA GLY B 218 -27.60 33.49 73.67
C GLY B 218 -28.13 34.86 73.99
N THR B 219 -29.14 34.97 74.86
CA THR B 219 -29.71 36.24 75.25
C THR B 219 -29.09 36.71 76.56
N THR B 220 -29.54 37.86 77.05
CA THR B 220 -29.02 38.41 78.29
C THR B 220 -29.94 38.16 79.48
N TRP B 221 -31.22 37.89 79.19
CA TRP B 221 -32.34 38.04 80.11
C TRP B 221 -33.31 36.85 80.06
N LEU B 222 -32.86 35.71 79.54
CA LEU B 222 -33.72 34.53 79.60
C LEU B 222 -33.65 33.84 80.96
N HIS B 223 -32.53 33.99 81.67
CA HIS B 223 -32.44 33.44 83.02
C HIS B 223 -33.36 34.16 83.98
N GLU B 224 -33.70 35.43 83.69
CA GLU B 224 -34.59 36.17 84.57
C GLU B 224 -36.00 35.61 84.55
N ASP B 225 -36.41 34.99 83.43
CA ASP B 225 -37.74 34.44 83.30
C ASP B 225 -37.78 32.91 83.27
N ARG B 226 -36.67 32.26 82.89
CA ARG B 226 -36.60 30.80 82.79
C ARG B 226 -35.60 30.29 83.82
N SER B 227 -36.09 29.61 84.84
CA SER B 227 -35.24 29.04 85.88
C SER B 227 -34.89 27.59 85.53
N VAL B 228 -33.62 27.24 85.65
CA VAL B 228 -33.13 25.91 85.34
C VAL B 228 -32.87 25.21 86.67
N GLU B 229 -33.79 24.31 87.05
CA GLU B 229 -33.70 23.63 88.34
C GLU B 229 -33.08 22.24 88.25
N LYS B 230 -33.03 21.63 87.06
CA LYS B 230 -32.45 20.31 86.91
C LYS B 230 -31.86 20.16 85.53
N ASP B 231 -31.12 19.07 85.34
CA ASP B 231 -30.46 18.80 84.06
C ASP B 231 -31.48 18.50 82.97
N SER B 232 -30.97 18.36 81.75
CA SER B 232 -31.79 17.98 80.61
C SER B 232 -31.64 16.49 80.35
N ALA B 233 -32.20 16.02 79.23
CA ALA B 233 -32.13 14.60 78.91
C ALA B 233 -30.76 14.22 78.36
N VAL B 234 -30.24 15.02 77.41
CA VAL B 234 -28.97 14.68 76.79
C VAL B 234 -27.80 14.90 77.74
N VAL B 235 -27.94 15.84 78.67
CA VAL B 235 -26.86 16.12 79.62
C VAL B 235 -26.81 15.05 80.70
N SER B 236 -27.96 14.67 81.25
CA SER B 236 -27.99 13.64 82.29
C SER B 236 -27.50 12.30 81.76
N LYS B 237 -27.77 12.00 80.48
CA LYS B 237 -27.29 10.76 79.90
C LYS B 237 -25.76 10.78 79.77
N LEU B 238 -25.19 11.96 79.48
CA LEU B 238 -23.73 12.04 79.38
C LEU B 238 -23.07 12.02 80.75
N ARG B 239 -23.70 12.67 81.74
CA ARG B 239 -23.13 12.68 83.08
C ARG B 239 -23.15 11.29 83.71
N SER B 240 -24.16 10.49 83.38
CA SER B 240 -24.21 9.12 83.90
C SER B 240 -23.09 8.25 83.33
N CYS B 241 -22.52 8.64 82.19
CA CYS B 241 -21.38 7.94 81.62
C CYS B 241 -20.05 8.42 82.17
N GLY B 242 -20.05 9.46 83.01
CA GLY B 242 -18.82 10.00 83.55
C GLY B 242 -18.23 11.13 82.75
N ALA B 243 -18.97 11.72 81.83
CA ALA B 243 -18.45 12.81 81.01
C ALA B 243 -18.26 14.07 81.85
N ILE B 244 -17.40 14.96 81.35
CA ILE B 244 -17.09 16.21 82.02
C ILE B 244 -17.77 17.33 81.24
N LEU B 245 -18.80 17.91 81.84
CA LEU B 245 -19.56 19.00 81.20
C LEU B 245 -18.74 20.27 81.31
N LEU B 246 -18.25 20.76 80.18
CA LEU B 246 -17.38 21.94 80.16
C LEU B 246 -18.16 23.21 80.47
N GLY B 247 -18.93 23.69 79.51
CA GLY B 247 -19.70 24.90 79.72
C GLY B 247 -20.74 25.10 78.65
N LYS B 248 -21.38 26.26 78.70
CA LYS B 248 -22.42 26.60 77.73
C LYS B 248 -21.77 27.34 76.55
N ALA B 249 -21.86 26.73 75.37
CA ALA B 249 -21.20 27.27 74.19
C ALA B 249 -21.92 28.49 73.65
N ASN B 250 -21.19 29.30 72.90
CA ASN B 250 -21.78 30.43 72.20
C ASN B 250 -22.69 29.95 71.09
N MET B 251 -23.69 30.76 70.74
CA MET B 251 -24.64 30.40 69.71
C MET B 251 -25.32 31.65 69.20
N HIS B 252 -25.75 31.60 67.94
CA HIS B 252 -26.62 32.63 67.41
C HIS B 252 -27.89 32.70 68.25
N GLU B 253 -28.36 33.92 68.50
CA GLU B 253 -29.42 34.12 69.50
C GLU B 253 -30.68 33.36 69.12
N LEU B 254 -31.05 32.38 69.96
CA LEU B 254 -32.28 31.61 69.82
C LEU B 254 -32.37 30.86 68.50
N GLY B 255 -31.22 30.57 67.88
CA GLY B 255 -31.24 29.84 66.63
C GLY B 255 -31.90 30.58 65.49
N MET B 256 -31.79 31.90 65.47
CA MET B 256 -32.36 32.69 64.37
C MET B 256 -31.25 33.25 63.50
N GLY B 257 -30.39 32.37 63.00
CA GLY B 257 -29.29 32.74 62.15
C GLY B 257 -28.40 31.55 61.87
N THR B 258 -27.79 31.52 60.67
CA THR B 258 -26.90 30.43 60.30
C THR B 258 -25.46 30.90 60.11
N THR B 259 -25.15 32.14 60.50
CA THR B 259 -23.77 32.63 60.47
C THR B 259 -23.09 32.53 61.83
N GLY B 260 -23.82 32.68 62.91
CA GLY B 260 -23.24 32.67 64.24
C GLY B 260 -22.91 34.05 64.79
N ASN B 261 -23.31 35.12 64.12
CA ASN B 261 -23.03 36.47 64.58
C ASN B 261 -23.89 36.77 65.80
N ASN B 262 -23.26 36.87 66.97
CA ASN B 262 -23.94 37.20 68.21
C ASN B 262 -23.47 38.58 68.65
N SER B 263 -24.38 39.56 68.60
CA SER B 263 -24.08 40.92 69.03
C SER B 263 -24.22 41.10 70.54
N ASN B 264 -24.53 40.04 71.28
CA ASN B 264 -24.70 40.13 72.72
C ASN B 264 -23.52 39.58 73.50
N TYR B 265 -22.83 38.56 72.97
CA TYR B 265 -21.69 37.97 73.64
C TYR B 265 -20.43 37.94 72.80
N GLY B 266 -20.52 38.27 71.51
CA GLY B 266 -19.36 38.24 70.64
C GLY B 266 -19.41 37.11 69.63
N THR B 267 -19.14 37.42 68.37
CA THR B 267 -19.21 36.43 67.32
C THR B 267 -18.02 35.47 67.42
N THR B 268 -18.31 34.18 67.59
CA THR B 268 -17.25 33.19 67.66
C THR B 268 -16.59 33.03 66.30
N ARG B 269 -15.27 32.95 66.30
CA ARG B 269 -14.51 32.92 65.05
C ARG B 269 -14.20 31.49 64.63
N ASN B 270 -14.08 31.29 63.32
CA ASN B 270 -13.78 29.97 62.79
C ASN B 270 -12.35 29.59 63.12
N PRO B 271 -12.11 28.41 63.70
CA PRO B 271 -10.72 28.01 64.01
C PRO B 271 -9.82 27.93 62.79
N HIS B 272 -10.38 27.67 61.61
CA HIS B 272 -9.59 27.65 60.39
C HIS B 272 -9.26 29.04 59.88
N ASP B 273 -10.06 30.04 60.21
CA ASP B 273 -9.82 31.42 59.80
C ASP B 273 -10.60 32.36 60.72
N PRO B 274 -9.94 33.03 61.66
CA PRO B 274 -10.68 33.88 62.61
C PRO B 274 -11.43 35.03 61.97
N LYS B 275 -11.06 35.44 60.76
CA LYS B 275 -11.78 36.52 60.08
C LYS B 275 -13.07 36.05 59.41
N ARG B 276 -13.37 34.76 59.45
CA ARG B 276 -14.56 34.20 58.82
C ARG B 276 -15.52 33.67 59.87
N TYR B 277 -16.75 33.42 59.43
CA TYR B 277 -17.80 32.94 60.32
C TYR B 277 -17.62 31.45 60.61
N THR B 278 -18.24 31.01 61.71
CA THR B 278 -18.28 29.59 62.05
C THR B 278 -19.44 28.87 61.40
N GLY B 279 -20.59 29.51 61.32
CA GLY B 279 -21.82 28.87 60.90
C GLY B 279 -22.73 28.72 62.11
N GLY B 280 -24.03 28.87 61.88
CA GLY B 280 -25.02 28.83 62.94
C GLY B 280 -25.93 27.61 62.85
N SER B 281 -26.71 27.42 63.91
CA SER B 281 -26.70 28.33 65.05
C SER B 281 -25.82 27.81 66.17
N SER B 282 -25.29 26.60 66.00
CA SER B 282 -24.39 26.00 67.00
C SER B 282 -22.95 26.44 66.73
N SER B 283 -22.74 27.74 66.82
CA SER B 283 -21.45 28.33 66.46
C SER B 283 -20.36 27.93 67.45
N GLY B 284 -20.59 28.19 68.74
CA GLY B 284 -19.56 27.91 69.73
C GLY B 284 -19.32 26.43 69.94
N SER B 285 -20.38 25.62 69.88
CA SER B 285 -20.23 24.19 70.09
C SER B 285 -19.33 23.56 69.03
N ALA B 286 -19.47 24.02 67.78
CA ALA B 286 -18.65 23.47 66.70
C ALA B 286 -17.23 24.02 66.73
N ALA B 287 -17.08 25.31 67.05
CA ALA B 287 -15.76 25.93 67.02
C ALA B 287 -14.85 25.36 68.09
N ILE B 288 -15.39 25.06 69.27
CA ILE B 288 -14.58 24.49 70.34
C ILE B 288 -14.18 23.05 70.04
N VAL B 289 -14.94 22.37 69.18
CA VAL B 289 -14.54 21.03 68.76
C VAL B 289 -13.47 21.09 67.68
N ALA B 290 -13.64 21.99 66.71
CA ALA B 290 -12.65 22.13 65.65
C ALA B 290 -11.33 22.67 66.18
N ALA B 291 -11.36 23.40 67.29
CA ALA B 291 -10.14 23.91 67.89
C ALA B 291 -9.36 22.85 68.67
N GLY B 292 -10.00 21.74 69.01
CA GLY B 292 -9.34 20.67 69.72
C GLY B 292 -9.39 20.78 71.23
N LEU B 293 -10.12 21.75 71.78
CA LEU B 293 -10.19 21.89 73.23
C LEU B 293 -10.90 20.69 73.86
N CYS B 294 -12.09 20.38 73.40
CA CYS B 294 -12.88 19.27 73.89
C CYS B 294 -12.98 18.17 72.84
N SER B 295 -13.58 17.04 73.24
CA SER B 295 -13.74 15.92 72.32
C SER B 295 -14.95 16.11 71.42
N ALA B 296 -16.12 16.36 72.01
CA ALA B 296 -17.35 16.52 71.25
C ALA B 296 -18.21 17.59 71.90
N ALA B 297 -19.34 17.88 71.27
CA ALA B 297 -20.26 18.90 71.76
C ALA B 297 -21.67 18.59 71.27
N LEU B 298 -22.65 19.12 71.98
CA LEU B 298 -24.05 18.95 71.64
C LEU B 298 -24.63 20.27 71.14
N GLY B 299 -25.79 20.17 70.49
CA GLY B 299 -26.47 21.34 69.97
C GLY B 299 -27.73 20.99 69.20
N THR B 300 -28.71 21.88 69.24
CA THR B 300 -29.95 21.66 68.53
C THR B 300 -29.76 21.86 67.03
N ASP B 301 -30.82 21.60 66.27
CA ASP B 301 -30.77 21.72 64.82
C ASP B 301 -32.21 21.83 64.31
N GLY B 302 -32.65 23.06 64.05
CA GLY B 302 -33.94 23.33 63.45
C GLY B 302 -33.93 23.58 61.96
N GLY B 303 -32.75 23.62 61.34
CA GLY B 303 -32.64 23.87 59.91
C GLY B 303 -31.20 24.00 59.46
N GLY B 304 -30.31 23.27 60.13
CA GLY B 304 -28.89 23.31 59.79
C GLY B 304 -27.99 23.80 60.90
N ALA B 305 -28.51 23.85 62.13
CA ALA B 305 -27.72 24.38 63.24
C ALA B 305 -26.58 23.43 63.61
N VAL B 306 -26.81 22.12 63.51
CA VAL B 306 -25.77 21.15 63.84
C VAL B 306 -24.92 20.76 62.64
N ARG B 307 -25.33 21.14 61.43
CA ARG B 307 -24.66 20.72 60.21
C ARG B 307 -23.90 21.82 59.51
N ILE B 308 -24.46 23.04 59.45
CA ILE B 308 -23.78 24.13 58.75
C ILE B 308 -22.43 24.47 59.38
N PRO B 309 -22.33 24.70 60.70
CA PRO B 309 -20.99 24.98 61.25
C PRO B 309 -20.07 23.78 61.19
N SER B 310 -20.60 22.56 61.26
CA SER B 310 -19.74 21.38 61.16
C SER B 310 -19.12 21.24 59.78
N ALA B 311 -19.79 21.78 58.75
CA ALA B 311 -19.19 21.80 57.42
C ALA B 311 -18.17 22.92 57.28
N LEU B 312 -18.49 24.10 57.83
CA LEU B 312 -17.60 25.24 57.70
C LEU B 312 -16.37 25.10 58.59
N CYS B 313 -16.50 24.44 59.74
CA CYS B 313 -15.39 24.26 60.66
C CYS B 313 -14.61 22.98 60.42
N GLY B 314 -15.10 22.08 59.57
CA GLY B 314 -14.37 20.87 59.27
C GLY B 314 -14.48 19.79 60.32
N ILE B 315 -15.66 19.57 60.88
CA ILE B 315 -15.89 18.50 61.84
C ILE B 315 -17.11 17.70 61.40
N THR B 316 -17.52 16.75 62.23
CA THR B 316 -18.66 15.89 61.93
C THR B 316 -19.84 16.28 62.80
N GLY B 317 -21.00 16.48 62.17
CA GLY B 317 -22.20 16.85 62.89
C GLY B 317 -23.39 15.97 62.53
N LEU B 318 -23.85 15.16 63.48
CA LEU B 318 -24.94 14.22 63.24
C LEU B 318 -26.26 14.84 63.65
N LYS B 319 -27.18 14.97 62.70
CA LYS B 319 -28.54 15.43 62.96
C LYS B 319 -29.43 14.20 63.05
N THR B 320 -29.92 13.90 64.25
CA THR B 320 -30.69 12.69 64.46
C THR B 320 -32.11 12.83 63.91
N THR B 321 -32.81 11.70 63.86
CA THR B 321 -34.20 11.70 63.42
C THR B 321 -35.07 12.42 64.43
N TYR B 322 -36.15 13.05 63.92
CA TYR B 322 -37.09 13.76 64.78
C TYR B 322 -37.65 12.84 65.85
N GLY B 323 -37.39 13.18 67.11
CA GLY B 323 -37.85 12.39 68.23
C GLY B 323 -36.92 11.27 68.65
N ARG B 324 -35.89 10.97 67.87
CA ARG B 324 -34.97 9.90 68.23
C ARG B 324 -34.22 10.24 69.51
N THR B 325 -33.61 11.42 69.56
CA THR B 325 -32.91 11.90 70.75
C THR B 325 -33.85 12.76 71.59
N ASP B 326 -33.97 12.44 72.87
CA ASP B 326 -34.87 13.18 73.74
C ASP B 326 -34.42 14.62 73.89
N MET B 327 -35.38 15.54 73.79
CA MET B 327 -35.13 16.97 73.91
C MET B 327 -35.64 17.56 75.21
N THR B 328 -36.04 16.73 76.17
CA THR B 328 -36.59 17.24 77.42
C THR B 328 -35.56 18.10 78.15
N GLY B 329 -35.92 19.35 78.40
CA GLY B 329 -35.03 20.27 79.09
C GLY B 329 -34.24 21.16 78.16
N SER B 330 -34.88 21.68 77.12
CA SER B 330 -34.23 22.59 76.20
C SER B 330 -35.21 23.74 75.90
N LEU B 331 -34.87 24.55 74.90
CA LEU B 331 -35.69 25.68 74.52
C LEU B 331 -36.66 25.39 73.38
N CYS B 332 -36.50 24.26 72.69
CA CYS B 332 -37.34 23.90 71.57
C CYS B 332 -38.10 22.62 71.83
N GLU B 333 -38.61 22.45 73.06
CA GLU B 333 -39.46 21.30 73.36
C GLU B 333 -40.80 21.46 72.65
N GLY B 334 -41.27 20.37 72.03
CA GLY B 334 -42.50 20.41 71.28
C GLY B 334 -42.38 20.97 69.88
N GLY B 335 -41.21 21.49 69.50
CA GLY B 335 -41.03 21.94 68.14
C GLY B 335 -41.16 20.80 67.14
N THR B 336 -41.40 21.19 65.88
CA THR B 336 -41.69 20.24 64.83
C THR B 336 -40.55 20.07 63.83
N VAL B 337 -39.40 20.71 64.07
CA VAL B 337 -38.31 20.68 63.10
C VAL B 337 -36.96 20.63 63.80
N GLU B 338 -36.95 20.45 65.12
CA GLU B 338 -35.73 20.54 65.91
C GLU B 338 -35.44 19.22 66.60
N ILE B 339 -34.15 18.91 66.74
CA ILE B 339 -33.67 17.78 67.54
C ILE B 339 -32.43 18.21 68.30
N ILE B 340 -31.67 17.24 68.81
CA ILE B 340 -30.39 17.50 69.46
C ILE B 340 -29.40 16.46 68.97
N GLY B 341 -28.33 16.93 68.32
CA GLY B 341 -27.32 16.05 67.80
C GLY B 341 -25.93 16.44 68.24
N PRO B 342 -25.00 15.49 68.22
CA PRO B 342 -23.63 15.77 68.64
C PRO B 342 -22.75 16.27 67.50
N LEU B 343 -21.80 17.12 67.87
CA LEU B 343 -20.75 17.59 66.97
C LEU B 343 -19.42 17.08 67.50
N ALA B 344 -18.65 16.43 66.64
CA ALA B 344 -17.40 15.81 67.06
C ALA B 344 -16.37 15.93 65.93
N SER B 345 -15.11 15.67 66.29
CA SER B 345 -14.02 15.78 65.33
C SER B 345 -13.97 14.60 64.37
N SER B 346 -14.29 13.40 64.88
CA SER B 346 -14.25 12.19 64.06
C SER B 346 -15.59 11.47 64.15
N LEU B 347 -15.87 10.66 63.13
CA LEU B 347 -17.11 9.89 63.11
C LEU B 347 -17.16 8.92 64.29
N GLU B 348 -16.02 8.35 64.66
CA GLU B 348 -15.96 7.48 65.84
C GLU B 348 -16.36 8.22 67.10
N ASP B 349 -16.05 9.51 67.19
CA ASP B 349 -16.41 10.30 68.36
C ASP B 349 -17.89 10.64 68.37
N ALA B 350 -18.42 11.09 67.23
CA ALA B 350 -19.84 11.44 67.17
C ALA B 350 -20.72 10.22 67.39
N PHE B 351 -20.29 9.06 66.90
CA PHE B 351 -21.06 7.83 67.09
C PHE B 351 -21.12 7.43 68.56
N LEU B 352 -20.05 7.69 69.32
CA LEU B 352 -20.05 7.35 70.73
C LEU B 352 -20.95 8.28 71.54
N VAL B 353 -20.95 9.56 71.20
CA VAL B 353 -21.79 10.52 71.91
C VAL B 353 -23.26 10.28 71.58
N TYR B 354 -23.56 9.95 70.33
CA TYR B 354 -24.92 9.61 69.96
C TYR B 354 -25.41 8.37 70.71
N ALA B 355 -24.51 7.40 70.92
CA ALA B 355 -24.86 6.19 71.64
C ALA B 355 -25.25 6.46 73.07
N ALA B 356 -24.79 7.57 73.66
CA ALA B 356 -25.12 7.89 75.04
C ALA B 356 -26.33 8.80 75.15
N ILE B 357 -26.56 9.69 74.18
CA ILE B 357 -27.64 10.68 74.28
C ILE B 357 -28.94 10.20 73.65
N LEU B 358 -28.93 9.13 72.87
CA LEU B 358 -30.14 8.70 72.19
C LEU B 358 -31.16 8.17 73.20
N GLY B 359 -32.38 7.97 72.72
CA GLY B 359 -33.47 7.54 73.56
C GLY B 359 -34.67 8.46 73.46
N SER B 360 -35.72 8.01 72.78
CA SER B 360 -36.90 8.84 72.58
C SER B 360 -37.63 9.05 73.90
N SER B 361 -38.19 10.25 74.08
CA SER B 361 -38.94 10.57 75.28
C SER B 361 -40.20 9.71 75.36
N SER B 362 -40.81 9.71 76.55
CA SER B 362 -42.02 8.93 76.75
C SER B 362 -43.17 9.45 75.89
N ALA B 363 -43.26 10.77 75.72
CA ALA B 363 -44.30 11.34 74.88
C ALA B 363 -44.07 10.97 73.41
N ASP B 364 -42.85 11.17 72.91
CA ASP B 364 -42.54 10.85 71.52
C ASP B 364 -42.48 9.35 71.26
N ARG B 365 -42.32 8.54 72.31
CA ARG B 365 -42.30 7.09 72.11
C ARG B 365 -43.65 6.58 71.63
N TYR B 366 -44.74 7.20 72.06
CA TYR B 366 -46.08 6.79 71.66
C TYR B 366 -46.57 7.52 70.42
N ASN B 367 -46.28 8.82 70.32
CA ASN B 367 -46.78 9.60 69.19
C ASN B 367 -46.02 9.29 67.90
N LEU B 368 -44.74 8.93 68.01
CA LEU B 368 -43.92 8.66 66.84
C LEU B 368 -43.64 7.17 66.63
N LYS B 369 -43.71 6.35 67.68
CA LYS B 369 -43.44 4.93 67.64
C LYS B 369 -42.14 4.63 66.89
N PRO B 370 -40.99 5.05 67.42
CA PRO B 370 -39.74 4.81 66.70
C PRO B 370 -39.30 3.36 66.83
N SER B 371 -38.72 2.84 65.74
CA SER B 371 -38.11 1.53 65.78
C SER B 371 -36.93 1.55 66.76
N PRO B 372 -36.57 0.40 67.31
CA PRO B 372 -35.51 0.38 68.32
C PRO B 372 -34.22 0.93 67.75
N PRO B 373 -33.43 1.61 68.58
CA PRO B 373 -32.15 2.15 68.09
C PRO B 373 -31.16 1.05 67.79
N CYS B 374 -30.26 1.34 66.86
CA CYS B 374 -29.29 0.35 66.41
C CYS B 374 -28.02 1.05 65.93
N PHE B 375 -26.87 0.41 66.19
CA PHE B 375 -25.55 0.89 65.84
C PHE B 375 -25.00 0.13 64.65
N PRO B 376 -24.24 0.80 63.78
CA PRO B 376 -23.63 0.09 62.65
C PRO B 376 -22.33 -0.60 63.06
N LYS B 377 -22.14 -1.81 62.54
CA LYS B 377 -20.92 -2.56 62.81
C LYS B 377 -19.74 -1.91 62.11
N LEU B 378 -19.07 -0.98 62.79
CA LEU B 378 -18.01 -0.20 62.18
C LEU B 378 -16.75 -1.01 61.93
N LEU B 379 -16.68 -2.25 62.39
CA LEU B 379 -15.56 -3.13 62.05
C LEU B 379 -15.74 -3.63 60.63
N SER B 380 -14.66 -3.58 59.85
CA SER B 380 -14.74 -3.87 58.42
C SER B 380 -14.51 -5.33 58.07
N HIS B 381 -13.80 -6.07 58.91
CA HIS B 381 -13.45 -7.46 58.64
C HIS B 381 -14.10 -8.34 59.70
N ASN B 382 -15.08 -9.14 59.30
CA ASN B 382 -15.53 -9.19 57.91
C ASN B 382 -16.80 -8.36 57.72
N GLY B 383 -16.89 -7.70 56.57
CA GLY B 383 -18.07 -6.90 56.28
C GLY B 383 -17.85 -5.97 55.11
N SER B 384 -18.51 -4.81 55.17
CA SER B 384 -18.41 -3.76 54.17
C SER B 384 -18.89 -4.21 52.79
N ASN B 385 -19.73 -5.25 52.73
CA ASN B 385 -20.36 -5.65 51.49
C ASN B 385 -21.77 -5.09 51.35
N ALA B 386 -22.29 -4.43 52.38
CA ALA B 386 -23.60 -3.79 52.32
C ALA B 386 -23.51 -2.32 51.92
N ILE B 387 -22.39 -1.67 52.19
CA ILE B 387 -22.20 -0.28 51.76
C ILE B 387 -22.20 -0.20 50.24
N GLY B 388 -21.61 -1.20 49.58
CA GLY B 388 -21.60 -1.22 48.14
C GLY B 388 -22.98 -1.38 47.52
N SER B 389 -23.89 -2.02 48.25
CA SER B 389 -25.26 -2.19 47.78
C SER B 389 -26.12 -0.95 48.00
N LEU B 390 -25.55 0.14 48.51
CA LEU B 390 -26.31 1.35 48.74
C LEU B 390 -26.51 2.12 47.44
N ARG B 391 -27.66 2.78 47.34
CA ARG B 391 -28.01 3.60 46.19
C ARG B 391 -28.00 5.06 46.61
N LEU B 392 -27.15 5.86 45.97
CA LEU B 392 -26.95 7.25 46.34
C LEU B 392 -27.82 8.14 45.46
N GLY B 393 -28.74 8.87 46.07
CA GLY B 393 -29.63 9.76 45.35
C GLY B 393 -29.06 11.15 45.17
N LYS B 394 -28.86 11.56 43.92
CA LYS B 394 -28.23 12.84 43.60
C LYS B 394 -29.12 13.62 42.65
N TYR B 395 -29.56 14.79 43.09
CA TYR B 395 -30.26 15.74 42.22
C TYR B 395 -29.19 16.67 41.64
N THR B 396 -28.83 16.41 40.38
CA THR B 396 -27.68 17.08 39.78
C THR B 396 -27.86 18.60 39.76
N LYS B 397 -29.05 19.07 39.38
CA LYS B 397 -29.31 20.51 39.35
C LYS B 397 -29.21 21.11 40.75
N TRP B 398 -29.76 20.42 41.74
CA TRP B 398 -29.63 20.87 43.13
C TRP B 398 -28.22 20.70 43.66
N PHE B 399 -27.50 19.68 43.16
CA PHE B 399 -26.17 19.38 43.67
C PHE B 399 -25.17 20.48 43.34
N ASN B 400 -25.21 21.00 42.12
CA ASN B 400 -24.22 21.95 41.64
C ASN B 400 -24.59 23.40 41.92
N ASP B 401 -25.75 23.67 42.51
CA ASP B 401 -26.17 25.04 42.81
C ASP B 401 -25.41 25.53 44.04
N VAL B 402 -24.11 25.75 43.85
CA VAL B 402 -23.23 26.24 44.89
C VAL B 402 -22.52 27.49 44.37
N SER B 403 -22.02 28.28 45.31
CA SER B 403 -21.32 29.52 44.97
C SER B 403 -19.82 29.31 44.76
N SER B 404 -19.29 28.13 45.07
CA SER B 404 -17.88 27.84 44.88
C SER B 404 -17.76 26.53 44.10
N SER B 405 -17.05 26.58 42.97
CA SER B 405 -16.91 25.39 42.13
C SER B 405 -16.15 24.28 42.83
N ASP B 406 -15.37 24.61 43.88
CA ASP B 406 -14.62 23.57 44.58
C ASP B 406 -15.54 22.66 45.40
N ILE B 407 -16.63 23.20 45.92
CA ILE B 407 -17.54 22.39 46.73
C ILE B 407 -18.25 21.35 45.86
N SER B 408 -18.74 21.77 44.69
CA SER B 408 -19.38 20.83 43.78
C SER B 408 -18.38 19.83 43.21
N ASP B 409 -17.11 20.21 43.11
CA ASP B 409 -16.10 19.31 42.58
C ASP B 409 -15.63 18.32 43.63
N LYS B 410 -15.40 18.78 44.86
CA LYS B 410 -14.88 17.89 45.90
C LYS B 410 -15.96 16.91 46.36
N CYS B 411 -17.20 17.37 46.47
CA CYS B 411 -18.29 16.47 46.86
C CYS B 411 -18.56 15.43 45.77
N GLU B 412 -18.45 15.83 44.50
CA GLU B 412 -18.60 14.86 43.41
C GLU B 412 -17.43 13.89 43.37
N ASP B 413 -16.25 14.33 43.81
CA ASP B 413 -15.10 13.42 43.86
C ASP B 413 -15.33 12.31 44.89
N ILE B 414 -15.96 12.63 46.00
CA ILE B 414 -16.28 11.61 46.99
C ILE B 414 -17.34 10.66 46.46
N LEU B 415 -18.28 11.18 45.68
CA LEU B 415 -19.28 10.31 45.05
C LEU B 415 -18.61 9.37 44.05
N LYS B 416 -17.65 9.86 43.29
CA LYS B 416 -16.87 8.98 42.43
C LYS B 416 -16.02 8.02 43.27
N LEU B 417 -15.42 8.52 44.34
CA LEU B 417 -14.59 7.66 45.20
C LEU B 417 -15.44 6.58 45.87
N LEU B 418 -16.61 6.96 46.38
CA LEU B 418 -17.50 5.95 46.98
C LEU B 418 -17.95 4.93 45.95
N SER B 419 -18.28 5.39 44.74
CA SER B 419 -18.68 4.48 43.69
C SER B 419 -17.50 3.66 43.17
N ASN B 420 -16.28 4.15 43.32
CA ASN B 420 -15.11 3.44 42.83
C ASN B 420 -14.47 2.54 43.89
N ASN B 421 -14.76 2.76 45.17
CA ASN B 421 -14.15 1.99 46.25
C ASN B 421 -15.12 1.03 46.92
N HIS B 422 -16.39 1.04 46.54
CA HIS B 422 -17.36 0.13 47.15
C HIS B 422 -18.40 -0.42 46.19
N GLY B 423 -18.72 0.27 45.10
CA GLY B 423 -19.75 -0.17 44.18
C GLY B 423 -21.07 0.53 44.32
N CYS B 424 -21.12 1.67 45.00
CA CYS B 424 -22.36 2.42 45.14
C CYS B 424 -22.79 3.00 43.81
N LYS B 425 -24.10 3.03 43.57
CA LYS B 425 -24.66 3.55 42.34
C LYS B 425 -25.26 4.94 42.60
N VAL B 426 -24.70 5.95 41.93
CA VAL B 426 -25.19 7.32 42.07
C VAL B 426 -26.43 7.45 41.21
N VAL B 427 -27.60 7.28 41.82
CA VAL B 427 -28.86 7.31 41.10
C VAL B 427 -29.37 8.75 41.03
N GLU B 428 -29.67 9.22 39.83
CA GLU B 428 -30.18 10.57 39.64
C GLU B 428 -31.60 10.69 40.18
N ILE B 429 -31.81 11.65 41.07
CA ILE B 429 -33.13 11.87 41.66
C ILE B 429 -33.57 13.31 41.40
N VAL B 430 -34.80 13.63 41.81
CA VAL B 430 -35.36 14.97 41.61
C VAL B 430 -36.16 15.33 42.86
N VAL B 431 -35.96 16.55 43.36
CA VAL B 431 -36.65 17.02 44.56
C VAL B 431 -37.60 18.14 44.16
N PRO B 432 -38.88 17.85 43.95
CA PRO B 432 -39.83 18.90 43.54
C PRO B 432 -40.12 19.87 44.68
N GLU B 433 -40.53 21.09 44.28
CA GLU B 433 -41.07 22.09 45.20
C GLU B 433 -40.07 22.44 46.31
N LEU B 434 -38.87 22.84 45.90
CA LEU B 434 -37.87 23.25 46.88
C LEU B 434 -38.13 24.66 47.39
N GLU B 435 -38.73 25.52 46.57
CA GLU B 435 -39.07 26.87 47.04
C GLU B 435 -40.18 26.81 48.08
N GLU B 436 -41.14 25.90 47.91
CA GLU B 436 -42.17 25.71 48.93
C GLU B 436 -41.58 25.18 50.22
N MET B 437 -40.53 24.35 50.14
CA MET B 437 -39.90 23.82 51.34
C MET B 437 -39.26 24.93 52.17
N ARG B 438 -38.67 25.92 51.49
CA ARG B 438 -38.15 27.09 52.20
C ARG B 438 -39.27 27.81 52.94
N ALA B 439 -40.37 28.10 52.24
CA ALA B 439 -41.48 28.81 52.87
C ALA B 439 -42.15 27.97 53.94
N ALA B 440 -42.29 26.66 53.70
CA ALA B 440 -42.94 25.80 54.68
C ALA B 440 -42.09 25.62 55.93
N HIS B 441 -40.76 25.62 55.78
CA HIS B 441 -39.89 25.42 56.93
C HIS B 441 -39.79 26.67 57.79
N VAL B 442 -39.60 27.83 57.16
CA VAL B 442 -39.33 29.06 57.91
C VAL B 442 -40.49 29.41 58.82
N ILE B 443 -41.73 29.11 58.40
CA ILE B 443 -42.87 29.40 59.25
C ILE B 443 -43.03 28.34 60.33
N SER B 444 -42.64 27.10 60.05
CA SER B 444 -42.75 26.03 61.05
C SER B 444 -41.66 26.10 62.10
N ILE B 445 -40.56 26.80 61.84
CA ILE B 445 -39.52 26.98 62.84
C ILE B 445 -39.71 28.27 63.62
N GLY B 446 -40.22 29.32 62.99
CA GLY B 446 -40.36 30.61 63.63
C GLY B 446 -41.65 30.78 64.41
N SER B 447 -42.69 30.02 64.03
CA SER B 447 -43.97 30.15 64.73
C SER B 447 -43.91 29.62 66.16
N PRO B 448 -43.44 28.39 66.42
CA PRO B 448 -43.40 27.93 67.82
C PRO B 448 -42.43 28.72 68.68
N THR B 449 -41.33 29.20 68.11
CA THR B 449 -40.39 30.00 68.89
C THR B 449 -41.00 31.34 69.29
N LEU B 450 -41.62 32.03 68.33
CA LEU B 450 -42.25 33.31 68.63
C LEU B 450 -43.38 33.15 69.64
N SER B 451 -44.10 32.03 69.59
CA SER B 451 -45.17 31.80 70.56
C SER B 451 -44.62 31.51 71.95
N SER B 452 -43.45 30.88 72.04
CA SER B 452 -42.89 30.54 73.34
C SER B 452 -42.29 31.74 74.04
N LEU B 453 -41.84 32.75 73.29
CA LEU B 453 -41.25 33.95 73.86
C LEU B 453 -42.24 35.12 73.93
N THR B 454 -43.48 34.92 73.51
CA THR B 454 -44.43 36.03 73.43
C THR B 454 -44.75 36.64 74.79
N PRO B 455 -45.10 35.87 75.83
CA PRO B 455 -45.40 36.53 77.12
C PRO B 455 -44.25 37.31 77.69
N TYR B 456 -43.01 36.91 77.40
CA TYR B 456 -41.86 37.65 77.89
C TYR B 456 -41.62 38.92 77.09
N CYS B 457 -41.78 38.85 75.77
CA CYS B 457 -41.62 40.04 74.94
C CYS B 457 -42.72 41.06 75.20
N GLU B 458 -43.94 40.59 75.48
CA GLU B 458 -45.03 41.50 75.80
C GLU B 458 -44.82 42.22 77.12
N ALA B 459 -43.97 41.68 78.00
CA ALA B 459 -43.67 42.30 79.29
C ALA B 459 -42.53 43.31 79.18
N GLY B 460 -42.19 43.75 77.99
CA GLY B 460 -41.14 44.73 77.79
C GLY B 460 -39.77 44.16 77.49
N LYS B 461 -39.58 42.85 77.62
CA LYS B 461 -38.29 42.24 77.38
C LYS B 461 -37.96 42.07 75.91
N ASN B 462 -38.84 42.50 75.01
CA ASN B 462 -38.53 42.45 73.58
C ASN B 462 -37.39 43.38 73.21
N SER B 463 -37.27 44.51 73.93
CA SER B 463 -36.19 45.45 73.65
C SER B 463 -34.82 44.92 74.05
N LYS B 464 -34.77 43.86 74.87
CA LYS B 464 -33.52 43.25 75.29
C LYS B 464 -33.02 42.20 74.30
N LEU B 465 -33.64 42.09 73.13
CA LEU B 465 -33.25 41.12 72.12
C LEU B 465 -32.36 41.77 71.06
N SER B 466 -31.61 40.94 70.36
CA SER B 466 -30.70 41.42 69.34
C SER B 466 -31.47 41.87 68.10
N TYR B 467 -30.79 42.67 67.26
CA TYR B 467 -31.43 43.16 66.04
C TYR B 467 -31.55 42.06 64.99
N ASP B 468 -30.63 41.09 65.01
CA ASP B 468 -30.75 39.95 64.10
C ASP B 468 -31.99 39.12 64.40
N THR B 469 -32.36 39.02 65.68
CA THR B 469 -33.54 38.25 66.06
C THR B 469 -34.82 39.05 65.85
N ARG B 470 -34.83 40.32 66.27
CA ARG B 470 -36.04 41.13 66.16
C ARG B 470 -36.45 41.34 64.71
N THR B 471 -35.49 41.29 63.78
CA THR B 471 -35.84 41.32 62.36
C THR B 471 -36.61 40.06 61.96
N SER B 472 -36.18 38.90 62.46
CA SER B 472 -36.91 37.67 62.21
C SER B 472 -38.25 37.68 62.94
N PHE B 473 -38.26 38.19 64.18
CA PHE B 473 -39.50 38.21 64.95
C PHE B 473 -40.52 39.16 64.33
N ALA B 474 -40.06 40.29 63.78
CA ALA B 474 -40.98 41.18 63.09
C ALA B 474 -41.60 40.52 61.87
N ILE B 475 -40.87 39.60 61.23
CA ILE B 475 -41.41 38.87 60.10
C ILE B 475 -42.27 37.70 60.57
N PHE B 476 -41.86 37.06 61.68
CA PHE B 476 -42.60 35.90 62.17
C PHE B 476 -44.01 36.26 62.61
N ARG B 477 -44.20 37.48 63.12
CA ARG B 477 -45.54 37.91 63.52
C ARG B 477 -46.46 38.10 62.33
N SER B 478 -45.91 38.25 61.13
CA SER B 478 -46.74 38.34 59.93
C SER B 478 -47.33 37.00 59.53
N PHE B 479 -46.79 35.90 60.05
CA PHE B 479 -47.31 34.57 59.76
C PHE B 479 -48.65 34.40 60.46
N SER B 480 -49.73 34.35 59.68
CA SER B 480 -51.05 34.17 60.26
C SER B 480 -51.31 32.70 60.54
N ALA B 481 -52.37 32.44 61.31
CA ALA B 481 -52.75 31.05 61.59
C ALA B 481 -53.15 30.32 60.31
N SER B 482 -53.80 31.02 59.38
CA SER B 482 -54.13 30.42 58.10
C SER B 482 -52.89 30.14 57.28
N ASP B 483 -51.81 30.92 57.47
CA ASP B 483 -50.57 30.64 56.79
C ASP B 483 -49.90 29.38 57.32
N TYR B 484 -50.09 29.09 58.61
CA TYR B 484 -49.47 27.89 59.19
C TYR B 484 -50.15 26.62 58.70
N ILE B 485 -51.49 26.62 58.68
CA ILE B 485 -52.22 25.45 58.23
C ILE B 485 -51.87 25.12 56.77
N ALA B 486 -51.80 26.15 55.92
CA ALA B 486 -51.44 25.92 54.53
C ALA B 486 -50.00 25.43 54.39
N ALA B 487 -49.12 25.85 55.30
CA ALA B 487 -47.73 25.42 55.23
C ALA B 487 -47.58 23.97 55.68
N GLN B 488 -48.36 23.55 56.67
CA GLN B 488 -48.31 22.15 57.10
C GLN B 488 -48.78 21.22 55.99
N CYS B 489 -49.69 21.70 55.13
CA CYS B 489 -50.10 20.90 53.98
C CYS B 489 -48.93 20.73 53.01
N LEU B 490 -48.10 21.77 52.86
CA LEU B 490 -46.90 21.65 52.04
C LEU B 490 -45.92 20.65 52.64
N ARG B 491 -45.92 20.50 53.97
CA ARG B 491 -45.02 19.54 54.61
C ARG B 491 -45.42 18.11 54.24
N ARG B 492 -46.72 17.85 54.09
CA ARG B 492 -47.14 16.51 53.68
C ARG B 492 -46.76 16.22 52.24
N ARG B 493 -46.88 17.22 51.36
CA ARG B 493 -46.46 17.05 49.96
C ARG B 493 -45.00 16.65 49.88
N LEU B 494 -44.12 17.46 50.49
CA LEU B 494 -42.70 17.18 50.45
C LEU B 494 -42.36 15.88 51.17
N MET B 495 -43.16 15.50 52.17
CA MET B 495 -42.96 14.22 52.82
C MET B 495 -43.23 13.07 51.84
N GLU B 496 -44.22 13.24 50.97
CA GLU B 496 -44.56 12.19 50.01
C GLU B 496 -43.54 12.12 48.88
N TYR B 497 -42.90 13.25 48.54
CA TYR B 497 -41.84 13.22 47.53
C TYR B 497 -40.64 12.45 48.03
N HIS B 498 -40.14 12.81 49.22
CA HIS B 498 -38.91 12.20 49.74
C HIS B 498 -39.08 10.72 50.00
N LEU B 499 -40.22 10.32 50.61
CA LEU B 499 -40.46 8.92 50.87
C LEU B 499 -40.50 8.11 49.58
N ASN B 500 -41.02 8.71 48.51
CA ASN B 500 -40.96 8.06 47.20
C ASN B 500 -39.54 7.98 46.69
N ILE B 501 -38.70 8.98 47.01
CA ILE B 501 -37.30 8.92 46.62
C ILE B 501 -36.58 7.82 47.39
N PHE B 502 -36.94 7.62 48.66
CA PHE B 502 -36.33 6.57 49.46
C PHE B 502 -36.79 5.18 49.04
N LYS B 503 -37.70 5.07 48.06
CA LYS B 503 -38.01 3.77 47.49
C LYS B 503 -37.05 3.43 46.36
N ASP B 504 -36.45 4.45 45.74
CA ASP B 504 -35.47 4.22 44.68
C ASP B 504 -34.04 4.23 45.21
N VAL B 505 -33.73 5.10 46.17
CA VAL B 505 -32.40 5.22 46.71
C VAL B 505 -32.47 5.00 48.22
N ASP B 506 -31.29 4.86 48.84
CA ASP B 506 -31.16 4.68 50.27
C ASP B 506 -30.82 5.97 51.01
N VAL B 507 -29.99 6.82 50.42
CA VAL B 507 -29.61 8.10 51.01
C VAL B 507 -29.61 9.17 49.93
N ILE B 508 -29.68 10.43 50.37
CA ILE B 508 -29.61 11.58 49.49
C ILE B 508 -28.36 12.37 49.84
N VAL B 509 -27.43 12.46 48.90
CA VAL B 509 -26.13 13.09 49.11
C VAL B 509 -26.15 14.49 48.52
N THR B 510 -25.76 15.48 49.30
CA THR B 510 -25.74 16.87 48.89
C THR B 510 -24.63 17.57 49.67
N PRO B 511 -24.01 18.61 49.09
CA PRO B 511 -23.08 19.43 49.87
C PRO B 511 -23.82 20.15 50.99
N THR B 512 -23.22 20.14 52.19
CA THR B 512 -23.92 20.67 53.35
C THR B 512 -24.23 22.15 53.20
N THR B 513 -23.33 22.91 52.60
CA THR B 513 -23.55 24.34 52.38
C THR B 513 -23.17 24.70 50.94
N GLY B 514 -23.88 25.66 50.38
CA GLY B 514 -23.58 26.19 49.07
C GLY B 514 -22.44 27.18 49.04
N MET B 515 -21.68 27.28 50.13
CA MET B 515 -20.56 28.20 50.24
C MET B 515 -19.65 27.72 51.36
N THR B 516 -18.37 28.08 51.26
CA THR B 516 -17.42 27.79 52.33
C THR B 516 -17.64 28.76 53.48
N ALA B 517 -16.70 28.82 54.41
CA ALA B 517 -16.81 29.75 55.52
C ALA B 517 -16.78 31.19 55.02
N PRO B 518 -17.85 31.96 55.19
CA PRO B 518 -17.86 33.33 54.65
C PRO B 518 -17.14 34.30 55.58
N VAL B 519 -16.46 35.27 54.97
CA VAL B 519 -15.74 36.27 55.74
C VAL B 519 -16.73 37.14 56.50
N ILE B 520 -16.41 37.42 57.76
CA ILE B 520 -17.28 38.24 58.61
C ILE B 520 -17.20 39.69 58.17
N PRO B 521 -18.31 40.33 57.82
CA PRO B 521 -18.29 41.76 57.53
C PRO B 521 -17.93 42.54 58.78
N PRO B 522 -16.85 43.33 58.74
CA PRO B 522 -16.45 44.09 59.93
C PRO B 522 -17.51 45.05 60.41
N ASP B 523 -18.29 45.64 59.50
CA ASP B 523 -19.37 46.54 59.91
C ASP B 523 -20.51 45.78 60.57
N ALA B 524 -20.62 44.47 60.34
CA ALA B 524 -21.65 43.66 60.95
C ALA B 524 -21.30 43.22 62.37
N LEU B 525 -20.06 43.39 62.79
CA LEU B 525 -19.61 42.95 64.11
C LEU B 525 -20.04 43.89 65.24
N LYS B 526 -20.82 44.92 64.94
CA LYS B 526 -21.27 45.83 65.98
C LYS B 526 -22.63 45.40 66.53
N ASN B 527 -23.71 45.73 65.80
CA ASN B 527 -25.06 45.38 66.22
C ASN B 527 -25.63 44.20 65.45
N GLY B 528 -24.86 43.59 64.55
CA GLY B 528 -25.33 42.47 63.76
C GLY B 528 -25.65 42.87 62.33
N GLU B 529 -26.10 41.87 61.58
CA GLU B 529 -26.47 42.07 60.17
C GLU B 529 -27.77 41.34 59.89
N THR B 530 -28.30 41.55 58.69
CA THR B 530 -29.54 40.93 58.25
C THR B 530 -29.39 40.39 56.84
N ASN B 531 -28.23 39.86 56.52
CA ASN B 531 -27.98 39.27 55.20
C ASN B 531 -28.77 37.97 55.09
N ILE B 532 -29.92 38.04 54.43
CA ILE B 532 -30.73 36.84 54.22
C ILE B 532 -30.31 36.06 52.98
N GLN B 533 -29.68 36.73 52.00
CA GLN B 533 -29.06 36.01 50.90
C GLN B 533 -27.90 35.14 51.34
N VAL B 534 -27.39 35.35 52.56
CA VAL B 534 -26.34 34.49 53.12
C VAL B 534 -26.92 33.49 54.11
N THR B 535 -27.79 33.94 55.02
CA THR B 535 -28.34 33.04 56.03
C THR B 535 -29.29 32.01 55.45
N THR B 536 -29.77 32.21 54.21
CA THR B 536 -30.62 31.24 53.54
C THR B 536 -29.85 30.35 52.58
N ASP B 537 -28.84 30.89 51.89
CA ASP B 537 -27.98 30.05 51.05
C ASP B 537 -27.24 28.99 51.85
N LEU B 538 -27.07 29.20 53.16
CA LEU B 538 -26.52 28.16 54.00
C LEU B 538 -27.56 27.09 54.34
N MET B 539 -28.84 27.47 54.34
CA MET B 539 -29.93 26.55 54.60
C MET B 539 -30.45 25.87 53.34
N ARG B 540 -29.76 26.02 52.20
CA ARG B 540 -30.30 25.51 50.94
C ARG B 540 -30.42 23.99 50.95
N PHE B 541 -29.49 23.31 51.62
CA PHE B 541 -29.42 21.85 51.57
C PHE B 541 -29.88 21.16 52.86
N VAL B 542 -30.13 21.91 53.93
CA VAL B 542 -30.38 21.31 55.24
C VAL B 542 -31.80 21.50 55.72
N LEU B 543 -32.70 22.05 54.88
CA LEU B 543 -34.07 22.24 55.31
C LEU B 543 -34.88 20.95 55.24
N ALA B 544 -34.50 20.02 54.36
CA ALA B 544 -35.30 18.81 54.16
C ALA B 544 -35.26 17.92 55.38
N ALA B 545 -34.11 17.82 56.04
CA ALA B 545 -33.98 16.89 57.16
C ALA B 545 -34.77 17.37 58.38
N ASN B 546 -35.00 18.67 58.50
CA ASN B 546 -35.73 19.21 59.65
C ASN B 546 -37.23 19.24 59.41
N LEU B 547 -37.66 19.75 58.25
CA LEU B 547 -39.09 19.85 57.97
C LEU B 547 -39.74 18.48 57.91
N LEU B 548 -38.99 17.45 57.47
CA LEU B 548 -39.52 16.10 57.38
C LEU B 548 -38.95 15.17 58.44
N GLY B 549 -38.14 15.69 59.37
CA GLY B 549 -37.65 14.88 60.46
C GLY B 549 -36.64 13.82 60.08
N PHE B 550 -36.00 13.95 58.92
CA PHE B 550 -35.03 12.96 58.50
C PHE B 550 -33.71 13.13 59.25
N PRO B 551 -32.94 12.05 59.40
CA PRO B 551 -31.59 12.18 59.96
C PRO B 551 -30.57 12.53 58.90
N ALA B 552 -29.69 13.47 59.24
CA ALA B 552 -28.64 13.92 58.34
C ALA B 552 -27.33 14.02 59.09
N ILE B 553 -26.23 14.09 58.35
CA ILE B 553 -24.90 14.18 58.93
C ILE B 553 -23.97 14.86 57.93
N SER B 554 -23.15 15.77 58.45
CA SER B 554 -22.17 16.49 57.64
C SER B 554 -20.77 16.02 58.01
N VAL B 555 -20.09 15.40 57.06
CA VAL B 555 -18.76 14.84 57.26
C VAL B 555 -17.80 15.61 56.35
N PRO B 556 -16.62 16.02 56.83
CA PRO B 556 -15.69 16.76 55.97
C PRO B 556 -15.18 15.88 54.83
N VAL B 557 -15.09 16.47 53.64
CA VAL B 557 -14.70 15.76 52.44
C VAL B 557 -13.49 16.40 51.76
N GLY B 558 -12.89 17.41 52.38
CA GLY B 558 -11.73 18.07 51.81
C GLY B 558 -11.82 19.55 52.03
N TYR B 559 -11.06 20.29 51.22
CA TYR B 559 -10.97 21.75 51.35
C TYR B 559 -11.07 22.38 49.97
N ASP B 560 -11.43 23.66 49.95
CA ASP B 560 -11.62 24.40 48.72
C ASP B 560 -10.27 25.02 48.30
N LYS B 561 -10.32 26.06 47.47
CA LYS B 561 -9.09 26.71 47.01
C LYS B 561 -8.39 27.43 48.16
N GLU B 562 -9.14 28.18 48.97
CA GLU B 562 -8.56 28.95 50.07
C GLU B 562 -8.39 28.13 51.34
N GLY B 563 -8.30 26.80 51.23
CA GLY B 563 -8.08 25.98 52.40
C GLY B 563 -9.24 25.93 53.37
N LEU B 564 -10.43 26.30 52.94
CA LEU B 564 -11.58 26.26 53.85
C LEU B 564 -12.25 24.90 53.79
N PRO B 565 -12.75 24.40 54.92
CA PRO B 565 -13.36 23.06 54.93
C PRO B 565 -14.62 22.99 54.08
N ILE B 566 -14.89 21.78 53.59
CA ILE B 566 -16.07 21.49 52.77
C ILE B 566 -16.77 20.29 53.37
N GLY B 567 -18.09 20.38 53.50
CA GLY B 567 -18.88 19.33 54.13
C GLY B 567 -19.89 18.73 53.17
N LEU B 568 -20.10 17.42 53.30
CA LEU B 568 -21.08 16.68 52.52
C LEU B 568 -22.17 16.17 53.44
N GLN B 569 -23.42 16.33 53.03
CA GLN B 569 -24.57 15.92 53.84
C GLN B 569 -25.11 14.59 53.33
N ILE B 570 -25.26 13.63 54.24
CA ILE B 570 -25.86 12.34 53.95
C ILE B 570 -27.15 12.26 54.75
N MET B 571 -28.28 12.25 54.05
CA MET B 571 -29.60 12.20 54.67
C MET B 571 -30.25 10.85 54.35
N GLY B 572 -30.82 10.22 55.38
CA GLY B 572 -31.35 8.88 55.21
C GLY B 572 -32.81 8.71 55.61
N ARG B 573 -33.24 7.45 55.66
CA ARG B 573 -34.63 7.11 55.99
C ARG B 573 -34.90 7.38 57.46
N PRO B 574 -36.18 7.42 57.86
CA PRO B 574 -36.51 7.60 59.28
C PRO B 574 -35.89 6.51 60.15
N TRP B 575 -35.35 6.94 61.29
CA TRP B 575 -34.69 6.08 62.27
C TRP B 575 -33.48 5.35 61.72
N ALA B 576 -32.96 5.77 60.56
CA ALA B 576 -31.81 5.12 59.95
C ALA B 576 -30.52 5.85 60.31
N GLU B 577 -30.26 5.92 61.62
CA GLU B 577 -29.01 6.51 62.08
C GLU B 577 -27.82 5.64 61.71
N ALA B 578 -27.96 4.32 61.86
CA ALA B 578 -26.85 3.41 61.57
C ALA B 578 -26.47 3.42 60.09
N THR B 579 -27.40 3.81 59.21
CA THR B 579 -27.08 3.84 57.78
C THR B 579 -26.26 5.08 57.43
N VAL B 580 -26.72 6.26 57.85
CA VAL B 580 -25.98 7.48 57.54
C VAL B 580 -24.65 7.50 58.29
N LEU B 581 -24.59 6.91 59.48
CA LEU B 581 -23.34 6.85 60.22
C LEU B 581 -22.34 5.93 59.54
N GLY B 582 -22.82 4.81 58.98
CA GLY B 582 -21.93 3.87 58.32
C GLY B 582 -21.36 4.42 57.02
N LEU B 583 -22.21 5.05 56.21
CA LEU B 583 -21.73 5.62 54.94
C LEU B 583 -20.79 6.79 55.19
N ALA B 584 -21.08 7.61 56.21
CA ALA B 584 -20.19 8.72 56.54
C ALA B 584 -18.84 8.23 57.04
N ALA B 585 -18.80 7.01 57.61
CA ALA B 585 -17.53 6.47 58.09
C ALA B 585 -16.61 6.12 56.91
N ALA B 586 -17.17 5.55 55.84
CA ALA B 586 -16.38 5.24 54.67
C ALA B 586 -15.92 6.51 53.96
N VAL B 587 -16.70 7.59 54.05
CA VAL B 587 -16.28 8.87 53.48
C VAL B 587 -15.06 9.41 54.22
N GLU B 588 -15.08 9.36 55.55
CA GLU B 588 -13.95 9.84 56.34
C GLU B 588 -12.71 8.99 56.10
N GLU B 589 -12.89 7.69 55.85
CA GLU B 589 -11.75 6.83 55.53
C GLU B 589 -11.18 7.17 54.15
N LEU B 590 -12.01 7.66 53.24
CA LEU B 590 -11.58 8.03 51.90
C LEU B 590 -10.98 9.44 51.85
N ALA B 591 -11.57 10.38 52.57
CA ALA B 591 -11.10 11.76 52.63
C ALA B 591 -10.95 12.17 54.09
N PRO B 592 -9.84 11.80 54.73
CA PRO B 592 -9.65 12.14 56.14
C PRO B 592 -9.29 13.61 56.33
N VAL B 593 -9.49 14.08 57.56
CA VAL B 593 -9.13 15.45 57.93
C VAL B 593 -7.62 15.51 58.10
N THR B 594 -6.94 16.18 57.15
CA THR B 594 -5.48 16.22 57.13
C THR B 594 -4.91 17.60 57.40
N LYS B 595 -5.74 18.64 57.43
CA LYS B 595 -5.26 20.01 57.65
C LYS B 595 -5.57 20.46 59.06
N LYS B 596 -4.61 21.16 59.67
CA LYS B 596 -4.76 21.70 61.02
C LYS B 596 -5.30 23.12 60.94
N PRO B 597 -6.30 23.46 61.75
CA PRO B 597 -6.82 24.84 61.72
C PRO B 597 -5.81 25.82 62.29
N ALA B 598 -6.03 27.10 61.97
CA ALA B 598 -5.16 28.16 62.47
C ALA B 598 -5.16 28.18 63.99
N ILE B 599 -6.33 28.34 64.60
CA ILE B 599 -6.49 28.27 66.05
C ILE B 599 -6.72 26.81 66.40
N PHE B 600 -5.69 26.16 66.94
CA PHE B 600 -5.78 24.76 67.34
C PHE B 600 -4.93 24.56 68.59
N TYR B 601 -5.41 23.68 69.46
CA TYR B 601 -4.75 23.40 70.73
C TYR B 601 -4.64 21.88 70.91
N ASP B 602 -3.40 21.38 70.98
CA ASP B 602 -3.14 19.95 71.12
C ASP B 602 -3.14 19.61 72.60
N ILE B 603 -4.29 19.17 73.11
CA ILE B 603 -4.39 18.72 74.48
C ILE B 603 -3.67 17.38 74.62
N LEU B 604 -3.15 17.11 75.83
CA LEU B 604 -2.38 15.93 76.21
C LEU B 604 -0.92 16.10 75.80
N ASN B 605 -0.34 17.26 76.09
CA ASN B 605 1.06 17.53 75.82
C ASN B 605 1.65 18.49 76.84
N TYR C 4 2.42 12.09 39.04
CA TYR C 4 3.40 12.16 37.97
C TYR C 4 3.22 10.96 37.03
N GLN C 5 3.38 9.77 37.59
CA GLN C 5 3.05 8.52 36.92
C GLN C 5 2.85 7.46 37.99
N VAL C 6 1.83 6.63 37.82
CA VAL C 6 1.49 5.60 38.79
C VAL C 6 1.84 4.23 38.20
N MET C 7 1.88 3.24 39.08
CA MET C 7 2.30 1.89 38.71
C MET C 7 1.21 0.90 39.10
N LYS C 8 1.32 -0.31 38.54
CA LYS C 8 0.32 -1.34 38.74
C LYS C 8 0.95 -2.71 38.51
N ARG C 9 0.21 -3.75 38.92
CA ARG C 9 0.61 -5.13 38.79
C ARG C 9 -0.60 -6.01 39.09
N ALA C 10 -0.73 -7.14 38.38
CA ALA C 10 -1.88 -8.02 38.52
C ALA C 10 -1.55 -9.38 39.14
N SER C 11 -0.32 -9.86 38.99
CA SER C 11 0.04 -11.16 39.55
C SER C 11 0.27 -11.11 41.06
N GLU C 12 0.16 -9.93 41.68
CA GLU C 12 0.35 -9.80 43.12
C GLU C 12 -0.64 -8.81 43.72
N VAL C 13 -1.86 -8.77 43.20
CA VAL C 13 -2.90 -7.91 43.76
C VAL C 13 -3.46 -8.56 45.01
N ASP C 14 -3.75 -7.73 46.02
CA ASP C 14 -4.57 -8.18 47.14
C ASP C 14 -6.01 -8.27 46.62
N LEU C 15 -6.40 -9.48 46.20
CA LEU C 15 -7.64 -9.70 45.49
C LEU C 15 -8.89 -9.42 46.32
N SER C 16 -8.75 -9.12 47.61
CA SER C 16 -9.88 -8.75 48.44
C SER C 16 -10.09 -7.23 48.52
N THR C 17 -9.14 -6.45 48.00
CA THR C 17 -9.27 -4.99 47.97
C THR C 17 -9.71 -4.47 46.60
N VAL C 18 -10.02 -5.36 45.66
CA VAL C 18 -10.49 -4.93 44.35
C VAL C 18 -11.88 -4.31 44.49
N LYS C 19 -12.11 -3.21 43.78
CA LYS C 19 -13.32 -2.44 43.92
C LYS C 19 -13.91 -2.14 42.55
N TYR C 20 -15.21 -1.86 42.54
CA TYR C 20 -15.96 -1.75 41.30
C TYR C 20 -15.81 -0.36 40.68
N LYS C 21 -15.73 -0.32 39.35
CA LYS C 21 -15.64 0.92 38.59
C LYS C 21 -16.98 1.14 37.89
N ALA C 22 -17.78 2.06 38.42
CA ALA C 22 -19.13 2.28 37.90
C ALA C 22 -19.34 3.71 37.41
N GLU C 23 -18.53 4.14 36.45
CA GLU C 23 -18.68 5.46 35.84
C GLU C 23 -18.96 5.28 34.35
N THR C 24 -20.14 5.72 33.93
CA THR C 24 -20.54 5.57 32.53
C THR C 24 -19.75 6.52 31.64
N MET C 25 -19.72 6.19 30.35
CA MET C 25 -19.04 7.03 29.36
C MET C 25 -19.85 8.31 29.14
N LYS C 26 -19.35 9.43 29.65
CA LYS C 26 -20.03 10.71 29.55
C LYS C 26 -19.50 11.43 28.31
N ALA C 27 -20.18 11.22 27.18
CA ALA C 27 -19.86 11.87 25.92
C ALA C 27 -21.13 12.38 25.27
N PRO C 28 -21.07 13.51 24.56
CA PRO C 28 -22.28 14.11 24.01
C PRO C 28 -22.96 13.23 22.97
N HIS C 29 -24.28 13.37 22.89
CA HIS C 29 -25.12 12.66 21.93
C HIS C 29 -25.72 13.69 20.98
N LEU C 30 -25.48 13.51 19.67
CA LEU C 30 -25.87 14.49 18.67
C LEU C 30 -26.69 13.84 17.58
N THR C 31 -27.56 14.63 16.95
CA THR C 31 -28.44 14.17 15.88
C THR C 31 -28.54 15.24 14.82
N GLY C 32 -28.55 14.81 13.55
CA GLY C 32 -28.93 15.71 12.48
C GLY C 32 -27.87 16.76 12.16
N LEU C 33 -28.32 18.01 12.08
CA LEU C 33 -27.47 19.09 11.58
C LEU C 33 -26.28 19.34 12.49
N SER C 34 -26.49 19.32 13.81
CA SER C 34 -25.38 19.56 14.72
C SER C 34 -24.34 18.44 14.63
N PHE C 35 -24.79 17.20 14.48
CA PHE C 35 -23.87 16.09 14.32
C PHE C 35 -23.12 16.16 13.00
N LYS C 36 -23.77 16.72 11.96
CA LYS C 36 -23.10 16.91 10.68
C LYS C 36 -21.85 17.77 10.84
N LEU C 37 -22.01 18.97 11.41
CA LEU C 37 -20.87 19.84 11.67
C LEU C 37 -19.85 19.17 12.57
N PHE C 38 -20.32 18.45 13.60
CA PHE C 38 -19.41 17.83 14.56
C PHE C 38 -18.51 16.80 13.87
N VAL C 39 -19.07 16.05 12.92
CA VAL C 39 -18.24 15.12 12.14
C VAL C 39 -17.23 15.90 11.30
N ASN C 40 -17.67 17.01 10.69
CA ASN C 40 -16.73 17.87 9.98
C ASN C 40 -15.77 18.56 10.96
N LEU C 41 -16.20 18.81 12.18
CA LEU C 41 -15.30 19.35 13.19
C LEU C 41 -14.24 18.34 13.60
N LEU C 42 -14.59 17.04 13.59
CA LEU C 42 -13.60 16.01 13.90
C LEU C 42 -12.63 15.81 12.74
N GLU C 43 -13.12 15.89 11.50
CA GLU C 43 -12.29 15.75 10.33
C GLU C 43 -11.54 17.04 9.97
N ALA C 44 -11.62 18.05 10.82
CA ALA C 44 -10.88 19.28 10.57
C ALA C 44 -9.39 19.05 10.81
N PRO C 45 -8.52 19.69 10.02
CA PRO C 45 -7.07 19.42 10.17
C PRO C 45 -6.50 19.85 11.51
N LEU C 46 -7.04 20.91 12.13
CA LEU C 46 -6.50 21.45 13.37
C LEU C 46 -7.38 21.11 14.55
N ILE C 47 -8.59 21.68 14.62
CA ILE C 47 -9.47 21.45 15.77
C ILE C 47 -10.03 20.04 15.82
N GLY C 48 -9.78 19.22 14.80
CA GLY C 48 -10.26 17.85 14.83
C GLY C 48 -9.57 17.02 15.89
N SER C 49 -8.24 17.03 15.90
CA SER C 49 -7.48 16.27 16.89
C SER C 49 -7.64 16.83 18.29
N LEU C 50 -8.03 18.09 18.43
CA LEU C 50 -8.21 18.68 19.76
C LEU C 50 -9.49 18.18 20.42
N ILE C 51 -10.56 18.04 19.65
CA ILE C 51 -11.81 17.53 20.21
C ILE C 51 -11.67 16.05 20.57
N VAL C 52 -10.97 15.28 19.74
CA VAL C 52 -10.78 13.86 20.01
C VAL C 52 -9.91 13.67 21.25
N ASP C 53 -8.82 14.43 21.36
CA ASP C 53 -7.97 14.33 22.54
C ASP C 53 -8.67 14.79 23.81
N TYR C 54 -9.68 15.65 23.69
CA TYR C 54 -10.48 16.01 24.86
C TYR C 54 -11.39 14.85 25.28
N LEU C 55 -11.97 14.15 24.30
CA LEU C 55 -12.80 12.99 24.62
C LEU C 55 -11.97 11.86 25.21
N LYS C 56 -10.71 11.72 24.77
CA LYS C 56 -9.84 10.70 25.33
C LYS C 56 -9.48 11.03 26.77
N LYS C 57 -9.07 12.28 27.03
CA LYS C 57 -8.70 12.67 28.39
C LYS C 57 -9.91 12.71 29.30
N ASP C 58 -11.11 12.92 28.75
CA ASP C 58 -12.30 12.99 29.57
C ASP C 58 -12.61 11.64 30.23
N ASN C 59 -12.66 10.58 29.44
CA ASN C 59 -13.05 9.26 29.92
C ASN C 59 -11.87 8.45 30.47
N GLY C 60 -10.80 9.12 30.89
CA GLY C 60 -9.66 8.44 31.47
C GLY C 60 -8.87 7.56 30.52
N MET C 61 -9.05 7.71 29.21
CA MET C 61 -8.33 6.90 28.25
C MET C 61 -6.89 7.36 28.05
N THR C 62 -6.57 8.59 28.46
CA THR C 62 -5.20 9.09 28.38
C THR C 62 -4.39 8.69 29.60
N LYS C 63 -4.98 8.78 30.80
CA LYS C 63 -4.28 8.39 32.02
C LYS C 63 -3.87 6.92 31.97
N ILE C 64 -4.72 6.07 31.39
CA ILE C 64 -4.42 4.64 31.34
C ILE C 64 -3.31 4.35 30.34
N PHE C 65 -3.39 4.96 29.15
CA PHE C 65 -2.47 4.64 28.07
C PHE C 65 -1.18 5.44 28.12
N ARG C 66 -1.13 6.54 28.86
CA ARG C 66 0.03 7.42 28.86
C ARG C 66 0.67 7.60 30.24
N ASN C 67 -0.13 7.80 31.28
CA ASN C 67 0.38 8.09 32.61
C ASN C 67 0.35 6.87 33.53
N THR C 68 0.57 5.68 33.00
CA THR C 68 0.41 4.46 33.78
C THR C 68 1.39 3.40 33.30
N VAL C 69 2.16 2.84 34.23
CA VAL C 69 3.13 1.80 33.94
C VAL C 69 2.46 0.44 34.03
N ILE C 70 2.76 -0.44 33.07
CA ILE C 70 2.20 -1.79 33.02
C ILE C 70 3.37 -2.77 32.98
N PRO C 71 3.43 -3.73 33.90
CA PRO C 71 4.57 -4.66 33.92
C PRO C 71 4.34 -5.89 33.05
N GLU C 72 3.08 -6.24 32.82
CA GLU C 72 2.76 -7.44 32.05
C GLU C 72 3.26 -7.31 30.61
N GLU C 73 3.74 -8.42 30.06
CA GLU C 73 4.16 -8.43 28.67
C GLU C 73 2.95 -8.36 27.75
N PRO C 74 3.12 -7.82 26.54
CA PRO C 74 1.96 -7.67 25.64
C PRO C 74 1.42 -9.01 25.19
N MET C 75 0.09 -9.12 25.19
CA MET C 75 -0.63 -10.29 24.70
C MET C 75 -1.49 -9.83 23.53
N PHE C 76 -1.10 -10.20 22.32
CA PHE C 76 -1.78 -9.68 21.14
C PHE C 76 -3.01 -10.51 20.79
N ARG C 77 -2.94 -11.83 20.96
CA ARG C 77 -4.06 -12.71 20.71
C ARG C 77 -4.34 -13.55 21.95
N PRO C 78 -5.59 -13.96 22.16
CA PRO C 78 -5.92 -14.77 23.34
C PRO C 78 -5.17 -16.10 23.33
N GLU C 79 -4.35 -16.31 24.36
CA GLU C 79 -3.61 -17.55 24.54
C GLU C 79 -4.32 -18.39 25.60
N PHE C 80 -4.83 -19.54 25.19
CA PHE C 80 -5.62 -20.38 26.09
C PHE C 80 -4.76 -21.53 26.59
N PRO C 81 -4.68 -21.73 27.91
CA PRO C 81 -3.93 -22.88 28.43
C PRO C 81 -4.69 -24.18 28.17
N SER C 82 -3.97 -25.29 28.36
CA SER C 82 -4.55 -26.61 28.17
C SER C 82 -5.67 -26.84 29.17
N GLN C 83 -6.91 -26.80 28.70
CA GLN C 83 -8.06 -26.88 29.58
C GLN C 83 -8.39 -28.33 29.92
N GLU C 84 -9.05 -28.51 31.07
CA GLU C 84 -9.52 -29.82 31.46
C GLU C 84 -10.67 -30.27 30.55
N PRO C 85 -10.75 -31.56 30.25
CA PRO C 85 -11.80 -32.03 29.33
C PRO C 85 -13.18 -31.83 29.92
N GLU C 86 -14.12 -31.45 29.05
CA GLU C 86 -15.49 -31.21 29.48
C GLU C 86 -16.14 -32.51 29.92
N HIS C 87 -16.98 -32.41 30.96
CA HIS C 87 -17.60 -33.58 31.57
C HIS C 87 -18.88 -33.93 30.83
N ASP C 88 -18.98 -35.18 30.38
CA ASP C 88 -20.18 -35.74 29.77
C ASP C 88 -20.59 -34.97 28.51
N VAL C 89 -19.75 -35.13 27.49
CA VAL C 89 -19.96 -34.53 26.17
C VAL C 89 -19.75 -35.61 25.12
N VAL C 90 -19.89 -35.21 23.86
CA VAL C 90 -19.71 -36.10 22.71
C VAL C 90 -18.65 -35.50 21.82
N ILE C 91 -17.45 -36.08 21.84
CA ILE C 91 -16.36 -35.60 21.00
C ILE C 91 -16.71 -35.81 19.53
N VAL C 92 -16.58 -34.76 18.74
CA VAL C 92 -16.88 -34.79 17.31
C VAL C 92 -15.63 -34.39 16.55
N GLY C 93 -15.40 -35.05 15.41
CA GLY C 93 -14.21 -34.74 14.62
C GLY C 93 -14.26 -33.31 14.09
N GLU C 94 -13.11 -32.63 14.18
CA GLU C 94 -13.04 -31.25 13.73
C GLU C 94 -13.06 -31.15 12.21
N ASP C 95 -12.58 -32.17 11.51
CA ASP C 95 -12.56 -32.19 10.06
C ASP C 95 -13.70 -33.01 9.46
N GLU C 96 -14.63 -33.48 10.28
CA GLU C 96 -15.80 -34.16 9.75
C GLU C 96 -16.63 -33.22 8.90
N SER C 97 -17.31 -33.78 7.90
CA SER C 97 -18.21 -32.98 7.10
C SER C 97 -19.39 -32.52 7.94
N PRO C 98 -19.87 -31.30 7.75
CA PRO C 98 -21.01 -30.82 8.55
C PRO C 98 -22.25 -31.70 8.42
N ILE C 99 -22.37 -32.46 7.34
CA ILE C 99 -23.44 -33.44 7.22
C ILE C 99 -23.28 -34.52 8.28
N ASP C 100 -22.05 -34.99 8.49
CA ASP C 100 -21.80 -36.00 9.52
C ASP C 100 -21.87 -35.41 10.92
N ARG C 101 -21.45 -34.16 11.08
CA ARG C 101 -21.53 -33.52 12.39
C ARG C 101 -22.96 -33.28 12.82
N LEU C 102 -23.87 -33.04 11.86
CA LEU C 102 -25.28 -32.89 12.19
C LEU C 102 -25.89 -34.21 12.62
N GLU C 103 -25.43 -35.33 12.06
CA GLU C 103 -25.93 -36.63 12.46
C GLU C 103 -25.58 -36.93 13.91
N THR C 104 -24.37 -36.56 14.33
CA THR C 104 -24.00 -36.71 15.73
C THR C 104 -24.75 -35.74 16.62
N ALA C 105 -25.03 -34.53 16.12
CA ALA C 105 -25.76 -33.54 16.91
C ALA C 105 -27.20 -33.94 17.13
N LEU C 106 -27.82 -34.63 16.16
CA LEU C 106 -29.19 -35.07 16.33
C LEU C 106 -29.32 -36.17 17.37
N LYS C 107 -28.27 -36.98 17.55
CA LYS C 107 -28.28 -37.99 18.60
C LYS C 107 -28.23 -37.36 19.99
N CYS C 108 -27.65 -36.16 20.10
CA CYS C 108 -27.57 -35.46 21.36
C CYS C 108 -28.88 -34.76 21.74
N LEU C 109 -29.84 -34.69 20.81
CA LEU C 109 -31.09 -34.00 21.08
C LEU C 109 -32.13 -34.96 21.62
N PRO C 110 -33.12 -34.48 22.38
CA PRO C 110 -34.20 -35.34 22.82
C PRO C 110 -35.03 -35.83 21.64
N GLN C 111 -35.69 -36.97 21.82
CA GLN C 111 -36.48 -37.54 20.75
C GLN C 111 -37.60 -36.58 20.36
N TYR C 112 -37.76 -36.37 19.05
CA TYR C 112 -38.69 -35.36 18.56
C TYR C 112 -40.13 -35.84 18.76
N ASP C 113 -40.93 -35.03 19.45
CA ASP C 113 -42.34 -35.34 19.67
C ASP C 113 -43.18 -34.74 18.56
N PRO C 114 -43.89 -35.54 17.76
CA PRO C 114 -44.72 -34.98 16.69
C PRO C 114 -45.88 -34.13 17.19
N SER C 115 -46.12 -34.06 18.50
CA SER C 115 -47.19 -33.22 19.03
C SER C 115 -46.89 -31.73 18.91
N ARG C 116 -45.66 -31.36 18.52
CA ARG C 116 -45.30 -29.96 18.37
C ARG C 116 -45.63 -29.42 16.99
N SER C 117 -45.32 -30.18 15.94
CA SER C 117 -45.59 -29.74 14.57
C SER C 117 -47.07 -29.88 14.25
N LEU C 118 -47.53 -31.10 14.01
CA LEU C 118 -48.92 -31.38 13.71
C LEU C 118 -49.65 -31.82 14.98
N HIS C 119 -50.98 -31.73 14.93
CA HIS C 119 -51.85 -32.06 16.07
C HIS C 119 -51.50 -31.24 17.30
N ALA C 120 -51.03 -30.01 17.09
CA ALA C 120 -50.72 -29.13 18.21
C ALA C 120 -52.00 -28.75 18.94
N ASP C 121 -51.92 -28.71 20.27
CA ASP C 121 -53.10 -28.41 21.07
C ASP C 121 -53.58 -27.00 20.79
N PRO C 122 -54.87 -26.81 20.45
CA PRO C 122 -55.34 -25.46 20.10
C PRO C 122 -55.23 -24.46 21.23
N VAL C 123 -55.36 -24.90 22.47
CA VAL C 123 -55.29 -23.99 23.62
C VAL C 123 -53.96 -24.17 24.36
N SER C 124 -52.87 -23.83 23.69
CA SER C 124 -51.54 -23.86 24.28
C SER C 124 -50.89 -22.49 24.16
N SER C 125 -49.75 -22.34 24.84
CA SER C 125 -49.03 -21.08 24.86
C SER C 125 -48.31 -20.85 23.52
N PHE C 126 -47.56 -19.77 23.45
CA PHE C 126 -46.85 -19.40 22.24
C PHE C 126 -45.50 -20.11 22.17
N ARG C 127 -45.08 -20.42 20.94
CA ARG C 127 -43.83 -21.13 20.71
C ARG C 127 -43.31 -20.78 19.33
N TYR C 128 -42.00 -20.92 19.16
CA TYR C 128 -41.36 -20.74 17.87
C TYR C 128 -41.26 -22.07 17.14
N TRP C 129 -40.95 -21.99 15.84
CA TRP C 129 -40.72 -23.18 15.03
C TRP C 129 -39.24 -23.52 15.05
N LYS C 130 -38.93 -24.78 15.31
CA LYS C 130 -37.55 -25.25 15.38
C LYS C 130 -37.12 -25.84 14.05
N ILE C 131 -35.81 -26.08 13.93
CA ILE C 131 -35.27 -26.66 12.69
C ILE C 131 -35.81 -28.06 12.49
N ARG C 132 -35.95 -28.83 13.57
CA ARG C 132 -36.53 -30.16 13.46
C ARG C 132 -38.02 -30.11 13.12
N ASP C 133 -38.69 -28.99 13.38
CA ASP C 133 -40.08 -28.84 12.97
C ASP C 133 -40.19 -28.79 11.45
N TYR C 134 -39.36 -27.98 10.81
CA TYR C 134 -39.36 -27.91 9.35
C TYR C 134 -38.86 -29.23 8.75
N ALA C 135 -37.81 -29.81 9.34
CA ALA C 135 -37.26 -31.05 8.80
C ALA C 135 -38.25 -32.20 8.90
N TYR C 136 -39.15 -32.15 9.89
CA TYR C 136 -40.18 -33.18 9.98
C TYR C 136 -41.25 -32.97 8.92
N ALA C 137 -41.68 -31.72 8.70
CA ALA C 137 -42.70 -31.44 7.71
C ALA C 137 -42.20 -31.69 6.28
N TYR C 138 -40.90 -31.51 6.05
CA TYR C 138 -40.34 -31.78 4.73
C TYR C 138 -40.38 -33.27 4.40
N ARG C 139 -40.01 -34.11 5.37
CA ARG C 139 -39.99 -35.55 5.15
C ARG C 139 -41.37 -36.19 5.27
N SER C 140 -42.32 -35.54 5.93
CA SER C 140 -43.69 -36.01 6.04
C SER C 140 -44.57 -35.49 4.92
N LYS C 141 -43.96 -34.95 3.84
CA LYS C 141 -44.65 -34.43 2.65
C LYS C 141 -45.79 -33.47 3.00
N LEU C 142 -45.81 -32.94 4.22
CA LEU C 142 -46.83 -31.95 4.58
C LEU C 142 -46.60 -30.64 3.84
N THR C 143 -45.34 -30.31 3.55
CA THR C 143 -45.01 -29.11 2.79
C THR C 143 -43.69 -29.37 2.05
N THR C 144 -43.23 -28.36 1.34
CA THR C 144 -41.99 -28.44 0.56
C THR C 144 -41.22 -27.15 0.73
N PRO C 145 -39.88 -27.21 0.69
CA PRO C 145 -39.09 -25.97 0.79
C PRO C 145 -39.43 -24.95 -0.27
N LEU C 146 -39.96 -25.37 -1.41
CA LEU C 146 -40.37 -24.41 -2.44
C LEU C 146 -41.59 -23.63 -1.99
N GLN C 147 -42.54 -24.28 -1.32
CA GLN C 147 -43.72 -23.58 -0.83
C GLN C 147 -43.38 -22.64 0.32
N VAL C 148 -42.42 -23.01 1.15
CA VAL C 148 -42.00 -22.11 2.24
C VAL C 148 -41.29 -20.89 1.67
N ALA C 149 -40.52 -21.08 0.60
CA ALA C 149 -39.81 -19.95 -0.01
C ALA C 149 -40.79 -18.95 -0.61
N LYS C 150 -41.80 -19.45 -1.33
CA LYS C 150 -42.81 -18.56 -1.89
C LYS C 150 -43.55 -17.79 -0.80
N ARG C 151 -43.75 -18.42 0.36
CA ARG C 151 -44.40 -17.73 1.47
C ARG C 151 -43.50 -16.64 2.05
N ILE C 152 -42.20 -16.92 2.14
CA ILE C 152 -41.27 -15.91 2.67
C ILE C 152 -41.09 -14.79 1.67
N ILE C 153 -40.94 -15.11 0.39
CA ILE C 153 -40.74 -14.09 -0.64
C ILE C 153 -41.93 -13.14 -0.67
N SER C 154 -43.14 -13.67 -0.48
CA SER C 154 -44.32 -12.81 -0.46
C SER C 154 -44.29 -11.86 0.72
N ILE C 155 -43.75 -12.30 1.86
CA ILE C 155 -43.72 -11.46 3.05
C ILE C 155 -42.74 -10.31 2.87
N ILE C 156 -41.56 -10.59 2.29
CA ILE C 156 -40.56 -9.56 2.10
C ILE C 156 -41.03 -8.51 1.11
N GLU C 157 -41.63 -8.95 0.00
CA GLU C 157 -42.06 -8.01 -1.03
C GLU C 157 -43.31 -7.23 -0.63
N GLU C 158 -44.19 -7.83 0.18
CA GLU C 158 -45.41 -7.13 0.58
C GLU C 158 -45.11 -6.03 1.59
N PHE C 159 -44.33 -6.34 2.61
CA PHE C 159 -44.04 -5.40 3.68
C PHE C 159 -42.80 -4.55 3.43
N GLY C 160 -42.16 -4.71 2.28
CA GLY C 160 -40.98 -3.92 1.95
C GLY C 160 -39.82 -4.18 2.89
N TYR C 161 -39.43 -5.45 3.02
CA TYR C 161 -38.32 -5.82 3.90
C TYR C 161 -36.99 -5.89 3.16
N ASP C 162 -36.99 -5.76 1.84
CA ASP C 162 -35.77 -5.58 1.06
C ASP C 162 -35.62 -4.14 0.59
N LYS C 163 -36.50 -3.25 1.03
CA LYS C 163 -36.51 -1.84 0.67
C LYS C 163 -36.47 -0.98 1.92
N PRO C 164 -35.96 0.25 1.81
CA PRO C 164 -36.03 1.18 2.94
C PRO C 164 -37.47 1.54 3.25
N PRO C 165 -37.75 2.15 4.42
CA PRO C 165 -36.82 2.56 5.48
C PRO C 165 -36.62 1.51 6.59
N THR C 166 -37.37 0.41 6.53
CA THR C 166 -37.29 -0.65 7.54
C THR C 166 -37.04 -1.98 6.84
N PRO C 167 -35.80 -2.25 6.44
CA PRO C 167 -35.50 -3.51 5.75
C PRO C 167 -34.91 -4.57 6.68
N PHE C 168 -35.30 -5.83 6.47
CA PHE C 168 -34.64 -6.94 7.15
C PHE C 168 -33.36 -7.34 6.41
N LEU C 169 -33.40 -7.33 5.08
CA LEU C 169 -32.25 -7.66 4.25
C LEU C 169 -31.89 -6.47 3.37
N ILE C 170 -30.61 -6.39 3.00
CA ILE C 170 -30.13 -5.36 2.10
C ILE C 170 -29.61 -5.95 0.80
N ARG C 171 -29.82 -7.25 0.56
CA ARG C 171 -29.45 -7.89 -0.69
C ARG C 171 -30.31 -9.15 -0.82
N PHE C 172 -31.38 -9.05 -1.58
CA PHE C 172 -32.35 -10.13 -1.73
C PHE C 172 -32.53 -10.47 -3.19
N ASP C 173 -32.39 -11.76 -3.52
CA ASP C 173 -32.60 -12.26 -4.88
C ASP C 173 -33.65 -13.35 -4.81
N ALA C 174 -34.91 -12.98 -5.05
CA ALA C 174 -36.00 -13.95 -4.98
C ALA C 174 -35.85 -15.06 -6.00
N ASN C 175 -35.28 -14.75 -7.18
CA ASN C 175 -35.09 -15.77 -8.19
C ASN C 175 -34.04 -16.79 -7.78
N GLU C 176 -33.09 -16.39 -6.93
CA GLU C 176 -32.07 -17.33 -6.45
C GLU C 176 -32.62 -18.21 -5.33
N VAL C 177 -33.48 -17.66 -4.47
CA VAL C 177 -34.06 -18.45 -3.39
C VAL C 177 -34.93 -19.56 -3.95
N ILE C 178 -35.66 -19.29 -5.04
CA ILE C 178 -36.48 -20.31 -5.66
C ILE C 178 -35.61 -21.39 -6.29
N LYS C 179 -34.48 -20.99 -6.87
CA LYS C 179 -33.58 -21.97 -7.48
C LYS C 179 -33.02 -22.94 -6.43
N GLN C 180 -32.73 -22.43 -5.24
CA GLN C 180 -32.24 -23.30 -4.16
C GLN C 180 -33.36 -24.16 -3.59
N ALA C 181 -34.55 -23.56 -3.37
CA ALA C 181 -35.68 -24.31 -2.86
C ALA C 181 -36.15 -25.38 -3.83
N GLU C 182 -35.92 -25.21 -5.13
CA GLU C 182 -36.30 -26.24 -6.09
C GLU C 182 -35.39 -27.46 -5.99
N ALA C 183 -34.08 -27.23 -5.86
CA ALA C 183 -33.14 -28.34 -5.74
C ALA C 183 -33.37 -29.13 -4.45
N SER C 184 -33.69 -28.42 -3.36
CA SER C 184 -34.00 -29.10 -2.11
C SER C 184 -35.30 -29.89 -2.21
N THR C 185 -36.32 -29.30 -2.85
CA THR C 185 -37.57 -30.02 -3.07
C THR C 185 -37.34 -31.27 -3.91
N ARG C 186 -36.51 -31.17 -4.95
CA ARG C 186 -36.20 -32.33 -5.77
C ARG C 186 -35.50 -33.42 -4.97
N ARG C 187 -34.63 -33.03 -4.04
CA ARG C 187 -33.95 -34.01 -3.21
C ARG C 187 -34.92 -34.67 -2.23
N PHE C 188 -35.87 -33.90 -1.70
CA PHE C 188 -36.88 -34.48 -0.82
C PHE C 188 -37.83 -35.40 -1.60
N GLU C 189 -38.07 -35.09 -2.87
CA GLU C 189 -38.87 -35.98 -3.71
C GLU C 189 -38.14 -37.30 -3.94
N GLN C 190 -36.87 -37.24 -4.33
CA GLN C 190 -36.10 -38.44 -4.60
C GLN C 190 -35.88 -39.31 -3.37
N GLY C 191 -36.15 -38.79 -2.18
CA GLY C 191 -36.04 -39.58 -0.97
C GLY C 191 -34.66 -39.61 -0.34
N ASN C 192 -33.79 -38.66 -0.67
CA ASN C 192 -32.44 -38.62 -0.12
C ASN C 192 -32.09 -37.18 0.25
N PRO C 193 -32.63 -36.68 1.36
CA PRO C 193 -32.21 -35.36 1.83
C PRO C 193 -30.79 -35.41 2.36
N ILE C 194 -30.10 -34.27 2.24
CA ILE C 194 -28.70 -34.21 2.63
C ILE C 194 -28.56 -34.41 4.14
N SER C 195 -29.24 -33.59 4.92
CA SER C 195 -29.17 -33.68 6.38
C SER C 195 -30.44 -33.07 6.97
N VAL C 196 -30.41 -32.77 8.26
CA VAL C 196 -31.55 -32.11 8.90
C VAL C 196 -31.65 -30.66 8.43
N LEU C 197 -30.53 -30.02 8.12
CA LEU C 197 -30.53 -28.64 7.64
C LEU C 197 -30.92 -28.52 6.17
N ASP C 198 -31.28 -29.62 5.51
CA ASP C 198 -31.70 -29.57 4.12
C ASP C 198 -33.05 -28.86 4.03
N GLY C 199 -33.08 -27.71 3.37
CA GLY C 199 -34.29 -26.94 3.22
C GLY C 199 -34.56 -25.92 4.30
N ILE C 200 -33.63 -25.73 5.23
CA ILE C 200 -33.79 -24.77 6.32
C ILE C 200 -33.26 -23.42 5.86
N PHE C 201 -33.99 -22.35 6.20
CA PHE C 201 -33.66 -21.00 5.76
C PHE C 201 -32.75 -20.33 6.77
N VAL C 202 -31.59 -19.87 6.31
CA VAL C 202 -30.59 -19.21 7.15
C VAL C 202 -30.23 -17.88 6.49
N THR C 203 -30.26 -16.81 7.27
CA THR C 203 -29.89 -15.48 6.81
C THR C 203 -28.45 -15.19 7.19
N ILE C 204 -27.70 -14.63 6.25
CA ILE C 204 -26.27 -14.35 6.42
C ILE C 204 -26.09 -12.84 6.59
N LYS C 205 -25.27 -12.46 7.57
CA LYS C 205 -24.98 -11.05 7.79
C LYS C 205 -24.17 -10.49 6.62
N ASP C 206 -24.30 -9.18 6.42
CA ASP C 206 -23.69 -8.54 5.25
C ASP C 206 -22.17 -8.45 5.32
N ASP C 207 -21.56 -8.77 6.47
CA ASP C 207 -20.11 -8.80 6.58
C ASP C 207 -19.53 -10.17 6.33
N ILE C 208 -20.35 -11.14 5.91
CA ILE C 208 -19.90 -12.49 5.59
C ILE C 208 -20.14 -12.72 4.10
N ASP C 209 -19.16 -13.32 3.44
CA ASP C 209 -19.26 -13.58 2.01
C ASP C 209 -20.26 -14.71 1.77
N CYS C 210 -21.29 -14.43 0.96
CA CYS C 210 -22.29 -15.42 0.60
C CYS C 210 -22.64 -15.24 -0.87
N LEU C 211 -22.34 -16.25 -1.68
CA LEU C 211 -22.60 -16.16 -3.10
C LEU C 211 -24.11 -16.20 -3.36
N PRO C 212 -24.58 -15.50 -4.40
CA PRO C 212 -23.78 -14.64 -5.29
C PRO C 212 -23.81 -13.17 -4.89
N HIS C 213 -24.30 -12.89 -3.69
CA HIS C 213 -24.48 -11.50 -3.26
C HIS C 213 -23.13 -10.88 -2.90
N PRO C 214 -22.91 -9.62 -3.26
CA PRO C 214 -21.67 -8.95 -2.86
C PRO C 214 -21.67 -8.56 -1.39
N THR C 215 -20.47 -8.45 -0.84
CA THR C 215 -20.27 -8.13 0.57
C THR C 215 -19.99 -6.64 0.69
N ASN C 216 -21.02 -5.88 1.08
CA ASN C 216 -20.88 -4.44 1.25
C ASN C 216 -20.67 -4.03 2.70
N GLY C 217 -20.94 -4.91 3.66
CA GLY C 217 -20.73 -4.59 5.06
C GLY C 217 -21.55 -3.43 5.56
N GLY C 218 -22.77 -3.24 5.04
CA GLY C 218 -23.59 -2.13 5.44
C GLY C 218 -23.27 -0.82 4.77
N THR C 219 -22.22 -0.76 3.96
CA THR C 219 -21.88 0.43 3.21
C THR C 219 -22.52 0.39 1.83
N THR C 220 -22.36 1.46 1.06
CA THR C 220 -22.89 1.55 -0.29
C THR C 220 -21.83 1.39 -1.36
N TRP C 221 -20.57 1.27 -0.97
CA TRP C 221 -19.45 1.30 -1.91
C TRP C 221 -18.45 0.18 -1.76
N LEU C 222 -18.56 -0.67 -0.73
CA LEU C 222 -17.54 -1.68 -0.48
C LEU C 222 -17.46 -2.69 -1.63
N HIS C 223 -18.57 -2.92 -2.34
CA HIS C 223 -18.55 -3.85 -3.46
C HIS C 223 -17.70 -3.32 -4.61
N GLU C 224 -17.54 -1.99 -4.70
CA GLU C 224 -16.70 -1.42 -5.76
C GLU C 224 -15.23 -1.72 -5.53
N ASP C 225 -14.82 -1.96 -4.29
CA ASP C 225 -13.43 -2.20 -3.96
C ASP C 225 -13.13 -3.63 -3.54
N ARG C 226 -14.10 -4.33 -2.94
CA ARG C 226 -13.91 -5.69 -2.47
C ARG C 226 -14.78 -6.63 -3.29
N SER C 227 -14.15 -7.60 -3.95
CA SER C 227 -14.85 -8.58 -4.77
C SER C 227 -15.09 -9.85 -3.97
N VAL C 228 -16.21 -10.51 -4.28
CA VAL C 228 -16.58 -11.77 -3.64
C VAL C 228 -16.63 -12.82 -4.73
N GLU C 229 -15.59 -13.66 -4.80
CA GLU C 229 -15.47 -14.65 -5.86
C GLU C 229 -15.92 -16.04 -5.43
N LYS C 230 -16.01 -16.32 -4.13
CA LYS C 230 -16.43 -17.64 -3.67
C LYS C 230 -17.07 -17.52 -2.30
N ASP C 231 -17.64 -18.63 -1.84
CA ASP C 231 -18.33 -18.68 -0.58
C ASP C 231 -17.36 -18.48 0.58
N SER C 232 -17.93 -18.23 1.77
CA SER C 232 -17.14 -18.15 2.98
C SER C 232 -17.11 -19.52 3.66
N ALA C 233 -16.38 -19.60 4.77
CA ALA C 233 -16.25 -20.88 5.48
C ALA C 233 -17.59 -21.32 6.07
N VAL C 234 -18.28 -20.40 6.76
CA VAL C 234 -19.51 -20.76 7.44
C VAL C 234 -20.64 -21.00 6.44
N VAL C 235 -20.66 -20.26 5.32
CA VAL C 235 -21.74 -20.42 4.35
C VAL C 235 -21.59 -21.72 3.60
N SER C 236 -20.37 -22.02 3.14
CA SER C 236 -20.15 -23.26 2.39
C SER C 236 -20.41 -24.48 3.25
N LYS C 237 -20.21 -24.37 4.57
CA LYS C 237 -20.53 -25.48 5.45
C LYS C 237 -22.05 -25.68 5.56
N LEU C 238 -22.80 -24.59 5.59
CA LEU C 238 -24.26 -24.70 5.62
C LEU C 238 -24.82 -25.17 4.29
N ARG C 239 -24.25 -24.68 3.18
CA ARG C 239 -24.73 -25.09 1.86
C ARG C 239 -24.47 -26.57 1.60
N SER C 240 -23.38 -27.11 2.15
CA SER C 240 -23.11 -28.53 2.02
C SER C 240 -24.15 -29.38 2.74
N CYS C 241 -24.83 -28.82 3.73
CA CYS C 241 -25.89 -29.53 4.43
C CYS C 241 -27.23 -29.45 3.71
N GLY C 242 -27.35 -28.61 2.68
CA GLY C 242 -28.61 -28.39 2.02
C GLY C 242 -29.40 -27.20 2.52
N ALA C 243 -28.78 -26.31 3.28
CA ALA C 243 -29.48 -25.15 3.80
C ALA C 243 -29.76 -24.14 2.69
N ILE C 244 -30.86 -23.41 2.84
CA ILE C 244 -31.29 -22.42 1.87
C ILE C 244 -30.83 -21.06 2.38
N LEU C 245 -29.89 -20.44 1.68
CA LEU C 245 -29.39 -19.12 2.05
C LEU C 245 -30.37 -18.05 1.56
N LEU C 246 -30.94 -17.31 2.50
CA LEU C 246 -31.95 -16.30 2.14
C LEU C 246 -31.30 -15.09 1.50
N GLY C 247 -30.58 -14.29 2.28
CA GLY C 247 -29.95 -13.10 1.74
C GLY C 247 -29.09 -12.42 2.78
N LYS C 248 -28.50 -11.29 2.37
CA LYS C 248 -27.65 -10.52 3.25
C LYS C 248 -28.49 -9.60 4.13
N ALA C 249 -28.28 -9.69 5.43
CA ALA C 249 -29.10 -8.96 6.40
C ALA C 249 -28.56 -7.56 6.63
N ASN C 250 -29.42 -6.70 7.17
CA ASN C 250 -29.02 -5.37 7.57
C ASN C 250 -28.10 -5.44 8.79
N MET C 251 -27.32 -4.37 8.98
CA MET C 251 -26.36 -4.33 10.06
C MET C 251 -25.90 -2.89 10.25
N HIS C 252 -25.39 -2.61 11.45
CA HIS C 252 -24.71 -1.34 11.69
C HIS C 252 -23.43 -1.30 10.85
N GLU C 253 -23.12 -0.13 10.31
CA GLU C 253 -22.06 0.00 9.31
C GLU C 253 -20.71 -0.46 9.86
N LEU C 254 -20.21 -1.59 9.33
CA LEU C 254 -18.88 -2.11 9.65
C LEU C 254 -18.75 -2.48 11.12
N GLY C 255 -19.87 -2.86 11.75
CA GLY C 255 -19.85 -3.26 13.14
C GLY C 255 -19.53 -2.17 14.13
N MET C 256 -19.53 -0.91 13.71
CA MET C 256 -19.19 0.21 14.57
C MET C 256 -20.47 0.81 15.18
N GLY C 257 -21.08 0.02 16.06
CA GLY C 257 -22.30 0.45 16.72
C GLY C 257 -23.09 -0.70 17.31
N THR C 258 -23.69 -0.49 18.47
CA THR C 258 -24.47 -1.51 19.16
C THR C 258 -25.96 -1.21 19.18
N THR C 259 -26.41 -0.22 18.42
CA THR C 259 -27.83 0.11 18.34
C THR C 259 -28.51 -0.47 17.11
N GLY C 260 -27.85 -0.43 15.96
CA GLY C 260 -28.45 -0.87 14.71
C GLY C 260 -28.86 0.26 13.78
N ASN C 261 -28.57 1.51 14.15
CA ASN C 261 -28.92 2.66 13.31
C ASN C 261 -28.09 2.62 12.03
N ASN C 262 -28.76 2.44 10.91
CA ASN C 262 -28.11 2.40 9.59
C ASN C 262 -28.70 3.52 8.74
N SER C 263 -28.05 4.68 8.76
CA SER C 263 -28.42 5.80 7.91
C SER C 263 -27.93 5.65 6.47
N ASN C 264 -27.94 4.43 5.96
CA ASN C 264 -27.51 4.09 4.61
C ASN C 264 -28.50 3.19 3.91
N TYR C 265 -29.10 2.23 4.62
CA TYR C 265 -30.13 1.38 4.09
C TYR C 265 -31.43 1.43 4.88
N GLY C 266 -31.42 2.02 6.06
CA GLY C 266 -32.57 2.05 6.94
C GLY C 266 -32.30 1.24 8.19
N THR C 267 -32.78 1.74 9.33
CA THR C 267 -32.60 1.05 10.61
C THR C 267 -33.67 -0.02 10.76
N THR C 268 -33.23 -1.26 10.96
CA THR C 268 -34.17 -2.36 11.16
C THR C 268 -34.88 -2.20 12.51
N ARG C 269 -36.19 -2.46 12.51
CA ARG C 269 -37.02 -2.25 13.69
C ARG C 269 -37.22 -3.56 14.45
N ASN C 270 -37.35 -3.42 15.77
CA ASN C 270 -37.48 -4.59 16.64
C ASN C 270 -38.83 -5.25 16.41
N PRO C 271 -38.88 -6.57 16.21
CA PRO C 271 -40.18 -7.24 16.06
C PRO C 271 -41.09 -7.08 17.26
N HIS C 272 -40.53 -6.93 18.46
CA HIS C 272 -41.36 -6.73 19.65
C HIS C 272 -41.89 -5.30 19.72
N ASP C 273 -41.14 -4.32 19.23
CA ASP C 273 -41.59 -2.94 19.20
C ASP C 273 -40.91 -2.21 18.04
N PRO C 274 -41.65 -1.88 16.99
CA PRO C 274 -41.03 -1.25 15.82
C PRO C 274 -40.42 0.12 16.09
N LYS C 275 -40.82 0.79 17.16
CA LYS C 275 -40.24 2.08 17.52
C LYS C 275 -39.02 1.94 18.42
N ARG C 276 -38.47 0.74 18.57
CA ARG C 276 -37.29 0.51 19.39
C ARG C 276 -36.19 -0.15 18.55
N TYR C 277 -34.98 -0.13 19.11
CA TYR C 277 -33.81 -0.61 18.41
C TYR C 277 -33.74 -2.13 18.44
N THR C 278 -33.05 -2.70 17.46
CA THR C 278 -32.79 -4.13 17.44
C THR C 278 -31.51 -4.50 18.16
N GLY C 279 -30.63 -3.55 18.41
CA GLY C 279 -29.31 -3.88 18.93
C GLY C 279 -28.34 -4.20 17.81
N GLY C 280 -27.07 -3.81 18.02
CA GLY C 280 -26.03 -3.96 17.03
C GLY C 280 -24.98 -4.99 17.42
N SER C 281 -24.16 -5.35 16.45
CA SER C 281 -24.26 -4.78 15.11
C SER C 281 -25.07 -5.67 14.17
N SER C 282 -25.27 -6.92 14.59
CA SER C 282 -26.08 -7.88 13.81
C SER C 282 -27.57 -7.56 14.01
N SER C 283 -27.96 -6.38 13.53
CA SER C 283 -29.33 -5.91 13.74
C SER C 283 -30.31 -6.69 12.86
N GLY C 284 -30.04 -6.78 11.57
CA GLY C 284 -30.96 -7.45 10.67
C GLY C 284 -30.99 -8.96 10.88
N SER C 285 -29.83 -9.54 11.21
CA SER C 285 -29.78 -10.99 11.41
C SER C 285 -30.59 -11.43 12.61
N ALA C 286 -30.67 -10.59 13.65
CA ALA C 286 -31.41 -10.95 14.85
C ALA C 286 -32.89 -10.62 14.77
N ALA C 287 -33.26 -9.61 13.98
CA ALA C 287 -34.66 -9.24 13.87
C ALA C 287 -35.43 -10.18 12.97
N ILE C 288 -34.80 -10.66 11.89
CA ILE C 288 -35.50 -11.57 10.97
C ILE C 288 -35.74 -12.92 11.63
N VAL C 289 -34.89 -13.31 12.58
CA VAL C 289 -35.11 -14.56 13.30
C VAL C 289 -36.21 -14.38 14.34
N ALA C 290 -36.20 -13.26 15.07
CA ALA C 290 -37.21 -13.01 16.07
C ALA C 290 -38.59 -12.79 15.45
N ALA C 291 -38.63 -12.36 14.20
CA ALA C 291 -39.89 -12.21 13.48
C ALA C 291 -40.43 -13.53 12.95
N GLY C 292 -39.65 -14.61 13.03
CA GLY C 292 -40.13 -15.89 12.57
C GLY C 292 -40.04 -16.12 11.08
N LEU C 293 -39.29 -15.27 10.36
CA LEU C 293 -39.21 -15.42 8.92
C LEU C 293 -38.30 -16.59 8.54
N CYS C 294 -37.19 -16.76 9.24
CA CYS C 294 -36.28 -17.86 9.00
C CYS C 294 -35.90 -18.49 10.34
N SER C 295 -35.30 -19.68 10.26
CA SER C 295 -34.94 -20.43 11.45
C SER C 295 -33.81 -19.77 12.22
N ALA C 296 -32.60 -19.82 11.68
CA ALA C 296 -31.43 -19.27 12.34
C ALA C 296 -30.71 -18.30 11.40
N ALA C 297 -29.71 -17.62 11.95
CA ALA C 297 -28.93 -16.66 11.18
C ALA C 297 -27.52 -16.59 11.75
N LEU C 298 -26.57 -16.27 10.88
CA LEU C 298 -25.17 -16.14 11.27
C LEU C 298 -24.80 -14.67 11.39
N GLY C 299 -23.76 -14.42 12.19
CA GLY C 299 -23.29 -13.06 12.40
C GLY C 299 -21.98 -13.01 13.18
N THR C 300 -21.19 -11.97 12.93
CA THR C 300 -19.94 -11.81 13.65
C THR C 300 -20.19 -11.17 15.01
N ASP C 301 -19.20 -11.29 15.89
CA ASP C 301 -19.30 -10.73 17.24
C ASP C 301 -17.89 -10.39 17.70
N GLY C 302 -17.55 -9.10 17.66
CA GLY C 302 -16.27 -8.63 18.14
C GLY C 302 -16.44 -7.68 19.30
N GLY C 303 -17.68 -7.29 19.58
CA GLY C 303 -18.01 -6.43 20.69
C GLY C 303 -19.43 -6.66 21.16
N GLY C 304 -19.84 -7.92 21.20
CA GLY C 304 -21.20 -8.26 21.55
C GLY C 304 -22.19 -8.09 20.42
N ALA C 305 -21.74 -8.27 19.17
CA ALA C 305 -22.62 -8.02 18.02
C ALA C 305 -23.66 -9.12 17.85
N VAL C 306 -23.44 -10.30 18.44
CA VAL C 306 -24.40 -11.39 18.35
C VAL C 306 -25.28 -11.46 19.59
N ARG C 307 -24.70 -11.23 20.77
CA ARG C 307 -25.43 -11.40 22.02
C ARG C 307 -26.34 -10.21 22.32
N ILE C 308 -25.89 -8.99 22.04
CA ILE C 308 -26.69 -7.80 22.36
C ILE C 308 -28.02 -7.81 21.62
N PRO C 309 -28.09 -7.95 20.29
CA PRO C 309 -29.40 -7.97 19.63
C PRO C 309 -30.19 -9.23 19.94
N SER C 310 -29.54 -10.32 20.33
CA SER C 310 -30.27 -11.53 20.69
C SER C 310 -31.02 -11.36 22.01
N ALA C 311 -30.50 -10.52 22.91
CA ALA C 311 -31.19 -10.26 24.17
C ALA C 311 -32.26 -9.19 24.02
N LEU C 312 -32.03 -8.20 23.15
CA LEU C 312 -33.00 -7.13 22.95
C LEU C 312 -34.17 -7.57 22.07
N CYS C 313 -34.00 -8.62 21.27
CA CYS C 313 -35.07 -9.15 20.44
C CYS C 313 -35.66 -10.44 20.98
N GLY C 314 -35.03 -11.06 21.97
CA GLY C 314 -35.58 -12.26 22.60
C GLY C 314 -35.30 -13.54 21.86
N ILE C 315 -34.06 -13.75 21.43
CA ILE C 315 -33.63 -14.97 20.77
C ILE C 315 -32.33 -15.43 21.40
N THR C 316 -31.82 -16.57 20.91
CA THR C 316 -30.61 -17.17 21.42
C THR C 316 -29.44 -16.87 20.48
N GLY C 317 -28.46 -16.12 20.98
CA GLY C 317 -27.28 -15.80 20.21
C GLY C 317 -26.03 -16.43 20.79
N LEU C 318 -25.41 -17.33 20.03
CA LEU C 318 -24.25 -18.08 20.50
C LEU C 318 -22.98 -17.39 20.02
N LYS C 319 -22.09 -17.07 20.96
CA LYS C 319 -20.78 -16.50 20.66
C LYS C 319 -19.73 -17.58 20.94
N THR C 320 -19.12 -18.08 19.87
CA THR C 320 -18.19 -19.20 20.01
C THR C 320 -16.82 -18.72 20.47
N THR C 321 -15.97 -19.69 20.82
CA THR C 321 -14.61 -19.39 21.24
C THR C 321 -13.80 -18.83 20.07
N TYR C 322 -12.82 -17.99 20.41
CA TYR C 322 -11.96 -17.41 19.39
C TYR C 322 -11.25 -18.51 18.61
N GLY C 323 -11.49 -18.56 17.30
CA GLY C 323 -10.92 -19.56 16.44
C GLY C 323 -11.72 -20.85 16.34
N ARG C 324 -12.79 -20.99 17.13
CA ARG C 324 -13.59 -22.22 17.09
C ARG C 324 -14.30 -22.35 15.75
N THR C 325 -14.98 -21.30 15.31
CA THR C 325 -15.70 -21.29 14.04
C THR C 325 -14.89 -20.52 13.01
N ASP C 326 -14.67 -21.14 11.85
CA ASP C 326 -13.81 -20.55 10.83
C ASP C 326 -14.43 -19.28 10.28
N MET C 327 -13.62 -18.22 10.18
CA MET C 327 -14.05 -16.92 9.68
C MET C 327 -13.57 -16.65 8.26
N THR C 328 -12.96 -17.64 7.60
CA THR C 328 -12.41 -17.45 6.26
C THR C 328 -13.49 -17.01 5.29
N GLY C 329 -13.52 -15.72 4.96
CA GLY C 329 -14.52 -15.19 4.05
C GLY C 329 -15.43 -14.17 4.69
N SER C 330 -14.88 -13.36 5.60
CA SER C 330 -15.63 -12.31 6.28
C SER C 330 -14.82 -11.02 6.26
N LEU C 331 -15.37 -9.98 6.90
CA LEU C 331 -14.72 -8.68 6.95
C LEU C 331 -13.86 -8.49 8.20
N CYS C 332 -13.75 -9.52 9.05
CA CYS C 332 -12.95 -9.43 10.27
C CYS C 332 -11.93 -10.57 10.34
N GLU C 333 -11.40 -10.98 9.19
CA GLU C 333 -10.37 -12.01 9.17
C GLU C 333 -9.10 -11.49 9.84
N GLY C 334 -8.47 -12.34 10.64
CA GLY C 334 -7.27 -11.96 11.36
C GLY C 334 -7.51 -11.11 12.59
N GLY C 335 -8.74 -10.70 12.85
CA GLY C 335 -9.02 -9.95 14.05
C GLY C 335 -8.75 -10.76 15.31
N THR C 336 -8.63 -10.05 16.43
CA THR C 336 -8.26 -10.67 17.70
C THR C 336 -9.41 -10.73 18.70
N VAL C 337 -10.63 -10.36 18.28
CA VAL C 337 -11.74 -10.27 19.23
C VAL C 337 -13.05 -10.74 18.58
N GLU C 338 -12.99 -11.15 17.32
CA GLU C 338 -14.20 -11.46 16.56
C GLU C 338 -14.27 -12.94 16.22
N ILE C 339 -15.51 -13.44 16.15
CA ILE C 339 -15.79 -14.79 15.67
C ILE C 339 -17.04 -14.78 14.79
N ILE C 340 -17.62 -15.95 14.56
CA ILE C 340 -18.88 -16.08 13.82
C ILE C 340 -19.75 -17.08 14.56
N GLY C 341 -20.89 -16.61 15.06
CA GLY C 341 -21.80 -17.46 15.80
C GLY C 341 -23.23 -17.37 15.29
N PRO C 342 -24.00 -18.42 15.51
CA PRO C 342 -25.38 -18.44 15.02
C PRO C 342 -26.34 -17.71 15.96
N LEU C 343 -27.40 -17.18 15.36
CA LEU C 343 -28.50 -16.54 16.09
C LEU C 343 -29.79 -17.25 15.68
N ALA C 344 -30.42 -17.93 16.63
CA ALA C 344 -31.62 -18.72 16.36
C ALA C 344 -32.69 -18.40 17.39
N SER C 345 -33.87 -18.99 17.19
CA SER C 345 -34.99 -18.74 18.09
C SER C 345 -34.93 -19.62 19.33
N SER C 346 -34.56 -20.89 19.17
CA SER C 346 -34.48 -21.83 20.27
C SER C 346 -33.04 -22.32 20.43
N LEU C 347 -32.77 -22.93 21.59
CA LEU C 347 -31.44 -23.46 21.83
C LEU C 347 -31.14 -24.64 20.92
N GLU C 348 -32.15 -25.45 20.60
CA GLU C 348 -31.94 -26.58 19.70
C GLU C 348 -31.56 -26.14 18.30
N ASP C 349 -32.09 -25.00 17.85
CA ASP C 349 -31.77 -24.52 16.50
C ASP C 349 -30.35 -23.98 16.43
N ALA C 350 -29.97 -23.10 17.37
CA ALA C 350 -28.63 -22.54 17.36
C ALA C 350 -27.57 -23.60 17.58
N PHE C 351 -27.90 -24.65 18.33
CA PHE C 351 -26.94 -25.74 18.54
C PHE C 351 -26.71 -26.51 17.25
N LEU C 352 -27.77 -26.76 16.48
CA LEU C 352 -27.63 -27.50 15.23
C LEU C 352 -26.83 -26.70 14.21
N VAL C 353 -27.04 -25.39 14.16
CA VAL C 353 -26.30 -24.55 13.22
C VAL C 353 -24.83 -24.48 13.61
N TYR C 354 -24.55 -24.37 14.91
CA TYR C 354 -23.16 -24.44 15.37
C TYR C 354 -22.52 -25.77 14.98
N ALA C 355 -23.31 -26.85 14.99
CA ALA C 355 -22.78 -28.16 14.63
C ALA C 355 -22.31 -28.18 13.18
N ALA C 356 -22.83 -27.29 12.35
CA ALA C 356 -22.49 -27.30 10.93
C ALA C 356 -21.40 -26.30 10.60
N ILE C 357 -21.40 -25.13 11.26
CA ILE C 357 -20.45 -24.08 10.92
C ILE C 357 -19.13 -24.18 11.66
N LEU C 358 -19.05 -25.00 12.70
CA LEU C 358 -17.84 -25.07 13.49
C LEU C 358 -16.69 -25.66 12.68
N GLY C 359 -15.48 -25.56 13.23
CA GLY C 359 -14.30 -26.06 12.56
C GLY C 359 -13.24 -24.98 12.43
N SER C 360 -12.15 -25.12 13.19
CA SER C 360 -11.10 -24.11 13.17
C SER C 360 -10.36 -24.13 11.83
N SER C 361 -9.92 -22.95 11.41
CA SER C 361 -9.16 -22.83 10.18
C SER C 361 -7.79 -23.47 10.34
N SER C 362 -7.10 -23.66 9.21
CA SER C 362 -5.78 -24.27 9.23
C SER C 362 -4.77 -23.39 9.95
N ALA C 363 -4.92 -22.07 9.85
CA ALA C 363 -4.00 -21.18 10.56
C ALA C 363 -4.30 -21.15 12.05
N ASP C 364 -5.57 -21.18 12.43
CA ASP C 364 -5.96 -21.21 13.84
C ASP C 364 -5.79 -22.58 14.47
N ARG C 365 -5.61 -23.64 13.66
CA ARG C 365 -5.44 -24.98 14.21
C ARG C 365 -4.06 -25.12 14.86
N TYR C 366 -3.03 -24.51 14.28
CA TYR C 366 -1.69 -24.60 14.81
C TYR C 366 -1.36 -23.47 15.77
N ASN C 367 -1.92 -22.28 15.56
CA ASN C 367 -1.59 -21.14 16.40
C ASN C 367 -2.34 -21.18 17.73
N LEU C 368 -3.59 -21.62 17.72
CA LEU C 368 -4.41 -21.63 18.93
C LEU C 368 -4.53 -23.01 19.57
N LYS C 369 -4.33 -24.09 18.80
CA LYS C 369 -4.44 -25.46 19.27
C LYS C 369 -5.78 -25.69 19.97
N PRO C 370 -6.88 -25.73 19.24
CA PRO C 370 -8.18 -25.94 19.87
C PRO C 370 -8.42 -27.41 20.21
N SER C 371 -9.06 -27.64 21.34
CA SER C 371 -9.46 -28.99 21.69
C SER C 371 -10.54 -29.46 20.72
N PRO C 372 -10.68 -30.78 20.53
CA PRO C 372 -11.68 -31.29 19.59
C PRO C 372 -13.07 -30.80 19.94
N PRO C 373 -13.86 -30.38 18.95
CA PRO C 373 -15.21 -29.88 19.23
C PRO C 373 -16.11 -30.98 19.76
N CYS C 374 -16.96 -30.61 20.72
CA CYS C 374 -17.85 -31.57 21.37
C CYS C 374 -19.21 -30.93 21.58
N PHE C 375 -20.25 -31.77 21.48
CA PHE C 375 -21.64 -31.39 21.67
C PHE C 375 -22.14 -31.83 23.04
N PRO C 376 -23.00 -31.05 23.69
CA PRO C 376 -23.55 -31.47 24.98
C PRO C 376 -24.66 -32.50 24.80
N LYS C 377 -24.68 -33.49 25.69
CA LYS C 377 -25.71 -34.51 25.67
C LYS C 377 -27.02 -33.94 26.21
N LEU C 378 -27.86 -33.42 25.33
CA LEU C 378 -29.12 -32.78 25.73
C LEU C 378 -30.24 -33.81 25.86
N LEU C 379 -30.01 -34.77 26.76
CA LEU C 379 -30.99 -35.80 27.07
C LEU C 379 -30.68 -36.35 28.45
N SER C 380 -31.73 -36.63 29.21
CA SER C 380 -31.60 -36.83 30.65
C SER C 380 -31.40 -38.30 31.01
N HIS C 381 -31.16 -38.52 32.32
CA HIS C 381 -30.90 -39.83 32.92
C HIS C 381 -29.50 -40.38 32.67
N ASN C 382 -28.76 -39.70 31.80
CA ASN C 382 -27.33 -39.98 31.67
C ASN C 382 -26.69 -38.75 31.05
N GLY C 383 -27.00 -37.59 31.64
CA GLY C 383 -26.58 -36.29 31.16
C GLY C 383 -27.29 -35.21 31.93
N SER C 384 -27.89 -35.60 33.06
CA SER C 384 -28.66 -34.69 33.90
C SER C 384 -28.05 -34.49 35.28
N ASN C 385 -26.91 -35.11 35.56
CA ASN C 385 -26.23 -34.95 36.84
C ASN C 385 -25.08 -33.96 36.77
N ALA C 386 -24.82 -33.36 35.61
CA ALA C 386 -23.72 -32.43 35.45
C ALA C 386 -24.14 -30.97 35.49
N ILE C 387 -25.41 -30.66 35.23
CA ILE C 387 -25.84 -29.27 35.26
C ILE C 387 -25.85 -28.73 36.68
N GLY C 388 -26.24 -29.57 37.65
CA GLY C 388 -26.28 -29.12 39.02
C GLY C 388 -24.91 -28.91 39.64
N SER C 389 -23.90 -29.64 39.15
CA SER C 389 -22.55 -29.53 39.69
C SER C 389 -21.81 -28.29 39.19
N LEU C 390 -22.45 -27.43 38.41
CA LEU C 390 -21.81 -26.23 37.91
C LEU C 390 -21.77 -25.14 38.98
N ARG C 391 -20.62 -24.48 39.08
CA ARG C 391 -20.44 -23.36 39.99
C ARG C 391 -20.62 -22.06 39.19
N LEU C 392 -21.68 -21.32 39.51
CA LEU C 392 -22.03 -20.12 38.77
C LEU C 392 -21.36 -18.91 39.40
N GLY C 393 -20.57 -18.18 38.61
CA GLY C 393 -19.87 -17.00 39.11
C GLY C 393 -20.69 -15.74 38.96
N LYS C 394 -20.95 -15.05 40.08
CA LYS C 394 -21.76 -13.85 40.09
C LYS C 394 -20.99 -12.73 40.77
N TYR C 395 -20.71 -11.67 40.01
CA TYR C 395 -20.14 -10.44 40.56
C TYR C 395 -21.31 -9.53 40.91
N THR C 396 -21.70 -9.53 42.19
CA THR C 396 -22.94 -8.87 42.61
C THR C 396 -22.93 -7.39 42.25
N LYS C 397 -21.81 -6.70 42.48
CA LYS C 397 -21.74 -5.29 42.13
C LYS C 397 -21.83 -5.10 40.62
N TRP C 398 -21.21 -5.99 39.84
CA TRP C 398 -21.35 -5.97 38.39
C TRP C 398 -22.70 -6.52 37.93
N PHE C 399 -23.35 -7.36 38.75
CA PHE C 399 -24.61 -7.98 38.36
C PHE C 399 -25.78 -7.01 38.40
N ASN C 400 -25.75 -6.04 39.31
CA ASN C 400 -26.85 -5.12 39.52
C ASN C 400 -26.60 -3.73 38.95
N ASP C 401 -25.54 -3.56 38.17
CA ASP C 401 -25.25 -2.27 37.54
C ASP C 401 -25.95 -2.17 36.19
N VAL C 402 -27.28 -2.22 36.24
CA VAL C 402 -28.12 -2.09 35.06
C VAL C 402 -29.07 -0.93 35.27
N SER C 403 -29.51 -0.33 34.16
CA SER C 403 -30.40 0.83 34.22
C SER C 403 -31.86 0.44 34.43
N SER C 404 -32.17 -0.84 34.58
CA SER C 404 -33.54 -1.31 34.79
C SER C 404 -33.54 -2.37 35.87
N SER C 405 -34.32 -2.14 36.94
CA SER C 405 -34.36 -3.08 38.04
C SER C 405 -35.00 -4.41 37.66
N ASP C 406 -35.76 -4.45 36.56
CA ASP C 406 -36.34 -5.71 36.11
C ASP C 406 -35.29 -6.65 35.54
N ILE C 407 -34.27 -6.11 34.88
CA ILE C 407 -33.19 -6.95 34.36
C ILE C 407 -32.38 -7.54 35.50
N SER C 408 -32.10 -6.75 36.53
CA SER C 408 -31.33 -7.23 37.67
C SER C 408 -32.15 -8.12 38.59
N ASP C 409 -33.46 -8.21 38.39
CA ASP C 409 -34.31 -9.08 39.20
C ASP C 409 -34.64 -10.40 38.50
N LYS C 410 -34.98 -10.35 37.22
CA LYS C 410 -35.32 -11.59 36.50
C LYS C 410 -34.11 -12.50 36.36
N CYS C 411 -32.91 -11.92 36.31
CA CYS C 411 -31.71 -12.74 36.18
C CYS C 411 -31.33 -13.43 37.49
N GLU C 412 -31.68 -12.84 38.63
CA GLU C 412 -31.55 -13.56 39.90
C GLU C 412 -32.61 -14.66 40.00
N ASP C 413 -33.81 -14.40 39.49
CA ASP C 413 -34.86 -15.41 39.49
C ASP C 413 -34.40 -16.67 38.76
N ILE C 414 -33.73 -16.50 37.62
CA ILE C 414 -33.17 -17.65 36.92
C ILE C 414 -32.02 -18.26 37.73
N LEU C 415 -31.24 -17.43 38.40
CA LEU C 415 -30.18 -17.94 39.26
C LEU C 415 -30.77 -18.70 40.45
N LYS C 416 -31.82 -18.16 41.06
CA LYS C 416 -32.49 -18.88 42.13
C LYS C 416 -33.26 -20.09 41.62
N LEU C 417 -33.81 -20.01 40.40
CA LEU C 417 -34.47 -21.17 39.82
C LEU C 417 -33.46 -22.26 39.46
N LEU C 418 -32.27 -21.86 38.99
CA LEU C 418 -31.23 -22.83 38.69
C LEU C 418 -30.73 -23.52 39.95
N SER C 419 -30.55 -22.76 41.03
CA SER C 419 -30.06 -23.34 42.28
C SER C 419 -31.13 -24.15 43.00
N ASN C 420 -32.40 -23.99 42.62
CA ASN C 420 -33.49 -24.72 43.25
C ASN C 420 -33.93 -25.95 42.48
N ASN C 421 -33.63 -26.02 41.19
CA ASN C 421 -34.04 -27.14 40.35
C ASN C 421 -32.88 -28.06 39.96
N HIS C 422 -31.64 -27.66 40.21
CA HIS C 422 -30.49 -28.47 39.84
C HIS C 422 -29.41 -28.55 40.92
N GLY C 423 -29.19 -27.52 41.71
CA GLY C 423 -28.18 -27.53 42.74
C GLY C 423 -26.97 -26.66 42.48
N CYS C 424 -27.03 -25.73 41.53
CA CYS C 424 -25.90 -24.89 41.22
C CYS C 424 -25.58 -23.94 42.37
N LYS C 425 -24.29 -23.72 42.60
CA LYS C 425 -23.83 -22.84 43.67
C LYS C 425 -23.43 -21.50 43.06
N VAL C 426 -24.17 -20.46 43.41
CA VAL C 426 -23.86 -19.10 42.94
C VAL C 426 -22.65 -18.58 43.71
N VAL C 427 -21.46 -18.75 43.14
CA VAL C 427 -20.21 -18.37 43.80
C VAL C 427 -19.92 -16.91 43.50
N GLU C 428 -19.74 -16.11 44.55
CA GLU C 428 -19.44 -14.69 44.38
C GLU C 428 -18.03 -14.52 43.85
N ILE C 429 -17.91 -13.87 42.69
CA ILE C 429 -16.61 -13.63 42.07
C ILE C 429 -16.37 -12.14 41.98
N VAL C 430 -15.23 -11.75 41.41
CA VAL C 430 -14.87 -10.35 41.23
C VAL C 430 -14.05 -10.23 39.95
N VAL C 431 -14.40 -9.25 39.12
CA VAL C 431 -13.70 -9.02 37.85
C VAL C 431 -12.89 -7.74 37.97
N PRO C 432 -11.59 -7.83 38.26
CA PRO C 432 -10.79 -6.62 38.47
C PRO C 432 -10.56 -5.84 37.18
N GLU C 433 -10.42 -4.53 37.35
CA GLU C 433 -10.02 -3.60 36.28
C GLU C 433 -10.98 -3.70 35.08
N LEU C 434 -12.22 -3.28 35.34
CA LEU C 434 -13.23 -3.31 34.29
C LEU C 434 -13.16 -2.08 33.39
N GLU C 435 -12.64 -0.96 33.89
CA GLU C 435 -12.48 0.22 33.05
C GLU C 435 -11.36 0.02 32.03
N GLU C 436 -10.32 -0.74 32.40
CA GLU C 436 -9.26 -1.05 31.45
C GLU C 436 -9.78 -1.96 30.35
N MET C 437 -10.68 -2.88 30.68
CA MET C 437 -11.27 -3.74 29.65
C MET C 437 -12.04 -2.94 28.62
N ARG C 438 -12.63 -1.81 29.04
CA ARG C 438 -13.26 -0.91 28.07
C ARG C 438 -12.20 -0.27 27.17
N ALA C 439 -11.15 0.27 27.76
CA ALA C 439 -10.12 0.96 26.97
C ALA C 439 -9.29 -0.01 26.15
N ALA C 440 -8.99 -1.19 26.71
CA ALA C 440 -8.21 -2.17 25.97
C ALA C 440 -8.99 -2.75 24.81
N HIS C 441 -10.32 -2.81 24.92
CA HIS C 441 -11.12 -3.40 23.84
C HIS C 441 -11.40 -2.40 22.73
N VAL C 442 -11.67 -1.14 23.08
CA VAL C 442 -12.08 -0.15 22.08
C VAL C 442 -10.98 0.08 21.06
N ILE C 443 -9.73 -0.10 21.45
CA ILE C 443 -8.62 0.10 20.53
C ILE C 443 -8.26 -1.19 19.79
N SER C 444 -8.46 -2.36 20.41
CA SER C 444 -8.12 -3.62 19.75
C SER C 444 -9.14 -4.02 18.69
N ILE C 445 -10.32 -3.42 18.68
CA ILE C 445 -11.32 -3.73 17.67
C ILE C 445 -11.25 -2.75 16.50
N GLY C 446 -10.93 -1.49 16.76
CA GLY C 446 -10.92 -0.47 15.72
C GLY C 446 -9.61 -0.38 14.96
N SER C 447 -8.50 -0.68 15.64
CA SER C 447 -7.20 -0.62 14.97
C SER C 447 -7.09 -1.56 13.78
N PRO C 448 -7.50 -2.83 13.86
CA PRO C 448 -7.46 -3.67 12.64
C PRO C 448 -8.48 -3.26 11.60
N THR C 449 -9.65 -2.78 12.01
CA THR C 449 -10.67 -2.39 11.05
C THR C 449 -10.29 -1.09 10.34
N LEU C 450 -9.78 -0.12 11.08
CA LEU C 450 -9.34 1.14 10.46
C LEU C 450 -8.18 0.88 9.50
N SER C 451 -7.29 -0.05 9.84
CA SER C 451 -6.18 -0.38 8.96
C SER C 451 -6.66 -1.03 7.67
N SER C 452 -7.65 -1.93 7.77
CA SER C 452 -8.17 -2.61 6.59
C SER C 452 -8.95 -1.67 5.67
N LEU C 453 -9.48 -0.57 6.19
CA LEU C 453 -10.27 0.37 5.41
C LEU C 453 -9.50 1.64 5.05
N THR C 454 -8.26 1.77 5.51
CA THR C 454 -7.52 3.02 5.26
C THR C 454 -7.19 3.22 3.79
N PRO C 455 -6.63 2.23 3.07
CA PRO C 455 -6.35 2.46 1.64
C PRO C 455 -7.57 2.81 0.81
N TYR C 456 -8.77 2.47 1.29
CA TYR C 456 -10.01 2.87 0.62
C TYR C 456 -10.46 4.26 1.05
N CYS C 457 -10.28 4.60 2.33
CA CYS C 457 -10.61 5.93 2.79
C CYS C 457 -9.67 6.99 2.22
N GLU C 458 -8.39 6.63 2.02
CA GLU C 458 -7.45 7.57 1.42
C GLU C 458 -7.82 7.88 -0.02
N ALA C 459 -8.33 6.88 -0.75
CA ALA C 459 -8.70 7.01 -2.15
C ALA C 459 -9.96 7.86 -2.36
N GLY C 460 -10.44 8.58 -1.34
CA GLY C 460 -11.60 9.42 -1.47
C GLY C 460 -12.91 8.77 -1.04
N LYS C 461 -12.93 7.47 -0.81
CA LYS C 461 -14.14 6.77 -0.42
C LYS C 461 -14.50 6.95 1.04
N ASN C 462 -13.71 7.72 1.80
CA ASN C 462 -14.06 8.00 3.19
C ASN C 462 -15.33 8.82 3.30
N SER C 463 -15.59 9.70 2.33
CA SER C 463 -16.81 10.49 2.33
C SER C 463 -18.05 9.64 2.09
N LYS C 464 -17.92 8.49 1.44
CA LYS C 464 -19.03 7.59 1.18
C LYS C 464 -19.45 6.77 2.40
N LEU C 465 -18.86 7.04 3.56
CA LEU C 465 -19.21 6.37 4.79
C LEU C 465 -20.23 7.19 5.57
N SER C 466 -20.92 6.52 6.49
CA SER C 466 -21.94 7.18 7.30
C SER C 466 -21.26 8.04 8.37
N TYR C 467 -22.09 8.77 9.12
CA TYR C 467 -21.58 9.66 10.16
C TYR C 467 -21.35 8.94 11.49
N ASP C 468 -22.08 7.83 11.73
CA ASP C 468 -21.84 7.05 12.93
C ASP C 468 -20.47 6.38 12.91
N THR C 469 -19.99 6.01 11.72
CA THR C 469 -18.69 5.35 11.61
C THR C 469 -17.54 6.36 11.61
N ARG C 470 -17.69 7.45 10.84
CA ARG C 470 -16.61 8.42 10.73
C ARG C 470 -16.28 9.08 12.05
N THR C 471 -17.25 9.15 12.97
CA THR C 471 -16.97 9.65 14.31
C THR C 471 -16.10 8.67 15.09
N SER C 472 -16.39 7.37 14.97
CA SER C 472 -15.52 6.37 15.59
C SER C 472 -14.19 6.27 14.87
N PHE C 473 -14.18 6.45 13.55
CA PHE C 473 -12.93 6.42 12.81
C PHE C 473 -12.02 7.59 13.19
N ALA C 474 -12.62 8.76 13.48
CA ALA C 474 -11.82 9.90 13.91
C ALA C 474 -11.14 9.65 15.25
N ILE C 475 -11.79 8.89 16.13
CA ILE C 475 -11.18 8.56 17.41
C ILE C 475 -10.17 7.43 17.26
N PHE C 476 -10.46 6.47 16.37
CA PHE C 476 -9.55 5.35 16.17
C PHE C 476 -8.22 5.80 15.57
N ARG C 477 -8.22 6.87 14.78
CA ARG C 477 -6.96 7.41 14.26
C ARG C 477 -6.10 8.01 15.35
N SER C 478 -6.70 8.47 16.46
CA SER C 478 -5.96 9.02 17.58
C SER C 478 -5.25 7.96 18.41
N PHE C 479 -5.40 6.68 18.08
CA PHE C 479 -4.73 5.60 18.78
C PHE C 479 -3.37 5.37 18.14
N SER C 480 -2.30 5.72 18.87
CA SER C 480 -0.96 5.52 18.36
C SER C 480 -0.53 4.07 18.53
N ALA C 481 0.58 3.71 17.89
CA ALA C 481 1.10 2.35 18.01
C ALA C 481 1.60 2.08 19.43
N SER C 482 2.00 3.12 20.15
CA SER C 482 2.34 2.94 21.56
C SER C 482 1.11 2.67 22.42
N ASP C 483 -0.04 3.21 22.01
CA ASP C 483 -1.28 2.95 22.74
C ASP C 483 -1.72 1.50 22.56
N TYR C 484 -1.51 0.94 21.38
CA TYR C 484 -1.91 -0.45 21.13
C TYR C 484 -1.07 -1.41 21.95
N ILE C 485 0.25 -1.21 21.98
CA ILE C 485 1.13 -2.10 22.74
C ILE C 485 0.78 -2.03 24.22
N ALA C 486 0.52 -0.84 24.74
CA ALA C 486 0.11 -0.71 26.13
C ALA C 486 -1.26 -1.34 26.37
N ALA C 487 -2.13 -1.33 25.37
CA ALA C 487 -3.45 -1.92 25.54
C ALA C 487 -3.39 -3.45 25.53
N GLN C 488 -2.53 -4.02 24.68
CA GLN C 488 -2.40 -5.47 24.64
C GLN C 488 -1.82 -6.02 25.93
N CYS C 489 -1.01 -5.23 26.63
CA CYS C 489 -0.55 -5.63 27.96
C CYS C 489 -1.72 -5.72 28.94
N LEU C 490 -2.72 -4.85 28.79
CA LEU C 490 -3.91 -4.94 29.61
C LEU C 490 -4.73 -6.18 29.28
N ARG C 491 -4.62 -6.68 28.05
CA ARG C 491 -5.30 -7.92 27.69
C ARG C 491 -4.73 -9.11 28.45
N ARG C 492 -3.40 -9.15 28.60
CA ARG C 492 -2.78 -10.23 29.37
C ARG C 492 -3.22 -10.17 30.83
N ARG C 493 -3.34 -8.97 31.39
CA ARG C 493 -3.78 -8.83 32.77
C ARG C 493 -5.18 -9.40 32.96
N LEU C 494 -6.12 -8.96 32.11
CA LEU C 494 -7.49 -9.45 32.23
C LEU C 494 -7.60 -10.93 31.89
N MET C 495 -6.70 -11.43 31.04
CA MET C 495 -6.65 -12.86 30.77
C MET C 495 -6.31 -13.65 32.04
N GLU C 496 -5.32 -13.16 32.80
CA GLU C 496 -4.92 -13.85 34.02
C GLU C 496 -6.00 -13.77 35.08
N TYR C 497 -6.72 -12.63 35.15
CA TYR C 497 -7.82 -12.52 36.09
C TYR C 497 -8.91 -13.53 35.79
N HIS C 498 -9.35 -13.60 34.53
CA HIS C 498 -10.47 -14.47 34.17
C HIS C 498 -10.08 -15.95 34.24
N LEU C 499 -8.82 -16.27 33.94
CA LEU C 499 -8.38 -17.66 34.07
C LEU C 499 -8.34 -18.10 35.52
N ASN C 500 -8.09 -17.18 36.44
CA ASN C 500 -8.15 -17.51 37.86
C ASN C 500 -9.58 -17.69 38.33
N ILE C 501 -10.51 -16.91 37.78
CA ILE C 501 -11.92 -17.05 38.14
C ILE C 501 -12.46 -18.38 37.66
N PHE C 502 -12.02 -18.84 36.49
CA PHE C 502 -12.44 -20.13 35.97
C PHE C 502 -11.84 -21.30 36.74
N LYS C 503 -10.92 -21.04 37.66
CA LYS C 503 -10.46 -22.09 38.56
C LYS C 503 -11.43 -22.31 39.72
N ASP C 504 -12.20 -21.27 40.08
CA ASP C 504 -13.18 -21.38 41.15
C ASP C 504 -14.57 -21.72 40.63
N VAL C 505 -14.94 -21.18 39.47
CA VAL C 505 -16.26 -21.40 38.89
C VAL C 505 -16.11 -22.04 37.52
N ASP C 506 -17.25 -22.43 36.94
CA ASP C 506 -17.29 -23.00 35.60
C ASP C 506 -17.77 -22.02 34.54
N VAL C 507 -18.75 -21.17 34.88
CA VAL C 507 -19.25 -20.14 33.98
C VAL C 507 -19.41 -18.85 34.76
N ILE C 508 -19.54 -17.75 34.02
CA ILE C 508 -19.75 -16.43 34.59
C ILE C 508 -21.10 -15.93 34.07
N VAL C 509 -22.08 -15.86 34.96
CA VAL C 509 -23.45 -15.45 34.61
C VAL C 509 -23.61 -13.98 34.90
N THR C 510 -24.03 -13.23 33.88
CA THR C 510 -24.28 -11.80 33.99
C THR C 510 -25.41 -11.44 33.04
N PRO C 511 -26.13 -10.35 33.29
CA PRO C 511 -27.09 -9.86 32.30
C PRO C 511 -26.37 -9.49 31.01
N THR C 512 -27.06 -9.67 29.89
CA THR C 512 -26.42 -9.43 28.59
C THR C 512 -26.16 -7.94 28.38
N THR C 513 -27.19 -7.12 28.54
CA THR C 513 -27.05 -5.67 28.39
C THR C 513 -27.55 -4.99 29.66
N GLY C 514 -27.08 -3.75 29.86
CA GLY C 514 -27.49 -2.94 30.99
C GLY C 514 -28.80 -2.21 30.81
N MET C 515 -29.54 -2.50 29.74
CA MET C 515 -30.78 -1.80 29.46
C MET C 515 -31.61 -2.65 28.50
N THR C 516 -32.90 -2.33 28.43
CA THR C 516 -33.80 -2.99 27.50
C THR C 516 -33.75 -2.28 26.15
N ALA C 517 -34.69 -2.60 25.27
CA ALA C 517 -34.77 -1.92 23.98
C ALA C 517 -35.05 -0.44 24.20
N PRO C 518 -34.14 0.45 23.82
CA PRO C 518 -34.25 1.87 24.19
C PRO C 518 -35.15 2.65 23.25
N VAL C 519 -35.38 3.92 23.61
CA VAL C 519 -36.14 4.84 22.79
C VAL C 519 -35.25 5.32 21.65
N ILE C 520 -35.83 5.42 20.47
CA ILE C 520 -35.10 5.83 19.26
C ILE C 520 -35.36 7.30 19.04
N PRO C 521 -34.34 8.15 19.08
CA PRO C 521 -34.51 9.54 18.68
C PRO C 521 -34.86 9.62 17.20
N PRO C 522 -36.08 10.05 16.87
CA PRO C 522 -36.43 10.17 15.44
C PRO C 522 -35.54 11.13 14.69
N ASP C 523 -34.85 12.02 15.41
CA ASP C 523 -33.87 12.91 14.79
C ASP C 523 -32.63 12.16 14.33
N ALA C 524 -32.43 10.93 14.79
CA ALA C 524 -31.27 10.14 14.40
C ALA C 524 -31.50 9.32 13.13
N LEU C 525 -32.75 9.18 12.70
CA LEU C 525 -33.05 8.42 11.49
C LEU C 525 -32.78 9.20 10.22
N LYS C 526 -32.33 10.45 10.33
CA LYS C 526 -32.00 11.25 9.16
C LYS C 526 -30.55 11.05 8.70
N ASN C 527 -29.61 10.99 9.64
CA ASN C 527 -28.21 10.78 9.28
C ASN C 527 -27.41 10.04 10.34
N GLY C 528 -28.01 9.61 11.44
CA GLY C 528 -27.32 8.87 12.47
C GLY C 528 -27.20 9.66 13.76
N GLU C 529 -26.70 8.97 14.78
CA GLU C 529 -26.47 9.54 16.10
C GLU C 529 -25.08 9.14 16.58
N THR C 530 -24.69 9.69 17.73
CA THR C 530 -23.40 9.38 18.34
C THR C 530 -23.55 9.23 19.85
N ASN C 531 -24.67 8.65 20.28
CA ASN C 531 -24.96 8.45 21.69
C ASN C 531 -23.97 7.45 22.28
N ILE C 532 -22.79 7.95 22.65
CA ILE C 532 -21.75 7.10 23.20
C ILE C 532 -22.21 6.47 24.52
N GLN C 533 -23.00 7.21 25.30
CA GLN C 533 -23.39 6.73 26.61
C GLN C 533 -24.25 5.47 26.52
N VAL C 534 -25.17 5.42 25.56
CA VAL C 534 -26.03 4.24 25.46
C VAL C 534 -25.41 3.15 24.58
N THR C 535 -24.43 3.49 23.75
CA THR C 535 -23.71 2.49 22.96
C THR C 535 -22.57 1.85 23.74
N THR C 536 -22.14 2.45 24.86
CA THR C 536 -21.15 1.84 25.74
C THR C 536 -21.80 0.97 26.80
N ASP C 537 -22.90 1.44 27.40
CA ASP C 537 -23.59 0.67 28.42
C ASP C 537 -24.06 -0.69 27.88
N LEU C 538 -24.39 -0.75 26.59
CA LEU C 538 -24.76 -2.04 25.99
C LEU C 538 -23.60 -3.01 26.00
N MET C 539 -22.37 -2.51 25.88
CA MET C 539 -21.17 -3.34 25.90
C MET C 539 -20.58 -3.50 27.29
N ARG C 540 -21.40 -3.37 28.33
CA ARG C 540 -20.87 -3.46 29.70
C ARG C 540 -20.51 -4.90 30.07
N PHE C 541 -21.23 -5.88 29.51
CA PHE C 541 -21.08 -7.27 29.93
C PHE C 541 -20.51 -8.18 28.85
N VAL C 542 -20.33 -7.69 27.62
CA VAL C 542 -19.96 -8.55 26.50
C VAL C 542 -18.51 -8.34 26.07
N LEU C 543 -17.78 -7.41 26.67
CA LEU C 543 -16.41 -7.16 26.25
C LEU C 543 -15.45 -8.26 26.69
N ALA C 544 -15.82 -9.05 27.70
CA ALA C 544 -14.91 -10.06 28.22
C ALA C 544 -14.76 -11.22 27.22
N ALA C 545 -15.87 -11.71 26.68
CA ALA C 545 -15.82 -12.83 25.76
C ALA C 545 -15.09 -12.49 24.46
N ASN C 546 -15.04 -11.20 24.09
CA ASN C 546 -14.36 -10.80 22.87
C ASN C 546 -12.87 -10.54 23.11
N LEU C 547 -12.54 -9.71 24.10
CA LEU C 547 -11.16 -9.37 24.36
C LEU C 547 -10.34 -10.58 24.77
N LEU C 548 -10.96 -11.57 25.40
CA LEU C 548 -10.28 -12.77 25.87
C LEU C 548 -10.68 -14.01 25.10
N GLY C 549 -11.45 -13.88 24.03
CA GLY C 549 -11.81 -15.01 23.20
C GLY C 549 -12.67 -16.05 23.87
N PHE C 550 -13.36 -15.69 24.96
CA PHE C 550 -14.19 -16.65 25.65
C PHE C 550 -15.51 -16.88 24.92
N PRO C 551 -16.10 -18.06 25.07
CA PRO C 551 -17.44 -18.29 24.52
C PRO C 551 -18.52 -17.81 25.48
N ALA C 552 -19.54 -17.16 24.92
CA ALA C 552 -20.67 -16.69 25.69
C ALA C 552 -21.94 -16.93 24.89
N ILE C 553 -23.07 -16.94 25.59
CA ILE C 553 -24.36 -17.17 24.95
C ILE C 553 -25.42 -16.35 25.69
N SER C 554 -26.30 -15.73 24.91
CA SER C 554 -27.39 -14.90 25.44
C SER C 554 -28.71 -15.63 25.18
N VAL C 555 -29.30 -16.17 26.24
CA VAL C 555 -30.54 -16.93 26.17
C VAL C 555 -31.64 -16.10 26.82
N PRO C 556 -32.83 -15.98 26.21
CA PRO C 556 -33.91 -15.20 26.82
C PRO C 556 -34.36 -15.82 28.12
N VAL C 557 -34.66 -14.95 29.10
CA VAL C 557 -34.98 -15.40 30.44
C VAL C 557 -36.30 -14.80 30.92
N GLY C 558 -36.81 -13.81 30.20
CA GLY C 558 -38.07 -13.20 30.58
C GLY C 558 -38.25 -11.85 29.91
N TYR C 559 -39.22 -11.11 30.43
CA TYR C 559 -39.58 -9.80 29.89
C TYR C 559 -39.12 -8.83 30.96
N ASP C 560 -39.43 -7.55 30.76
CA ASP C 560 -39.48 -6.50 31.78
C ASP C 560 -40.87 -5.89 31.79
N LYS C 561 -41.02 -4.74 32.45
CA LYS C 561 -42.34 -4.17 32.71
C LYS C 561 -43.09 -3.89 31.41
N GLU C 562 -42.42 -3.29 30.43
CA GLU C 562 -43.04 -2.95 29.16
C GLU C 562 -42.98 -4.09 28.14
N GLY C 563 -42.75 -5.32 28.61
CA GLY C 563 -42.74 -6.47 27.73
C GLY C 563 -41.53 -6.60 26.83
N LEU C 564 -40.47 -5.85 27.08
CA LEU C 564 -39.27 -5.97 26.25
C LEU C 564 -38.43 -7.15 26.72
N PRO C 565 -37.79 -7.86 25.79
CA PRO C 565 -37.02 -9.05 26.16
C PRO C 565 -35.85 -8.72 27.07
N ILE C 566 -35.43 -9.72 27.83
CA ILE C 566 -34.28 -9.62 28.74
C ILE C 566 -33.44 -10.88 28.56
N GLY C 567 -32.13 -10.69 28.41
CA GLY C 567 -31.22 -11.79 28.16
C GLY C 567 -30.20 -11.96 29.27
N LEU C 568 -29.76 -13.19 29.47
CA LEU C 568 -28.70 -13.52 30.42
C LEU C 568 -27.53 -14.11 29.67
N GLN C 569 -26.32 -13.67 29.99
CA GLN C 569 -25.10 -14.11 29.33
C GLN C 569 -24.44 -15.20 30.16
N ILE C 570 -24.05 -16.29 29.50
CA ILE C 570 -23.38 -17.41 30.13
C ILE C 570 -22.03 -17.58 29.44
N MET C 571 -20.98 -17.06 30.05
CA MET C 571 -19.64 -17.11 29.50
C MET C 571 -18.83 -18.19 30.19
N GLY C 572 -18.27 -19.11 29.40
CA GLY C 572 -17.56 -20.25 29.96
C GLY C 572 -16.08 -20.31 29.62
N ARG C 573 -15.46 -21.45 29.94
CA ARG C 573 -14.04 -21.65 29.70
C ARG C 573 -13.74 -21.70 28.20
N PRO C 574 -12.48 -21.54 27.81
CA PRO C 574 -12.12 -21.70 26.40
C PRO C 574 -12.49 -23.09 25.90
N TRP C 575 -12.98 -23.13 24.66
CA TRP C 575 -13.42 -24.37 24.01
C TRP C 575 -14.49 -25.09 24.81
N ALA C 576 -15.30 -24.34 25.57
CA ALA C 576 -16.39 -24.93 26.32
C ALA C 576 -17.72 -24.55 25.71
N GLU C 577 -17.93 -24.91 24.44
CA GLU C 577 -19.21 -24.65 23.80
C GLU C 577 -20.30 -25.56 24.34
N ALA C 578 -19.96 -26.84 24.59
CA ALA C 578 -20.94 -27.77 25.14
C ALA C 578 -21.35 -27.39 26.55
N THR C 579 -20.48 -26.67 27.28
CA THR C 579 -20.80 -26.28 28.65
C THR C 579 -21.82 -25.14 28.66
N VAL C 580 -21.59 -24.10 27.86
CA VAL C 580 -22.51 -22.97 27.83
C VAL C 580 -23.79 -23.29 27.07
N LEU C 581 -23.77 -24.25 26.15
CA LEU C 581 -24.98 -24.67 25.46
C LEU C 581 -25.85 -25.54 26.35
N GLY C 582 -25.22 -26.39 27.17
CA GLY C 582 -26.00 -27.24 28.06
C GLY C 582 -26.66 -26.47 29.19
N LEU C 583 -25.97 -25.46 29.72
CA LEU C 583 -26.56 -24.65 30.79
C LEU C 583 -27.65 -23.73 30.25
N ALA C 584 -27.43 -23.17 29.06
CA ALA C 584 -28.46 -22.32 28.45
C ALA C 584 -29.71 -23.12 28.08
N ALA C 585 -29.58 -24.44 27.89
CA ALA C 585 -30.76 -25.26 27.62
C ALA C 585 -31.62 -25.41 28.87
N ALA C 586 -30.98 -25.59 30.03
CA ALA C 586 -31.75 -25.64 31.28
C ALA C 586 -32.33 -24.28 31.63
N VAL C 587 -31.68 -23.20 31.20
CA VAL C 587 -32.24 -21.86 31.40
C VAL C 587 -33.44 -21.64 30.49
N GLU C 588 -33.35 -22.09 29.24
CA GLU C 588 -34.49 -22.00 28.34
C GLU C 588 -35.65 -22.85 28.82
N GLU C 589 -35.35 -24.02 29.41
CA GLU C 589 -36.40 -24.85 29.97
C GLU C 589 -37.01 -24.23 31.22
N LEU C 590 -36.22 -23.46 31.97
CA LEU C 590 -36.70 -22.78 33.17
C LEU C 590 -37.45 -21.49 32.86
N ALA C 591 -37.34 -20.96 31.64
CA ALA C 591 -38.03 -19.74 31.24
C ALA C 591 -38.18 -19.71 29.73
N PRO C 592 -39.17 -20.41 29.18
CA PRO C 592 -39.32 -20.45 27.72
C PRO C 592 -39.85 -19.14 27.17
N VAL C 593 -39.71 -19.00 25.84
CA VAL C 593 -40.24 -17.84 25.14
C VAL C 593 -41.75 -18.00 25.00
N THR C 594 -42.50 -17.03 25.53
CA THR C 594 -43.96 -17.11 25.52
C THR C 594 -44.66 -15.87 25.01
N LYS C 595 -43.98 -14.72 24.90
CA LYS C 595 -44.59 -13.51 24.40
C LYS C 595 -44.34 -13.40 22.90
N LYS C 596 -45.42 -13.46 22.12
CA LYS C 596 -45.31 -13.29 20.68
C LYS C 596 -44.95 -11.84 20.36
N PRO C 597 -43.91 -11.60 19.57
CA PRO C 597 -43.55 -10.22 19.23
C PRO C 597 -44.63 -9.57 18.40
N ALA C 598 -44.57 -8.22 18.35
CA ALA C 598 -45.56 -7.47 17.59
C ALA C 598 -45.51 -7.84 16.11
N ILE C 599 -44.31 -7.91 15.55
CA ILE C 599 -44.12 -8.29 14.15
C ILE C 599 -43.80 -9.78 14.12
N PHE C 600 -44.77 -10.59 13.70
CA PHE C 600 -44.57 -12.01 13.54
C PHE C 600 -45.35 -12.49 12.32
N TYR C 601 -44.65 -13.18 11.43
CA TYR C 601 -45.25 -13.83 10.26
C TYR C 601 -45.11 -15.33 10.46
N ASP C 602 -46.19 -15.98 10.89
CA ASP C 602 -46.17 -17.40 11.20
C ASP C 602 -46.18 -18.20 9.90
N ILE C 603 -45.14 -18.99 9.69
CA ILE C 603 -44.99 -19.81 8.50
C ILE C 603 -45.98 -20.95 8.70
N LEU C 604 -46.02 -21.87 7.72
CA LEU C 604 -46.44 -23.28 7.69
C LEU C 604 -47.93 -23.45 7.98
N ASN C 605 -48.73 -22.42 7.73
CA ASN C 605 -50.18 -22.53 7.89
C ASN C 605 -50.92 -21.42 7.16
N MET D 1 -1.55 -2.16 -9.81
CA MET D 1 -2.53 -1.78 -8.80
C MET D 1 -2.18 -0.43 -8.18
N GLY D 2 -1.04 0.14 -8.58
CA GLY D 2 -0.57 1.38 -7.99
C GLY D 2 -1.16 2.63 -8.60
N LYS D 3 -2.44 2.89 -8.32
CA LYS D 3 -3.09 4.11 -8.82
C LYS D 3 -3.84 4.82 -7.70
N TYR D 4 -5.01 4.31 -7.31
CA TYR D 4 -5.74 4.86 -6.18
C TYR D 4 -5.33 4.19 -4.88
N GLN D 5 -5.34 2.86 -4.84
CA GLN D 5 -4.80 2.11 -3.73
C GLN D 5 -4.20 0.82 -4.29
N VAL D 6 -3.11 0.38 -3.67
CA VAL D 6 -2.38 -0.78 -4.15
C VAL D 6 -2.79 -1.99 -3.31
N MET D 7 -2.55 -3.18 -3.85
CA MET D 7 -2.81 -4.42 -3.14
C MET D 7 -1.81 -5.46 -3.60
N LYS D 8 -1.75 -6.56 -2.85
CA LYS D 8 -0.72 -7.59 -3.07
C LYS D 8 -1.23 -8.91 -2.50
N ARG D 9 -0.39 -9.94 -2.60
CA ARG D 9 -0.69 -11.26 -2.03
C ARG D 9 0.60 -12.04 -1.96
N ALA D 10 1.01 -12.41 -0.74
CA ALA D 10 2.34 -12.98 -0.55
C ALA D 10 2.41 -14.42 -1.02
N SER D 11 1.42 -15.23 -0.65
CA SER D 11 1.47 -16.67 -0.91
C SER D 11 1.37 -17.01 -2.40
N GLU D 12 1.28 -16.02 -3.30
CA GLU D 12 1.12 -16.28 -4.72
C GLU D 12 2.05 -15.43 -5.57
N VAL D 13 3.14 -14.90 -5.00
CA VAL D 13 4.04 -14.05 -5.76
C VAL D 13 4.85 -14.90 -6.73
N ASP D 14 4.82 -14.54 -8.01
CA ASP D 14 5.69 -15.15 -9.01
C ASP D 14 7.12 -14.73 -8.68
N LEU D 15 7.90 -15.65 -8.10
CA LEU D 15 9.17 -15.30 -7.49
C LEU D 15 10.19 -14.78 -8.49
N SER D 16 10.02 -15.09 -9.78
CA SER D 16 10.94 -14.55 -10.79
C SER D 16 10.75 -13.05 -10.96
N THR D 17 9.50 -12.59 -10.93
CA THR D 17 9.18 -11.18 -11.13
C THR D 17 9.58 -10.29 -9.96
N VAL D 18 10.21 -10.86 -8.92
CA VAL D 18 10.63 -10.06 -7.77
C VAL D 18 11.90 -9.30 -8.14
N LYS D 19 11.88 -7.99 -7.91
CA LYS D 19 13.03 -7.12 -8.16
C LYS D 19 13.54 -6.57 -6.84
N TYR D 20 14.67 -5.87 -6.92
CA TYR D 20 15.38 -5.39 -5.75
C TYR D 20 15.05 -3.92 -5.50
N LYS D 21 14.58 -3.63 -4.28
CA LYS D 21 14.36 -2.26 -3.83
C LYS D 21 15.65 -1.74 -3.23
N ALA D 22 16.32 -0.83 -3.94
CA ALA D 22 17.55 -0.25 -3.46
C ALA D 22 17.28 0.67 -2.26
N GLU D 23 18.34 1.26 -1.73
CA GLU D 23 18.22 2.12 -0.56
C GLU D 23 17.42 3.36 -0.90
N THR D 24 16.30 3.56 -0.21
CA THR D 24 15.43 4.70 -0.39
C THR D 24 15.22 5.44 0.93
N MET D 25 16.28 5.52 1.74
CA MET D 25 16.23 6.18 3.04
C MET D 25 16.84 7.57 2.90
N LYS D 26 16.02 8.54 2.52
CA LYS D 26 16.44 9.93 2.39
C LYS D 26 16.05 10.69 3.64
N ALA D 27 17.07 11.20 4.35
CA ALA D 27 16.83 11.96 5.58
C ALA D 27 18.04 12.84 5.84
N PRO D 28 17.84 14.09 6.24
CA PRO D 28 18.98 14.99 6.47
C PRO D 28 19.81 14.55 7.66
N HIS D 29 21.06 15.02 7.67
CA HIS D 29 22.03 14.70 8.71
C HIS D 29 22.44 16.00 9.39
N LEU D 30 22.11 16.14 10.67
CA LEU D 30 22.32 17.38 11.40
C LEU D 30 23.17 17.13 12.63
N THR D 31 24.15 18.01 12.87
CA THR D 31 25.07 17.89 13.97
C THR D 31 25.08 19.17 14.79
N GLY D 32 25.43 19.02 16.07
CA GLY D 32 25.68 20.18 16.91
C GLY D 32 24.44 21.04 17.12
N LEU D 33 24.59 22.34 16.81
CA LEU D 33 23.53 23.29 17.08
C LEU D 33 22.32 23.05 16.17
N SER D 34 22.58 22.78 14.88
CA SER D 34 21.47 22.51 13.96
C SER D 34 20.65 21.32 14.42
N PHE D 35 21.27 20.35 15.09
CA PHE D 35 20.54 19.23 15.66
C PHE D 35 19.72 19.65 16.87
N LYS D 36 20.21 20.62 17.66
CA LYS D 36 19.48 21.07 18.84
C LYS D 36 18.22 21.83 18.43
N LEU D 37 18.34 22.72 17.44
CA LEU D 37 17.18 23.44 16.95
C LEU D 37 16.17 22.49 16.32
N PHE D 38 16.66 21.50 15.56
CA PHE D 38 15.81 20.52 14.90
C PHE D 38 14.84 19.85 15.87
N VAL D 39 15.35 19.38 17.00
CA VAL D 39 14.54 18.59 17.91
C VAL D 39 13.42 19.43 18.52
N ASN D 40 13.67 20.73 18.74
CA ASN D 40 12.60 21.60 19.21
C ASN D 40 11.49 21.73 18.18
N LEU D 41 11.84 21.71 16.89
CA LEU D 41 10.82 21.67 15.85
C LEU D 41 9.99 20.40 15.95
N LEU D 42 10.65 19.26 16.19
CA LEU D 42 9.93 18.00 16.30
C LEU D 42 9.07 17.94 17.56
N GLU D 43 9.47 18.67 18.61
CA GLU D 43 8.67 18.76 19.83
C GLU D 43 7.66 19.90 19.78
N ALA D 44 7.59 20.64 18.67
CA ALA D 44 6.60 21.68 18.52
C ALA D 44 5.22 21.07 18.28
N PRO D 45 4.14 21.83 18.52
CA PRO D 45 2.80 21.29 18.22
C PRO D 45 2.47 21.39 16.75
N LEU D 46 2.55 22.60 16.19
CA LEU D 46 2.27 22.83 14.78
C LEU D 46 3.32 22.14 13.90
N ILE D 47 4.53 22.72 13.87
CA ILE D 47 5.59 22.21 13.00
C ILE D 47 6.00 20.80 13.38
N GLY D 48 5.72 20.39 14.62
CA GLY D 48 6.13 19.07 15.09
C GLY D 48 5.57 17.91 14.29
N SER D 49 4.25 17.80 14.24
CA SER D 49 3.60 16.72 13.52
C SER D 49 3.51 16.97 12.02
N LEU D 50 4.13 18.04 11.52
CA LEU D 50 4.21 18.28 10.08
C LEU D 50 5.54 17.83 9.48
N ILE D 51 6.62 17.90 10.24
CA ILE D 51 7.92 17.45 9.72
C ILE D 51 8.00 15.93 9.73
N VAL D 52 7.43 15.28 10.74
CA VAL D 52 7.48 13.82 10.84
C VAL D 52 6.76 13.20 9.65
N ASP D 53 5.54 13.66 9.36
CA ASP D 53 4.77 13.09 8.26
C ASP D 53 5.40 13.39 6.91
N TYR D 54 6.16 14.48 6.81
CA TYR D 54 6.91 14.75 5.59
C TYR D 54 7.92 13.64 5.32
N LEU D 55 8.78 13.36 6.30
CA LEU D 55 9.78 12.30 6.14
C LEU D 55 9.11 10.95 5.91
N LYS D 56 8.00 10.70 6.60
CA LYS D 56 7.31 9.43 6.45
C LYS D 56 6.80 9.22 5.02
N LYS D 57 6.28 10.29 4.40
CA LYS D 57 5.77 10.18 3.04
C LYS D 57 6.90 10.05 2.03
N ASP D 58 8.07 10.59 2.34
CA ASP D 58 9.19 10.57 1.39
C ASP D 58 9.67 9.15 1.13
N ASN D 59 10.18 8.48 2.17
CA ASN D 59 10.69 7.11 2.04
C ASN D 59 9.60 6.08 1.75
N GLY D 60 8.36 6.47 1.51
CA GLY D 60 7.31 5.52 1.17
C GLY D 60 6.65 4.84 2.34
N MET D 61 6.91 5.30 3.58
CA MET D 61 6.29 4.67 4.74
C MET D 61 4.80 4.95 4.80
N THR D 62 4.37 6.11 4.29
CA THR D 62 2.94 6.41 4.25
C THR D 62 2.23 5.57 3.18
N LYS D 63 2.87 5.40 2.03
CA LYS D 63 2.28 4.60 0.95
C LYS D 63 2.08 3.15 1.39
N ILE D 64 3.00 2.62 2.19
CA ILE D 64 2.90 1.22 2.60
C ILE D 64 1.82 1.05 3.67
N PHE D 65 1.76 1.96 4.64
CA PHE D 65 0.87 1.81 5.78
C PHE D 65 -0.53 2.36 5.53
N ARG D 66 -0.70 3.28 4.57
CA ARG D 66 -1.98 3.95 4.37
C ARG D 66 -2.58 3.76 2.99
N ASN D 67 -1.78 3.39 1.98
CA ASN D 67 -2.26 3.30 0.60
C ASN D 67 -1.96 1.93 0.01
N THR D 68 -2.05 0.88 0.82
CA THR D 68 -1.77 -0.47 0.35
C THR D 68 -2.66 -1.45 1.08
N VAL D 69 -3.47 -2.20 0.35
CA VAL D 69 -4.31 -3.24 0.93
C VAL D 69 -3.49 -4.51 1.08
N ILE D 70 -3.48 -5.08 2.28
CA ILE D 70 -2.71 -6.27 2.60
C ILE D 70 -3.68 -7.38 2.96
N PRO D 71 -3.60 -8.56 2.33
CA PRO D 71 -4.58 -9.62 2.61
C PRO D 71 -4.16 -10.54 3.76
N GLU D 72 -2.87 -10.58 4.07
CA GLU D 72 -2.38 -11.48 5.09
C GLU D 72 -2.90 -11.08 6.47
N GLU D 73 -3.15 -12.09 7.31
CA GLU D 73 -3.60 -11.84 8.67
C GLU D 73 -2.43 -11.33 9.51
N PRO D 74 -2.70 -10.52 10.53
CA PRO D 74 -1.62 -9.95 11.34
C PRO D 74 -0.85 -11.02 12.10
N MET D 75 0.48 -10.90 12.07
CA MET D 75 1.37 -11.78 12.83
C MET D 75 2.17 -10.90 13.78
N PHE D 76 1.85 -10.96 15.07
CA PHE D 76 2.45 -10.05 16.04
C PHE D 76 3.78 -10.58 16.55
N ARG D 77 3.81 -11.84 16.99
CA ARG D 77 5.05 -12.45 17.44
C ARG D 77 5.47 -13.55 16.47
N PRO D 78 6.78 -13.82 16.36
CA PRO D 78 7.23 -14.87 15.44
C PRO D 78 6.67 -16.24 15.81
N GLU D 79 5.86 -16.78 14.92
CA GLU D 79 5.29 -18.11 15.07
C GLU D 79 6.10 -19.09 14.24
N PHE D 80 6.60 -20.15 14.89
CA PHE D 80 7.46 -21.11 14.23
C PHE D 80 6.76 -22.45 14.10
N PRO D 81 6.76 -23.05 12.91
CA PRO D 81 6.19 -24.39 12.74
C PRO D 81 7.13 -25.46 13.26
N SER D 82 6.71 -26.71 13.13
CA SER D 82 7.54 -27.84 13.55
C SER D 82 8.73 -27.98 12.61
N GLN D 83 9.93 -27.79 13.13
CA GLN D 83 11.14 -27.85 12.33
C GLN D 83 11.72 -29.26 12.31
N GLU D 84 12.40 -29.59 11.23
CA GLU D 84 13.07 -30.87 11.13
C GLU D 84 14.23 -30.92 12.11
N PRO D 85 14.51 -32.08 12.71
CA PRO D 85 15.62 -32.17 13.67
C PRO D 85 16.96 -31.96 12.98
N GLU D 86 17.81 -31.17 13.63
CA GLU D 86 19.13 -30.87 13.08
C GLU D 86 19.95 -32.14 12.96
N HIS D 87 20.86 -32.15 11.98
CA HIS D 87 21.68 -33.31 11.68
C HIS D 87 22.96 -33.27 12.51
N ASP D 88 23.21 -34.35 13.25
CA ASP D 88 24.46 -34.57 13.98
C ASP D 88 24.69 -33.47 15.03
N VAL D 89 23.84 -33.50 16.06
CA VAL D 89 23.93 -32.57 17.19
C VAL D 89 23.77 -33.37 18.48
N VAL D 90 23.98 -32.68 19.60
CA VAL D 90 23.88 -33.27 20.93
C VAL D 90 22.67 -32.64 21.62
N ILE D 91 21.62 -33.45 21.83
CA ILE D 91 20.42 -32.94 22.47
C ILE D 91 20.72 -32.61 23.93
N VAL D 92 20.38 -31.38 24.32
CA VAL D 92 20.59 -30.90 25.69
C VAL D 92 19.24 -30.61 26.32
N GLY D 93 19.09 -31.01 27.58
CA GLY D 93 17.87 -30.70 28.30
C GLY D 93 17.73 -29.21 28.54
N GLU D 94 16.53 -28.69 28.29
CA GLU D 94 16.29 -27.26 28.42
C GLU D 94 16.32 -26.80 29.88
N ASP D 95 16.06 -27.69 30.83
CA ASP D 95 16.05 -27.35 32.25
C ASP D 95 17.34 -27.76 32.95
N GLU D 96 18.34 -28.21 32.22
CA GLU D 96 19.63 -28.54 32.83
C GLU D 96 20.32 -27.27 33.32
N SER D 97 21.04 -27.41 34.43
CA SER D 97 21.77 -26.28 34.97
C SER D 97 22.88 -25.87 34.01
N PRO D 98 23.20 -24.57 33.93
CA PRO D 98 24.28 -24.13 33.03
C PRO D 98 25.62 -24.77 33.35
N ILE D 99 25.83 -25.21 34.59
CA ILE D 99 27.04 -25.95 34.91
C ILE D 99 27.03 -27.30 34.21
N ASP D 100 25.89 -27.98 34.21
CA ASP D 100 25.78 -29.26 33.52
C ASP D 100 25.79 -29.09 32.01
N ARG D 101 25.27 -27.96 31.51
CA ARG D 101 25.28 -27.71 30.07
C ARG D 101 26.69 -27.47 29.55
N LEU D 102 27.54 -26.83 30.36
CA LEU D 102 28.91 -26.58 29.92
C LEU D 102 29.74 -27.85 29.90
N GLU D 103 29.51 -28.75 30.85
CA GLU D 103 30.19 -30.04 30.80
C GLU D 103 29.84 -30.80 29.54
N THR D 104 28.60 -30.66 29.06
CA THR D 104 28.23 -31.21 27.77
C THR D 104 28.89 -30.44 26.63
N ALA D 105 28.90 -29.11 26.73
CA ALA D 105 29.49 -28.28 25.68
C ALA D 105 30.98 -28.53 25.55
N LEU D 106 31.66 -28.78 26.68
CA LEU D 106 33.09 -29.07 26.62
C LEU D 106 33.36 -30.37 25.87
N LYS D 107 32.44 -31.34 25.93
CA LYS D 107 32.59 -32.57 25.17
C LYS D 107 32.44 -32.33 23.67
N CYS D 108 31.74 -31.28 23.26
CA CYS D 108 31.59 -30.94 21.86
C CYS D 108 32.78 -30.16 21.31
N LEU D 109 33.74 -29.81 22.15
CA LEU D 109 34.91 -29.03 21.76
C LEU D 109 36.09 -29.95 21.47
N PRO D 110 36.99 -29.54 20.58
CA PRO D 110 38.20 -30.32 20.36
C PRO D 110 39.09 -30.31 21.60
N GLN D 111 39.91 -31.34 21.72
CA GLN D 111 40.76 -31.49 22.89
C GLN D 111 41.71 -30.30 23.00
N TYR D 112 41.72 -29.66 24.16
CA TYR D 112 42.48 -28.43 24.34
C TYR D 112 43.97 -28.69 24.22
N ASP D 113 44.63 -27.94 23.33
CA ASP D 113 46.06 -28.08 23.13
C ASP D 113 46.80 -27.05 23.98
N PRO D 114 47.61 -27.48 24.95
CA PRO D 114 48.32 -26.51 25.80
C PRO D 114 49.35 -25.67 25.06
N SER D 115 49.62 -25.96 23.79
CA SER D 115 50.56 -25.14 23.03
C SER D 115 50.02 -23.75 22.75
N ARG D 116 48.71 -23.55 22.91
CA ARG D 116 48.12 -22.23 22.72
C ARG D 116 48.24 -21.35 23.96
N SER D 117 48.34 -21.96 25.15
CA SER D 117 48.46 -21.20 26.39
C SER D 117 49.94 -20.98 26.73
N LEU D 118 50.62 -22.03 27.15
CA LEU D 118 52.03 -21.97 27.53
C LEU D 118 52.89 -22.57 26.42
N HIS D 119 54.19 -22.24 26.48
CA HIS D 119 55.16 -22.68 25.47
C HIS D 119 54.74 -22.26 24.06
N ALA D 120 54.09 -21.10 23.95
CA ALA D 120 53.68 -20.59 22.65
C ALA D 120 54.89 -20.22 21.82
N ASP D 121 54.82 -20.49 20.52
CA ASP D 121 55.96 -20.24 19.64
C ASP D 121 56.21 -18.74 19.54
N PRO D 122 57.45 -18.28 19.74
CA PRO D 122 57.71 -16.84 19.72
C PRO D 122 57.45 -16.19 18.36
N VAL D 123 57.56 -16.94 17.26
CA VAL D 123 57.35 -16.39 15.93
C VAL D 123 56.07 -16.95 15.33
N SER D 124 54.92 -16.50 15.82
CA SER D 124 53.63 -16.91 15.32
C SER D 124 52.77 -15.67 15.07
N SER D 125 51.57 -15.88 14.56
CA SER D 125 50.66 -14.79 14.23
C SER D 125 49.94 -14.31 15.48
N PHE D 126 48.96 -13.43 15.30
CA PHE D 126 48.19 -12.87 16.40
C PHE D 126 46.98 -13.75 16.71
N ARG D 127 46.57 -13.75 17.97
CA ARG D 127 45.44 -14.56 18.42
C ARG D 127 44.85 -13.93 19.67
N TYR D 128 43.58 -14.23 19.90
CA TYR D 128 42.89 -13.82 21.11
C TYR D 128 43.02 -14.89 22.18
N TRP D 129 42.68 -14.53 23.42
CA TRP D 129 42.65 -15.48 24.52
C TRP D 129 41.24 -16.04 24.67
N LYS D 130 41.13 -17.37 24.68
CA LYS D 130 39.83 -18.03 24.74
C LYS D 130 39.45 -18.32 26.18
N ILE D 131 38.21 -18.79 26.37
CA ILE D 131 37.72 -19.12 27.70
C ILE D 131 38.49 -20.30 28.27
N ARG D 132 38.80 -21.29 27.42
CA ARG D 132 39.56 -22.45 27.87
C ARG D 132 41.00 -22.10 28.19
N ASP D 133 41.53 -21.01 27.64
CA ASP D 133 42.87 -20.57 27.99
C ASP D 133 42.93 -20.10 29.44
N TYR D 134 41.96 -19.26 29.85
CA TYR D 134 41.89 -18.82 31.24
C TYR D 134 41.67 -20.00 32.18
N ALA D 135 40.67 -20.83 31.88
CA ALA D 135 40.33 -21.97 32.73
C ALA D 135 41.50 -22.95 32.85
N TYR D 136 42.38 -23.00 31.87
CA TYR D 136 43.55 -23.86 31.97
C TYR D 136 44.57 -23.28 32.95
N ALA D 137 44.95 -22.02 32.77
CA ALA D 137 45.91 -21.38 33.65
C ALA D 137 45.37 -21.20 35.07
N TYR D 138 44.05 -21.17 35.24
CA TYR D 138 43.47 -21.10 36.58
C TYR D 138 43.66 -22.42 37.33
N ARG D 139 43.39 -23.54 36.66
CA ARG D 139 43.57 -24.85 37.29
C ARG D 139 45.03 -25.25 37.35
N SER D 140 45.84 -24.82 36.38
CA SER D 140 47.28 -25.07 36.40
C SER D 140 48.02 -24.16 37.38
N LYS D 141 47.31 -23.26 38.05
CA LYS D 141 47.87 -22.34 39.04
C LYS D 141 48.92 -21.42 38.45
N LEU D 142 48.94 -21.26 37.12
CA LEU D 142 49.82 -20.28 36.50
C LEU D 142 49.41 -18.86 36.87
N THR D 143 48.11 -18.61 37.01
CA THR D 143 47.59 -17.33 37.44
C THR D 143 46.41 -17.59 38.37
N THR D 144 45.68 -16.53 38.70
CA THR D 144 44.51 -16.64 39.55
C THR D 144 43.53 -15.55 39.14
N PRO D 145 42.22 -15.80 39.26
CA PRO D 145 41.23 -14.76 38.92
C PRO D 145 41.41 -13.48 39.70
N LEU D 146 42.12 -13.51 40.83
CA LEU D 146 42.40 -12.28 41.57
C LEU D 146 43.51 -11.48 40.88
N GLN D 147 44.50 -12.16 40.30
CA GLN D 147 45.56 -11.45 39.58
C GLN D 147 45.04 -10.87 38.27
N VAL D 148 44.17 -11.62 37.57
CA VAL D 148 43.61 -11.11 36.33
C VAL D 148 42.69 -9.93 36.60
N ALA D 149 42.00 -9.94 37.75
CA ALA D 149 41.13 -8.82 38.10
C ALA D 149 41.94 -7.55 38.40
N LYS D 150 43.08 -7.70 39.08
CA LYS D 150 43.91 -6.54 39.38
C LYS D 150 44.52 -5.95 38.12
N ARG D 151 44.72 -6.76 37.08
CA ARG D 151 45.25 -6.24 35.82
C ARG D 151 44.19 -5.48 35.04
N ILE D 152 42.96 -5.99 35.01
CA ILE D 152 41.89 -5.32 34.27
C ILE D 152 41.50 -4.03 34.97
N ILE D 153 41.40 -4.06 36.29
CA ILE D 153 41.04 -2.85 37.05
C ILE D 153 42.08 -1.76 36.85
N SER D 154 43.36 -2.15 36.70
CA SER D 154 44.40 -1.15 36.49
C SER D 154 44.28 -0.49 35.12
N ILE D 155 43.96 -1.27 34.09
CA ILE D 155 43.86 -0.72 32.75
C ILE D 155 42.67 0.23 32.62
N ILE D 156 41.54 -0.13 33.24
CA ILE D 156 40.36 0.73 33.16
C ILE D 156 40.60 2.05 33.88
N GLU D 157 41.23 2.01 35.06
CA GLU D 157 41.47 3.24 35.81
C GLU D 157 42.58 4.07 35.19
N GLU D 158 43.55 3.43 34.53
CA GLU D 158 44.66 4.18 33.94
C GLU D 158 44.23 4.87 32.64
N PHE D 159 43.52 4.16 31.77
CA PHE D 159 43.08 4.71 30.49
C PHE D 159 41.72 5.37 30.56
N GLY D 160 41.10 5.44 31.73
CA GLY D 160 39.81 6.08 31.88
C GLY D 160 38.70 5.41 31.09
N TYR D 161 38.54 4.10 31.29
CA TYR D 161 37.49 3.36 30.60
C TYR D 161 36.19 3.30 31.38
N ASP D 162 36.17 3.82 32.61
CA ASP D 162 34.93 4.01 33.35
C ASP D 162 34.55 5.49 33.45
N LYS D 163 35.31 6.37 32.81
CA LYS D 163 35.09 7.80 32.80
C LYS D 163 34.96 8.31 31.37
N PRO D 164 34.26 9.42 31.16
CA PRO D 164 34.24 10.05 29.83
C PRO D 164 35.63 10.53 29.46
N PRO D 165 35.86 10.86 28.16
CA PRO D 165 34.94 10.86 27.03
C PRO D 165 34.86 9.54 26.27
N THR D 166 35.77 8.60 26.57
CA THR D 166 35.83 7.32 25.87
C THR D 166 35.79 6.18 26.90
N PRO D 167 34.62 5.90 27.46
CA PRO D 167 34.53 4.80 28.43
C PRO D 167 34.06 3.49 27.81
N PHE D 168 34.67 2.38 28.22
CA PHE D 168 34.13 1.07 27.85
C PHE D 168 32.93 0.72 28.71
N LEU D 169 32.95 1.11 29.99
CA LEU D 169 31.88 0.83 30.93
C LEU D 169 31.34 2.14 31.48
N ILE D 170 30.07 2.13 31.86
CA ILE D 170 29.41 3.26 32.48
C ILE D 170 28.99 2.97 33.91
N ARG D 171 29.38 1.80 34.45
CA ARG D 171 29.10 1.46 35.84
C ARG D 171 30.13 0.42 36.25
N PHE D 172 31.21 0.88 36.88
CA PHE D 172 32.34 0.02 37.25
C PHE D 172 32.56 0.12 38.76
N ASP D 173 32.47 -1.02 39.44
CA ASP D 173 32.72 -1.11 40.87
C ASP D 173 33.93 -2.02 41.07
N ALA D 174 35.11 -1.41 41.23
CA ALA D 174 36.33 -2.18 41.40
C ALA D 174 36.32 -3.00 42.68
N ASN D 175 35.67 -2.49 43.73
CA ASN D 175 35.60 -3.23 44.99
C ASN D 175 34.73 -4.47 44.88
N GLU D 176 33.80 -4.50 43.92
CA GLU D 176 32.98 -5.69 43.72
C GLU D 176 33.66 -6.72 42.84
N VAL D 177 34.45 -6.27 41.85
CA VAL D 177 35.16 -7.21 40.99
C VAL D 177 36.17 -8.02 41.79
N ILE D 178 36.79 -7.40 42.79
CA ILE D 178 37.74 -8.11 43.64
C ILE D 178 37.01 -9.08 44.56
N LYS D 179 35.82 -8.70 45.03
CA LYS D 179 35.06 -9.57 45.92
C LYS D 179 34.68 -10.88 45.24
N GLN D 180 34.41 -10.85 43.93
CA GLN D 180 34.13 -12.07 43.19
C GLN D 180 35.41 -12.82 42.84
N ALA D 181 36.51 -12.09 42.60
CA ALA D 181 37.75 -12.74 42.21
C ALA D 181 38.37 -13.51 43.36
N GLU D 182 38.21 -13.03 44.59
CA GLU D 182 38.75 -13.76 45.74
C GLU D 182 37.95 -15.02 46.02
N ALA D 183 36.63 -14.96 45.80
CA ALA D 183 35.80 -16.15 46.01
C ALA D 183 36.09 -17.21 44.96
N SER D 184 36.38 -16.80 43.72
CA SER D 184 36.73 -17.75 42.69
C SER D 184 38.14 -18.30 42.91
N THR D 185 39.06 -17.47 43.37
CA THR D 185 40.40 -17.94 43.71
C THR D 185 40.34 -18.97 44.84
N ARG D 186 39.52 -18.70 45.85
CA ARG D 186 39.38 -19.64 46.96
C ARG D 186 38.88 -21.00 46.49
N ARG D 187 37.95 -21.01 45.54
CA ARG D 187 37.45 -22.28 45.01
C ARG D 187 38.52 -23.01 44.20
N PHE D 188 39.38 -22.27 43.50
CA PHE D 188 40.46 -22.91 42.76
C PHE D 188 41.53 -23.46 43.68
N GLU D 189 41.77 -22.81 44.81
CA GLU D 189 42.76 -23.31 45.77
C GLU D 189 42.23 -24.54 46.50
N GLN D 190 40.95 -24.53 46.85
CA GLN D 190 40.35 -25.68 47.52
C GLN D 190 40.28 -26.90 46.60
N GLY D 191 40.33 -26.70 45.29
CA GLY D 191 40.32 -27.81 44.34
C GLY D 191 38.97 -28.19 43.80
N ASN D 192 37.98 -27.29 43.86
CA ASN D 192 36.63 -27.57 43.37
C ASN D 192 36.09 -26.35 42.64
N PRO D 193 36.53 -26.13 41.40
CA PRO D 193 35.94 -25.05 40.61
C PRO D 193 34.52 -25.41 40.18
N ILE D 194 33.71 -24.37 39.93
CA ILE D 194 32.32 -24.58 39.58
C ILE D 194 32.21 -25.18 38.19
N SER D 195 32.76 -24.51 37.19
CA SER D 195 32.69 -24.98 35.81
C SER D 195 33.87 -24.39 35.04
N VAL D 196 33.80 -24.43 33.71
CA VAL D 196 34.85 -23.83 32.90
C VAL D 196 34.74 -22.31 32.92
N LEU D 197 33.52 -21.79 33.06
CA LEU D 197 33.33 -20.34 33.16
C LEU D 197 33.65 -19.80 34.55
N ASP D 198 34.07 -20.64 35.48
CA ASP D 198 34.44 -20.19 36.81
C ASP D 198 35.70 -19.34 36.74
N GLY D 199 35.55 -18.02 36.92
CA GLY D 199 36.66 -17.11 36.82
C GLY D 199 36.78 -16.37 35.51
N ILE D 200 35.79 -16.47 34.63
CA ILE D 200 35.82 -15.82 33.33
C ILE D 200 35.17 -14.45 33.45
N PHE D 201 35.83 -13.43 32.91
CA PHE D 201 35.31 -12.07 32.97
C PHE D 201 34.32 -11.85 31.84
N VAL D 202 33.13 -11.37 32.19
CA VAL D 202 32.05 -11.15 31.22
C VAL D 202 31.42 -9.80 31.50
N THR D 203 31.28 -8.98 30.45
CA THR D 203 30.77 -7.63 30.58
C THR D 203 29.29 -7.59 30.18
N ILE D 204 28.48 -6.92 30.99
CA ILE D 204 27.04 -6.85 30.79
C ILE D 204 26.69 -5.52 30.15
N LYS D 205 25.81 -5.57 29.14
CA LYS D 205 25.29 -4.35 28.54
C LYS D 205 24.38 -3.63 29.53
N ASP D 206 24.31 -2.30 29.40
CA ASP D 206 23.61 -1.48 30.39
C ASP D 206 22.09 -1.62 30.35
N ASP D 207 21.53 -2.38 29.41
CA ASP D 207 20.09 -2.61 29.37
C ASP D 207 19.70 -3.94 30.01
N ILE D 208 20.64 -4.63 30.65
CA ILE D 208 20.39 -5.90 31.32
C ILE D 208 20.66 -5.72 32.81
N ASP D 209 19.78 -6.26 33.64
CA ASP D 209 19.94 -6.12 35.08
C ASP D 209 21.13 -6.94 35.57
N CYS D 210 21.99 -6.32 36.38
CA CYS D 210 23.17 -6.99 36.92
C CYS D 210 23.50 -6.34 38.26
N LEU D 211 23.27 -7.08 39.35
CA LEU D 211 23.55 -6.55 40.67
C LEU D 211 25.06 -6.33 40.86
N PRO D 212 25.45 -5.33 41.66
CA PRO D 212 24.55 -4.39 42.34
C PRO D 212 24.32 -3.12 41.54
N HIS D 213 24.75 -3.13 40.28
CA HIS D 213 24.68 -1.93 39.45
C HIS D 213 23.25 -1.68 38.99
N PRO D 214 22.81 -0.43 38.97
CA PRO D 214 21.47 -0.11 38.44
C PRO D 214 21.46 -0.22 36.92
N THR D 215 20.25 -0.35 36.38
CA THR D 215 20.03 -0.49 34.94
C THR D 215 19.49 0.83 34.41
N ASN D 216 20.39 1.64 33.84
CA ASN D 216 20.00 2.92 33.26
C ASN D 216 19.80 2.85 31.75
N GLY D 217 20.36 1.84 31.08
CA GLY D 217 20.19 1.71 29.65
C GLY D 217 20.83 2.80 28.83
N GLY D 218 21.86 3.47 29.36
CA GLY D 218 22.52 4.55 28.67
C GLY D 218 21.99 5.94 29.01
N THR D 219 20.94 6.03 29.82
CA THR D 219 20.36 7.30 30.20
C THR D 219 20.99 7.78 31.51
N THR D 220 20.48 8.89 32.06
CA THR D 220 20.97 9.45 33.30
C THR D 220 20.04 9.20 34.48
N TRP D 221 18.79 8.85 34.23
CA TRP D 221 17.65 9.03 35.12
C TRP D 221 16.68 7.85 35.06
N LEU D 222 17.10 6.74 34.46
CA LEU D 222 16.29 5.53 34.50
C LEU D 222 16.36 4.84 35.86
N HIS D 223 17.48 4.99 36.57
CA HIS D 223 17.59 4.43 37.91
C HIS D 223 16.66 5.12 38.91
N GLU D 224 16.27 6.37 38.62
CA GLU D 224 15.35 7.08 39.51
C GLU D 224 13.94 6.50 39.42
N ASP D 225 13.59 5.90 38.29
CA ASP D 225 12.27 5.32 38.09
C ASP D 225 12.26 3.80 38.08
N ARG D 226 13.36 3.17 37.69
CA ARG D 226 13.45 1.71 37.59
C ARG D 226 14.45 1.20 38.62
N SER D 227 13.94 0.60 39.69
CA SER D 227 14.77 0.01 40.72
C SER D 227 15.13 -1.42 40.34
N VAL D 228 16.40 -1.77 40.49
CA VAL D 228 16.90 -3.11 40.18
C VAL D 228 17.11 -3.84 41.50
N GLU D 229 16.22 -4.78 41.81
CA GLU D 229 16.25 -5.50 43.08
C GLU D 229 16.94 -6.85 42.98
N LYS D 230 16.95 -7.48 41.82
CA LYS D 230 17.60 -8.78 41.66
C LYS D 230 18.18 -8.90 40.26
N ASP D 231 19.02 -9.92 40.09
CA ASP D 231 19.72 -10.13 38.84
C ASP D 231 18.77 -10.57 37.73
N SER D 232 19.26 -10.48 36.49
CA SER D 232 18.50 -10.90 35.33
C SER D 232 18.68 -12.40 35.11
N ALA D 233 18.27 -12.88 33.94
CA ALA D 233 18.39 -14.32 33.64
C ALA D 233 19.79 -14.65 33.14
N VAL D 234 20.24 -13.95 32.10
CA VAL D 234 21.57 -14.21 31.52
C VAL D 234 22.71 -13.85 32.46
N VAL D 235 22.41 -13.21 33.58
CA VAL D 235 23.41 -12.94 34.61
C VAL D 235 23.41 -14.04 35.67
N SER D 236 22.23 -14.40 36.15
CA SER D 236 22.13 -15.44 37.17
C SER D 236 22.64 -16.79 36.66
N LYS D 237 22.46 -17.07 35.38
CA LYS D 237 22.98 -18.31 34.81
C LYS D 237 24.50 -18.28 34.72
N LEU D 238 25.09 -17.09 34.55
CA LEU D 238 26.54 -16.99 34.49
C LEU D 238 27.16 -16.96 35.88
N ARG D 239 26.50 -16.32 36.84
CA ARG D 239 27.06 -16.23 38.18
C ARG D 239 26.95 -17.56 38.91
N SER D 240 25.91 -18.34 38.60
CA SER D 240 25.75 -19.67 39.17
C SER D 240 26.77 -20.59 38.51
N CYS D 241 27.52 -20.04 37.56
CA CYS D 241 28.54 -20.77 36.83
C CYS D 241 29.96 -20.34 37.22
N GLY D 242 30.10 -19.47 38.22
CA GLY D 242 31.41 -19.04 38.64
C GLY D 242 32.01 -17.90 37.84
N ALA D 243 31.27 -17.34 36.89
CA ALA D 243 31.81 -16.29 36.04
C ALA D 243 32.03 -15.00 36.84
N ILE D 244 33.09 -14.28 36.48
CA ILE D 244 33.40 -12.99 37.09
C ILE D 244 32.64 -11.92 36.31
N LEU D 245 31.80 -11.18 37.02
CA LEU D 245 31.11 -10.04 36.43
C LEU D 245 32.00 -8.81 36.48
N LEU D 246 31.94 -7.99 35.44
CA LEU D 246 32.83 -6.85 35.31
C LEU D 246 32.08 -5.56 35.63
N GLY D 247 31.29 -5.07 34.67
CA GLY D 247 30.54 -3.85 34.88
C GLY D 247 29.60 -3.62 33.72
N LYS D 248 28.71 -2.66 33.91
CA LYS D 248 27.73 -2.33 32.87
C LYS D 248 28.43 -1.63 31.71
N ALA D 249 28.18 -2.13 30.49
CA ALA D 249 28.87 -1.62 29.32
C ALA D 249 28.18 -0.39 28.76
N ASN D 250 28.97 0.44 28.08
CA ASN D 250 28.41 1.57 27.35
C ASN D 250 27.52 1.08 26.21
N MET D 251 26.58 1.92 25.81
CA MET D 251 25.63 1.53 24.77
C MET D 251 24.97 2.78 24.21
N HIS D 252 24.54 2.69 22.95
CA HIS D 252 23.66 3.70 22.39
C HIS D 252 22.37 3.73 23.21
N GLU D 253 21.90 4.94 23.51
CA GLU D 253 20.84 5.10 24.50
C GLU D 253 19.57 4.36 24.08
N LEU D 254 19.15 3.40 24.92
CA LEU D 254 17.90 2.68 24.75
C LEU D 254 17.84 1.94 23.42
N GLY D 255 18.99 1.55 22.89
CA GLY D 255 19.06 0.81 21.66
C GLY D 255 18.68 1.56 20.40
N MET D 256 18.33 2.85 20.51
CA MET D 256 17.87 3.62 19.36
C MET D 256 19.09 4.25 18.68
N GLY D 257 19.76 3.43 17.87
CA GLY D 257 20.95 3.84 17.17
C GLY D 257 21.89 2.69 16.92
N THR D 258 22.51 2.66 15.74
CA THR D 258 23.43 1.58 15.38
C THR D 258 24.86 2.09 15.16
N THR D 259 25.16 3.32 15.56
CA THR D 259 26.51 3.85 15.46
C THR D 259 27.28 3.77 16.78
N GLY D 260 26.59 3.88 17.91
CA GLY D 260 27.23 3.90 19.21
C GLY D 260 27.42 5.28 19.80
N ASN D 261 26.97 6.34 19.13
CA ASN D 261 27.12 7.68 19.63
C ASN D 261 26.25 7.87 20.88
N ASN D 262 26.89 8.11 22.02
CA ASN D 262 26.20 8.35 23.29
C ASN D 262 26.70 9.68 23.84
N SER D 263 25.98 10.76 23.54
CA SER D 263 26.35 12.08 24.03
C SER D 263 26.14 12.24 25.53
N ASN D 264 25.60 11.23 26.20
CA ASN D 264 25.34 11.29 27.63
C ASN D 264 26.55 10.88 28.45
N TYR D 265 27.20 9.77 28.07
CA TYR D 265 28.34 9.25 28.80
C TYR D 265 29.64 9.25 28.03
N GLY D 266 29.60 9.32 26.70
CA GLY D 266 30.80 9.27 25.89
C GLY D 266 30.78 8.17 24.85
N THR D 267 31.05 8.54 23.61
CA THR D 267 31.03 7.57 22.52
C THR D 267 32.23 6.63 22.64
N THR D 268 31.95 5.34 22.83
CA THR D 268 33.00 4.35 22.89
C THR D 268 33.69 4.23 21.53
N ARG D 269 35.02 4.25 21.54
CA ARG D 269 35.79 4.27 20.30
C ARG D 269 36.14 2.86 19.85
N ASN D 270 36.32 2.71 18.54
CA ASN D 270 36.65 1.41 17.98
C ASN D 270 38.06 1.00 18.39
N PRO D 271 38.25 -0.20 18.94
CA PRO D 271 39.62 -0.65 19.27
C PRO D 271 40.54 -0.73 18.07
N HIS D 272 39.99 -0.91 16.86
CA HIS D 272 40.82 -0.94 15.66
C HIS D 272 41.17 0.46 15.17
N ASP D 273 40.33 1.46 15.48
CA ASP D 273 40.56 2.83 15.08
C ASP D 273 39.78 3.76 16.01
N PRO D 274 40.46 4.41 16.96
CA PRO D 274 39.74 5.23 17.95
C PRO D 274 38.97 6.40 17.36
N LYS D 275 39.19 6.75 16.10
CA LYS D 275 38.44 7.84 15.47
C LYS D 275 37.19 7.35 14.75
N ARG D 276 36.90 6.06 14.80
CA ARG D 276 35.76 5.49 14.10
C ARG D 276 34.76 4.91 15.10
N TYR D 277 33.51 4.78 14.65
CA TYR D 277 32.46 4.25 15.50
C TYR D 277 32.63 2.75 15.71
N THR D 278 32.03 2.26 16.79
CA THR D 278 32.05 0.83 17.11
C THR D 278 30.89 0.08 16.49
N GLY D 279 29.75 0.74 16.30
CA GLY D 279 28.54 0.06 15.91
C GLY D 279 27.63 -0.14 17.10
N GLY D 280 26.32 -0.01 16.90
CA GLY D 280 25.35 -0.08 17.97
C GLY D 280 24.45 -1.30 17.88
N SER D 281 23.63 -1.45 18.91
CA SER D 281 23.61 -0.51 20.03
C SER D 281 24.47 -1.03 21.19
N SER D 282 24.97 -2.26 21.04
CA SER D 282 25.88 -2.83 22.02
C SER D 282 27.31 -2.39 21.72
N SER D 283 27.52 -1.08 21.82
CA SER D 283 28.81 -0.49 21.45
C SER D 283 29.89 -0.83 22.46
N GLY D 284 29.61 -0.60 23.74
CA GLY D 284 30.63 -0.85 24.76
C GLY D 284 30.92 -2.31 24.98
N SER D 285 29.87 -3.16 24.91
CA SER D 285 30.07 -4.59 25.12
C SER D 285 30.97 -5.20 24.06
N ALA D 286 30.92 -4.69 22.83
CA ALA D 286 31.72 -5.25 21.76
C ALA D 286 33.13 -4.71 21.76
N ALA D 287 33.31 -3.42 22.09
CA ALA D 287 34.63 -2.83 22.07
C ALA D 287 35.51 -3.34 23.20
N ILE D 288 34.91 -3.67 24.35
CA ILE D 288 35.69 -4.21 25.45
C ILE D 288 36.12 -5.64 25.17
N VAL D 289 35.40 -6.35 24.32
CA VAL D 289 35.81 -7.70 23.93
C VAL D 289 36.90 -7.64 22.87
N ALA D 290 36.78 -6.71 21.92
CA ALA D 290 37.79 -6.59 20.87
C ALA D 290 39.11 -6.06 21.42
N ALA D 291 39.06 -5.25 22.48
CA ALA D 291 40.28 -4.73 23.08
C ALA D 291 41.01 -5.75 23.94
N GLY D 292 40.40 -6.91 24.21
CA GLY D 292 41.06 -7.95 24.96
C GLY D 292 40.99 -7.80 26.46
N LEU D 293 40.10 -6.95 26.97
CA LEU D 293 40.01 -6.76 28.41
C LEU D 293 39.18 -7.86 29.07
N CYS D 294 38.12 -8.32 28.41
CA CYS D 294 37.29 -9.39 28.92
C CYS D 294 37.14 -10.47 27.85
N SER D 295 36.74 -11.67 28.31
CA SER D 295 36.61 -12.79 27.39
C SER D 295 35.38 -12.63 26.51
N ALA D 296 34.21 -12.41 27.11
CA ALA D 296 32.97 -12.29 26.38
C ALA D 296 32.12 -11.19 26.98
N ALA D 297 30.95 -10.96 26.39
CA ALA D 297 30.04 -9.92 26.84
C ALA D 297 28.65 -10.20 26.29
N LEU D 298 27.63 -9.77 27.02
CA LEU D 298 26.24 -9.88 26.59
C LEU D 298 25.75 -8.54 26.05
N GLY D 299 24.60 -8.61 25.38
CA GLY D 299 23.97 -7.44 24.81
C GLY D 299 22.69 -7.83 24.08
N THR D 300 21.69 -6.96 24.13
CA THR D 300 20.45 -7.24 23.41
C THR D 300 20.65 -7.01 21.91
N ASP D 301 19.63 -7.40 21.14
CA ASP D 301 19.69 -7.25 19.69
C ASP D 301 18.25 -7.22 19.17
N GLY D 302 17.74 -6.02 18.93
CA GLY D 302 16.41 -5.86 18.38
C GLY D 302 16.43 -5.35 16.96
N GLY D 303 17.59 -4.84 16.54
CA GLY D 303 17.79 -4.37 15.19
C GLY D 303 19.22 -4.56 14.75
N GLY D 304 19.83 -5.66 15.16
CA GLY D 304 21.24 -5.91 14.87
C GLY D 304 22.18 -5.31 15.89
N ALA D 305 21.73 -5.14 17.13
CA ALA D 305 22.55 -4.49 18.14
C ALA D 305 23.76 -5.34 18.53
N VAL D 306 23.72 -6.64 18.27
CA VAL D 306 24.85 -7.51 18.57
C VAL D 306 25.71 -7.76 17.34
N ARG D 307 25.08 -8.01 16.19
CA ARG D 307 25.83 -8.39 15.00
C ARG D 307 26.57 -7.20 14.39
N ILE D 308 25.96 -6.01 14.43
CA ILE D 308 26.58 -4.84 13.80
C ILE D 308 27.91 -4.48 14.44
N PRO D 309 28.01 -4.28 15.77
CA PRO D 309 29.32 -3.94 16.33
C PRO D 309 30.31 -5.09 16.29
N SER D 310 29.84 -6.33 16.29
CA SER D 310 30.75 -7.47 16.19
C SER D 310 31.44 -7.53 14.84
N ALA D 311 30.77 -7.07 13.78
CA ALA D 311 31.40 -7.02 12.47
C ALA D 311 32.35 -5.84 12.34
N LEU D 312 31.97 -4.69 12.88
CA LEU D 312 32.81 -3.50 12.77
C LEU D 312 34.04 -3.59 13.66
N CYS D 313 33.91 -4.21 14.83
CA CYS D 313 35.03 -4.34 15.77
C CYS D 313 35.84 -5.61 15.55
N GLY D 314 35.31 -6.59 14.82
CA GLY D 314 36.06 -7.78 14.50
C GLY D 314 35.98 -8.89 15.53
N ILE D 315 34.79 -9.12 16.08
CA ILE D 315 34.54 -10.21 17.00
C ILE D 315 33.33 -10.99 16.52
N THR D 316 32.96 -12.01 17.29
CA THR D 316 31.86 -12.90 16.95
C THR D 316 30.66 -12.58 17.83
N GLY D 317 29.54 -12.25 17.19
CA GLY D 317 28.31 -11.97 17.91
C GLY D 317 27.18 -12.88 17.51
N LEU D 318 26.63 -13.63 18.46
CA LEU D 318 25.55 -14.58 18.20
C LEU D 318 24.22 -13.93 18.51
N LYS D 319 23.36 -13.86 17.50
CA LYS D 319 21.97 -13.42 17.67
C LYS D 319 21.11 -14.67 17.72
N THR D 320 20.61 -14.99 18.91
CA THR D 320 19.88 -16.23 19.11
C THR D 320 18.44 -16.12 18.61
N THR D 321 17.78 -17.27 18.52
CA THR D 321 16.40 -17.31 18.09
C THR D 321 15.50 -16.61 19.10
N TYR D 322 14.41 -16.03 18.59
CA TYR D 322 13.44 -15.36 19.46
C TYR D 322 12.90 -16.33 20.49
N GLY D 323 13.08 -15.99 21.77
CA GLY D 323 12.63 -16.83 22.85
C GLY D 323 13.54 -17.97 23.22
N ARG D 324 14.63 -18.18 22.49
CA ARG D 324 15.58 -19.24 22.85
C ARG D 324 16.29 -18.91 24.16
N THR D 325 16.83 -17.70 24.26
CA THR D 325 17.49 -17.23 25.47
C THR D 325 16.54 -16.33 26.26
N ASP D 326 16.41 -16.60 27.55
CA ASP D 326 15.47 -15.87 28.39
C ASP D 326 15.91 -14.40 28.52
N MET D 327 14.90 -13.53 28.61
CA MET D 327 15.12 -12.09 28.73
C MET D 327 14.57 -11.51 30.03
N THR D 328 14.14 -12.36 30.96
CA THR D 328 13.51 -11.90 32.19
C THR D 328 14.45 -11.04 33.02
N GLY D 329 14.24 -9.72 32.98
CA GLY D 329 15.04 -8.81 33.77
C GLY D 329 15.89 -7.86 32.94
N SER D 330 15.32 -7.31 31.87
CA SER D 330 16.02 -6.36 31.02
C SER D 330 15.06 -5.22 30.68
N LEU D 331 15.47 -4.39 29.72
CA LEU D 331 14.66 -3.26 29.30
C LEU D 331 13.75 -3.57 28.12
N CYS D 332 13.88 -4.75 27.52
CA CYS D 332 13.07 -5.14 26.36
C CYS D 332 12.37 -6.47 26.62
N GLU D 333 11.75 -6.59 27.78
CA GLU D 333 10.94 -7.76 28.09
C GLU D 333 9.60 -7.65 27.37
N GLY D 334 9.16 -8.76 26.78
CA GLY D 334 7.93 -8.78 26.01
C GLY D 334 8.04 -8.25 24.60
N GLY D 335 9.22 -7.78 24.20
CA GLY D 335 9.40 -7.32 22.84
C GLY D 335 9.26 -8.43 21.83
N THR D 336 9.08 -8.04 20.57
CA THR D 336 8.83 -8.99 19.50
C THR D 336 9.97 -9.11 18.50
N VAL D 337 11.11 -8.45 18.74
CA VAL D 337 12.20 -8.43 17.78
C VAL D 337 13.55 -8.49 18.48
N GLU D 338 13.54 -8.56 19.80
CA GLU D 338 14.76 -8.48 20.60
C GLU D 338 15.04 -9.81 21.29
N ILE D 339 16.33 -10.10 21.44
CA ILE D 339 16.80 -11.22 22.25
C ILE D 339 18.02 -10.77 23.04
N ILE D 340 18.77 -11.73 23.59
CA ILE D 340 20.01 -11.44 24.31
C ILE D 340 21.03 -12.47 23.87
N GLY D 341 22.03 -12.05 23.10
CA GLY D 341 23.06 -12.94 22.62
C GLY D 341 24.45 -12.52 23.05
N PRO D 342 25.36 -13.48 23.14
CA PRO D 342 26.72 -13.17 23.60
C PRO D 342 27.63 -12.68 22.49
N LEU D 343 28.55 -11.80 22.89
CA LEU D 343 29.60 -11.30 22.01
C LEU D 343 30.94 -11.75 22.58
N ALA D 344 31.73 -12.44 21.77
CA ALA D 344 32.99 -13.00 22.23
C ALA D 344 34.05 -12.84 21.15
N SER D 345 35.29 -13.14 21.52
CA SER D 345 36.41 -12.97 20.60
C SER D 345 36.57 -14.14 19.65
N SER D 346 36.11 -15.33 20.04
CA SER D 346 36.20 -16.51 19.20
C SER D 346 34.88 -17.27 19.25
N LEU D 347 34.69 -18.13 18.25
CA LEU D 347 33.46 -18.92 18.19
C LEU D 347 33.37 -19.86 19.38
N GLU D 348 34.49 -20.46 19.78
CA GLU D 348 34.51 -21.32 20.96
C GLU D 348 34.05 -20.56 22.20
N ASP D 349 34.47 -19.30 22.33
CA ASP D 349 34.07 -18.50 23.48
C ASP D 349 32.57 -18.19 23.45
N ALA D 350 32.07 -17.75 22.30
CA ALA D 350 30.66 -17.42 22.18
C ALA D 350 29.78 -18.65 22.36
N PHE D 351 30.26 -19.82 21.93
CA PHE D 351 29.49 -21.04 22.09
C PHE D 351 29.39 -21.44 23.56
N LEU D 352 30.48 -21.25 24.32
CA LEU D 352 30.46 -21.61 25.74
C LEU D 352 29.54 -20.70 26.52
N VAL D 353 29.54 -19.40 26.21
CA VAL D 353 28.66 -18.47 26.92
C VAL D 353 27.21 -18.74 26.56
N TYR D 354 26.93 -19.05 25.29
CA TYR D 354 25.56 -19.38 24.89
C TYR D 354 25.06 -20.61 25.63
N ALA D 355 25.94 -21.57 25.88
CA ALA D 355 25.53 -22.79 26.59
C ALA D 355 25.07 -22.48 28.00
N ALA D 356 25.61 -21.44 28.64
CA ALA D 356 25.24 -21.08 29.99
C ALA D 356 23.99 -20.20 30.04
N ILE D 357 23.82 -19.28 29.09
CA ILE D 357 22.73 -18.31 29.15
C ILE D 357 21.46 -18.79 28.47
N LEU D 358 21.51 -19.88 27.71
CA LEU D 358 20.32 -20.34 27.00
C LEU D 358 19.27 -20.85 27.99
N GLY D 359 18.07 -21.07 27.47
CA GLY D 359 16.96 -21.53 28.28
C GLY D 359 15.75 -20.62 28.18
N SER D 360 14.73 -21.08 27.47
CA SER D 360 13.52 -20.29 27.29
C SER D 360 12.77 -20.14 28.61
N SER D 361 12.21 -18.96 28.83
CA SER D 361 11.42 -18.71 30.03
C SER D 361 10.16 -19.57 30.01
N SER D 362 9.51 -19.65 31.18
CA SER D 362 8.29 -20.43 31.29
C SER D 362 7.17 -19.86 30.43
N ALA D 363 7.14 -18.54 30.27
CA ALA D 363 6.12 -17.92 29.40
C ALA D 363 6.38 -18.25 27.94
N ASP D 364 7.62 -18.08 27.49
CA ASP D 364 7.97 -18.39 26.11
C ASP D 364 7.99 -19.89 25.84
N ARG D 365 8.15 -20.72 26.89
CA ARG D 365 8.18 -22.16 26.69
C ARG D 365 6.84 -22.69 26.21
N TYR D 366 5.74 -22.04 26.61
CA TYR D 366 4.41 -22.49 26.20
C TYR D 366 3.93 -21.79 24.94
N ASN D 367 4.20 -20.49 24.80
CA ASN D 367 3.71 -19.74 23.64
C ASN D 367 4.52 -20.05 22.39
N LEU D 368 5.83 -20.23 22.54
CA LEU D 368 6.69 -20.50 21.40
C LEU D 368 6.99 -21.98 21.19
N LYS D 369 6.97 -22.78 22.28
CA LYS D 369 7.24 -24.22 22.25
C LYS D 369 8.50 -24.53 21.46
N PRO D 370 9.68 -24.14 21.96
CA PRO D 370 10.92 -24.41 21.23
C PRO D 370 11.36 -25.85 21.35
N SER D 371 12.04 -26.32 20.31
CA SER D 371 12.66 -27.63 20.37
C SER D 371 13.78 -27.60 21.42
N PRO D 372 14.09 -28.73 22.03
CA PRO D 372 15.13 -28.77 23.07
C PRO D 372 16.45 -28.23 22.54
N PRO D 373 17.20 -27.50 23.35
CA PRO D 373 18.47 -26.94 22.88
C PRO D 373 19.47 -28.04 22.56
N CYS D 374 20.37 -27.74 21.61
CA CYS D 374 21.36 -28.70 21.18
C CYS D 374 22.62 -27.96 20.73
N PHE D 375 23.78 -28.54 21.06
CA PHE D 375 25.10 -28.03 20.74
C PHE D 375 25.66 -28.73 19.52
N PRO D 376 26.42 -28.02 18.69
CA PRO D 376 27.05 -28.68 17.53
C PRO D 376 28.29 -29.44 17.94
N LYS D 377 28.50 -30.58 17.28
CA LYS D 377 29.66 -31.43 17.54
C LYS D 377 30.86 -30.84 16.81
N LEU D 378 31.59 -29.96 17.51
CA LEU D 378 32.78 -29.32 16.94
C LEU D 378 34.03 -30.16 17.16
N LEU D 379 33.94 -31.45 16.82
CA LEU D 379 35.07 -32.36 16.88
C LEU D 379 35.35 -32.91 15.49
N SER D 380 36.39 -33.75 15.38
CA SER D 380 36.89 -34.16 14.07
C SER D 380 36.08 -35.33 13.51
N HIS D 381 36.05 -36.45 14.21
CA HIS D 381 35.47 -37.69 13.71
C HIS D 381 34.13 -37.94 14.38
N ASN D 382 33.04 -37.76 13.64
CA ASN D 382 33.11 -37.27 12.26
C ASN D 382 32.03 -36.21 12.06
N GLY D 383 32.03 -35.21 12.94
CA GLY D 383 31.06 -34.14 12.85
C GLY D 383 31.52 -32.97 12.01
N SER D 384 32.39 -33.25 11.03
CA SER D 384 32.88 -32.23 10.13
C SER D 384 32.42 -32.43 8.69
N ASN D 385 31.70 -33.51 8.40
CA ASN D 385 31.20 -33.76 7.06
C ASN D 385 29.80 -33.19 6.84
N ALA D 386 29.06 -32.87 7.90
CA ALA D 386 27.72 -32.31 7.75
C ALA D 386 27.75 -30.87 7.29
N ILE D 387 28.89 -30.19 7.40
CA ILE D 387 28.99 -28.81 6.94
C ILE D 387 28.91 -28.74 5.42
N GLY D 388 29.52 -29.73 4.74
CA GLY D 388 29.53 -29.71 3.28
C GLY D 388 28.17 -29.94 2.67
N SER D 389 27.28 -30.65 3.37
CA SER D 389 25.93 -30.90 2.86
C SER D 389 25.00 -29.70 3.01
N LEU D 390 25.48 -28.59 3.57
CA LEU D 390 24.65 -27.42 3.75
C LEU D 390 24.50 -26.65 2.45
N ARG D 391 23.35 -26.01 2.28
CA ARG D 391 23.04 -25.20 1.11
C ARG D 391 23.01 -23.74 1.54
N LEU D 392 23.81 -22.91 0.88
CA LEU D 392 23.95 -21.50 1.24
C LEU D 392 23.05 -20.65 0.35
N GLY D 393 22.17 -19.88 0.98
CA GLY D 393 21.28 -19.00 0.26
C GLY D 393 21.83 -17.61 0.09
N LYS D 394 22.05 -17.19 -1.15
CA LYS D 394 22.70 -15.93 -1.46
C LYS D 394 21.83 -15.14 -2.43
N TYR D 395 21.36 -13.97 -1.99
CA TYR D 395 20.65 -13.02 -2.85
C TYR D 395 21.70 -12.11 -3.47
N THR D 396 22.05 -12.36 -4.73
CA THR D 396 23.15 -11.65 -5.37
C THR D 396 22.93 -10.15 -5.39
N LYS D 397 21.70 -9.72 -5.67
CA LYS D 397 21.40 -8.28 -5.65
C LYS D 397 21.53 -7.71 -4.24
N TRP D 398 21.02 -8.44 -3.24
CA TRP D 398 21.15 -7.99 -1.86
C TRP D 398 22.58 -8.12 -1.35
N PHE D 399 23.30 -9.14 -1.82
CA PHE D 399 24.65 -9.40 -1.33
C PHE D 399 25.60 -8.25 -1.65
N ASN D 400 25.55 -7.75 -2.88
CA ASN D 400 26.53 -6.79 -3.37
C ASN D 400 26.15 -5.33 -3.09
N ASP D 401 24.97 -5.08 -2.51
CA ASP D 401 24.55 -3.72 -2.22
C ASP D 401 25.28 -3.23 -0.96
N VAL D 402 26.58 -3.02 -1.12
CA VAL D 402 27.44 -2.52 -0.05
C VAL D 402 28.19 -1.30 -0.55
N SER D 403 28.51 -0.39 0.37
CA SER D 403 29.21 0.84 0.04
C SER D 403 30.72 0.64 -0.09
N SER D 404 31.22 -0.58 0.08
CA SER D 404 32.64 -0.88 -0.06
C SER D 404 32.79 -2.18 -0.81
N SER D 405 33.49 -2.14 -1.95
CA SER D 405 33.66 -3.32 -2.77
C SER D 405 34.49 -4.40 -2.07
N ASP D 406 35.23 -4.05 -1.03
CA ASP D 406 36.02 -5.03 -0.31
C ASP D 406 35.13 -5.98 0.48
N ILE D 407 34.03 -5.47 1.02
CA ILE D 407 33.12 -6.30 1.82
C ILE D 407 32.48 -7.37 0.95
N SER D 408 31.93 -6.97 -0.21
CA SER D 408 31.34 -7.94 -1.12
C SER D 408 32.36 -8.88 -1.72
N ASP D 409 33.64 -8.49 -1.76
CA ASP D 409 34.67 -9.36 -2.30
C ASP D 409 35.18 -10.34 -1.27
N LYS D 410 35.41 -9.88 -0.04
CA LYS D 410 35.94 -10.77 1.00
C LYS D 410 34.87 -11.76 1.48
N CYS D 411 33.61 -11.34 1.49
CA CYS D 411 32.55 -12.27 1.88
C CYS D 411 32.33 -13.31 0.79
N GLU D 412 32.43 -12.92 -0.48
CA GLU D 412 32.32 -13.89 -1.57
C GLU D 412 33.50 -14.85 -1.59
N ASP D 413 34.65 -14.43 -1.06
CA ASP D 413 35.79 -15.33 -0.97
C ASP D 413 35.53 -16.46 0.02
N ILE D 414 34.88 -16.14 1.14
CA ILE D 414 34.56 -17.16 2.13
C ILE D 414 33.53 -18.15 1.56
N LEU D 415 32.59 -17.65 0.77
CA LEU D 415 31.61 -18.54 0.15
C LEU D 415 32.28 -19.49 -0.83
N LYS D 416 33.25 -18.99 -1.61
CA LYS D 416 34.01 -19.86 -2.49
C LYS D 416 34.94 -20.77 -1.69
N LEU D 417 35.49 -20.27 -0.59
CA LEU D 417 36.35 -21.09 0.26
C LEU D 417 35.55 -22.20 0.94
N LEU D 418 34.34 -21.87 1.43
CA LEU D 418 33.49 -22.89 2.01
C LEU D 418 33.04 -23.90 0.96
N SER D 419 32.79 -23.43 -0.27
CA SER D 419 32.39 -24.31 -1.34
C SER D 419 33.53 -25.17 -1.85
N ASN D 420 34.78 -24.79 -1.58
CA ASN D 420 35.95 -25.55 -2.02
C ASN D 420 36.49 -26.49 -0.96
N ASN D 421 36.42 -26.11 0.32
CA ASN D 421 36.97 -26.92 1.40
C ASN D 421 35.95 -27.86 2.01
N HIS D 422 34.65 -27.64 1.76
CA HIS D 422 33.63 -28.51 2.34
C HIS D 422 32.61 -28.92 1.28
N GLY D 423 32.39 -28.08 0.29
CA GLY D 423 31.47 -28.37 -0.78
C GLY D 423 30.08 -27.82 -0.63
N CYS D 424 29.90 -26.73 0.12
CA CYS D 424 28.59 -26.12 0.28
C CYS D 424 28.14 -25.50 -1.03
N LYS D 425 26.91 -25.81 -1.44
CA LYS D 425 26.37 -25.28 -2.69
C LYS D 425 25.78 -23.90 -2.45
N VAL D 426 26.26 -22.91 -3.19
CA VAL D 426 25.79 -21.53 -3.08
C VAL D 426 24.53 -21.42 -3.94
N VAL D 427 23.37 -21.56 -3.32
CA VAL D 427 22.09 -21.53 -4.03
C VAL D 427 21.59 -20.09 -4.09
N GLU D 428 21.33 -19.61 -5.29
CA GLU D 428 20.82 -18.25 -5.48
C GLU D 428 19.38 -18.18 -4.99
N ILE D 429 19.13 -17.25 -4.06
CA ILE D 429 17.77 -17.05 -3.52
C ILE D 429 17.32 -15.63 -3.80
N VAL D 430 16.14 -15.29 -3.31
CA VAL D 430 15.57 -13.95 -3.49
C VAL D 430 14.72 -13.62 -2.28
N VAL D 431 14.89 -12.40 -1.76
CA VAL D 431 14.15 -11.95 -0.59
C VAL D 431 13.21 -10.83 -1.01
N PRO D 432 11.94 -11.11 -1.24
CA PRO D 432 11.02 -10.06 -1.70
C PRO D 432 10.64 -9.10 -0.57
N GLU D 433 10.21 -7.91 -0.99
CA GLU D 433 9.63 -6.91 -0.09
C GLU D 433 10.62 -6.51 1.01
N LEU D 434 11.81 -6.09 0.59
CA LEU D 434 12.83 -5.64 1.54
C LEU D 434 12.53 -4.25 2.08
N GLU D 435 11.89 -3.40 1.29
CA GLU D 435 11.49 -2.08 1.78
C GLU D 435 10.38 -2.19 2.81
N GLU D 436 9.44 -3.13 2.61
CA GLU D 436 8.42 -3.38 3.60
C GLU D 436 9.00 -3.90 4.90
N MET D 437 10.08 -4.67 4.83
CA MET D 437 10.71 -5.19 6.04
C MET D 437 11.27 -4.06 6.89
N ARG D 438 11.83 -3.03 6.24
CA ARG D 438 12.30 -1.86 6.98
C ARG D 438 11.16 -1.19 7.72
N ALA D 439 10.07 -0.91 7.00
CA ALA D 439 8.94 -0.21 7.62
C ALA D 439 8.24 -1.08 8.65
N ALA D 440 8.14 -2.39 8.40
CA ALA D 440 7.50 -3.27 9.36
C ALA D 440 8.33 -3.45 10.62
N HIS D 441 9.66 -3.35 10.50
CA HIS D 441 10.52 -3.52 11.67
C HIS D 441 10.58 -2.26 12.52
N VAL D 442 10.77 -1.11 11.89
CA VAL D 442 11.01 0.14 12.64
C VAL D 442 9.84 0.46 13.56
N ILE D 443 8.62 0.06 13.19
CA ILE D 443 7.48 0.35 14.05
C ILE D 443 7.33 -0.73 15.12
N SER D 444 7.69 -1.97 14.83
CA SER D 444 7.58 -3.05 15.81
C SER D 444 8.67 -3.01 16.88
N ILE D 445 9.71 -2.19 16.68
CA ILE D 445 10.78 -2.08 17.67
C ILE D 445 10.59 -0.78 18.45
N GLY D 446 10.08 0.25 17.80
CA GLY D 446 9.92 1.55 18.44
C GLY D 446 8.63 1.69 19.23
N SER D 447 7.60 0.94 18.85
CA SER D 447 6.32 1.05 19.56
C SER D 447 6.38 0.45 20.96
N PRO D 448 6.88 -0.77 21.18
CA PRO D 448 6.93 -1.27 22.56
C PRO D 448 7.90 -0.51 23.44
N THR D 449 8.97 0.06 22.88
CA THR D 449 9.89 0.85 23.68
C THR D 449 9.27 2.19 24.08
N LEU D 450 8.60 2.86 23.12
CA LEU D 450 7.94 4.12 23.43
C LEU D 450 6.79 3.93 24.40
N SER D 451 6.09 2.79 24.33
CA SER D 451 4.99 2.53 25.25
C SER D 451 5.49 2.31 26.67
N SER D 452 6.65 1.68 26.82
CA SER D 452 7.19 1.40 28.15
C SER D 452 7.86 2.61 28.79
N LEU D 453 8.17 3.64 28.00
CA LEU D 453 8.82 4.85 28.51
C LEU D 453 7.88 6.03 28.57
N THR D 454 6.62 5.88 28.14
CA THR D 454 5.71 7.03 28.10
C THR D 454 5.38 7.56 29.50
N PRO D 455 5.03 6.74 30.49
CA PRO D 455 4.69 7.31 31.81
C PRO D 455 5.81 8.13 32.42
N TYR D 456 7.07 7.78 32.16
CA TYR D 456 8.18 8.56 32.70
C TYR D 456 8.40 9.84 31.90
N CYS D 457 8.24 9.79 30.59
CA CYS D 457 8.42 10.98 29.77
C CYS D 457 7.32 12.01 30.04
N GLU D 458 6.08 11.54 30.23
CA GLU D 458 4.98 12.46 30.51
C GLU D 458 5.13 13.16 31.86
N ALA D 459 5.95 12.63 32.75
CA ALA D 459 6.19 13.25 34.05
C ALA D 459 7.33 14.27 34.01
N GLY D 460 7.85 14.59 32.82
CA GLY D 460 8.89 15.58 32.67
C GLY D 460 10.27 15.01 32.40
N LYS D 461 10.44 13.69 32.48
CA LYS D 461 11.75 13.09 32.23
C LYS D 461 12.11 13.04 30.75
N ASN D 462 11.21 13.48 29.86
CA ASN D 462 11.50 13.44 28.44
C ASN D 462 12.63 14.40 28.07
N SER D 463 12.78 15.51 28.80
CA SER D 463 13.82 16.48 28.50
C SER D 463 15.20 15.96 28.85
N LYS D 464 15.31 15.03 29.78
CA LYS D 464 16.60 14.44 30.15
C LYS D 464 17.00 13.30 29.22
N LEU D 465 16.40 13.21 28.05
CA LEU D 465 16.77 12.24 27.04
C LEU D 465 17.83 12.83 26.10
N SER D 466 18.33 12.00 25.19
CA SER D 466 19.30 12.45 24.20
C SER D 466 18.58 13.00 22.97
N TYR D 467 19.34 13.74 22.17
CA TYR D 467 18.80 14.24 20.91
C TYR D 467 18.62 13.12 19.90
N ASP D 468 19.51 12.12 19.93
CA ASP D 468 19.39 10.98 19.03
C ASP D 468 18.14 10.16 19.33
N THR D 469 17.80 10.02 20.61
CA THR D 469 16.63 9.24 20.98
C THR D 469 15.34 10.04 20.80
N ARG D 470 15.33 11.31 21.23
CA ARG D 470 14.14 12.13 21.09
C ARG D 470 13.76 12.33 19.63
N THR D 471 14.74 12.27 18.72
CA THR D 471 14.44 12.33 17.29
C THR D 471 13.65 11.10 16.87
N SER D 472 14.08 9.91 17.31
CA SER D 472 13.34 8.69 16.99
C SER D 472 12.02 8.63 17.75
N PHE D 473 12.01 9.14 18.99
CA PHE D 473 10.77 9.14 19.77
C PHE D 473 9.72 10.06 19.14
N ALA D 474 10.15 11.15 18.52
CA ALA D 474 9.21 12.03 17.83
C ALA D 474 8.59 11.33 16.62
N ILE D 475 9.33 10.43 15.98
CA ILE D 475 8.80 9.67 14.85
C ILE D 475 7.96 8.49 15.34
N PHE D 476 8.39 7.86 16.44
CA PHE D 476 7.68 6.70 16.94
C PHE D 476 6.27 7.06 17.41
N ARG D 477 6.07 8.29 17.89
CA ARG D 477 4.73 8.72 18.27
C ARG D 477 3.82 8.92 17.08
N SER D 478 4.39 9.11 15.88
CA SER D 478 3.59 9.23 14.67
C SER D 478 3.05 7.90 14.17
N PHE D 479 3.52 6.79 14.75
CA PHE D 479 3.01 5.47 14.39
C PHE D 479 1.66 5.26 15.06
N SER D 480 0.61 5.13 14.25
CA SER D 480 -0.72 4.90 14.79
C SER D 480 -0.94 3.41 15.05
N ALA D 481 -1.99 3.11 15.81
CA ALA D 481 -2.34 1.71 16.06
C ALA D 481 -2.76 1.01 14.78
N SER D 482 -3.34 1.76 13.82
CA SER D 482 -3.65 1.20 12.52
C SER D 482 -2.39 0.96 11.69
N ASP D 483 -1.30 1.68 11.98
CA ASP D 483 -0.03 1.41 11.31
C ASP D 483 0.62 0.14 11.85
N TYR D 484 0.39 -0.19 13.12
CA TYR D 484 1.01 -1.38 13.70
C TYR D 484 0.34 -2.64 13.18
N ILE D 485 -0.98 -2.67 13.14
CA ILE D 485 -1.71 -3.83 12.63
C ILE D 485 -1.32 -4.08 11.17
N ALA D 486 -1.23 -3.01 10.37
CA ALA D 486 -0.80 -3.16 8.98
C ALA D 486 0.63 -3.66 8.89
N ALA D 487 1.47 -3.31 9.88
CA ALA D 487 2.85 -3.78 9.89
C ALA D 487 2.95 -5.24 10.28
N GLN D 488 2.15 -5.68 11.26
CA GLN D 488 2.18 -7.07 11.67
C GLN D 488 1.70 -7.99 10.55
N CYS D 489 0.82 -7.48 9.67
CA CYS D 489 0.45 -8.24 8.49
C CYS D 489 1.64 -8.41 7.55
N LEU D 490 2.49 -7.38 7.45
CA LEU D 490 3.69 -7.49 6.63
C LEU D 490 4.68 -8.47 7.25
N ARG D 491 4.61 -8.68 8.57
CA ARG D 491 5.51 -9.64 9.20
C ARG D 491 5.16 -11.07 8.83
N ARG D 492 3.86 -11.36 8.66
CA ARG D 492 3.45 -12.69 8.24
C ARG D 492 3.89 -12.97 6.80
N ARG D 493 3.82 -11.95 5.94
CA ARG D 493 4.29 -12.10 4.57
C ARG D 493 5.77 -12.48 4.54
N LEU D 494 6.61 -11.65 5.15
CA LEU D 494 8.04 -11.92 5.20
C LEU D 494 8.36 -13.20 5.96
N MET D 495 7.47 -13.63 6.85
CA MET D 495 7.63 -14.94 7.48
C MET D 495 7.43 -16.06 6.47
N GLU D 496 6.47 -15.89 5.55
CA GLU D 496 6.19 -16.93 4.58
C GLU D 496 7.28 -17.00 3.51
N TYR D 497 7.85 -15.85 3.13
CA TYR D 497 8.95 -15.86 2.17
C TYR D 497 10.17 -16.59 2.74
N HIS D 498 10.61 -16.20 3.93
CA HIS D 498 11.82 -16.77 4.51
C HIS D 498 11.65 -18.26 4.80
N LEU D 499 10.50 -18.65 5.34
CA LEU D 499 10.25 -20.06 5.59
C LEU D 499 10.25 -20.87 4.29
N ASN D 500 9.85 -20.25 3.18
CA ASN D 500 9.96 -20.91 1.88
C ASN D 500 11.41 -20.95 1.43
N ILE D 501 12.19 -19.92 1.75
CA ILE D 501 13.62 -19.93 1.43
C ILE D 501 14.33 -21.03 2.21
N PHE D 502 13.88 -21.28 3.45
CA PHE D 502 14.45 -22.34 4.27
C PHE D 502 13.97 -23.73 3.85
N LYS D 503 13.23 -23.83 2.75
CA LYS D 503 12.94 -25.12 2.15
C LYS D 503 13.93 -25.49 1.05
N ASP D 504 14.58 -24.50 0.45
CA ASP D 504 15.63 -24.72 -0.55
C ASP D 504 17.02 -24.72 0.06
N VAL D 505 17.30 -23.79 0.97
CA VAL D 505 18.62 -23.67 1.58
C VAL D 505 18.49 -23.86 3.08
N ASP D 506 19.63 -24.10 3.72
CA ASP D 506 19.68 -24.28 5.17
C ASP D 506 19.99 -22.99 5.90
N VAL D 507 20.82 -22.12 5.32
CA VAL D 507 21.19 -20.84 5.92
C VAL D 507 21.21 -19.77 4.84
N ILE D 508 21.17 -18.52 5.29
CA ILE D 508 21.24 -17.36 4.40
C ILE D 508 22.47 -16.56 4.76
N VAL D 509 23.39 -16.41 3.80
CA VAL D 509 24.66 -15.74 4.01
C VAL D 509 24.57 -14.33 3.43
N THR D 510 24.95 -13.33 4.23
CA THR D 510 24.94 -11.94 3.84
C THR D 510 26.01 -11.21 4.64
N PRO D 511 26.60 -10.15 4.08
CA PRO D 511 27.50 -9.31 4.90
C PRO D 511 26.72 -8.64 6.01
N THR D 512 27.31 -8.60 7.21
CA THR D 512 26.59 -8.10 8.37
C THR D 512 26.25 -6.62 8.22
N THR D 513 27.16 -5.84 7.66
CA THR D 513 26.94 -4.41 7.45
C THR D 513 27.27 -4.04 6.01
N GLY D 514 26.59 -3.02 5.50
CA GLY D 514 26.87 -2.47 4.20
C GLY D 514 28.02 -1.49 4.14
N MET D 515 28.82 -1.42 5.20
CA MET D 515 29.93 -0.49 5.28
C MET D 515 30.86 -0.95 6.39
N THR D 516 32.12 -0.53 6.30
CA THR D 516 33.08 -0.79 7.36
C THR D 516 32.85 0.23 8.48
N ALA D 517 33.75 0.24 9.47
CA ALA D 517 33.63 1.16 10.60
C ALA D 517 33.70 2.61 10.11
N PRO D 518 32.61 3.37 10.25
CA PRO D 518 32.63 4.75 9.76
C PRO D 518 33.30 5.70 10.73
N VAL D 519 33.95 6.71 10.17
CA VAL D 519 34.62 7.71 10.99
C VAL D 519 33.58 8.54 11.74
N ILE D 520 33.88 8.85 13.00
CA ILE D 520 32.98 9.63 13.84
C ILE D 520 33.04 11.10 13.43
N PRO D 521 31.93 11.71 13.05
CA PRO D 521 31.93 13.14 12.77
C PRO D 521 32.24 13.93 14.03
N PRO D 522 33.33 14.72 14.02
CA PRO D 522 33.70 15.46 15.24
C PRO D 522 32.64 16.42 15.72
N ASP D 523 31.79 16.92 14.82
CA ASP D 523 30.68 17.79 15.21
C ASP D 523 29.54 17.02 15.86
N ALA D 524 29.55 15.69 15.78
CA ALA D 524 28.52 14.87 16.41
C ALA D 524 28.90 14.41 17.81
N LEU D 525 30.14 14.66 18.25
CA LEU D 525 30.61 14.25 19.55
C LEU D 525 30.21 15.22 20.66
N LYS D 526 29.15 16.00 20.46
CA LYS D 526 28.67 16.91 21.50
C LYS D 526 27.27 16.51 21.96
N ASN D 527 26.26 16.81 21.16
CA ASN D 527 24.88 16.48 21.47
C ASN D 527 24.36 15.32 20.64
N GLY D 528 25.18 14.70 19.80
CA GLY D 528 24.76 13.60 18.97
C GLY D 528 24.50 14.03 17.53
N GLU D 529 24.07 13.05 16.75
CA GLU D 529 23.76 13.27 15.34
C GLU D 529 22.46 12.54 15.00
N THR D 530 21.95 12.81 13.80
CA THR D 530 20.72 12.19 13.32
C THR D 530 20.91 11.63 11.92
N ASN D 531 22.10 11.15 11.61
CA ASN D 531 22.38 10.56 10.29
C ASN D 531 21.58 9.28 10.13
N ILE D 532 20.52 9.34 9.34
CA ILE D 532 19.70 8.15 9.12
C ILE D 532 20.23 7.33 7.95
N GLN D 533 20.86 7.96 6.96
CA GLN D 533 21.57 7.26 5.90
C GLN D 533 22.85 6.59 6.43
N VAL D 534 23.09 6.60 7.73
CA VAL D 534 24.16 5.82 8.34
C VAL D 534 23.62 4.86 9.39
N THR D 535 22.71 5.33 10.25
CA THR D 535 22.10 4.47 11.26
C THR D 535 21.16 3.43 10.66
N THR D 536 20.89 3.48 9.37
CA THR D 536 20.06 2.50 8.68
C THR D 536 20.85 1.57 7.76
N ASP D 537 21.80 2.10 6.98
CA ASP D 537 22.67 1.26 6.16
C ASP D 537 23.40 0.18 6.96
N LEU D 538 23.59 0.37 8.26
CA LEU D 538 24.11 -0.72 9.09
C LEU D 538 23.05 -1.77 9.39
N MET D 539 21.78 -1.40 9.32
CA MET D 539 20.68 -2.32 9.59
C MET D 539 20.15 -3.00 8.32
N ARG D 540 20.84 -2.86 7.19
CA ARG D 540 20.30 -3.37 5.94
C ARG D 540 20.15 -4.89 5.96
N PHE D 541 21.10 -5.58 6.58
CA PHE D 541 21.15 -7.04 6.52
C PHE D 541 20.71 -7.73 7.80
N VAL D 542 20.47 -6.99 8.89
CA VAL D 542 20.20 -7.61 10.18
C VAL D 542 18.73 -7.60 10.57
N LEU D 543 17.87 -6.93 9.80
CA LEU D 543 16.47 -6.81 10.18
C LEU D 543 15.70 -8.12 10.06
N ALA D 544 16.19 -9.06 9.24
CA ALA D 544 15.45 -10.29 9.01
C ALA D 544 15.44 -11.17 10.26
N ALA D 545 16.58 -11.30 10.93
CA ALA D 545 16.65 -12.15 12.12
C ALA D 545 15.84 -11.57 13.28
N ASN D 546 15.70 -10.25 13.33
CA ASN D 546 14.93 -9.63 14.40
C ASN D 546 13.44 -9.72 14.15
N LEU D 547 13.00 -9.31 12.96
CA LEU D 547 11.57 -9.24 12.68
C LEU D 547 10.92 -10.62 12.70
N LEU D 548 11.65 -11.65 12.24
CA LEU D 548 11.14 -13.00 12.20
C LEU D 548 11.71 -13.90 13.28
N GLY D 549 12.53 -13.36 14.18
CA GLY D 549 13.04 -14.13 15.29
C GLY D 549 14.06 -15.19 14.92
N PHE D 550 14.66 -15.10 13.74
CA PHE D 550 15.62 -16.10 13.31
C PHE D 550 16.95 -15.93 14.07
N PRO D 551 17.72 -17.01 14.19
CA PRO D 551 19.08 -16.89 14.74
C PRO D 551 20.09 -16.50 13.67
N ALA D 552 20.97 -15.57 14.05
CA ALA D 552 22.02 -15.10 13.16
C ALA D 552 23.31 -14.96 13.95
N ILE D 553 24.42 -14.79 13.23
CA ILE D 553 25.73 -14.65 13.85
C ILE D 553 26.65 -13.93 12.88
N SER D 554 27.46 -13.02 13.41
CA SER D 554 28.43 -12.26 12.64
C SER D 554 29.83 -12.73 13.02
N VAL D 555 30.52 -13.37 12.09
CA VAL D 555 31.86 -13.89 12.33
C VAL D 555 32.85 -13.12 11.45
N PRO D 556 34.00 -12.70 11.98
CA PRO D 556 34.97 -11.97 11.15
C PRO D 556 35.51 -12.83 10.02
N VAL D 557 35.50 -12.27 8.81
CA VAL D 557 35.94 -12.98 7.62
C VAL D 557 37.16 -12.33 6.97
N GLY D 558 37.62 -11.21 7.48
CA GLY D 558 38.77 -10.55 6.92
C GLY D 558 38.72 -9.06 7.19
N TYR D 559 39.53 -8.31 6.43
CA TYR D 559 39.65 -6.88 6.60
C TYR D 559 39.59 -6.20 5.24
N ASP D 560 39.13 -4.95 5.23
CA ASP D 560 39.01 -4.18 3.99
C ASP D 560 40.34 -3.54 3.62
N LYS D 561 40.29 -2.49 2.79
CA LYS D 561 41.52 -1.83 2.37
C LYS D 561 42.18 -1.08 3.53
N GLU D 562 41.39 -0.36 4.32
CA GLU D 562 41.90 0.44 5.42
C GLU D 562 42.08 -0.37 6.71
N GLY D 563 42.21 -1.69 6.60
CA GLY D 563 42.41 -2.51 7.78
C GLY D 563 41.24 -2.58 8.73
N LEU D 564 40.05 -2.24 8.26
CA LEU D 564 38.90 -2.32 9.16
C LEU D 564 38.25 -3.71 9.07
N PRO D 565 37.74 -4.22 10.18
CA PRO D 565 37.17 -5.57 10.17
C PRO D 565 35.92 -5.66 9.30
N ILE D 566 35.67 -6.87 8.82
CA ILE D 566 34.50 -7.16 7.98
C ILE D 566 33.85 -8.43 8.53
N GLY D 567 32.52 -8.41 8.67
CA GLY D 567 31.79 -9.52 9.22
C GLY D 567 30.81 -10.10 8.22
N LEU D 568 30.55 -11.40 8.35
CA LEU D 568 29.58 -12.12 7.53
C LEU D 568 28.49 -12.67 8.43
N GLN D 569 27.24 -12.50 8.00
CA GLN D 569 26.08 -12.92 8.78
C GLN D 569 25.57 -14.27 8.27
N ILE D 570 25.46 -15.23 9.18
CA ILE D 570 24.92 -16.55 8.87
C ILE D 570 23.63 -16.70 9.65
N MET D 571 22.50 -16.69 8.93
CA MET D 571 21.17 -16.77 9.54
C MET D 571 20.54 -18.10 9.18
N GLY D 572 19.96 -18.78 10.17
CA GLY D 572 19.43 -20.11 9.96
C GLY D 572 17.98 -20.28 10.35
N ARG D 573 17.52 -21.54 10.39
CA ARG D 573 16.13 -21.86 10.69
C ARG D 573 15.84 -21.62 12.17
N PRO D 574 14.56 -21.57 12.55
CA PRO D 574 14.23 -21.42 13.97
C PRO D 574 14.82 -22.53 14.82
N TRP D 575 15.37 -22.13 15.98
CA TRP D 575 16.00 -23.03 16.94
C TRP D 575 17.20 -23.77 16.37
N ALA D 576 17.79 -23.25 15.29
CA ALA D 576 18.96 -23.88 14.67
C ALA D 576 20.24 -23.16 15.10
N GLU D 577 20.45 -23.10 16.41
CA GLU D 577 21.66 -22.47 16.94
C GLU D 577 22.89 -23.31 16.61
N ALA D 578 22.78 -24.64 16.70
CA ALA D 578 23.91 -25.51 16.41
C ALA D 578 24.30 -25.44 14.95
N THR D 579 23.35 -25.10 14.06
CA THR D 579 23.66 -25.03 12.64
C THR D 579 24.47 -23.79 12.31
N VAL D 580 24.02 -22.62 12.78
CA VAL D 580 24.75 -21.39 12.51
C VAL D 580 26.07 -21.37 13.27
N LEU D 581 26.12 -21.96 14.47
CA LEU D 581 27.36 -22.00 15.22
C LEU D 581 28.38 -22.89 14.53
N GLY D 582 27.94 -24.03 13.99
CA GLY D 582 28.87 -24.93 13.33
C GLY D 582 29.43 -24.35 12.04
N LEU D 583 28.57 -23.72 11.23
CA LEU D 583 29.05 -23.12 9.99
C LEU D 583 29.96 -21.93 10.27
N ALA D 584 29.64 -21.13 11.30
CA ALA D 584 30.50 -20.03 11.67
C ALA D 584 31.85 -20.53 12.16
N ALA D 585 31.90 -21.74 12.74
CA ALA D 585 33.17 -22.31 13.16
C ALA D 585 34.06 -22.62 11.98
N ALA D 586 33.48 -23.17 10.90
CA ALA D 586 34.28 -23.47 9.71
C ALA D 586 34.76 -22.19 9.02
N VAL D 587 34.00 -21.09 9.16
CA VAL D 587 34.45 -19.82 8.60
C VAL D 587 35.64 -19.28 9.37
N GLU D 588 35.59 -19.36 10.70
CA GLU D 588 36.69 -18.88 11.52
C GLU D 588 37.97 -19.68 11.28
N GLU D 589 37.83 -20.98 11.02
CA GLU D 589 39.00 -21.79 10.69
C GLU D 589 39.55 -21.43 9.32
N LEU D 590 38.69 -20.96 8.40
CA LEU D 590 39.14 -20.58 7.07
C LEU D 590 39.75 -19.19 7.06
N ALA D 591 39.14 -18.24 7.77
CA ALA D 591 39.62 -16.86 7.85
C ALA D 591 39.66 -16.44 9.32
N PRO D 592 40.73 -16.79 10.03
CA PRO D 592 40.83 -16.44 11.45
C PRO D 592 41.17 -14.97 11.63
N VAL D 593 41.13 -14.54 12.89
CA VAL D 593 41.53 -13.18 13.26
C VAL D 593 43.06 -13.15 13.36
N THR D 594 43.67 -12.23 12.60
CA THR D 594 45.13 -12.16 12.52
C THR D 594 45.70 -10.77 12.72
N LYS D 595 44.88 -9.73 12.78
CA LYS D 595 45.35 -8.36 12.93
C LYS D 595 45.04 -7.87 14.33
N LYS D 596 46.07 -7.40 15.04
CA LYS D 596 45.88 -6.85 16.37
C LYS D 596 45.29 -5.44 16.27
N PRO D 597 44.24 -5.13 17.01
CA PRO D 597 43.67 -3.78 16.97
C PRO D 597 44.64 -2.75 17.55
N ALA D 598 44.33 -1.49 17.28
CA ALA D 598 45.16 -0.40 17.80
C ALA D 598 45.11 -0.35 19.32
N ILE D 599 43.93 -0.51 19.90
CA ILE D 599 43.75 -0.51 21.34
C ILE D 599 43.58 -1.97 21.74
N PHE D 600 44.69 -2.60 22.13
CA PHE D 600 44.68 -3.99 22.56
C PHE D 600 45.56 -4.11 23.80
N TYR D 601 45.12 -4.93 24.75
CA TYR D 601 45.83 -5.16 26.01
C TYR D 601 46.00 -6.66 26.20
N ASP D 602 47.22 -7.14 25.99
CA ASP D 602 47.53 -8.55 26.22
C ASP D 602 47.35 -8.87 27.70
N ILE D 603 46.64 -9.95 27.98
CA ILE D 603 46.32 -10.33 29.34
C ILE D 603 47.21 -11.50 29.76
N LEU D 604 47.17 -11.83 31.05
CA LEU D 604 47.99 -12.91 31.63
C LEU D 604 49.48 -12.63 31.45
N ASN D 605 49.86 -11.36 31.56
CA ASN D 605 51.27 -10.97 31.42
C ASN D 605 51.69 -10.00 32.52
N TYR E 4 49.45 -19.39 -2.74
CA TYR E 4 50.42 -19.49 -3.83
C TYR E 4 50.06 -20.67 -4.74
N GLN E 5 50.10 -21.88 -4.18
CA GLN E 5 49.70 -23.07 -4.92
C GLN E 5 49.30 -24.15 -3.92
N VAL E 6 48.55 -25.13 -4.41
CA VAL E 6 48.11 -26.26 -3.60
C VAL E 6 48.70 -27.54 -4.20
N MET E 7 48.59 -28.62 -3.43
CA MET E 7 49.16 -29.90 -3.85
C MET E 7 48.31 -31.03 -3.28
N LYS E 8 48.43 -32.20 -3.91
CA LYS E 8 47.60 -33.35 -3.57
C LYS E 8 48.44 -34.62 -3.73
N ARG E 9 47.82 -35.76 -3.40
CA ARG E 9 48.42 -37.07 -3.63
C ARG E 9 47.31 -38.10 -3.56
N ALA E 10 47.05 -38.79 -4.68
CA ALA E 10 45.84 -39.61 -4.79
C ALA E 10 45.96 -40.90 -3.99
N SER E 11 47.09 -41.61 -4.13
CA SER E 11 47.24 -42.94 -3.54
C SER E 11 47.31 -42.92 -2.02
N GLU E 12 47.17 -41.75 -1.38
CA GLU E 12 47.22 -41.68 0.07
C GLU E 12 46.13 -40.79 0.65
N VAL E 13 45.01 -40.62 -0.05
CA VAL E 13 43.91 -39.81 0.44
C VAL E 13 43.14 -40.59 1.50
N ASP E 14 42.86 -39.94 2.62
CA ASP E 14 41.97 -40.51 3.63
C ASP E 14 40.54 -40.48 3.09
N LEU E 15 40.04 -41.64 2.66
CA LEU E 15 38.73 -41.68 2.01
C LEU E 15 37.61 -41.24 2.94
N SER E 16 37.83 -41.22 4.25
CA SER E 16 36.83 -40.73 5.18
C SER E 16 36.77 -39.22 5.24
N THR E 17 37.85 -38.53 4.85
CA THR E 17 37.92 -37.08 4.89
C THR E 17 37.64 -36.43 3.53
N VAL E 18 37.00 -37.17 2.62
CA VAL E 18 36.60 -36.60 1.34
C VAL E 18 35.22 -36.01 1.49
N LYS E 19 34.93 -34.99 0.69
CA LYS E 19 33.64 -34.30 0.72
C LYS E 19 33.10 -34.14 -0.69
N TYR E 20 31.80 -33.91 -0.77
CA TYR E 20 31.09 -33.84 -2.04
C TYR E 20 31.05 -32.39 -2.53
N LYS E 21 31.60 -32.14 -3.72
CA LYS E 21 31.66 -30.80 -4.30
C LYS E 21 30.50 -30.67 -5.28
N ALA E 22 29.39 -30.13 -4.79
CA ALA E 22 28.15 -30.02 -5.55
C ALA E 22 27.96 -28.65 -6.20
N GLU E 23 29.06 -27.99 -6.57
CA GLU E 23 28.98 -26.69 -7.22
C GLU E 23 28.61 -26.88 -8.68
N THR E 24 27.48 -26.31 -9.09
CA THR E 24 27.00 -26.45 -10.46
C THR E 24 27.69 -25.45 -11.38
N MET E 25 27.78 -25.82 -12.66
CA MET E 25 28.40 -24.98 -13.67
C MET E 25 27.58 -23.71 -13.87
N LYS E 26 28.09 -22.58 -13.39
CA LYS E 26 27.41 -21.29 -13.52
C LYS E 26 27.97 -20.60 -14.77
N ALA E 27 27.20 -20.61 -15.84
CA ALA E 27 27.56 -19.98 -17.10
C ALA E 27 26.32 -19.35 -17.71
N PRO E 28 26.47 -18.23 -18.42
CA PRO E 28 25.29 -17.55 -18.96
C PRO E 28 24.59 -18.36 -20.03
N HIS E 29 23.26 -18.28 -20.03
CA HIS E 29 22.41 -18.97 -21.01
C HIS E 29 21.82 -17.92 -21.94
N LEU E 30 22.08 -18.07 -23.24
CA LEU E 30 21.65 -17.11 -24.25
C LEU E 30 20.95 -17.82 -25.40
N THR E 31 19.94 -17.16 -25.96
CA THR E 31 19.18 -17.71 -27.06
C THR E 31 18.91 -16.61 -28.09
N GLY E 32 18.81 -17.02 -29.35
CA GLY E 32 18.33 -16.08 -30.36
C GLY E 32 19.44 -15.11 -30.76
N LEU E 33 19.07 -13.83 -30.92
CA LEU E 33 20.02 -12.83 -31.37
C LEU E 33 21.14 -12.62 -30.37
N SER E 34 20.81 -12.60 -29.08
CA SER E 34 21.84 -12.41 -28.05
C SER E 34 22.89 -13.51 -28.11
N PHE E 35 22.49 -14.72 -28.51
CA PHE E 35 23.47 -15.78 -28.71
C PHE E 35 24.36 -15.49 -29.92
N LYS E 36 23.79 -14.91 -30.97
CA LYS E 36 24.56 -14.65 -32.18
C LYS E 36 25.67 -13.64 -31.92
N LEU E 37 25.33 -12.50 -31.29
CA LEU E 37 26.34 -11.50 -31.00
C LEU E 37 27.36 -12.00 -29.99
N PHE E 38 26.95 -12.91 -29.09
CA PHE E 38 27.86 -13.46 -28.11
C PHE E 38 28.92 -14.34 -28.76
N VAL E 39 28.53 -15.10 -29.80
CA VAL E 39 29.49 -15.93 -30.51
C VAL E 39 30.47 -15.04 -31.28
N ASN E 40 29.99 -13.93 -31.83
CA ASN E 40 30.90 -12.96 -32.45
C ASN E 40 31.81 -12.32 -31.41
N LEU E 41 31.36 -12.21 -30.16
CA LEU E 41 32.23 -11.72 -29.11
C LEU E 41 33.30 -12.74 -28.75
N LEU E 42 32.96 -14.03 -28.75
CA LEU E 42 33.95 -15.06 -28.49
C LEU E 42 34.95 -15.17 -29.65
N GLU E 43 34.45 -15.11 -30.88
CA GLU E 43 35.32 -15.14 -32.06
C GLU E 43 36.02 -13.81 -32.32
N ALA E 44 35.96 -12.88 -31.37
CA ALA E 44 36.66 -11.61 -31.55
C ALA E 44 38.15 -11.82 -31.38
N PRO E 45 38.97 -11.12 -32.16
CA PRO E 45 40.43 -11.29 -32.05
C PRO E 45 40.98 -11.01 -30.67
N LEU E 46 40.38 -10.07 -29.93
CA LEU E 46 40.93 -9.62 -28.65
C LEU E 46 40.01 -9.98 -27.50
N ILE E 47 38.84 -9.33 -27.39
CA ILE E 47 37.95 -9.55 -26.26
C ILE E 47 37.38 -10.96 -26.22
N GLY E 48 37.63 -11.77 -27.25
CA GLY E 48 37.16 -13.15 -27.22
C GLY E 48 37.88 -13.99 -26.18
N SER E 49 39.22 -13.97 -26.22
CA SER E 49 39.99 -14.73 -25.25
C SER E 49 39.77 -14.21 -23.83
N LEU E 50 39.44 -12.93 -23.68
CA LEU E 50 39.17 -12.38 -22.36
C LEU E 50 37.90 -12.96 -21.76
N ILE E 51 36.86 -13.14 -22.59
CA ILE E 51 35.60 -13.70 -22.09
C ILE E 51 35.78 -15.18 -21.77
N VAL E 52 36.50 -15.91 -22.63
CA VAL E 52 36.71 -17.33 -22.39
C VAL E 52 37.59 -17.54 -21.15
N ASP E 53 38.57 -16.65 -20.94
CA ASP E 53 39.39 -16.75 -19.74
C ASP E 53 38.58 -16.44 -18.49
N TYR E 54 37.54 -15.61 -18.61
CA TYR E 54 36.69 -15.36 -17.45
C TYR E 54 35.79 -16.56 -17.14
N LEU E 55 35.35 -17.28 -18.17
CA LEU E 55 34.53 -18.46 -17.93
C LEU E 55 35.37 -19.60 -17.31
N LYS E 56 36.60 -19.78 -17.78
CA LYS E 56 37.46 -20.83 -17.23
C LYS E 56 37.79 -20.54 -15.76
N LYS E 57 38.03 -19.28 -15.42
CA LYS E 57 38.37 -18.94 -14.04
C LYS E 57 37.17 -19.02 -13.13
N ASP E 58 35.97 -18.72 -13.64
CA ASP E 58 34.79 -18.67 -12.78
C ASP E 58 34.42 -20.05 -12.25
N ASN E 59 34.22 -21.02 -13.16
CA ASN E 59 33.95 -22.40 -12.76
C ASN E 59 35.19 -23.12 -12.25
N GLY E 60 36.21 -22.39 -11.82
CA GLY E 60 37.39 -22.97 -11.21
C GLY E 60 38.12 -24.00 -12.05
N MET E 61 38.41 -23.67 -13.30
CA MET E 61 39.16 -24.56 -14.17
C MET E 61 40.60 -24.14 -14.37
N THR E 62 40.90 -22.84 -14.26
CA THR E 62 42.28 -22.40 -14.19
C THR E 62 42.93 -22.87 -12.90
N LYS E 63 42.16 -22.91 -11.81
CA LYS E 63 42.71 -23.29 -10.51
C LYS E 63 43.16 -24.75 -10.50
N ILE E 64 42.49 -25.62 -11.23
CA ILE E 64 42.91 -27.03 -11.27
C ILE E 64 44.03 -27.25 -12.28
N PHE E 65 44.11 -26.42 -13.31
CA PHE E 65 45.10 -26.61 -14.36
C PHE E 65 46.35 -25.76 -14.22
N ARG E 66 46.30 -24.70 -13.42
CA ARG E 66 47.42 -23.76 -13.32
C ARG E 66 47.96 -23.60 -11.92
N ASN E 67 47.16 -23.81 -10.88
CA ASN E 67 47.58 -23.56 -9.51
C ASN E 67 47.46 -24.81 -8.64
N THR E 68 47.71 -25.98 -9.22
CA THR E 68 47.56 -27.24 -8.50
C THR E 68 48.65 -28.20 -8.92
N VAL E 69 49.38 -28.73 -7.93
CA VAL E 69 50.44 -29.70 -8.18
C VAL E 69 49.83 -31.10 -8.14
N ILE E 70 50.05 -31.88 -9.20
CA ILE E 70 49.49 -33.22 -9.33
C ILE E 70 50.66 -34.20 -9.38
N PRO E 71 50.80 -35.11 -8.42
CA PRO E 71 51.98 -36.00 -8.38
C PRO E 71 51.88 -37.22 -9.29
N GLU E 72 50.70 -37.52 -9.83
CA GLU E 72 50.54 -38.70 -10.66
C GLU E 72 51.11 -38.47 -12.06
N GLU E 73 51.52 -39.57 -12.70
CA GLU E 73 52.02 -39.51 -14.05
C GLU E 73 50.86 -39.44 -15.05
N PRO E 74 51.09 -38.90 -16.24
CA PRO E 74 50.00 -38.78 -17.21
C PRO E 74 49.48 -40.14 -17.67
N MET E 75 48.16 -40.25 -17.76
CA MET E 75 47.47 -41.44 -18.24
C MET E 75 46.59 -40.99 -19.41
N PHE E 76 47.09 -41.17 -20.64
CA PHE E 76 46.39 -40.64 -21.80
C PHE E 76 45.20 -41.51 -22.19
N ARG E 77 45.35 -42.83 -22.14
CA ARG E 77 44.27 -43.74 -22.46
C ARG E 77 43.98 -44.64 -21.26
N PRO E 78 42.74 -45.15 -21.14
CA PRO E 78 42.42 -46.04 -20.02
C PRO E 78 43.29 -47.30 -19.99
N GLU E 79 44.18 -47.38 -19.01
CA GLU E 79 45.08 -48.52 -18.84
C GLU E 79 44.45 -49.45 -17.80
N PHE E 80 43.84 -50.53 -18.29
CA PHE E 80 43.13 -51.46 -17.40
C PHE E 80 44.07 -52.54 -16.89
N PRO E 81 43.95 -52.90 -15.61
CA PRO E 81 44.70 -54.05 -15.09
C PRO E 81 43.96 -55.35 -15.41
N SER E 82 44.65 -56.46 -15.12
CA SER E 82 44.05 -57.77 -15.32
C SER E 82 42.85 -57.94 -14.40
N GLN E 83 41.68 -58.19 -14.98
CA GLN E 83 40.45 -58.31 -14.24
C GLN E 83 40.09 -59.76 -14.00
N GLU E 84 39.50 -60.04 -12.84
CA GLU E 84 39.07 -61.39 -12.51
C GLU E 84 37.98 -61.83 -13.47
N PRO E 85 37.88 -63.13 -13.75
CA PRO E 85 36.86 -63.61 -14.69
C PRO E 85 35.45 -63.41 -14.14
N GLU E 86 34.53 -63.06 -15.04
CA GLU E 86 33.15 -62.85 -14.64
C GLU E 86 32.49 -64.17 -14.27
N HIS E 87 31.53 -64.10 -13.35
CA HIS E 87 30.87 -65.28 -12.81
C HIS E 87 29.64 -65.62 -13.65
N ASP E 88 29.55 -66.87 -14.08
CA ASP E 88 28.39 -67.42 -14.76
C ASP E 88 28.10 -66.66 -16.07
N VAL E 89 29.05 -66.78 -17.00
CA VAL E 89 28.95 -66.19 -18.32
C VAL E 89 29.32 -67.23 -19.36
N VAL E 90 29.08 -66.89 -20.63
CA VAL E 90 29.38 -67.76 -21.76
C VAL E 90 30.45 -67.05 -22.60
N ILE E 91 31.67 -67.57 -22.58
CA ILE E 91 32.76 -66.96 -23.33
C ILE E 91 32.50 -67.11 -24.82
N VAL E 92 32.64 -66.00 -25.55
CA VAL E 92 32.43 -65.99 -26.99
C VAL E 92 33.71 -65.52 -27.66
N GLY E 93 33.97 -66.05 -28.85
CA GLY E 93 35.16 -65.65 -29.59
C GLY E 93 35.08 -64.20 -30.04
N GLU E 94 36.21 -63.51 -29.95
CA GLU E 94 36.28 -62.11 -30.36
C GLU E 94 36.32 -61.95 -31.87
N ASP E 95 36.78 -62.96 -32.60
CA ASP E 95 36.84 -62.92 -34.05
C ASP E 95 35.76 -63.76 -34.71
N GLU E 96 34.83 -64.30 -33.93
CA GLU E 96 33.69 -65.02 -34.50
C GLU E 96 32.86 -64.08 -35.38
N SER E 97 32.29 -64.64 -36.43
CA SER E 97 31.38 -63.86 -37.25
C SER E 97 30.17 -63.47 -36.41
N PRO E 98 29.64 -62.26 -36.58
CA PRO E 98 28.46 -61.86 -35.80
C PRO E 98 27.27 -62.78 -35.99
N ILE E 99 27.23 -63.55 -37.09
CA ILE E 99 26.19 -64.55 -37.26
C ILE E 99 26.36 -65.67 -36.24
N ASP E 100 27.59 -66.17 -36.10
CA ASP E 100 27.86 -67.19 -35.08
C ASP E 100 27.79 -66.60 -33.67
N ARG E 101 28.14 -65.32 -33.52
CA ARG E 101 28.03 -64.68 -32.22
C ARG E 101 26.57 -64.54 -31.81
N LEU E 102 25.70 -64.23 -32.77
CA LEU E 102 24.28 -64.08 -32.49
C LEU E 102 23.65 -65.41 -32.08
N GLU E 103 24.16 -66.52 -32.62
CA GLU E 103 23.59 -67.82 -32.29
C GLU E 103 23.79 -68.16 -30.82
N THR E 104 25.01 -67.96 -30.31
CA THR E 104 25.27 -68.20 -28.90
C THR E 104 24.47 -67.24 -28.03
N ALA E 105 24.30 -65.99 -28.47
CA ALA E 105 23.52 -65.03 -27.70
C ALA E 105 22.07 -65.46 -27.57
N LEU E 106 21.52 -66.12 -28.60
CA LEU E 106 20.16 -66.62 -28.53
C LEU E 106 20.03 -67.74 -27.50
N LYS E 107 21.10 -68.51 -27.28
CA LYS E 107 21.09 -69.55 -26.28
C LYS E 107 21.06 -68.99 -24.86
N CYS E 108 21.50 -67.74 -24.69
CA CYS E 108 21.54 -67.09 -23.38
C CYS E 108 20.21 -66.42 -23.02
N LEU E 109 19.23 -66.45 -23.90
CA LEU E 109 17.95 -65.81 -23.63
C LEU E 109 16.91 -66.82 -23.19
N PRO E 110 15.93 -66.40 -22.38
CA PRO E 110 14.83 -67.31 -22.05
C PRO E 110 14.06 -67.69 -23.30
N GLN E 111 13.45 -68.87 -23.26
CA GLN E 111 12.75 -69.39 -24.43
C GLN E 111 11.63 -68.44 -24.85
N TYR E 112 11.56 -68.18 -26.14
CA TYR E 112 10.60 -67.21 -26.65
C TYR E 112 9.18 -67.76 -26.57
N ASP E 113 8.29 -66.99 -25.94
CA ASP E 113 6.91 -67.38 -25.77
C ASP E 113 6.07 -66.74 -26.86
N PRO E 114 5.44 -67.53 -27.75
CA PRO E 114 4.63 -66.93 -28.82
C PRO E 114 3.39 -66.18 -28.33
N SER E 115 3.08 -66.23 -27.03
CA SER E 115 1.95 -65.50 -26.50
C SER E 115 2.15 -63.98 -26.57
N ARG E 116 3.39 -63.53 -26.72
CA ARG E 116 3.67 -62.11 -26.82
C ARG E 116 3.82 -61.56 -28.24
N SER E 117 3.47 -62.36 -29.25
CA SER E 117 3.34 -61.88 -30.62
C SER E 117 2.12 -61.97 -31.52
N LEU E 118 1.60 -63.19 -31.69
CA LEU E 118 0.35 -63.36 -32.44
C LEU E 118 -0.86 -63.39 -31.51
N HIS E 119 -0.79 -64.21 -30.45
CA HIS E 119 -1.93 -64.40 -29.55
C HIS E 119 -1.72 -63.59 -28.27
N ALA E 120 -1.72 -62.27 -28.44
CA ALA E 120 -1.58 -61.36 -27.32
C ALA E 120 -2.93 -61.13 -26.65
N ASP E 121 -2.91 -61.01 -25.33
CA ASP E 121 -4.15 -60.81 -24.58
C ASP E 121 -4.68 -59.39 -24.83
N PRO E 122 -5.95 -59.23 -25.18
CA PRO E 122 -6.46 -57.89 -25.50
C PRO E 122 -6.43 -56.92 -24.33
N VAL E 123 -6.54 -57.41 -23.09
CA VAL E 123 -6.56 -56.53 -21.93
C VAL E 123 -5.25 -56.68 -21.15
N SER E 124 -4.15 -56.24 -21.75
CA SER E 124 -2.85 -56.22 -21.10
C SER E 124 -2.29 -54.80 -21.17
N SER E 125 -1.17 -54.60 -20.47
CA SER E 125 -0.53 -53.29 -20.42
C SER E 125 0.22 -52.99 -21.71
N PHE E 126 1.08 -51.98 -21.67
CA PHE E 126 1.86 -51.58 -22.84
C PHE E 126 3.18 -52.34 -22.89
N ARG E 127 3.68 -52.55 -24.10
CA ARG E 127 4.93 -53.26 -24.30
C ARG E 127 5.50 -52.88 -25.67
N TYR E 128 6.82 -52.89 -25.75
CA TYR E 128 7.51 -52.65 -27.02
C TYR E 128 7.64 -53.95 -27.81
N TRP E 129 7.99 -53.81 -29.08
CA TRP E 129 8.24 -54.96 -29.94
C TRP E 129 9.73 -55.30 -29.88
N LYS E 130 10.03 -56.53 -29.47
CA LYS E 130 11.41 -56.98 -29.36
C LYS E 130 11.92 -57.51 -30.69
N ILE E 131 13.23 -57.69 -30.78
CA ILE E 131 13.84 -58.18 -32.01
C ILE E 131 13.38 -59.60 -32.29
N ARG E 132 13.23 -60.42 -31.25
CA ARG E 132 12.73 -61.78 -31.44
C ARG E 132 11.27 -61.81 -31.87
N ASP E 133 10.51 -60.74 -31.59
CA ASP E 133 9.14 -60.67 -32.09
C ASP E 133 9.13 -60.53 -33.61
N TYR E 134 9.99 -59.67 -34.17
CA TYR E 134 10.08 -59.53 -35.61
C TYR E 134 10.58 -60.83 -36.25
N ALA E 135 11.64 -61.41 -35.68
CA ALA E 135 12.21 -62.63 -36.24
C ALA E 135 11.24 -63.80 -36.19
N TYR E 136 10.25 -63.77 -35.31
CA TYR E 136 9.25 -64.82 -35.28
C TYR E 136 8.19 -64.61 -36.36
N ALA E 137 7.71 -63.38 -36.52
CA ALA E 137 6.72 -63.09 -37.54
C ALA E 137 7.29 -63.26 -38.94
N TYR E 138 8.60 -63.06 -39.10
CA TYR E 138 9.23 -63.27 -40.41
C TYR E 138 9.25 -64.74 -40.78
N ARG E 139 9.65 -65.59 -39.84
CA ARG E 139 9.75 -67.02 -40.11
C ARG E 139 8.40 -67.73 -40.05
N SER E 140 7.41 -67.15 -39.37
CA SER E 140 6.07 -67.69 -39.33
C SER E 140 5.20 -67.15 -40.47
N LYS E 141 5.81 -66.61 -41.52
CA LYS E 141 5.16 -66.01 -42.68
C LYS E 141 3.96 -65.13 -42.30
N LEU E 142 4.00 -64.55 -41.10
CA LEU E 142 2.94 -63.62 -40.69
C LEU E 142 3.12 -62.26 -41.35
N THR E 143 4.35 -61.88 -41.65
CA THR E 143 4.64 -60.65 -42.37
C THR E 143 5.96 -60.83 -43.11
N THR E 144 6.47 -59.75 -43.67
CA THR E 144 7.73 -59.79 -44.42
C THR E 144 8.46 -58.49 -44.19
N PRO E 145 9.81 -58.51 -44.17
CA PRO E 145 10.56 -57.26 -44.00
C PRO E 145 10.26 -56.23 -45.08
N LEU E 146 9.75 -56.64 -46.24
CA LEU E 146 9.33 -55.68 -47.25
C LEU E 146 8.06 -54.95 -46.82
N GLN E 147 7.12 -55.67 -46.21
CA GLN E 147 5.89 -55.03 -45.74
C GLN E 147 6.18 -54.10 -44.57
N VAL E 148 7.10 -54.50 -43.67
CA VAL E 148 7.48 -53.63 -42.57
C VAL E 148 8.19 -52.39 -43.09
N ALA E 149 8.97 -52.54 -44.17
CA ALA E 149 9.65 -51.38 -44.75
C ALA E 149 8.65 -50.37 -45.31
N LYS E 150 7.65 -50.86 -46.05
CA LYS E 150 6.65 -49.97 -46.62
C LYS E 150 5.86 -49.24 -45.54
N ARG E 151 5.65 -49.89 -44.39
CA ARG E 151 4.92 -49.24 -43.31
C ARG E 151 5.79 -48.20 -42.62
N ILE E 152 7.08 -48.46 -42.48
CA ILE E 152 7.99 -47.48 -41.86
C ILE E 152 8.22 -46.30 -42.79
N ILE E 153 8.46 -46.58 -44.07
CA ILE E 153 8.68 -45.50 -45.04
C ILE E 153 7.46 -44.59 -45.09
N SER E 154 6.26 -45.16 -44.95
CA SER E 154 5.05 -44.34 -44.96
C SER E 154 5.02 -43.37 -43.79
N ILE E 155 5.38 -43.85 -42.60
CA ILE E 155 5.35 -42.99 -41.42
C ILE E 155 6.37 -41.87 -41.54
N ILE E 156 7.54 -42.16 -42.10
CA ILE E 156 8.59 -41.15 -42.23
C ILE E 156 8.16 -40.05 -43.20
N GLU E 157 7.53 -40.42 -44.31
CA GLU E 157 7.14 -39.44 -45.31
C GLU E 157 5.84 -38.72 -44.94
N GLU E 158 4.95 -39.39 -44.19
CA GLU E 158 3.69 -38.76 -43.82
C GLU E 158 3.91 -37.67 -42.79
N PHE E 159 4.60 -37.99 -41.70
CA PHE E 159 4.82 -37.05 -40.61
C PHE E 159 6.03 -36.16 -40.82
N GLY E 160 6.69 -36.25 -41.97
CA GLY E 160 7.86 -35.44 -42.23
C GLY E 160 9.00 -35.73 -41.28
N TYR E 161 9.34 -37.01 -41.13
CA TYR E 161 10.42 -37.42 -40.24
C TYR E 161 11.77 -37.45 -40.94
N ASP E 162 11.82 -37.18 -42.24
CA ASP E 162 13.06 -36.99 -42.97
C ASP E 162 13.23 -35.54 -43.42
N LYS E 163 12.35 -34.66 -43.00
CA LYS E 163 12.32 -33.26 -43.36
C LYS E 163 12.15 -32.41 -42.12
N PRO E 164 12.59 -31.15 -42.14
CA PRO E 164 12.41 -30.25 -41.00
C PRO E 164 10.93 -30.06 -40.68
N PRO E 165 10.59 -29.54 -39.49
CA PRO E 165 11.49 -29.08 -38.43
C PRO E 165 11.76 -30.13 -37.34
N THR E 166 11.08 -31.25 -37.38
CA THR E 166 11.22 -32.32 -36.39
C THR E 166 11.54 -33.63 -37.10
N PRO E 167 12.79 -33.81 -37.57
CA PRO E 167 13.13 -35.03 -38.29
C PRO E 167 13.78 -36.08 -37.41
N PHE E 168 13.30 -37.33 -37.49
CA PHE E 168 14.01 -38.43 -36.84
C PHE E 168 15.34 -38.73 -37.53
N LEU E 169 15.39 -38.54 -38.85
CA LEU E 169 16.57 -38.81 -39.64
C LEU E 169 16.94 -37.57 -40.44
N ILE E 170 18.22 -37.46 -40.78
CA ILE E 170 18.72 -36.38 -41.64
C ILE E 170 19.27 -36.90 -42.96
N ARG E 171 19.23 -38.20 -43.20
CA ARG E 171 19.56 -38.79 -44.49
C ARG E 171 18.70 -40.03 -44.66
N PHE E 172 17.93 -40.09 -45.74
CA PHE E 172 16.97 -41.18 -45.92
C PHE E 172 16.81 -41.46 -47.41
N ASP E 173 16.90 -42.74 -47.78
CA ASP E 173 16.70 -43.18 -49.16
C ASP E 173 15.67 -44.32 -49.13
N ALA E 174 14.41 -43.99 -49.40
CA ALA E 174 13.36 -45.00 -49.38
C ALA E 174 13.59 -46.07 -50.44
N ASN E 175 14.18 -45.69 -51.57
CA ASN E 175 14.48 -46.66 -52.62
C ASN E 175 15.56 -47.64 -52.17
N GLU E 176 16.45 -47.22 -51.26
CA GLU E 176 17.48 -48.11 -50.75
C GLU E 176 16.93 -49.07 -49.70
N VAL E 177 16.04 -48.59 -48.83
CA VAL E 177 15.47 -49.44 -47.80
C VAL E 177 14.68 -50.58 -48.42
N ILE E 178 13.94 -50.30 -49.50
CA ILE E 178 13.19 -51.33 -50.18
C ILE E 178 14.14 -52.33 -50.85
N LYS E 179 15.30 -51.86 -51.33
CA LYS E 179 16.27 -52.77 -51.94
C LYS E 179 16.79 -53.78 -50.92
N GLN E 180 16.98 -53.35 -49.67
CA GLN E 180 17.45 -54.26 -48.63
C GLN E 180 16.34 -55.21 -48.21
N ALA E 181 15.12 -54.69 -48.01
CA ALA E 181 14.02 -55.52 -47.53
C ALA E 181 13.63 -56.59 -48.54
N GLU E 182 13.77 -56.30 -49.83
CA GLU E 182 13.48 -57.31 -50.84
C GLU E 182 14.47 -58.47 -50.75
N ALA E 183 15.77 -58.16 -50.58
CA ALA E 183 16.76 -59.22 -50.41
C ALA E 183 16.50 -60.01 -49.14
N SER E 184 16.12 -59.32 -48.05
CA SER E 184 15.78 -60.02 -46.82
C SER E 184 14.53 -60.88 -47.00
N THR E 185 13.53 -60.36 -47.71
CA THR E 185 12.33 -61.14 -47.97
C THR E 185 12.63 -62.36 -48.82
N ARG E 186 13.47 -62.19 -49.85
CA ARG E 186 13.85 -63.32 -50.70
C ARG E 186 14.54 -64.41 -49.90
N ARG E 187 15.40 -64.03 -48.94
CA ARG E 187 16.07 -65.03 -48.11
C ARG E 187 15.08 -65.74 -47.22
N PHE E 188 14.05 -65.03 -46.73
CA PHE E 188 13.03 -65.68 -45.92
C PHE E 188 12.15 -66.59 -46.77
N GLU E 189 11.86 -66.19 -48.01
CA GLU E 189 11.07 -67.03 -48.90
C GLU E 189 11.83 -68.29 -49.29
N GLN E 190 13.14 -68.16 -49.52
CA GLN E 190 13.96 -69.33 -49.83
C GLN E 190 14.14 -70.25 -48.63
N GLY E 191 13.83 -69.76 -47.43
CA GLY E 191 13.91 -70.57 -46.23
C GLY E 191 15.25 -70.55 -45.53
N ASN E 192 16.15 -69.66 -45.90
CA ASN E 192 17.48 -69.58 -45.30
C ASN E 192 17.75 -68.16 -44.82
N PRO E 193 17.16 -67.76 -43.69
CA PRO E 193 17.52 -66.47 -43.11
C PRO E 193 18.94 -66.51 -42.56
N ILE E 194 19.59 -65.34 -42.59
CA ILE E 194 20.99 -65.26 -42.19
C ILE E 194 21.12 -65.52 -40.69
N SER E 195 20.42 -64.73 -39.88
CA SER E 195 20.49 -64.87 -38.43
C SER E 195 19.20 -64.30 -37.83
N VAL E 196 19.21 -64.04 -36.53
CA VAL E 196 18.03 -63.46 -35.89
C VAL E 196 17.86 -62.00 -36.28
N LEU E 197 18.96 -61.30 -36.56
CA LEU E 197 18.88 -59.91 -36.99
C LEU E 197 18.53 -59.75 -38.45
N ASP E 198 18.24 -60.83 -39.17
CA ASP E 198 17.86 -60.75 -40.58
C ASP E 198 16.47 -60.14 -40.69
N GLY E 199 16.39 -58.96 -41.28
CA GLY E 199 15.13 -58.25 -41.38
C GLY E 199 14.87 -57.23 -40.29
N ILE E 200 15.82 -57.01 -39.40
CA ILE E 200 15.67 -56.06 -38.30
C ILE E 200 16.16 -54.69 -38.76
N PHE E 201 15.36 -53.67 -38.49
CA PHE E 201 15.67 -52.31 -38.90
C PHE E 201 16.51 -51.63 -37.83
N VAL E 202 17.69 -51.13 -38.22
CA VAL E 202 18.60 -50.47 -37.30
C VAL E 202 18.95 -49.10 -37.87
N THR E 203 18.80 -48.06 -37.04
CA THR E 203 19.10 -46.69 -37.44
C THR E 203 20.50 -46.33 -36.97
N ILE E 204 21.30 -45.77 -37.88
CA ILE E 204 22.69 -45.45 -37.60
C ILE E 204 22.82 -43.95 -37.33
N LYS E 205 23.60 -43.59 -36.33
CA LYS E 205 23.86 -42.19 -36.02
C LYS E 205 24.67 -41.55 -37.14
N ASP E 206 24.53 -40.23 -37.28
CA ASP E 206 25.11 -39.53 -38.42
C ASP E 206 26.63 -39.41 -38.34
N ASP E 207 27.25 -39.72 -37.20
CA ASP E 207 28.69 -39.68 -37.08
C ASP E 207 29.34 -41.06 -37.24
N ILE E 208 28.61 -42.02 -37.80
CA ILE E 208 29.11 -43.35 -38.09
C ILE E 208 28.90 -43.61 -39.57
N ASP E 209 29.94 -44.09 -40.25
CA ASP E 209 29.88 -44.31 -41.69
C ASP E 209 28.93 -45.46 -42.00
N CYS E 210 27.92 -45.20 -42.84
CA CYS E 210 26.96 -46.20 -43.26
C CYS E 210 26.66 -45.98 -44.74
N LEU E 211 27.03 -46.94 -45.57
CA LEU E 211 26.84 -46.80 -47.01
C LEU E 211 25.35 -46.92 -47.36
N PRO E 212 24.89 -46.20 -48.40
CA PRO E 212 25.69 -45.28 -49.22
C PRO E 212 25.64 -43.84 -48.74
N HIS E 213 25.00 -43.61 -47.59
CA HIS E 213 24.79 -42.25 -47.11
C HIS E 213 26.12 -41.63 -46.68
N PRO E 214 26.35 -40.36 -46.99
CA PRO E 214 27.55 -39.69 -46.49
C PRO E 214 27.45 -39.40 -44.99
N THR E 215 28.60 -39.15 -44.39
CA THR E 215 28.71 -38.90 -42.95
C THR E 215 28.97 -37.41 -42.75
N ASN E 216 27.93 -36.71 -42.29
CA ASN E 216 28.04 -35.27 -42.02
C ASN E 216 28.15 -34.96 -40.54
N GLY E 217 27.80 -35.90 -39.66
CA GLY E 217 27.94 -35.70 -38.22
C GLY E 217 27.11 -34.58 -37.65
N GLY E 218 26.00 -34.23 -38.30
CA GLY E 218 25.18 -33.12 -37.85
C GLY E 218 25.50 -31.79 -38.51
N THR E 219 26.60 -31.70 -39.23
CA THR E 219 26.94 -30.48 -39.96
C THR E 219 26.35 -30.53 -41.36
N THR E 220 26.43 -29.40 -42.07
CA THR E 220 25.88 -29.27 -43.41
C THR E 220 26.88 -29.62 -44.50
N TRP E 221 28.18 -29.68 -44.18
CA TRP E 221 29.29 -29.49 -45.09
C TRP E 221 30.33 -30.60 -44.97
N LEU E 222 30.25 -31.41 -43.90
CA LEU E 222 31.31 -32.37 -43.64
C LEU E 222 31.51 -33.34 -44.81
N HIS E 223 30.45 -33.62 -45.56
CA HIS E 223 30.58 -34.48 -46.73
C HIS E 223 31.41 -33.84 -47.83
N GLU E 224 31.53 -32.51 -47.84
CA GLU E 224 32.34 -31.83 -48.85
C GLU E 224 33.82 -32.10 -48.68
N ASP E 225 34.25 -32.53 -47.49
CA ASP E 225 35.66 -32.78 -47.21
C ASP E 225 35.96 -34.21 -46.79
N ARG E 226 35.00 -34.92 -46.22
CA ARG E 226 35.19 -36.29 -45.75
C ARG E 226 34.35 -37.22 -46.60
N SER E 227 34.99 -37.93 -47.53
CA SER E 227 34.30 -38.90 -48.36
C SER E 227 34.17 -40.23 -47.64
N VAL E 228 32.99 -40.85 -47.77
CA VAL E 228 32.69 -42.13 -47.14
C VAL E 228 32.74 -43.18 -48.24
N GLU E 229 33.86 -43.90 -48.34
CA GLU E 229 34.06 -44.86 -49.40
C GLU E 229 33.69 -46.30 -49.02
N LYS E 230 33.54 -46.59 -47.74
CA LYS E 230 33.16 -47.94 -47.32
C LYS E 230 32.49 -47.87 -45.95
N ASP E 231 31.89 -48.99 -45.57
CA ASP E 231 31.14 -49.07 -44.32
C ASP E 231 32.06 -48.89 -43.12
N SER E 232 31.44 -48.84 -41.94
CA SER E 232 32.17 -48.81 -40.69
C SER E 232 32.25 -50.22 -40.12
N ALA E 233 32.89 -50.34 -38.96
CA ALA E 233 33.02 -51.65 -38.32
C ALA E 233 31.67 -52.13 -37.78
N VAL E 234 30.94 -51.26 -37.08
CA VAL E 234 29.69 -51.67 -36.47
C VAL E 234 28.61 -51.88 -37.52
N VAL E 235 28.66 -51.15 -38.63
CA VAL E 235 27.64 -51.29 -39.65
C VAL E 235 27.86 -52.56 -40.48
N SER E 236 29.11 -52.84 -40.82
CA SER E 236 29.40 -54.05 -41.60
C SER E 236 29.05 -55.31 -40.82
N LYS E 237 29.19 -55.28 -39.50
CA LYS E 237 28.81 -56.44 -38.69
C LYS E 237 27.31 -56.64 -38.68
N LEU E 238 26.55 -55.55 -38.59
CA LEU E 238 25.09 -55.65 -38.63
C LEU E 238 24.61 -56.10 -40.00
N ARG E 239 25.24 -55.61 -41.06
CA ARG E 239 24.83 -56.00 -42.41
C ARG E 239 25.13 -57.47 -42.68
N SER E 240 26.19 -58.02 -42.08
CA SER E 240 26.50 -59.43 -42.25
C SER E 240 25.46 -60.34 -41.61
N CYS E 241 24.72 -59.84 -40.62
CA CYS E 241 23.66 -60.61 -39.99
C CYS E 241 22.35 -60.56 -40.78
N GLY E 242 22.23 -59.64 -41.72
CA GLY E 242 20.98 -59.46 -42.46
C GLY E 242 20.14 -58.30 -42.00
N ALA E 243 20.67 -57.40 -41.18
CA ALA E 243 19.91 -56.27 -40.68
C ALA E 243 19.67 -55.26 -41.80
N ILE E 244 18.58 -54.50 -41.65
CA ILE E 244 18.20 -53.48 -42.62
C ILE E 244 18.59 -52.13 -42.05
N LEU E 245 19.58 -51.48 -42.67
CA LEU E 245 20.02 -50.17 -42.25
C LEU E 245 19.02 -49.11 -42.72
N LEU E 246 18.39 -48.42 -41.77
CA LEU E 246 17.34 -47.47 -42.12
C LEU E 246 17.92 -46.18 -42.70
N GLY E 247 18.74 -45.49 -41.92
CA GLY E 247 19.33 -44.25 -42.39
C GLY E 247 20.08 -43.55 -41.27
N LYS E 248 20.61 -42.37 -41.60
CA LYS E 248 21.40 -41.60 -40.67
C LYS E 248 20.48 -40.80 -39.75
N ALA E 249 20.66 -40.97 -38.44
CA ALA E 249 19.80 -40.32 -37.46
C ALA E 249 20.27 -38.90 -37.19
N ASN E 250 19.37 -38.10 -36.64
CA ASN E 250 19.70 -36.75 -36.21
C ASN E 250 20.56 -36.81 -34.94
N MET E 251 21.33 -35.75 -34.73
CA MET E 251 22.24 -35.70 -33.59
C MET E 251 22.65 -34.26 -33.34
N HIS E 252 23.03 -33.98 -32.09
CA HIS E 252 23.66 -32.71 -31.77
C HIS E 252 24.95 -32.59 -32.57
N GLU E 253 25.19 -31.41 -33.13
CA GLU E 253 26.29 -31.22 -34.08
C GLU E 253 27.63 -31.61 -33.49
N LEU E 254 28.22 -32.68 -34.02
CA LEU E 254 29.55 -33.14 -33.64
C LEU E 254 29.63 -33.50 -32.15
N GLY E 255 28.51 -33.92 -31.57
CA GLY E 255 28.50 -34.34 -30.18
C GLY E 255 28.93 -33.28 -29.20
N MET E 256 28.54 -32.03 -29.45
CA MET E 256 28.90 -30.94 -28.54
C MET E 256 27.65 -30.39 -27.86
N GLY E 257 26.95 -31.24 -27.14
CA GLY E 257 25.73 -30.86 -26.45
C GLY E 257 24.91 -32.05 -26.03
N THR E 258 24.46 -32.07 -24.77
CA THR E 258 23.69 -33.18 -24.23
C THR E 258 22.19 -32.91 -24.28
N THR E 259 21.75 -31.92 -25.04
CA THR E 259 20.33 -31.61 -25.20
C THR E 259 19.75 -32.14 -26.49
N GLY E 260 20.47 -32.01 -27.61
CA GLY E 260 19.97 -32.38 -28.90
C GLY E 260 19.55 -31.22 -29.78
N ASN E 261 19.84 -29.99 -29.37
CA ASN E 261 19.48 -28.81 -30.15
C ASN E 261 20.32 -28.77 -31.42
N ASN E 262 19.68 -29.00 -32.56
CA ASN E 262 20.34 -28.95 -33.87
C ASN E 262 19.64 -27.89 -34.71
N SER E 263 20.21 -26.69 -34.76
CA SER E 263 19.65 -25.60 -35.53
C SER E 263 19.89 -25.73 -37.03
N ASN E 264 20.49 -26.84 -37.47
CA ASN E 264 20.80 -27.03 -38.88
C ASN E 264 19.71 -27.80 -39.61
N TYR E 265 19.29 -28.94 -39.06
CA TYR E 265 18.24 -29.76 -39.65
C TYR E 265 16.95 -29.76 -38.85
N GLY E 266 16.95 -29.28 -37.62
CA GLY E 266 15.79 -29.35 -36.76
C GLY E 266 16.01 -30.22 -35.54
N THR E 267 15.59 -29.73 -34.38
CA THR E 267 15.79 -30.45 -33.14
C THR E 267 14.77 -31.57 -33.01
N THR E 268 15.25 -32.79 -32.76
CA THR E 268 14.37 -33.93 -32.58
C THR E 268 13.62 -33.81 -31.26
N ARG E 269 12.33 -34.13 -31.29
CA ARG E 269 11.46 -33.97 -30.13
C ARG E 269 11.27 -35.29 -29.40
N ASN E 270 11.08 -35.19 -28.10
CA ASN E 270 10.92 -36.39 -27.26
C ASN E 270 9.60 -37.08 -27.60
N PRO E 271 9.61 -38.40 -27.83
CA PRO E 271 8.34 -39.09 -28.10
C PRO E 271 7.35 -39.01 -26.95
N HIS E 272 7.82 -38.93 -25.71
CA HIS E 272 6.90 -38.81 -24.58
C HIS E 272 6.30 -37.41 -24.50
N ASP E 273 7.03 -36.39 -24.96
CA ASP E 273 6.54 -35.02 -24.95
C ASP E 273 7.27 -34.21 -26.02
N PRO E 274 6.60 -33.89 -27.14
CA PRO E 274 7.29 -33.21 -28.25
C PRO E 274 7.82 -31.83 -27.90
N LYS E 275 7.31 -31.20 -26.84
CA LYS E 275 7.79 -29.89 -26.44
C LYS E 275 9.00 -29.96 -25.52
N ARG E 276 9.61 -31.13 -25.38
CA ARG E 276 10.77 -31.33 -24.52
C ARG E 276 11.91 -31.91 -25.34
N TYR E 277 13.12 -31.80 -24.79
CA TYR E 277 14.31 -32.30 -25.45
C TYR E 277 14.36 -33.82 -25.43
N THR E 278 15.19 -34.37 -26.32
CA THR E 278 15.43 -35.82 -26.35
C THR E 278 16.61 -36.24 -25.51
N GLY E 279 17.63 -35.38 -25.41
CA GLY E 279 18.88 -35.77 -24.78
C GLY E 279 19.95 -36.01 -25.82
N GLY E 280 21.15 -35.48 -25.57
CA GLY E 280 22.24 -35.58 -26.52
C GLY E 280 23.24 -36.66 -26.15
N SER E 281 24.15 -36.94 -27.08
CA SER E 281 24.17 -36.24 -28.37
C SER E 281 23.44 -37.05 -29.45
N SER E 282 23.06 -38.28 -29.10
CA SER E 282 22.32 -39.15 -30.00
C SER E 282 20.81 -38.84 -29.90
N SER E 283 20.47 -37.62 -30.31
CA SER E 283 19.09 -37.14 -30.17
C SER E 283 18.15 -37.94 -31.06
N GLY E 284 18.52 -38.16 -32.32
CA GLY E 284 17.64 -38.85 -33.24
C GLY E 284 17.65 -40.36 -33.08
N SER E 285 18.78 -40.92 -32.63
CA SER E 285 18.87 -42.38 -32.48
C SER E 285 17.95 -42.90 -31.39
N ALA E 286 17.84 -42.17 -30.28
CA ALA E 286 17.02 -42.64 -29.17
C ALA E 286 15.54 -42.36 -29.38
N ALA E 287 15.20 -41.27 -30.07
CA ALA E 287 13.80 -40.92 -30.24
C ALA E 287 13.11 -41.85 -31.23
N ILE E 288 13.79 -42.22 -32.31
CA ILE E 288 13.19 -43.12 -33.28
C ILE E 288 12.97 -44.50 -32.68
N VAL E 289 13.79 -44.89 -31.69
CA VAL E 289 13.59 -46.17 -31.02
C VAL E 289 12.47 -46.08 -30.00
N ALA E 290 12.42 -44.98 -29.25
CA ALA E 290 11.34 -44.80 -28.29
C ALA E 290 9.99 -44.64 -28.98
N ALA E 291 9.98 -44.08 -30.19
CA ALA E 291 8.75 -43.97 -30.96
C ALA E 291 8.29 -45.31 -31.53
N GLY E 292 9.14 -46.33 -31.52
CA GLY E 292 8.79 -47.64 -32.01
C GLY E 292 8.92 -47.84 -33.50
N LEU E 293 9.63 -46.97 -34.21
CA LEU E 293 9.78 -47.13 -35.65
C LEU E 293 10.72 -48.29 -35.97
N CYS E 294 11.92 -48.27 -35.40
CA CYS E 294 12.89 -49.34 -35.58
C CYS E 294 13.16 -50.03 -34.25
N SER E 295 13.85 -51.17 -34.33
CA SER E 295 14.09 -51.97 -33.14
C SER E 295 15.18 -51.36 -32.26
N ALA E 296 16.32 -51.00 -32.87
CA ALA E 296 17.45 -50.47 -32.12
C ALA E 296 18.17 -49.44 -32.96
N ALA E 297 19.18 -48.82 -32.36
CA ALA E 297 19.98 -47.81 -33.03
C ALA E 297 21.34 -47.71 -32.36
N LEU E 298 22.35 -47.38 -33.14
CA LEU E 298 23.71 -47.20 -32.66
C LEU E 298 24.02 -45.72 -32.49
N GLY E 299 25.01 -45.44 -31.64
CA GLY E 299 25.43 -44.08 -31.39
C GLY E 299 26.73 -44.05 -30.63
N THR E 300 27.37 -42.88 -30.67
CA THR E 300 28.63 -42.69 -29.97
C THR E 300 28.36 -42.35 -28.50
N ASP E 301 29.44 -42.23 -27.72
CA ASP E 301 29.31 -41.92 -26.30
C ASP E 301 30.67 -41.38 -25.82
N GLY E 302 30.84 -40.06 -25.91
CA GLY E 302 32.05 -39.42 -25.45
C GLY E 302 31.88 -38.78 -24.08
N GLY E 303 30.62 -38.63 -23.66
CA GLY E 303 30.30 -38.06 -22.37
C GLY E 303 28.90 -38.42 -21.92
N GLY E 304 28.33 -39.46 -22.51
CA GLY E 304 27.00 -39.90 -22.17
C GLY E 304 25.99 -39.71 -23.28
N ALA E 305 26.45 -39.83 -24.53
CA ALA E 305 25.56 -39.63 -25.67
C ALA E 305 24.61 -40.81 -25.89
N VAL E 306 24.85 -41.94 -25.27
CA VAL E 306 23.96 -43.10 -25.38
C VAL E 306 23.06 -43.24 -24.16
N ARG E 307 23.59 -42.92 -22.99
CA ARG E 307 22.83 -43.12 -21.75
C ARG E 307 21.88 -41.95 -21.47
N ILE E 308 22.30 -40.72 -21.77
CA ILE E 308 21.46 -39.55 -21.46
C ILE E 308 20.16 -39.56 -22.25
N PRO E 309 20.15 -39.71 -23.58
CA PRO E 309 18.87 -39.77 -24.28
C PRO E 309 18.10 -41.05 -24.02
N SER E 310 18.77 -42.14 -23.64
CA SER E 310 18.06 -43.37 -23.31
C SER E 310 17.31 -43.26 -22.00
N ALA E 311 17.69 -42.32 -21.13
CA ALA E 311 16.97 -42.10 -19.88
C ALA E 311 15.91 -41.02 -20.01
N LEU E 312 16.12 -40.02 -20.86
CA LEU E 312 15.12 -39.00 -21.08
C LEU E 312 13.99 -39.47 -21.97
N CYS E 313 14.26 -40.45 -22.84
CA CYS E 313 13.24 -41.03 -23.69
C CYS E 313 12.64 -42.31 -23.14
N GLY E 314 13.38 -43.05 -22.32
CA GLY E 314 12.87 -44.25 -21.70
C GLY E 314 13.14 -45.51 -22.48
N ILE E 315 14.38 -45.70 -22.91
CA ILE E 315 14.81 -46.91 -23.60
C ILE E 315 16.10 -47.42 -22.93
N THR E 316 16.63 -48.50 -23.48
CA THR E 316 17.84 -49.13 -22.95
C THR E 316 19.04 -48.65 -23.78
N GLY E 317 20.00 -48.02 -23.10
CA GLY E 317 21.21 -47.58 -23.76
C GLY E 317 22.45 -48.19 -23.15
N LEU E 318 23.23 -48.89 -23.96
CA LEU E 318 24.41 -49.62 -23.50
C LEU E 318 25.68 -48.88 -23.92
N LYS E 319 26.54 -48.59 -22.95
CA LYS E 319 27.84 -47.98 -23.17
C LYS E 319 28.89 -49.03 -22.87
N THR E 320 29.52 -49.56 -23.91
CA THR E 320 30.49 -50.65 -23.74
C THR E 320 31.81 -50.11 -23.19
N THR E 321 32.71 -51.03 -22.88
CA THR E 321 34.04 -50.68 -22.41
C THR E 321 34.84 -50.03 -23.54
N TYR E 322 35.76 -49.15 -23.17
CA TYR E 322 36.61 -48.48 -24.15
C TYR E 322 37.38 -49.52 -24.96
N GLY E 323 37.22 -49.46 -26.28
CA GLY E 323 37.86 -50.39 -27.18
C GLY E 323 37.14 -51.73 -27.34
N ARG E 324 36.10 -51.99 -26.54
CA ARG E 324 35.38 -53.24 -26.66
C ARG E 324 34.72 -53.36 -28.04
N THR E 325 33.97 -52.34 -28.44
CA THR E 325 33.31 -52.32 -29.73
C THR E 325 34.12 -51.45 -30.69
N ASP E 326 34.46 -52.01 -31.84
CA ASP E 326 35.32 -51.33 -32.80
C ASP E 326 34.66 -50.04 -33.29
N MET E 327 35.47 -48.99 -33.44
CA MET E 327 34.99 -47.70 -33.91
C MET E 327 35.53 -47.34 -35.28
N THR E 328 36.19 -48.27 -35.97
CA THR E 328 36.75 -47.99 -37.28
C THR E 328 35.65 -47.58 -38.26
N GLY E 329 35.71 -46.33 -38.72
CA GLY E 329 34.72 -45.83 -39.65
C GLY E 329 33.75 -44.85 -39.02
N SER E 330 34.24 -44.03 -38.09
CA SER E 330 33.40 -43.02 -37.46
C SER E 330 34.13 -41.69 -37.40
N LEU E 331 33.57 -40.72 -36.67
CA LEU E 331 34.18 -39.41 -36.55
C LEU E 331 35.08 -39.27 -35.33
N CYS E 332 35.02 -40.21 -34.39
CA CYS E 332 35.82 -40.17 -33.18
C CYS E 332 36.78 -41.36 -33.13
N GLU E 333 37.33 -41.74 -34.28
CA GLU E 333 38.37 -42.77 -34.31
C GLU E 333 39.63 -42.23 -33.64
N GLY E 334 40.19 -43.03 -32.74
CA GLY E 334 41.36 -42.61 -31.98
C GLY E 334 41.06 -41.78 -30.76
N GLY E 335 39.79 -41.53 -30.45
CA GLY E 335 39.44 -40.82 -29.25
C GLY E 335 39.81 -41.58 -27.99
N THR E 336 39.68 -40.90 -26.85
CA THR E 336 40.06 -41.46 -25.58
C THR E 336 38.90 -41.59 -24.60
N VAL E 337 37.67 -41.28 -25.01
CA VAL E 337 36.52 -41.32 -24.10
C VAL E 337 35.29 -41.81 -24.84
N GLU E 338 35.44 -42.15 -26.12
CA GLU E 338 34.32 -42.45 -27.00
C GLU E 338 34.26 -43.93 -27.34
N ILE E 339 33.04 -44.46 -27.42
CA ILE E 339 32.79 -45.79 -27.94
C ILE E 339 31.54 -45.73 -28.81
N ILE E 340 31.00 -46.89 -29.18
CA ILE E 340 29.78 -46.99 -29.97
C ILE E 340 28.89 -48.04 -29.33
N GLY E 341 27.74 -47.62 -28.80
CA GLY E 341 26.85 -48.51 -28.11
C GLY E 341 25.45 -48.52 -28.71
N PRO E 342 24.71 -49.59 -28.46
CA PRO E 342 23.35 -49.71 -28.99
C PRO E 342 22.29 -49.08 -28.10
N LEU E 343 21.25 -48.56 -28.74
CA LEU E 343 20.08 -47.99 -28.08
C LEU E 343 18.85 -48.75 -28.55
N ALA E 344 18.27 -49.55 -27.65
CA ALA E 344 17.14 -50.40 -28.00
C ALA E 344 16.00 -50.20 -27.00
N SER E 345 14.84 -50.75 -27.34
CA SER E 345 13.65 -50.57 -26.51
C SER E 345 13.68 -51.45 -25.27
N SER E 346 14.16 -52.69 -25.40
CA SER E 346 14.25 -53.61 -24.28
C SER E 346 15.69 -54.08 -24.12
N LEU E 347 15.96 -54.70 -22.96
CA LEU E 347 17.30 -55.20 -22.70
C LEU E 347 17.64 -56.37 -23.62
N GLU E 348 16.65 -57.21 -23.93
CA GLU E 348 16.89 -58.33 -24.83
C GLU E 348 17.30 -57.86 -26.22
N ASP E 349 16.76 -56.71 -26.66
CA ASP E 349 17.13 -56.17 -27.96
C ASP E 349 18.54 -55.55 -27.92
N ALA E 350 18.82 -54.73 -26.90
CA ALA E 350 20.13 -54.11 -26.79
C ALA E 350 21.23 -55.13 -26.61
N PHE E 351 20.95 -56.22 -25.90
CA PHE E 351 21.94 -57.28 -25.73
C PHE E 351 22.24 -57.97 -27.05
N LEU E 352 21.22 -58.15 -27.90
CA LEU E 352 21.44 -58.80 -29.18
C LEU E 352 22.25 -57.93 -30.12
N VAL E 353 21.99 -56.62 -30.13
CA VAL E 353 22.74 -55.72 -31.00
C VAL E 353 24.20 -55.65 -30.54
N TYR E 354 24.43 -55.70 -29.23
CA TYR E 354 25.80 -55.74 -28.72
C TYR E 354 26.53 -56.99 -29.20
N ALA E 355 25.82 -58.12 -29.26
CA ALA E 355 26.42 -59.37 -29.70
C ALA E 355 26.90 -59.33 -31.15
N ALA E 356 26.32 -58.46 -31.99
CA ALA E 356 26.71 -58.37 -33.38
C ALA E 356 27.81 -57.34 -33.62
N ILE E 357 27.76 -56.21 -32.91
CA ILE E 357 28.69 -55.12 -33.18
C ILE E 357 30.01 -55.24 -32.44
N LEU E 358 30.10 -56.09 -31.43
CA LEU E 358 31.30 -56.16 -30.61
C LEU E 358 32.47 -56.73 -31.41
N GLY E 359 33.67 -56.52 -30.89
CA GLY E 359 34.88 -56.97 -31.55
C GLY E 359 35.93 -55.88 -31.62
N SER E 360 36.92 -55.93 -30.73
CA SER E 360 37.94 -54.89 -30.68
C SER E 360 38.75 -54.88 -31.97
N SER E 361 39.14 -53.68 -32.38
CA SER E 361 39.94 -53.52 -33.59
C SER E 361 41.32 -54.15 -33.41
N SER E 362 42.06 -54.25 -34.51
CA SER E 362 43.40 -54.81 -34.46
C SER E 362 44.33 -53.93 -33.65
N ALA E 363 44.16 -52.61 -33.70
CA ALA E 363 45.01 -51.71 -32.94
C ALA E 363 44.68 -51.78 -31.45
N ASP E 364 43.39 -51.77 -31.11
CA ASP E 364 43.00 -51.85 -29.70
C ASP E 364 43.24 -53.22 -29.10
N ARG E 365 43.32 -54.27 -29.93
CA ARG E 365 43.54 -55.61 -29.41
C ARG E 365 44.90 -55.73 -28.72
N TYR E 366 45.93 -55.11 -29.30
CA TYR E 366 47.27 -55.18 -28.74
C TYR E 366 47.53 -54.12 -27.69
N ASN E 367 46.89 -52.96 -27.80
CA ASN E 367 47.13 -51.86 -26.86
C ASN E 367 46.30 -51.96 -25.59
N LEU E 368 45.08 -52.47 -25.67
CA LEU E 368 44.21 -52.55 -24.51
C LEU E 368 44.12 -53.95 -23.92
N LYS E 369 44.43 -54.99 -24.70
CA LYS E 369 44.38 -56.39 -24.27
C LYS E 369 43.03 -56.72 -23.64
N PRO E 370 41.95 -56.69 -24.41
CA PRO E 370 40.63 -56.96 -23.82
C PRO E 370 40.40 -58.44 -23.59
N SER E 371 39.75 -58.76 -22.47
CA SER E 371 39.37 -60.13 -22.20
C SER E 371 38.36 -60.60 -23.25
N PRO E 372 38.28 -61.90 -23.50
CA PRO E 372 37.33 -62.41 -24.49
C PRO E 372 35.91 -61.98 -24.17
N PRO E 373 35.11 -61.62 -25.17
CA PRO E 373 33.74 -61.19 -24.92
C PRO E 373 32.89 -62.35 -24.41
N CYS E 374 31.99 -62.04 -23.49
CA CYS E 374 31.12 -63.04 -22.89
C CYS E 374 29.73 -62.45 -22.67
N PHE E 375 28.71 -63.27 -22.87
CA PHE E 375 27.31 -62.89 -22.72
C PHE E 375 26.77 -63.39 -21.39
N PRO E 376 25.88 -62.65 -20.75
CA PRO E 376 25.25 -63.12 -19.52
C PRO E 376 24.17 -64.15 -19.81
N LYS E 377 24.06 -65.12 -18.90
CA LYS E 377 23.06 -66.18 -19.02
C LYS E 377 21.72 -65.63 -18.52
N LEU E 378 21.02 -64.93 -19.42
CA LEU E 378 19.76 -64.31 -19.04
C LEU E 378 18.65 -65.33 -18.83
N LEU E 379 18.77 -66.50 -19.43
CA LEU E 379 17.87 -67.61 -19.07
C LEU E 379 18.08 -67.97 -17.61
N SER E 380 16.99 -68.03 -16.85
CA SER E 380 17.09 -68.07 -15.40
C SER E 380 16.82 -69.46 -14.84
N HIS E 381 16.84 -69.55 -13.52
CA HIS E 381 16.53 -70.71 -12.68
C HIS E 381 17.66 -71.72 -12.61
N ASN E 382 18.88 -71.28 -12.91
CA ASN E 382 20.03 -71.63 -12.09
C ASN E 382 20.87 -70.37 -11.88
N GLY E 383 20.27 -69.21 -12.12
CA GLY E 383 20.86 -67.93 -11.79
C GLY E 383 19.97 -67.30 -10.74
N SER E 384 20.04 -65.98 -10.60
CA SER E 384 19.52 -65.21 -9.47
C SER E 384 20.23 -65.56 -8.16
N ASN E 385 21.34 -66.30 -8.27
CA ASN E 385 22.38 -66.40 -7.25
C ASN E 385 23.57 -65.51 -7.59
N ALA E 386 23.88 -65.36 -8.87
CA ALA E 386 24.92 -64.41 -9.27
C ALA E 386 24.41 -62.98 -9.19
N ILE E 387 23.12 -62.76 -9.40
CA ILE E 387 22.55 -61.42 -9.28
C ILE E 387 22.46 -60.99 -7.82
N GLY E 388 22.20 -61.95 -6.92
CA GLY E 388 22.06 -61.60 -5.51
C GLY E 388 23.38 -61.33 -4.81
N SER E 389 24.45 -61.99 -5.23
CA SER E 389 25.76 -61.79 -4.61
C SER E 389 26.44 -60.50 -5.05
N LEU E 390 25.83 -59.74 -5.95
CA LEU E 390 26.43 -58.49 -6.40
C LEU E 390 26.41 -57.45 -5.28
N ARG E 391 27.46 -56.63 -5.24
CA ARG E 391 27.56 -55.54 -4.27
C ARG E 391 27.40 -54.22 -5.02
N LEU E 392 26.35 -53.47 -4.67
CA LEU E 392 25.98 -52.25 -5.38
C LEU E 392 26.59 -51.05 -4.65
N GLY E 393 27.48 -50.33 -5.34
CA GLY E 393 28.10 -49.16 -4.74
C GLY E 393 27.22 -47.94 -4.91
N LYS E 394 26.93 -47.26 -3.80
CA LYS E 394 26.05 -46.09 -3.80
C LYS E 394 26.72 -44.96 -3.03
N TYR E 395 26.98 -43.86 -3.72
CA TYR E 395 27.46 -42.63 -3.10
C TYR E 395 26.23 -41.78 -2.78
N THR E 396 25.80 -41.81 -1.52
CA THR E 396 24.52 -41.21 -1.14
C THR E 396 24.48 -39.72 -1.46
N LYS E 397 25.55 -38.99 -1.11
CA LYS E 397 25.59 -37.56 -1.41
C LYS E 397 25.60 -37.31 -2.92
N TRP E 398 26.20 -38.22 -3.69
CA TRP E 398 26.13 -38.14 -5.14
C TRP E 398 24.81 -38.69 -5.67
N PHE E 399 24.22 -39.63 -4.96
CA PHE E 399 22.98 -40.27 -5.41
C PHE E 399 21.79 -39.32 -5.33
N ASN E 400 21.81 -38.39 -4.38
CA ASN E 400 20.67 -37.51 -4.13
C ASN E 400 20.90 -36.08 -4.59
N ASP E 401 21.94 -35.83 -5.38
CA ASP E 401 22.17 -34.49 -5.94
C ASP E 401 21.46 -34.35 -7.28
N VAL E 402 20.14 -34.50 -7.24
CA VAL E 402 19.30 -34.41 -8.42
C VAL E 402 18.35 -33.24 -8.26
N SER E 403 17.92 -32.68 -9.39
CA SER E 403 17.03 -31.53 -9.38
C SER E 403 15.58 -31.90 -9.09
N SER E 404 15.23 -33.18 -9.20
CA SER E 404 13.87 -33.65 -8.94
C SER E 404 13.92 -34.75 -7.90
N SER E 405 13.11 -34.60 -6.85
CA SER E 405 13.10 -35.58 -5.76
C SER E 405 12.58 -36.94 -6.21
N ASP E 406 11.84 -37.01 -7.31
CA ASP E 406 11.31 -38.29 -7.77
C ASP E 406 12.42 -39.19 -8.32
N ILE E 407 13.48 -38.60 -8.87
CA ILE E 407 14.55 -39.40 -9.46
C ILE E 407 15.32 -40.13 -8.38
N SER E 408 15.67 -39.43 -7.30
CA SER E 408 16.39 -40.07 -6.20
C SER E 408 15.51 -41.09 -5.49
N ASP E 409 14.19 -40.89 -5.50
CA ASP E 409 13.28 -41.81 -4.82
C ASP E 409 13.07 -43.09 -5.64
N LYS E 410 12.76 -42.93 -6.92
CA LYS E 410 12.51 -44.12 -7.76
C LYS E 410 13.77 -44.94 -7.96
N CYS E 411 14.92 -44.27 -8.07
CA CYS E 411 16.18 -45.01 -8.21
C CYS E 411 16.53 -45.73 -6.91
N GLU E 412 16.21 -45.13 -5.75
CA GLU E 412 16.36 -45.83 -4.49
C GLU E 412 15.36 -46.97 -4.36
N ASP E 413 14.18 -46.82 -4.96
CA ASP E 413 13.17 -47.88 -4.88
C ASP E 413 13.65 -49.16 -5.57
N ILE E 414 14.29 -49.02 -6.74
CA ILE E 414 14.84 -50.18 -7.43
C ILE E 414 15.96 -50.80 -6.60
N LEU E 415 16.73 -49.96 -5.91
CA LEU E 415 17.77 -50.47 -5.02
C LEU E 415 17.14 -51.27 -3.88
N LYS E 416 16.05 -50.77 -3.30
CA LYS E 416 15.33 -51.53 -2.30
C LYS E 416 14.71 -52.79 -2.92
N LEU E 417 14.23 -52.69 -4.15
CA LEU E 417 13.63 -53.85 -4.81
C LEU E 417 14.68 -54.87 -5.19
N LEU E 418 15.83 -54.42 -5.69
CA LEU E 418 16.92 -55.35 -5.99
C LEU E 418 17.45 -56.02 -4.72
N SER E 419 17.38 -55.32 -3.59
CA SER E 419 17.85 -55.88 -2.33
C SER E 419 16.82 -56.78 -1.67
N ASN E 420 15.54 -56.64 -2.00
CA ASN E 420 14.49 -57.44 -1.39
C ASN E 420 14.15 -58.70 -2.19
N ASN E 421 14.46 -58.73 -3.49
CA ASN E 421 14.10 -59.86 -4.33
C ASN E 421 15.27 -60.76 -4.71
N HIS E 422 16.50 -60.28 -4.60
CA HIS E 422 17.67 -61.09 -4.94
C HIS E 422 18.66 -61.14 -3.80
N GLY E 423 18.70 -60.10 -2.99
CA GLY E 423 19.63 -60.00 -1.88
C GLY E 423 20.86 -59.17 -2.16
N CYS E 424 20.79 -58.20 -3.06
CA CYS E 424 21.95 -57.36 -3.35
C CYS E 424 22.23 -56.43 -2.17
N LYS E 425 23.51 -56.25 -1.86
CA LYS E 425 23.94 -55.40 -0.75
C LYS E 425 24.34 -54.04 -1.30
N VAL E 426 23.63 -53.00 -0.87
CA VAL E 426 23.92 -51.63 -1.29
C VAL E 426 25.05 -51.10 -0.38
N VAL E 427 26.28 -51.16 -0.88
CA VAL E 427 27.44 -50.73 -0.11
C VAL E 427 27.64 -49.23 -0.32
N GLU E 428 27.82 -48.50 0.78
CA GLU E 428 28.06 -47.07 0.73
C GLU E 428 29.48 -46.81 0.28
N ILE E 429 29.65 -46.04 -0.80
CA ILE E 429 30.97 -45.74 -1.34
C ILE E 429 31.17 -44.23 -1.36
N VAL E 430 32.31 -43.80 -1.91
CA VAL E 430 32.61 -42.38 -2.06
C VAL E 430 33.44 -42.20 -3.31
N VAL E 431 33.09 -41.19 -4.11
CA VAL E 431 33.78 -40.90 -5.37
C VAL E 431 34.53 -39.58 -5.21
N PRO E 432 35.81 -39.62 -4.85
CA PRO E 432 36.54 -38.36 -4.64
C PRO E 432 36.82 -37.63 -5.93
N GLU E 433 36.98 -36.31 -5.81
CA GLU E 433 37.41 -35.44 -6.90
C GLU E 433 36.46 -35.53 -8.10
N LEU E 434 35.20 -35.17 -7.86
CA LEU E 434 34.22 -35.15 -8.93
C LEU E 434 34.29 -33.87 -9.75
N GLU E 435 34.76 -32.77 -9.15
CA GLU E 435 34.93 -31.54 -9.91
C GLU E 435 36.14 -31.63 -10.83
N GLU E 436 37.13 -32.46 -10.48
CA GLU E 436 38.26 -32.67 -11.37
C GLU E 436 37.87 -33.55 -12.56
N MET E 437 37.00 -34.54 -12.33
CA MET E 437 36.54 -35.38 -13.44
C MET E 437 35.81 -34.56 -14.49
N ARG E 438 35.09 -33.52 -14.07
CA ARG E 438 34.48 -32.60 -15.03
C ARG E 438 35.53 -31.91 -15.87
N ALA E 439 36.48 -31.23 -15.20
CA ALA E 439 37.50 -30.46 -15.92
C ALA E 439 38.43 -31.37 -16.72
N ALA E 440 38.67 -32.59 -16.24
CA ALA E 440 39.55 -33.50 -16.97
C ALA E 440 38.88 -34.15 -18.15
N HIS E 441 37.56 -34.37 -18.09
CA HIS E 441 36.85 -34.96 -19.22
C HIS E 441 36.58 -33.93 -20.31
N VAL E 442 36.15 -32.73 -19.93
CA VAL E 442 35.73 -31.73 -20.91
C VAL E 442 36.88 -31.35 -21.83
N ILE E 443 38.11 -31.46 -21.36
CA ILE E 443 39.27 -31.14 -22.20
C ILE E 443 39.68 -32.33 -23.06
N SER E 444 39.50 -33.56 -22.56
CA SER E 444 39.89 -34.75 -23.31
C SER E 444 38.85 -35.20 -24.32
N ILE E 445 37.68 -34.56 -24.35
CA ILE E 445 36.65 -34.88 -25.34
C ILE E 445 36.70 -33.84 -26.45
N GLY E 446 37.07 -32.62 -26.10
CA GLY E 446 37.08 -31.53 -27.06
C GLY E 446 38.40 -31.35 -27.79
N SER E 447 39.51 -31.67 -27.12
CA SER E 447 40.81 -31.49 -27.74
C SER E 447 41.00 -32.36 -28.98
N PRO E 448 40.71 -33.67 -28.96
CA PRO E 448 40.87 -34.45 -30.20
C PRO E 448 39.84 -34.10 -31.26
N THR E 449 38.67 -33.58 -30.87
CA THR E 449 37.68 -33.19 -31.87
C THR E 449 38.07 -31.87 -32.55
N LEU E 450 38.52 -30.89 -31.76
CA LEU E 450 38.96 -29.63 -32.35
C LEU E 450 40.15 -29.83 -33.27
N SER E 451 41.03 -30.78 -32.93
CA SER E 451 42.21 -31.03 -33.77
C SER E 451 41.81 -31.60 -35.12
N SER E 452 40.91 -32.59 -35.12
CA SER E 452 40.53 -33.25 -36.36
C SER E 452 39.73 -32.33 -37.27
N LEU E 453 39.03 -31.35 -36.70
CA LEU E 453 38.24 -30.40 -37.47
C LEU E 453 38.98 -29.11 -37.78
N THR E 454 40.17 -28.91 -37.20
CA THR E 454 40.88 -27.65 -37.40
C THR E 454 41.30 -27.41 -38.85
N PRO E 455 41.84 -28.38 -39.59
CA PRO E 455 42.14 -28.10 -41.02
C PRO E 455 40.92 -27.68 -41.81
N TYR E 456 39.73 -28.07 -41.37
CA TYR E 456 38.48 -27.66 -42.01
C TYR E 456 37.99 -26.31 -41.50
N CYS E 457 38.12 -26.05 -40.19
CA CYS E 457 37.72 -24.75 -39.65
C CYS E 457 38.64 -23.65 -40.15
N GLU E 458 39.95 -23.90 -40.16
CA GLU E 458 40.89 -22.97 -40.78
C GLU E 458 40.64 -22.82 -42.28
N ALA E 459 39.97 -23.79 -42.90
CA ALA E 459 39.59 -23.74 -44.30
C ALA E 459 38.30 -22.94 -44.53
N GLY E 460 38.02 -21.94 -43.69
CA GLY E 460 36.83 -21.11 -43.86
C GLY E 460 35.50 -21.79 -43.55
N LYS E 461 35.47 -23.12 -43.39
CA LYS E 461 34.23 -23.82 -43.11
C LYS E 461 33.78 -23.68 -41.67
N ASN E 462 34.54 -22.98 -40.82
CA ASN E 462 34.10 -22.76 -39.45
C ASN E 462 32.84 -21.91 -39.40
N SER E 463 32.65 -21.03 -40.39
CA SER E 463 31.43 -20.22 -40.44
C SER E 463 30.20 -21.07 -40.74
N LYS E 464 30.39 -22.22 -41.39
CA LYS E 464 29.29 -23.12 -41.70
C LYS E 464 28.82 -23.93 -40.50
N LEU E 465 29.50 -23.83 -39.36
CA LEU E 465 29.11 -24.57 -38.17
C LEU E 465 28.00 -23.83 -37.42
N SER E 466 27.45 -24.48 -36.41
CA SER E 466 26.39 -23.91 -35.61
C SER E 466 26.97 -23.07 -34.47
N TYR E 467 26.09 -22.30 -33.82
CA TYR E 467 26.52 -21.44 -32.74
C TYR E 467 26.71 -22.23 -31.44
N ASP E 468 25.99 -23.34 -31.28
CA ASP E 468 26.21 -24.19 -30.12
C ASP E 468 27.59 -24.82 -30.15
N THR E 469 28.08 -25.18 -31.34
CA THR E 469 29.40 -25.79 -31.46
C THR E 469 30.50 -24.74 -31.39
N ARG E 470 30.32 -23.62 -32.09
CA ARG E 470 31.35 -22.58 -32.11
C ARG E 470 31.57 -21.99 -30.73
N THR E 471 30.54 -22.00 -29.88
CA THR E 471 30.74 -21.59 -28.48
C THR E 471 31.65 -22.56 -27.75
N SER E 472 31.48 -23.87 -28.01
CA SER E 472 32.37 -24.86 -27.41
C SER E 472 33.76 -24.80 -28.01
N PHE E 473 33.85 -24.62 -29.33
CA PHE E 473 35.16 -24.61 -29.99
C PHE E 473 35.97 -23.40 -29.56
N ALA E 474 35.34 -22.23 -29.43
CA ALA E 474 36.05 -21.06 -28.95
C ALA E 474 36.57 -21.25 -27.53
N ILE E 475 35.88 -22.09 -26.73
CA ILE E 475 36.36 -22.42 -25.40
C ILE E 475 37.42 -23.51 -25.49
N PHE E 476 37.27 -24.44 -26.43
CA PHE E 476 38.25 -25.53 -26.57
C PHE E 476 39.61 -25.02 -27.03
N ARG E 477 39.63 -23.93 -27.81
CA ARG E 477 40.90 -23.35 -28.22
C ARG E 477 41.67 -22.74 -27.06
N SER E 478 41.00 -22.50 -25.92
CA SER E 478 41.66 -22.01 -24.72
C SER E 478 42.36 -23.12 -23.94
N PHE E 479 42.28 -24.36 -24.40
CA PHE E 479 42.94 -25.48 -23.74
C PHE E 479 44.34 -25.63 -24.35
N SER E 480 45.37 -25.43 -23.53
CA SER E 480 46.74 -25.49 -23.99
C SER E 480 47.29 -26.91 -23.85
N ALA E 481 48.43 -27.15 -24.50
CA ALA E 481 49.07 -28.46 -24.41
C ALA E 481 49.51 -28.78 -22.99
N SER E 482 49.88 -27.76 -22.21
CA SER E 482 50.19 -27.98 -20.80
C SER E 482 48.94 -28.37 -20.02
N ASP E 483 47.77 -27.86 -20.42
CA ASP E 483 46.53 -28.21 -19.74
C ASP E 483 46.17 -29.68 -19.97
N TYR E 484 46.47 -30.20 -21.16
CA TYR E 484 46.13 -31.58 -21.47
C TYR E 484 46.98 -32.56 -20.67
N ILE E 485 48.28 -32.28 -20.54
CA ILE E 485 49.15 -33.16 -19.75
C ILE E 485 48.72 -33.15 -18.29
N ALA E 486 48.34 -31.99 -17.77
CA ALA E 486 47.85 -31.91 -16.40
C ALA E 486 46.53 -32.65 -16.23
N ALA E 487 45.69 -32.65 -17.26
CA ALA E 487 44.39 -33.31 -17.16
C ALA E 487 44.54 -34.83 -17.21
N GLN E 488 45.43 -35.34 -18.06
CA GLN E 488 45.63 -36.78 -18.14
C GLN E 488 46.20 -37.34 -16.84
N CYS E 489 46.90 -36.51 -16.07
CA CYS E 489 47.31 -36.93 -14.73
C CYS E 489 46.11 -37.10 -13.83
N LEU E 490 45.11 -36.23 -13.97
CA LEU E 490 43.88 -36.36 -13.18
C LEU E 490 43.12 -37.63 -13.54
N ARG E 491 43.24 -38.09 -14.79
CA ARG E 491 42.58 -39.33 -15.18
C ARG E 491 43.20 -40.53 -14.46
N ARG E 492 44.51 -40.50 -14.24
CA ARG E 492 45.14 -41.58 -13.50
C ARG E 492 44.69 -41.60 -12.04
N ARG E 493 44.48 -40.42 -11.46
CA ARG E 493 43.98 -40.36 -10.09
C ARG E 493 42.61 -41.01 -9.97
N LEU E 494 41.67 -40.59 -10.81
CA LEU E 494 40.32 -41.14 -10.76
C LEU E 494 40.30 -42.61 -11.14
N MET E 495 41.23 -43.04 -11.99
CA MET E 495 41.31 -44.46 -12.33
C MET E 495 41.66 -45.29 -11.11
N GLU E 496 42.55 -44.78 -10.26
CA GLU E 496 42.93 -45.51 -9.06
C GLU E 496 41.81 -45.50 -8.01
N TYR E 497 41.02 -44.43 -7.97
CA TYR E 497 39.87 -44.40 -7.07
C TYR E 497 38.84 -45.45 -7.48
N HIS E 498 38.39 -45.41 -8.73
CA HIS E 498 37.35 -46.33 -9.19
C HIS E 498 37.82 -47.77 -9.16
N LEU E 499 39.11 -48.02 -9.42
CA LEU E 499 39.62 -49.37 -9.30
C LEU E 499 39.66 -49.84 -7.85
N ASN E 500 39.80 -48.91 -6.91
CA ASN E 500 39.68 -49.26 -5.50
C ASN E 500 38.22 -49.47 -5.09
N ILE E 501 37.30 -48.74 -5.72
CA ILE E 501 35.87 -48.94 -5.44
C ILE E 501 35.42 -50.29 -5.94
N PHE E 502 35.94 -50.72 -7.10
CA PHE E 502 35.55 -52.01 -7.66
C PHE E 502 36.20 -53.19 -6.94
N LYS E 503 36.95 -52.94 -5.87
CA LYS E 503 37.39 -54.00 -4.98
C LYS E 503 36.40 -54.25 -3.85
N ASP E 504 35.61 -53.25 -3.49
CA ASP E 504 34.57 -53.39 -2.48
C ASP E 504 33.23 -53.74 -3.10
N VAL E 505 32.88 -53.13 -4.22
CA VAL E 505 31.61 -53.35 -4.89
C VAL E 505 31.89 -53.87 -6.31
N ASP E 506 30.83 -54.39 -6.93
CA ASP E 506 30.92 -54.91 -8.30
C ASP E 506 30.46 -53.90 -9.33
N VAL E 507 29.41 -53.14 -9.03
CA VAL E 507 28.90 -52.10 -9.92
C VAL E 507 28.62 -50.85 -9.11
N ILE E 508 28.54 -49.71 -9.81
CA ILE E 508 28.25 -48.42 -9.22
C ILE E 508 26.92 -47.96 -9.77
N VAL E 509 25.90 -47.92 -8.92
CA VAL E 509 24.54 -47.58 -9.31
C VAL E 509 24.32 -46.10 -9.04
N THR E 510 23.90 -45.37 -10.07
CA THR E 510 23.61 -43.95 -10.01
C THR E 510 22.52 -43.64 -11.01
N PRO E 511 21.66 -42.66 -10.73
CA PRO E 511 20.71 -42.21 -11.76
C PRO E 511 21.45 -41.66 -12.96
N THR E 512 20.91 -41.93 -14.16
CA THR E 512 21.61 -41.56 -15.38
C THR E 512 21.71 -40.04 -15.51
N THR E 513 20.59 -39.34 -15.34
CA THR E 513 20.57 -37.89 -15.42
C THR E 513 19.97 -37.31 -14.13
N GLY E 514 20.43 -36.12 -13.77
CA GLY E 514 19.91 -35.42 -12.61
C GLY E 514 18.58 -34.73 -12.81
N MET E 515 18.03 -34.81 -14.02
CA MET E 515 16.76 -34.17 -14.33
C MET E 515 16.02 -35.01 -15.36
N THR E 516 14.70 -34.84 -15.39
CA THR E 516 13.89 -35.52 -16.40
C THR E 516 14.02 -34.76 -17.72
N ALA E 517 13.15 -35.07 -18.68
CA ALA E 517 13.20 -34.42 -19.99
C ALA E 517 12.91 -32.93 -19.85
N PRO E 518 13.87 -32.06 -20.14
CA PRO E 518 13.64 -30.62 -19.98
C PRO E 518 12.93 -30.03 -21.19
N VAL E 519 12.08 -29.04 -20.91
CA VAL E 519 11.35 -28.36 -21.97
C VAL E 519 12.30 -27.56 -22.84
N ILE E 520 12.01 -27.51 -24.14
CA ILE E 520 12.87 -26.80 -25.08
C ILE E 520 12.54 -25.31 -25.03
N PRO E 521 13.52 -24.44 -24.81
CA PRO E 521 13.26 -23.00 -24.91
C PRO E 521 12.90 -22.61 -26.33
N PRO E 522 11.71 -22.04 -26.53
CA PRO E 522 11.29 -21.70 -27.90
C PRO E 522 12.21 -20.70 -28.60
N ASP E 523 12.86 -19.81 -27.84
CA ASP E 523 13.78 -18.86 -28.44
C ASP E 523 15.05 -19.52 -28.94
N ALA E 524 15.34 -20.74 -28.49
CA ALA E 524 16.56 -21.43 -28.88
C ALA E 524 16.43 -22.12 -30.23
N LEU E 525 15.21 -22.40 -30.69
CA LEU E 525 15.02 -23.12 -31.94
C LEU E 525 15.33 -22.29 -33.17
N LYS E 526 15.77 -21.04 -33.01
CA LYS E 526 16.12 -20.20 -34.15
C LYS E 526 17.57 -20.41 -34.59
N ASN E 527 18.50 -20.36 -33.64
CA ASN E 527 19.92 -20.53 -33.95
C ASN E 527 20.68 -21.34 -32.91
N GLY E 528 20.05 -21.78 -31.84
CA GLY E 528 20.70 -22.57 -30.82
C GLY E 528 20.71 -21.87 -29.48
N GLU E 529 21.24 -22.59 -28.48
CA GLU E 529 21.36 -22.07 -27.13
C GLU E 529 22.74 -22.45 -26.58
N THR E 530 23.09 -21.84 -25.45
CA THR E 530 24.36 -22.09 -24.79
C THR E 530 24.17 -22.33 -23.29
N ASN E 531 23.07 -22.96 -22.92
CA ASN E 531 22.78 -23.26 -21.52
C ASN E 531 23.77 -24.30 -21.02
N ILE E 532 24.78 -23.86 -20.27
CA ILE E 532 25.75 -24.80 -19.71
C ILE E 532 25.28 -25.34 -18.36
N GLN E 533 24.44 -24.61 -17.64
CA GLN E 533 23.85 -25.13 -16.42
C GLN E 533 23.02 -26.38 -16.67
N VAL E 534 22.51 -26.54 -17.90
CA VAL E 534 21.70 -27.70 -18.27
C VAL E 534 22.54 -28.77 -18.95
N THR E 535 23.36 -28.37 -19.92
CA THR E 535 24.17 -29.35 -20.66
C THR E 535 25.19 -30.04 -19.77
N THR E 536 25.59 -29.42 -18.65
CA THR E 536 26.53 -30.04 -17.72
C THR E 536 25.81 -30.85 -16.65
N ASP E 537 24.67 -30.38 -16.16
CA ASP E 537 23.92 -31.12 -15.16
C ASP E 537 23.48 -32.49 -15.66
N LEU E 538 23.36 -32.67 -16.98
CA LEU E 538 23.02 -33.98 -17.53
C LEU E 538 24.22 -34.92 -17.50
N MET E 539 25.43 -34.38 -17.58
CA MET E 539 26.66 -35.18 -17.58
C MET E 539 27.18 -35.45 -16.18
N ARG E 540 26.38 -35.19 -15.13
CA ARG E 540 26.89 -35.29 -13.77
C ARG E 540 27.24 -36.72 -13.39
N PHE E 541 26.57 -37.70 -13.99
CA PHE E 541 26.74 -39.10 -13.59
C PHE E 541 27.42 -39.96 -14.63
N VAL E 542 27.48 -39.52 -15.89
CA VAL E 542 27.91 -40.39 -16.99
C VAL E 542 29.37 -40.15 -17.40
N LEU E 543 30.04 -39.16 -16.81
CA LEU E 543 31.40 -38.86 -17.23
C LEU E 543 32.41 -39.91 -16.80
N ALA E 544 32.10 -40.69 -15.76
CA ALA E 544 33.06 -41.67 -15.25
C ALA E 544 33.31 -42.79 -16.26
N ALA E 545 32.26 -43.23 -16.96
CA ALA E 545 32.44 -44.33 -17.91
C ALA E 545 33.23 -43.90 -19.13
N ASN E 546 33.24 -42.61 -19.46
CA ASN E 546 33.98 -42.15 -20.62
C ASN E 546 35.45 -41.88 -20.29
N LEU E 547 35.70 -41.11 -19.23
CA LEU E 547 37.07 -40.74 -18.89
C LEU E 547 37.91 -41.95 -18.50
N LEU E 548 37.28 -42.97 -17.92
CA LEU E 548 38.00 -44.16 -17.50
C LEU E 548 37.72 -45.39 -18.36
N GLY E 549 36.80 -45.29 -19.32
CA GLY E 549 36.53 -46.40 -20.22
C GLY E 549 35.64 -47.49 -19.67
N PHE E 550 34.99 -47.26 -18.53
CA PHE E 550 34.15 -48.28 -17.92
C PHE E 550 32.89 -48.52 -18.75
N PRO E 551 32.30 -49.70 -18.63
CA PRO E 551 30.99 -49.95 -19.25
C PRO E 551 29.85 -49.54 -18.34
N ALA E 552 28.86 -48.88 -18.94
CA ALA E 552 27.67 -48.44 -18.22
C ALA E 552 26.44 -48.67 -19.09
N ILE E 553 25.28 -48.70 -18.45
CA ILE E 553 24.02 -48.93 -19.16
C ILE E 553 22.91 -48.23 -18.39
N SER E 554 22.02 -47.56 -19.15
CA SER E 554 20.89 -46.83 -18.59
C SER E 554 19.62 -47.61 -18.91
N VAL E 555 19.02 -48.20 -17.88
CA VAL E 555 17.79 -48.99 -18.02
C VAL E 555 16.64 -48.19 -17.40
N PRO E 556 15.49 -48.09 -18.07
CA PRO E 556 14.37 -47.35 -17.48
C PRO E 556 13.87 -48.02 -16.22
N VAL E 557 13.57 -47.21 -15.20
CA VAL E 557 13.17 -47.69 -13.89
C VAL E 557 11.83 -47.13 -13.45
N GLY E 558 11.18 -46.31 -14.26
CA GLY E 558 9.89 -45.76 -13.90
C GLY E 558 9.72 -44.38 -14.51
N TYR E 559 8.72 -43.66 -13.99
CA TYR E 559 8.36 -42.35 -14.48
C TYR E 559 8.21 -41.38 -13.30
N ASP E 560 8.45 -40.10 -13.58
CA ASP E 560 8.40 -39.08 -12.54
C ASP E 560 6.95 -38.60 -12.36
N LYS E 561 6.77 -37.38 -11.86
CA LYS E 561 5.43 -36.86 -11.61
C LYS E 561 4.70 -36.58 -12.93
N GLU E 562 5.36 -35.87 -13.85
CA GLU E 562 4.72 -35.47 -15.09
C GLU E 562 4.68 -36.57 -16.14
N GLY E 563 5.03 -37.81 -15.78
CA GLY E 563 4.98 -38.90 -16.73
C GLY E 563 6.20 -39.02 -17.62
N LEU E 564 7.30 -38.37 -17.27
CA LEU E 564 8.54 -38.43 -18.04
C LEU E 564 9.40 -39.60 -17.55
N PRO E 565 10.08 -40.28 -18.47
CA PRO E 565 10.83 -41.48 -18.08
C PRO E 565 11.99 -41.15 -17.14
N ILE E 566 12.45 -42.18 -16.43
CA ILE E 566 13.56 -42.08 -15.51
C ILE E 566 14.47 -43.28 -15.72
N GLY E 567 15.77 -43.03 -15.87
CA GLY E 567 16.74 -44.08 -16.13
C GLY E 567 17.74 -44.18 -14.99
N LEU E 568 18.27 -45.40 -14.80
CA LEU E 568 19.29 -45.67 -13.80
C LEU E 568 20.52 -46.24 -14.50
N GLN E 569 21.68 -45.71 -14.17
CA GLN E 569 22.93 -46.13 -14.78
C GLN E 569 23.62 -47.21 -13.95
N ILE E 570 24.11 -48.24 -14.62
CA ILE E 570 24.82 -49.35 -13.99
C ILE E 570 26.21 -49.41 -14.61
N MET E 571 27.19 -48.85 -13.91
CA MET E 571 28.57 -48.87 -14.37
C MET E 571 29.34 -49.95 -13.63
N GLY E 572 30.14 -50.72 -14.38
CA GLY E 572 30.85 -51.84 -13.80
C GLY E 572 32.33 -51.89 -14.12
N ARG E 573 32.96 -53.01 -13.77
CA ARG E 573 34.39 -53.19 -13.99
C ARG E 573 34.72 -53.23 -15.48
N PRO E 574 35.99 -53.03 -15.84
CA PRO E 574 36.36 -53.11 -17.26
C PRO E 574 36.03 -54.47 -17.84
N TRP E 575 35.54 -54.44 -19.09
CA TRP E 575 35.17 -55.65 -19.85
C TRP E 575 34.06 -56.44 -19.18
N ALA E 576 33.32 -55.84 -18.27
CA ALA E 576 32.20 -56.51 -17.58
C ALA E 576 30.87 -56.16 -18.23
N GLU E 577 30.79 -56.35 -19.56
CA GLU E 577 29.53 -56.10 -20.26
C GLU E 577 28.45 -57.06 -19.79
N ALA E 578 28.81 -58.33 -19.55
CA ALA E 578 27.82 -59.31 -19.13
C ALA E 578 27.27 -59.01 -17.74
N THR E 579 28.07 -58.36 -16.89
CA THR E 579 27.62 -58.09 -15.53
C THR E 579 26.58 -56.97 -15.51
N VAL E 580 26.82 -55.89 -16.27
CA VAL E 580 25.87 -54.79 -16.28
C VAL E 580 24.63 -55.13 -17.09
N LEU E 581 24.75 -56.00 -18.09
CA LEU E 581 23.59 -56.42 -18.86
C LEU E 581 22.67 -57.30 -18.02
N GLY E 582 23.25 -58.22 -17.26
CA GLY E 582 22.44 -59.12 -16.45
C GLY E 582 21.75 -58.40 -15.29
N LEU E 583 22.45 -57.45 -14.66
CA LEU E 583 21.83 -56.68 -13.59
C LEU E 583 20.74 -55.76 -14.12
N ALA E 584 21.00 -55.11 -15.27
CA ALA E 584 19.97 -54.29 -15.89
C ALA E 584 18.79 -55.13 -16.35
N ALA E 585 19.02 -56.42 -16.63
CA ALA E 585 17.90 -57.31 -16.95
C ALA E 585 17.04 -57.56 -15.72
N ALA E 586 17.66 -57.68 -14.55
CA ALA E 586 16.89 -57.81 -13.32
C ALA E 586 16.18 -56.51 -12.96
N VAL E 587 16.78 -55.37 -13.29
CA VAL E 587 16.12 -54.09 -13.08
C VAL E 587 14.91 -53.95 -14.01
N GLU E 588 15.10 -54.29 -15.29
CA GLU E 588 13.99 -54.23 -16.24
C GLU E 588 12.87 -55.19 -15.86
N GLU E 589 13.22 -56.35 -15.28
CA GLU E 589 12.19 -57.28 -14.83
C GLU E 589 11.44 -56.73 -13.62
N LEU E 590 12.08 -55.88 -12.82
CA LEU E 590 11.45 -55.33 -11.62
C LEU E 590 10.67 -54.06 -11.90
N ALA E 591 10.88 -53.42 -13.04
CA ALA E 591 10.17 -52.19 -13.40
C ALA E 591 10.13 -52.07 -14.91
N PRO E 592 9.20 -52.77 -15.56
CA PRO E 592 9.13 -52.74 -17.02
C PRO E 592 8.55 -51.43 -17.53
N VAL E 593 8.78 -51.18 -18.83
CA VAL E 593 8.19 -50.03 -19.47
C VAL E 593 6.69 -50.29 -19.69
N THR E 594 5.86 -49.40 -19.17
CA THR E 594 4.41 -49.61 -19.18
C THR E 594 3.61 -48.43 -19.70
N LYS E 595 4.22 -47.27 -19.92
CA LYS E 595 3.51 -46.09 -20.43
C LYS E 595 3.84 -45.91 -21.91
N LYS E 596 2.80 -45.90 -22.74
CA LYS E 596 3.01 -45.66 -24.17
C LYS E 596 3.32 -44.19 -24.40
N PRO E 597 4.39 -43.87 -25.13
CA PRO E 597 4.72 -42.47 -25.41
C PRO E 597 3.65 -41.82 -26.28
N ALA E 598 3.66 -40.49 -26.27
CA ALA E 598 2.71 -39.74 -27.09
C ALA E 598 2.93 -40.02 -28.58
N ILE E 599 4.16 -39.85 -29.04
CA ILE E 599 4.50 -40.15 -30.44
C ILE E 599 5.00 -41.59 -30.46
N PHE E 600 4.09 -42.52 -30.77
CA PHE E 600 4.40 -43.93 -30.87
C PHE E 600 3.69 -44.52 -32.08
N TYR E 601 4.35 -45.47 -32.73
CA TYR E 601 3.82 -46.10 -33.93
C TYR E 601 3.92 -47.62 -33.76
N ASP E 602 2.78 -48.29 -33.71
CA ASP E 602 2.73 -49.74 -33.50
C ASP E 602 2.90 -50.42 -34.85
N ILE E 603 4.15 -50.75 -35.18
CA ILE E 603 4.44 -51.51 -36.38
C ILE E 603 3.87 -52.93 -36.23
N LEU E 604 3.52 -53.53 -37.37
CA LEU E 604 2.94 -54.87 -37.49
C LEU E 604 1.44 -54.85 -37.21
N ASN E 605 0.72 -53.97 -37.89
CA ASN E 605 -0.74 -53.91 -37.76
C ASN E 605 -1.38 -53.40 -39.05
N MET F 1 47.66 -31.92 -52.68
CA MET F 1 46.65 -31.56 -51.68
C MET F 1 46.96 -30.23 -51.02
N GLY F 2 48.14 -29.68 -51.30
CA GLY F 2 48.56 -28.44 -50.68
C GLY F 2 47.96 -27.21 -51.33
N LYS F 3 46.68 -26.94 -51.05
CA LYS F 3 46.01 -25.79 -51.64
C LYS F 3 45.19 -25.03 -50.59
N TYR F 4 44.09 -25.63 -50.14
CA TYR F 4 43.26 -25.05 -49.09
C TYR F 4 43.42 -25.78 -47.77
N GLN F 5 43.39 -27.11 -47.81
CA GLN F 5 43.76 -27.95 -46.68
C GLN F 5 44.53 -29.15 -47.23
N VAL F 6 45.50 -29.62 -46.47
CA VAL F 6 46.37 -30.70 -46.90
C VAL F 6 46.05 -31.95 -46.09
N MET F 7 46.32 -33.11 -46.69
CA MET F 7 46.17 -34.37 -46.00
C MET F 7 47.23 -35.34 -46.48
N LYS F 8 47.39 -36.44 -45.75
CA LYS F 8 48.44 -37.41 -46.02
C LYS F 8 47.96 -38.78 -45.53
N ARG F 9 48.85 -39.77 -45.63
CA ARG F 9 48.57 -41.12 -45.14
C ARG F 9 49.88 -41.87 -45.07
N ALA F 10 50.27 -42.29 -43.86
CA ALA F 10 51.60 -42.83 -43.65
C ALA F 10 51.73 -44.24 -44.20
N SER F 11 50.76 -45.11 -43.90
CA SER F 11 50.85 -46.52 -44.23
C SER F 11 50.78 -46.80 -45.73
N GLU F 12 50.75 -45.77 -46.58
CA GLU F 12 50.67 -45.99 -48.01
C GLU F 12 51.61 -45.07 -48.79
N VAL F 13 52.66 -44.54 -48.16
CA VAL F 13 53.56 -43.62 -48.85
C VAL F 13 54.45 -44.41 -49.81
N ASP F 14 54.55 -43.92 -51.04
CA ASP F 14 55.53 -44.45 -51.99
C ASP F 14 56.91 -43.97 -51.54
N LEU F 15 57.67 -44.86 -50.92
CA LEU F 15 58.96 -44.47 -50.35
C LEU F 15 59.96 -44.02 -51.40
N SER F 16 59.76 -44.38 -52.67
CA SER F 16 60.65 -43.92 -53.72
C SER F 16 60.46 -42.43 -54.00
N THR F 17 59.25 -41.90 -53.78
CA THR F 17 58.95 -40.51 -54.05
C THR F 17 59.11 -39.62 -52.83
N VAL F 18 59.88 -40.04 -51.84
CA VAL F 18 60.13 -39.25 -50.64
C VAL F 18 61.34 -38.36 -50.87
N LYS F 19 61.20 -37.08 -50.57
CA LYS F 19 62.27 -36.11 -50.72
C LYS F 19 62.72 -35.62 -49.35
N TYR F 20 63.80 -34.84 -49.35
CA TYR F 20 64.46 -34.40 -48.13
C TYR F 20 64.03 -32.97 -47.80
N LYS F 21 63.47 -32.79 -46.61
CA LYS F 21 63.12 -31.46 -46.09
C LYS F 21 64.35 -30.86 -45.44
N ALA F 22 65.00 -29.92 -46.12
CA ALA F 22 66.18 -29.27 -45.59
C ALA F 22 65.81 -28.41 -44.39
N GLU F 23 66.83 -27.78 -43.80
CA GLU F 23 66.62 -26.95 -42.62
C GLU F 23 65.78 -25.73 -42.96
N THR F 24 64.60 -25.64 -42.34
CA THR F 24 63.73 -24.47 -42.43
C THR F 24 63.60 -23.77 -41.10
N MET F 25 64.49 -24.07 -40.15
CA MET F 25 64.45 -23.45 -38.84
C MET F 25 65.05 -22.04 -38.92
N LYS F 26 64.23 -21.03 -38.64
CA LYS F 26 64.67 -19.64 -38.69
C LYS F 26 64.12 -18.92 -37.47
N ALA F 27 65.02 -18.37 -36.66
CA ALA F 27 64.64 -17.66 -35.44
C ALA F 27 65.77 -16.72 -35.05
N PRO F 28 65.47 -15.61 -34.39
CA PRO F 28 66.52 -14.64 -34.07
C PRO F 28 67.51 -15.17 -33.04
N HIS F 29 68.71 -14.61 -33.08
CA HIS F 29 69.77 -14.91 -32.12
C HIS F 29 70.06 -13.62 -31.37
N LEU F 30 69.62 -13.55 -30.11
CA LEU F 30 69.73 -12.35 -29.31
C LEU F 30 70.63 -12.61 -28.10
N THR F 31 71.54 -11.67 -27.84
CA THR F 31 72.49 -11.77 -26.75
C THR F 31 72.54 -10.47 -25.97
N GLY F 32 72.82 -10.57 -24.68
CA GLY F 32 72.91 -9.41 -23.82
C GLY F 32 71.62 -8.69 -23.55
N LEU F 33 71.64 -7.36 -23.68
CA LEU F 33 70.46 -6.56 -23.35
C LEU F 33 69.35 -6.75 -24.38
N SER F 34 69.71 -7.02 -25.65
CA SER F 34 68.69 -7.27 -26.66
C SER F 34 67.84 -8.48 -26.29
N PHE F 35 68.41 -9.44 -25.56
CA PHE F 35 67.65 -10.59 -25.09
C PHE F 35 66.58 -10.17 -24.08
N LYS F 36 66.96 -9.34 -23.11
CA LYS F 36 66.06 -9.03 -21.99
C LYS F 36 64.74 -8.45 -22.50
N LEU F 37 64.81 -7.48 -23.41
CA LEU F 37 63.58 -6.86 -23.90
C LEU F 37 62.74 -7.84 -24.71
N PHE F 38 63.39 -8.72 -25.47
CA PHE F 38 62.66 -9.73 -26.24
C PHE F 38 61.84 -10.64 -25.35
N VAL F 39 62.43 -11.05 -24.22
CA VAL F 39 61.67 -11.86 -23.25
C VAL F 39 60.51 -11.04 -22.69
N ASN F 40 60.81 -9.81 -22.25
CA ASN F 40 59.74 -8.93 -21.79
C ASN F 40 58.76 -8.59 -22.90
N LEU F 41 59.22 -8.64 -24.16
CA LEU F 41 58.28 -8.60 -25.28
C LEU F 41 57.53 -9.91 -25.42
N LEU F 42 58.18 -11.04 -25.10
CA LEU F 42 57.52 -12.33 -25.22
C LEU F 42 56.56 -12.59 -24.07
N GLU F 43 56.84 -12.06 -22.88
CA GLU F 43 55.94 -12.15 -21.74
C GLU F 43 54.89 -11.05 -21.74
N ALA F 44 54.73 -10.34 -22.84
CA ALA F 44 53.80 -9.22 -22.89
C ALA F 44 52.36 -9.70 -22.97
N PRO F 45 51.41 -8.94 -22.42
CA PRO F 45 50.01 -9.40 -22.41
C PRO F 45 49.42 -9.60 -23.80
N LEU F 46 49.75 -8.75 -24.76
CA LEU F 46 49.15 -8.85 -26.09
C LEU F 46 50.17 -8.96 -27.20
N ILE F 47 51.21 -8.10 -27.21
CA ILE F 47 52.24 -8.23 -28.23
C ILE F 47 53.08 -9.50 -28.01
N GLY F 48 53.00 -10.09 -26.82
CA GLY F 48 53.74 -11.32 -26.56
C GLY F 48 53.27 -12.47 -27.43
N SER F 49 51.96 -12.74 -27.43
CA SER F 49 51.42 -13.85 -28.21
C SER F 49 51.48 -13.59 -29.71
N LEU F 50 51.62 -12.33 -30.12
CA LEU F 50 51.74 -12.04 -31.55
C LEU F 50 53.11 -12.46 -32.08
N ILE F 51 54.16 -12.29 -31.27
CA ILE F 51 55.50 -12.64 -31.71
C ILE F 51 55.67 -14.15 -31.77
N VAL F 52 55.05 -14.87 -30.83
CA VAL F 52 55.16 -16.33 -30.84
C VAL F 52 54.40 -16.91 -32.04
N ASP F 53 53.22 -16.37 -32.33
CA ASP F 53 52.43 -16.89 -33.44
C ASP F 53 53.09 -16.61 -34.78
N TYR F 54 53.92 -15.57 -34.87
CA TYR F 54 54.68 -15.36 -36.09
C TYR F 54 55.78 -16.40 -36.25
N LEU F 55 56.43 -16.76 -35.15
CA LEU F 55 57.48 -17.77 -35.21
C LEU F 55 56.92 -19.14 -35.57
N LYS F 56 55.75 -19.48 -35.02
CA LYS F 56 55.11 -20.76 -35.35
C LYS F 56 54.73 -20.81 -36.83
N LYS F 57 54.21 -19.71 -37.37
CA LYS F 57 53.80 -19.69 -38.76
C LYS F 57 55.01 -19.62 -39.70
N ASP F 58 56.11 -19.02 -39.23
CA ASP F 58 57.29 -18.87 -40.09
C ASP F 58 57.97 -20.21 -40.35
N ASN F 59 58.11 -21.03 -39.31
CA ASN F 59 58.75 -22.34 -39.42
C ASN F 59 57.81 -23.41 -39.94
N GLY F 60 56.59 -23.06 -40.33
CA GLY F 60 55.64 -24.01 -40.85
C GLY F 60 54.92 -24.84 -39.82
N MET F 61 55.16 -24.60 -38.53
CA MET F 61 54.53 -25.40 -37.48
C MET F 61 53.01 -25.23 -37.48
N THR F 62 52.53 -24.07 -37.95
CA THR F 62 51.08 -23.88 -38.05
C THR F 62 50.50 -24.68 -39.22
N LYS F 63 51.21 -24.69 -40.35
CA LYS F 63 50.78 -25.50 -41.48
C LYS F 63 50.64 -26.97 -41.11
N ILE F 64 51.44 -27.44 -40.13
CA ILE F 64 51.43 -28.85 -39.80
C ILE F 64 50.31 -29.17 -38.81
N PHE F 65 50.09 -28.31 -37.82
CA PHE F 65 49.13 -28.61 -36.76
C PHE F 65 47.71 -28.17 -37.09
N ARG F 66 47.54 -27.09 -37.86
CA ARG F 66 46.23 -26.49 -38.06
C ARG F 66 45.78 -26.46 -39.52
N ASN F 67 46.59 -26.97 -40.45
CA ASN F 67 46.22 -26.92 -41.85
C ASN F 67 46.50 -28.24 -42.57
N THR F 68 46.66 -29.33 -41.84
CA THR F 68 46.96 -30.63 -42.44
C THR F 68 46.15 -31.72 -41.75
N VAL F 69 45.40 -32.48 -42.53
CA VAL F 69 44.61 -33.59 -41.99
C VAL F 69 45.52 -34.80 -41.83
N ILE F 70 45.42 -35.46 -40.69
CA ILE F 70 46.24 -36.62 -40.36
C ILE F 70 45.31 -37.80 -40.07
N PRO F 71 45.42 -38.91 -40.80
CA PRO F 71 44.52 -40.04 -40.58
C PRO F 71 44.96 -41.01 -39.49
N GLU F 72 46.20 -40.90 -39.02
CA GLU F 72 46.71 -41.82 -38.01
C GLU F 72 46.12 -41.49 -36.65
N GLU F 73 45.82 -42.54 -35.88
CA GLU F 73 45.31 -42.34 -34.53
C GLU F 73 46.43 -41.82 -33.62
N PRO F 74 46.08 -41.11 -32.55
CA PRO F 74 47.11 -40.54 -31.68
C PRO F 74 47.89 -41.62 -30.94
N MET F 75 49.22 -41.49 -30.96
CA MET F 75 50.12 -42.34 -30.22
C MET F 75 50.78 -41.47 -29.15
N PHE F 76 50.35 -41.64 -27.90
CA PHE F 76 50.80 -40.75 -26.84
C PHE F 76 52.17 -41.17 -26.30
N ARG F 77 52.42 -42.46 -26.20
CA ARG F 77 53.69 -43.00 -25.75
C ARG F 77 54.18 -44.05 -26.75
N PRO F 78 55.49 -44.27 -26.83
CA PRO F 78 56.02 -45.26 -27.78
C PRO F 78 55.50 -46.65 -27.47
N GLU F 79 54.77 -47.22 -28.43
CA GLU F 79 54.27 -48.58 -28.33
C GLU F 79 55.15 -49.49 -29.19
N PHE F 80 55.79 -50.46 -28.55
CA PHE F 80 56.72 -51.33 -29.25
C PHE F 80 56.12 -52.71 -29.46
N PRO F 81 56.28 -53.27 -30.66
CA PRO F 81 55.77 -54.63 -30.93
C PRO F 81 56.72 -55.68 -30.37
N SER F 82 56.32 -56.94 -30.55
CA SER F 82 57.16 -58.06 -30.13
C SER F 82 58.41 -58.11 -31.00
N GLN F 83 59.55 -57.84 -30.40
CA GLN F 83 60.81 -57.78 -31.13
C GLN F 83 61.47 -59.15 -31.22
N GLU F 84 62.15 -59.38 -32.33
CA GLU F 84 62.90 -60.62 -32.49
C GLU F 84 64.04 -60.66 -31.47
N PRO F 85 64.33 -61.83 -30.89
CA PRO F 85 65.40 -61.91 -29.90
C PRO F 85 66.76 -61.60 -30.54
N GLU F 86 67.59 -60.88 -29.78
CA GLU F 86 68.90 -60.48 -30.28
C GLU F 86 69.80 -61.69 -30.46
N HIS F 87 70.74 -61.57 -31.40
CA HIS F 87 71.64 -62.67 -31.74
C HIS F 87 72.90 -62.59 -30.90
N ASP F 88 73.21 -63.68 -30.19
CA ASP F 88 74.45 -63.84 -29.43
C ASP F 88 74.58 -62.77 -28.35
N VAL F 89 73.73 -62.91 -27.33
CA VAL F 89 73.73 -62.05 -26.16
C VAL F 89 73.65 -62.91 -24.91
N VAL F 90 73.65 -62.25 -23.75
CA VAL F 90 73.54 -62.91 -22.45
C VAL F 90 72.33 -62.33 -21.74
N ILE F 91 71.27 -63.13 -21.60
CA ILE F 91 70.05 -62.66 -20.95
C ILE F 91 70.31 -62.43 -19.48
N VAL F 92 69.97 -61.24 -18.99
CA VAL F 92 70.15 -60.87 -17.60
C VAL F 92 68.77 -60.67 -16.96
N GLY F 93 68.69 -60.99 -15.68
CA GLY F 93 67.43 -60.78 -14.96
C GLY F 93 67.18 -59.30 -14.73
N GLU F 94 65.95 -58.86 -15.01
CA GLU F 94 65.60 -57.46 -14.80
C GLU F 94 65.51 -57.11 -13.33
N ASP F 95 65.24 -58.09 -12.46
CA ASP F 95 65.14 -57.86 -11.03
C ASP F 95 66.39 -58.30 -10.28
N GLU F 96 67.43 -58.73 -10.99
CA GLU F 96 68.70 -59.04 -10.34
C GLU F 96 69.30 -57.77 -9.74
N SER F 97 69.98 -57.94 -8.61
CA SER F 97 70.64 -56.80 -7.98
C SER F 97 71.73 -56.26 -8.90
N PRO F 98 71.97 -54.95 -8.89
CA PRO F 98 73.05 -54.39 -9.72
C PRO F 98 74.41 -54.97 -9.40
N ILE F 99 74.61 -55.52 -8.20
CA ILE F 99 75.84 -56.23 -7.89
C ILE F 99 75.94 -57.50 -8.72
N ASP F 100 74.85 -58.29 -8.74
CA ASP F 100 74.85 -59.52 -9.52
C ASP F 100 74.92 -59.25 -11.02
N ARG F 101 74.30 -58.17 -11.48
CA ARG F 101 74.37 -57.83 -12.90
C ARG F 101 75.78 -57.43 -13.31
N LEU F 102 76.54 -56.83 -12.40
CA LEU F 102 77.90 -56.40 -12.74
C LEU F 102 78.83 -57.60 -12.90
N GLU F 103 78.78 -58.53 -11.94
CA GLU F 103 79.62 -59.74 -12.04
C GLU F 103 79.26 -60.56 -13.27
N THR F 104 78.00 -60.50 -13.70
CA THR F 104 77.63 -61.12 -14.96
C THR F 104 78.09 -60.27 -16.14
N ALA F 105 78.04 -58.95 -16.01
CA ALA F 105 78.53 -58.07 -17.08
C ALA F 105 80.03 -58.18 -17.25
N LEU F 106 80.77 -58.52 -16.18
CA LEU F 106 82.22 -58.65 -16.31
C LEU F 106 82.59 -59.83 -17.21
N LYS F 107 81.79 -60.90 -17.18
CA LYS F 107 82.06 -62.04 -18.05
C LYS F 107 82.01 -61.64 -19.51
N CYS F 108 81.15 -60.67 -19.86
CA CYS F 108 81.04 -60.23 -21.24
C CYS F 108 82.25 -59.43 -21.70
N LEU F 109 83.05 -58.94 -20.76
CA LEU F 109 84.19 -58.12 -21.13
C LEU F 109 85.41 -58.99 -21.46
N PRO F 110 86.25 -58.53 -22.38
CA PRO F 110 87.52 -59.25 -22.62
C PRO F 110 88.40 -59.22 -21.39
N GLN F 111 89.26 -60.23 -21.27
CA GLN F 111 90.08 -60.37 -20.08
C GLN F 111 90.98 -59.16 -19.90
N TYR F 112 90.98 -58.59 -18.69
CA TYR F 112 91.72 -57.36 -18.43
C TYR F 112 93.22 -57.62 -18.46
N ASP F 113 93.92 -56.81 -19.25
CA ASP F 113 95.37 -56.89 -19.32
C ASP F 113 95.99 -55.92 -18.33
N PRO F 114 96.76 -56.40 -17.35
CA PRO F 114 97.37 -55.49 -16.37
C PRO F 114 98.39 -54.53 -16.96
N SER F 115 98.80 -54.72 -18.22
CA SER F 115 99.77 -53.82 -18.84
C SER F 115 99.21 -52.43 -19.10
N ARG F 116 97.90 -52.24 -18.97
CA ARG F 116 97.31 -50.92 -19.17
C ARG F 116 97.57 -50.01 -17.97
N SER F 117 97.25 -50.50 -16.77
CA SER F 117 97.45 -49.70 -15.55
C SER F 117 98.93 -49.63 -15.18
N LEU F 118 99.49 -50.76 -14.76
CA LEU F 118 100.90 -50.84 -14.41
C LEU F 118 101.71 -51.37 -15.59
N HIS F 119 103.01 -51.11 -15.55
CA HIS F 119 103.92 -51.45 -16.64
C HIS F 119 103.47 -50.84 -17.97
N ALA F 120 102.85 -49.66 -17.91
CA ALA F 120 102.44 -48.97 -19.12
C ALA F 120 103.68 -48.51 -19.89
N ASP F 121 103.71 -48.82 -21.17
CA ASP F 121 104.87 -48.49 -21.99
C ASP F 121 105.02 -46.98 -22.07
N PRO F 122 106.20 -46.42 -21.78
CA PRO F 122 106.34 -44.96 -21.73
C PRO F 122 106.10 -44.28 -23.08
N VAL F 123 106.31 -44.97 -24.19
CA VAL F 123 106.13 -44.37 -25.50
C VAL F 123 104.87 -44.93 -26.16
N SER F 124 103.72 -44.68 -25.55
CA SER F 124 102.43 -45.08 -26.09
C SER F 124 101.54 -43.85 -26.24
N SER F 125 100.42 -44.04 -26.93
CA SER F 125 99.50 -42.95 -27.21
C SER F 125 98.63 -42.66 -25.98
N PHE F 126 97.69 -41.73 -26.13
CA PHE F 126 96.83 -41.33 -25.03
C PHE F 126 95.68 -42.32 -24.86
N ARG F 127 95.18 -42.40 -23.63
CA ARG F 127 94.09 -43.31 -23.30
C ARG F 127 93.40 -42.82 -22.04
N TYR F 128 92.12 -43.15 -21.92
CA TYR F 128 91.35 -42.84 -20.72
C TYR F 128 91.45 -43.99 -19.73
N TRP F 129 91.29 -43.67 -18.45
CA TRP F 129 91.24 -44.69 -17.41
C TRP F 129 89.88 -45.36 -17.41
N LYS F 130 89.87 -46.69 -17.39
CA LYS F 130 88.64 -47.46 -17.39
C LYS F 130 88.25 -47.85 -15.98
N ILE F 131 86.98 -48.25 -15.83
CA ILE F 131 86.47 -48.66 -14.52
C ILE F 131 87.25 -49.86 -14.00
N ARG F 132 87.70 -50.74 -14.89
CA ARG F 132 88.51 -51.88 -14.46
C ARG F 132 89.92 -51.46 -14.09
N ASP F 133 90.40 -50.31 -14.58
CA ASP F 133 91.71 -49.82 -14.17
C ASP F 133 91.69 -49.39 -12.70
N TYR F 134 90.63 -48.70 -12.28
CA TYR F 134 90.51 -48.33 -10.87
C TYR F 134 90.35 -49.56 -10.00
N ALA F 135 89.39 -50.43 -10.35
CA ALA F 135 89.11 -51.60 -9.53
C ALA F 135 90.31 -52.53 -9.42
N TYR F 136 91.18 -52.53 -10.43
CA TYR F 136 92.41 -53.32 -10.33
C TYR F 136 93.40 -52.64 -9.39
N ALA F 137 93.59 -51.33 -9.54
CA ALA F 137 94.52 -50.61 -8.65
C ALA F 137 94.03 -50.62 -7.21
N TYR F 138 92.71 -50.61 -7.00
CA TYR F 138 92.18 -50.68 -5.64
C TYR F 138 92.53 -52.02 -5.00
N ARG F 139 92.26 -53.12 -5.70
CA ARG F 139 92.53 -54.44 -5.17
C ARG F 139 94.02 -54.78 -5.19
N SER F 140 94.81 -54.07 -5.98
CA SER F 140 96.26 -54.26 -5.99
C SER F 140 96.97 -53.49 -4.89
N LYS F 141 96.22 -52.74 -4.06
CA LYS F 141 96.78 -51.92 -2.99
C LYS F 141 97.76 -50.88 -3.51
N LEU F 142 97.65 -50.50 -4.78
CA LEU F 142 98.48 -49.43 -5.32
C LEU F 142 97.94 -48.06 -4.89
N THR F 143 96.63 -47.90 -4.89
CA THR F 143 95.98 -46.69 -4.42
C THR F 143 94.74 -47.10 -3.64
N THR F 144 93.86 -46.13 -3.38
CA THR F 144 92.65 -46.37 -2.62
C THR F 144 91.63 -45.31 -2.98
N PRO F 145 90.33 -45.61 -2.90
CA PRO F 145 89.32 -44.58 -3.19
C PRO F 145 89.45 -43.35 -2.32
N LEU F 146 90.06 -43.44 -1.14
CA LEU F 146 90.29 -42.26 -0.33
C LEU F 146 91.40 -41.39 -0.92
N GLN F 147 92.45 -42.03 -1.46
CA GLN F 147 93.49 -41.26 -2.13
C GLN F 147 92.99 -40.65 -3.44
N VAL F 148 92.10 -41.34 -4.13
CA VAL F 148 91.54 -40.79 -5.37
C VAL F 148 90.57 -39.66 -5.05
N ALA F 149 89.85 -39.75 -3.93
CA ALA F 149 88.92 -38.69 -3.56
C ALA F 149 89.65 -37.40 -3.20
N LYS F 150 90.74 -37.50 -2.43
CA LYS F 150 91.51 -36.31 -2.08
C LYS F 150 92.13 -35.67 -3.31
N ARG F 151 92.46 -36.47 -4.32
CA ARG F 151 93.02 -35.92 -5.56
C ARG F 151 91.96 -35.21 -6.40
N ILE F 152 90.73 -35.74 -6.40
CA ILE F 152 89.65 -35.09 -7.15
C ILE F 152 89.19 -33.83 -6.42
N ILE F 153 89.07 -33.90 -5.09
CA ILE F 153 88.62 -32.73 -4.32
C ILE F 153 89.63 -31.59 -4.45
N SER F 154 90.92 -31.91 -4.51
CA SER F 154 91.94 -30.88 -4.63
C SER F 154 91.85 -30.15 -5.97
N ILE F 155 91.53 -30.89 -7.04
CA ILE F 155 91.46 -30.27 -8.36
C ILE F 155 90.25 -29.36 -8.48
N ILE F 156 89.13 -29.76 -7.86
CA ILE F 156 87.92 -28.95 -7.96
C ILE F 156 88.09 -27.62 -7.23
N GLU F 157 88.68 -27.65 -6.03
CA GLU F 157 88.84 -26.43 -5.26
C GLU F 157 89.96 -25.55 -5.81
N GLU F 158 90.99 -26.14 -6.43
CA GLU F 158 92.08 -25.35 -6.97
C GLU F 158 91.64 -24.57 -8.21
N PHE F 159 91.01 -25.26 -9.16
CA PHE F 159 90.57 -24.65 -10.41
C PHE F 159 89.18 -24.05 -10.32
N GLY F 160 88.55 -24.07 -9.14
CA GLY F 160 87.23 -23.51 -8.97
C GLY F 160 86.19 -24.15 -9.86
N TYR F 161 85.99 -25.47 -9.69
CA TYR F 161 85.04 -26.21 -10.51
C TYR F 161 83.70 -26.43 -9.82
N ASP F 162 83.54 -25.95 -8.59
CA ASP F 162 82.24 -25.91 -7.93
C ASP F 162 81.75 -24.48 -7.75
N LYS F 163 82.44 -23.52 -8.35
CA LYS F 163 82.11 -22.10 -8.27
C LYS F 163 81.96 -21.53 -9.68
N PRO F 164 81.25 -20.42 -9.82
CA PRO F 164 81.23 -19.71 -11.11
C PRO F 164 82.63 -19.22 -11.47
N PRO F 165 82.87 -18.88 -12.74
CA PRO F 165 81.95 -18.91 -13.88
C PRO F 165 82.00 -20.18 -14.71
N THR F 166 82.95 -21.08 -14.42
CA THR F 166 83.13 -22.32 -15.17
C THR F 166 83.12 -23.50 -14.20
N PRO F 167 81.94 -23.92 -13.73
CA PRO F 167 81.88 -25.05 -12.80
C PRO F 167 81.56 -26.37 -13.48
N PHE F 168 82.21 -27.45 -13.03
CA PHE F 168 81.80 -28.79 -13.45
C PHE F 168 80.60 -29.26 -12.63
N LEU F 169 80.58 -28.93 -11.34
CA LEU F 169 79.48 -29.29 -10.45
C LEU F 169 78.85 -28.04 -9.87
N ILE F 170 77.55 -28.09 -9.66
CA ILE F 170 76.80 -27.00 -9.03
C ILE F 170 76.34 -27.34 -7.63
N ARG F 171 76.72 -28.52 -7.10
CA ARG F 171 76.41 -28.89 -5.73
C ARG F 171 77.47 -29.91 -5.31
N PHE F 172 78.44 -29.45 -4.52
CA PHE F 172 79.59 -30.27 -4.13
C PHE F 172 79.80 -30.16 -2.63
N ASP F 173 79.66 -31.27 -1.92
CA ASP F 173 79.95 -31.37 -0.50
C ASP F 173 81.19 -32.27 -0.40
N ALA F 174 82.35 -31.64 -0.18
CA ALA F 174 83.61 -32.39 -0.21
C ALA F 174 83.68 -33.43 0.89
N ASN F 175 83.10 -33.12 2.07
CA ASN F 175 83.18 -34.05 3.19
C ASN F 175 82.35 -35.31 2.94
N GLU F 176 81.25 -35.19 2.20
CA GLU F 176 80.49 -36.38 1.84
C GLU F 176 81.30 -37.30 0.96
N VAL F 177 81.92 -36.75 -0.10
CA VAL F 177 82.73 -37.55 -1.01
C VAL F 177 83.85 -38.25 -0.24
N ILE F 178 84.42 -37.57 0.74
CA ILE F 178 85.45 -38.19 1.58
C ILE F 178 84.84 -39.32 2.41
N LYS F 179 83.64 -39.09 2.94
CA LYS F 179 83.02 -40.09 3.82
C LYS F 179 82.65 -41.36 3.07
N GLN F 180 82.24 -41.25 1.80
CA GLN F 180 82.02 -42.43 0.99
C GLN F 180 83.33 -43.18 0.74
N ALA F 181 84.40 -42.44 0.43
CA ALA F 181 85.67 -43.06 0.11
C ALA F 181 86.28 -43.78 1.31
N GLU F 182 85.99 -43.31 2.52
CA GLU F 182 86.52 -43.98 3.71
C GLU F 182 85.84 -45.33 3.92
N ALA F 183 84.53 -45.40 3.75
CA ALA F 183 83.82 -46.67 3.89
C ALA F 183 84.20 -47.64 2.79
N SER F 184 84.45 -47.14 1.58
CA SER F 184 84.87 -48.02 0.49
C SER F 184 86.28 -48.52 0.70
N THR F 185 87.17 -47.66 1.21
CA THR F 185 88.53 -48.09 1.52
C THR F 185 88.53 -49.16 2.62
N ARG F 186 87.69 -48.97 3.64
CA ARG F 186 87.58 -49.97 4.70
C ARG F 186 87.13 -51.31 4.14
N ARG F 187 86.21 -51.30 3.18
CA ARG F 187 85.79 -52.55 2.54
C ARG F 187 86.90 -53.13 1.69
N PHE F 188 87.81 -52.29 1.18
CA PHE F 188 88.96 -52.79 0.43
C PHE F 188 90.06 -53.28 1.37
N GLU F 189 90.13 -52.73 2.58
CA GLU F 189 91.11 -53.22 3.55
C GLU F 189 90.66 -54.53 4.18
N GLN F 190 89.38 -54.65 4.50
CA GLN F 190 88.86 -55.90 5.04
C GLN F 190 88.96 -57.04 4.03
N GLY F 191 88.95 -56.72 2.74
CA GLY F 191 89.08 -57.70 1.70
C GLY F 191 87.79 -58.10 1.02
N ASN F 192 86.71 -57.35 1.21
CA ASN F 192 85.41 -57.68 0.63
C ASN F 192 84.84 -56.45 -0.06
N PRO F 193 85.28 -56.17 -1.29
CA PRO F 193 84.61 -55.11 -2.07
C PRO F 193 83.26 -55.57 -2.55
N ILE F 194 82.34 -54.60 -2.72
CA ILE F 194 80.98 -54.93 -3.10
C ILE F 194 80.94 -55.49 -4.52
N SER F 195 81.47 -54.72 -5.48
CA SER F 195 81.50 -55.15 -6.87
C SER F 195 82.60 -54.37 -7.58
N VAL F 196 82.57 -54.39 -8.91
CA VAL F 196 83.58 -53.65 -9.68
C VAL F 196 83.37 -52.15 -9.53
N LEU F 197 82.13 -51.72 -9.34
CA LEU F 197 81.83 -50.30 -9.15
C LEU F 197 82.09 -49.82 -7.73
N ASP F 198 82.64 -50.67 -6.87
CA ASP F 198 82.96 -50.27 -5.50
C ASP F 198 84.18 -49.37 -5.52
N GLY F 199 83.99 -48.10 -5.15
CA GLY F 199 85.05 -47.12 -5.21
C GLY F 199 85.14 -46.33 -6.50
N ILE F 200 84.18 -46.50 -7.40
CA ILE F 200 84.17 -45.79 -8.67
C ILE F 200 83.39 -44.49 -8.50
N PHE F 201 83.94 -43.40 -9.01
CA PHE F 201 83.34 -42.09 -8.86
C PHE F 201 82.37 -41.82 -10.00
N VAL F 202 81.15 -41.40 -9.65
CA VAL F 202 80.09 -41.13 -10.62
C VAL F 202 79.50 -39.76 -10.30
N THR F 203 79.25 -38.97 -11.35
CA THR F 203 78.67 -37.65 -11.23
C THR F 203 77.21 -37.70 -11.67
N ILE F 204 76.33 -37.10 -10.89
CA ILE F 204 74.89 -37.14 -11.13
C ILE F 204 74.43 -35.80 -11.67
N LYS F 205 73.61 -35.82 -12.72
CA LYS F 205 73.06 -34.59 -13.27
C LYS F 205 72.08 -33.96 -12.29
N ASP F 206 71.93 -32.64 -12.39
CA ASP F 206 71.17 -31.90 -11.40
C ASP F 206 69.65 -32.13 -11.50
N ASP F 207 69.17 -32.81 -12.53
CA ASP F 207 67.76 -33.15 -12.63
C ASP F 207 67.46 -34.55 -12.11
N ILE F 208 68.42 -35.21 -11.48
CA ILE F 208 68.25 -36.52 -10.87
C ILE F 208 68.49 -36.37 -9.38
N ASP F 209 67.62 -36.97 -8.57
CA ASP F 209 67.77 -36.89 -7.12
C ASP F 209 68.98 -37.69 -6.66
N CYS F 210 69.75 -37.12 -5.75
CA CYS F 210 70.92 -37.79 -5.18
C CYS F 210 71.16 -37.24 -3.79
N LEU F 211 71.04 -38.10 -2.78
CA LEU F 211 71.23 -37.66 -1.40
C LEU F 211 72.69 -37.30 -1.16
N PRO F 212 72.97 -36.28 -0.32
CA PRO F 212 71.96 -35.44 0.32
C PRO F 212 71.72 -34.13 -0.41
N HIS F 213 72.20 -34.04 -1.64
CA HIS F 213 72.10 -32.80 -2.40
C HIS F 213 70.65 -32.57 -2.83
N PRO F 214 70.17 -31.33 -2.74
CA PRO F 214 68.84 -31.02 -3.28
C PRO F 214 68.87 -30.98 -4.80
N THR F 215 67.69 -31.16 -5.38
CA THR F 215 67.52 -31.19 -6.83
C THR F 215 66.98 -29.85 -7.30
N ASN F 216 67.83 -29.07 -7.95
CA ASN F 216 67.43 -27.77 -8.50
C ASN F 216 67.26 -27.78 -10.01
N GLY F 217 67.86 -28.74 -10.71
CA GLY F 217 67.74 -28.81 -12.15
C GLY F 217 68.38 -27.67 -12.90
N GLY F 218 69.39 -27.04 -12.30
CA GLY F 218 70.02 -25.88 -12.91
C GLY F 218 69.37 -24.56 -12.57
N THR F 219 68.30 -24.56 -11.78
CA THR F 219 67.64 -23.34 -11.36
C THR F 219 68.17 -22.90 -10.00
N THR F 220 67.62 -21.81 -9.49
CA THR F 220 68.04 -21.28 -8.19
C THR F 220 67.10 -21.73 -7.08
N TRP F 221 65.85 -21.99 -7.43
CA TRP F 221 64.68 -21.98 -6.55
C TRP F 221 63.89 -23.28 -6.51
N LEU F 222 64.29 -24.28 -7.30
CA LEU F 222 63.51 -25.52 -7.34
C LEU F 222 63.57 -26.26 -6.02
N HIS F 223 64.66 -26.12 -5.26
CA HIS F 223 64.74 -26.74 -3.95
C HIS F 223 63.74 -26.13 -2.98
N GLU F 224 63.34 -24.87 -3.21
CA GLU F 224 62.40 -24.20 -2.32
C GLU F 224 61.00 -24.79 -2.43
N ASP F 225 60.67 -25.46 -3.54
CA ASP F 225 59.37 -26.07 -3.73
C ASP F 225 59.41 -27.58 -3.92
N ARG F 226 60.59 -28.16 -4.11
CA ARG F 226 60.74 -29.60 -4.30
C ARG F 226 61.77 -30.11 -3.30
N SER F 227 61.30 -30.87 -2.30
CA SER F 227 62.17 -31.45 -1.30
C SER F 227 62.65 -32.82 -1.76
N VAL F 228 63.93 -33.11 -1.51
CA VAL F 228 64.55 -34.37 -1.88
C VAL F 228 64.75 -35.17 -0.59
N GLU F 229 63.86 -36.13 -0.33
CA GLU F 229 63.90 -36.88 0.90
C GLU F 229 64.59 -38.24 0.78
N LYS F 230 64.79 -38.74 -0.45
CA LYS F 230 65.45 -40.03 -0.62
C LYS F 230 66.11 -40.06 -2.00
N ASP F 231 66.90 -41.11 -2.21
CA ASP F 231 67.64 -41.27 -3.46
C ASP F 231 66.70 -41.58 -4.62
N SER F 232 67.26 -41.55 -5.83
CA SER F 232 66.53 -41.93 -7.03
C SER F 232 66.81 -43.39 -7.36
N ALA F 233 66.19 -43.87 -8.45
CA ALA F 233 66.36 -45.26 -8.84
C ALA F 233 67.77 -45.52 -9.35
N VAL F 234 68.30 -44.64 -10.18
CA VAL F 234 69.62 -44.86 -10.76
C VAL F 234 70.72 -44.65 -9.72
N VAL F 235 70.50 -43.76 -8.76
CA VAL F 235 71.52 -43.50 -7.75
C VAL F 235 71.55 -44.63 -6.71
N SER F 236 70.39 -45.11 -6.29
CA SER F 236 70.35 -46.21 -5.33
C SER F 236 70.90 -47.50 -5.92
N LYS F 237 70.79 -47.67 -7.24
CA LYS F 237 71.38 -48.84 -7.88
C LYS F 237 72.90 -48.73 -7.95
N LEU F 238 73.43 -47.52 -8.13
CA LEU F 238 74.87 -47.34 -8.13
C LEU F 238 75.44 -47.44 -6.72
N ARG F 239 74.74 -46.87 -5.73
CA ARG F 239 75.23 -46.91 -4.36
C ARG F 239 75.24 -48.32 -3.80
N SER F 240 74.34 -49.18 -4.28
CA SER F 240 74.35 -50.57 -3.84
C SER F 240 75.58 -51.33 -4.34
N CYS F 241 76.24 -50.82 -5.38
CA CYS F 241 77.47 -51.40 -5.88
C CYS F 241 78.72 -50.86 -5.20
N GLY F 242 78.56 -49.85 -4.34
CA GLY F 242 79.71 -49.20 -3.74
C GLY F 242 80.22 -48.00 -4.49
N ALA F 243 79.44 -47.45 -5.42
CA ALA F 243 79.89 -46.31 -6.19
C ALA F 243 79.90 -45.05 -5.32
N ILE F 244 80.88 -44.19 -5.57
CA ILE F 244 81.05 -42.95 -4.83
C ILE F 244 80.40 -41.83 -5.62
N LEU F 245 79.27 -41.31 -5.13
CA LEU F 245 78.55 -40.25 -5.80
C LEU F 245 79.28 -38.92 -5.55
N LEU F 246 79.84 -38.34 -6.60
CA LEU F 246 80.61 -37.11 -6.49
C LEU F 246 79.71 -35.94 -6.13
N GLY F 247 78.91 -35.47 -7.09
CA GLY F 247 78.03 -34.35 -6.82
C GLY F 247 77.05 -34.14 -7.94
N LYS F 248 76.42 -32.98 -7.94
CA LYS F 248 75.44 -32.61 -8.95
C LYS F 248 76.14 -31.80 -10.05
N ALA F 249 76.09 -32.30 -11.28
CA ALA F 249 76.75 -31.65 -12.40
C ALA F 249 75.93 -30.46 -12.89
N ASN F 250 76.61 -29.56 -13.58
CA ASN F 250 75.95 -28.45 -14.24
C ASN F 250 75.09 -28.95 -15.39
N MET F 251 74.10 -28.15 -15.76
CA MET F 251 73.22 -28.50 -16.87
C MET F 251 72.48 -27.26 -17.34
N HIS F 252 72.08 -27.28 -18.60
CA HIS F 252 71.16 -26.26 -19.10
C HIS F 252 69.89 -26.30 -18.27
N GLU F 253 69.31 -25.12 -18.02
CA GLU F 253 68.20 -25.01 -17.09
C GLU F 253 67.00 -25.85 -17.52
N LEU F 254 66.70 -26.91 -16.74
CA LEU F 254 65.56 -27.78 -16.95
C LEU F 254 65.59 -28.46 -18.33
N GLY F 255 66.77 -28.60 -18.91
CA GLY F 255 66.88 -29.27 -20.20
C GLY F 255 66.22 -28.52 -21.33
N MET F 256 66.29 -27.19 -21.32
CA MET F 256 65.72 -26.39 -22.39
C MET F 256 66.81 -25.72 -23.20
N GLY F 257 67.72 -26.54 -23.73
CA GLY F 257 68.81 -26.05 -24.55
C GLY F 257 69.80 -27.15 -24.85
N THR F 258 70.50 -27.04 -25.98
CA THR F 258 71.47 -28.06 -26.37
C THR F 258 72.90 -27.51 -26.44
N THR F 259 73.11 -26.27 -26.01
CA THR F 259 74.45 -25.71 -25.93
C THR F 259 75.06 -25.87 -24.55
N GLY F 260 74.25 -25.81 -23.50
CA GLY F 260 74.75 -25.85 -22.14
C GLY F 260 74.88 -24.50 -21.47
N ASN F 261 74.48 -23.42 -22.16
CA ASN F 261 74.56 -22.08 -21.59
C ASN F 261 73.68 -21.98 -20.36
N ASN F 262 74.29 -21.63 -19.22
CA ASN F 262 73.58 -21.46 -17.96
C ASN F 262 74.02 -20.13 -17.34
N SER F 263 73.20 -19.10 -17.54
CA SER F 263 73.47 -17.79 -16.96
C SER F 263 72.96 -17.74 -15.53
N ASN F 264 73.00 -18.87 -14.84
CA ASN F 264 72.58 -18.99 -13.45
C ASN F 264 73.70 -19.46 -12.54
N TYR F 265 74.47 -20.47 -12.96
CA TYR F 265 75.64 -20.94 -12.23
C TYR F 265 76.94 -20.75 -13.00
N GLY F 266 76.88 -20.31 -14.25
CA GLY F 266 78.04 -20.24 -15.11
C GLY F 266 78.01 -21.32 -16.17
N THR F 267 78.52 -21.00 -17.35
CA THR F 267 78.51 -21.91 -18.49
C THR F 267 79.73 -22.82 -18.41
N THR F 268 79.49 -24.12 -18.44
CA THR F 268 80.58 -25.09 -18.45
C THR F 268 81.33 -25.02 -19.77
N ARG F 269 82.66 -25.10 -19.70
CA ARG F 269 83.51 -24.98 -20.87
C ARG F 269 83.96 -26.36 -21.36
N ASN F 270 84.18 -26.46 -22.67
CA ASN F 270 84.55 -27.73 -23.27
C ASN F 270 85.99 -28.09 -22.88
N PRO F 271 86.24 -29.32 -22.41
CA PRO F 271 87.62 -29.69 -22.08
C PRO F 271 88.57 -29.63 -23.26
N HIS F 272 88.08 -29.87 -24.48
CA HIS F 272 88.94 -29.80 -25.65
C HIS F 272 89.24 -28.36 -26.05
N ASP F 273 88.34 -27.43 -25.73
CA ASP F 273 88.54 -26.02 -26.01
C ASP F 273 87.66 -25.19 -25.08
N PRO F 274 88.24 -24.53 -24.07
CA PRO F 274 87.41 -23.81 -23.08
C PRO F 274 86.59 -22.68 -23.67
N LYS F 275 86.95 -22.17 -24.84
CA LYS F 275 86.20 -21.10 -25.48
C LYS F 275 85.00 -21.62 -26.27
N ARG F 276 84.70 -22.91 -26.20
CA ARG F 276 83.61 -23.52 -26.94
C ARG F 276 82.63 -24.18 -26.00
N TYR F 277 81.42 -24.42 -26.50
CA TYR F 277 80.37 -25.03 -25.71
C TYR F 277 80.65 -26.51 -25.47
N THR F 278 79.95 -27.07 -24.48
CA THR F 278 80.02 -28.50 -24.19
C THR F 278 78.90 -29.29 -24.83
N GLY F 279 77.80 -28.65 -25.19
CA GLY F 279 76.62 -29.38 -25.60
C GLY F 279 75.68 -29.64 -24.46
N GLY F 280 74.38 -29.63 -24.75
CA GLY F 280 73.35 -29.76 -23.76
C GLY F 280 72.53 -31.03 -23.95
N SER F 281 71.66 -31.30 -22.98
CA SER F 281 71.53 -30.42 -21.81
C SER F 281 72.34 -30.95 -20.64
N SER F 282 73.09 -32.02 -20.86
CA SER F 282 73.96 -32.59 -19.83
C SER F 282 75.38 -32.04 -19.99
N SER F 283 75.48 -30.73 -19.83
CA SER F 283 76.75 -30.03 -20.05
C SER F 283 77.79 -30.44 -19.01
N GLY F 284 77.48 -30.25 -17.73
CA GLY F 284 78.43 -30.59 -16.69
C GLY F 284 78.66 -32.08 -16.53
N SER F 285 77.66 -32.90 -16.88
CA SER F 285 77.80 -34.34 -16.75
C SER F 285 78.80 -34.90 -17.76
N ALA F 286 78.89 -34.30 -18.93
CA ALA F 286 79.80 -34.80 -19.97
C ALA F 286 81.17 -34.14 -19.93
N ALA F 287 81.25 -32.89 -19.46
CA ALA F 287 82.54 -32.21 -19.42
C ALA F 287 83.43 -32.75 -18.31
N ILE F 288 82.83 -33.24 -17.21
CA ILE F 288 83.64 -33.77 -16.12
C ILE F 288 84.21 -35.13 -16.49
N VAL F 289 83.53 -35.88 -17.37
CA VAL F 289 84.06 -37.17 -17.81
C VAL F 289 85.12 -36.97 -18.88
N ALA F 290 84.90 -36.02 -19.80
CA ALA F 290 85.90 -35.72 -20.82
C ALA F 290 87.18 -35.15 -20.23
N ALA F 291 87.11 -34.56 -19.03
CA ALA F 291 88.29 -34.05 -18.34
C ALA F 291 88.98 -35.10 -17.49
N GLY F 292 88.44 -36.31 -17.43
CA GLY F 292 89.07 -37.38 -16.67
C GLY F 292 88.98 -37.26 -15.17
N LEU F 293 88.05 -36.46 -14.65
CA LEU F 293 87.92 -36.32 -13.20
C LEU F 293 87.23 -37.54 -12.59
N CYS F 294 86.11 -37.97 -13.17
CA CYS F 294 85.39 -39.15 -12.72
C CYS F 294 85.31 -40.17 -13.84
N SER F 295 84.92 -41.40 -13.48
CA SER F 295 84.85 -42.47 -14.46
C SER F 295 83.68 -42.27 -15.40
N ALA F 296 82.47 -42.17 -14.86
CA ALA F 296 81.26 -42.02 -15.67
C ALA F 296 80.32 -41.03 -14.99
N ALA F 297 79.22 -40.72 -15.68
CA ALA F 297 78.25 -39.77 -15.17
C ALA F 297 76.88 -40.08 -15.79
N LEU F 298 75.83 -39.76 -15.05
CA LEU F 298 74.46 -39.98 -15.49
C LEU F 298 73.82 -38.67 -15.94
N GLY F 299 72.71 -38.80 -16.64
CA GLY F 299 72.00 -37.63 -17.13
C GLY F 299 70.81 -38.06 -17.96
N THR F 300 69.83 -37.16 -18.03
CA THR F 300 68.62 -37.43 -18.80
C THR F 300 68.85 -37.18 -20.27
N ASP F 301 67.89 -37.61 -21.08
CA ASP F 301 67.96 -37.46 -22.54
C ASP F 301 66.53 -37.40 -23.07
N GLY F 302 66.00 -36.20 -23.24
CA GLY F 302 64.67 -36.02 -23.76
C GLY F 302 64.66 -35.55 -25.20
N GLY F 303 65.82 -35.12 -25.68
CA GLY F 303 65.98 -34.69 -27.05
C GLY F 303 67.44 -34.74 -27.48
N GLY F 304 68.18 -35.68 -26.94
CA GLY F 304 69.61 -35.81 -27.20
C GLY F 304 70.50 -35.20 -26.14
N ALA F 305 70.04 -35.09 -24.89
CA ALA F 305 70.83 -34.43 -23.85
C ALA F 305 72.05 -35.23 -23.45
N VAL F 306 72.08 -36.53 -23.74
CA VAL F 306 73.23 -37.36 -23.42
C VAL F 306 74.15 -37.53 -24.62
N ARG F 307 73.58 -37.69 -25.82
CA ARG F 307 74.39 -37.96 -27.01
C ARG F 307 75.01 -36.70 -27.58
N ILE F 308 74.34 -35.55 -27.49
CA ILE F 308 74.87 -34.32 -28.06
C ILE F 308 76.18 -33.89 -27.40
N PRO F 309 76.25 -33.75 -26.06
CA PRO F 309 77.54 -33.35 -25.48
C PRO F 309 78.60 -34.44 -25.57
N SER F 310 78.20 -35.71 -25.62
CA SER F 310 79.17 -36.79 -25.77
C SER F 310 79.83 -36.80 -27.14
N ALA F 311 79.23 -36.12 -28.12
CA ALA F 311 79.87 -35.97 -29.43
C ALA F 311 80.74 -34.73 -29.50
N LEU F 312 80.37 -33.66 -28.79
CA LEU F 312 81.16 -32.44 -28.80
C LEU F 312 82.37 -32.54 -27.87
N CYS F 313 82.29 -33.35 -26.81
CA CYS F 313 83.37 -33.50 -25.86
C CYS F 313 84.18 -34.77 -26.08
N GLY F 314 83.72 -35.68 -26.93
CA GLY F 314 84.49 -36.86 -27.29
C GLY F 314 84.47 -37.97 -26.27
N ILE F 315 83.29 -38.32 -25.77
CA ILE F 315 83.12 -39.43 -24.86
C ILE F 315 81.98 -40.31 -25.37
N THR F 316 81.66 -41.36 -24.61
CA THR F 316 80.61 -42.30 -24.97
C THR F 316 79.35 -41.98 -24.17
N GLY F 317 78.23 -41.85 -24.85
CA GLY F 317 76.96 -41.56 -24.20
C GLY F 317 75.85 -42.47 -24.67
N LEU F 318 75.35 -43.32 -23.79
CA LEU F 318 74.31 -44.28 -24.13
C LEU F 318 72.93 -43.71 -23.84
N LYS F 319 72.07 -43.71 -24.85
CA LYS F 319 70.67 -43.35 -24.71
C LYS F 319 69.86 -44.64 -24.72
N THR F 320 69.34 -45.04 -23.57
CA THR F 320 68.64 -46.31 -23.46
C THR F 320 67.23 -46.20 -24.02
N THR F 321 66.58 -47.36 -24.15
CA THR F 321 65.21 -47.40 -24.64
C THR F 321 64.26 -46.74 -23.65
N TYR F 322 63.17 -46.19 -24.17
CA TYR F 322 62.15 -45.57 -23.33
C TYR F 322 61.62 -46.57 -22.33
N GLY F 323 61.85 -46.31 -21.04
CA GLY F 323 61.42 -47.19 -19.98
C GLY F 323 62.40 -48.26 -19.57
N ARG F 324 63.52 -48.41 -20.30
CA ARG F 324 64.50 -49.43 -19.94
C ARG F 324 65.14 -49.13 -18.60
N THR F 325 65.75 -47.96 -18.46
CA THR F 325 66.35 -47.54 -17.21
C THR F 325 65.32 -46.76 -16.39
N ASP F 326 65.13 -47.20 -15.14
CA ASP F 326 64.14 -46.57 -14.28
C ASP F 326 64.45 -45.09 -14.07
N MET F 327 63.42 -44.26 -14.20
CA MET F 327 63.56 -42.82 -14.04
C MET F 327 62.95 -42.31 -12.73
N THR F 328 62.56 -43.21 -11.83
CA THR F 328 61.93 -42.80 -10.58
C THR F 328 62.90 -41.95 -9.76
N GLY F 329 62.46 -40.73 -9.44
CA GLY F 329 63.26 -39.80 -8.68
C GLY F 329 64.02 -38.78 -9.49
N SER F 330 63.48 -38.35 -10.63
CA SER F 330 64.11 -37.32 -11.45
C SER F 330 63.08 -36.23 -11.72
N LEU F 331 63.47 -35.25 -12.53
CA LEU F 331 62.58 -34.15 -12.88
C LEU F 331 61.72 -34.43 -14.10
N CYS F 332 61.92 -35.56 -14.77
CA CYS F 332 61.14 -35.88 -15.96
C CYS F 332 60.43 -37.23 -15.80
N GLU F 333 59.80 -37.44 -14.65
CA GLU F 333 59.02 -38.65 -14.46
C GLU F 333 57.71 -38.56 -15.22
N GLY F 334 57.32 -39.66 -15.86
CA GLY F 334 56.12 -39.68 -16.67
C GLY F 334 56.25 -39.04 -18.04
N GLY F 335 57.41 -38.50 -18.37
CA GLY F 335 57.63 -37.96 -19.70
C GLY F 335 57.54 -39.03 -20.76
N THR F 336 57.39 -38.59 -22.00
CA THR F 336 57.20 -39.50 -23.13
C THR F 336 58.40 -39.56 -24.07
N VAL F 337 59.48 -38.83 -23.80
CA VAL F 337 60.62 -38.79 -24.70
C VAL F 337 61.92 -38.81 -23.92
N GLU F 338 61.84 -38.93 -22.59
CA GLU F 338 63.00 -38.82 -21.73
C GLU F 338 63.40 -40.18 -21.18
N ILE F 339 64.72 -40.37 -21.03
CA ILE F 339 65.29 -41.55 -20.38
C ILE F 339 66.45 -41.08 -19.50
N ILE F 340 67.16 -42.04 -18.91
CA ILE F 340 68.37 -41.77 -18.13
C ILE F 340 69.44 -42.75 -18.60
N GLY F 341 70.53 -42.21 -19.13
CA GLY F 341 71.62 -43.02 -19.62
C GLY F 341 72.96 -42.58 -19.09
N PRO F 342 73.95 -43.48 -19.12
CA PRO F 342 75.28 -43.13 -18.62
C PRO F 342 76.16 -42.49 -19.69
N LEU F 343 77.05 -41.62 -19.21
CA LEU F 343 78.06 -40.96 -20.03
C LEU F 343 79.43 -41.30 -19.46
N ALA F 344 80.24 -41.99 -20.23
CA ALA F 344 81.54 -42.47 -19.77
C ALA F 344 82.61 -42.20 -20.82
N SER F 345 83.86 -42.42 -20.42
CA SER F 345 84.99 -42.13 -21.28
C SER F 345 85.21 -43.18 -22.35
N SER F 346 84.76 -44.41 -22.11
CA SER F 346 84.94 -45.51 -23.03
C SER F 346 83.67 -46.33 -23.10
N LEU F 347 83.64 -47.25 -24.08
CA LEU F 347 82.48 -48.13 -24.23
C LEU F 347 82.39 -49.12 -23.08
N GLU F 348 83.54 -49.63 -22.62
CA GLU F 348 83.55 -50.58 -21.52
C GLU F 348 82.99 -49.95 -20.24
N ASP F 349 83.29 -48.69 -20.01
CA ASP F 349 82.81 -48.02 -18.80
C ASP F 349 81.31 -47.73 -18.90
N ALA F 350 80.86 -47.23 -20.05
CA ALA F 350 79.44 -46.95 -20.22
C ALA F 350 78.61 -48.23 -20.17
N PHE F 351 79.19 -49.36 -20.58
CA PHE F 351 78.48 -50.63 -20.51
C PHE F 351 78.32 -51.11 -19.07
N LEU F 352 79.33 -50.85 -18.24
CA LEU F 352 79.28 -51.30 -16.85
C LEU F 352 78.30 -50.47 -16.03
N VAL F 353 78.21 -49.17 -16.32
CA VAL F 353 77.28 -48.32 -15.58
C VAL F 353 75.85 -48.62 -16.00
N TYR F 354 75.63 -48.89 -17.28
CA TYR F 354 74.29 -49.27 -17.73
C TYR F 354 73.84 -50.56 -17.06
N ALA F 355 74.78 -51.48 -16.82
CA ALA F 355 74.44 -52.75 -16.18
C ALA F 355 73.90 -52.54 -14.78
N ALA F 356 74.43 -51.55 -14.06
CA ALA F 356 74.02 -51.32 -12.68
C ALA F 356 72.75 -50.49 -12.59
N ILE F 357 72.55 -49.54 -13.50
CA ILE F 357 71.41 -48.62 -13.39
C ILE F 357 70.17 -49.11 -14.10
N LEU F 358 70.26 -50.17 -14.91
CA LEU F 358 69.12 -50.62 -15.69
C LEU F 358 68.04 -51.22 -14.77
N GLY F 359 66.91 -51.53 -15.38
CA GLY F 359 65.78 -52.06 -14.64
C GLY F 359 64.55 -51.18 -14.78
N SER F 360 63.56 -51.64 -15.54
CA SER F 360 62.36 -50.85 -15.77
C SER F 360 61.56 -50.68 -14.49
N SER F 361 60.86 -49.56 -14.38
CA SER F 361 60.04 -49.29 -13.22
C SER F 361 58.85 -50.24 -13.17
N SER F 362 58.18 -50.27 -12.02
CA SER F 362 57.03 -51.15 -11.86
C SER F 362 55.89 -50.73 -12.78
N ALA F 363 55.72 -49.43 -13.00
CA ALA F 363 54.65 -48.96 -13.88
C ALA F 363 54.99 -49.22 -15.34
N ASP F 364 56.23 -48.95 -15.74
CA ASP F 364 56.63 -49.18 -17.12
C ASP F 364 56.73 -50.65 -17.47
N ARG F 365 56.85 -51.53 -16.47
CA ARG F 365 56.96 -52.95 -16.74
C ARG F 365 55.65 -53.51 -17.31
N TYR F 366 54.52 -53.02 -16.81
CA TYR F 366 53.22 -53.49 -17.28
C TYR F 366 52.68 -52.66 -18.44
N ASN F 367 53.15 -51.41 -18.59
CA ASN F 367 52.69 -50.57 -19.68
C ASN F 367 53.50 -50.74 -20.95
N LEU F 368 54.80 -51.01 -20.84
CA LEU F 368 55.66 -51.17 -22.00
C LEU F 368 56.05 -52.62 -22.27
N LYS F 369 56.00 -53.49 -21.26
CA LYS F 369 56.37 -54.90 -21.37
C LYS F 369 57.73 -55.06 -22.04
N PRO F 370 58.81 -54.62 -21.41
CA PRO F 370 60.12 -54.72 -22.04
C PRO F 370 60.65 -56.13 -22.01
N SER F 371 61.35 -56.50 -23.09
CA SER F 371 62.07 -57.77 -23.11
C SER F 371 63.18 -57.72 -22.06
N PRO F 372 63.57 -58.88 -21.51
CA PRO F 372 64.57 -58.90 -20.46
C PRO F 372 65.87 -58.23 -20.90
N PRO F 373 66.54 -57.52 -20.00
CA PRO F 373 67.80 -56.88 -20.37
C PRO F 373 68.88 -57.91 -20.64
N CYS F 374 69.71 -57.63 -21.64
CA CYS F 374 70.77 -58.54 -22.04
C CYS F 374 72.00 -57.76 -22.45
N PHE F 375 73.20 -58.29 -22.08
CA PHE F 375 74.50 -57.71 -22.36
C PHE F 375 75.14 -58.37 -23.57
N PRO F 376 75.90 -57.62 -24.36
CA PRO F 376 76.59 -58.21 -25.51
C PRO F 376 77.90 -58.86 -25.10
N LYS F 377 78.22 -59.97 -25.75
CA LYS F 377 79.48 -60.68 -25.51
C LYS F 377 80.60 -59.94 -26.21
N LEU F 378 81.31 -59.09 -25.46
CA LEU F 378 82.35 -58.27 -26.05
C LEU F 378 83.64 -59.03 -26.35
N LEU F 379 83.80 -60.26 -25.82
CA LEU F 379 84.94 -61.08 -26.18
C LEU F 379 84.83 -61.47 -27.66
N SER F 380 85.86 -61.17 -28.44
CA SER F 380 85.76 -61.26 -29.88
C SER F 380 86.02 -62.66 -30.42
N HIS F 381 86.67 -63.54 -29.65
CA HIS F 381 86.96 -64.89 -30.12
C HIS F 381 86.88 -65.82 -28.93
N ASN F 382 85.84 -66.66 -28.86
CA ASN F 382 84.82 -66.78 -29.91
C ASN F 382 83.82 -65.63 -29.89
N GLY F 383 83.43 -65.18 -31.07
CA GLY F 383 82.50 -64.09 -31.23
C GLY F 383 82.79 -63.33 -32.51
N SER F 384 82.28 -62.10 -32.56
CA SER F 384 82.48 -61.19 -33.69
C SER F 384 81.98 -61.81 -35.00
N ASN F 385 80.92 -62.62 -34.93
CA ASN F 385 80.32 -63.20 -36.11
C ASN F 385 78.97 -62.58 -36.46
N ALA F 386 78.35 -61.83 -35.54
CA ALA F 386 77.11 -61.14 -35.81
C ALA F 386 77.30 -59.67 -36.16
N ILE F 387 78.47 -59.10 -35.87
CA ILE F 387 78.72 -57.71 -36.23
C ILE F 387 78.80 -57.56 -37.75
N GLY F 388 79.52 -58.47 -38.40
CA GLY F 388 79.65 -58.42 -39.85
C GLY F 388 78.38 -58.73 -40.61
N SER F 389 77.39 -59.33 -39.93
CA SER F 389 76.11 -59.63 -40.56
C SER F 389 75.08 -58.52 -40.37
N LEU F 390 75.40 -57.48 -39.59
CA LEU F 390 74.47 -56.39 -39.39
C LEU F 390 74.30 -55.57 -40.67
N ARG F 391 73.11 -54.99 -40.82
CA ARG F 391 72.79 -54.12 -41.94
C ARG F 391 72.70 -52.70 -41.41
N LEU F 392 73.53 -51.81 -41.94
CA LEU F 392 73.62 -50.43 -41.47
C LEU F 392 72.71 -49.54 -42.32
N GLY F 393 71.74 -48.90 -41.68
CA GLY F 393 70.84 -48.01 -42.38
C GLY F 393 71.41 -46.60 -42.51
N LYS F 394 71.49 -46.09 -43.73
CA LYS F 394 72.10 -44.79 -44.00
C LYS F 394 71.22 -44.02 -44.97
N TYR F 395 70.71 -42.87 -44.52
CA TYR F 395 69.99 -41.92 -45.37
C TYR F 395 71.03 -40.94 -45.89
N THR F 396 71.42 -41.11 -47.16
CA THR F 396 72.55 -40.37 -47.71
C THR F 396 72.32 -38.85 -47.63
N LYS F 397 71.13 -38.39 -47.99
CA LYS F 397 70.85 -36.96 -47.91
C LYS F 397 70.87 -36.46 -46.47
N TRP F 398 70.25 -37.22 -45.56
CA TRP F 398 70.26 -36.83 -44.15
C TRP F 398 71.64 -36.99 -43.54
N PHE F 399 72.39 -38.02 -43.96
CA PHE F 399 73.72 -38.25 -43.41
C PHE F 399 74.67 -37.11 -43.71
N ASN F 400 74.51 -36.47 -44.87
CA ASN F 400 75.44 -35.45 -45.34
C ASN F 400 74.96 -34.04 -45.09
N ASP F 401 73.83 -33.86 -44.40
CA ASP F 401 73.34 -32.52 -44.07
C ASP F 401 74.02 -32.05 -42.78
N VAL F 402 75.31 -31.76 -42.90
CA VAL F 402 76.12 -31.25 -41.80
C VAL F 402 76.74 -29.93 -42.22
N SER F 403 77.11 -29.13 -41.22
CA SER F 403 77.74 -27.84 -41.47
C SER F 403 79.26 -27.95 -41.59
N SER F 404 79.83 -29.14 -41.36
CA SER F 404 81.26 -29.36 -41.45
C SER F 404 81.50 -30.61 -42.31
N SER F 405 82.26 -30.44 -43.39
CA SER F 405 82.55 -31.55 -44.29
C SER F 405 83.38 -32.64 -43.62
N ASP F 406 84.03 -32.34 -42.49
CA ASP F 406 84.84 -33.34 -41.82
C ASP F 406 83.98 -34.37 -41.10
N ILE F 407 82.85 -33.95 -40.56
CA ILE F 407 81.99 -34.86 -39.82
C ILE F 407 81.41 -35.93 -40.74
N SER F 408 80.91 -35.51 -41.90
CA SER F 408 80.38 -36.47 -42.87
C SER F 408 81.48 -37.36 -43.44
N ASP F 409 82.71 -36.83 -43.55
CA ASP F 409 83.80 -37.61 -44.11
C ASP F 409 84.27 -38.68 -43.12
N LYS F 410 84.47 -38.29 -41.86
CA LYS F 410 84.96 -39.24 -40.87
C LYS F 410 83.90 -40.30 -40.55
N CYS F 411 82.64 -39.89 -40.38
CA CYS F 411 81.59 -40.84 -40.09
C CYS F 411 81.38 -41.81 -41.24
N GLU F 412 81.70 -41.39 -42.46
CA GLU F 412 81.65 -42.30 -43.60
C GLU F 412 82.88 -43.20 -43.65
N ASP F 413 84.02 -42.71 -43.15
CA ASP F 413 85.22 -43.54 -43.09
C ASP F 413 85.01 -44.74 -42.18
N ILE F 414 84.32 -44.54 -41.06
CA ILE F 414 84.03 -45.65 -40.16
C ILE F 414 83.05 -46.63 -40.80
N LEU F 415 82.14 -46.12 -41.64
CA LEU F 415 81.21 -47.01 -42.34
C LEU F 415 81.95 -47.90 -43.32
N LYS F 416 82.89 -47.34 -44.08
CA LYS F 416 83.73 -48.17 -44.95
C LYS F 416 84.58 -49.13 -44.14
N LEU F 417 85.15 -48.65 -43.03
CA LEU F 417 85.98 -49.50 -42.20
C LEU F 417 85.18 -50.65 -41.59
N LEU F 418 83.95 -50.37 -41.16
CA LEU F 418 83.09 -51.43 -40.65
C LEU F 418 82.74 -52.43 -41.75
N SER F 419 82.63 -51.95 -42.99
CA SER F 419 82.31 -52.85 -44.10
C SER F 419 83.52 -53.64 -44.58
N ASN F 420 84.73 -53.12 -44.34
CA ASN F 420 85.95 -53.80 -44.78
C ASN F 420 86.50 -54.74 -43.73
N ASN F 421 86.39 -54.40 -42.46
CA ASN F 421 86.94 -55.21 -41.38
C ASN F 421 85.94 -56.23 -40.83
N HIS F 422 84.66 -56.11 -41.16
CA HIS F 422 83.66 -57.04 -40.65
C HIS F 422 82.72 -57.51 -41.75
N GLY F 423 82.43 -56.63 -42.71
CA GLY F 423 81.53 -56.97 -43.79
C GLY F 423 80.12 -56.44 -43.66
N CYS F 424 79.91 -55.41 -42.85
CA CYS F 424 78.57 -54.83 -42.73
C CYS F 424 78.14 -54.21 -44.05
N LYS F 425 76.90 -54.46 -44.44
CA LYS F 425 76.35 -53.92 -45.67
C LYS F 425 75.67 -52.60 -45.37
N VAL F 426 76.10 -51.54 -46.05
CA VAL F 426 75.52 -50.21 -45.88
C VAL F 426 74.33 -50.13 -46.82
N VAL F 427 73.12 -50.27 -46.27
CA VAL F 427 71.90 -50.25 -47.05
C VAL F 427 71.35 -48.82 -47.07
N GLU F 428 71.02 -48.34 -48.27
CA GLU F 428 70.49 -47.00 -48.42
C GLU F 428 69.03 -46.96 -47.95
N ILE F 429 68.76 -46.14 -46.94
CA ILE F 429 67.41 -46.02 -46.40
C ILE F 429 66.92 -44.58 -46.58
N VAL F 430 65.67 -44.32 -46.19
CA VAL F 430 65.08 -43.00 -46.30
C VAL F 430 64.09 -42.81 -45.15
N VAL F 431 64.17 -41.68 -44.48
CA VAL F 431 63.33 -41.36 -43.33
C VAL F 431 62.37 -40.25 -43.75
N PRO F 432 61.10 -40.55 -43.97
CA PRO F 432 60.16 -39.51 -44.39
C PRO F 432 59.72 -38.62 -43.23
N GLU F 433 59.25 -37.43 -43.60
CA GLU F 433 58.62 -36.49 -42.67
C GLU F 433 59.56 -36.13 -41.52
N LEU F 434 60.72 -35.58 -41.88
CA LEU F 434 61.69 -35.16 -40.88
C LEU F 434 61.34 -33.81 -40.27
N GLU F 435 60.70 -32.92 -41.03
CA GLU F 435 60.25 -31.65 -40.48
C GLU F 435 59.12 -31.85 -39.48
N GLU F 436 58.26 -32.84 -39.72
CA GLU F 436 57.22 -33.16 -38.75
C GLU F 436 57.81 -33.67 -37.45
N MET F 437 58.87 -34.47 -37.52
CA MET F 437 59.51 -34.97 -36.30
C MET F 437 60.11 -33.84 -35.48
N ARG F 438 60.54 -32.76 -36.14
CA ARG F 438 60.97 -31.58 -35.40
C ARG F 438 59.83 -30.98 -34.60
N ALA F 439 58.71 -30.70 -35.26
CA ALA F 439 57.58 -30.07 -34.59
C ALA F 439 56.89 -31.02 -33.62
N ALA F 440 56.81 -32.30 -33.98
CA ALA F 440 56.14 -33.26 -33.10
C ALA F 440 56.92 -33.49 -31.81
N HIS F 441 58.25 -33.44 -31.87
CA HIS F 441 59.05 -33.66 -30.67
C HIS F 441 59.06 -32.42 -29.78
N VAL F 442 59.24 -31.23 -30.36
CA VAL F 442 59.42 -30.02 -29.58
C VAL F 442 58.19 -29.72 -28.74
N ILE F 443 57.02 -30.16 -29.18
CA ILE F 443 55.81 -29.94 -28.39
C ILE F 443 55.61 -31.02 -27.33
N SER F 444 56.00 -32.27 -27.62
CA SER F 444 55.88 -33.35 -26.64
C SER F 444 56.96 -33.32 -25.58
N ILE F 445 58.01 -32.52 -25.77
CA ILE F 445 59.01 -32.35 -24.71
C ILE F 445 58.71 -31.13 -23.85
N GLY F 446 58.12 -30.08 -24.42
CA GLY F 446 57.86 -28.86 -23.68
C GLY F 446 56.53 -28.84 -22.97
N SER F 447 55.55 -29.60 -23.49
CA SER F 447 54.23 -29.59 -22.87
C SER F 447 54.25 -30.20 -21.47
N PRO F 448 54.81 -31.41 -21.24
CA PRO F 448 54.80 -31.93 -19.87
C PRO F 448 55.72 -31.17 -18.93
N THR F 449 56.80 -30.58 -19.44
CA THR F 449 57.68 -29.79 -18.59
C THR F 449 57.01 -28.49 -18.14
N LEU F 450 56.38 -27.79 -19.08
CA LEU F 450 55.69 -26.55 -18.74
C LEU F 450 54.53 -26.80 -17.78
N SER F 451 53.86 -27.95 -17.92
CA SER F 451 52.72 -28.25 -17.04
C SER F 451 53.18 -28.52 -15.61
N SER F 452 54.29 -29.25 -15.45
CA SER F 452 54.77 -29.58 -14.12
C SER F 452 55.31 -28.36 -13.38
N LEU F 453 55.75 -27.33 -14.10
CA LEU F 453 56.28 -26.12 -13.50
C LEU F 453 55.26 -24.99 -13.44
N THR F 454 54.03 -25.23 -13.90
CA THR F 454 53.06 -24.13 -13.97
C THR F 454 52.64 -23.63 -12.59
N PRO F 455 52.27 -24.48 -11.62
CA PRO F 455 51.87 -23.94 -10.31
C PRO F 455 52.95 -23.13 -9.63
N TYR F 456 54.22 -23.42 -9.91
CA TYR F 456 55.32 -22.64 -9.34
C TYR F 456 55.49 -21.31 -10.07
N CYS F 457 55.40 -21.33 -11.40
CA CYS F 457 55.52 -20.10 -12.17
C CYS F 457 54.37 -19.14 -11.86
N GLU F 458 53.17 -19.68 -11.63
CA GLU F 458 52.03 -18.83 -11.31
C GLU F 458 52.21 -18.14 -9.97
N ALA F 459 53.03 -18.70 -9.08
CA ALA F 459 53.21 -18.15 -7.74
C ALA F 459 54.35 -17.13 -7.76
N GLY F 460 54.58 -16.52 -8.92
CA GLY F 460 55.61 -15.51 -9.05
C GLY F 460 57.00 -16.03 -9.31
N LYS F 461 57.23 -17.34 -9.19
CA LYS F 461 58.56 -17.91 -9.38
C LYS F 461 58.96 -17.99 -10.84
N ASN F 462 58.14 -17.49 -11.76
CA ASN F 462 58.51 -17.53 -13.18
C ASN F 462 59.63 -16.53 -13.49
N SER F 463 59.65 -15.38 -12.82
CA SER F 463 60.72 -14.42 -13.03
C SER F 463 62.06 -14.92 -12.52
N LYS F 464 62.06 -15.96 -11.69
CA LYS F 464 63.29 -16.56 -11.18
C LYS F 464 63.93 -17.54 -12.16
N LEU F 465 63.36 -17.69 -13.36
CA LEU F 465 63.92 -18.56 -14.38
C LEU F 465 64.80 -17.77 -15.33
N SER F 466 65.66 -18.50 -16.05
CA SER F 466 66.57 -17.87 -16.98
C SER F 466 65.81 -17.35 -18.21
N TYR F 467 66.49 -16.51 -18.99
CA TYR F 467 65.90 -15.98 -20.22
C TYR F 467 65.92 -16.99 -21.34
N ASP F 468 66.82 -17.98 -21.28
CA ASP F 468 66.83 -19.05 -22.28
C ASP F 468 65.61 -19.94 -22.15
N THR F 469 65.11 -20.12 -20.92
CA THR F 469 63.95 -20.98 -20.68
C THR F 469 62.64 -20.23 -20.87
N ARG F 470 62.55 -18.99 -20.38
CA ARG F 470 61.32 -18.22 -20.54
C ARG F 470 61.01 -17.94 -22.01
N THR F 471 62.04 -17.88 -22.85
CA THR F 471 61.79 -17.80 -24.29
C THR F 471 61.15 -19.08 -24.80
N SER F 472 61.60 -20.23 -24.30
CA SER F 472 60.98 -21.50 -24.69
C SER F 472 59.61 -21.67 -24.03
N PHE F 473 59.48 -21.25 -22.76
CA PHE F 473 58.21 -21.40 -22.07
C PHE F 473 57.14 -20.51 -22.69
N ALA F 474 57.51 -19.31 -23.13
CA ALA F 474 56.54 -18.44 -23.81
C ALA F 474 56.03 -19.09 -25.09
N ILE F 475 56.89 -19.84 -25.78
CA ILE F 475 56.46 -20.56 -26.99
C ILE F 475 55.69 -21.82 -26.62
N PHE F 476 56.10 -22.50 -25.53
CA PHE F 476 55.42 -23.73 -25.14
C PHE F 476 53.98 -23.46 -24.73
N ARG F 477 53.70 -22.30 -24.12
CA ARG F 477 52.33 -21.95 -23.78
C ARG F 477 51.46 -21.75 -25.02
N SER F 478 52.07 -21.42 -26.17
CA SER F 478 51.31 -21.27 -27.41
C SER F 478 50.80 -22.61 -27.93
N PHE F 479 51.38 -23.72 -27.49
CA PHE F 479 50.93 -25.03 -27.93
C PHE F 479 49.59 -25.35 -27.29
N SER F 480 48.57 -25.53 -28.11
CA SER F 480 47.22 -25.81 -27.62
C SER F 480 47.02 -27.30 -27.41
N ALA F 481 45.89 -27.64 -26.81
CA ALA F 481 45.57 -29.05 -26.58
C ALA F 481 45.30 -29.77 -27.89
N SER F 482 44.68 -29.09 -28.85
CA SER F 482 44.50 -29.67 -30.18
C SER F 482 45.82 -29.78 -30.92
N ASP F 483 46.83 -28.99 -30.54
CA ASP F 483 48.16 -29.14 -31.13
C ASP F 483 48.82 -30.42 -30.66
N TYR F 484 48.64 -30.77 -29.38
CA TYR F 484 49.28 -31.97 -28.84
C TYR F 484 48.69 -33.22 -29.46
N ILE F 485 47.37 -33.29 -29.59
CA ILE F 485 46.72 -34.46 -30.19
C ILE F 485 47.18 -34.63 -31.63
N ALA F 486 47.29 -33.53 -32.37
CA ALA F 486 47.76 -33.62 -33.76
C ALA F 486 49.21 -34.05 -33.83
N ALA F 487 50.01 -33.72 -32.82
CA ALA F 487 51.42 -34.10 -32.85
C ALA F 487 51.60 -35.58 -32.51
N GLN F 488 50.80 -36.09 -31.56
CA GLN F 488 50.90 -37.50 -31.20
C GLN F 488 50.52 -38.41 -32.35
N CYS F 489 49.65 -37.94 -33.25
CA CYS F 489 49.35 -38.70 -34.46
C CYS F 489 50.57 -38.74 -35.38
N LEU F 490 51.34 -37.65 -35.42
CA LEU F 490 52.60 -37.67 -36.16
C LEU F 490 53.61 -38.60 -35.51
N ARG F 491 53.48 -38.85 -34.21
CA ARG F 491 54.34 -39.83 -33.56
C ARG F 491 54.03 -41.24 -34.03
N ARG F 492 52.75 -41.54 -34.29
CA ARG F 492 52.39 -42.85 -34.82
C ARG F 492 52.91 -43.03 -36.24
N ARG F 493 52.86 -41.97 -37.05
CA ARG F 493 53.37 -42.05 -38.42
C ARG F 493 54.86 -42.37 -38.42
N LEU F 494 55.66 -41.56 -37.72
CA LEU F 494 57.10 -41.76 -37.69
C LEU F 494 57.47 -43.09 -37.06
N MET F 495 56.69 -43.55 -36.09
CA MET F 495 56.93 -44.87 -35.50
C MET F 495 56.77 -45.96 -36.56
N GLU F 496 55.75 -45.84 -37.41
CA GLU F 496 55.55 -46.83 -38.47
C GLU F 496 56.61 -46.71 -39.54
N TYR F 497 57.15 -45.51 -39.77
CA TYR F 497 58.24 -45.36 -40.73
C TYR F 497 59.50 -46.06 -40.25
N HIS F 498 59.90 -45.80 -39.00
CA HIS F 498 61.16 -46.35 -38.49
C HIS F 498 61.06 -47.85 -38.30
N LEU F 499 59.93 -48.35 -37.79
CA LEU F 499 59.77 -49.79 -37.64
C LEU F 499 59.82 -50.50 -38.98
N ASN F 500 59.42 -49.83 -40.05
CA ASN F 500 59.58 -50.39 -41.39
C ASN F 500 61.04 -50.35 -41.84
N ILE F 501 61.79 -49.35 -41.39
CA ILE F 501 63.22 -49.30 -41.68
C ILE F 501 63.94 -50.42 -40.95
N PHE F 502 63.53 -50.71 -39.72
CA PHE F 502 64.13 -51.79 -38.95
C PHE F 502 63.76 -53.18 -39.48
N LYS F 503 62.96 -53.25 -40.54
CA LYS F 503 62.76 -54.51 -41.25
C LYS F 503 63.76 -54.71 -42.38
N ASP F 504 64.38 -53.63 -42.86
CA ASP F 504 65.44 -53.71 -43.86
C ASP F 504 66.82 -53.75 -43.23
N VAL F 505 67.07 -52.88 -42.25
CA VAL F 505 68.36 -52.78 -41.59
C VAL F 505 68.17 -53.06 -40.10
N ASP F 506 69.30 -53.21 -39.40
CA ASP F 506 69.31 -53.46 -37.97
C ASP F 506 69.55 -52.21 -37.15
N VAL F 507 70.40 -51.29 -37.63
CA VAL F 507 70.70 -50.05 -36.93
C VAL F 507 70.75 -48.92 -37.96
N ILE F 508 70.48 -47.71 -37.50
CA ILE F 508 70.52 -46.51 -38.33
C ILE F 508 71.70 -45.66 -37.86
N VAL F 509 72.68 -45.48 -38.75
CA VAL F 509 73.91 -44.78 -38.41
C VAL F 509 73.86 -43.36 -38.97
N THR F 510 74.17 -42.39 -38.14
CA THR F 510 74.19 -40.98 -38.50
C THR F 510 75.20 -40.28 -37.61
N PRO F 511 75.78 -39.16 -38.06
CA PRO F 511 76.57 -38.33 -37.15
C PRO F 511 75.68 -37.77 -36.05
N THR F 512 76.21 -37.74 -34.83
CA THR F 512 75.41 -37.29 -33.70
C THR F 512 75.02 -35.83 -33.83
N THR F 513 75.95 -34.98 -34.25
CA THR F 513 75.70 -33.56 -34.43
C THR F 513 76.12 -33.14 -35.84
N GLY F 514 75.37 -32.20 -36.40
CA GLY F 514 75.71 -31.61 -37.68
C GLY F 514 76.80 -30.56 -37.63
N MET F 515 77.40 -30.36 -36.46
CA MET F 515 78.46 -29.38 -36.29
C MET F 515 79.38 -29.85 -35.17
N THR F 516 80.59 -29.31 -35.16
CA THR F 516 81.53 -29.58 -34.08
C THR F 516 81.16 -28.72 -32.88
N ALA F 517 82.02 -28.69 -31.87
CA ALA F 517 81.76 -27.87 -30.68
C ALA F 517 81.76 -26.40 -31.06
N PRO F 518 80.64 -25.70 -30.91
CA PRO F 518 80.60 -24.29 -31.34
C PRO F 518 81.21 -23.36 -30.32
N VAL F 519 81.76 -22.26 -30.82
CA VAL F 519 82.36 -21.25 -29.94
C VAL F 519 81.26 -20.51 -29.20
N ILE F 520 81.50 -20.23 -27.93
CA ILE F 520 80.51 -19.56 -27.09
C ILE F 520 80.49 -18.07 -27.43
N PRO F 521 79.33 -17.49 -27.73
CA PRO F 521 79.26 -16.04 -27.91
C PRO F 521 79.52 -15.33 -26.60
N PRO F 522 80.53 -14.45 -26.56
CA PRO F 522 80.85 -13.78 -25.29
C PRO F 522 79.73 -12.90 -24.75
N ASP F 523 78.91 -12.33 -25.63
CA ASP F 523 77.78 -11.51 -25.19
C ASP F 523 76.67 -12.33 -24.58
N ALA F 524 76.68 -13.65 -24.75
CA ALA F 524 75.64 -14.53 -24.22
C ALA F 524 76.00 -15.10 -22.85
N LEU F 525 77.17 -14.78 -22.30
CA LEU F 525 77.59 -15.35 -21.04
C LEU F 525 77.05 -14.60 -19.82
N LYS F 526 76.31 -13.52 -20.03
CA LYS F 526 75.73 -12.75 -18.92
C LYS F 526 74.30 -13.18 -18.62
N ASN F 527 73.41 -13.05 -19.60
CA ASN F 527 72.00 -13.40 -19.42
C ASN F 527 71.53 -14.55 -20.30
N GLY F 528 72.34 -15.01 -21.26
CA GLY F 528 72.00 -16.13 -22.10
C GLY F 528 71.85 -15.71 -23.56
N GLU F 529 71.49 -16.70 -24.38
CA GLU F 529 71.23 -16.49 -25.79
C GLU F 529 70.00 -17.28 -26.20
N THR F 530 69.49 -17.00 -27.39
CA THR F 530 68.32 -17.65 -27.94
C THR F 530 68.55 -18.07 -29.38
N ASN F 531 69.78 -18.47 -29.69
CA ASN F 531 70.10 -18.97 -31.03
C ASN F 531 69.40 -20.29 -31.26
N ILE F 532 68.33 -20.28 -32.05
CA ILE F 532 67.61 -21.51 -32.35
C ILE F 532 68.12 -22.20 -33.60
N GLN F 533 68.80 -21.47 -34.50
CA GLN F 533 69.51 -22.13 -35.59
C GLN F 533 70.58 -23.07 -35.07
N VAL F 534 71.14 -22.78 -33.90
CA VAL F 534 72.17 -23.62 -33.30
C VAL F 534 71.58 -24.68 -32.39
N THR F 535 70.63 -24.30 -31.52
CA THR F 535 70.05 -25.27 -30.60
C THR F 535 69.18 -26.32 -31.30
N THR F 536 68.87 -26.12 -32.58
CA THR F 536 68.13 -27.10 -33.36
C THR F 536 69.02 -27.90 -34.31
N ASP F 537 70.06 -27.27 -34.86
CA ASP F 537 71.01 -28.00 -35.70
C ASP F 537 71.70 -29.13 -34.93
N LEU F 538 71.76 -29.03 -33.60
CA LEU F 538 72.34 -30.09 -32.79
C LEU F 538 71.37 -31.25 -32.60
N MET F 539 70.06 -30.98 -32.63
CA MET F 539 69.04 -32.01 -32.46
C MET F 539 68.62 -32.65 -33.78
N ARG F 540 69.30 -32.32 -34.88
CA ARG F 540 68.86 -32.79 -36.20
C ARG F 540 68.83 -34.32 -36.28
N PHE F 541 69.75 -34.99 -35.58
CA PHE F 541 69.90 -36.43 -35.71
C PHE F 541 69.41 -37.22 -34.50
N VAL F 542 69.24 -36.59 -33.34
CA VAL F 542 68.93 -37.32 -32.11
C VAL F 542 67.45 -37.38 -31.80
N LEU F 543 66.61 -36.59 -32.47
CA LEU F 543 65.19 -36.56 -32.16
C LEU F 543 64.50 -37.89 -32.41
N ALA F 544 65.07 -38.73 -33.26
CA ALA F 544 64.41 -40.00 -33.60
C ALA F 544 64.38 -40.94 -32.41
N ALA F 545 65.44 -40.96 -31.60
CA ALA F 545 65.51 -41.88 -30.48
C ALA F 545 64.62 -41.46 -29.32
N ASN F 546 64.27 -40.17 -29.22
CA ASN F 546 63.47 -39.69 -28.11
C ASN F 546 61.97 -39.80 -28.38
N LEU F 547 61.52 -39.26 -29.51
CA LEU F 547 60.09 -39.29 -29.84
C LEU F 547 59.58 -40.71 -29.97
N LEU F 548 60.41 -41.62 -30.48
CA LEU F 548 60.02 -43.02 -30.66
C LEU F 548 60.62 -43.95 -29.63
N GLY F 549 61.35 -43.41 -28.64
CA GLY F 549 61.88 -44.22 -27.56
C GLY F 549 63.01 -45.15 -27.94
N PHE F 550 63.55 -45.05 -29.15
CA PHE F 550 64.59 -45.96 -29.59
C PHE F 550 65.87 -45.75 -28.77
N PRO F 551 66.69 -46.79 -28.61
CA PRO F 551 68.00 -46.62 -28.00
C PRO F 551 69.05 -46.20 -29.02
N ALA F 552 69.86 -45.21 -28.63
CA ALA F 552 70.94 -44.72 -29.48
C ALA F 552 72.17 -44.49 -28.61
N ILE F 553 73.31 -44.30 -29.27
CA ILE F 553 74.58 -44.11 -28.56
C ILE F 553 75.52 -43.33 -29.47
N SER F 554 76.20 -42.34 -28.88
CA SER F 554 77.14 -41.49 -29.60
C SER F 554 78.56 -41.90 -29.23
N VAL F 555 79.25 -42.54 -30.16
CA VAL F 555 80.62 -43.01 -29.95
C VAL F 555 81.59 -42.10 -30.69
N PRO F 556 82.68 -41.68 -30.08
CA PRO F 556 83.66 -40.85 -30.80
C PRO F 556 84.32 -41.62 -31.93
N VAL F 557 84.42 -40.97 -33.09
CA VAL F 557 84.98 -41.59 -34.28
C VAL F 557 86.20 -40.86 -34.82
N GLY F 558 86.54 -39.70 -34.29
CA GLY F 558 87.69 -38.96 -34.78
C GLY F 558 87.57 -37.49 -34.41
N TYR F 559 88.32 -36.67 -35.16
CA TYR F 559 88.35 -35.23 -34.93
C TYR F 559 88.27 -34.51 -36.27
N ASP F 560 87.86 -33.24 -36.20
CA ASP F 560 87.73 -32.42 -37.41
C ASP F 560 89.06 -31.72 -37.69
N LYS F 561 89.03 -30.66 -38.49
CA LYS F 561 90.26 -29.94 -38.82
C LYS F 561 90.86 -29.26 -37.60
N GLU F 562 90.03 -28.54 -36.84
CA GLU F 562 90.47 -27.83 -35.66
C GLU F 562 90.67 -28.73 -34.45
N GLY F 563 90.62 -30.05 -34.63
CA GLY F 563 90.83 -30.97 -33.53
C GLY F 563 89.66 -31.16 -32.61
N LEU F 564 88.45 -30.80 -33.03
CA LEU F 564 87.27 -30.96 -32.18
C LEU F 564 86.69 -32.36 -32.34
N PRO F 565 86.15 -32.92 -31.26
CA PRO F 565 85.64 -34.30 -31.32
C PRO F 565 84.45 -34.44 -32.26
N ILE F 566 84.38 -35.61 -32.89
CA ILE F 566 83.27 -35.96 -33.79
C ILE F 566 82.65 -37.25 -33.27
N GLY F 567 81.32 -37.28 -33.21
CA GLY F 567 80.60 -38.43 -32.73
C GLY F 567 79.68 -39.01 -33.79
N LEU F 568 79.47 -40.32 -33.70
CA LEU F 568 78.57 -41.04 -34.60
C LEU F 568 77.49 -41.73 -33.76
N GLN F 569 76.24 -41.63 -34.22
CA GLN F 569 75.10 -42.17 -33.51
C GLN F 569 74.69 -43.49 -34.13
N ILE F 570 74.43 -44.50 -33.28
CA ILE F 570 73.99 -45.81 -33.71
C ILE F 570 72.67 -46.09 -33.00
N MET F 571 71.55 -45.88 -33.70
CA MET F 571 70.23 -46.10 -33.15
C MET F 571 69.71 -47.46 -33.60
N GLY F 572 69.15 -48.22 -32.66
CA GLY F 572 68.69 -49.57 -32.97
C GLY F 572 67.25 -49.85 -32.62
N ARG F 573 66.88 -51.13 -32.62
CA ARG F 573 65.51 -51.54 -32.35
C ARG F 573 65.16 -51.34 -30.89
N PRO F 574 63.87 -51.35 -30.55
CA PRO F 574 63.48 -51.24 -29.13
C PRO F 574 64.10 -52.33 -28.29
N TRP F 575 64.55 -51.95 -27.09
CA TRP F 575 65.20 -52.82 -26.12
C TRP F 575 66.48 -53.46 -26.64
N ALA F 576 67.03 -52.96 -27.75
CA ALA F 576 68.24 -53.52 -28.34
C ALA F 576 69.47 -52.75 -27.87
N GLU F 577 69.64 -52.74 -26.54
CA GLU F 577 70.83 -52.12 -25.97
C GLU F 577 72.09 -52.88 -26.34
N ALA F 578 72.02 -54.22 -26.32
CA ALA F 578 73.19 -55.03 -26.63
C ALA F 578 73.60 -54.89 -28.09
N THR F 579 72.64 -54.61 -28.98
CA THR F 579 72.98 -54.49 -30.40
C THR F 579 73.75 -53.20 -30.68
N VAL F 580 73.31 -52.08 -30.10
CA VAL F 580 74.00 -50.82 -30.35
C VAL F 580 75.30 -50.75 -29.55
N LEU F 581 75.37 -51.38 -28.38
CA LEU F 581 76.60 -51.37 -27.60
C LEU F 581 77.68 -52.20 -28.29
N GLY F 582 77.31 -53.32 -28.89
CA GLY F 582 78.29 -54.15 -29.57
C GLY F 582 78.85 -53.50 -30.81
N LEU F 583 78.00 -52.85 -31.60
CA LEU F 583 78.49 -52.17 -32.80
C LEU F 583 79.33 -50.95 -32.45
N ALA F 584 78.91 -50.19 -31.42
CA ALA F 584 79.71 -49.06 -30.98
C ALA F 584 81.07 -49.51 -30.44
N ALA F 585 81.15 -50.74 -29.93
CA ALA F 585 82.43 -51.27 -29.48
C ALA F 585 83.38 -51.50 -30.65
N ALA F 586 82.87 -52.10 -31.74
CA ALA F 586 83.69 -52.28 -32.93
C ALA F 586 84.05 -50.95 -33.59
N VAL F 587 83.26 -49.91 -33.36
CA VAL F 587 83.62 -48.58 -33.86
C VAL F 587 84.76 -48.01 -33.02
N GLU F 588 84.67 -48.14 -31.69
CA GLU F 588 85.73 -47.63 -30.83
C GLU F 588 87.04 -48.36 -31.06
N GLU F 589 86.98 -49.66 -31.31
CA GLU F 589 88.19 -50.41 -31.64
C GLU F 589 88.80 -49.95 -32.97
N LEU F 590 87.95 -49.53 -33.92
CA LEU F 590 88.44 -49.05 -35.20
C LEU F 590 88.93 -47.62 -35.14
N ALA F 591 88.48 -46.84 -34.16
CA ALA F 591 88.92 -45.45 -34.01
C ALA F 591 88.87 -45.08 -32.54
N PRO F 592 89.92 -45.39 -31.79
CA PRO F 592 89.94 -45.08 -30.35
C PRO F 592 90.22 -43.61 -30.10
N VAL F 593 89.95 -43.19 -28.87
CA VAL F 593 90.29 -41.84 -28.45
C VAL F 593 91.80 -41.72 -28.27
N THR F 594 92.40 -40.74 -28.94
CA THR F 594 93.85 -40.61 -28.96
C THR F 594 94.36 -39.21 -28.66
N LYS F 595 93.50 -38.19 -28.60
CA LYS F 595 93.91 -36.82 -28.34
C LYS F 595 93.53 -36.45 -26.91
N LYS F 596 94.51 -36.00 -26.14
CA LYS F 596 94.24 -35.52 -24.79
C LYS F 596 93.60 -34.13 -24.86
N PRO F 597 92.52 -33.88 -24.13
CA PRO F 597 91.92 -32.55 -24.13
C PRO F 597 92.85 -31.53 -23.49
N ALA F 598 92.58 -30.26 -23.79
CA ALA F 598 93.37 -29.18 -23.21
C ALA F 598 93.25 -29.16 -21.69
N ILE F 599 92.01 -29.20 -21.19
CA ILE F 599 91.75 -29.29 -19.75
C ILE F 599 91.54 -30.76 -19.44
N PHE F 600 92.58 -31.40 -18.89
CA PHE F 600 92.51 -32.81 -18.55
C PHE F 600 93.37 -33.06 -17.32
N TYR F 601 92.87 -33.92 -16.42
CA TYR F 601 93.54 -34.21 -15.16
C TYR F 601 93.74 -35.72 -15.04
N ASP F 602 94.97 -36.17 -15.28
CA ASP F 602 95.30 -37.60 -15.22
C ASP F 602 95.28 -38.04 -13.76
N ILE F 603 94.25 -38.80 -13.39
CA ILE F 603 93.93 -39.06 -11.99
C ILE F 603 94.72 -40.27 -11.52
N LEU F 604 94.75 -40.49 -10.20
CA LEU F 604 95.27 -41.71 -9.57
C LEU F 604 96.74 -42.00 -9.92
N ASN F 605 97.47 -41.00 -10.40
CA ASN F 605 98.91 -41.16 -10.61
C ASN F 605 99.60 -39.80 -10.55
N TYR G 4 29.64 55.03 26.96
CA TYR G 4 28.49 55.81 27.40
C TYR G 4 28.78 56.53 28.72
N GLN G 5 29.11 55.76 29.76
CA GLN G 5 29.58 56.33 31.02
C GLN G 5 30.33 55.26 31.79
N VAL G 6 31.24 55.71 32.64
CA VAL G 6 32.03 54.82 33.49
C VAL G 6 31.58 55.02 34.94
N MET G 7 31.89 54.02 35.76
CA MET G 7 31.55 54.09 37.18
C MET G 7 32.65 53.40 37.98
N LYS G 8 32.76 53.80 39.25
CA LYS G 8 33.82 53.32 40.13
C LYS G 8 33.26 53.18 41.54
N ARG G 9 34.13 52.78 42.47
CA ARG G 9 33.76 52.66 43.89
C ARG G 9 35.04 52.61 44.70
N ALA G 10 35.28 53.63 45.53
CA ALA G 10 36.58 53.77 46.18
C ALA G 10 36.78 52.73 47.28
N SER G 11 35.76 52.52 48.12
CA SER G 11 35.91 51.66 49.28
C SER G 11 36.07 50.19 48.94
N GLU G 12 36.08 49.82 47.65
CA GLU G 12 36.20 48.43 47.24
C GLU G 12 37.21 48.27 46.11
N VAL G 13 38.18 49.18 46.02
CA VAL G 13 39.22 49.10 44.99
C VAL G 13 40.25 48.07 45.39
N ASP G 14 40.53 47.13 44.48
CA ASP G 14 41.65 46.22 44.67
C ASP G 14 42.93 47.01 44.48
N LEU G 15 43.58 47.36 45.60
CA LEU G 15 44.76 48.21 45.56
C LEU G 15 45.92 47.59 44.79
N SER G 16 45.88 46.29 44.52
CA SER G 16 46.92 45.65 43.72
C SER G 16 46.75 45.92 42.22
N THR G 17 45.53 46.19 41.78
CA THR G 17 45.25 46.47 40.37
C THR G 17 45.28 47.96 40.04
N VAL G 18 45.79 48.79 40.95
CA VAL G 18 45.90 50.22 40.69
C VAL G 18 47.14 50.48 39.84
N LYS G 19 47.00 51.39 38.87
CA LYS G 19 48.08 51.73 37.95
C LYS G 19 48.35 53.23 38.01
N TYR G 20 49.49 53.62 37.43
CA TYR G 20 50.01 54.97 37.53
C TYR G 20 49.61 55.79 36.31
N LYS G 21 49.02 56.96 36.54
CA LYS G 21 48.63 57.88 35.48
C LYS G 21 49.75 58.91 35.32
N ALA G 22 50.69 58.62 34.43
CA ALA G 22 51.86 59.44 34.22
C ALA G 22 51.74 60.35 33.00
N GLU G 23 50.52 60.75 32.65
CA GLU G 23 50.29 61.64 31.51
C GLU G 23 50.31 63.08 32.00
N THR G 24 51.29 63.85 31.54
CA THR G 24 51.46 65.22 31.97
C THR G 24 50.42 66.13 31.32
N MET G 25 50.37 67.37 31.79
CA MET G 25 49.47 68.36 31.22
C MET G 25 49.85 68.68 29.79
N LYS G 26 48.85 68.92 28.96
CA LYS G 26 49.05 69.37 27.58
C LYS G 26 48.34 70.69 27.40
N ALA G 27 49.10 71.75 27.14
CA ALA G 27 48.57 73.09 27.04
C ALA G 27 49.61 73.96 26.33
N PRO G 28 49.19 75.06 25.71
CA PRO G 28 50.14 75.90 24.98
C PRO G 28 51.00 76.74 25.92
N HIS G 29 52.28 76.86 25.55
CA HIS G 29 53.23 77.76 26.21
C HIS G 29 53.52 78.88 25.22
N LEU G 30 52.93 80.06 25.47
CA LEU G 30 53.15 81.21 24.62
C LEU G 30 53.41 82.44 25.48
N THR G 31 54.32 83.28 25.03
CA THR G 31 54.71 84.48 25.76
C THR G 31 54.63 85.66 24.80
N GLY G 32 55.28 86.76 25.16
CA GLY G 32 55.34 87.92 24.27
C GLY G 32 53.96 88.45 23.97
N LEU G 33 53.73 88.73 22.69
CA LEU G 33 52.43 89.25 22.25
C LEU G 33 51.42 88.14 22.03
N SER G 34 51.87 86.91 21.75
CA SER G 34 50.96 85.79 21.61
C SER G 34 50.07 85.62 22.83
N PHE G 35 50.59 85.94 24.02
CA PHE G 35 49.76 86.00 25.21
C PHE G 35 48.62 86.98 25.03
N LYS G 36 48.93 88.20 24.60
CA LYS G 36 47.93 89.26 24.50
C LYS G 36 46.77 88.84 23.60
N LEU G 37 47.09 88.21 22.47
CA LEU G 37 46.02 87.74 21.58
C LEU G 37 45.29 86.55 22.18
N PHE G 38 46.02 85.67 22.88
CA PHE G 38 45.40 84.49 23.48
C PHE G 38 44.33 84.90 24.50
N VAL G 39 44.68 85.79 25.42
CA VAL G 39 43.75 86.21 26.46
C VAL G 39 42.52 86.87 25.85
N ASN G 40 42.72 87.65 24.79
CA ASN G 40 41.58 88.27 24.11
C ASN G 40 40.73 87.21 23.41
N LEU G 41 41.36 86.17 22.87
CA LEU G 41 40.59 85.02 22.40
C LEU G 41 39.86 84.35 23.56
N LEU G 42 40.52 84.26 24.72
CA LEU G 42 39.90 83.64 25.88
C LEU G 42 38.74 84.46 26.41
N GLU G 43 38.90 85.78 26.44
CA GLU G 43 37.84 86.68 26.88
C GLU G 43 36.84 87.00 25.78
N ALA G 44 36.94 86.36 24.62
CA ALA G 44 35.99 86.59 23.55
C ALA G 44 34.63 85.98 23.92
N PRO G 45 33.53 86.69 23.65
CA PRO G 45 32.22 86.17 24.05
C PRO G 45 31.81 84.89 23.34
N LEU G 46 32.39 84.59 22.18
CA LEU G 46 32.01 83.41 21.40
C LEU G 46 33.12 82.36 21.42
N ILE G 47 34.21 82.59 20.70
CA ILE G 47 35.27 81.59 20.61
C ILE G 47 36.04 81.41 21.91
N GLY G 48 35.76 82.21 22.92
CA GLY G 48 36.41 82.08 24.21
C GLY G 48 36.10 80.78 24.91
N SER G 49 34.80 80.51 25.12
CA SER G 49 34.40 79.27 25.77
C SER G 49 34.74 78.05 24.91
N LEU G 50 34.84 78.23 23.59
CA LEU G 50 35.19 77.12 22.72
C LEU G 50 36.63 76.67 22.94
N ILE G 51 37.54 77.62 23.16
CA ILE G 51 38.93 77.26 23.42
C ILE G 51 39.08 76.62 24.79
N VAL G 52 38.36 77.14 25.78
CA VAL G 52 38.43 76.57 27.13
C VAL G 52 37.87 75.15 27.12
N ASP G 53 36.76 74.94 26.42
CA ASP G 53 36.16 73.61 26.35
C ASP G 53 37.06 72.62 25.61
N TYR G 54 37.95 73.10 24.74
CA TYR G 54 38.92 72.22 24.11
C TYR G 54 40.08 71.88 25.04
N LEU G 55 40.48 72.83 25.88
CA LEU G 55 41.52 72.55 26.87
C LEU G 55 41.03 71.56 27.92
N LYS G 56 39.80 71.75 28.41
CA LYS G 56 39.24 70.82 29.40
C LYS G 56 39.07 69.43 28.82
N LYS G 57 38.58 69.34 27.58
CA LYS G 57 38.37 68.03 26.95
C LYS G 57 39.68 67.34 26.64
N ASP G 58 40.75 68.11 26.38
CA ASP G 58 42.03 67.50 26.00
C ASP G 58 42.66 66.78 27.19
N ASN G 59 42.67 67.42 28.35
CA ASN G 59 43.30 66.85 29.54
C ASN G 59 42.38 65.92 30.31
N GLY G 60 41.33 65.39 29.68
CA GLY G 60 40.45 64.43 30.31
C GLY G 60 39.60 64.97 31.45
N MET G 61 39.54 66.29 31.62
CA MET G 61 38.76 66.85 32.71
C MET G 61 37.26 66.78 32.46
N THR G 62 36.85 66.69 31.19
CA THR G 62 35.42 66.51 30.89
C THR G 62 34.96 65.09 31.15
N LYS G 63 35.78 64.10 30.78
CA LYS G 63 35.44 62.71 31.02
C LYS G 63 35.28 62.42 32.51
N ILE G 64 36.07 63.07 33.36
CA ILE G 64 36.00 62.82 34.79
C ILE G 64 34.75 63.46 35.38
N PHE G 65 34.44 64.69 35.00
CA PHE G 65 33.37 65.45 35.63
C PHE G 65 32.00 65.22 34.99
N ARG G 66 31.95 64.74 33.75
CA ARG G 66 30.69 64.67 33.02
C ARG G 66 30.30 63.27 32.57
N ASN G 67 31.25 62.34 32.44
CA ASN G 67 30.97 61.02 31.89
C ASN G 67 31.35 59.89 32.83
N THR G 68 31.46 60.15 34.13
CA THR G 68 31.87 59.14 35.08
C THR G 68 31.03 59.26 36.34
N VAL G 69 30.44 58.15 36.77
CA VAL G 69 29.61 58.12 37.97
C VAL G 69 30.50 58.03 39.21
N ILE G 70 30.16 58.80 40.24
CA ILE G 70 30.94 58.84 41.47
C ILE G 70 30.03 58.47 42.63
N PRO G 71 30.25 57.33 43.29
CA PRO G 71 29.32 56.89 44.35
C PRO G 71 29.52 57.58 45.69
N GLU G 72 30.68 58.19 45.93
CA GLU G 72 30.93 58.80 47.23
C GLU G 72 30.10 60.05 47.42
N GLU G 73 29.84 60.39 48.68
CA GLU G 73 29.15 61.61 49.03
C GLU G 73 30.11 62.80 48.98
N PRO G 74 29.59 64.01 48.79
CA PRO G 74 30.46 65.18 48.71
C PRO G 74 31.17 65.45 50.03
N MET G 75 32.45 65.81 49.92
CA MET G 75 33.27 66.18 51.08
C MET G 75 33.84 67.57 50.77
N PHE G 76 33.18 68.60 51.30
CA PHE G 76 33.53 69.97 50.93
C PHE G 76 34.80 70.44 51.62
N ARG G 77 35.00 70.04 52.87
CA ARG G 77 36.20 70.38 53.62
C ARG G 77 36.81 69.11 54.19
N PRO G 78 38.12 69.11 54.44
CA PRO G 78 38.76 67.90 55.01
C PRO G 78 38.17 67.55 56.37
N GLU G 79 37.57 66.36 56.45
CA GLU G 79 37.02 65.84 57.69
C GLU G 79 38.00 64.80 58.22
N PHE G 80 38.61 65.10 59.37
CA PHE G 80 39.64 64.24 59.94
C PHE G 80 39.07 63.38 61.05
N PRO G 81 39.32 62.07 61.05
CA PRO G 81 38.89 61.22 62.15
C PRO G 81 39.78 61.41 63.37
N SER G 82 39.32 60.87 64.49
CA SER G 82 40.11 60.90 65.72
C SER G 82 41.43 60.19 65.51
N GLN G 83 42.53 60.90 65.76
CA GLN G 83 43.87 60.41 65.44
C GLN G 83 44.56 59.86 66.67
N GLU G 84 45.23 58.73 66.51
CA GLU G 84 46.04 58.17 67.58
C GLU G 84 47.14 59.17 67.95
N PRO G 85 47.36 59.42 69.23
CA PRO G 85 48.25 60.52 69.63
C PRO G 85 49.68 60.33 69.16
N GLU G 86 50.40 61.45 69.05
CA GLU G 86 51.79 61.41 68.64
C GLU G 86 52.68 60.88 69.75
N HIS G 87 53.85 60.40 69.36
CA HIS G 87 54.78 59.75 70.28
C HIS G 87 55.90 60.71 70.66
N ASP G 88 56.18 60.79 71.96
CA ASP G 88 57.30 61.55 72.51
C ASP G 88 57.27 63.00 72.04
N VAL G 89 56.24 63.71 72.50
CA VAL G 89 56.03 65.12 72.17
C VAL G 89 55.65 65.86 73.45
N VAL G 90 55.63 67.19 73.34
CA VAL G 90 55.29 68.05 74.46
C VAL G 90 53.98 68.76 74.11
N ILE G 91 52.90 68.39 74.81
CA ILE G 91 51.61 69.01 74.56
C ILE G 91 51.67 70.49 74.92
N VAL G 92 51.24 71.34 73.99
CA VAL G 92 51.26 72.78 74.16
C VAL G 92 49.82 73.29 74.14
N GLY G 93 49.54 74.27 75.01
CA GLY G 93 48.21 74.85 75.03
C GLY G 93 47.91 75.60 73.74
N GLU G 94 46.69 75.39 73.23
CA GLU G 94 46.30 76.04 71.98
C GLU G 94 46.04 77.53 72.17
N ASP G 95 45.58 77.94 73.34
CA ASP G 95 45.31 79.34 73.62
C ASP G 95 46.45 80.02 74.38
N GLU G 96 47.58 79.34 74.55
CA GLU G 96 48.73 79.97 75.16
C GLU G 96 49.20 81.15 74.32
N SER G 97 49.72 82.17 74.99
CA SER G 97 50.34 83.26 74.28
C SER G 97 51.60 82.76 73.58
N PRO G 98 51.87 83.19 72.35
CA PRO G 98 53.06 82.69 71.63
C PRO G 98 54.36 82.98 72.37
N ILE G 99 54.37 83.94 73.28
CA ILE G 99 55.54 84.12 74.16
C ILE G 99 55.75 82.89 75.02
N ASP G 100 54.66 82.37 75.59
CA ASP G 100 54.76 81.16 76.40
C ASP G 100 55.02 79.94 75.53
N ARG G 101 54.46 79.91 74.32
CA ARG G 101 54.66 78.77 73.44
C ARG G 101 56.10 78.68 72.97
N LEU G 102 56.74 79.84 72.75
CA LEU G 102 58.14 79.83 72.33
C LEU G 102 59.05 79.28 73.43
N GLU G 103 58.69 79.51 74.69
CA GLU G 103 59.53 79.05 75.80
C GLU G 103 59.55 77.52 75.87
N THR G 104 58.37 76.91 75.83
CA THR G 104 58.30 75.45 75.73
C THR G 104 58.99 74.97 74.46
N ALA G 105 58.91 75.74 73.38
CA ALA G 105 59.61 75.38 72.14
C ALA G 105 61.12 75.45 72.34
N LEU G 106 61.61 76.44 73.08
CA LEU G 106 63.04 76.51 73.36
C LEU G 106 63.50 75.32 74.18
N LYS G 107 62.64 74.83 75.09
CA LYS G 107 62.97 73.64 75.87
C LYS G 107 63.08 72.40 75.02
N CYS G 108 62.49 72.39 73.82
CA CYS G 108 62.58 71.24 72.93
C CYS G 108 63.85 71.25 72.09
N LEU G 109 64.49 72.40 71.93
CA LEU G 109 65.66 72.52 71.08
C LEU G 109 66.92 72.07 71.82
N PRO G 110 67.90 71.53 71.10
CA PRO G 110 69.19 71.22 71.72
C PRO G 110 69.83 72.48 72.28
N GLN G 111 70.66 72.30 73.31
CA GLN G 111 71.27 73.45 73.98
C GLN G 111 72.13 74.24 73.01
N TYR G 112 71.97 75.56 73.03
CA TYR G 112 72.64 76.42 72.07
C TYR G 112 74.13 76.47 72.36
N ASP G 113 74.94 76.16 71.35
CA ASP G 113 76.39 76.18 71.48
C ASP G 113 76.90 77.50 70.94
N PRO G 114 77.52 78.37 71.77
CA PRO G 114 78.00 79.66 71.27
C PRO G 114 79.15 79.54 70.29
N SER G 115 79.61 78.31 70.02
CA SER G 115 80.66 78.12 69.04
C SER G 115 80.18 78.36 67.62
N ARG G 116 78.87 78.47 67.42
CA ARG G 116 78.30 78.71 66.10
C ARG G 116 77.58 80.04 65.95
N SER G 117 77.99 81.03 66.73
CA SER G 117 77.98 82.47 66.53
C SER G 117 79.28 83.27 66.60
N LEU G 118 79.88 83.31 67.78
CA LEU G 118 81.22 83.85 67.96
C LEU G 118 82.23 82.72 68.08
N HIS G 119 83.50 83.04 67.82
CA HIS G 119 84.60 82.08 67.82
C HIS G 119 84.35 80.94 66.83
N ALA G 120 83.66 81.24 65.74
CA ALA G 120 83.42 80.25 64.71
C ALA G 120 84.73 79.88 64.03
N ASP G 121 84.88 78.59 63.73
CA ASP G 121 86.12 78.10 63.13
C ASP G 121 86.28 78.71 61.73
N PRO G 122 87.40 79.35 61.44
CA PRO G 122 87.54 80.02 60.12
C PRO G 122 87.55 79.06 58.95
N VAL G 123 88.01 77.82 59.14
CA VAL G 123 88.06 76.85 58.05
C VAL G 123 86.94 75.83 58.20
N SER G 124 85.70 76.28 58.07
CA SER G 124 84.53 75.42 58.11
C SER G 124 83.70 75.66 56.85
N SER G 125 82.66 74.84 56.69
CA SER G 125 81.80 74.94 55.52
C SER G 125 80.84 76.12 55.63
N PHE G 126 79.79 76.11 54.83
CA PHE G 126 78.80 77.18 54.81
C PHE G 126 77.63 76.84 55.73
N ARG G 127 77.02 77.88 56.28
CA ARG G 127 75.87 77.71 57.18
C ARG G 127 75.08 79.01 57.20
N TYR G 128 73.78 78.88 57.39
CA TYR G 128 72.91 80.03 57.56
C TYR G 128 72.92 80.50 59.00
N TRP G 129 72.35 81.69 59.23
CA TRP G 129 72.18 82.20 60.57
C TRP G 129 70.82 81.77 61.10
N LYS G 130 70.80 81.24 62.32
CA LYS G 130 69.56 80.79 62.93
C LYS G 130 68.96 81.89 63.80
N ILE G 131 67.68 81.70 64.15
CA ILE G 131 67.01 82.67 65.02
C ILE G 131 67.70 82.75 66.37
N ARG G 132 68.15 81.61 66.89
CA ARG G 132 68.88 81.59 68.15
C ARG G 132 70.24 82.27 68.03
N ASP G 133 70.80 82.37 66.81
CA ASP G 133 72.04 83.12 66.63
C ASP G 133 71.81 84.61 66.82
N TYR G 134 70.72 85.14 66.24
CA TYR G 134 70.40 86.56 66.45
C TYR G 134 70.04 86.83 67.90
N ALA G 135 69.24 85.95 68.51
CA ALA G 135 68.81 86.17 69.89
C ALA G 135 69.98 86.14 70.86
N TYR G 136 71.04 85.39 70.54
CA TYR G 136 72.22 85.38 71.39
C TYR G 136 73.05 86.63 71.18
N ALA G 137 73.24 87.06 69.92
CA ALA G 137 73.99 88.27 69.66
C ALA G 137 73.29 89.51 70.21
N TYR G 138 71.95 89.47 70.29
CA TYR G 138 71.21 90.57 70.89
C TYR G 138 71.43 90.63 72.39
N ARG G 139 71.35 89.47 73.06
CA ARG G 139 71.49 89.42 74.51
C ARG G 139 72.94 89.48 74.97
N SER G 140 73.90 89.12 74.11
CA SER G 140 75.31 89.23 74.42
C SER G 140 75.88 90.59 74.03
N LYS G 141 75.02 91.60 73.84
CA LYS G 141 75.36 92.95 73.42
C LYS G 141 76.42 92.99 72.32
N LEU G 142 76.51 91.92 71.53
CA LEU G 142 77.42 91.91 70.39
C LEU G 142 76.91 92.81 69.27
N THR G 143 75.59 92.96 69.17
CA THR G 143 74.97 93.85 68.19
C THR G 143 73.60 94.25 68.74
N THR G 144 72.82 94.94 67.92
CA THR G 144 71.50 95.41 68.31
C THR G 144 70.55 95.25 67.12
N PRO G 145 69.27 94.99 67.39
CA PRO G 145 68.29 94.93 66.28
C PRO G 145 68.23 96.21 65.47
N LEU G 146 68.67 97.34 66.02
CA LEU G 146 68.72 98.58 65.25
C LEU G 146 69.85 98.55 64.23
N GLN G 147 71.00 97.99 64.60
CA GLN G 147 72.10 97.88 63.65
C GLN G 147 71.80 96.87 62.56
N VAL G 148 71.14 95.76 62.92
CA VAL G 148 70.79 94.76 61.91
C VAL G 148 69.77 95.33 60.93
N ALA G 149 68.87 96.21 61.41
CA ALA G 149 67.90 96.82 60.51
C ALA G 149 68.57 97.75 59.52
N LYS G 150 69.50 98.59 59.99
CA LYS G 150 70.18 99.52 59.10
C LYS G 150 71.01 98.79 58.05
N ARG G 151 71.50 97.60 58.37
CA ARG G 151 72.23 96.80 57.38
C ARG G 151 71.27 96.21 56.35
N ILE G 152 70.09 95.76 56.79
CA ILE G 152 69.11 95.22 55.87
C ILE G 152 68.53 96.31 54.98
N ILE G 153 68.21 97.46 55.57
CA ILE G 153 67.67 98.57 54.79
C ILE G 153 68.65 99.00 53.72
N SER G 154 69.95 98.98 54.04
CA SER G 154 70.98 99.36 53.06
C SER G 154 70.96 98.42 51.86
N ILE G 155 70.92 97.11 52.12
CA ILE G 155 70.98 96.13 51.04
C ILE G 155 69.77 96.26 50.12
N ILE G 156 68.58 96.46 50.71
CA ILE G 156 67.38 96.60 49.90
C ILE G 156 67.46 97.84 49.02
N GLU G 157 67.96 98.94 49.57
CA GLU G 157 68.07 100.18 48.80
C GLU G 157 69.24 100.15 47.83
N GLU G 158 70.33 99.47 48.18
CA GLU G 158 71.50 99.42 47.30
C GLU G 158 71.20 98.60 46.05
N PHE G 159 70.65 97.41 46.23
CA PHE G 159 70.39 96.50 45.12
C PHE G 159 68.99 96.67 44.55
N GLY G 160 68.24 97.68 45.00
CA GLY G 160 66.90 97.92 44.49
C GLY G 160 65.96 96.77 44.73
N TYR G 161 65.98 96.21 45.94
CA TYR G 161 65.15 95.07 46.28
C TYR G 161 63.72 95.45 46.62
N ASP G 162 63.39 96.74 46.63
CA ASP G 162 62.01 97.20 46.72
C ASP G 162 61.57 97.90 45.44
N LYS G 163 62.37 97.80 44.37
CA LYS G 163 62.09 98.40 43.07
C LYS G 163 62.18 97.33 41.99
N PRO G 164 61.49 97.52 40.88
CA PRO G 164 61.69 96.63 39.73
C PRO G 164 63.11 96.71 39.21
N PRO G 165 63.56 95.75 38.39
CA PRO G 165 62.82 94.59 37.86
C PRO G 165 62.95 93.33 38.70
N THR G 166 63.81 93.34 39.72
CA THR G 166 64.05 92.18 40.58
C THR G 166 63.87 92.59 42.03
N PRO G 167 62.63 92.75 42.49
CA PRO G 167 62.41 93.14 43.88
C PRO G 167 62.13 91.94 44.79
N PHE G 168 62.75 91.93 45.98
CA PHE G 168 62.37 90.95 46.99
C PHE G 168 61.02 91.31 47.60
N LEU G 169 60.80 92.59 47.88
CA LEU G 169 59.57 93.08 48.47
C LEU G 169 58.84 93.98 47.48
N ILE G 170 57.51 94.05 47.64
CA ILE G 170 56.68 94.94 46.86
C ILE G 170 56.00 95.98 47.74
N ARG G 171 56.38 96.08 49.01
CA ARG G 171 55.90 97.12 49.91
C ARG G 171 56.88 97.21 51.07
N PHE G 172 57.69 98.26 51.09
CA PHE G 172 58.76 98.40 52.07
C PHE G 172 58.76 99.81 52.61
N ASP G 173 58.68 99.94 53.93
CA ASP G 173 58.71 101.23 54.62
C ASP G 173 59.91 101.21 55.56
N ALA G 174 61.05 101.73 55.08
CA ALA G 174 62.26 101.73 55.88
C ALA G 174 62.10 102.56 57.16
N ASN G 175 61.33 103.64 57.09
CA ASN G 175 61.07 104.44 58.29
C ASN G 175 60.27 103.67 59.32
N GLU G 176 59.45 102.70 58.87
CA GLU G 176 58.69 101.87 59.80
C GLU G 176 59.58 100.80 60.43
N VAL G 177 60.49 100.22 59.65
CA VAL G 177 61.37 99.18 60.18
C VAL G 177 62.26 99.74 61.29
N ILE G 178 62.74 100.97 61.13
CA ILE G 178 63.56 101.59 62.16
C ILE G 178 62.73 101.85 63.42
N LYS G 179 61.45 102.18 63.26
CA LYS G 179 60.59 102.39 64.42
C LYS G 179 60.43 101.12 65.23
N GLN G 180 60.37 99.97 64.56
CA GLN G 180 60.25 98.70 65.27
C GLN G 180 61.57 98.28 65.90
N ALA G 181 62.67 98.41 65.17
CA ALA G 181 63.97 97.99 65.70
C ALA G 181 64.39 98.82 66.91
N GLU G 182 63.93 100.07 66.99
CA GLU G 182 64.25 100.89 68.15
C GLU G 182 63.57 100.37 69.41
N ALA G 183 62.29 100.01 69.30
CA ALA G 183 61.57 99.50 70.46
C ALA G 183 62.18 98.18 70.94
N SER G 184 62.59 97.32 70.00
CA SER G 184 63.24 96.07 70.39
C SER G 184 64.60 96.34 71.00
N THR G 185 65.34 97.30 70.46
CA THR G 185 66.64 97.66 71.02
C THR G 185 66.48 98.20 72.44
N ARG G 186 65.49 99.06 72.66
CA ARG G 186 65.26 99.61 73.99
C ARG G 186 64.90 98.51 74.98
N ARG G 187 64.12 97.52 74.54
CA ARG G 187 63.76 96.42 75.43
C ARG G 187 64.97 95.56 75.77
N PHE G 188 65.90 95.40 74.85
CA PHE G 188 67.13 94.66 75.15
C PHE G 188 68.02 95.45 76.10
N GLU G 189 68.08 96.76 75.94
CA GLU G 189 68.89 97.59 76.83
C GLU G 189 68.31 97.62 78.23
N GLN G 190 66.98 97.70 78.34
CA GLN G 190 66.34 97.64 79.65
C GLN G 190 66.50 96.28 80.31
N GLY G 191 66.91 95.27 79.54
CA GLY G 191 67.15 93.94 80.08
C GLY G 191 65.95 93.02 80.10
N ASN G 192 64.89 93.36 79.38
CA ASN G 192 63.66 92.56 79.36
C ASN G 192 63.21 92.34 77.91
N PRO G 193 63.86 91.42 77.20
CA PRO G 193 63.34 91.04 75.87
C PRO G 193 62.06 90.23 76.01
N ILE G 194 61.19 90.38 75.03
CA ILE G 194 59.88 89.74 75.10
C ILE G 194 60.03 88.21 75.00
N SER G 195 60.70 87.75 73.95
CA SER G 195 60.88 86.31 73.75
C SER G 195 62.13 86.12 72.88
N VAL G 196 62.34 84.88 72.44
CA VAL G 196 63.47 84.60 71.55
C VAL G 196 63.26 85.26 70.20
N LEU G 197 62.00 85.46 69.79
CA LEU G 197 61.70 86.11 68.52
C LEU G 197 61.78 87.63 68.60
N ASP G 198 62.20 88.20 69.73
CA ASP G 198 62.31 89.64 69.86
C ASP G 198 63.50 90.13 69.04
N GLY G 199 63.24 91.06 68.13
CA GLY G 199 64.28 91.56 67.26
C GLY G 199 64.54 90.73 66.02
N ILE G 200 63.74 89.70 65.78
CA ILE G 200 63.89 88.82 64.62
C ILE G 200 63.11 89.42 63.46
N PHE G 201 63.72 89.38 62.27
CA PHE G 201 63.14 89.97 61.06
C PHE G 201 62.38 88.90 60.29
N VAL G 202 61.10 89.16 60.05
CA VAL G 202 60.23 88.22 59.35
C VAL G 202 59.54 88.97 58.22
N THR G 203 59.56 88.39 57.03
CA THR G 203 58.94 88.99 55.85
C THR G 203 57.57 88.37 55.62
N ILE G 204 56.57 89.22 55.38
CA ILE G 204 55.19 88.77 55.22
C ILE G 204 54.84 88.76 53.73
N LYS G 205 54.16 87.69 53.30
CA LYS G 205 53.70 87.61 51.93
C LYS G 205 52.58 88.62 51.69
N ASP G 206 52.45 89.06 50.43
CA ASP G 206 51.55 90.16 50.11
C ASP G 206 50.07 89.78 50.16
N ASP G 207 49.72 88.51 50.41
CA ASP G 207 48.33 88.13 50.57
C ASP G 207 47.95 87.94 52.04
N ILE G 208 48.74 88.49 52.96
CA ILE G 208 48.45 88.46 54.39
C ILE G 208 48.43 89.88 54.90
N ASP G 209 47.43 90.22 55.70
CA ASP G 209 47.29 91.57 56.21
C ASP G 209 48.36 91.85 57.26
N CYS G 210 49.24 92.81 56.97
CA CYS G 210 50.33 93.19 57.88
C CYS G 210 50.36 94.71 57.96
N LEU G 211 49.97 95.25 59.10
CA LEU G 211 49.92 96.69 59.27
C LEU G 211 51.33 97.28 59.22
N PRO G 212 51.47 98.52 58.71
CA PRO G 212 50.40 99.33 58.14
C PRO G 212 50.29 99.19 56.63
N HIS G 213 50.99 98.20 56.07
CA HIS G 213 51.04 98.06 54.62
C HIS G 213 49.72 97.51 54.09
N PRO G 214 49.27 97.97 52.93
CA PRO G 214 48.07 97.41 52.32
C PRO G 214 48.33 96.05 51.69
N THR G 215 47.27 95.26 51.59
CA THR G 215 47.33 93.90 51.07
C THR G 215 46.84 93.91 49.63
N ASN G 216 47.78 93.89 48.68
CA ASN G 216 47.46 93.89 47.27
C ASN G 216 47.46 92.49 46.65
N GLY G 217 48.08 91.52 47.31
CA GLY G 217 48.10 90.15 46.79
C GLY G 217 48.81 90.01 45.47
N GLY G 218 49.83 90.84 45.21
CA GLY G 218 50.52 90.83 43.94
C GLY G 218 49.89 91.64 42.85
N THR G 219 48.70 92.21 43.08
CA THR G 219 48.05 93.06 42.10
C THR G 219 48.42 94.52 42.36
N THR G 220 47.96 95.39 41.45
CA THR G 220 48.25 96.82 41.54
C THR G 220 47.02 97.63 41.92
N TRP G 221 45.93 96.99 42.34
CA TRP G 221 44.68 97.67 42.59
C TRP G 221 43.87 97.13 43.76
N LEU G 222 44.24 95.99 44.34
CA LEU G 222 43.42 95.39 45.38
C LEU G 222 43.28 96.29 46.60
N HIS G 223 44.28 97.15 46.84
CA HIS G 223 44.18 98.08 47.97
C HIS G 223 43.07 99.10 47.76
N GLU G 224 42.71 99.37 46.51
CA GLU G 224 41.64 100.33 46.24
C GLU G 224 40.29 99.82 46.71
N ASP G 225 40.12 98.50 46.78
CA ASP G 225 38.85 97.90 47.14
C ASP G 225 38.87 97.14 48.45
N ARG G 226 40.04 96.78 48.96
CA ARG G 226 40.17 96.00 50.19
C ARG G 226 41.06 96.78 51.17
N SER G 227 40.44 97.40 52.16
CA SER G 227 41.17 98.13 53.17
C SER G 227 41.69 97.18 54.25
N VAL G 228 42.89 97.47 54.74
CA VAL G 228 43.55 96.67 55.77
C VAL G 228 43.54 97.50 57.04
N GLU G 229 42.55 97.25 57.91
CA GLU G 229 42.36 98.06 59.11
C GLU G 229 43.01 97.47 60.35
N LYS G 230 43.40 96.19 60.34
CA LYS G 230 44.03 95.61 61.51
C LYS G 230 44.91 94.44 61.07
N ASP G 231 45.81 94.05 61.96
CA ASP G 231 46.74 92.96 61.69
C ASP G 231 46.00 91.65 61.50
N SER G 232 46.67 90.72 60.81
CA SER G 232 46.13 89.38 60.66
C SER G 232 46.41 88.57 61.92
N ALA G 233 45.95 87.31 61.92
CA ALA G 233 46.16 86.46 63.08
C ALA G 233 47.64 86.10 63.23
N VAL G 234 48.28 85.70 62.12
CA VAL G 234 49.67 85.26 62.20
C VAL G 234 50.61 86.43 62.45
N VAL G 235 50.27 87.61 61.94
CA VAL G 235 51.17 88.76 62.12
C VAL G 235 51.09 89.28 63.55
N SER G 236 49.89 89.38 64.11
CA SER G 236 49.75 89.83 65.49
C SER G 236 50.39 88.86 66.47
N LYS G 237 50.42 87.57 66.13
CA LYS G 237 51.12 86.60 66.97
C LYS G 237 52.63 86.84 66.93
N LEU G 238 53.17 87.14 65.75
CA LEU G 238 54.59 87.43 65.65
C LEU G 238 54.93 88.76 66.33
N ARG G 239 54.07 89.76 66.18
CA ARG G 239 54.33 91.05 66.81
C ARG G 239 54.26 90.97 68.33
N SER G 240 53.44 90.06 68.87
CA SER G 240 53.36 89.91 70.32
C SER G 240 54.65 89.34 70.89
N CYS G 241 55.41 88.58 70.10
CA CYS G 241 56.69 88.04 70.54
C CYS G 241 57.82 89.05 70.43
N GLY G 242 57.57 90.22 69.87
CA GLY G 242 58.60 91.21 69.66
C GLY G 242 59.32 91.13 68.33
N ALA G 243 58.77 90.39 67.37
CA ALA G 243 59.41 90.26 66.07
C ALA G 243 59.33 91.57 65.29
N ILE G 244 60.23 91.71 64.33
CA ILE G 244 60.28 92.88 63.46
C ILE G 244 59.69 92.48 62.11
N LEU G 245 58.57 93.09 61.75
CA LEU G 245 57.94 92.83 60.46
C LEU G 245 58.64 93.66 59.39
N LEU G 246 59.26 92.98 58.42
CA LEU G 246 60.05 93.69 57.41
C LEU G 246 59.15 94.40 56.41
N GLY G 247 58.30 93.65 55.71
CA GLY G 247 57.42 94.24 54.73
C GLY G 247 56.64 93.17 53.99
N LYS G 248 56.08 93.57 52.85
CA LYS G 248 55.29 92.67 52.01
C LYS G 248 56.16 92.15 50.87
N ALA G 249 56.22 90.84 50.73
CA ALA G 249 57.08 90.21 49.75
C ALA G 249 56.37 90.09 48.40
N ASN G 250 57.18 89.97 47.35
CA ASN G 250 56.65 89.70 46.02
C ASN G 250 56.00 88.32 45.98
N MET G 251 55.09 88.14 45.03
CA MET G 251 54.37 86.88 44.91
C MET G 251 53.73 86.80 43.54
N HIS G 252 53.53 85.57 43.07
CA HIS G 252 52.72 85.36 41.88
C HIS G 252 51.31 85.87 42.14
N GLU G 253 50.74 86.56 41.15
CA GLU G 253 49.50 87.30 41.35
C GLU G 253 48.36 86.41 41.84
N LEU G 254 47.98 86.58 43.10
CA LEU G 254 46.83 85.89 43.69
C LEU G 254 47.00 84.37 43.66
N GLY G 255 48.23 83.90 43.71
CA GLY G 255 48.50 82.47 43.73
C GLY G 255 47.97 81.74 42.51
N MET G 256 48.23 82.27 41.32
CA MET G 256 47.82 81.61 40.09
C MET G 256 49.03 81.20 39.27
N GLY G 257 49.99 80.56 39.92
CA GLY G 257 51.21 80.13 39.26
C GLY G 257 52.24 79.59 40.23
N THR G 258 52.96 78.56 39.84
CA THR G 258 53.99 77.95 40.68
C THR G 258 55.39 78.31 40.22
N THR G 259 55.52 79.34 39.38
CA THR G 259 56.82 79.81 38.90
C THR G 259 57.28 81.07 39.61
N GLY G 260 56.38 82.01 39.88
CA GLY G 260 56.74 83.28 40.46
C GLY G 260 56.80 84.42 39.48
N ASN G 261 56.43 84.20 38.22
CA ASN G 261 56.42 85.25 37.21
C ASN G 261 55.40 86.32 37.55
N ASN G 262 55.88 87.52 37.86
CA ASN G 262 55.01 88.64 38.20
C ASN G 262 55.25 89.76 37.19
N SER G 263 54.41 89.82 36.15
CA SER G 263 54.47 90.89 35.17
C SER G 263 53.78 92.17 35.65
N ASN G 264 53.98 92.53 36.92
CA ASN G 264 53.32 93.68 37.51
C ASN G 264 54.31 94.45 38.38
N TYR G 265 55.16 93.72 39.10
CA TYR G 265 56.19 94.32 39.94
C TYR G 265 57.59 93.84 39.60
N GLY G 266 57.73 92.79 38.82
CA GLY G 266 59.03 92.20 38.51
C GLY G 266 59.12 90.81 39.09
N THR G 267 59.70 89.89 38.34
CA THR G 267 59.83 88.51 38.77
C THR G 267 61.03 88.37 39.70
N THR G 268 60.79 87.89 40.92
CA THR G 268 61.87 87.67 41.86
C THR G 268 62.77 86.54 41.39
N ARG G 269 64.08 86.75 41.48
CA ARG G 269 65.06 85.82 40.94
C ARG G 269 65.58 84.89 42.04
N ASN G 270 65.92 83.68 41.64
CA ASN G 270 66.42 82.69 42.58
C ASN G 270 67.80 83.10 43.08
N PRO G 271 68.02 83.16 44.40
CA PRO G 271 69.37 83.51 44.90
C PRO G 271 70.46 82.57 44.42
N HIS G 272 70.12 81.31 44.14
CA HIS G 272 71.12 80.36 43.65
C HIS G 272 71.46 80.60 42.18
N ASP G 273 70.53 81.18 41.42
CA ASP G 273 70.77 81.49 40.01
C ASP G 273 69.77 82.55 39.58
N PRO G 274 70.21 83.79 39.40
CA PRO G 274 69.25 84.87 39.07
C PRO G 274 68.53 84.68 37.75
N LYS G 275 69.04 83.86 36.84
CA LYS G 275 68.39 83.61 35.57
C LYS G 275 67.36 82.49 35.64
N ARG G 276 67.02 82.02 36.84
CA ARG G 276 66.05 80.95 37.03
C ARG G 276 64.93 81.43 37.96
N TYR G 277 63.80 80.73 37.87
CA TYR G 277 62.64 81.09 38.67
C TYR G 277 62.87 80.78 40.14
N THR G 278 62.01 81.36 40.98
CA THR G 278 62.04 81.10 42.42
C THR G 278 61.08 79.99 42.83
N GLY G 279 59.97 79.86 42.13
CA GLY G 279 58.91 78.96 42.57
C GLY G 279 57.76 79.73 43.17
N GLY G 280 56.53 79.38 42.80
CA GLY G 280 55.35 80.08 43.24
C GLY G 280 54.56 79.31 44.29
N SER G 281 53.62 80.02 44.91
CA SER G 281 53.37 81.41 44.59
C SER G 281 54.02 82.35 45.60
N SER G 282 54.62 81.77 46.64
CA SER G 282 55.36 82.55 47.63
C SER G 282 56.80 82.78 47.16
N SER G 283 56.90 83.45 46.00
CA SER G 283 58.19 83.63 45.37
C SER G 283 59.09 84.56 46.15
N GLY G 284 58.56 85.72 46.55
CA GLY G 284 59.38 86.69 47.28
C GLY G 284 59.71 86.25 48.69
N SER G 285 58.81 85.50 49.33
CA SER G 285 59.05 85.05 50.70
C SER G 285 60.20 84.07 50.76
N ALA G 286 60.32 83.20 49.75
CA ALA G 286 61.35 82.16 49.78
C ALA G 286 62.71 82.69 49.36
N ALA G 287 62.76 83.64 48.43
CA ALA G 287 64.04 84.13 47.93
C ALA G 287 64.73 85.02 48.96
N ILE G 288 63.98 85.91 49.61
CA ILE G 288 64.59 86.80 50.61
C ILE G 288 65.10 85.98 51.79
N VAL G 289 64.54 84.80 52.03
CA VAL G 289 65.06 83.91 53.05
C VAL G 289 66.30 83.17 52.55
N ALA G 290 66.22 82.65 51.32
CA ALA G 290 67.36 81.94 50.74
C ALA G 290 68.55 82.86 50.54
N ALA G 291 68.30 84.10 50.12
CA ALA G 291 69.36 85.10 50.01
C ALA G 291 69.92 85.48 51.37
N GLY G 292 69.27 85.09 52.47
CA GLY G 292 69.77 85.35 53.79
C GLY G 292 69.66 86.78 54.24
N LEU G 293 68.54 87.45 53.94
CA LEU G 293 68.32 88.81 54.41
C LEU G 293 67.59 88.83 55.75
N CYS G 294 66.59 87.97 55.92
CA CYS G 294 65.84 87.86 57.16
C CYS G 294 65.80 86.40 57.59
N SER G 295 65.36 86.18 58.83
CA SER G 295 65.36 84.83 59.39
C SER G 295 64.37 83.93 58.68
N ALA G 296 63.08 84.27 58.75
CA ALA G 296 62.03 83.44 58.17
C ALA G 296 61.00 84.33 57.49
N ALA G 297 60.02 83.69 56.85
CA ALA G 297 58.97 84.40 56.14
C ALA G 297 57.71 83.55 56.15
N LEU G 298 56.56 84.23 56.17
CA LEU G 298 55.27 83.57 56.12
C LEU G 298 54.72 83.57 54.71
N GLY G 299 53.88 82.60 54.41
CA GLY G 299 53.28 82.51 53.09
C GLY G 299 52.15 81.51 53.10
N THR G 300 51.15 81.76 52.26
CA THR G 300 50.04 80.84 52.11
C THR G 300 50.46 79.63 51.29
N ASP G 301 49.61 78.60 51.29
CA ASP G 301 49.90 77.39 50.52
C ASP G 301 48.57 76.68 50.27
N GLY G 302 48.03 76.86 49.07
CA GLY G 302 46.83 76.17 48.66
C GLY G 302 47.08 75.22 47.50
N GLY G 303 48.29 75.28 46.96
CA GLY G 303 48.70 74.41 45.88
C GLY G 303 50.19 74.20 45.85
N GLY G 304 50.82 74.27 47.03
CA GLY G 304 52.26 74.14 47.12
C GLY G 304 53.02 75.44 47.12
N ALA G 305 52.39 76.55 47.49
CA ALA G 305 53.05 77.84 47.43
C ALA G 305 54.18 77.98 48.44
N VAL G 306 54.17 77.19 49.51
CA VAL G 306 55.25 77.23 50.49
C VAL G 306 56.32 76.19 50.19
N ARG G 307 55.91 75.00 49.76
CA ARG G 307 56.85 73.91 49.58
C ARG G 307 57.62 74.01 48.26
N ILE G 308 56.96 74.45 47.20
CA ILE G 308 57.60 74.48 45.87
C ILE G 308 58.79 75.44 45.84
N PRO G 309 58.67 76.72 46.21
CA PRO G 309 59.85 77.59 46.19
C PRO G 309 60.86 77.24 47.26
N SER G 310 60.45 76.62 48.36
CA SER G 310 61.40 76.22 49.38
C SER G 310 62.33 75.11 48.88
N ALA G 311 61.86 74.29 47.94
CA ALA G 311 62.72 73.27 47.36
C ALA G 311 63.60 73.82 46.25
N LEU G 312 63.10 74.80 45.49
CA LEU G 312 63.88 75.36 44.40
C LEU G 312 64.94 76.34 44.91
N CYS G 313 64.68 77.01 46.03
CA CYS G 313 65.64 77.94 46.60
C CYS G 313 66.55 77.30 47.65
N GLY G 314 66.15 76.14 48.18
CA GLY G 314 66.99 75.43 49.13
C GLY G 314 66.81 75.88 50.57
N ILE G 315 65.55 76.02 50.99
CA ILE G 315 65.21 76.35 52.36
C ILE G 315 64.16 75.37 52.85
N THR G 316 63.74 75.56 54.10
CA THR G 316 62.74 74.69 54.73
C THR G 316 61.38 75.38 54.65
N GLY G 317 60.40 74.69 54.07
CA GLY G 317 59.05 75.20 53.99
C GLY G 317 58.05 74.28 54.66
N LEU G 318 57.38 74.77 55.70
CA LEU G 318 56.45 73.97 56.48
C LEU G 318 55.03 74.27 56.04
N LYS G 319 54.29 73.22 55.68
CA LYS G 319 52.88 73.30 55.34
C LYS G 319 52.10 72.62 56.46
N THR G 320 51.43 73.41 57.28
CA THR G 320 50.73 72.88 58.45
C THR G 320 49.42 72.20 58.03
N THR G 321 48.75 71.61 59.01
CA THR G 321 47.47 70.98 58.78
C THR G 321 46.40 72.04 58.52
N TYR G 322 45.40 71.68 57.71
CA TYR G 322 44.30 72.57 57.44
C TYR G 322 43.63 73.01 58.75
N GLY G 323 43.56 74.31 58.98
CA GLY G 323 42.99 74.85 60.19
C GLY G 323 43.93 74.92 61.37
N ARG G 324 45.12 74.32 61.27
CA ARG G 324 46.07 74.37 62.38
C ARG G 324 46.53 75.79 62.66
N THR G 325 46.91 76.52 61.61
CA THR G 325 47.39 77.89 61.74
C THR G 325 46.29 78.85 61.29
N ASP G 326 45.94 79.79 62.16
CA ASP G 326 44.83 80.70 61.88
C ASP G 326 45.14 81.57 60.67
N MET G 327 44.18 81.70 59.76
CA MET G 327 44.32 82.48 58.54
C MET G 327 43.55 83.80 58.59
N THR G 328 42.89 84.11 59.70
CA THR G 328 42.07 85.32 59.80
C THR G 328 42.88 86.56 59.50
N GLY G 329 42.65 87.15 58.32
CA GLY G 329 43.38 88.33 57.90
C GLY G 329 44.22 88.11 56.67
N SER G 330 43.75 87.22 55.78
CA SER G 330 44.44 86.92 54.53
C SER G 330 43.44 86.94 53.39
N LEU G 331 43.92 86.66 52.18
CA LEU G 331 43.09 86.67 50.99
C LEU G 331 42.43 85.32 50.73
N CYS G 332 42.78 84.28 51.47
CA CYS G 332 42.22 82.95 51.29
C CYS G 332 41.48 82.48 52.53
N GLU G 333 40.82 83.40 53.22
CA GLU G 333 39.94 83.02 54.32
C GLU G 333 38.75 82.23 53.77
N GLY G 334 38.35 81.21 54.51
CA GLY G 334 37.27 80.35 54.08
C GLY G 334 37.62 79.36 52.99
N GLY G 335 38.86 79.38 52.50
CA GLY G 335 39.28 78.39 51.52
C GLY G 335 39.28 76.99 52.11
N THR G 336 39.44 76.01 51.21
CA THR G 336 39.38 74.61 51.60
C THR G 336 40.68 73.86 51.33
N VAL G 337 41.74 74.56 50.93
CA VAL G 337 43.00 73.90 50.58
C VAL G 337 44.19 74.73 51.03
N GLU G 338 43.93 75.89 51.64
CA GLU G 338 44.98 76.86 51.94
C GLU G 338 45.23 76.96 53.44
N ILE G 339 46.50 77.16 53.79
CA ILE G 339 46.90 77.48 55.15
C ILE G 339 47.98 78.57 55.09
N ILE G 340 48.68 78.79 56.20
CA ILE G 340 49.77 79.76 56.26
C ILE G 340 50.93 79.09 56.99
N GLY G 341 52.01 78.81 56.25
CA GLY G 341 53.16 78.14 56.81
C GLY G 341 54.42 78.97 56.72
N PRO G 342 55.37 78.72 57.61
CA PRO G 342 56.62 79.49 57.63
C PRO G 342 57.67 78.94 56.68
N LEU G 343 58.49 79.86 56.18
CA LEU G 343 59.62 79.54 55.30
C LEU G 343 60.89 80.06 55.96
N ALA G 344 61.78 79.16 56.36
CA ALA G 344 62.99 79.52 57.06
C ALA G 344 64.18 78.78 56.45
N SER G 345 65.38 79.20 56.86
CA SER G 345 66.61 78.62 56.33
C SER G 345 66.94 77.28 56.98
N SER G 346 66.58 77.10 58.25
CA SER G 346 66.87 75.87 58.97
C SER G 346 65.60 75.35 59.62
N LEU G 347 65.62 74.05 59.96
CA LEU G 347 64.47 73.44 60.61
C LEU G 347 64.24 74.05 61.99
N GLU G 348 65.32 74.41 62.69
CA GLU G 348 65.19 75.03 64.00
C GLU G 348 64.48 76.37 63.91
N ASP G 349 64.73 77.13 62.83
CA ASP G 349 64.07 78.42 62.65
C ASP G 349 62.61 78.21 62.27
N ALA G 350 62.33 77.31 61.33
CA ALA G 350 60.96 77.07 60.91
C ALA G 350 60.10 76.53 62.04
N PHE G 351 60.69 75.69 62.91
CA PHE G 351 59.95 75.17 64.05
C PHE G 351 59.63 76.27 65.04
N LEU G 352 60.54 77.23 65.22
CA LEU G 352 60.28 78.33 66.15
C LEU G 352 59.16 79.22 65.66
N VAL G 353 59.14 79.54 64.37
CA VAL G 353 58.10 80.40 63.83
C VAL G 353 56.73 79.71 63.89
N TYR G 354 56.70 78.40 63.61
CA TYR G 354 55.45 77.65 63.74
C TYR G 354 54.93 77.71 65.18
N ALA G 355 55.84 77.74 66.16
CA ALA G 355 55.41 77.81 67.56
C ALA G 355 54.72 79.12 67.87
N ALA G 356 54.94 80.17 67.08
CA ALA G 356 54.35 81.47 67.36
C ALA G 356 53.04 81.68 66.62
N ILE G 357 52.93 81.21 65.38
CA ILE G 357 51.75 81.49 64.56
C ILE G 357 50.65 80.44 64.71
N LEU G 358 50.93 79.31 65.35
CA LEU G 358 49.92 78.26 65.44
C LEU G 358 48.76 78.70 66.32
N GLY G 359 47.66 77.99 66.19
CA GLY G 359 46.45 78.30 66.94
C GLY G 359 45.24 78.40 66.04
N SER G 360 44.40 77.37 66.05
CA SER G 360 43.22 77.34 65.20
C SER G 360 42.27 78.47 65.55
N SER G 361 41.58 78.98 64.53
CA SER G 361 40.61 80.05 64.74
C SER G 361 39.41 79.53 65.53
N SER G 362 38.61 80.47 66.03
CA SER G 362 37.41 80.10 66.77
C SER G 362 36.44 79.29 65.90
N ALA G 363 36.38 79.62 64.61
CA ALA G 363 35.49 78.88 63.72
C ALA G 363 36.04 77.50 63.39
N ASP G 364 37.35 77.41 63.10
CA ASP G 364 37.94 76.12 62.81
C ASP G 364 38.04 75.22 64.04
N ARG G 365 38.02 75.81 65.25
CA ARG G 365 38.09 75.00 66.46
C ARG G 365 36.90 74.08 66.58
N TYR G 366 35.69 74.62 66.42
CA TYR G 366 34.49 73.80 66.55
C TYR G 366 34.25 72.92 65.32
N ASN G 367 34.63 73.38 64.13
CA ASN G 367 34.34 72.64 62.91
C ASN G 367 35.36 71.54 62.64
N LEU G 368 36.62 71.75 62.99
CA LEU G 368 37.66 70.77 62.70
C LEU G 368 38.09 69.96 63.91
N LYS G 369 37.84 70.46 65.12
CA LYS G 369 38.21 69.78 66.35
C LYS G 369 39.69 69.34 66.34
N PRO G 370 40.63 70.28 66.27
CA PRO G 370 42.04 69.90 66.18
C PRO G 370 42.58 69.43 67.52
N SER G 371 43.37 68.36 67.47
CA SER G 371 44.05 67.89 68.66
C SER G 371 45.01 68.97 69.16
N PRO G 372 45.31 69.00 70.46
CA PRO G 372 46.16 70.06 71.01
C PRO G 372 47.50 70.12 70.30
N PRO G 373 48.01 71.31 70.03
CA PRO G 373 49.32 71.43 69.38
C PRO G 373 50.42 70.92 70.27
N CYS G 374 51.39 70.24 69.67
CA CYS G 374 52.51 69.69 70.41
C CYS G 374 53.78 69.79 69.55
N PHE G 375 54.87 70.10 70.21
CA PHE G 375 56.16 70.25 69.56
C PHE G 375 56.94 68.94 69.61
N PRO G 376 57.79 68.67 68.62
CA PRO G 376 58.66 67.49 68.69
C PRO G 376 59.85 67.76 69.58
N LYS G 377 60.17 66.79 70.44
CA LYS G 377 61.32 66.93 71.32
C LYS G 377 62.61 66.85 70.51
N LEU G 378 63.09 67.99 70.04
CA LEU G 378 64.29 68.04 69.22
C LEU G 378 65.57 67.79 70.01
N LEU G 379 65.47 67.54 71.32
CA LEU G 379 66.61 67.10 72.10
C LEU G 379 67.06 65.74 71.59
N SER G 380 67.96 65.73 70.61
CA SER G 380 68.31 64.48 69.93
C SER G 380 68.94 63.46 70.86
N HIS G 381 69.55 63.92 71.95
CA HIS G 381 70.23 63.00 72.86
C HIS G 381 69.22 62.27 73.74
N ASN G 382 69.53 61.00 74.02
CA ASN G 382 68.73 60.14 74.89
C ASN G 382 67.27 60.06 74.41
N GLY G 383 67.11 59.37 73.28
CA GLY G 383 65.80 59.21 72.68
C GLY G 383 65.81 58.33 71.45
N SER G 384 65.56 58.93 70.28
CA SER G 384 65.53 58.21 69.00
C SER G 384 64.52 57.07 69.01
N ASN G 385 63.42 57.24 69.74
CA ASN G 385 62.38 56.21 69.79
C ASN G 385 61.38 56.36 68.66
N ALA G 386 60.82 57.55 68.50
CA ALA G 386 59.83 57.83 67.46
C ALA G 386 60.47 58.27 66.15
N ILE G 387 61.76 57.99 65.96
CA ILE G 387 62.46 58.32 64.72
C ILE G 387 62.71 57.08 63.87
N GLY G 388 63.36 56.06 64.46
CA GLY G 388 63.64 54.85 63.71
C GLY G 388 62.41 53.97 63.51
N SER G 389 61.46 54.04 64.44
CA SER G 389 60.25 53.22 64.35
C SER G 389 59.26 53.75 63.32
N LEU G 390 59.57 54.85 62.64
CA LEU G 390 58.66 55.39 61.64
C LEU G 390 58.68 54.54 60.38
N ARG G 391 57.51 54.38 59.76
CA ARG G 391 57.36 53.66 58.51
C ARG G 391 57.17 54.68 57.40
N LEU G 392 58.10 54.68 56.44
CA LEU G 392 58.12 55.66 55.37
C LEU G 392 57.42 55.10 54.14
N GLY G 393 56.36 55.76 53.70
CA GLY G 393 55.61 55.33 52.53
C GLY G 393 56.21 55.91 51.26
N LYS G 394 56.51 55.02 50.30
CA LYS G 394 57.12 55.42 49.04
C LYS G 394 56.36 54.77 47.90
N TYR G 395 55.84 55.60 47.00
CA TYR G 395 55.22 55.13 45.76
C TYR G 395 56.30 55.20 44.69
N THR G 396 56.94 54.06 44.41
CA THR G 396 58.16 54.04 43.59
C THR G 396 57.91 54.64 42.21
N LYS G 397 56.84 54.22 41.55
CA LYS G 397 56.53 54.78 40.23
C LYS G 397 56.19 56.26 40.32
N TRP G 398 55.55 56.69 41.39
CA TRP G 398 55.34 58.12 41.64
C TRP G 398 56.62 58.79 42.11
N PHE G 399 57.49 58.04 42.79
CA PHE G 399 58.72 58.61 43.33
C PHE G 399 59.72 58.95 42.24
N ASN G 400 59.76 58.16 41.17
CA ASN G 400 60.74 58.32 40.11
C ASN G 400 60.20 59.02 38.88
N ASP G 401 58.96 59.49 38.90
CA ASP G 401 58.38 60.23 37.78
C ASP G 401 58.80 61.70 37.86
N VAL G 402 60.11 61.91 37.72
CA VAL G 402 60.69 63.24 37.75
C VAL G 402 61.42 63.48 36.44
N SER G 403 61.65 64.77 36.15
CA SER G 403 62.33 65.15 34.91
C SER G 403 63.84 65.10 35.01
N SER G 404 64.39 64.97 36.22
CA SER G 404 65.84 64.93 36.43
C SER G 404 66.18 63.67 37.22
N SER G 405 67.08 62.85 36.68
CA SER G 405 67.48 61.63 37.36
C SER G 405 68.15 61.90 38.70
N ASP G 406 68.71 63.09 38.89
CA ASP G 406 69.39 63.40 40.15
C ASP G 406 68.40 63.55 41.31
N ILE G 407 67.18 63.99 41.02
CA ILE G 407 66.21 64.21 42.09
C ILE G 407 65.76 62.87 42.68
N SER G 408 65.40 61.92 41.81
CA SER G 408 65.00 60.60 42.29
C SER G 408 66.15 59.83 42.91
N ASP G 409 67.39 60.20 42.61
CA ASP G 409 68.55 59.52 43.19
C ASP G 409 68.88 60.09 44.58
N LYS G 410 68.98 61.41 44.68
CA LYS G 410 69.34 62.02 45.96
C LYS G 410 68.23 61.84 46.99
N CYS G 411 66.98 61.89 46.56
CA CYS G 411 65.87 61.63 47.49
C CYS G 411 65.88 60.18 47.96
N GLU G 412 66.19 59.25 47.05
CA GLU G 412 66.35 57.86 47.46
C GLU G 412 67.57 57.68 48.37
N ASP G 413 68.60 58.51 48.19
CA ASP G 413 69.78 58.44 49.06
C ASP G 413 69.43 58.81 50.49
N ILE G 414 68.59 59.84 50.67
CA ILE G 414 68.16 60.22 52.02
C ILE G 414 67.34 59.10 52.64
N LEU G 415 66.54 58.41 51.82
CA LEU G 415 65.79 57.27 52.32
C LEU G 415 66.71 56.15 52.77
N LYS G 416 67.75 55.86 51.98
CA LYS G 416 68.75 54.89 52.41
C LYS G 416 69.50 55.37 53.65
N LEU G 417 69.77 56.69 53.71
CA LEU G 417 70.49 57.24 54.86
C LEU G 417 69.60 57.22 56.11
N LEU G 418 68.32 57.53 55.96
CA LEU G 418 67.41 57.46 57.10
C LEU G 418 67.22 56.02 57.57
N SER G 419 67.21 55.08 56.65
CA SER G 419 67.02 53.68 57.02
C SER G 419 68.28 53.09 57.66
N ASN G 420 69.46 53.55 57.25
CA ASN G 420 70.72 53.01 57.73
C ASN G 420 71.18 53.62 59.04
N ASN G 421 70.73 54.84 59.36
CA ASN G 421 71.19 55.53 60.56
C ASN G 421 70.21 55.47 61.72
N HIS G 422 68.92 55.30 61.45
CA HIS G 422 67.91 55.24 62.50
C HIS G 422 67.06 53.98 62.46
N GLY G 423 66.91 53.35 61.30
CA GLY G 423 66.13 52.13 61.18
C GLY G 423 64.74 52.30 60.62
N CYS G 424 64.48 53.35 59.86
CA CYS G 424 63.16 53.55 59.28
C CYS G 424 62.91 52.55 58.16
N LYS G 425 61.69 52.03 58.11
CA LYS G 425 61.30 51.04 57.11
C LYS G 425 60.58 51.74 55.97
N VAL G 426 61.17 51.68 54.77
CA VAL G 426 60.57 52.27 53.58
C VAL G 426 59.53 51.28 53.05
N VAL G 427 58.27 51.52 53.38
CA VAL G 427 57.18 50.64 52.99
C VAL G 427 56.66 51.07 51.62
N GLU G 428 56.58 50.11 50.70
CA GLU G 428 56.06 50.39 49.37
C GLU G 428 54.56 50.60 49.43
N ILE G 429 54.10 51.78 48.98
CA ILE G 429 52.68 52.11 49.01
C ILE G 429 52.21 52.42 47.59
N VAL G 430 50.95 52.83 47.47
CA VAL G 430 50.37 53.20 46.17
C VAL G 430 49.29 54.24 46.42
N VAL G 431 49.31 55.29 45.59
CA VAL G 431 48.33 56.38 45.71
C VAL G 431 47.42 56.34 44.48
N PRO G 432 46.21 55.80 44.60
CA PRO G 432 45.33 55.68 43.43
C PRO G 432 44.73 57.01 43.04
N GLU G 433 44.30 57.07 41.77
CA GLU G 433 43.53 58.20 41.23
C GLU G 433 44.30 59.52 41.39
N LEU G 434 45.55 59.53 40.92
CA LEU G 434 46.34 60.74 41.00
C LEU G 434 45.89 61.78 39.98
N GLU G 435 45.44 61.35 38.81
CA GLU G 435 44.92 62.30 37.82
C GLU G 435 43.65 62.97 38.31
N GLU G 436 42.81 62.24 39.07
CA GLU G 436 41.63 62.86 39.65
C GLU G 436 42.00 63.90 40.69
N MET G 437 43.09 63.66 41.43
CA MET G 437 43.54 64.64 42.42
C MET G 437 43.93 65.95 41.75
N ARG G 438 44.50 65.87 40.55
CA ARG G 438 44.79 67.08 39.79
C ARG G 438 43.52 67.85 39.48
N ALA G 439 42.53 67.17 38.90
CA ALA G 439 41.29 67.83 38.50
C ALA G 439 40.49 68.27 39.71
N ALA G 440 40.43 67.43 40.76
CA ALA G 440 39.64 67.78 41.93
C ALA G 440 40.24 68.95 42.70
N HIS G 441 41.57 69.08 42.69
CA HIS G 441 42.20 70.20 43.40
C HIS G 441 42.09 71.50 42.62
N VAL G 442 42.36 71.45 41.31
CA VAL G 442 42.47 72.67 40.52
C VAL G 442 41.14 73.43 40.49
N ILE G 443 40.03 72.73 40.69
CA ILE G 443 38.73 73.40 40.72
C ILE G 443 38.40 73.90 42.11
N SER G 444 38.81 73.17 43.16
CA SER G 444 38.53 73.60 44.53
C SER G 444 39.42 74.73 44.99
N ILE G 445 40.51 75.03 44.27
CA ILE G 445 41.36 76.17 44.62
C ILE G 445 40.96 77.43 43.85
N GLY G 446 40.52 77.27 42.61
CA GLY G 446 40.19 78.42 41.78
C GLY G 446 38.76 78.91 41.94
N SER G 447 37.85 78.00 42.30
CA SER G 447 36.44 78.40 42.44
C SER G 447 36.23 79.42 43.55
N PRO G 448 36.70 79.21 44.79
CA PRO G 448 36.48 80.24 45.81
C PRO G 448 37.24 81.53 45.55
N THR G 449 38.39 81.46 44.86
CA THR G 449 39.14 82.66 44.57
C THR G 449 38.44 83.50 43.51
N LEU G 450 37.94 82.87 42.45
CA LEU G 450 37.22 83.59 41.41
C LEU G 450 35.96 84.23 41.96
N SER G 451 35.29 83.55 42.91
CA SER G 451 34.09 84.10 43.50
C SER G 451 34.39 85.33 44.34
N SER G 452 35.46 85.28 45.14
CA SER G 452 35.81 86.41 45.99
C SER G 452 36.28 87.62 45.20
N LEU G 453 36.79 87.42 43.99
CA LEU G 453 37.26 88.51 43.15
C LEU G 453 36.27 88.92 42.07
N THR G 454 35.18 88.17 41.91
CA THR G 454 34.23 88.45 40.83
C THR G 454 33.58 89.83 40.95
N PRO G 455 33.08 90.27 42.12
CA PRO G 455 32.50 91.62 42.18
C PRO G 455 33.47 92.71 41.78
N TYR G 456 34.76 92.51 42.00
CA TYR G 456 35.77 93.49 41.58
C TYR G 456 36.04 93.38 40.09
N CYS G 457 36.11 92.16 39.55
CA CYS G 457 36.34 91.98 38.12
C CYS G 457 35.15 92.44 37.31
N GLU G 458 33.93 92.20 37.80
CA GLU G 458 32.74 92.72 37.14
C GLU G 458 32.68 94.25 37.19
N ALA G 459 33.34 94.87 38.16
CA ALA G 459 33.38 96.31 38.30
C ALA G 459 34.49 96.96 37.46
N GLY G 460 34.86 96.34 36.34
CA GLY G 460 35.85 96.90 35.45
C GLY G 460 37.30 96.70 35.84
N LYS G 461 37.57 96.21 37.05
CA LYS G 461 38.94 96.00 37.51
C LYS G 461 39.56 94.72 36.97
N ASN G 462 38.83 93.94 36.16
CA ASN G 462 39.40 92.73 35.59
C ASN G 462 40.53 93.03 34.62
N SER G 463 40.47 94.18 33.94
CA SER G 463 41.52 94.57 33.02
C SER G 463 42.82 94.91 33.74
N LYS G 464 42.75 95.28 35.01
CA LYS G 464 43.94 95.61 35.79
C LYS G 464 44.71 94.39 36.26
N LEU G 465 44.23 93.18 35.95
CA LEU G 465 44.92 91.96 36.33
C LEU G 465 45.94 91.57 35.26
N SER G 466 46.79 90.61 35.61
CA SER G 466 47.82 90.15 34.70
C SER G 466 47.25 89.12 33.73
N TYR G 467 48.08 88.75 32.75
CA TYR G 467 47.65 87.78 31.75
C TYR G 467 47.82 86.34 32.25
N ASP G 468 48.77 86.10 33.14
CA ASP G 468 48.91 84.79 33.77
C ASP G 468 47.69 84.45 34.61
N THR G 469 47.06 85.45 35.21
CA THR G 469 45.88 85.22 36.03
C THR G 469 44.62 85.11 35.20
N ARG G 470 44.46 86.00 34.21
CA ARG G 470 43.24 86.00 33.40
C ARG G 470 43.13 84.74 32.56
N THR G 471 44.25 84.12 32.20
CA THR G 471 44.18 82.82 31.53
C THR G 471 43.64 81.75 32.46
N SER G 472 44.05 81.79 33.74
CA SER G 472 43.49 80.87 34.72
C SER G 472 42.06 81.26 35.08
N PHE G 473 41.79 82.56 35.17
CA PHE G 473 40.45 83.01 35.53
C PHE G 473 39.43 82.66 34.44
N ALA G 474 39.83 82.80 33.17
CA ALA G 474 38.92 82.44 32.08
C ALA G 474 38.61 80.95 32.08
N ILE G 475 39.58 80.11 32.46
CA ILE G 475 39.33 78.67 32.56
C ILE G 475 38.48 78.38 33.79
N PHE G 476 38.70 79.12 34.88
CA PHE G 476 37.94 78.87 36.11
C PHE G 476 36.46 79.15 35.93
N ARG G 477 36.10 80.08 35.03
CA ARG G 477 34.70 80.38 34.79
C ARG G 477 33.98 79.25 34.08
N SER G 478 34.72 78.30 33.50
CA SER G 478 34.10 77.15 32.85
C SER G 478 33.69 76.06 33.83
N PHE G 479 34.19 76.10 35.07
CA PHE G 479 33.81 75.12 36.08
C PHE G 479 32.41 75.44 36.58
N SER G 480 31.48 74.52 36.39
CA SER G 480 30.10 74.71 36.79
C SER G 480 29.88 74.21 38.22
N ALA G 481 28.70 74.53 38.76
CA ALA G 481 28.36 74.07 40.11
C ALA G 481 28.25 72.56 40.18
N SER G 482 27.80 71.92 39.09
CA SER G 482 27.78 70.46 39.05
C SER G 482 29.17 69.88 38.99
N ASP G 483 30.14 70.64 38.45
CA ASP G 483 31.51 70.18 38.44
C ASP G 483 32.13 70.22 39.83
N TYR G 484 31.75 71.22 40.64
CA TYR G 484 32.30 71.34 41.98
C TYR G 484 31.78 70.24 42.90
N ILE G 485 30.47 69.96 42.84
CA ILE G 485 29.92 68.89 43.67
C ILE G 485 30.52 67.55 43.27
N ALA G 486 30.74 67.35 41.97
CA ALA G 486 31.37 66.11 41.52
C ALA G 486 32.82 66.02 41.97
N ALA G 487 33.49 67.17 42.10
CA ALA G 487 34.88 67.17 42.52
C ALA G 487 35.03 66.92 44.01
N GLN G 488 34.14 67.49 44.82
CA GLN G 488 34.20 67.25 46.26
C GLN G 488 33.95 65.79 46.60
N CYS G 489 33.16 65.09 45.79
CA CYS G 489 33.02 63.65 45.95
C CYS G 489 34.33 62.94 45.66
N LEU G 490 35.11 63.46 44.70
CA LEU G 490 36.43 62.90 44.45
C LEU G 490 37.39 63.20 45.60
N ARG G 491 37.15 64.29 46.34
CA ARG G 491 37.97 64.57 47.51
C ARG G 491 37.73 63.57 48.62
N ARG G 492 36.50 63.08 48.76
CA ARG G 492 36.22 62.05 49.75
C ARG G 492 36.90 60.73 49.38
N ARG G 493 36.99 60.43 48.08
CA ARG G 493 37.67 59.21 47.64
C ARG G 493 39.14 59.23 48.02
N LEU G 494 39.85 60.28 47.60
CA LEU G 494 41.27 60.39 47.90
C LEU G 494 41.52 60.52 49.40
N MET G 495 40.55 61.04 50.15
CA MET G 495 40.68 61.09 51.60
C MET G 495 40.67 59.68 52.19
N GLU G 496 39.81 58.80 51.67
CA GLU G 496 39.76 57.43 52.16
C GLU G 496 41.01 56.65 51.76
N TYR G 497 41.58 56.94 50.58
CA TYR G 497 42.83 56.29 50.19
C TYR G 497 43.96 56.67 51.13
N HIS G 498 44.18 57.97 51.33
CA HIS G 498 45.31 58.42 52.13
C HIS G 498 45.16 58.04 53.60
N LEU G 499 43.93 57.98 54.10
CA LEU G 499 43.73 57.53 55.48
C LEU G 499 43.97 56.04 55.61
N ASN G 500 43.80 55.28 54.54
CA ASN G 500 44.18 53.87 54.55
C ASN G 500 45.69 53.71 54.43
N ILE G 501 46.37 54.68 53.81
CA ILE G 501 47.83 54.62 53.72
C ILE G 501 48.46 54.92 55.08
N PHE G 502 47.87 55.84 55.83
CA PHE G 502 48.40 56.21 57.14
C PHE G 502 48.14 55.16 58.21
N LYS G 503 47.51 54.04 57.85
CA LYS G 503 47.43 52.90 58.76
C LYS G 503 48.63 51.97 58.62
N ASP G 504 49.21 51.90 57.42
CA ASP G 504 50.42 51.13 57.19
C ASP G 504 51.68 51.93 57.49
N VAL G 505 51.73 53.18 57.07
CA VAL G 505 52.90 54.03 57.24
C VAL G 505 52.52 55.23 58.09
N ASP G 506 53.54 55.99 58.50
CA ASP G 506 53.36 57.20 59.31
C ASP G 506 53.49 58.46 58.49
N VAL G 507 54.39 58.49 57.52
CA VAL G 507 54.57 59.65 56.63
C VAL G 507 54.75 59.13 55.21
N ILE G 508 54.44 60.00 54.25
CA ILE G 508 54.59 59.71 52.83
C ILE G 508 55.73 60.57 52.31
N VAL G 509 56.85 59.94 51.98
CA VAL G 509 58.05 60.65 51.53
C VAL G 509 58.05 60.68 50.00
N THR G 510 58.10 61.89 49.45
CA THR G 510 58.16 62.13 48.02
C THR G 510 59.03 63.35 47.77
N PRO G 511 59.69 63.43 46.61
CA PRO G 511 60.39 64.67 46.25
C PRO G 511 59.39 65.81 46.12
N THR G 512 59.80 66.99 46.58
CA THR G 512 58.89 68.14 46.61
C THR G 512 58.46 68.53 45.21
N THR G 513 59.42 68.75 44.32
CA THR G 513 59.13 69.12 42.94
C THR G 513 59.80 68.12 41.99
N GLY G 514 59.14 67.88 40.87
CA GLY G 514 59.66 66.98 39.85
C GLY G 514 60.77 67.56 38.99
N MET G 515 61.18 68.80 39.25
CA MET G 515 62.22 69.45 38.48
C MET G 515 62.98 70.41 39.39
N THR G 516 64.21 70.72 38.99
CA THR G 516 65.01 71.72 39.69
C THR G 516 64.51 73.11 39.31
N ALA G 517 65.23 74.15 39.74
CA ALA G 517 64.84 75.51 39.42
C ALA G 517 64.92 75.74 37.91
N PRO G 518 63.81 76.03 37.24
CA PRO G 518 63.84 76.21 35.79
C PRO G 518 64.24 77.61 35.38
N VAL G 519 64.95 77.69 34.25
CA VAL G 519 65.39 78.98 33.73
C VAL G 519 64.19 79.79 33.28
N ILE G 520 64.26 81.10 33.47
CA ILE G 520 63.17 82.01 33.10
C ILE G 520 63.23 82.30 31.61
N PRO G 521 62.17 82.01 30.86
CA PRO G 521 62.13 82.42 29.45
C PRO G 521 62.15 83.93 29.34
N PRO G 522 63.16 84.50 28.69
CA PRO G 522 63.25 85.97 28.62
C PRO G 522 62.06 86.62 27.94
N ASP G 523 61.44 85.92 26.98
CA ASP G 523 60.25 86.46 26.33
C ASP G 523 59.06 86.58 27.29
N ALA G 524 59.09 85.85 28.40
CA ALA G 524 57.99 85.89 29.37
C ALA G 524 58.05 87.07 30.32
N LEU G 525 59.19 87.77 30.39
CA LEU G 525 59.33 88.90 31.29
C LEU G 525 58.62 90.15 30.80
N LYS G 526 58.02 90.11 29.61
CA LYS G 526 57.31 91.28 29.09
C LYS G 526 55.89 91.36 29.63
N ASN G 527 55.18 90.22 29.66
CA ASN G 527 53.81 90.23 30.17
C ASN G 527 53.38 88.89 30.76
N GLY G 528 54.29 87.94 30.93
CA GLY G 528 53.99 86.67 31.58
C GLY G 528 54.06 85.51 30.61
N GLU G 529 53.92 84.31 31.17
CA GLU G 529 53.86 83.08 30.40
C GLU G 529 52.66 82.26 30.88
N THR G 530 52.27 81.30 30.04
CA THR G 530 51.16 80.40 30.36
C THR G 530 51.59 78.94 30.23
N ASN G 531 52.85 78.65 30.57
CA ASN G 531 53.40 77.31 30.49
C ASN G 531 52.72 76.43 31.54
N ILE G 532 51.76 75.61 31.09
CA ILE G 532 51.06 74.72 32.01
C ILE G 532 51.78 73.37 32.15
N GLN G 533 52.55 72.97 31.13
CA GLN G 533 53.41 71.80 31.28
C GLN G 533 54.40 71.99 32.43
N VAL G 534 54.74 73.23 32.75
CA VAL G 534 55.66 73.52 33.85
C VAL G 534 54.90 73.81 35.14
N THR G 535 53.89 74.69 35.09
CA THR G 535 53.18 75.05 36.31
C THR G 535 52.44 73.88 36.94
N THR G 536 52.19 72.82 36.17
CA THR G 536 51.57 71.61 36.72
C THR G 536 52.60 70.61 37.20
N ASP G 537 53.69 70.43 36.45
CA ASP G 537 54.73 69.49 36.83
C ASP G 537 55.30 69.81 38.21
N LEU G 538 55.26 71.09 38.60
CA LEU G 538 55.73 71.47 39.92
C LEU G 538 54.77 71.04 41.02
N MET G 539 53.47 70.98 40.72
CA MET G 539 52.45 70.62 41.69
C MET G 539 52.21 69.12 41.78
N ARG G 540 53.04 68.31 41.13
CA ARG G 540 52.76 66.88 41.02
C ARG G 540 52.76 66.19 42.38
N PHE G 541 53.50 66.72 43.35
CA PHE G 541 53.65 66.06 44.63
C PHE G 541 53.01 66.81 45.80
N VAL G 542 52.56 68.06 45.59
CA VAL G 542 52.10 68.88 46.70
C VAL G 542 50.57 68.99 46.78
N LEU G 543 49.85 68.47 45.78
CA LEU G 543 48.40 68.64 45.78
C LEU G 543 47.72 67.83 46.87
N ALA G 544 48.34 66.74 47.32
CA ALA G 544 47.71 65.87 48.31
C ALA G 544 47.52 66.60 49.63
N ALA G 545 48.52 67.36 50.08
CA ALA G 545 48.42 68.04 51.36
C ALA G 545 47.38 69.15 51.33
N ASN G 546 47.12 69.74 50.16
CA ASN G 546 46.15 70.82 50.06
C ASN G 546 44.72 70.27 50.00
N LEU G 547 44.48 69.36 49.06
CA LEU G 547 43.12 68.86 48.84
C LEU G 547 42.58 68.12 50.07
N LEU G 548 43.46 67.45 50.81
CA LEU G 548 43.05 66.67 51.98
C LEU G 548 43.43 67.32 53.29
N GLY G 549 44.10 68.47 53.27
CA GLY G 549 44.44 69.16 54.49
C GLY G 549 45.59 68.58 55.28
N PHE G 550 46.39 67.71 54.67
CA PHE G 550 47.49 67.08 55.39
C PHE G 550 48.63 68.06 55.62
N PRO G 551 49.43 67.85 56.66
CA PRO G 551 50.65 68.64 56.83
C PRO G 551 51.83 68.03 56.08
N ALA G 552 52.60 68.89 55.44
CA ALA G 552 53.80 68.47 54.70
C ALA G 552 54.91 69.49 54.95
N ILE G 553 56.12 69.12 54.58
CA ILE G 553 57.28 69.98 54.76
C ILE G 553 58.34 69.60 53.74
N SER G 554 58.95 70.62 53.13
CA SER G 554 60.00 70.45 52.13
C SER G 554 61.33 70.80 52.77
N VAL G 555 62.17 69.81 53.00
CA VAL G 555 63.48 69.99 53.61
C VAL G 555 64.54 69.78 52.52
N PRO G 556 65.52 70.68 52.41
CA PRO G 556 66.58 70.49 51.40
C PRO G 556 67.38 69.23 51.68
N VAL G 557 67.69 68.49 50.61
CA VAL G 557 68.36 67.20 50.74
C VAL G 557 69.57 67.11 49.82
N GLY G 558 70.04 68.25 49.33
CA GLY G 558 71.22 68.28 48.50
C GLY G 558 71.00 69.08 47.25
N TYR G 559 71.90 68.90 46.28
CA TYR G 559 71.90 69.66 45.05
C TYR G 559 72.03 68.72 43.86
N ASP G 560 71.62 69.22 42.70
CA ASP G 560 71.61 68.41 41.48
C ASP G 560 72.95 68.57 40.76
N LYS G 561 72.98 68.30 39.45
CA LYS G 561 74.22 68.41 38.69
C LYS G 561 74.67 69.87 38.57
N GLU G 562 73.75 70.76 38.22
CA GLU G 562 74.08 72.16 37.99
C GLU G 562 74.13 72.97 39.29
N GLY G 563 74.19 72.32 40.45
CA GLY G 563 74.29 73.06 41.70
C GLY G 563 73.01 73.73 42.14
N LEU G 564 71.86 73.24 41.70
CA LEU G 564 70.55 73.75 42.08
C LEU G 564 69.97 72.93 43.23
N PRO G 565 69.28 73.58 44.17
CA PRO G 565 68.79 72.85 45.35
C PRO G 565 67.78 71.79 45.00
N ILE G 566 67.65 70.81 45.90
CA ILE G 566 66.68 69.74 45.79
C ILE G 566 66.00 69.57 47.14
N GLY G 567 64.68 69.45 47.14
CA GLY G 567 63.93 69.29 48.37
C GLY G 567 63.18 67.97 48.40
N LEU G 568 62.92 67.50 49.62
CA LEU G 568 62.12 66.30 49.85
C LEU G 568 60.92 66.67 50.70
N GLN G 569 59.74 66.19 50.31
CA GLN G 569 58.50 66.47 51.02
C GLN G 569 58.17 65.33 51.96
N ILE G 570 57.81 65.68 53.20
CA ILE G 570 57.42 64.71 54.21
C ILE G 570 56.00 65.07 54.64
N MET G 571 55.03 64.30 54.17
CA MET G 571 53.62 64.53 54.49
C MET G 571 53.16 63.50 55.52
N GLY G 572 52.60 63.99 56.62
CA GLY G 572 52.20 63.12 57.70
C GLY G 572 50.71 63.11 57.99
N ARG G 573 50.33 62.46 59.08
CA ARG G 573 48.93 62.37 59.47
C ARG G 573 48.40 63.73 59.87
N PRO G 574 47.06 63.89 59.91
CA PRO G 574 46.50 65.17 60.37
C PRO G 574 46.97 65.52 61.77
N TRP G 575 47.24 66.81 61.97
CA TRP G 575 47.69 67.37 63.25
C TRP G 575 49.03 66.77 63.71
N ALA G 576 49.78 66.16 62.81
CA ALA G 576 51.08 65.58 63.14
C ALA G 576 52.21 66.51 62.73
N GLU G 577 52.13 67.78 63.14
CA GLU G 577 53.20 68.72 62.84
C GLU G 577 54.51 68.30 63.50
N ALA G 578 54.44 67.79 64.72
CA ALA G 578 55.65 67.35 65.42
C ALA G 578 56.30 66.17 64.73
N THR G 579 55.51 65.30 64.11
CA THR G 579 56.06 64.12 63.46
C THR G 579 56.89 64.50 62.24
N VAL G 580 56.35 65.37 61.38
CA VAL G 580 57.07 65.76 60.18
C VAL G 580 58.23 66.68 60.50
N LEU G 581 58.11 67.51 61.54
CA LEU G 581 59.21 68.38 61.93
C LEU G 581 60.37 67.58 62.49
N GLY G 582 60.08 66.54 63.29
CA GLY G 582 61.14 65.73 63.85
C GLY G 582 61.86 64.90 62.80
N LEU G 583 61.11 64.32 61.86
CA LEU G 583 61.74 63.55 60.79
C LEU G 583 62.55 64.45 59.87
N ALA G 584 62.00 65.62 59.51
CA ALA G 584 62.75 66.57 58.70
C ALA G 584 63.99 67.07 59.45
N ALA G 585 63.95 67.07 60.78
CA ALA G 585 65.14 67.42 61.55
C ALA G 585 66.23 66.37 61.38
N ALA G 586 65.85 65.09 61.34
CA ALA G 586 66.83 64.04 61.09
C ALA G 586 67.33 64.10 59.64
N VAL G 587 66.49 64.54 58.72
CA VAL G 587 66.92 64.69 57.33
C VAL G 587 67.92 65.84 57.21
N GLU G 588 67.63 66.96 57.86
CA GLU G 588 68.54 68.11 57.80
C GLU G 588 69.87 67.76 58.46
N GLU G 589 69.85 66.97 59.54
CA GLU G 589 71.09 66.55 60.17
C GLU G 589 71.88 65.61 59.27
N LEU G 590 71.21 64.86 58.40
CA LEU G 590 71.87 63.93 57.50
C LEU G 590 72.29 64.58 56.18
N ALA G 591 71.81 65.78 55.89
CA ALA G 591 72.17 66.46 54.64
C ALA G 591 72.00 67.96 54.84
N PRO G 592 72.97 68.60 55.49
CA PRO G 592 72.85 70.04 55.78
C PRO G 592 73.07 70.90 54.56
N VAL G 593 72.61 72.15 54.65
CA VAL G 593 72.84 73.13 53.61
C VAL G 593 74.32 73.53 53.65
N THR G 594 75.03 73.26 52.56
CA THR G 594 76.47 73.46 52.51
C THR G 594 76.95 74.37 51.40
N LYS G 595 76.12 74.68 50.40
CA LYS G 595 76.51 75.52 49.29
C LYS G 595 75.92 76.92 49.48
N LYS G 596 76.79 77.93 49.48
CA LYS G 596 76.32 79.30 49.59
C LYS G 596 75.70 79.75 48.26
N PRO G 597 74.51 80.34 48.26
CA PRO G 597 73.90 80.79 47.02
C PRO G 597 74.69 81.92 46.38
N ALA G 598 74.41 82.15 45.10
CA ALA G 598 75.08 83.23 44.37
C ALA G 598 74.79 84.58 45.00
N ILE G 599 73.50 84.96 45.05
CA ILE G 599 73.08 86.19 45.70
C ILE G 599 72.83 85.85 47.17
N PHE G 600 73.77 86.23 48.03
CA PHE G 600 73.65 85.99 49.46
C PHE G 600 74.27 87.15 50.20
N TYR G 601 73.70 87.47 51.36
CA TYR G 601 74.17 88.60 52.18
C TYR G 601 74.38 88.12 53.60
N ASP G 602 75.63 88.19 54.07
CA ASP G 602 75.99 87.78 55.41
C ASP G 602 75.91 88.98 56.33
N ILE G 603 74.97 88.95 57.28
CA ILE G 603 74.81 90.03 58.24
C ILE G 603 75.64 89.69 59.47
N LEU G 604 75.78 90.65 60.39
CA LEU G 604 76.50 90.46 61.65
C LEU G 604 77.97 90.13 61.41
N ASN G 605 78.55 90.77 60.39
CA ASN G 605 79.95 90.49 60.04
C ASN G 605 80.54 91.62 59.21
N MET H 1 26.09 100.89 49.59
CA MET H 1 27.22 100.53 48.76
C MET H 1 26.75 100.11 47.37
N GLY H 2 25.47 100.38 47.08
CA GLY H 2 24.86 99.90 45.85
C GLY H 2 25.10 100.74 44.63
N LYS H 3 26.36 100.93 44.24
CA LYS H 3 26.67 101.74 43.08
C LYS H 3 27.61 101.02 42.12
N TYR H 4 28.83 100.72 42.56
CA TYR H 4 29.81 100.05 41.71
C TYR H 4 29.91 98.56 42.01
N GLN H 5 29.99 98.20 43.29
CA GLN H 5 29.94 96.81 43.71
C GLN H 5 29.25 96.76 45.07
N VAL H 6 28.19 95.97 45.16
CA VAL H 6 27.46 95.85 46.43
C VAL H 6 28.25 94.98 47.39
N MET H 7 28.07 95.23 48.69
CA MET H 7 28.73 94.44 49.72
C MET H 7 27.94 94.57 51.01
N LYS H 8 28.15 93.61 51.91
CA LYS H 8 27.35 93.50 53.12
C LYS H 8 28.20 92.87 54.21
N ARG H 9 27.59 92.67 55.38
CA ARG H 9 28.22 92.00 56.51
C ARG H 9 27.12 91.59 57.48
N ALA H 10 27.04 90.30 57.81
CA ALA H 10 25.87 89.76 58.51
C ALA H 10 25.96 89.97 60.02
N SER H 11 27.10 89.61 60.63
CA SER H 11 27.20 89.61 62.08
C SER H 11 27.06 91.01 62.71
N GLU H 12 26.84 92.07 61.92
CA GLU H 12 26.74 93.43 62.44
C GLU H 12 25.54 94.17 61.87
N VAL H 13 24.53 93.44 61.36
CA VAL H 13 23.36 94.08 60.77
C VAL H 13 22.50 94.67 61.86
N ASP H 14 22.11 95.94 61.69
CA ASP H 14 21.10 96.56 62.54
C ASP H 14 19.75 95.95 62.19
N LEU H 15 19.25 95.07 63.06
CA LEU H 15 18.02 94.35 62.77
C LEU H 15 16.81 95.29 62.71
N SER H 16 16.92 96.51 63.24
CA SER H 16 15.81 97.44 63.16
C SER H 16 15.65 98.01 61.76
N THR H 17 16.75 98.18 61.03
CA THR H 17 16.73 98.78 59.70
C THR H 17 16.57 97.74 58.59
N VAL H 18 16.10 96.54 58.91
CA VAL H 18 15.90 95.49 57.92
C VAL H 18 14.51 95.64 57.33
N LYS H 19 14.43 95.68 56.01
CA LYS H 19 13.17 95.83 55.28
C LYS H 19 12.82 94.52 54.59
N TYR H 20 11.61 94.48 54.04
CA TYR H 20 11.04 93.27 53.46
C TYR H 20 11.21 93.26 51.95
N LYS H 21 11.82 92.19 51.44
CA LYS H 21 11.92 91.97 50.00
C LYS H 21 10.76 91.11 49.52
N ALA H 22 10.01 91.62 48.54
CA ALA H 22 8.98 90.82 47.90
C ALA H 22 9.64 89.88 46.88
N GLU H 23 8.81 89.02 46.28
CA GLU H 23 9.30 88.04 45.31
C GLU H 23 9.29 88.68 43.92
N THR H 24 10.47 89.12 43.48
CA THR H 24 10.65 89.66 42.14
C THR H 24 10.75 88.53 41.12
N MET H 25 10.25 87.34 41.49
CA MET H 25 10.33 86.17 40.63
C MET H 25 9.42 86.36 39.42
N LYS H 26 9.96 87.03 38.41
CA LYS H 26 9.27 87.21 37.13
C LYS H 26 9.85 86.25 36.11
N ALA H 27 9.02 85.32 35.63
CA ALA H 27 9.44 84.36 34.63
C ALA H 27 8.21 83.93 33.83
N PRO H 28 8.28 83.92 32.51
CA PRO H 28 7.11 83.58 31.70
C PRO H 28 6.63 82.16 31.98
N HIS H 29 5.32 81.96 31.83
CA HIS H 29 4.66 80.68 32.06
C HIS H 29 4.15 80.15 30.72
N LEU H 30 4.62 78.97 30.33
CA LEU H 30 4.33 78.40 29.02
C LEU H 30 3.74 77.01 29.18
N THR H 31 2.77 76.69 28.32
CA THR H 31 2.10 75.41 28.35
C THR H 31 1.95 74.88 26.93
N GLY H 32 1.89 73.55 26.81
CA GLY H 32 1.61 72.94 25.52
C GLY H 32 2.79 73.04 24.57
N LEU H 33 2.47 73.34 23.30
CA LEU H 33 3.50 73.40 22.27
C LEU H 33 4.47 74.56 22.48
N SER H 34 3.98 75.67 23.03
CA SER H 34 4.86 76.79 23.32
C SER H 34 5.92 76.41 24.34
N PHE H 35 5.58 75.53 25.28
CA PHE H 35 6.57 75.03 26.22
C PHE H 35 7.59 74.13 25.54
N LYS H 36 7.14 73.36 24.54
CA LYS H 36 8.04 72.41 23.87
C LYS H 36 9.16 73.14 23.13
N LEU H 37 8.79 74.10 22.27
CA LEU H 37 9.81 74.83 21.53
C LEU H 37 10.70 75.65 22.44
N PHE H 38 10.19 76.08 23.59
CA PHE H 38 10.99 76.86 24.53
C PHE H 38 12.12 76.03 25.11
N VAL H 39 11.85 74.75 25.42
CA VAL H 39 12.89 73.89 25.95
C VAL H 39 13.96 73.63 24.89
N ASN H 40 13.54 73.44 23.64
CA ASN H 40 14.51 73.32 22.56
C ASN H 40 15.31 74.59 22.37
N LEU H 41 14.72 75.74 22.70
CA LEU H 41 15.47 76.99 22.64
C LEU H 41 16.53 77.05 23.73
N LEU H 42 16.23 76.49 24.91
CA LEU H 42 17.22 76.46 25.98
C LEU H 42 18.31 75.44 25.72
N GLU H 43 17.99 74.34 25.04
CA GLU H 43 18.98 73.33 24.69
C GLU H 43 19.73 73.67 23.41
N ALA H 44 19.52 74.86 22.85
CA ALA H 44 20.26 75.26 21.67
C ALA H 44 21.71 75.57 22.03
N PRO H 45 22.66 75.22 21.16
CA PRO H 45 24.07 75.45 21.51
C PRO H 45 24.46 76.91 21.67
N LEU H 46 23.69 77.83 21.08
CA LEU H 46 24.03 79.24 21.11
C LEU H 46 23.01 80.05 21.91
N ILE H 47 21.78 80.15 21.41
CA ILE H 47 20.78 80.98 22.09
C ILE H 47 20.26 80.37 23.37
N GLY H 48 20.66 79.14 23.70
CA GLY H 48 20.21 78.52 24.93
C GLY H 48 20.76 79.23 26.16
N SER H 49 22.07 79.41 26.23
CA SER H 49 22.68 80.09 27.36
C SER H 49 22.32 81.57 27.41
N LEU H 50 21.91 82.16 26.29
CA LEU H 50 21.53 83.57 26.28
C LEU H 50 20.20 83.79 26.99
N ILE H 51 19.24 82.88 26.78
CA ILE H 51 17.93 83.01 27.43
C ILE H 51 18.05 82.77 28.93
N VAL H 52 18.90 81.82 29.32
CA VAL H 52 19.05 81.50 30.74
C VAL H 52 19.72 82.65 31.48
N ASP H 53 20.75 83.26 30.87
CA ASP H 53 21.46 84.35 31.53
C ASP H 53 20.58 85.58 31.67
N TYR H 54 19.61 85.77 30.77
CA TYR H 54 18.65 86.87 30.94
C TYR H 54 17.73 86.62 32.12
N LEU H 55 17.33 85.36 32.33
CA LEU H 55 16.47 85.05 33.48
C LEU H 55 17.21 85.25 34.79
N LYS H 56 18.50 84.89 34.84
CA LYS H 56 19.27 85.10 36.05
C LYS H 56 19.44 86.58 36.35
N LYS H 57 19.71 87.38 35.32
CA LYS H 57 19.90 88.82 35.52
C LYS H 57 18.60 89.52 35.86
N ASP H 58 17.46 88.99 35.38
CA ASP H 58 16.18 89.64 35.63
C ASP H 58 15.77 89.55 37.10
N ASN H 59 15.91 88.37 37.69
CA ASN H 59 15.51 88.13 39.06
C ASN H 59 16.57 88.54 40.08
N GLY H 60 17.60 89.27 39.66
CA GLY H 60 18.64 89.71 40.55
C GLY H 60 19.65 88.65 40.94
N MET H 61 19.51 87.42 40.43
CA MET H 61 20.44 86.35 40.79
C MET H 61 21.85 86.61 40.25
N THR H 62 21.99 87.48 39.26
CA THR H 62 23.32 87.85 38.78
C THR H 62 23.97 88.87 39.70
N LYS H 63 23.20 89.86 40.15
CA LYS H 63 23.73 90.85 41.08
C LYS H 63 24.18 90.20 42.39
N ILE H 64 23.45 89.19 42.86
CA ILE H 64 23.77 88.56 44.13
C ILE H 64 25.05 87.74 44.01
N PHE H 65 25.19 86.98 42.92
CA PHE H 65 26.31 86.05 42.80
C PHE H 65 27.55 86.66 42.15
N ARG H 66 27.38 87.69 41.31
CA ARG H 66 28.49 88.21 40.54
C ARG H 66 28.92 89.62 40.94
N ASN H 67 28.08 90.37 41.64
CA ASN H 67 28.40 91.76 41.95
C ASN H 67 28.46 92.05 43.45
N THR H 68 28.28 91.04 44.30
CA THR H 68 28.18 91.24 45.74
C THR H 68 29.39 90.66 46.45
N VAL H 69 30.04 91.49 47.27
CA VAL H 69 31.13 91.03 48.12
C VAL H 69 30.53 90.53 49.44
N ILE H 70 30.84 89.29 49.80
CA ILE H 70 30.31 88.65 50.98
C ILE H 70 31.47 88.32 51.91
N PRO H 71 31.43 88.74 53.17
CA PRO H 71 32.58 88.52 54.07
C PRO H 71 32.53 87.18 54.80
N GLU H 72 31.35 86.60 54.90
CA GLU H 72 31.20 85.35 55.65
C GLU H 72 31.90 84.20 54.93
N GLU H 73 32.52 83.33 55.71
CA GLU H 73 33.16 82.15 55.14
C GLU H 73 32.10 81.18 54.64
N PRO H 74 32.43 80.36 53.63
CA PRO H 74 31.41 79.46 53.07
C PRO H 74 30.99 78.39 54.07
N MET H 75 29.68 78.16 54.13
CA MET H 75 29.10 77.09 54.93
C MET H 75 28.44 76.11 53.97
N PHE H 76 29.04 74.93 53.83
CA PHE H 76 28.59 73.97 52.83
C PHE H 76 27.48 73.07 53.35
N ARG H 77 27.52 72.71 54.62
CA ARG H 77 26.49 71.90 55.25
C ARG H 77 26.02 72.60 56.53
N PRO H 78 24.77 72.37 56.93
CA PRO H 78 24.26 73.00 58.17
C PRO H 78 25.08 72.58 59.37
N GLU H 79 25.77 73.55 59.98
CA GLU H 79 26.58 73.32 61.17
C GLU H 79 25.79 73.79 62.39
N PHE H 80 25.45 72.85 63.27
CA PHE H 80 24.63 73.24 64.40
C PHE H 80 25.47 73.30 65.68
N PRO H 81 25.30 74.35 66.48
CA PRO H 81 26.01 74.43 67.76
C PRO H 81 25.32 73.55 68.80
N SER H 82 25.93 73.47 69.98
CA SER H 82 25.35 72.71 71.08
C SER H 82 24.03 73.35 71.52
N GLN H 83 22.96 72.57 71.43
CA GLN H 83 21.63 73.08 71.73
C GLN H 83 21.24 72.79 73.18
N GLU H 84 20.44 73.68 73.75
CA GLU H 84 19.92 73.47 75.08
C GLU H 84 19.01 72.24 75.09
N PRO H 85 19.06 71.42 76.14
CA PRO H 85 18.17 70.24 76.18
C PRO H 85 16.71 70.67 76.26
N GLU H 86 15.87 69.94 75.53
CA GLU H 86 14.46 70.27 75.48
C GLU H 86 13.80 70.05 76.84
N HIS H 87 12.69 70.75 77.07
CA HIS H 87 11.98 70.72 78.34
C HIS H 87 10.84 69.72 78.28
N ASP H 88 10.80 68.82 79.26
CA ASP H 88 9.71 67.87 79.46
C ASP H 88 9.54 66.97 78.23
N VAL H 89 10.57 66.15 78.01
CA VAL H 89 10.59 65.19 76.91
C VAL H 89 10.99 63.82 77.47
N VAL H 90 11.06 62.84 76.58
CA VAL H 90 11.45 61.48 76.92
C VAL H 90 12.63 61.11 76.01
N ILE H 91 13.82 61.02 76.60
CA ILE H 91 15.02 60.71 75.82
C ILE H 91 14.93 59.28 75.30
N VAL H 92 15.17 59.12 73.99
CA VAL H 92 15.09 57.83 73.33
C VAL H 92 16.46 57.49 72.75
N GLY H 93 16.83 56.21 72.81
CA GLY H 93 18.10 55.78 72.26
C GLY H 93 18.09 55.85 70.74
N GLU H 94 19.20 56.35 70.18
CA GLU H 94 19.30 56.47 68.73
C GLU H 94 19.52 55.12 68.07
N ASP H 95 20.11 54.16 68.78
CA ASP H 95 20.35 52.83 68.26
C ASP H 95 19.32 51.82 68.71
N GLU H 96 18.27 52.25 69.41
CA GLU H 96 17.18 51.36 69.76
C GLU H 96 16.46 50.91 68.50
N SER H 97 16.00 49.66 68.51
CA SER H 97 15.24 49.14 67.38
C SER H 97 13.93 49.93 67.25
N PRO H 98 13.46 50.17 66.02
CA PRO H 98 12.20 50.90 65.86
C PRO H 98 11.02 50.23 66.56
N ILE H 99 11.09 48.93 66.80
CA ILE H 99 10.06 48.26 67.59
C ILE H 99 10.09 48.76 69.03
N ASP H 100 11.29 48.91 69.59
CA ASP H 100 11.41 49.41 70.96
C ASP H 100 11.05 50.89 71.05
N ARG H 101 11.39 51.67 70.01
CA ARG H 101 11.05 53.09 70.02
C ARG H 101 9.54 53.30 70.00
N LEU H 102 8.81 52.44 69.28
CA LEU H 102 7.36 52.58 69.22
C LEU H 102 6.73 52.31 70.58
N GLU H 103 7.24 51.31 71.32
CA GLU H 103 6.72 51.02 72.65
C GLU H 103 6.92 52.21 73.58
N THR H 104 8.03 52.93 73.43
CA THR H 104 8.24 54.15 74.21
C THR H 104 7.34 55.26 73.72
N ALA H 105 7.18 55.40 72.41
CA ALA H 105 6.33 56.46 71.86
C ALA H 105 4.87 56.23 72.23
N LEU H 106 4.44 54.98 72.35
CA LEU H 106 3.07 54.70 72.77
C LEU H 106 2.80 55.22 74.17
N LYS H 107 3.81 55.22 75.04
CA LYS H 107 3.65 55.73 76.39
C LYS H 107 3.49 57.25 76.42
N CYS H 108 3.95 57.95 75.38
CA CYS H 108 3.81 59.40 75.33
C CYS H 108 2.42 59.83 74.89
N LEU H 109 1.67 58.96 74.22
CA LEU H 109 0.37 59.31 73.70
C LEU H 109 -0.69 59.25 74.79
N PRO H 110 -1.74 60.07 74.70
CA PRO H 110 -2.86 59.94 75.62
C PRO H 110 -3.56 58.61 75.42
N GLN H 111 -4.18 58.11 76.49
CA GLN H 111 -4.84 56.81 76.44
C GLN H 111 -6.03 56.87 75.50
N TYR H 112 -5.88 56.26 74.33
CA TYR H 112 -6.93 56.31 73.32
C TYR H 112 -8.16 55.52 73.78
N ASP H 113 -9.32 56.17 73.75
CA ASP H 113 -10.55 55.54 74.21
C ASP H 113 -11.15 54.68 73.08
N PRO H 114 -11.75 53.55 73.41
CA PRO H 114 -12.42 52.70 72.41
C PRO H 114 -13.80 53.22 71.99
N SER H 115 -13.86 54.49 71.61
CA SER H 115 -15.09 55.11 71.13
C SER H 115 -14.87 55.83 69.80
N ARG H 116 -13.79 55.50 69.10
CA ARG H 116 -13.45 56.15 67.83
C ARG H 116 -13.90 55.30 66.63
N SER H 117 -13.42 54.07 66.55
CA SER H 117 -13.81 53.18 65.46
C SER H 117 -15.14 52.50 65.74
N LEU H 118 -15.22 51.80 66.87
CA LEU H 118 -16.44 51.14 67.30
C LEU H 118 -17.18 52.00 68.32
N HIS H 119 -18.47 51.71 68.48
CA HIS H 119 -19.34 52.44 69.40
C HIS H 119 -19.35 53.94 69.07
N ALA H 120 -19.64 54.26 67.83
CA ALA H 120 -19.69 55.63 67.37
C ALA H 120 -21.12 56.17 67.44
N ASP H 121 -21.25 57.48 67.26
CA ASP H 121 -22.53 58.16 67.30
C ASP H 121 -22.83 58.77 65.93
N PRO H 122 -24.07 58.65 65.44
CA PRO H 122 -24.42 59.28 64.16
C PRO H 122 -24.09 60.76 64.09
N VAL H 123 -24.33 61.51 65.17
CA VAL H 123 -24.01 62.94 65.20
C VAL H 123 -22.55 63.13 65.57
N SER H 124 -21.65 62.87 64.60
CA SER H 124 -20.22 63.02 64.80
C SER H 124 -19.60 63.68 63.59
N SER H 125 -18.62 64.54 63.84
CA SER H 125 -17.92 65.22 62.75
C SER H 125 -16.97 64.26 62.06
N PHE H 126 -16.49 64.68 60.88
CA PHE H 126 -15.57 63.85 60.11
C PHE H 126 -14.23 63.71 60.83
N ARG H 127 -13.65 62.52 60.73
CA ARG H 127 -12.37 62.24 61.36
C ARG H 127 -11.61 61.24 60.52
N TYR H 128 -10.29 61.34 60.56
CA TYR H 128 -9.44 60.36 59.88
C TYR H 128 -9.22 59.14 60.76
N TRP H 129 -8.78 58.06 60.14
CA TRP H 129 -8.41 56.85 60.87
C TRP H 129 -6.97 56.95 61.32
N LYS H 130 -6.73 56.72 62.60
CA LYS H 130 -5.39 56.79 63.17
C LYS H 130 -4.72 55.42 63.16
N ILE H 131 -3.41 55.41 63.39
CA ILE H 131 -2.66 54.16 63.45
C ILE H 131 -3.14 53.31 64.61
N ARG H 132 -3.49 53.95 65.73
CA ARG H 132 -4.01 53.21 66.87
C ARG H 132 -5.41 52.66 66.61
N ASP H 133 -6.16 53.28 65.69
CA ASP H 133 -7.46 52.73 65.30
C ASP H 133 -7.30 51.38 64.63
N TYR H 134 -6.34 51.26 63.70
CA TYR H 134 -6.10 49.99 63.04
C TYR H 134 -5.50 48.97 63.99
N ALA H 135 -4.51 49.37 64.79
CA ALA H 135 -3.88 48.45 65.72
C ALA H 135 -4.86 47.92 66.74
N TYR H 136 -5.90 48.68 67.06
CA TYR H 136 -6.92 48.20 67.98
C TYR H 136 -7.86 47.22 67.30
N ALA H 137 -8.32 47.56 66.09
CA ALA H 137 -9.23 46.67 65.37
C ALA H 137 -8.55 45.35 65.00
N TYR H 138 -7.25 45.38 64.76
CA TYR H 138 -6.53 44.14 64.48
C TYR H 138 -6.48 43.25 65.71
N ARG H 139 -6.16 43.82 66.86
CA ARG H 139 -6.08 43.05 68.10
C ARG H 139 -7.45 42.72 68.68
N SER H 140 -8.48 43.48 68.31
CA SER H 140 -9.85 43.17 68.71
C SER H 140 -10.49 42.11 67.82
N LYS H 141 -9.77 41.61 66.82
CA LYS H 141 -10.26 40.64 65.85
C LYS H 141 -11.50 41.13 65.12
N LEU H 142 -11.69 42.45 65.04
CA LEU H 142 -12.77 43.00 64.23
C LEU H 142 -12.47 42.88 62.75
N THR H 143 -11.24 43.20 62.36
CA THR H 143 -10.78 43.08 60.98
C THR H 143 -9.39 42.46 60.99
N THR H 144 -8.72 42.51 59.85
CA THR H 144 -7.38 41.95 59.70
C THR H 144 -6.68 42.69 58.57
N PRO H 145 -5.35 42.85 58.64
CA PRO H 145 -4.65 43.53 57.55
C PRO H 145 -4.87 42.91 56.18
N LEU H 146 -5.22 41.63 56.12
CA LEU H 146 -5.55 41.01 54.84
C LEU H 146 -6.90 41.53 54.33
N GLN H 147 -7.85 41.75 55.24
CA GLN H 147 -9.13 42.34 54.85
C GLN H 147 -8.94 43.79 54.41
N VAL H 148 -8.03 44.52 55.06
CA VAL H 148 -7.78 45.90 54.67
C VAL H 148 -7.07 45.95 53.32
N ALA H 149 -6.16 45.01 53.07
CA ALA H 149 -5.42 45.01 51.82
C ALA H 149 -6.35 44.76 50.64
N LYS H 150 -7.25 43.78 50.76
CA LYS H 150 -8.23 43.53 49.71
C LYS H 150 -9.16 44.72 49.50
N ARG H 151 -9.34 45.57 50.51
CA ARG H 151 -10.13 46.78 50.36
C ARG H 151 -9.35 47.85 49.58
N ILE H 152 -8.07 48.03 49.91
CA ILE H 152 -7.28 49.04 49.22
C ILE H 152 -6.99 48.63 47.79
N ILE H 153 -6.65 47.35 47.58
CA ILE H 153 -6.35 46.86 46.23
C ILE H 153 -7.58 47.00 45.34
N SER H 154 -8.77 46.77 45.90
CA SER H 154 -9.99 46.89 45.11
C SER H 154 -10.22 48.32 44.65
N ILE H 155 -9.98 49.29 45.54
CA ILE H 155 -10.23 50.69 45.20
C ILE H 155 -9.25 51.17 44.12
N ILE H 156 -7.98 50.80 44.27
CA ILE H 156 -6.96 51.25 43.30
C ILE H 156 -7.27 50.72 41.91
N GLU H 157 -7.62 49.43 41.82
CA GLU H 157 -7.89 48.83 40.52
C GLU H 157 -9.21 49.31 39.93
N GLU H 158 -10.19 49.62 40.78
CA GLU H 158 -11.49 50.08 40.28
C GLU H 158 -11.40 51.50 39.75
N PHE H 159 -10.80 52.40 40.53
CA PHE H 159 -10.69 53.80 40.14
C PHE H 159 -9.44 54.09 39.31
N GLY H 160 -8.65 53.08 38.98
CA GLY H 160 -7.46 53.28 38.18
C GLY H 160 -6.46 54.22 38.83
N TYR H 161 -6.01 53.88 40.04
CA TYR H 161 -5.07 54.72 40.77
C TYR H 161 -3.62 54.28 40.60
N ASP H 162 -3.37 53.16 39.92
CA ASP H 162 -2.03 52.77 39.53
C ASP H 162 -1.77 53.00 38.05
N LYS H 163 -2.76 53.47 37.31
CA LYS H 163 -2.67 53.75 35.90
C LYS H 163 -2.83 55.25 35.64
N PRO H 164 -2.34 55.75 34.50
CA PRO H 164 -2.64 57.13 34.11
C PRO H 164 -4.14 57.32 33.90
N PRO H 165 -4.62 58.57 33.84
CA PRO H 165 -3.89 59.84 33.90
C PRO H 165 -3.87 60.49 35.28
N THR H 166 -4.50 59.86 36.28
CA THR H 166 -4.56 60.39 37.64
C THR H 166 -4.22 59.30 38.64
N PRO H 167 -2.96 58.88 38.69
CA PRO H 167 -2.58 57.80 39.60
C PRO H 167 -2.11 58.29 40.97
N PHE H 168 -2.37 57.48 41.98
CA PHE H 168 -1.79 57.69 43.30
C PHE H 168 -0.41 57.06 43.41
N LEU H 169 -0.22 55.92 42.76
CA LEU H 169 1.05 55.20 42.76
C LEU H 169 1.53 55.01 41.33
N ILE H 170 2.85 54.91 41.17
CA ILE H 170 3.46 54.63 39.88
C ILE H 170 4.16 53.27 39.88
N ARG H 171 4.01 52.50 40.96
CA ARG H 171 4.54 51.14 41.02
C ARG H 171 3.74 50.42 42.09
N PHE H 172 2.88 49.48 41.68
CA PHE H 172 1.96 48.82 42.60
C PHE H 172 1.92 47.33 42.26
N ASP H 173 2.42 46.50 43.17
CA ASP H 173 2.38 45.05 43.04
C ASP H 173 1.35 44.53 44.03
N ALA H 174 0.14 44.27 43.53
CA ALA H 174 -0.94 43.83 44.42
C ALA H 174 -0.63 42.48 45.04
N ASN H 175 0.05 41.59 44.30
CA ASN H 175 0.43 40.30 44.85
C ASN H 175 1.43 40.43 45.98
N GLU H 176 2.27 41.46 45.95
CA GLU H 176 3.22 41.68 47.04
C GLU H 176 2.53 42.22 48.28
N VAL H 177 1.54 43.10 48.10
CA VAL H 177 0.83 43.67 49.24
C VAL H 177 0.05 42.59 49.98
N ILE H 178 -0.48 41.60 49.26
CA ILE H 178 -1.17 40.49 49.90
C ILE H 178 -0.18 39.62 50.68
N LYS H 179 0.98 39.35 50.08
CA LYS H 179 1.98 38.52 50.75
C LYS H 179 2.43 39.15 52.07
N GLN H 180 2.46 40.48 52.14
CA GLN H 180 2.77 41.14 53.41
C GLN H 180 1.59 41.08 54.36
N ALA H 181 0.37 41.21 53.84
CA ALA H 181 -0.81 41.23 54.70
C ALA H 181 -1.08 39.86 55.29
N GLU H 182 -0.84 38.79 54.52
CA GLU H 182 -1.06 37.44 55.03
C GLU H 182 -0.08 37.08 56.13
N ALA H 183 1.17 37.56 56.02
CA ALA H 183 2.14 37.30 57.08
C ALA H 183 1.80 38.09 58.34
N SER H 184 1.32 39.32 58.20
CA SER H 184 0.92 40.10 59.35
C SER H 184 -0.34 39.53 60.00
N THR H 185 -1.28 39.07 59.17
CA THR H 185 -2.49 38.43 59.71
C THR H 185 -2.14 37.18 60.50
N ARG H 186 -1.22 36.36 59.97
CA ARG H 186 -0.78 35.17 60.70
C ARG H 186 -0.19 35.54 62.05
N ARG H 187 0.59 36.63 62.11
CA ARG H 187 1.15 37.07 63.38
C ARG H 187 0.07 37.56 64.32
N PHE H 188 -1.02 38.13 63.80
CA PHE H 188 -2.14 38.53 64.64
C PHE H 188 -2.97 37.33 65.09
N GLU H 189 -3.00 36.26 64.28
CA GLU H 189 -3.70 35.05 64.68
C GLU H 189 -2.92 34.30 65.75
N GLN H 190 -1.61 34.19 65.59
CA GLN H 190 -0.77 33.53 66.59
C GLN H 190 -0.77 34.27 67.92
N GLY H 191 -1.10 35.56 67.91
CA GLY H 191 -1.15 36.35 69.12
C GLY H 191 0.10 37.15 69.44
N ASN H 192 0.99 37.33 68.47
CA ASN H 192 2.24 38.06 68.67
C ASN H 192 2.41 39.09 67.56
N PRO H 193 1.78 40.25 67.67
CA PRO H 193 2.07 41.34 66.74
C PRO H 193 3.42 41.97 67.04
N ILE H 194 4.08 42.43 66.00
CA ILE H 194 5.43 42.97 66.15
C ILE H 194 5.41 44.26 66.99
N SER H 195 4.60 45.22 66.58
CA SER H 195 4.49 46.49 67.30
C SER H 195 3.16 47.14 66.91
N VAL H 196 3.03 48.43 67.21
CA VAL H 196 1.82 49.16 66.84
C VAL H 196 1.74 49.33 65.33
N LEU H 197 2.88 49.42 64.65
CA LEU H 197 2.90 49.55 63.20
C LEU H 197 2.73 48.22 62.47
N ASP H 198 2.53 47.13 63.20
CA ASP H 198 2.32 45.83 62.56
C ASP H 198 0.95 45.80 61.92
N GLY H 199 0.91 45.70 60.59
CA GLY H 199 -0.33 45.74 59.85
C GLY H 199 -0.75 47.10 59.36
N ILE H 200 0.10 48.12 59.51
CA ILE H 200 -0.21 49.47 59.08
C ILE H 200 0.31 49.67 57.66
N PHE H 201 -0.51 50.28 56.81
CA PHE H 201 -0.15 50.50 55.42
C PHE H 201 0.58 51.84 55.28
N VAL H 202 1.74 51.80 54.60
CA VAL H 202 2.56 52.97 54.39
C VAL H 202 2.97 53.02 52.93
N THR H 203 2.87 54.21 52.33
CA THR H 203 3.24 54.43 50.94
C THR H 203 4.60 55.11 50.89
N ILE H 204 5.45 54.66 49.96
CA ILE H 204 6.81 55.17 49.82
C ILE H 204 6.91 56.02 48.56
N LYS H 205 7.57 57.16 48.67
CA LYS H 205 7.81 58.02 47.52
C LYS H 205 8.78 57.34 46.56
N ASP H 206 8.68 57.69 45.28
CA ASP H 206 9.44 56.99 44.25
C ASP H 206 10.92 57.35 44.25
N ASP H 207 11.35 58.34 45.04
CA ASP H 207 12.77 58.63 45.16
C ASP H 207 13.43 57.92 46.34
N ILE H 208 12.73 56.97 46.95
CA ILE H 208 13.26 56.17 48.05
C ILE H 208 13.22 54.71 47.64
N ASP H 209 14.30 53.98 47.93
CA ASP H 209 14.36 52.57 47.56
C ASP H 209 13.41 51.75 48.44
N CYS H 210 12.59 50.93 47.79
CA CYS H 210 11.67 50.05 48.51
C CYS H 210 11.52 48.76 47.71
N LEU H 211 11.96 47.64 48.29
CA LEU H 211 11.87 46.37 47.59
C LEU H 211 10.42 45.93 47.47
N PRO H 212 10.06 45.25 46.36
CA PRO H 212 10.95 44.93 45.24
C PRO H 212 10.83 45.94 44.10
N HIS H 213 10.12 47.04 44.35
CA HIS H 213 9.87 48.01 43.30
C HIS H 213 11.15 48.76 42.94
N PRO H 214 11.40 49.02 41.66
CA PRO H 214 12.55 49.85 41.29
C PRO H 214 12.32 51.30 41.66
N THR H 215 13.43 52.05 41.68
CA THR H 215 13.41 53.47 42.06
C THR H 215 13.64 54.29 40.79
N ASN H 216 12.56 54.85 40.26
CA ASN H 216 12.63 55.69 39.07
C ASN H 216 12.55 57.19 39.39
N GLY H 217 12.05 57.56 40.56
CA GLY H 217 11.99 58.95 40.95
C GLY H 217 11.09 59.80 40.08
N GLY H 218 10.06 59.20 39.48
CA GLY H 218 9.18 59.91 38.57
C GLY H 218 9.58 59.86 37.12
N THR H 219 10.80 59.40 36.81
CA THR H 219 11.26 59.27 35.43
C THR H 219 10.81 57.92 34.87
N THR H 220 11.14 57.68 33.60
CA THR H 220 10.78 56.45 32.91
C THR H 220 11.99 55.59 32.57
N TRP H 221 13.18 55.98 33.03
CA TRP H 221 14.40 55.30 32.63
C TRP H 221 15.41 55.15 33.75
N LEU H 222 15.16 55.68 34.94
CA LEU H 222 16.16 55.64 36.00
C LEU H 222 16.49 54.22 36.42
N HIS H 223 15.52 53.30 36.32
CA HIS H 223 15.80 51.91 36.64
C HIS H 223 16.79 51.29 35.65
N GLU H 224 16.87 51.82 34.44
CA GLU H 224 17.81 51.31 33.45
C GLU H 224 19.26 51.57 33.83
N ASP H 225 19.51 52.58 34.66
CA ASP H 225 20.86 52.89 35.10
C ASP H 225 21.06 52.80 36.62
N ARG H 226 20.00 52.59 37.39
CA ARG H 226 20.08 52.50 38.84
C ARG H 226 19.32 51.25 39.30
N SER H 227 20.06 50.20 39.63
CA SER H 227 19.46 48.99 40.15
C SER H 227 19.19 49.13 41.65
N VAL H 228 18.08 48.54 42.09
CA VAL H 228 17.67 48.58 43.49
C VAL H 228 17.77 47.15 44.01
N GLU H 229 18.87 46.86 44.71
CA GLU H 229 19.13 45.50 45.18
C GLU H 229 18.73 45.26 46.63
N LYS H 230 18.52 46.32 47.41
CA LYS H 230 18.12 46.15 48.80
C LYS H 230 17.31 47.36 49.24
N ASP H 231 16.69 47.24 50.41
CA ASP H 231 15.82 48.28 50.94
C ASP H 231 16.63 49.51 51.34
N SER H 232 15.91 50.58 51.65
CA SER H 232 16.52 51.80 52.14
C SER H 232 16.52 51.80 53.67
N ALA H 233 17.02 52.90 54.25
CA ALA H 233 17.09 52.98 55.70
C ALA H 233 15.70 53.12 56.31
N VAL H 234 14.87 54.01 55.76
CA VAL H 234 13.56 54.26 56.34
C VAL H 234 12.62 53.08 56.09
N VAL H 235 12.75 52.43 54.94
CA VAL H 235 11.86 51.32 54.62
C VAL H 235 12.19 50.11 55.50
N SER H 236 13.48 49.81 55.66
CA SER H 236 13.88 48.70 56.51
C SER H 236 13.45 48.91 57.95
N LYS H 237 13.43 50.17 58.41
CA LYS H 237 12.98 50.45 59.77
C LYS H 237 11.49 50.21 59.92
N LEU H 238 10.70 50.61 58.92
CA LEU H 238 9.26 50.38 58.97
C LEU H 238 8.94 48.89 58.85
N ARG H 239 9.65 48.18 57.96
CA ARG H 239 9.35 46.76 57.76
C ARG H 239 9.67 45.94 59.00
N SER H 240 10.64 46.37 59.80
CA SER H 240 10.97 45.65 61.03
C SER H 240 9.83 45.75 62.05
N CYS H 241 8.98 46.76 61.94
CA CYS H 241 7.84 46.93 62.84
C CYS H 241 6.60 46.19 62.36
N GLY H 242 6.66 45.55 61.20
CA GLY H 242 5.49 44.89 60.64
C GLY H 242 4.64 45.76 59.74
N ALA H 243 5.16 46.88 59.27
CA ALA H 243 4.41 47.76 58.39
C ALA H 243 4.26 47.13 57.01
N ILE H 244 3.15 47.45 56.35
CA ILE H 244 2.84 46.93 55.02
C ILE H 244 3.16 48.03 54.02
N LEU H 245 4.23 47.86 53.25
CA LEU H 245 4.63 48.84 52.26
C LEU H 245 3.72 48.72 51.04
N LEU H 246 2.97 49.78 50.75
CA LEU H 246 1.97 49.74 49.68
C LEU H 246 2.63 49.78 48.31
N GLY H 247 3.25 50.90 47.96
CA GLY H 247 3.89 51.02 46.67
C GLY H 247 4.55 52.36 46.52
N LYS H 248 5.16 52.56 45.35
CA LYS H 248 5.85 53.80 45.04
C LYS H 248 4.85 54.87 44.61
N ALA H 249 4.78 55.96 45.35
CA ALA H 249 3.83 57.01 45.07
C ALA H 249 4.30 57.88 43.90
N ASN H 250 3.34 58.59 43.30
CA ASN H 250 3.66 59.57 42.28
C ASN H 250 4.45 60.73 42.87
N MET H 251 5.16 61.44 42.00
CA MET H 251 5.96 62.57 42.44
C MET H 251 6.34 63.41 41.24
N HIS H 252 6.62 64.68 41.49
CA HIS H 252 7.25 65.52 40.48
C HIS H 252 8.62 64.95 40.14
N GLU H 253 8.99 65.01 38.86
CA GLU H 253 10.19 64.33 38.39
C GLU H 253 11.44 64.79 39.11
N LEU H 254 12.05 63.89 39.88
CA LEU H 254 13.31 64.14 40.59
C LEU H 254 13.20 65.33 41.54
N GLY H 255 12.00 65.59 42.04
CA GLY H 255 11.81 66.69 42.96
C GLY H 255 12.12 68.05 42.39
N MET H 256 11.78 68.27 41.12
CA MET H 256 12.03 69.55 40.49
C MET H 256 10.72 70.28 40.20
N GLY H 257 9.91 70.46 41.24
CA GLY H 257 8.64 71.13 41.12
C GLY H 257 7.85 71.08 42.41
N THR H 258 7.02 72.10 42.65
CA THR H 258 6.21 72.16 43.86
C THR H 258 4.71 72.08 43.56
N THR H 259 4.33 71.72 42.34
CA THR H 259 2.94 71.53 41.97
C THR H 259 2.55 70.06 41.89
N GLY H 260 3.43 69.21 41.39
CA GLY H 260 3.12 67.82 41.17
C GLY H 260 2.83 67.43 39.73
N ASN H 261 3.00 68.36 38.79
CA ASN H 261 2.75 68.06 37.39
C ASN H 261 3.77 67.04 36.89
N ASN H 262 3.28 65.87 36.49
CA ASN H 262 4.12 64.79 35.98
C ASN H 262 3.54 64.34 34.64
N SER H 263 4.05 64.91 33.55
CA SER H 263 3.67 64.51 32.20
C SER H 263 4.36 63.21 31.77
N ASN H 264 4.47 62.26 32.69
CA ASN H 264 5.13 60.98 32.42
C ASN H 264 4.20 59.84 32.82
N TYR H 265 3.63 59.94 34.03
CA TYR H 265 2.67 58.97 34.53
C TYR H 265 1.29 59.54 34.77
N GLY H 266 1.13 60.84 34.68
CA GLY H 266 -0.15 61.49 34.97
C GLY H 266 -0.03 62.31 36.24
N THR H 267 -0.65 63.49 36.24
CA THR H 267 -0.59 64.40 37.37
C THR H 267 -1.62 63.97 38.41
N THR H 268 -1.16 63.72 39.64
CA THR H 268 -2.05 63.35 40.72
C THR H 268 -2.94 64.52 41.11
N ARG H 269 -4.23 64.25 41.31
CA ARG H 269 -5.20 65.28 41.62
C ARG H 269 -5.43 65.39 43.12
N ASN H 270 -5.84 66.57 43.55
CA ASN H 270 -6.06 66.83 44.96
C ASN H 270 -7.34 66.15 45.42
N PRO H 271 -7.32 65.41 46.53
CA PRO H 271 -8.56 64.78 47.02
C PRO H 271 -9.65 65.78 47.36
N HIS H 272 -9.28 66.99 47.80
CA HIS H 272 -10.29 68.00 48.10
C HIS H 272 -10.90 68.63 46.86
N ASP H 273 -10.23 68.51 45.71
CA ASP H 273 -10.73 69.02 44.45
C ASP H 273 -9.92 68.42 43.30
N PRO H 274 -10.49 67.51 42.52
CA PRO H 274 -9.71 66.84 41.47
C PRO H 274 -9.19 67.77 40.39
N LYS H 275 -9.74 68.97 40.25
CA LYS H 275 -9.28 69.92 39.25
C LYS H 275 -8.16 70.83 39.76
N ARG H 276 -7.61 70.53 40.94
CA ARG H 276 -6.55 71.34 41.53
C ARG H 276 -5.32 70.48 41.79
N TYR H 277 -4.17 71.15 41.89
CA TYR H 277 -2.91 70.45 42.13
C TYR H 277 -2.86 69.88 43.54
N THR H 278 -1.94 68.93 43.72
CA THR H 278 -1.69 68.33 45.02
C THR H 278 -0.57 69.03 45.79
N GLY H 279 0.36 69.67 45.09
CA GLY H 279 1.55 70.22 45.70
C GLY H 279 2.70 69.25 45.54
N GLY H 280 3.91 69.76 45.36
CA GLY H 280 5.06 68.93 45.11
C GLY H 280 6.09 69.01 46.24
N SER H 281 7.10 68.16 46.12
CA SER H 281 7.20 67.21 45.01
C SER H 281 6.69 65.84 45.40
N SER H 282 6.28 65.68 46.66
CA SER H 282 5.70 64.43 47.14
C SER H 282 4.20 64.39 46.89
N SER H 283 3.80 64.61 45.64
CA SER H 283 2.39 64.75 45.30
C SER H 283 1.62 63.47 45.57
N GLY H 284 2.14 62.33 45.08
CA GLY H 284 1.44 61.07 45.28
C GLY H 284 1.43 60.63 46.73
N SER H 285 2.51 60.91 47.46
CA SER H 285 2.58 60.48 48.86
C SER H 285 1.51 61.17 49.70
N ALA H 286 1.28 62.46 49.46
CA ALA H 286 0.33 63.21 50.26
C ALA H 286 -1.11 62.94 49.85
N ALA H 287 -1.36 62.79 48.55
CA ALA H 287 -2.73 62.64 48.07
C ALA H 287 -3.32 61.30 48.52
N ILE H 288 -2.51 60.24 48.54
CA ILE H 288 -3.02 58.94 48.96
C ILE H 288 -3.32 58.93 50.44
N VAL H 289 -2.66 59.78 51.23
CA VAL H 289 -2.93 59.86 52.65
C VAL H 289 -4.19 60.68 52.92
N ALA H 290 -4.34 61.81 52.22
CA ALA H 290 -5.52 62.65 52.41
C ALA H 290 -6.78 61.94 51.96
N ALA H 291 -6.67 61.03 50.99
CA ALA H 291 -7.83 60.28 50.50
C ALA H 291 -8.22 59.13 51.42
N GLY H 292 -7.47 58.90 52.51
CA GLY H 292 -7.80 57.84 53.44
C GLY H 292 -7.45 56.45 52.98
N LEU H 293 -6.66 56.31 51.91
CA LEU H 293 -6.33 54.99 51.40
C LEU H 293 -5.32 54.28 52.30
N CYS H 294 -4.39 55.02 52.89
CA CYS H 294 -3.39 54.44 53.78
C CYS H 294 -3.18 55.37 54.98
N SER H 295 -2.50 54.84 55.99
CA SER H 295 -2.34 55.58 57.25
C SER H 295 -1.33 56.72 57.10
N ALA H 296 -0.15 56.43 56.53
CA ALA H 296 0.89 57.44 56.41
C ALA H 296 1.69 57.17 55.15
N ALA H 297 2.64 58.06 54.87
CA ALA H 297 3.49 57.92 53.70
C ALA H 297 4.79 58.67 53.94
N LEU H 298 5.87 58.15 53.36
CA LEU H 298 7.18 58.78 53.44
C LEU H 298 7.48 59.54 52.15
N GLY H 299 8.36 60.52 52.28
CA GLY H 299 8.75 61.33 51.14
C GLY H 299 9.90 62.27 51.47
N THR H 300 10.69 62.61 50.46
CA THR H 300 11.79 63.53 50.67
C THR H 300 11.27 64.96 50.77
N ASP H 301 12.18 65.88 51.15
CA ASP H 301 11.83 67.29 51.25
C ASP H 301 13.12 68.09 51.07
N GLY H 302 13.35 68.56 49.84
CA GLY H 302 14.52 69.36 49.54
C GLY H 302 14.19 70.83 49.42
N GLY H 303 12.93 71.13 49.09
CA GLY H 303 12.47 72.49 49.00
C GLY H 303 11.01 72.62 49.41
N GLY H 304 10.61 71.83 50.40
CA GLY H 304 9.25 71.80 50.84
C GLY H 304 8.41 70.68 50.27
N ALA H 305 9.02 69.57 49.87
CA ALA H 305 8.27 68.50 49.21
C ALA H 305 7.33 67.78 50.17
N VAL H 306 7.58 67.84 51.47
CA VAL H 306 6.71 67.20 52.44
C VAL H 306 5.66 68.17 52.97
N ARG H 307 6.05 69.42 53.19
CA ARG H 307 5.16 70.39 53.83
C ARG H 307 4.18 71.02 52.85
N ILE H 308 4.62 71.31 51.62
CA ILE H 308 3.75 72.01 50.67
C ILE H 308 2.52 71.19 50.31
N PRO H 309 2.62 69.93 49.89
CA PRO H 309 1.39 69.19 49.60
C PRO H 309 0.58 68.87 50.84
N SER H 310 1.22 68.73 52.00
CA SER H 310 0.48 68.48 53.23
C SER H 310 -0.39 69.67 53.61
N ALA H 311 0.01 70.88 53.21
CA ALA H 311 -0.83 72.05 53.47
C ALA H 311 -1.95 72.16 52.44
N LEU H 312 -1.66 71.86 51.18
CA LEU H 312 -2.67 71.97 50.13
C LEU H 312 -3.70 70.86 50.20
N CYS H 313 -3.37 69.71 50.79
CA CYS H 313 -4.28 68.58 50.89
C CYS H 313 -4.90 68.41 52.27
N GLY H 314 -4.40 69.12 53.28
CA GLY H 314 -4.99 69.05 54.60
C GLY H 314 -4.55 67.86 55.43
N ILE H 315 -3.26 67.55 55.43
CA ILE H 315 -2.70 66.49 56.26
C ILE H 315 -1.45 67.03 56.96
N THR H 316 -0.93 66.22 57.88
CA THR H 316 0.24 66.60 58.65
C THR H 316 1.50 66.05 57.99
N GLY H 317 2.48 66.92 57.79
CA GLY H 317 3.74 66.52 57.20
C GLY H 317 4.93 67.03 57.98
N LEU H 318 5.75 66.12 58.50
CA LEU H 318 6.88 66.46 59.35
C LEU H 318 8.16 66.51 58.54
N LYS H 319 8.80 67.67 58.52
CA LYS H 319 10.13 67.85 57.92
C LYS H 319 11.15 67.78 59.05
N THR H 320 11.93 66.70 59.06
CA THR H 320 12.86 66.47 60.16
C THR H 320 14.14 67.29 59.97
N THR H 321 14.95 67.32 61.03
CA THR H 321 16.22 68.04 61.01
C THR H 321 17.19 67.36 60.04
N TYR H 322 18.08 68.16 59.45
CA TYR H 322 19.08 67.63 58.54
C TYR H 322 19.94 66.59 59.24
N GLY H 323 19.95 65.38 58.69
CA GLY H 323 20.72 64.30 59.26
C GLY H 323 20.01 63.52 60.37
N ARG H 324 18.80 63.92 60.75
CA ARG H 324 18.09 63.21 61.82
C ARG H 324 17.62 61.84 61.33
N THR H 325 16.86 61.80 60.24
CA THR H 325 16.37 60.57 59.66
C THR H 325 17.31 60.11 58.56
N ASP H 326 17.78 58.87 58.66
CA ASP H 326 18.75 58.36 57.71
C ASP H 326 18.17 58.32 56.30
N MET H 327 18.94 58.82 55.33
CA MET H 327 18.53 58.89 53.94
C MET H 327 19.17 57.82 53.09
N THR H 328 19.91 56.89 53.68
CA THR H 328 20.64 55.88 52.92
C THR H 328 19.69 55.07 52.05
N GLY H 329 19.96 55.05 50.75
CA GLY H 329 19.14 54.32 49.81
C GLY H 329 18.06 55.16 49.17
N SER H 330 18.38 56.41 48.84
CA SER H 330 17.45 57.32 48.18
C SER H 330 18.17 58.00 47.02
N LEU H 331 17.46 58.92 46.36
CA LEU H 331 18.01 59.65 45.23
C LEU H 331 18.74 60.93 45.65
N CYS H 332 18.66 61.32 46.92
CA CYS H 332 19.26 62.55 47.39
C CYS H 332 20.20 62.29 48.56
N GLU H 333 21.02 61.24 48.45
CA GLU H 333 22.05 61.00 49.45
C GLU H 333 23.18 62.01 49.27
N GLY H 334 23.74 62.46 50.39
CA GLY H 334 24.79 63.45 50.36
C GLY H 334 24.33 64.88 50.10
N GLY H 335 23.07 65.08 49.71
CA GLY H 335 22.56 66.42 49.56
C GLY H 335 22.58 67.20 50.86
N THR H 336 22.52 68.52 50.73
CA THR H 336 22.68 69.42 51.87
C THR H 336 21.39 70.15 52.23
N VAL H 337 20.26 69.80 51.61
CA VAL H 337 19.01 70.50 51.86
C VAL H 337 17.84 69.54 51.88
N GLU H 338 18.11 68.24 51.95
CA GLU H 338 17.08 67.22 51.85
C GLU H 338 17.09 66.31 53.06
N ILE H 339 15.91 65.84 53.44
CA ILE H 339 15.70 64.80 54.43
C ILE H 339 14.54 63.93 54.00
N ILE H 340 14.16 62.97 54.85
CA ILE H 340 13.03 62.11 54.62
C ILE H 340 12.10 62.22 55.83
N GLY H 341 10.86 62.64 55.58
CA GLY H 341 9.91 62.82 56.64
C GLY H 341 8.59 62.11 56.37
N PRO H 342 7.83 61.85 57.43
CA PRO H 342 6.54 61.17 57.27
C PRO H 342 5.39 62.13 57.03
N LEU H 343 4.47 61.71 56.17
CA LEU H 343 3.23 62.45 55.91
C LEU H 343 2.07 61.55 56.35
N ALA H 344 1.24 62.07 57.27
CA ALA H 344 0.16 61.29 57.83
C ALA H 344 -1.07 62.17 58.01
N SER H 345 -2.19 61.52 58.31
CA SER H 345 -3.46 62.23 58.41
C SER H 345 -3.56 63.03 59.70
N SER H 346 -3.04 62.49 60.80
CA SER H 346 -3.11 63.14 62.10
C SER H 346 -1.70 63.30 62.67
N LEU H 347 -1.60 64.12 63.71
CA LEU H 347 -0.33 64.32 64.38
C LEU H 347 0.13 63.04 65.07
N GLU H 348 -0.81 62.31 65.68
CA GLU H 348 -0.47 61.06 66.35
C GLU H 348 0.11 60.04 65.38
N ASP H 349 -0.42 60.00 64.15
CA ASP H 349 0.08 59.06 63.16
C ASP H 349 1.48 59.46 62.68
N ALA H 350 1.67 60.75 62.37
CA ALA H 350 2.98 61.21 61.91
C ALA H 350 4.04 61.06 63.00
N PHE H 351 3.64 61.21 64.26
CA PHE H 351 4.59 61.05 65.36
C PHE H 351 5.02 59.60 65.52
N LEU H 352 4.13 58.65 65.23
CA LEU H 352 4.49 57.24 65.36
C LEU H 352 5.39 56.79 64.22
N VAL H 353 5.16 57.29 63.00
CA VAL H 353 6.00 56.92 61.87
C VAL H 353 7.39 57.53 62.00
N TYR H 354 7.46 58.75 62.55
CA TYR H 354 8.76 59.37 62.82
C TYR H 354 9.56 58.52 63.80
N ALA H 355 8.89 57.95 64.81
CA ALA H 355 9.58 57.13 65.79
C ALA H 355 10.23 55.91 65.15
N ALA H 356 9.58 55.33 64.15
CA ALA H 356 10.11 54.13 63.52
C ALA H 356 11.26 54.45 62.56
N ILE H 357 11.15 55.53 61.80
CA ILE H 357 12.11 55.81 60.73
C ILE H 357 13.31 56.62 61.19
N LEU H 358 13.27 57.22 62.38
CA LEU H 358 14.36 58.08 62.80
C LEU H 358 15.63 57.27 63.03
N GLY H 359 16.74 57.99 63.18
CA GLY H 359 18.04 57.37 63.35
C GLY H 359 19.05 57.92 62.37
N SER H 360 20.00 58.71 62.87
CA SER H 360 21.00 59.32 62.00
C SER H 360 21.92 58.26 61.42
N SER H 361 22.39 58.50 60.19
CA SER H 361 23.31 57.58 59.54
C SER H 361 24.65 57.59 60.26
N SER H 362 25.47 56.58 59.95
CA SER H 362 26.79 56.48 60.54
C SER H 362 27.66 57.67 60.16
N ALA H 363 27.61 58.07 58.89
CA ALA H 363 28.44 59.19 58.43
C ALA H 363 27.95 60.50 59.01
N ASP H 364 26.63 60.70 59.06
CA ASP H 364 26.09 61.93 59.63
C ASP H 364 26.24 61.99 61.14
N ARG H 365 26.45 60.84 61.80
CA ARG H 365 26.57 60.83 63.25
C ARG H 365 27.82 61.56 63.72
N TYR H 366 28.94 61.35 63.03
CA TYR H 366 30.19 62.01 63.42
C TYR H 366 30.35 63.39 62.81
N ASN H 367 29.72 63.65 61.67
CA ASN H 367 29.85 64.95 61.03
C ASN H 367 28.90 65.98 61.62
N LEU H 368 27.73 65.56 62.10
CA LEU H 368 26.74 66.48 62.64
C LEU H 368 26.58 66.39 64.15
N LYS H 369 26.91 65.25 64.76
CA LYS H 369 26.79 65.02 66.20
C LYS H 369 25.41 65.44 66.72
N PRO H 370 24.34 64.76 66.31
CA PRO H 370 23.01 65.15 66.77
C PRO H 370 22.76 64.73 68.20
N SER H 371 22.02 65.56 68.93
CA SER H 371 21.57 65.19 70.26
C SER H 371 20.66 63.97 70.17
N PRO H 372 20.61 63.15 71.21
CA PRO H 372 19.78 61.94 71.16
C PRO H 372 18.33 62.27 70.88
N PRO H 373 17.64 61.45 70.08
CA PRO H 373 16.24 61.73 69.77
C PRO H 373 15.36 61.61 71.01
N CYS H 374 14.28 62.39 71.02
CA CYS H 374 13.37 62.39 72.15
C CYS H 374 11.96 62.69 71.66
N PHE H 375 10.97 62.09 72.33
CA PHE H 375 9.56 62.22 72.02
C PHE H 375 8.88 63.15 73.03
N PRO H 376 7.88 63.92 72.60
CA PRO H 376 7.17 64.80 73.54
C PRO H 376 6.13 64.04 74.35
N LYS H 377 6.00 64.44 75.62
CA LYS H 377 4.99 63.87 76.51
C LYS H 377 3.64 64.46 76.12
N LEU H 378 2.98 63.81 75.16
CA LEU H 378 1.74 64.33 74.59
C LEU H 378 0.53 64.14 75.49
N LEU H 379 0.66 63.37 76.56
CA LEU H 379 -0.46 63.16 77.47
C LEU H 379 -0.79 64.47 78.19
N SER H 380 -2.10 64.73 78.34
CA SER H 380 -2.58 65.96 78.95
C SER H 380 -2.80 65.83 80.45
N HIS H 381 -2.04 64.97 81.12
CA HIS H 381 -2.12 64.80 82.56
C HIS H 381 -0.91 65.43 83.23
N ASN H 382 -1.05 65.73 84.53
CA ASN H 382 -0.02 66.36 85.34
C ASN H 382 0.44 67.68 84.71
N GLY H 383 -0.45 68.68 84.83
CA GLY H 383 -0.18 69.98 84.27
C GLY H 383 -0.17 70.00 82.76
N SER H 384 0.94 69.57 82.17
CA SER H 384 1.13 69.52 80.72
C SER H 384 0.90 70.90 80.10
N ASN H 385 1.72 71.85 80.54
CA ASN H 385 1.64 73.22 80.04
C ASN H 385 3.01 73.73 79.57
N ALA H 386 3.83 72.82 79.01
CA ALA H 386 5.11 73.24 78.44
C ALA H 386 4.93 74.08 77.19
N ILE H 387 3.77 73.98 76.52
CA ILE H 387 3.52 74.79 75.33
C ILE H 387 3.28 76.24 75.72
N GLY H 388 2.71 76.50 76.90
CA GLY H 388 2.40 77.85 77.29
C GLY H 388 3.61 78.73 77.46
N SER H 389 4.72 78.16 77.93
CA SER H 389 5.95 78.92 78.10
C SER H 389 6.69 79.16 76.80
N LEU H 390 6.21 78.63 75.68
CA LEU H 390 6.90 78.80 74.41
C LEU H 390 6.73 80.23 73.89
N ARG H 391 7.72 80.66 73.11
CA ARG H 391 7.69 81.97 72.45
C ARG H 391 7.61 81.76 70.95
N LEU H 392 6.61 82.36 70.32
CA LEU H 392 6.33 82.16 68.91
C LEU H 392 6.89 83.33 68.10
N GLY H 393 7.85 83.03 67.22
CA GLY H 393 8.45 84.05 66.38
C GLY H 393 7.65 84.30 65.11
N LYS H 394 7.25 85.56 64.90
CA LYS H 394 6.37 85.92 63.79
C LYS H 394 6.91 87.15 63.09
N TYR H 395 7.27 86.99 61.81
CA TYR H 395 7.65 88.12 60.95
C TYR H 395 6.37 88.59 60.28
N THR H 396 5.76 89.66 60.83
CA THR H 396 4.43 90.07 60.42
C THR H 396 4.35 90.36 58.92
N LYS H 397 5.34 91.08 58.40
CA LYS H 397 5.37 91.36 56.95
C LYS H 397 5.47 90.06 56.15
N TRP H 398 6.41 89.20 56.53
CA TRP H 398 6.53 87.89 55.88
C TRP H 398 5.29 87.05 56.12
N PHE H 399 4.70 87.16 57.32
CA PHE H 399 3.54 86.35 57.67
C PHE H 399 2.35 86.64 56.76
N ASN H 400 2.20 87.89 56.33
CA ASN H 400 1.02 88.33 55.60
C ASN H 400 1.24 88.41 54.10
N ASP H 401 2.42 88.04 53.60
CA ASP H 401 2.68 88.06 52.16
C ASP H 401 2.12 86.78 51.55
N VAL H 402 0.80 86.75 51.39
CA VAL H 402 0.09 85.62 50.81
C VAL H 402 -0.85 86.13 49.74
N SER H 403 -1.21 85.25 48.82
CA SER H 403 -2.13 85.59 47.73
C SER H 403 -3.59 85.38 48.12
N SER H 404 -3.86 84.86 49.31
CA SER H 404 -5.21 84.65 49.80
C SER H 404 -5.30 85.18 51.22
N SER H 405 -6.14 86.19 51.43
CA SER H 405 -6.28 86.79 52.76
C SER H 405 -6.77 85.80 53.80
N ASP H 406 -7.47 84.74 53.37
CA ASP H 406 -7.98 83.76 54.32
C ASP H 406 -6.85 82.98 54.99
N ILE H 407 -5.77 82.71 54.27
CA ILE H 407 -4.66 81.96 54.84
C ILE H 407 -4.00 82.75 55.96
N SER H 408 -3.75 84.04 55.73
CA SER H 408 -3.17 84.87 56.78
C SER H 408 -4.13 85.07 57.95
N ASP H 409 -5.43 85.09 57.67
CA ASP H 409 -6.41 85.26 58.74
C ASP H 409 -6.53 84.02 59.60
N LYS H 410 -6.69 82.85 58.97
CA LYS H 410 -6.87 81.62 59.73
C LYS H 410 -5.62 81.27 60.52
N CYS H 411 -4.43 81.55 59.96
CA CYS H 411 -3.19 81.28 60.69
C CYS H 411 -3.05 82.21 61.88
N GLU H 412 -3.41 83.48 61.72
CA GLU H 412 -3.39 84.41 62.84
C GLU H 412 -4.43 84.03 63.90
N ASP H 413 -5.50 83.35 63.50
CA ASP H 413 -6.49 82.89 64.47
C ASP H 413 -5.90 81.82 65.38
N ILE H 414 -5.13 80.89 64.81
CA ILE H 414 -4.50 79.85 65.62
C ILE H 414 -3.47 80.47 66.57
N LEU H 415 -2.76 81.50 66.11
CA LEU H 415 -1.81 82.18 66.98
C LEU H 415 -2.51 82.83 68.16
N LYS H 416 -3.61 83.55 67.90
CA LYS H 416 -4.38 84.14 68.98
C LYS H 416 -5.00 83.06 69.86
N LEU H 417 -5.40 81.94 69.26
CA LEU H 417 -5.96 80.84 70.04
C LEU H 417 -4.89 80.18 70.90
N LEU H 418 -3.68 80.00 70.35
CA LEU H 418 -2.59 79.45 71.14
C LEU H 418 -2.24 80.35 72.30
N SER H 419 -2.31 81.67 72.10
CA SER H 419 -2.00 82.61 73.16
C SER H 419 -3.10 82.66 74.22
N ASN H 420 -4.35 82.38 73.83
CA ASN H 420 -5.46 82.42 74.77
C ASN H 420 -5.62 81.11 75.52
N ASN H 421 -5.51 79.98 74.84
CA ASN H 421 -5.72 78.68 75.46
C ASN H 421 -4.46 78.10 76.09
N HIS H 422 -3.31 78.75 75.92
CA HIS H 422 -2.07 78.26 76.54
C HIS H 422 -1.16 79.36 77.05
N GLY H 423 -1.23 80.58 76.54
CA GLY H 423 -0.38 81.66 77.01
C GLY H 423 0.90 81.88 76.25
N CYS H 424 1.02 81.35 75.04
CA CYS H 424 2.20 81.60 74.22
C CYS H 424 2.28 83.07 73.84
N LYS H 425 3.49 83.63 73.90
CA LYS H 425 3.70 85.02 73.53
C LYS H 425 4.13 85.08 72.07
N VAL H 426 3.42 85.90 71.28
CA VAL H 426 3.74 86.09 69.87
C VAL H 426 4.78 87.20 69.80
N VAL H 427 6.04 86.82 69.72
CA VAL H 427 7.15 87.77 69.68
C VAL H 427 7.43 88.15 68.24
N GLU H 428 7.42 89.45 67.95
CA GLU H 428 7.71 89.93 66.61
C GLU H 428 9.20 89.75 66.30
N ILE H 429 9.48 89.11 65.17
CA ILE H 429 10.84 88.84 64.73
C ILE H 429 11.01 89.39 63.31
N VAL H 430 12.23 89.24 62.78
CA VAL H 430 12.54 89.69 61.43
C VAL H 430 13.59 88.74 60.85
N VAL H 431 13.39 88.36 59.59
CA VAL H 431 14.28 87.45 58.89
C VAL H 431 14.92 88.19 57.73
N PRO H 432 16.16 88.67 57.89
CA PRO H 432 16.79 89.45 56.82
C PRO H 432 17.21 88.58 55.65
N GLU H 433 17.41 89.24 54.51
CA GLU H 433 17.99 88.63 53.32
C GLU H 433 17.16 87.43 52.85
N LEU H 434 15.86 87.67 52.63
CA LEU H 434 14.98 86.61 52.15
C LEU H 434 15.18 86.34 50.67
N GLU H 435 15.55 87.35 49.89
CA GLU H 435 15.84 87.11 48.47
C GLU H 435 17.11 86.31 48.29
N GLU H 436 18.11 86.53 49.16
CA GLU H 436 19.32 85.71 49.11
C GLU H 436 19.00 84.25 49.44
N MET H 437 18.11 84.01 50.40
CA MET H 437 17.74 82.65 50.76
C MET H 437 17.12 81.91 49.58
N ARG H 438 16.39 82.62 48.72
CA ARG H 438 15.90 82.04 47.49
C ARG H 438 17.06 81.60 46.60
N ALA H 439 17.95 82.54 46.29
CA ALA H 439 19.06 82.24 45.38
C ALA H 439 20.03 81.23 45.99
N ALA H 440 20.24 81.31 47.31
CA ALA H 440 21.17 80.38 47.95
C ALA H 440 20.64 78.96 47.94
N HIS H 441 19.33 78.79 48.15
CA HIS H 441 18.76 77.45 48.19
C HIS H 441 18.72 76.81 46.82
N VAL H 442 18.22 77.55 45.81
CA VAL H 442 17.93 76.95 44.51
C VAL H 442 19.18 76.38 43.86
N ILE H 443 20.33 76.98 44.09
CA ILE H 443 21.56 76.47 43.50
C ILE H 443 22.08 75.27 44.28
N SER H 444 21.93 75.29 45.61
CA SER H 444 22.42 74.21 46.44
C SER H 444 21.54 72.96 46.39
N ILE H 445 20.34 73.05 45.82
CA ILE H 445 19.49 71.88 45.65
C ILE H 445 19.64 71.38 44.22
N GLY H 446 19.87 72.30 43.28
CA GLY H 446 19.96 71.94 41.88
C GLY H 446 21.34 71.48 41.44
N SER H 447 22.39 71.94 42.14
CA SER H 447 23.74 71.55 41.74
C SER H 447 24.03 70.08 42.01
N PRO H 448 23.80 69.54 43.21
CA PRO H 448 24.11 68.11 43.41
C PRO H 448 23.19 67.19 42.62
N THR H 449 21.94 67.60 42.38
CA THR H 449 21.04 66.78 41.58
C THR H 449 21.50 66.72 40.12
N LEU H 450 21.92 67.86 39.57
CA LEU H 450 22.39 67.89 38.19
C LEU H 450 23.68 67.08 38.02
N SER H 451 24.56 67.14 39.02
CA SER H 451 25.82 66.40 38.92
C SER H 451 25.60 64.90 38.97
N SER H 452 24.70 64.44 39.84
CA SER H 452 24.45 63.01 39.97
C SER H 452 23.74 62.43 38.76
N LEU H 453 23.13 63.27 37.92
CA LEU H 453 22.45 62.82 36.72
C LEU H 453 23.20 63.13 35.44
N THR H 454 24.32 63.86 35.52
CA THR H 454 25.03 64.28 34.31
C THR H 454 25.59 63.09 33.51
N PRO H 455 26.27 62.11 34.11
CA PRO H 455 26.76 60.99 33.29
C PRO H 455 25.66 60.26 32.53
N TYR H 456 24.44 60.24 33.07
CA TYR H 456 23.33 59.64 32.36
C TYR H 456 22.79 60.56 31.28
N CYS H 457 22.71 61.86 31.56
CA CYS H 457 22.25 62.81 30.55
C CYS H 457 23.21 62.88 29.37
N GLU H 458 24.52 62.85 29.65
CA GLU H 458 25.52 62.89 28.59
C GLU H 458 25.46 61.66 27.69
N ALA H 459 24.97 60.53 28.22
CA ALA H 459 24.77 59.30 27.45
C ALA H 459 23.47 59.32 26.64
N GLY H 460 22.94 60.50 26.31
CA GLY H 460 21.71 60.58 25.52
C GLY H 460 20.42 60.51 26.31
N LYS H 461 20.47 60.05 27.56
CA LYS H 461 19.25 59.90 28.36
C LYS H 461 18.64 61.23 28.79
N ASN H 462 19.24 62.36 28.40
CA ASN H 462 18.67 63.66 28.77
C ASN H 462 17.35 63.90 28.03
N SER H 463 17.26 63.48 26.77
CA SER H 463 16.03 63.64 26.01
C SER H 463 14.88 62.83 26.60
N LYS H 464 15.17 61.84 27.43
CA LYS H 464 14.14 61.03 28.08
C LYS H 464 13.56 61.71 29.30
N LEU H 465 13.96 62.93 29.61
CA LEU H 465 13.47 63.68 30.76
C LEU H 465 12.32 64.58 30.37
N SER H 466 11.57 65.01 31.37
CA SER H 466 10.41 65.87 31.13
C SER H 466 10.87 67.28 30.77
N TYR H 467 9.91 68.08 30.29
CA TYR H 467 10.20 69.46 29.93
C TYR H 467 10.28 70.35 31.16
N ASP H 468 9.55 70.01 32.22
CA ASP H 468 9.64 70.76 33.47
C ASP H 468 11.02 70.61 34.10
N THR H 469 11.64 69.44 33.96
CA THR H 469 12.97 69.23 34.53
C THR H 469 14.06 69.79 33.62
N ARG H 470 13.92 69.60 32.31
CA ARG H 470 14.94 70.09 31.39
C ARG H 470 15.02 71.61 31.40
N THR H 471 13.92 72.29 31.73
CA THR H 471 13.98 73.74 31.90
C THR H 471 14.81 74.11 33.12
N SER H 472 14.56 73.44 34.25
CA SER H 472 15.36 73.68 35.45
C SER H 472 16.80 73.22 35.24
N PHE H 473 16.99 72.09 34.56
CA PHE H 473 18.34 71.58 34.34
C PHE H 473 19.14 72.53 33.46
N ALA H 474 18.52 73.08 32.40
CA ALA H 474 19.21 74.04 31.56
C ALA H 474 19.58 75.30 32.34
N ILE H 475 18.77 75.68 33.31
CA ILE H 475 19.11 76.81 34.18
C ILE H 475 20.17 76.38 35.19
N PHE H 476 20.07 75.16 35.70
CA PHE H 476 21.03 74.69 36.71
C PHE H 476 22.44 74.60 36.15
N ARG H 477 22.58 74.29 34.85
CA ARG H 477 23.90 74.27 34.23
C ARG H 477 24.54 75.64 34.18
N SER H 478 23.74 76.72 34.22
CA SER H 478 24.28 78.07 34.26
C SER H 478 24.93 78.40 35.60
N PHE H 479 24.67 77.62 36.64
CA PHE H 479 25.30 77.85 37.93
C PHE H 479 26.76 77.42 37.87
N SER H 480 27.67 78.39 38.02
CA SER H 480 29.09 78.10 37.93
C SER H 480 29.61 77.62 39.28
N ALA H 481 30.86 77.16 39.29
CA ALA H 481 31.50 76.76 40.54
C ALA H 481 31.71 77.97 41.45
N SER H 482 32.02 79.14 40.87
CA SER H 482 32.12 80.35 41.66
C SER H 482 30.76 80.77 42.21
N ASP H 483 29.68 80.40 41.54
CA ASP H 483 28.35 80.72 42.03
C ASP H 483 28.02 79.90 43.28
N TYR H 484 28.47 78.65 43.32
CA TYR H 484 28.15 77.80 44.47
C TYR H 484 28.87 78.27 45.72
N ILE H 485 30.16 78.62 45.61
CA ILE H 485 30.91 79.09 46.77
C ILE H 485 30.30 80.37 47.31
N ALA H 486 29.85 81.27 46.44
CA ALA H 486 29.22 82.50 46.89
C ALA H 486 27.91 82.22 47.61
N ALA H 487 27.16 81.22 47.14
CA ALA H 487 25.88 80.92 47.76
C ALA H 487 26.06 80.27 49.12
N GLN H 488 27.08 79.43 49.28
CA GLN H 488 27.33 78.80 50.57
C GLN H 488 27.71 79.83 51.63
N CYS H 489 28.33 80.94 51.22
CA CYS H 489 28.59 82.03 52.15
C CYS H 489 27.30 82.66 52.62
N LEU H 490 26.31 82.76 51.72
CA LEU H 490 24.99 83.24 52.11
C LEU H 490 24.31 82.26 53.05
N ARG H 491 24.62 80.97 52.93
CA ARG H 491 24.06 79.99 53.86
C ARG H 491 24.57 80.20 55.28
N ARG H 492 25.82 80.66 55.42
CA ARG H 492 26.33 80.99 56.76
C ARG H 492 25.65 82.22 57.32
N ARG H 493 25.41 83.22 56.48
CA ARG H 493 24.73 84.43 56.93
C ARG H 493 23.34 84.12 57.46
N LEU H 494 22.51 83.46 56.64
CA LEU H 494 21.16 83.12 57.05
C LEU H 494 21.16 82.18 58.25
N MET H 495 22.19 81.35 58.39
CA MET H 495 22.30 80.51 59.57
C MET H 495 22.53 81.34 60.83
N GLU H 496 23.36 82.38 60.73
CA GLU H 496 23.60 83.24 61.89
C GLU H 496 22.38 84.10 62.21
N TYR H 497 21.57 84.43 61.21
CA TYR H 497 20.32 85.15 61.48
C TYR H 497 19.34 84.27 62.26
N HIS H 498 19.06 83.08 61.74
CA HIS H 498 18.04 82.22 62.34
C HIS H 498 18.45 81.75 63.72
N LEU H 499 19.75 81.44 63.91
CA LEU H 499 20.21 81.05 65.23
C LEU H 499 20.10 82.20 66.22
N ASN H 500 20.23 83.44 65.74
CA ASN H 500 19.98 84.59 66.60
C ASN H 500 18.49 84.73 66.90
N ILE H 501 17.65 84.43 65.91
CA ILE H 501 16.20 84.46 66.13
C ILE H 501 15.80 83.42 67.18
N PHE H 502 16.44 82.25 67.14
CA PHE H 502 16.13 81.20 68.11
C PHE H 502 16.67 81.50 69.50
N LYS H 503 17.30 82.66 69.70
CA LYS H 503 17.63 83.13 71.04
C LYS H 503 16.51 83.96 71.65
N ASP H 504 15.66 84.56 70.83
CA ASP H 504 14.48 85.29 71.29
C ASP H 504 13.27 84.37 71.43
N VAL H 505 13.03 83.54 70.43
CA VAL H 505 11.85 82.68 70.37
C VAL H 505 12.29 81.22 70.29
N ASP H 506 11.33 80.33 70.48
CA ASP H 506 11.56 78.89 70.39
C ASP H 506 11.21 78.31 69.03
N VAL H 507 10.14 78.81 68.41
CA VAL H 507 9.71 78.35 67.09
C VAL H 507 9.30 79.55 66.25
N ILE H 508 9.43 79.40 64.94
CA ILE H 508 9.03 80.42 63.98
C ILE H 508 7.77 79.96 63.29
N VAL H 509 6.68 80.71 63.45
CA VAL H 509 5.37 80.34 62.94
C VAL H 509 5.09 81.11 61.66
N THR H 510 4.74 80.39 60.60
CA THR H 510 4.44 80.97 59.29
C THR H 510 3.44 80.07 58.59
N PRO H 511 2.59 80.63 57.72
CA PRO H 511 1.75 79.78 56.87
C PRO H 511 2.62 78.98 55.92
N THR H 512 2.25 77.70 55.74
CA THR H 512 3.09 76.81 54.94
C THR H 512 3.17 77.27 53.49
N THR H 513 2.05 77.71 52.92
CA THR H 513 2.01 78.18 51.55
C THR H 513 1.32 79.52 51.48
N GLY H 514 1.73 80.33 50.50
CA GLY H 514 1.11 81.61 50.24
C GLY H 514 -0.15 81.56 49.41
N MET H 515 -0.60 80.36 49.08
CA MET H 515 -1.81 80.16 48.29
C MET H 515 -2.42 78.82 48.65
N THR H 516 -3.72 78.69 48.40
CA THR H 516 -4.38 77.40 48.57
C THR H 516 -4.03 76.51 47.38
N ALA H 517 -4.67 75.35 47.28
CA ALA H 517 -4.42 74.45 46.17
C ALA H 517 -4.79 75.13 44.86
N PRO H 518 -3.84 75.37 43.96
CA PRO H 518 -4.16 76.07 42.71
C PRO H 518 -4.77 75.15 41.68
N VAL H 519 -5.56 75.75 40.79
CA VAL H 519 -6.21 75.00 39.74
C VAL H 519 -5.19 74.60 38.68
N ILE H 520 -5.31 73.36 38.20
CA ILE H 520 -4.37 72.83 37.21
C ILE H 520 -4.69 73.39 35.83
N PRO H 521 -3.75 74.04 35.17
CA PRO H 521 -3.97 74.47 33.78
C PRO H 521 -4.14 73.27 32.88
N PRO H 522 -5.27 73.17 32.18
CA PRO H 522 -5.49 72.00 31.32
C PRO H 522 -4.46 71.86 30.20
N ASP H 523 -3.96 72.97 29.67
CA ASP H 523 -2.97 72.93 28.60
C ASP H 523 -1.62 72.38 29.07
N ALA H 524 -1.42 72.25 30.39
CA ALA H 524 -0.16 71.77 30.94
C ALA H 524 -0.17 70.28 31.23
N LEU H 525 -1.31 69.60 31.02
CA LEU H 525 -1.42 68.19 31.37
C LEU H 525 -0.84 67.26 30.30
N LYS H 526 -0.46 67.79 29.14
CA LYS H 526 0.11 66.97 28.07
C LYS H 526 1.62 66.85 28.22
N ASN H 527 2.34 67.98 28.15
CA ASN H 527 3.79 67.98 28.20
C ASN H 527 4.35 68.66 29.44
N GLY H 528 3.55 69.42 30.18
CA GLY H 528 4.00 70.10 31.38
C GLY H 528 3.87 71.61 31.25
N GLU H 529 4.34 72.29 32.29
CA GLU H 529 4.32 73.74 32.33
C GLU H 529 5.62 74.23 32.95
N THR H 530 5.81 75.56 32.92
CA THR H 530 6.99 76.20 33.48
C THR H 530 6.60 77.45 34.25
N ASN H 531 5.54 77.37 35.03
CA ASN H 531 5.10 78.49 35.86
C ASN H 531 6.06 78.65 37.03
N ILE H 532 6.96 79.62 36.94
CA ILE H 532 7.90 79.87 38.02
C ILE H 532 7.36 80.83 39.06
N GLN H 533 6.39 81.69 38.68
CA GLN H 533 5.71 82.51 39.67
C GLN H 533 4.96 81.65 40.68
N VAL H 534 4.54 80.45 40.28
CA VAL H 534 3.79 79.56 41.16
C VAL H 534 4.70 78.58 41.87
N THR H 535 5.64 77.96 41.14
CA THR H 535 6.55 77.01 41.75
C THR H 535 7.49 77.65 42.76
N THR H 536 7.58 78.98 42.79
CA THR H 536 8.38 79.69 43.78
C THR H 536 7.54 80.31 44.88
N ASP H 537 6.31 80.75 44.57
CA ASP H 537 5.43 81.27 45.61
C ASP H 537 5.16 80.23 46.69
N LEU H 538 5.10 78.95 46.31
CA LEU H 538 4.85 77.90 47.28
C LEU H 538 6.06 77.67 48.19
N MET H 539 7.27 77.87 47.67
CA MET H 539 8.49 77.70 48.46
C MET H 539 8.82 78.90 49.32
N ARG H 540 7.92 79.89 49.42
CA ARG H 540 8.26 81.14 50.08
C ARG H 540 8.57 80.93 51.56
N PHE H 541 7.87 80.00 52.20
CA PHE H 541 7.99 79.82 53.65
C PHE H 541 8.77 78.57 54.05
N VAL H 542 9.08 77.68 53.12
CA VAL H 542 9.68 76.40 53.46
C VAL H 542 11.19 76.34 53.20
N LEU H 543 11.76 77.33 52.51
CA LEU H 543 13.17 77.27 52.16
C LEU H 543 14.08 77.41 53.37
N ALA H 544 13.57 77.94 54.48
CA ALA H 544 14.41 78.14 55.66
C ALA H 544 14.80 76.81 56.30
N ALA H 545 13.87 75.86 56.35
CA ALA H 545 14.17 74.58 56.98
C ALA H 545 15.10 73.73 56.14
N ASN H 546 15.02 73.83 54.81
CA ASN H 546 15.88 73.03 53.94
C ASN H 546 17.30 73.56 53.94
N LEU H 547 17.46 74.87 53.72
CA LEU H 547 18.79 75.44 53.56
C LEU H 547 19.60 75.36 54.86
N LEU H 548 18.95 75.59 55.99
CA LEU H 548 19.61 75.60 57.29
C LEU H 548 19.37 74.32 58.08
N GLY H 549 18.70 73.34 57.50
CA GLY H 549 18.53 72.05 58.14
C GLY H 549 17.58 72.03 59.32
N PHE H 550 16.78 73.06 59.51
CA PHE H 550 15.87 73.11 60.65
C PHE H 550 14.72 72.12 60.47
N PRO H 551 14.15 71.64 61.57
CA PRO H 551 12.93 70.82 61.49
C PRO H 551 11.70 71.70 61.39
N ALA H 552 10.78 71.29 60.53
CA ALA H 552 9.52 72.01 60.33
C ALA H 552 8.39 71.00 60.20
N ILE H 553 7.16 71.51 60.30
CA ILE H 553 5.98 70.66 60.21
C ILE H 553 4.78 71.50 59.78
N SER H 554 4.02 71.02 58.80
CA SER H 554 2.83 71.70 58.32
C SER H 554 1.60 71.00 58.91
N VAL H 555 0.86 71.71 59.74
CA VAL H 555 -0.33 71.17 60.40
C VAL H 555 -1.56 71.87 59.84
N PRO H 556 -2.63 71.13 59.51
CA PRO H 556 -3.85 71.80 59.04
C PRO H 556 -4.45 72.69 60.11
N VAL H 557 -4.87 73.89 59.70
CA VAL H 557 -5.43 74.87 60.62
C VAL H 557 -6.83 75.33 60.21
N GLY H 558 -7.34 74.88 59.07
CA GLY H 558 -8.66 75.26 58.65
C GLY H 558 -8.75 75.24 57.13
N TYR H 559 -9.76 75.95 56.63
CA TYR H 559 -10.05 75.99 55.20
C TYR H 559 -10.32 77.43 54.79
N ASP H 560 -10.15 77.72 53.51
CA ASP H 560 -10.33 79.06 52.97
C ASP H 560 -11.79 79.25 52.56
N LYS H 561 -12.04 80.22 51.67
CA LYS H 561 -13.41 80.48 51.23
C LYS H 561 -13.96 79.32 50.43
N GLU H 562 -13.18 78.81 49.47
CA GLU H 562 -13.62 77.71 48.62
C GLU H 562 -13.41 76.34 49.26
N GLY H 563 -13.23 76.28 50.58
CA GLY H 563 -13.08 75.02 51.27
C GLY H 563 -11.76 74.31 51.06
N LEU H 564 -10.76 74.99 50.53
CA LEU H 564 -9.46 74.37 50.31
C LEU H 564 -8.66 74.36 51.62
N PRO H 565 -7.87 73.32 51.86
CA PRO H 565 -7.15 73.23 53.14
C PRO H 565 -6.10 74.33 53.28
N ILE H 566 -5.82 74.69 54.53
CA ILE H 566 -4.81 75.68 54.88
C ILE H 566 -3.88 75.06 55.91
N GLY H 567 -2.58 75.26 55.72
CA GLY H 567 -1.58 74.68 56.61
C GLY H 567 -0.72 75.77 57.25
N LEU H 568 -0.25 75.48 58.45
CA LEU H 568 0.65 76.37 59.19
C LEU H 568 1.95 75.62 59.47
N GLN H 569 3.07 76.27 59.18
CA GLN H 569 4.39 75.67 59.38
C GLN H 569 4.96 76.11 60.72
N ILE H 570 5.49 75.16 61.47
CA ILE H 570 6.12 75.41 62.76
C ILE H 570 7.56 74.90 62.66
N MET H 571 8.51 75.82 62.57
CA MET H 571 9.91 75.50 62.43
C MET H 571 10.63 75.75 63.76
N GLY H 572 11.46 74.81 64.17
CA GLY H 572 12.11 74.92 65.47
C GLY H 572 13.62 74.81 65.45
N ARG H 573 14.22 74.68 66.63
CA ARG H 573 15.66 74.61 66.77
C ARG H 573 16.20 73.30 66.20
N PRO H 574 17.50 73.21 65.95
CA PRO H 574 18.08 71.95 65.48
C PRO H 574 17.80 70.81 66.44
N TRP H 575 17.43 69.66 65.89
CA TRP H 575 17.12 68.43 66.62
C TRP H 575 15.95 68.60 67.58
N ALA H 576 15.12 69.64 67.39
CA ALA H 576 13.99 69.89 68.27
C ALA H 576 12.70 69.33 67.65
N GLU H 577 12.73 68.04 67.37
CA GLU H 577 11.55 67.38 66.82
C GLU H 577 10.41 67.37 67.83
N ALA H 578 10.71 67.06 69.08
CA ALA H 578 9.67 66.98 70.11
C ALA H 578 9.02 68.33 70.38
N THR H 579 9.72 69.43 70.11
CA THR H 579 9.16 70.75 70.36
C THR H 579 8.10 71.10 69.31
N VAL H 580 8.42 70.95 68.03
CA VAL H 580 7.46 71.28 66.98
C VAL H 580 6.33 70.26 66.94
N LEU H 581 6.60 69.02 67.32
CA LEU H 581 5.54 68.01 67.36
C LEU H 581 4.53 68.31 68.45
N GLY H 582 5.00 68.75 69.63
CA GLY H 582 4.09 69.06 70.72
C GLY H 582 3.24 70.28 70.43
N LEU H 583 3.84 71.32 69.85
CA LEU H 583 3.07 72.53 69.54
C LEU H 583 2.06 72.27 68.42
N ALA H 584 2.47 71.53 67.39
CA ALA H 584 1.54 71.21 66.31
C ALA H 584 0.38 70.36 66.82
N ALA H 585 0.61 69.56 67.86
CA ALA H 585 -0.48 68.79 68.44
C ALA H 585 -1.50 69.68 69.13
N ALA H 586 -1.03 70.72 69.83
CA ALA H 586 -1.95 71.69 70.40
C ALA H 586 -2.69 72.46 69.32
N VAL H 587 -2.04 72.67 68.16
CA VAL H 587 -2.72 73.30 67.04
C VAL H 587 -3.78 72.37 66.46
N GLU H 588 -3.45 71.08 66.33
CA GLU H 588 -4.43 70.11 65.84
C GLU H 588 -5.62 70.00 66.80
N GLU H 589 -5.35 70.04 68.11
CA GLU H 589 -6.44 70.00 69.08
C GLU H 589 -7.31 71.25 68.98
N LEU H 590 -6.73 72.38 68.60
CA LEU H 590 -7.49 73.63 68.52
C LEU H 590 -8.30 73.71 67.23
N ALA H 591 -7.84 73.07 66.15
CA ALA H 591 -8.53 73.09 64.87
C ALA H 591 -8.36 71.73 64.20
N PRO H 592 -9.21 70.76 64.55
CA PRO H 592 -9.09 69.43 63.96
C PRO H 592 -9.63 69.39 62.53
N VAL H 593 -9.19 68.38 61.79
CA VAL H 593 -9.69 68.15 60.44
C VAL H 593 -11.15 67.72 60.53
N THR H 594 -12.03 68.45 59.87
CA THR H 594 -13.47 68.22 59.98
C THR H 594 -14.19 68.17 58.64
N LYS H 595 -13.50 68.42 57.53
CA LYS H 595 -14.13 68.40 56.21
C LYS H 595 -13.63 67.19 55.43
N LYS H 596 -14.55 66.34 55.02
CA LYS H 596 -14.19 65.19 54.21
C LYS H 596 -13.82 65.64 52.80
N PRO H 597 -12.71 65.16 52.25
CA PRO H 597 -12.36 65.51 50.86
C PRO H 597 -13.35 64.89 49.89
N ALA H 598 -13.38 65.47 48.69
CA ALA H 598 -14.26 64.95 47.63
C ALA H 598 -13.90 63.51 47.29
N ILE H 599 -12.62 63.23 47.11
CA ILE H 599 -12.13 61.87 46.86
C ILE H 599 -11.65 61.33 48.20
N PHE H 600 -12.49 60.52 48.84
CA PHE H 600 -12.15 59.91 50.12
C PHE H 600 -12.74 58.52 50.19
N TYR H 601 -12.03 57.62 50.85
CA TYR H 601 -12.44 56.22 50.97
C TYR H 601 -12.29 55.80 52.42
N ASP H 602 -13.40 55.41 53.04
CA ASP H 602 -13.43 55.01 54.44
C ASP H 602 -13.13 53.52 54.53
N ILE H 603 -11.84 53.20 54.76
CA ILE H 603 -11.44 51.81 54.97
C ILE H 603 -12.02 51.32 56.30
N LEU H 604 -12.19 49.99 56.39
CA LEU H 604 -12.73 49.26 57.53
C LEU H 604 -14.26 49.31 57.53
N ASN H 605 -14.86 49.10 56.37
CA ASN H 605 -16.31 49.09 56.24
C ASN H 605 -16.76 48.17 55.11
N TYR I 4 8.70 -52.94 -102.33
CA TYR I 4 7.57 -52.16 -101.87
C TYR I 4 7.85 -51.54 -100.49
N GLN I 5 8.36 -52.37 -99.58
CA GLN I 5 8.66 -51.93 -98.23
C GLN I 5 9.50 -53.00 -97.53
N VAL I 6 10.38 -52.55 -96.65
CA VAL I 6 11.22 -53.43 -95.86
C VAL I 6 10.80 -53.30 -94.40
N MET I 7 11.22 -54.27 -93.58
CA MET I 7 10.85 -54.29 -92.18
C MET I 7 11.98 -54.91 -91.37
N LYS I 8 11.89 -54.77 -90.04
CA LYS I 8 12.96 -55.18 -89.14
C LYS I 8 12.40 -55.25 -87.73
N ARG I 9 13.29 -55.55 -86.78
CA ARG I 9 12.94 -55.63 -85.37
C ARG I 9 14.22 -55.68 -84.51
N ALA I 10 14.47 -54.61 -83.74
CA ALA I 10 15.76 -54.50 -83.06
C ALA I 10 15.88 -55.50 -81.91
N SER I 11 14.82 -55.67 -81.12
CA SER I 11 14.91 -56.50 -79.92
C SER I 11 15.03 -57.99 -80.23
N GLU I 12 15.04 -58.40 -81.50
CA GLU I 12 15.22 -59.79 -81.86
C GLU I 12 16.27 -60.02 -82.94
N VAL I 13 16.87 -58.95 -83.47
CA VAL I 13 17.91 -59.11 -84.49
C VAL I 13 19.09 -59.86 -83.88
N ASP I 14 19.54 -60.90 -84.57
CA ASP I 14 20.74 -61.61 -84.15
C ASP I 14 21.95 -60.72 -84.35
N LEU I 15 22.76 -60.58 -83.29
CA LEU I 15 23.92 -59.70 -83.32
C LEU I 15 25.12 -60.31 -84.02
N SER I 16 24.93 -61.40 -84.77
CA SER I 16 25.99 -62.01 -85.55
C SER I 16 25.81 -61.85 -87.05
N THR I 17 24.58 -61.62 -87.52
CA THR I 17 24.31 -61.45 -88.94
C THR I 17 24.21 -59.96 -89.27
N VAL I 18 25.34 -59.29 -89.09
CA VAL I 18 25.44 -57.84 -89.28
C VAL I 18 26.74 -57.52 -89.99
N LYS I 19 26.69 -56.53 -90.89
CA LYS I 19 27.83 -56.16 -91.71
C LYS I 19 27.94 -54.65 -91.76
N TYR I 20 29.17 -54.14 -91.59
CA TYR I 20 29.43 -52.71 -91.55
C TYR I 20 29.33 -52.15 -92.97
N LYS I 21 28.22 -51.48 -93.26
CA LYS I 21 28.06 -50.74 -94.51
C LYS I 21 28.43 -49.28 -94.25
N ALA I 22 29.53 -48.83 -94.88
CA ALA I 22 29.97 -47.45 -94.70
C ALA I 22 29.98 -46.72 -96.03
N GLU I 23 28.87 -46.80 -96.77
CA GLU I 23 28.74 -46.06 -98.02
C GLU I 23 28.93 -44.57 -97.75
N THR I 24 30.18 -44.11 -97.85
CA THR I 24 30.51 -42.73 -97.51
C THR I 24 29.64 -41.76 -98.30
N MET I 25 29.02 -40.83 -97.56
CA MET I 25 28.08 -39.88 -98.15
C MET I 25 28.73 -39.07 -99.27
N LYS I 26 28.61 -39.56 -100.50
CA LYS I 26 29.15 -38.83 -101.64
C LYS I 26 28.20 -37.69 -102.01
N ALA I 27 28.78 -36.54 -102.32
CA ALA I 27 28.04 -35.32 -102.53
C ALA I 27 28.92 -34.33 -103.27
N PRO I 28 28.36 -33.30 -103.88
CA PRO I 28 29.20 -32.34 -104.61
C PRO I 28 30.11 -31.55 -103.68
N HIS I 29 31.36 -31.39 -104.11
CA HIS I 29 32.32 -30.53 -103.44
C HIS I 29 32.51 -29.29 -104.30
N LEU I 30 31.97 -28.17 -103.83
CA LEU I 30 31.97 -26.92 -104.57
C LEU I 30 32.65 -25.84 -103.74
N THR I 31 33.56 -25.09 -104.37
CA THR I 31 34.29 -24.03 -103.72
C THR I 31 34.17 -22.75 -104.53
N GLY I 32 34.19 -21.62 -103.83
CA GLY I 32 34.20 -20.33 -104.50
C GLY I 32 32.90 -20.06 -105.22
N LEU I 33 32.99 -19.78 -106.52
CA LEU I 33 31.81 -19.39 -107.30
C LEU I 33 30.86 -20.57 -107.50
N SER I 34 31.37 -21.80 -107.50
CA SER I 34 30.50 -22.96 -107.64
C SER I 34 29.43 -23.00 -106.56
N PHE I 35 29.75 -22.51 -105.37
CA PHE I 35 28.74 -22.25 -104.34
C PHE I 35 27.63 -21.31 -104.75
N LYS I 36 28.00 -20.05 -104.98
CA LYS I 36 27.03 -18.96 -105.06
C LYS I 36 25.83 -19.33 -105.93
N LEU I 37 26.08 -19.89 -107.10
CA LEU I 37 25.00 -20.35 -107.96
C LEU I 37 24.27 -21.53 -107.33
N PHE I 38 25.02 -22.53 -106.84
CA PHE I 38 24.42 -23.73 -106.27
C PHE I 38 23.51 -23.39 -105.09
N VAL I 39 23.93 -22.43 -104.25
CA VAL I 39 23.09 -22.04 -103.12
C VAL I 39 21.85 -21.31 -103.61
N ASN I 40 21.99 -20.48 -104.64
CA ASN I 40 20.80 -19.90 -105.26
C ASN I 40 19.97 -20.97 -105.98
N LEU I 41 20.62 -22.02 -106.48
CA LEU I 41 19.88 -23.12 -107.07
C LEU I 41 19.07 -23.88 -106.02
N LEU I 42 19.64 -24.06 -104.83
CA LEU I 42 18.90 -24.70 -103.74
C LEU I 42 17.80 -23.80 -103.24
N GLU I 43 18.04 -22.49 -103.18
CA GLU I 43 17.04 -21.52 -102.75
C GLU I 43 16.04 -21.18 -103.84
N ALA I 44 16.11 -21.85 -104.98
CA ALA I 44 15.13 -21.62 -106.03
C ALA I 44 13.79 -22.23 -105.63
N PRO I 45 12.68 -21.54 -105.91
CA PRO I 45 11.37 -22.06 -105.48
C PRO I 45 10.98 -23.38 -106.12
N LEU I 46 11.51 -23.69 -107.30
CA LEU I 46 11.12 -24.90 -108.04
C LEU I 46 12.26 -25.93 -108.01
N ILE I 47 13.32 -25.70 -108.78
CA ILE I 47 14.41 -26.68 -108.88
C ILE I 47 15.18 -26.85 -107.58
N GLY I 48 14.92 -26.02 -106.58
CA GLY I 48 15.59 -26.14 -105.30
C GLY I 48 15.27 -27.43 -104.58
N SER I 49 13.98 -27.71 -104.39
CA SER I 49 13.58 -28.94 -103.72
C SER I 49 13.90 -30.17 -104.56
N LEU I 50 14.01 -30.01 -105.89
CA LEU I 50 14.31 -31.14 -106.74
C LEU I 50 15.75 -31.61 -106.54
N ILE I 51 16.68 -30.68 -106.32
CA ILE I 51 18.07 -31.06 -106.11
C ILE I 51 18.24 -31.70 -104.73
N VAL I 52 17.59 -31.14 -103.71
CA VAL I 52 17.71 -31.69 -102.37
C VAL I 52 17.07 -33.09 -102.29
N ASP I 53 15.95 -33.27 -102.99
CA ASP I 53 15.33 -34.60 -103.03
C ASP I 53 16.23 -35.62 -103.70
N TYR I 54 17.02 -35.19 -104.69
CA TYR I 54 17.97 -36.10 -105.32
C TYR I 54 19.09 -36.48 -104.37
N LEU I 55 19.54 -35.53 -103.54
CA LEU I 55 20.61 -35.82 -102.59
C LEU I 55 20.15 -36.81 -101.53
N LYS I 56 18.96 -36.58 -100.95
CA LYS I 56 18.44 -37.51 -99.96
C LYS I 56 18.22 -38.90 -100.57
N LYS I 57 17.70 -38.94 -101.80
CA LYS I 57 17.48 -40.23 -102.46
C LYS I 57 18.80 -40.93 -102.73
N ASP I 58 19.78 -40.19 -103.27
CA ASP I 58 21.07 -40.79 -103.63
C ASP I 58 21.82 -41.23 -102.37
N ASN I 59 21.94 -40.35 -101.38
CA ASN I 59 22.74 -40.66 -100.19
C ASN I 59 22.16 -41.84 -99.43
N GLY I 60 20.85 -42.04 -99.51
CA GLY I 60 20.23 -43.23 -98.94
C GLY I 60 19.37 -42.98 -97.72
N MET I 61 18.68 -41.84 -97.68
CA MET I 61 17.84 -41.51 -96.54
C MET I 61 16.35 -41.49 -96.85
N THR I 62 15.96 -41.34 -98.12
CA THR I 62 14.56 -41.54 -98.48
C THR I 62 14.13 -42.98 -98.22
N LYS I 63 15.02 -43.92 -98.49
CA LYS I 63 14.69 -45.33 -98.33
C LYS I 63 14.50 -45.71 -96.86
N ILE I 64 15.21 -45.06 -95.95
CA ILE I 64 15.09 -45.40 -94.53
C ILE I 64 13.86 -44.76 -93.92
N PHE I 65 13.56 -43.51 -94.28
CA PHE I 65 12.46 -42.77 -93.66
C PHE I 65 11.11 -43.02 -94.32
N ARG I 66 11.08 -43.45 -95.58
CA ARG I 66 9.83 -43.56 -96.31
C ARG I 66 9.44 -44.97 -96.70
N ASN I 67 10.40 -45.85 -96.98
CA ASN I 67 10.11 -47.19 -97.47
C ASN I 67 10.60 -48.27 -96.52
N THR I 68 10.66 -47.97 -95.22
CA THR I 68 11.15 -48.91 -94.23
C THR I 68 10.28 -48.82 -92.99
N VAL I 69 9.65 -49.93 -92.61
CA VAL I 69 8.84 -49.97 -91.40
C VAL I 69 9.75 -50.06 -90.18
N ILE I 70 9.34 -49.43 -89.10
CA ILE I 70 10.10 -49.40 -87.86
C ILE I 70 9.14 -49.63 -86.69
N PRO I 71 9.33 -50.68 -85.89
CA PRO I 71 8.35 -51.00 -84.84
C PRO I 71 8.59 -50.25 -83.54
N GLU I 72 9.84 -49.95 -83.22
CA GLU I 72 10.18 -49.43 -81.90
C GLU I 72 9.50 -48.10 -81.64
N GLU I 73 9.13 -47.88 -80.38
CA GLU I 73 8.44 -46.66 -79.99
C GLU I 73 9.38 -45.46 -80.08
N PRO I 74 8.87 -44.29 -80.46
CA PRO I 74 9.75 -43.13 -80.64
C PRO I 74 10.45 -42.74 -79.34
N MET I 75 11.74 -42.41 -79.46
CA MET I 75 12.58 -42.00 -78.34
C MET I 75 13.10 -40.60 -78.67
N PHE I 76 12.40 -39.59 -78.16
CA PHE I 76 12.72 -38.21 -78.53
C PHE I 76 14.00 -37.73 -77.85
N ARG I 77 14.21 -38.13 -76.60
CA ARG I 77 15.38 -37.75 -75.84
C ARG I 77 16.05 -39.00 -75.29
N PRO I 78 17.37 -38.94 -75.03
CA PRO I 78 18.06 -40.11 -74.47
C PRO I 78 17.48 -40.50 -73.13
N GLU I 79 16.99 -41.73 -73.04
CA GLU I 79 16.38 -42.27 -71.83
C GLU I 79 17.32 -43.32 -71.26
N PHE I 80 18.17 -42.90 -70.33
CA PHE I 80 19.10 -43.83 -69.70
C PHE I 80 18.40 -44.61 -68.60
N PRO I 81 18.85 -45.85 -68.33
CA PRO I 81 18.27 -46.61 -67.21
C PRO I 81 19.00 -46.34 -65.91
N SER I 82 18.86 -47.25 -64.95
CA SER I 82 19.57 -47.16 -63.68
C SER I 82 20.92 -47.85 -63.86
N GLN I 83 21.97 -47.05 -64.04
CA GLN I 83 23.30 -47.60 -64.27
C GLN I 83 23.87 -48.15 -62.96
N GLU I 84 24.48 -49.33 -63.05
CA GLU I 84 25.11 -49.91 -61.87
C GLU I 84 26.23 -48.99 -61.38
N PRO I 85 26.45 -48.91 -60.06
CA PRO I 85 27.33 -47.87 -59.52
C PRO I 85 28.73 -47.95 -60.10
N GLU I 86 29.32 -46.76 -60.32
CA GLU I 86 30.66 -46.68 -60.87
C GLU I 86 31.67 -47.16 -59.84
N HIS I 87 32.73 -47.81 -60.34
CA HIS I 87 33.66 -48.54 -59.49
C HIS I 87 34.77 -47.63 -58.97
N ASP I 88 34.98 -47.66 -57.66
CA ASP I 88 36.08 -46.98 -56.98
C ASP I 88 36.19 -45.52 -57.42
N VAL I 89 35.33 -44.66 -56.90
CA VAL I 89 35.32 -43.24 -57.26
C VAL I 89 34.95 -42.44 -56.01
N VAL I 90 35.15 -41.13 -56.11
CA VAL I 90 34.83 -40.20 -55.04
C VAL I 90 33.54 -39.49 -55.42
N ILE I 91 32.44 -39.85 -54.75
CA ILE I 91 31.13 -39.28 -55.08
C ILE I 91 31.12 -37.81 -54.67
N VAL I 92 31.03 -36.94 -55.65
CA VAL I 92 31.01 -35.50 -55.41
C VAL I 92 29.56 -35.03 -55.38
N GLY I 93 29.24 -34.18 -54.41
CA GLY I 93 27.89 -33.63 -54.36
C GLY I 93 27.58 -32.83 -55.62
N GLU I 94 26.31 -32.91 -56.03
CA GLU I 94 25.92 -32.28 -57.30
C GLU I 94 25.70 -30.78 -57.15
N ASP I 95 25.31 -30.32 -55.96
CA ASP I 95 25.06 -28.91 -55.72
C ASP I 95 26.17 -28.23 -54.93
N GLU I 96 27.30 -28.91 -54.72
CA GLU I 96 28.46 -28.24 -54.17
C GLU I 96 28.85 -27.08 -55.05
N SER I 97 29.04 -25.90 -54.45
CA SER I 97 29.59 -24.78 -55.19
C SER I 97 30.90 -25.21 -55.85
N PRO I 98 31.12 -24.91 -57.13
CA PRO I 98 32.30 -25.44 -57.83
C PRO I 98 33.60 -25.26 -57.06
N ILE I 99 33.72 -24.18 -56.27
CA ILE I 99 34.88 -24.00 -55.41
C ILE I 99 35.07 -25.21 -54.51
N ASP I 100 33.98 -25.68 -53.90
CA ASP I 100 34.07 -26.88 -53.06
C ASP I 100 34.36 -28.12 -53.88
N ARG I 101 33.97 -28.13 -55.16
CA ARG I 101 34.20 -29.31 -55.99
C ARG I 101 35.66 -29.44 -56.39
N LEU I 102 36.35 -28.33 -56.66
CA LEU I 102 37.75 -28.44 -57.04
C LEU I 102 38.63 -28.89 -55.88
N GLU I 103 38.28 -28.48 -54.66
CA GLU I 103 39.01 -28.97 -53.48
C GLU I 103 38.89 -30.49 -53.38
N THR I 104 37.67 -31.00 -53.51
CA THR I 104 37.48 -32.45 -53.54
C THR I 104 38.05 -33.05 -54.82
N ALA I 105 38.10 -32.27 -55.90
CA ALA I 105 38.73 -32.74 -57.13
C ALA I 105 40.25 -32.76 -57.02
N LEU I 106 40.83 -31.99 -56.09
CA LEU I 106 42.28 -31.93 -55.99
C LEU I 106 42.83 -33.12 -55.21
N LYS I 107 42.05 -33.67 -54.28
CA LYS I 107 42.48 -34.87 -53.58
C LYS I 107 42.55 -36.09 -54.50
N CYS I 108 41.80 -36.07 -55.61
CA CYS I 108 41.90 -37.12 -56.61
C CYS I 108 43.14 -36.98 -57.48
N LEU I 109 43.89 -35.90 -57.34
CA LEU I 109 45.06 -35.60 -58.15
C LEU I 109 46.34 -36.04 -57.45
N PRO I 110 47.31 -36.55 -58.19
CA PRO I 110 48.61 -36.86 -57.58
C PRO I 110 49.31 -35.59 -57.11
N GLN I 111 50.22 -35.76 -56.16
CA GLN I 111 50.88 -34.61 -55.55
C GLN I 111 51.65 -33.82 -56.59
N TYR I 112 51.51 -32.50 -56.54
CA TYR I 112 52.21 -31.62 -57.47
C TYR I 112 53.71 -31.70 -57.23
N ASP I 113 54.46 -31.98 -58.29
CA ASP I 113 55.92 -31.99 -58.24
C ASP I 113 56.43 -30.65 -58.76
N PRO I 114 57.05 -29.82 -57.92
CA PRO I 114 57.55 -28.53 -58.41
C PRO I 114 58.65 -28.63 -59.45
N SER I 115 59.16 -29.85 -59.72
CA SER I 115 60.17 -30.03 -60.75
C SER I 115 59.64 -29.76 -62.15
N ARG I 116 58.32 -29.68 -62.33
CA ARG I 116 57.76 -29.39 -63.64
C ARG I 116 57.09 -28.04 -63.81
N SER I 117 57.43 -27.07 -62.95
CA SER I 117 57.40 -25.62 -63.15
C SER I 117 58.69 -24.82 -63.09
N LEU I 118 59.33 -24.79 -61.93
CA LEU I 118 60.68 -24.26 -61.78
C LEU I 118 61.68 -25.40 -61.64
N HIS I 119 62.95 -25.10 -61.91
CA HIS I 119 64.03 -26.07 -61.88
C HIS I 119 63.79 -27.21 -62.86
N ALA I 120 63.09 -26.92 -63.96
CA ALA I 120 62.88 -27.93 -65.00
C ALA I 120 64.19 -28.28 -65.68
N ASP I 121 64.37 -29.56 -65.96
CA ASP I 121 65.61 -30.02 -66.56
C ASP I 121 65.78 -29.43 -67.95
N PRO I 122 66.89 -28.77 -68.24
CA PRO I 122 67.04 -28.10 -69.56
C PRO I 122 67.03 -29.06 -70.73
N VAL I 123 67.42 -30.31 -70.54
CA VAL I 123 67.45 -31.28 -71.63
C VAL I 123 66.33 -32.30 -71.46
N SER I 124 65.09 -31.85 -71.61
CA SER I 124 63.91 -32.72 -71.54
C SER I 124 63.09 -32.52 -72.80
N SER I 125 62.02 -33.32 -72.92
CA SER I 125 61.15 -33.27 -74.10
C SER I 125 60.16 -32.11 -73.94
N PHE I 126 59.22 -32.02 -74.87
CA PHE I 126 58.22 -30.95 -74.85
C PHE I 126 57.07 -31.30 -73.92
N ARG I 127 56.45 -30.27 -73.36
CA ARG I 127 55.32 -30.45 -72.45
C ARG I 127 54.48 -29.19 -72.43
N TYR I 128 53.18 -29.36 -72.20
CA TYR I 128 52.28 -28.25 -72.01
C TYR I 128 52.23 -27.84 -70.55
N TRP I 129 51.70 -26.66 -70.29
CA TRP I 129 51.52 -26.15 -68.94
C TRP I 129 50.17 -26.61 -68.41
N LYS I 130 50.16 -27.17 -67.20
CA LYS I 130 48.91 -27.57 -66.56
C LYS I 130 48.25 -26.36 -65.90
N ILE I 131 47.03 -26.58 -65.41
CA ILE I 131 46.39 -25.60 -64.54
C ILE I 131 47.20 -25.41 -63.27
N ARG I 132 47.80 -26.50 -62.78
CA ARG I 132 48.52 -26.46 -61.52
C ARG I 132 49.81 -25.66 -61.62
N ASP I 133 50.41 -25.58 -62.82
CA ASP I 133 51.60 -24.76 -62.99
C ASP I 133 51.27 -23.28 -62.85
N TYR I 134 50.18 -22.83 -63.46
CA TYR I 134 49.68 -21.49 -63.22
C TYR I 134 49.16 -21.29 -61.80
N ALA I 135 49.13 -22.35 -60.99
CA ALA I 135 48.69 -22.24 -59.60
C ALA I 135 49.87 -22.03 -58.65
N TYR I 136 50.91 -22.86 -58.76
CA TYR I 136 52.11 -22.65 -57.96
C TYR I 136 52.78 -21.33 -58.32
N ALA I 137 52.84 -21.02 -59.61
CA ALA I 137 53.46 -19.76 -60.04
C ALA I 137 52.74 -18.56 -59.42
N TYR I 138 51.42 -18.66 -59.23
CA TYR I 138 50.68 -17.58 -58.59
C TYR I 138 50.93 -17.57 -57.09
N ARG I 139 50.83 -18.74 -56.45
CA ARG I 139 50.94 -18.80 -54.99
C ARG I 139 52.36 -18.52 -54.54
N SER I 140 53.35 -19.07 -55.24
CA SER I 140 54.71 -18.61 -55.03
C SER I 140 54.89 -17.22 -55.62
N LYS I 141 55.90 -16.51 -55.12
CA LYS I 141 56.18 -15.15 -55.59
C LYS I 141 57.01 -15.23 -56.87
N LEU I 142 56.33 -15.61 -57.96
CA LEU I 142 57.00 -15.81 -59.24
C LEU I 142 56.31 -15.00 -60.34
N THR I 143 55.00 -15.18 -60.51
CA THR I 143 54.26 -14.45 -61.53
C THR I 143 52.85 -14.20 -61.01
N THR I 144 52.17 -13.25 -61.66
CA THR I 144 50.86 -12.79 -61.26
C THR I 144 49.92 -12.83 -62.45
N PRO I 145 48.61 -12.92 -62.22
CA PRO I 145 47.66 -12.91 -63.35
C PRO I 145 47.77 -11.68 -64.24
N LEU I 146 48.19 -10.53 -63.70
CA LEU I 146 48.41 -9.36 -64.54
C LEU I 146 49.49 -9.63 -65.59
N GLN I 147 50.64 -10.15 -65.16
CA GLN I 147 51.74 -10.34 -66.08
C GLN I 147 51.45 -11.43 -67.11
N VAL I 148 50.58 -12.39 -66.75
CA VAL I 148 50.17 -13.39 -67.72
C VAL I 148 49.15 -12.81 -68.70
N ALA I 149 48.27 -11.93 -68.22
CA ALA I 149 47.29 -11.31 -69.10
C ALA I 149 47.95 -10.38 -70.09
N LYS I 150 48.90 -9.56 -69.62
CA LYS I 150 49.61 -8.66 -70.52
C LYS I 150 50.42 -9.42 -71.57
N ARG I 151 50.90 -10.62 -71.21
CA ARG I 151 51.62 -11.43 -72.18
C ARG I 151 50.68 -12.02 -73.23
N ILE I 152 49.47 -12.42 -72.81
CA ILE I 152 48.50 -12.95 -73.76
C ILE I 152 47.96 -11.85 -74.66
N ILE I 153 47.62 -10.70 -74.09
CA ILE I 153 47.08 -9.60 -74.87
C ILE I 153 48.09 -9.14 -75.92
N SER I 154 49.38 -9.18 -75.58
CA SER I 154 50.40 -8.80 -76.55
C SER I 154 50.43 -9.76 -77.73
N ILE I 155 50.33 -11.07 -77.47
CA ILE I 155 50.38 -12.06 -78.54
C ILE I 155 49.19 -11.92 -79.47
N ILE I 156 48.00 -11.70 -78.91
CA ILE I 156 46.79 -11.57 -79.72
C ILE I 156 46.90 -10.34 -80.63
N GLU I 157 47.35 -9.21 -80.07
CA GLU I 157 47.41 -7.98 -80.83
C GLU I 157 48.58 -7.96 -81.81
N GLU I 158 49.65 -8.70 -81.53
CA GLU I 158 50.80 -8.72 -82.43
C GLU I 158 50.53 -9.57 -83.66
N PHE I 159 49.98 -10.77 -83.47
CA PHE I 159 49.72 -11.69 -84.56
C PHE I 159 48.32 -11.54 -85.16
N GLY I 160 47.54 -10.56 -84.69
CA GLY I 160 46.20 -10.35 -85.20
C GLY I 160 45.28 -11.51 -84.96
N TYR I 161 45.28 -12.03 -83.73
CA TYR I 161 44.42 -13.16 -83.37
C TYR I 161 42.99 -12.73 -83.06
N ASP I 162 42.72 -11.43 -83.03
CA ASP I 162 41.36 -10.92 -82.93
C ASP I 162 40.91 -10.25 -84.22
N LYS I 163 41.70 -10.36 -85.28
CA LYS I 163 41.43 -9.76 -86.58
C LYS I 163 41.50 -10.83 -87.65
N PRO I 164 40.83 -10.63 -88.78
CA PRO I 164 41.00 -11.54 -89.93
C PRO I 164 42.42 -11.49 -90.45
N PRO I 165 42.84 -12.46 -91.27
CA PRO I 165 42.09 -13.61 -91.78
C PRO I 165 42.19 -14.87 -90.92
N THR I 166 43.09 -14.87 -89.95
CA THR I 166 43.33 -16.03 -89.10
C THR I 166 43.19 -15.62 -87.64
N PRO I 167 41.95 -15.44 -87.15
CA PRO I 167 41.78 -15.07 -85.74
C PRO I 167 41.49 -16.28 -84.86
N PHE I 168 41.99 -16.25 -83.63
CA PHE I 168 41.58 -17.23 -82.63
C PHE I 168 40.20 -16.90 -82.09
N LEU I 169 40.06 -15.71 -81.51
CA LEU I 169 38.80 -15.22 -80.98
C LEU I 169 38.16 -14.25 -81.97
N ILE I 170 36.83 -14.18 -81.94
CA ILE I 170 36.09 -13.19 -82.71
C ILE I 170 35.53 -12.07 -81.87
N ARG I 171 35.53 -12.23 -80.54
CA ARG I 171 35.13 -11.16 -79.62
C ARG I 171 36.15 -11.09 -78.50
N PHE I 172 36.86 -9.97 -78.40
CA PHE I 172 37.96 -9.82 -77.46
C PHE I 172 37.96 -8.41 -76.91
N ASP I 173 38.05 -8.29 -75.58
CA ASP I 173 38.10 -7.00 -74.90
C ASP I 173 39.34 -7.00 -74.02
N ALA I 174 40.44 -6.42 -74.54
CA ALA I 174 41.67 -6.37 -73.76
C ALA I 174 41.50 -5.58 -72.48
N ASN I 175 40.66 -4.54 -72.50
CA ASN I 175 40.42 -3.76 -71.29
C ASN I 175 39.66 -4.56 -70.24
N GLU I 176 38.87 -5.55 -70.67
CA GLU I 176 38.11 -6.36 -69.73
C GLU I 176 38.96 -7.45 -69.10
N VAL I 177 39.88 -8.04 -69.87
CA VAL I 177 40.76 -9.07 -69.34
C VAL I 177 41.68 -8.48 -68.27
N ILE I 178 42.15 -7.25 -68.48
CA ILE I 178 42.97 -6.59 -67.48
C ILE I 178 42.15 -6.30 -66.22
N LYS I 179 40.85 -6.06 -66.38
CA LYS I 179 39.99 -5.82 -65.22
C LYS I 179 39.78 -7.10 -64.41
N GLN I 180 39.73 -8.25 -65.08
CA GLN I 180 39.56 -9.52 -64.36
C GLN I 180 40.86 -9.96 -63.69
N ALA I 181 41.98 -9.85 -64.40
CA ALA I 181 43.26 -10.28 -63.84
C ALA I 181 43.65 -9.44 -62.63
N GLU I 182 43.17 -8.19 -62.56
CA GLU I 182 43.50 -7.35 -61.42
C GLU I 182 42.81 -7.83 -60.16
N ALA I 183 41.54 -8.23 -60.27
CA ALA I 183 40.84 -8.78 -59.12
C ALA I 183 41.50 -10.07 -58.65
N SER I 184 41.97 -10.91 -59.58
CA SER I 184 42.65 -12.13 -59.19
C SER I 184 44.03 -11.84 -58.59
N THR I 185 44.76 -10.89 -59.19
CA THR I 185 46.05 -10.49 -58.63
C THR I 185 45.90 -9.96 -57.22
N ARG I 186 44.86 -9.15 -56.99
CA ARG I 186 44.61 -8.60 -55.65
C ARG I 186 44.31 -9.70 -54.64
N ARG I 187 43.56 -10.73 -55.07
CA ARG I 187 43.23 -11.82 -54.16
C ARG I 187 44.44 -12.66 -53.81
N PHE I 188 45.39 -12.80 -54.75
CA PHE I 188 46.62 -13.53 -54.44
C PHE I 188 47.53 -12.74 -53.53
N GLU I 189 47.59 -11.42 -53.72
CA GLU I 189 48.39 -10.58 -52.83
C GLU I 189 47.80 -10.54 -51.42
N GLN I 190 46.46 -10.50 -51.33
CA GLN I 190 45.81 -10.57 -50.03
C GLN I 190 45.99 -11.94 -49.38
N GLY I 191 46.37 -12.95 -50.14
CA GLY I 191 46.64 -14.27 -49.61
C GLY I 191 45.44 -15.19 -49.53
N ASN I 192 44.34 -14.86 -50.18
CA ASN I 192 43.11 -15.67 -50.15
C ASN I 192 42.64 -15.93 -51.57
N PRO I 193 43.28 -16.86 -52.28
CA PRO I 193 42.78 -17.24 -53.60
C PRO I 193 41.48 -18.03 -53.47
N ILE I 194 40.60 -17.85 -54.44
CA ILE I 194 39.30 -18.50 -54.41
C ILE I 194 39.45 -20.02 -54.47
N SER I 195 40.08 -20.50 -55.54
CA SER I 195 40.31 -21.93 -55.72
C SER I 195 41.55 -22.12 -56.58
N VAL I 196 41.73 -23.33 -57.10
CA VAL I 196 42.85 -23.60 -58.00
C VAL I 196 42.64 -22.91 -59.34
N LEU I 197 41.39 -22.69 -59.73
CA LEU I 197 41.08 -22.02 -60.99
C LEU I 197 41.19 -20.50 -60.91
N ASP I 198 41.58 -19.94 -59.77
CA ASP I 198 41.70 -18.50 -59.65
C ASP I 198 42.88 -18.01 -60.46
N GLY I 199 42.60 -17.18 -61.46
CA GLY I 199 43.64 -16.66 -62.35
C GLY I 199 43.90 -17.50 -63.57
N ILE I 200 43.12 -18.54 -63.81
CA ILE I 200 43.29 -19.41 -64.97
C ILE I 200 42.52 -18.82 -66.14
N PHE I 201 43.15 -18.78 -67.31
CA PHE I 201 42.55 -18.19 -68.50
C PHE I 201 41.75 -19.26 -69.25
N VAL I 202 40.47 -18.99 -69.46
CA VAL I 202 39.57 -19.92 -70.13
C VAL I 202 38.90 -19.21 -71.29
N THR I 203 38.88 -19.85 -72.45
CA THR I 203 38.28 -19.31 -73.66
C THR I 203 36.90 -19.94 -73.87
N ILE I 204 35.90 -19.10 -74.11
CA ILE I 204 34.52 -19.55 -74.25
C ILE I 204 34.13 -19.54 -75.71
N LYS I 205 33.45 -20.61 -76.14
CA LYS I 205 32.97 -20.70 -77.52
C LYS I 205 31.88 -19.65 -77.75
N ASP I 206 31.76 -19.21 -79.01
CA ASP I 206 30.88 -18.09 -79.34
C ASP I 206 29.40 -18.45 -79.29
N ASP I 207 29.04 -19.71 -79.10
CA ASP I 207 27.65 -20.09 -78.96
C ASP I 207 27.22 -20.26 -77.51
N ILE I 208 28.06 -19.82 -76.57
CA ILE I 208 27.77 -19.85 -75.14
C ILE I 208 27.81 -18.43 -74.62
N ASP I 209 26.79 -18.04 -73.87
CA ASP I 209 26.71 -16.67 -73.37
C ASP I 209 27.81 -16.42 -72.34
N CYS I 210 28.61 -15.39 -72.57
CA CYS I 210 29.68 -15.00 -71.65
C CYS I 210 29.73 -13.49 -71.60
N LEU I 211 29.40 -12.92 -70.44
CA LEU I 211 29.38 -11.48 -70.29
C LEU I 211 30.79 -10.90 -70.39
N PRO I 212 30.93 -9.67 -70.89
CA PRO I 212 29.85 -8.83 -71.42
C PRO I 212 29.71 -8.96 -72.94
N HIS I 213 30.31 -10.00 -73.51
CA HIS I 213 30.32 -10.14 -74.96
C HIS I 213 29.00 -10.73 -75.45
N PRO I 214 28.51 -10.28 -76.60
CA PRO I 214 27.28 -10.86 -77.17
C PRO I 214 27.54 -12.20 -77.82
N THR I 215 26.49 -13.01 -77.89
CA THR I 215 26.56 -14.36 -78.43
C THR I 215 26.11 -14.32 -79.89
N ASN I 216 27.09 -14.32 -80.80
CA ASN I 216 26.80 -14.33 -82.23
C ASN I 216 26.80 -15.73 -82.82
N GLY I 217 27.44 -16.70 -82.16
CA GLY I 217 27.46 -18.06 -82.65
C GLY I 217 28.21 -18.25 -83.95
N GLY I 218 29.07 -17.31 -84.33
CA GLY I 218 29.76 -17.37 -85.60
C GLY I 218 29.13 -16.57 -86.72
N THR I 219 28.01 -15.90 -86.46
CA THR I 219 27.35 -15.05 -87.44
C THR I 219 27.67 -13.59 -87.15
N THR I 220 27.24 -12.73 -88.07
CA THR I 220 27.50 -11.29 -87.98
C THR I 220 26.23 -10.49 -87.65
N TRP I 221 25.19 -11.14 -87.16
CA TRP I 221 23.90 -10.46 -86.99
C TRP I 221 23.12 -11.00 -85.81
N LEU I 222 23.54 -12.13 -85.23
CA LEU I 222 22.75 -12.76 -84.18
C LEU I 222 22.62 -11.85 -82.95
N HIS I 223 23.60 -10.98 -82.73
CA HIS I 223 23.51 -10.04 -81.60
C HIS I 223 22.36 -9.06 -81.80
N GLU I 224 21.99 -8.77 -83.05
CA GLU I 224 20.90 -7.84 -83.32
C GLU I 224 19.55 -8.37 -82.89
N ASP I 225 19.42 -9.70 -82.72
CA ASP I 225 18.13 -10.31 -82.37
C ASP I 225 18.16 -11.10 -81.07
N ARG I 226 19.33 -11.46 -80.55
CA ARG I 226 19.45 -12.21 -79.31
C ARG I 226 20.39 -11.46 -78.38
N SER I 227 19.81 -10.84 -77.34
CA SER I 227 20.58 -10.08 -76.38
C SER I 227 21.04 -10.98 -75.25
N VAL I 228 22.25 -10.72 -74.75
CA VAL I 228 22.83 -11.46 -73.63
C VAL I 228 22.73 -10.57 -72.41
N GLU I 229 21.81 -10.91 -71.51
CA GLU I 229 21.58 -10.13 -70.30
C GLU I 229 22.29 -10.67 -69.08
N LYS I 230 22.83 -11.88 -69.14
CA LYS I 230 23.50 -12.48 -68.00
C LYS I 230 24.42 -13.60 -68.49
N ASP I 231 25.27 -14.06 -67.59
CA ASP I 231 26.19 -15.15 -67.91
C ASP I 231 25.44 -16.45 -68.16
N SER I 232 26.17 -17.45 -68.63
CA SER I 232 25.60 -18.78 -68.80
C SER I 232 25.88 -19.63 -67.56
N ALA I 233 25.42 -20.88 -67.59
CA ALA I 233 25.63 -21.77 -66.45
C ALA I 233 27.10 -22.11 -66.29
N VAL I 234 27.75 -22.51 -67.38
CA VAL I 234 29.14 -22.96 -67.29
C VAL I 234 30.08 -21.79 -67.06
N VAL I 235 29.73 -20.60 -67.56
CA VAL I 235 30.61 -19.44 -67.37
C VAL I 235 30.50 -18.90 -65.95
N SER I 236 29.28 -18.86 -65.40
CA SER I 236 29.12 -18.40 -64.03
C SER I 236 29.77 -19.36 -63.04
N LYS I 237 29.84 -20.65 -63.38
CA LYS I 237 30.52 -21.59 -62.51
C LYS I 237 32.02 -21.37 -62.53
N LEU I 238 32.57 -20.97 -63.69
CA LEU I 238 34.00 -20.71 -63.77
C LEU I 238 34.36 -19.37 -63.15
N ARG I 239 33.50 -18.36 -63.32
CA ARG I 239 33.78 -17.05 -62.73
C ARG I 239 33.71 -17.11 -61.20
N SER I 240 32.86 -17.98 -60.65
CA SER I 240 32.77 -18.11 -59.21
C SER I 240 34.04 -18.70 -58.62
N CYS I 241 34.80 -19.46 -59.41
CA CYS I 241 36.05 -20.03 -58.96
C CYS I 241 37.22 -19.07 -59.10
N GLY I 242 37.01 -17.90 -59.71
CA GLY I 242 38.09 -16.97 -59.94
C GLY I 242 38.75 -17.07 -61.29
N ALA I 243 38.17 -17.80 -62.23
CA ALA I 243 38.77 -17.94 -63.55
C ALA I 243 38.70 -16.63 -64.32
N ILE I 244 39.68 -16.43 -65.19
CA ILE I 244 39.75 -15.25 -66.04
C ILE I 244 39.18 -15.62 -67.40
N LEU I 245 38.10 -14.96 -67.80
CA LEU I 245 37.46 -15.22 -69.08
C LEU I 245 38.15 -14.39 -70.16
N LEU I 246 38.69 -15.06 -71.16
CA LEU I 246 39.47 -14.38 -72.20
C LEU I 246 38.56 -13.71 -73.23
N GLY I 247 37.72 -14.50 -73.90
CA GLY I 247 36.83 -13.96 -74.90
C GLY I 247 36.04 -15.05 -75.57
N LYS I 248 35.42 -14.68 -76.70
CA LYS I 248 34.61 -15.59 -77.49
C LYS I 248 35.44 -16.13 -78.65
N ALA I 249 35.56 -17.46 -78.72
CA ALA I 249 36.40 -18.09 -79.73
C ALA I 249 35.67 -18.20 -81.07
N ASN I 250 36.45 -18.39 -82.13
CA ASN I 250 35.91 -18.65 -83.44
C ASN I 250 35.27 -20.04 -83.49
N MET I 251 34.39 -20.23 -84.46
CA MET I 251 33.69 -21.49 -84.60
C MET I 251 33.10 -21.58 -86.00
N HIS I 252 32.86 -22.82 -86.44
CA HIS I 252 32.05 -23.02 -87.63
C HIS I 252 30.65 -22.47 -87.38
N GLU I 253 30.12 -21.76 -88.38
CA GLU I 253 28.91 -20.98 -88.18
C GLU I 253 27.75 -21.83 -87.67
N LEU I 254 27.40 -21.64 -86.40
CA LEU I 254 26.24 -22.27 -85.76
C LEU I 254 26.37 -23.79 -85.66
N GLY I 255 27.60 -24.31 -85.72
CA GLY I 255 27.83 -25.73 -85.53
C GLY I 255 27.63 -26.59 -86.76
N MET I 256 27.13 -26.04 -87.87
CA MET I 256 26.85 -26.83 -89.07
C MET I 256 28.14 -26.95 -89.89
N GLY I 257 29.04 -27.79 -89.39
CA GLY I 257 30.29 -28.05 -90.07
C GLY I 257 31.38 -28.56 -89.15
N THR I 258 32.09 -29.60 -89.59
CA THR I 258 33.18 -30.18 -88.82
C THR I 258 34.54 -29.79 -89.36
N THR I 259 34.61 -28.80 -90.26
CA THR I 259 35.87 -28.35 -90.82
C THR I 259 36.39 -27.06 -90.21
N GLY I 260 35.53 -26.28 -89.55
CA GLY I 260 35.94 -25.02 -88.95
C GLY I 260 36.05 -23.86 -89.91
N ASN I 261 35.71 -24.05 -91.18
CA ASN I 261 35.74 -22.95 -92.14
C ASN I 261 34.67 -21.93 -91.79
N ASN I 262 35.07 -20.66 -91.72
CA ASN I 262 34.15 -19.57 -91.37
C ASN I 262 34.48 -18.39 -92.28
N SER I 263 33.78 -18.32 -93.41
CA SER I 263 33.94 -17.22 -94.37
C SER I 263 33.36 -15.91 -93.87
N ASN I 264 33.03 -15.82 -92.58
CA ASN I 264 32.50 -14.62 -91.97
C ASN I 264 33.55 -13.85 -91.17
N TYR I 265 34.35 -14.57 -90.37
CA TYR I 265 35.41 -13.96 -89.58
C TYR I 265 36.80 -14.44 -89.95
N GLY I 266 36.92 -15.42 -90.83
CA GLY I 266 38.21 -15.99 -91.18
C GLY I 266 38.36 -17.37 -90.55
N THR I 267 38.94 -18.29 -91.31
CA THR I 267 39.09 -19.66 -90.85
C THR I 267 40.29 -19.78 -89.91
N THR I 268 40.05 -20.30 -88.71
CA THR I 268 41.14 -20.54 -87.78
C THR I 268 42.05 -21.65 -88.29
N ARG I 269 43.35 -21.43 -88.18
CA ARG I 269 44.34 -22.36 -88.71
C ARG I 269 44.87 -23.26 -87.61
N ASN I 270 45.18 -24.49 -87.97
CA ASN I 270 45.67 -25.46 -87.00
C ASN I 270 47.06 -25.04 -86.52
N PRO I 271 47.29 -24.96 -85.21
CA PRO I 271 48.64 -24.63 -84.73
C PRO I 271 49.69 -25.65 -85.14
N HIS I 272 49.29 -26.90 -85.39
CA HIS I 272 50.24 -27.90 -85.87
C HIS I 272 50.60 -27.68 -87.33
N ASP I 273 49.66 -27.14 -88.11
CA ASP I 273 49.89 -26.82 -89.52
C ASP I 273 48.88 -25.78 -89.98
N PRO I 274 49.29 -24.52 -90.15
CA PRO I 274 48.33 -23.48 -90.55
C PRO I 274 47.62 -23.79 -91.86
N LYS I 275 48.28 -24.46 -92.79
CA LYS I 275 47.69 -24.80 -94.08
C LYS I 275 46.62 -25.87 -93.98
N ARG I 276 46.28 -26.31 -92.77
CA ARG I 276 45.31 -27.37 -92.55
C ARG I 276 44.22 -26.87 -91.61
N TYR I 277 43.05 -27.50 -91.70
CA TYR I 277 41.92 -27.12 -90.88
C TYR I 277 42.15 -27.47 -89.41
N THR I 278 41.37 -26.82 -88.54
CA THR I 278 41.42 -27.10 -87.11
C THR I 278 40.49 -28.24 -86.70
N GLY I 279 39.32 -28.32 -87.34
CA GLY I 279 38.30 -29.25 -86.91
C GLY I 279 37.12 -28.52 -86.31
N GLY I 280 35.91 -28.88 -86.72
CA GLY I 280 34.72 -28.20 -86.27
C GLY I 280 33.95 -28.97 -85.20
N SER I 281 32.99 -28.28 -84.60
CA SER I 281 32.69 -26.90 -84.97
C SER I 281 33.35 -25.90 -84.04
N SER I 282 33.98 -26.41 -82.97
CA SER I 282 34.72 -25.56 -82.03
C SER I 282 36.14 -25.36 -82.55
N SER I 283 36.22 -24.61 -83.65
CA SER I 283 37.51 -24.42 -84.33
C SER I 283 38.44 -23.53 -83.51
N GLY I 284 37.94 -22.39 -83.06
CA GLY I 284 38.77 -21.47 -82.29
C GLY I 284 39.04 -21.93 -80.88
N SER I 285 38.10 -22.64 -80.26
CA SER I 285 38.28 -23.11 -78.89
C SER I 285 39.42 -24.10 -78.76
N ALA I 286 39.61 -24.97 -79.75
CA ALA I 286 40.65 -25.99 -79.70
C ALA I 286 42.02 -25.48 -80.17
N ALA I 287 42.05 -24.54 -81.11
CA ALA I 287 43.33 -24.07 -81.62
C ALA I 287 44.05 -23.19 -80.61
N ILE I 288 43.30 -22.34 -79.89
CA ILE I 288 43.92 -21.47 -78.90
C ILE I 288 44.46 -22.28 -77.72
N VAL I 289 43.92 -23.47 -77.48
CA VAL I 289 44.47 -24.35 -76.45
C VAL I 289 45.71 -25.07 -76.96
N ALA I 290 45.67 -25.54 -78.21
CA ALA I 290 46.81 -26.23 -78.80
C ALA I 290 48.00 -25.29 -79.00
N ALA I 291 47.73 -24.01 -79.25
CA ALA I 291 48.79 -23.02 -79.41
C ALA I 291 49.39 -22.58 -78.09
N GLY I 292 48.84 -23.03 -76.97
CA GLY I 292 49.41 -22.71 -75.67
C GLY I 292 49.16 -21.31 -75.18
N LEU I 293 48.05 -20.69 -75.60
CA LEU I 293 47.73 -19.33 -75.15
C LEU I 293 46.97 -19.33 -73.83
N CYS I 294 45.93 -20.17 -73.74
CA CYS I 294 45.16 -20.32 -72.51
C CYS I 294 45.21 -21.77 -72.05
N SER I 295 44.74 -22.00 -70.82
CA SER I 295 44.82 -23.33 -70.24
C SER I 295 43.81 -24.27 -70.89
N ALA I 296 42.53 -23.91 -70.86
CA ALA I 296 41.47 -24.77 -71.39
C ALA I 296 40.46 -23.90 -72.13
N ALA I 297 39.41 -24.56 -72.62
CA ALA I 297 38.36 -23.86 -73.36
C ALA I 297 37.10 -24.71 -73.33
N LEU I 298 35.95 -24.03 -73.27
CA LEU I 298 34.65 -24.68 -73.29
C LEU I 298 34.07 -24.66 -74.71
N GLY I 299 33.04 -25.46 -74.91
CA GLY I 299 32.38 -25.51 -76.20
C GLY I 299 31.33 -26.59 -76.22
N THR I 300 30.37 -26.42 -77.12
CA THR I 300 29.32 -27.40 -77.29
C THR I 300 29.83 -28.57 -78.12
N ASP I 301 29.05 -29.66 -78.13
CA ASP I 301 29.42 -30.85 -78.91
C ASP I 301 28.15 -31.63 -79.21
N GLY I 302 27.82 -31.75 -80.49
CA GLY I 302 26.67 -32.52 -80.92
C GLY I 302 26.97 -33.36 -82.13
N GLY I 303 28.26 -33.46 -82.47
CA GLY I 303 28.69 -34.25 -83.61
C GLY I 303 30.20 -34.29 -83.73
N GLY I 304 30.89 -33.95 -82.66
CA GLY I 304 32.35 -33.97 -82.66
C GLY I 304 32.96 -32.60 -82.47
N ALA I 305 32.14 -31.60 -82.13
CA ALA I 305 32.65 -30.23 -82.00
C ALA I 305 33.73 -30.13 -80.94
N VAL I 306 33.62 -30.91 -79.87
CA VAL I 306 34.66 -30.94 -78.84
C VAL I 306 35.74 -31.96 -79.16
N ARG I 307 35.36 -33.08 -79.76
CA ARG I 307 36.27 -34.21 -79.94
C ARG I 307 37.06 -34.15 -81.23
N ILE I 308 36.45 -33.72 -82.33
CA ILE I 308 37.10 -33.77 -83.63
C ILE I 308 38.31 -32.82 -83.67
N PRO I 309 38.17 -31.53 -83.35
CA PRO I 309 39.37 -30.68 -83.34
C PRO I 309 40.35 -31.02 -82.24
N SER I 310 39.89 -31.64 -81.15
CA SER I 310 40.82 -32.09 -80.11
C SER I 310 41.70 -33.23 -80.62
N ALA I 311 41.22 -34.02 -81.58
CA ALA I 311 42.05 -35.04 -82.18
C ALA I 311 42.91 -34.48 -83.30
N LEU I 312 42.41 -33.45 -84.00
CA LEU I 312 43.18 -32.86 -85.09
C LEU I 312 44.24 -31.89 -84.59
N CYS I 313 44.00 -31.21 -83.48
CA CYS I 313 44.95 -30.29 -82.89
C CYS I 313 45.75 -30.93 -81.75
N GLY I 314 45.45 -32.18 -81.40
CA GLY I 314 46.23 -32.88 -80.40
C GLY I 314 46.08 -32.37 -78.99
N ILE I 315 44.83 -32.16 -78.55
CA ILE I 315 44.51 -31.80 -77.18
C ILE I 315 43.46 -32.76 -76.65
N THR I 316 43.10 -32.58 -75.38
CA THR I 316 42.14 -33.45 -74.71
C THR I 316 40.76 -32.80 -74.77
N GLY I 317 39.80 -33.49 -75.40
CA GLY I 317 38.44 -33.01 -75.46
C GLY I 317 37.46 -33.95 -74.78
N LEU I 318 36.80 -33.48 -73.74
CA LEU I 318 35.88 -34.30 -72.96
C LEU I 318 34.45 -33.94 -73.32
N LYS I 319 33.68 -34.94 -73.74
CA LYS I 319 32.25 -34.79 -73.99
C LYS I 319 31.51 -35.52 -72.88
N THR I 320 30.77 -34.78 -72.07
CA THR I 320 30.08 -35.37 -70.93
C THR I 320 28.77 -36.01 -71.37
N THR I 321 28.12 -36.68 -70.41
CA THR I 321 26.82 -37.29 -70.65
C THR I 321 25.78 -36.21 -70.92
N TYR I 322 24.76 -36.56 -71.71
CA TYR I 322 23.66 -35.65 -71.97
C TYR I 322 22.97 -35.27 -70.66
N GLY I 323 22.92 -33.97 -70.38
CA GLY I 323 22.34 -33.49 -69.16
C GLY I 323 23.28 -33.41 -67.98
N ARG I 324 24.50 -33.94 -68.11
CA ARG I 324 25.45 -33.87 -67.01
C ARG I 324 25.89 -32.44 -66.73
N THR I 325 26.24 -31.70 -67.78
CA THR I 325 26.69 -30.32 -67.65
C THR I 325 25.57 -29.39 -68.11
N ASP I 326 25.27 -28.39 -67.28
CA ASP I 326 24.16 -27.48 -67.59
C ASP I 326 24.48 -26.61 -68.79
N MET I 327 23.50 -26.44 -69.67
CA MET I 327 23.64 -25.65 -70.88
C MET I 327 22.87 -24.34 -70.84
N THR I 328 22.26 -24.00 -69.70
CA THR I 328 21.45 -22.79 -69.60
C THR I 328 22.27 -21.55 -69.93
N GLY I 329 22.05 -20.99 -71.11
CA GLY I 329 22.78 -19.82 -71.55
C GLY I 329 23.62 -20.08 -72.78
N SER I 330 23.13 -20.95 -73.66
CA SER I 330 23.81 -21.27 -74.91
C SER I 330 22.79 -21.22 -76.05
N LEU I 331 23.27 -21.50 -77.26
CA LEU I 331 22.43 -21.49 -78.44
C LEU I 331 21.74 -22.82 -78.71
N CYS I 332 22.11 -23.87 -77.98
CA CYS I 332 21.54 -25.20 -78.19
C CYS I 332 20.79 -25.68 -76.95
N GLU I 333 20.10 -24.76 -76.27
CA GLU I 333 19.23 -25.17 -75.18
C GLU I 333 18.07 -26.00 -75.71
N GLY I 334 17.69 -27.03 -74.94
CA GLY I 334 16.63 -27.92 -75.34
C GLY I 334 17.00 -28.92 -76.42
N GLY I 335 18.20 -28.84 -76.99
CA GLY I 335 18.62 -29.81 -77.96
C GLY I 335 18.71 -31.21 -77.37
N THR I 336 18.67 -32.20 -78.26
CA THR I 336 18.61 -33.60 -77.85
C THR I 336 19.92 -34.34 -78.11
N VAL I 337 20.96 -33.65 -78.57
CA VAL I 337 22.22 -34.31 -78.93
C VAL I 337 23.42 -33.45 -78.55
N GLU I 338 23.20 -32.39 -77.78
CA GLU I 338 24.25 -31.42 -77.50
C GLU I 338 24.52 -31.30 -76.00
N ILE I 339 25.78 -31.05 -75.67
CA ILE I 339 26.20 -30.74 -74.30
C ILE I 339 27.20 -29.60 -74.36
N ILE I 340 27.95 -29.41 -73.27
CA ILE I 340 29.03 -28.42 -73.22
C ILE I 340 30.21 -29.09 -72.51
N GLY I 341 31.29 -29.34 -73.25
CA GLY I 341 32.45 -30.00 -72.70
C GLY I 341 33.70 -29.15 -72.80
N PRO I 342 34.66 -29.40 -71.91
CA PRO I 342 35.91 -28.64 -71.93
C PRO I 342 36.93 -29.20 -72.90
N LEU I 343 37.82 -28.31 -73.35
CA LEU I 343 38.93 -28.67 -74.22
C LEU I 343 40.20 -28.13 -73.60
N ALA I 344 41.10 -29.02 -73.18
CA ALA I 344 42.31 -28.64 -72.48
C ALA I 344 43.51 -29.36 -73.10
N SER I 345 44.71 -28.91 -72.70
CA SER I 345 45.94 -29.46 -73.25
C SER I 345 46.29 -30.81 -72.65
N SER I 346 45.98 -31.02 -71.37
CA SER I 346 46.26 -32.27 -70.69
C SER I 346 44.99 -32.80 -70.06
N LEU I 347 45.03 -34.08 -69.68
CA LEU I 347 43.88 -34.70 -69.03
C LEU I 347 43.64 -34.12 -67.64
N GLU I 348 44.73 -33.74 -66.95
CA GLU I 348 44.58 -33.14 -65.63
C GLU I 348 43.87 -31.78 -65.70
N ASP I 349 44.10 -31.03 -66.79
CA ASP I 349 43.44 -29.75 -66.95
C ASP I 349 41.97 -29.92 -67.29
N ALA I 350 41.65 -30.82 -68.23
CA ALA I 350 40.26 -31.03 -68.62
C ALA I 350 39.44 -31.60 -67.48
N PHE I 351 40.07 -32.43 -66.62
CA PHE I 351 39.35 -32.98 -65.49
C PHE I 351 38.99 -31.90 -64.47
N LEU I 352 39.90 -30.95 -64.24
CA LEU I 352 39.63 -29.89 -63.29
C LEU I 352 38.54 -28.95 -63.80
N VAL I 353 38.55 -28.62 -65.09
CA VAL I 353 37.52 -27.75 -65.65
C VAL I 353 36.16 -28.44 -65.60
N TYR I 354 36.13 -29.74 -65.88
CA TYR I 354 34.88 -30.49 -65.75
C TYR I 354 34.36 -30.45 -64.32
N ALA I 355 35.27 -30.40 -63.34
CA ALA I 355 34.84 -30.36 -61.95
C ALA I 355 34.10 -29.08 -61.61
N ALA I 356 34.35 -28.01 -62.37
CA ALA I 356 33.75 -26.72 -62.08
C ALA I 356 32.44 -26.51 -62.82
N ILE I 357 32.37 -26.91 -64.09
CA ILE I 357 31.20 -26.60 -64.91
C ILE I 357 30.08 -27.64 -64.77
N LEU I 358 30.33 -28.76 -64.11
CA LEU I 358 29.33 -29.80 -64.02
C LEU I 358 28.15 -29.36 -63.15
N GLY I 359 27.09 -30.16 -63.16
CA GLY I 359 25.89 -29.85 -62.42
C GLY I 359 24.68 -29.75 -63.34
N SER I 360 23.81 -30.77 -63.30
CA SER I 360 22.66 -30.80 -64.18
C SER I 360 21.68 -29.68 -63.86
N SER I 361 21.01 -29.19 -64.90
CA SER I 361 20.00 -28.16 -64.72
C SER I 361 18.82 -28.68 -63.91
N SER I 362 18.01 -27.75 -63.42
CA SER I 362 16.82 -28.14 -62.67
C SER I 362 15.84 -28.91 -63.53
N ALA I 363 15.75 -28.58 -64.82
CA ALA I 363 14.86 -29.30 -65.73
C ALA I 363 15.40 -30.68 -66.04
N ASP I 364 16.70 -30.78 -66.35
CA ASP I 364 17.31 -32.07 -66.64
C ASP I 364 17.47 -32.92 -65.38
N ARG I 365 17.36 -32.31 -64.20
CA ARG I 365 17.46 -33.08 -62.96
C ARG I 365 16.30 -34.06 -62.83
N TYR I 366 15.07 -33.56 -62.95
CA TYR I 366 13.90 -34.43 -62.81
C TYR I 366 13.67 -35.27 -64.06
N ASN I 367 13.98 -34.73 -65.24
CA ASN I 367 13.69 -35.45 -66.48
C ASN I 367 14.67 -36.60 -66.71
N LEU I 368 15.94 -36.40 -66.39
CA LEU I 368 16.97 -37.39 -66.69
C LEU I 368 17.41 -38.19 -65.46
N LYS I 369 17.17 -37.68 -64.26
CA LYS I 369 17.56 -38.33 -63.01
C LYS I 369 19.02 -38.77 -63.06
N PRO I 370 19.98 -37.84 -63.13
CA PRO I 370 21.38 -38.23 -63.24
C PRO I 370 21.93 -38.71 -61.90
N SER I 371 22.72 -39.77 -61.96
CA SER I 371 23.43 -40.23 -60.78
C SER I 371 24.40 -39.14 -60.32
N PRO I 372 24.70 -39.08 -59.02
CA PRO I 372 25.58 -38.02 -58.52
C PRO I 372 26.93 -38.03 -59.24
N PRO I 373 27.45 -36.85 -59.57
CA PRO I 373 28.76 -36.80 -60.22
C PRO I 373 29.85 -37.33 -59.30
N CYS I 374 30.87 -37.93 -59.92
CA CYS I 374 31.97 -38.50 -59.16
C CYS I 374 33.26 -38.36 -59.97
N PHE I 375 34.35 -38.16 -59.26
CA PHE I 375 35.62 -37.99 -59.94
C PHE I 375 36.47 -39.25 -59.82
N PRO I 376 37.26 -39.55 -60.85
CA PRO I 376 38.12 -40.75 -60.78
C PRO I 376 39.30 -40.50 -59.87
N LYS I 377 39.56 -41.48 -58.99
CA LYS I 377 40.72 -41.42 -58.10
C LYS I 377 41.99 -41.52 -58.96
N LEU I 378 42.39 -40.37 -59.52
CA LEU I 378 43.53 -40.30 -60.40
C LEU I 378 44.86 -40.32 -59.65
N LEU I 379 44.87 -40.83 -58.42
CA LEU I 379 46.09 -40.91 -57.62
C LEU I 379 46.91 -42.11 -58.07
N SER I 380 48.14 -41.87 -58.49
CA SER I 380 48.99 -42.91 -59.04
C SER I 380 49.58 -43.78 -57.92
N HIS I 381 50.15 -44.91 -58.34
CA HIS I 381 50.81 -45.89 -57.48
C HIS I 381 49.85 -46.58 -56.51
N ASN I 382 48.63 -46.10 -56.41
CA ASN I 382 47.53 -46.88 -55.84
C ASN I 382 46.61 -47.42 -56.92
N GLY I 383 46.90 -47.11 -58.18
CA GLY I 383 46.12 -47.60 -59.31
C GLY I 383 46.64 -48.90 -59.88
N SER I 384 46.59 -49.03 -61.20
CA SER I 384 46.89 -50.28 -61.91
C SER I 384 46.01 -51.42 -61.43
N ASN I 385 44.89 -51.10 -60.78
CA ASN I 385 43.98 -52.09 -60.21
C ASN I 385 42.60 -52.04 -60.86
N ALA I 386 41.98 -50.86 -60.93
CA ALA I 386 40.67 -50.75 -61.52
C ALA I 386 40.72 -50.64 -63.05
N ILE I 387 41.82 -50.09 -63.58
CA ILE I 387 41.94 -49.93 -65.02
C ILE I 387 42.07 -51.29 -65.71
N GLY I 388 42.70 -52.26 -65.05
CA GLY I 388 42.91 -53.55 -65.68
C GLY I 388 41.62 -54.32 -65.88
N SER I 389 40.68 -54.20 -64.94
CA SER I 389 39.41 -54.91 -65.04
C SER I 389 38.50 -54.35 -66.12
N LEU I 390 38.88 -53.27 -66.80
CA LEU I 390 38.05 -52.68 -67.83
C LEU I 390 38.05 -53.56 -69.07
N ARG I 391 36.88 -53.69 -69.70
CA ARG I 391 36.71 -54.42 -70.94
C ARG I 391 36.51 -53.42 -72.07
N LEU I 392 37.44 -53.40 -73.02
CA LEU I 392 37.44 -52.41 -74.09
C LEU I 392 36.72 -52.98 -75.31
N GLY I 393 35.66 -52.30 -75.75
CA GLY I 393 34.90 -52.74 -76.90
C GLY I 393 35.46 -52.23 -78.21
N LYS I 394 35.81 -53.14 -79.11
CA LYS I 394 36.40 -52.79 -80.40
C LYS I 394 35.61 -53.44 -81.52
N TYR I 395 35.14 -52.61 -82.46
CA TYR I 395 34.51 -53.09 -83.68
C TYR I 395 35.57 -53.03 -84.78
N THR I 396 36.15 -54.20 -85.09
CA THR I 396 37.30 -54.26 -85.99
C THR I 396 37.03 -53.57 -87.33
N LYS I 397 35.95 -53.99 -88.00
CA LYS I 397 35.62 -53.40 -89.30
C LYS I 397 35.36 -51.91 -89.19
N TRP I 398 34.77 -51.47 -88.08
CA TRP I 398 34.60 -50.05 -87.83
C TRP I 398 35.90 -49.39 -87.39
N PHE I 399 36.74 -50.13 -86.65
CA PHE I 399 37.98 -49.56 -86.12
C PHE I 399 38.96 -49.21 -87.24
N ASN I 400 39.05 -50.07 -88.26
CA ASN I 400 40.04 -49.90 -89.32
C ASN I 400 39.53 -49.09 -90.50
N ASP I 401 38.24 -48.80 -90.56
CA ASP I 401 37.70 -48.03 -91.69
C ASP I 401 38.12 -46.58 -91.59
N VAL I 402 39.39 -46.31 -91.88
CA VAL I 402 39.95 -44.96 -91.86
C VAL I 402 40.69 -44.73 -93.17
N SER I 403 40.89 -43.47 -93.50
CA SER I 403 41.58 -43.09 -94.73
C SER I 403 43.10 -43.06 -94.58
N SER I 404 43.62 -43.33 -93.38
CA SER I 404 45.05 -43.32 -93.13
C SER I 404 45.41 -44.55 -92.31
N SER I 405 46.34 -45.36 -92.83
CA SER I 405 46.76 -46.58 -92.14
C SER I 405 47.43 -46.28 -90.81
N ASP I 406 47.98 -45.08 -90.63
CA ASP I 406 48.66 -44.74 -89.39
C ASP I 406 47.69 -44.62 -88.23
N ILE I 407 46.45 -44.20 -88.51
CA ILE I 407 45.49 -43.98 -87.43
C ILE I 407 45.03 -45.31 -86.84
N SER I 408 44.66 -46.27 -87.71
CA SER I 408 44.23 -47.57 -87.23
C SER I 408 45.37 -48.38 -86.63
N ASP I 409 46.62 -48.00 -86.89
CA ASP I 409 47.77 -48.68 -86.32
C ASP I 409 48.15 -48.11 -84.96
N LYS I 410 48.29 -46.78 -84.87
CA LYS I 410 48.65 -46.16 -83.60
C LYS I 410 47.56 -46.34 -82.55
N CYS I 411 46.30 -46.29 -82.97
CA CYS I 411 45.21 -46.56 -82.03
C CYS I 411 45.19 -48.01 -81.58
N GLU I 412 45.58 -48.93 -82.48
CA GLU I 412 45.74 -50.33 -82.06
C GLU I 412 46.97 -50.50 -81.18
N ASP I 413 47.98 -49.65 -81.33
CA ASP I 413 49.14 -49.70 -80.45
C ASP I 413 48.77 -49.37 -79.02
N ILE I 414 47.91 -48.35 -78.83
CA ILE I 414 47.46 -48.01 -77.49
C ILE I 414 46.60 -49.13 -76.91
N LEU I 415 45.83 -49.82 -77.75
CA LEU I 415 45.06 -50.96 -77.27
C LEU I 415 45.97 -52.09 -76.83
N LYS I 416 47.04 -52.35 -77.57
CA LYS I 416 48.01 -53.35 -77.14
C LYS I 416 48.78 -52.87 -75.92
N LEU I 417 49.06 -51.57 -75.84
CA LEU I 417 49.78 -51.03 -74.68
C LEU I 417 48.91 -51.06 -73.43
N LEU I 418 47.63 -50.71 -73.56
CA LEU I 418 46.72 -50.78 -72.42
C LEU I 418 46.53 -52.20 -71.93
N SER I 419 46.53 -53.16 -72.86
CA SER I 419 46.36 -54.56 -72.48
C SER I 419 47.62 -55.13 -71.86
N ASN I 420 48.79 -54.68 -72.29
CA ASN I 420 50.05 -55.22 -71.78
C ASN I 420 50.50 -54.57 -70.49
N ASN I 421 50.00 -53.36 -70.18
CA ASN I 421 50.46 -52.63 -69.00
C ASN I 421 49.47 -52.66 -67.85
N HIS I 422 48.19 -52.88 -68.11
CA HIS I 422 47.19 -52.89 -67.05
C HIS I 422 46.38 -54.17 -67.07
N GLY I 423 46.19 -54.76 -68.24
CA GLY I 423 45.44 -55.97 -68.39
C GLY I 423 44.03 -55.81 -68.94
N CYS I 424 43.78 -54.77 -69.74
CA CYS I 424 42.46 -54.57 -70.30
C CYS I 424 42.20 -55.56 -71.42
N LYS I 425 41.02 -56.18 -71.39
CA LYS I 425 40.64 -57.18 -72.39
C LYS I 425 39.90 -56.47 -73.52
N VAL I 426 40.48 -56.46 -74.71
CA VAL I 426 39.87 -55.86 -75.89
C VAL I 426 38.83 -56.86 -76.41
N VAL I 427 37.58 -56.68 -76.02
CA VAL I 427 36.50 -57.57 -76.41
C VAL I 427 35.95 -57.11 -77.76
N GLU I 428 35.85 -58.06 -78.70
CA GLU I 428 35.30 -57.75 -80.01
C GLU I 428 33.80 -57.51 -79.91
N ILE I 429 33.36 -56.35 -80.39
CA ILE I 429 31.95 -55.99 -80.35
C ILE I 429 31.45 -55.72 -81.76
N VAL I 430 30.22 -55.25 -81.88
CA VAL I 430 29.63 -54.91 -83.17
C VAL I 430 28.55 -53.84 -82.94
N VAL I 431 28.59 -52.79 -83.74
CA VAL I 431 27.62 -51.70 -83.66
C VAL I 431 26.70 -51.75 -84.87
N PRO I 432 25.51 -52.33 -84.75
CA PRO I 432 24.64 -52.47 -85.93
C PRO I 432 24.01 -51.16 -86.34
N GLU I 433 23.55 -51.12 -87.59
CA GLU I 433 22.79 -50.01 -88.13
C GLU I 433 23.54 -48.69 -88.03
N LEU I 434 24.78 -48.68 -88.51
CA LEU I 434 25.59 -47.46 -88.48
C LEU I 434 25.14 -46.44 -89.52
N GLU I 435 24.58 -46.91 -90.65
CA GLU I 435 24.07 -45.97 -91.64
C GLU I 435 22.81 -45.28 -91.14
N GLU I 436 22.00 -45.97 -90.34
CA GLU I 436 20.84 -45.33 -89.74
C GLU I 436 21.25 -44.28 -88.72
N MET I 437 22.35 -44.52 -88.00
CA MET I 437 22.82 -43.54 -87.02
C MET I 437 23.22 -42.24 -87.70
N ARG I 438 23.78 -42.33 -88.91
CA ARG I 438 24.07 -41.13 -89.68
C ARG I 438 22.78 -40.39 -90.04
N ALA I 439 21.79 -41.12 -90.53
CA ALA I 439 20.55 -40.49 -90.96
C ALA I 439 19.73 -40.00 -89.78
N ALA I 440 19.73 -40.75 -88.68
CA ALA I 440 18.95 -40.35 -87.51
C ALA I 440 19.58 -39.18 -86.77
N HIS I 441 20.91 -39.06 -86.82
CA HIS I 441 21.57 -37.95 -86.13
C HIS I 441 21.43 -36.65 -86.92
N VAL I 442 21.67 -36.70 -88.23
CA VAL I 442 21.72 -35.48 -89.04
C VAL I 442 20.40 -34.73 -89.00
N ILE I 443 19.29 -35.44 -88.78
CA ILE I 443 17.99 -34.79 -88.71
C ILE I 443 17.69 -34.29 -87.30
N SER I 444 18.10 -35.03 -86.27
CA SER I 444 17.82 -34.63 -84.90
C SER I 444 18.69 -33.47 -84.42
N ILE I 445 19.74 -33.12 -85.16
CA ILE I 445 20.60 -32.00 -84.80
C ILE I 445 20.18 -30.77 -85.60
N GLY I 446 19.75 -30.97 -86.83
CA GLY I 446 19.42 -29.87 -87.71
C GLY I 446 18.01 -29.34 -87.53
N SER I 447 17.07 -30.23 -87.20
CA SER I 447 15.68 -29.83 -87.04
C SER I 447 15.48 -28.81 -85.93
N PRO I 448 15.98 -29.01 -84.70
CA PRO I 448 15.76 -27.99 -83.66
C PRO I 448 16.47 -26.68 -83.93
N THR I 449 17.66 -26.72 -84.56
CA THR I 449 18.38 -25.49 -84.85
C THR I 449 17.66 -24.69 -85.93
N LEU I 450 17.13 -25.38 -86.95
CA LEU I 450 16.38 -24.69 -88.00
C LEU I 450 15.12 -24.04 -87.45
N SER I 451 14.51 -24.64 -86.44
CA SER I 451 13.31 -24.06 -85.83
C SER I 451 13.65 -22.81 -85.03
N SER I 452 14.73 -22.86 -84.23
CA SER I 452 15.11 -21.71 -83.42
C SER I 452 15.56 -20.52 -84.26
N LEU I 453 15.98 -20.76 -85.51
CA LEU I 453 16.40 -19.68 -86.39
C LEU I 453 15.34 -19.27 -87.41
N THR I 454 14.26 -20.05 -87.54
CA THR I 454 13.27 -19.78 -88.58
C THR I 454 12.64 -18.39 -88.45
N PRO I 455 12.20 -17.94 -87.26
CA PRO I 455 11.67 -16.56 -87.19
C PRO I 455 12.67 -15.49 -87.57
N TYR I 456 13.97 -15.78 -87.48
CA TYR I 456 15.00 -14.84 -87.91
C TYR I 456 15.31 -14.98 -89.40
N CYS I 457 15.32 -16.20 -89.92
CA CYS I 457 15.57 -16.40 -91.34
C CYS I 457 14.38 -15.92 -92.17
N GLU I 458 13.16 -16.17 -91.71
CA GLU I 458 11.99 -15.60 -92.35
C GLU I 458 11.97 -14.08 -92.24
N ALA I 459 12.71 -13.51 -91.29
CA ALA I 459 12.80 -12.07 -91.10
C ALA I 459 13.85 -11.42 -91.99
N GLY I 460 14.10 -11.99 -93.17
CA GLY I 460 15.07 -11.45 -94.10
C GLY I 460 16.52 -11.65 -93.73
N LYS I 461 16.82 -12.05 -92.49
CA LYS I 461 18.19 -12.26 -92.04
C LYS I 461 18.80 -13.55 -92.57
N ASN I 462 18.08 -14.31 -93.40
CA ASN I 462 18.65 -15.53 -93.97
C ASN I 462 19.75 -15.21 -94.97
N SER I 463 19.69 -14.05 -95.63
CA SER I 463 20.75 -13.65 -96.54
C SER I 463 22.04 -13.27 -95.82
N LYS I 464 21.96 -12.99 -94.53
CA LYS I 464 23.13 -12.65 -93.73
C LYS I 464 23.89 -13.87 -93.22
N LEU I 465 23.50 -15.07 -93.63
CA LEU I 465 24.18 -16.29 -93.23
C LEU I 465 25.18 -16.71 -94.31
N SER I 466 26.02 -17.67 -93.95
CA SER I 466 27.05 -18.15 -94.87
C SER I 466 26.47 -19.18 -95.82
N TYR I 467 27.27 -19.53 -96.84
CA TYR I 467 26.85 -20.52 -97.82
C TYR I 467 27.05 -21.94 -97.32
N ASP I 468 27.96 -22.15 -96.36
CA ASP I 468 28.12 -23.47 -95.76
C ASP I 468 26.90 -23.85 -94.93
N THR I 469 26.25 -22.87 -94.30
CA THR I 469 25.06 -23.13 -93.49
C THR I 469 23.79 -23.16 -94.32
N ARG I 470 23.64 -22.23 -95.27
CA ARG I 470 22.45 -22.19 -96.11
C ARG I 470 22.32 -23.45 -96.95
N THR I 471 23.45 -24.07 -97.33
CA THR I 471 23.39 -25.35 -98.03
C THR I 471 22.87 -26.44 -97.11
N SER I 472 23.23 -26.39 -95.82
CA SER I 472 22.71 -27.35 -94.86
C SER I 472 21.27 -27.03 -94.46
N PHE I 473 20.91 -25.75 -94.45
CA PHE I 473 19.54 -25.38 -94.09
C PHE I 473 18.55 -25.77 -95.18
N ALA I 474 18.95 -25.68 -96.44
CA ALA I 474 18.08 -26.11 -97.53
C ALA I 474 17.80 -27.61 -97.45
N ILE I 475 18.76 -28.39 -96.97
CA ILE I 475 18.54 -29.83 -96.79
C ILE I 475 17.69 -30.09 -95.55
N PHE I 476 17.86 -29.28 -94.51
CA PHE I 476 17.10 -29.49 -93.27
C PHE I 476 15.62 -29.19 -93.48
N ARG I 477 15.29 -28.18 -94.28
CA ARG I 477 13.89 -27.87 -94.57
C ARG I 477 13.20 -29.02 -95.27
N SER I 478 13.95 -29.90 -95.94
CA SER I 478 13.37 -31.07 -96.58
C SER I 478 12.97 -32.16 -95.59
N PHE I 479 13.33 -32.00 -94.31
CA PHE I 479 12.96 -32.98 -93.30
C PHE I 479 11.55 -32.68 -92.79
N SER I 480 10.64 -33.63 -93.00
CA SER I 480 9.26 -33.48 -92.57
C SER I 480 9.08 -33.94 -91.13
N ALA I 481 7.91 -33.63 -90.56
CA ALA I 481 7.62 -34.05 -89.20
C ALA I 481 7.50 -35.57 -89.09
N SER I 482 7.00 -36.22 -90.14
CA SER I 482 6.96 -37.68 -90.16
C SER I 482 8.36 -38.28 -90.20
N ASP I 483 9.30 -37.59 -90.85
CA ASP I 483 10.68 -38.06 -90.89
C ASP I 483 11.33 -38.00 -89.50
N TYR I 484 10.98 -36.98 -88.71
CA TYR I 484 11.57 -36.85 -87.38
C TYR I 484 11.05 -37.95 -86.45
N ILE I 485 9.75 -38.19 -86.46
CA ILE I 485 9.19 -39.26 -85.64
C ILE I 485 9.78 -40.61 -86.04
N ALA I 486 10.00 -40.80 -87.34
CA ALA I 486 10.63 -42.03 -87.81
C ALA I 486 12.10 -42.09 -87.40
N ALA I 487 12.77 -40.93 -87.29
CA ALA I 487 14.17 -40.92 -86.90
C ALA I 487 14.34 -41.18 -85.41
N GLN I 488 13.41 -40.67 -84.59
CA GLN I 488 13.50 -40.92 -83.16
C GLN I 488 13.30 -42.39 -82.83
N CYS I 489 12.49 -43.10 -83.62
CA CYS I 489 12.36 -44.54 -83.45
C CYS I 489 13.68 -45.24 -83.73
N LEU I 490 14.47 -44.73 -84.68
CA LEU I 490 15.80 -45.28 -84.92
C LEU I 490 16.74 -44.98 -83.76
N ARG I 491 16.49 -43.89 -83.03
CA ARG I 491 17.31 -43.59 -81.86
C ARG I 491 17.11 -44.63 -80.76
N ARG I 492 15.90 -45.18 -80.64
CA ARG I 492 15.67 -46.21 -79.64
C ARG I 492 16.36 -47.51 -80.01
N ARG I 493 16.37 -47.86 -81.30
CA ARG I 493 17.08 -49.05 -81.74
C ARG I 493 18.55 -48.99 -81.36
N LEU I 494 19.24 -47.92 -81.80
CA LEU I 494 20.67 -47.78 -81.53
C LEU I 494 20.94 -47.64 -80.03
N MET I 495 19.98 -47.10 -79.29
CA MET I 495 20.11 -47.04 -77.84
C MET I 495 20.13 -48.44 -77.23
N GLU I 496 19.24 -49.32 -77.71
CA GLU I 496 19.19 -50.68 -77.18
C GLU I 496 20.43 -51.47 -77.59
N TYR I 497 20.94 -51.23 -78.80
CA TYR I 497 22.18 -51.88 -79.22
C TYR I 497 23.32 -51.49 -78.29
N HIS I 498 23.54 -50.19 -78.11
CA HIS I 498 24.66 -49.72 -77.31
C HIS I 498 24.54 -50.12 -75.86
N LEU I 499 23.31 -50.17 -75.33
CA LEU I 499 23.14 -50.64 -73.95
C LEU I 499 23.48 -52.11 -73.82
N ASN I 500 23.21 -52.91 -74.85
CA ASN I 500 23.64 -54.31 -74.84
C ASN I 500 25.15 -54.44 -74.93
N ILE I 501 25.80 -53.52 -75.66
CA ILE I 501 27.25 -53.54 -75.75
C ILE I 501 27.88 -53.22 -74.41
N PHE I 502 27.28 -52.30 -73.65
CA PHE I 502 27.80 -51.93 -72.35
C PHE I 502 27.53 -52.97 -71.27
N LYS I 503 26.90 -54.09 -71.62
CA LYS I 503 26.79 -55.22 -70.71
C LYS I 503 27.98 -56.15 -70.81
N ASP I 504 28.59 -56.25 -71.99
CA ASP I 504 29.79 -57.05 -72.19
C ASP I 504 31.07 -56.27 -71.95
N VAL I 505 31.11 -55.01 -72.39
CA VAL I 505 32.27 -54.15 -72.22
C VAL I 505 31.89 -52.96 -71.36
N ASP I 506 32.92 -52.23 -70.93
CA ASP I 506 32.72 -51.02 -70.13
C ASP I 506 32.81 -49.73 -70.95
N VAL I 507 33.68 -49.70 -71.95
CA VAL I 507 33.82 -48.56 -72.85
C VAL I 507 33.95 -49.07 -74.27
N ILE I 508 33.73 -48.17 -75.23
CA ILE I 508 33.86 -48.47 -76.65
C ILE I 508 35.01 -47.62 -77.19
N VAL I 509 36.13 -48.27 -77.50
CA VAL I 509 37.33 -47.58 -77.97
C VAL I 509 37.30 -47.52 -79.49
N THR I 510 37.45 -46.31 -80.03
CA THR I 510 37.46 -46.06 -81.47
C THR I 510 38.32 -44.83 -81.72
N PRO I 511 38.97 -44.75 -82.88
CA PRO I 511 39.65 -43.50 -83.24
C PRO I 511 38.64 -42.37 -83.38
N THR I 512 39.04 -41.17 -82.96
CA THR I 512 38.12 -40.05 -82.93
C THR I 512 37.66 -39.68 -84.35
N THR I 513 38.61 -39.46 -85.25
CA THR I 513 38.31 -39.12 -86.63
C THR I 513 38.94 -40.13 -87.57
N GLY I 514 38.36 -40.27 -88.76
CA GLY I 514 38.86 -41.17 -89.77
C GLY I 514 39.96 -40.62 -90.64
N MET I 515 40.46 -39.42 -90.34
CA MET I 515 41.53 -38.80 -91.12
C MET I 515 42.26 -37.81 -90.24
N THR I 516 43.52 -37.54 -90.58
CA THR I 516 44.28 -36.51 -89.90
C THR I 516 43.78 -35.13 -90.31
N ALA I 517 44.46 -34.10 -89.84
CA ALA I 517 44.10 -32.72 -90.16
C ALA I 517 44.18 -32.50 -91.66
N PRO I 518 43.06 -32.24 -92.33
CA PRO I 518 43.08 -32.07 -93.78
C PRO I 518 43.48 -30.66 -94.19
N VAL I 519 44.17 -30.58 -95.33
CA VAL I 519 44.60 -29.29 -95.84
C VAL I 519 43.39 -28.49 -96.29
N ILE I 520 43.49 -27.16 -96.15
CA ILE I 520 42.40 -26.26 -96.50
C ILE I 520 42.46 -25.97 -97.99
N PRO I 521 41.38 -26.21 -98.73
CA PRO I 521 41.34 -25.80 -100.14
C PRO I 521 41.38 -24.29 -100.26
N PRO I 522 42.38 -23.74 -100.93
CA PRO I 522 42.49 -22.27 -101.01
C PRO I 522 41.30 -21.61 -101.70
N ASP I 523 40.61 -22.33 -102.59
CA ASP I 523 39.45 -21.78 -103.26
C ASP I 523 38.25 -21.66 -102.32
N ALA I 524 38.27 -22.35 -101.19
CA ALA I 524 37.17 -22.33 -100.24
C ALA I 524 37.28 -21.21 -99.21
N LEU I 525 38.39 -20.47 -99.19
CA LEU I 525 38.55 -19.37 -98.24
C LEU I 525 37.84 -18.10 -98.68
N LYS I 526 37.17 -18.12 -99.83
CA LYS I 526 36.45 -16.95 -100.33
C LYS I 526 34.99 -16.95 -99.86
N ASN I 527 34.35 -18.12 -99.83
CA ASN I 527 32.97 -18.19 -99.36
C ASN I 527 32.60 -19.55 -98.77
N GLY I 528 33.53 -20.49 -98.65
CA GLY I 528 33.29 -21.75 -97.96
C GLY I 528 33.53 -22.95 -98.87
N GLU I 529 33.28 -24.13 -98.30
CA GLU I 529 33.28 -25.38 -99.04
C GLU I 529 32.11 -26.25 -98.58
N THR I 530 31.57 -27.04 -99.51
CA THR I 530 30.49 -27.98 -99.21
C THR I 530 30.95 -29.43 -99.34
N ASN I 531 32.21 -29.69 -99.01
CA ASN I 531 32.74 -31.05 -99.07
C ASN I 531 32.04 -31.91 -98.02
N ILE I 532 31.04 -32.67 -98.46
CA ILE I 532 30.32 -33.52 -97.53
C ILE I 532 31.04 -34.85 -97.33
N GLN I 533 31.82 -35.29 -98.33
CA GLN I 533 32.67 -36.46 -98.15
C GLN I 533 33.68 -36.25 -97.03
N VAL I 534 33.99 -35.00 -96.71
CA VAL I 534 34.92 -34.67 -95.64
C VAL I 534 34.19 -34.37 -94.33
N THR I 535 33.13 -33.55 -94.39
CA THR I 535 32.41 -33.20 -93.18
C THR I 535 31.72 -34.40 -92.54
N THR I 536 31.45 -35.45 -93.31
CA THR I 536 30.83 -36.65 -92.78
C THR I 536 31.87 -37.68 -92.33
N ASP I 537 32.97 -37.81 -93.07
CA ASP I 537 34.02 -38.76 -92.69
C ASP I 537 34.60 -38.43 -91.33
N LEU I 538 34.54 -37.17 -90.91
CA LEU I 538 35.03 -36.80 -89.59
C LEU I 538 34.06 -37.20 -88.49
N MET I 539 32.77 -37.25 -88.79
CA MET I 539 31.75 -37.61 -87.81
C MET I 539 31.53 -39.12 -87.71
N ARG I 540 32.36 -39.92 -88.38
CA ARG I 540 32.08 -41.35 -88.50
C ARG I 540 32.07 -42.05 -87.15
N PHE I 541 32.84 -41.54 -86.17
CA PHE I 541 32.99 -42.22 -84.90
C PHE I 541 32.34 -41.49 -83.72
N VAL I 542 31.91 -40.25 -83.90
CA VAL I 542 31.46 -39.43 -82.77
C VAL I 542 29.95 -39.27 -82.71
N LEU I 543 29.21 -39.71 -83.73
CA LEU I 543 27.76 -39.53 -83.72
C LEU I 543 27.08 -40.36 -82.65
N ALA I 544 27.69 -41.47 -82.24
CA ALA I 544 27.05 -42.36 -81.29
C ALA I 544 26.88 -41.71 -79.92
N ALA I 545 27.89 -40.95 -79.47
CA ALA I 545 27.82 -40.34 -78.16
C ALA I 545 26.80 -39.21 -78.11
N ASN I 546 26.51 -38.57 -79.25
CA ASN I 546 25.57 -37.46 -79.24
C ASN I 546 24.13 -37.96 -79.38
N LEU I 547 23.89 -38.86 -80.33
CA LEU I 547 22.53 -39.35 -80.58
C LEU I 547 21.95 -40.06 -79.35
N LEU I 548 22.79 -40.74 -78.58
CA LEU I 548 22.34 -41.47 -77.41
C LEU I 548 22.74 -40.82 -76.10
N GLY I 549 23.52 -39.74 -76.13
CA GLY I 549 23.88 -39.03 -74.92
C GLY I 549 25.00 -39.66 -74.12
N PHE I 550 25.86 -40.44 -74.75
CA PHE I 550 26.95 -41.08 -74.03
C PHE I 550 28.12 -40.12 -73.82
N PRO I 551 28.88 -40.29 -72.75
CA PRO I 551 30.12 -39.51 -72.59
C PRO I 551 31.27 -40.12 -73.38
N ALA I 552 32.00 -39.25 -74.07
CA ALA I 552 33.16 -39.67 -74.85
C ALA I 552 34.29 -38.65 -74.63
N ILE I 553 35.51 -39.09 -74.88
CA ILE I 553 36.69 -38.25 -74.68
C ILE I 553 37.72 -38.61 -75.74
N SER I 554 38.31 -37.59 -76.36
CA SER I 554 39.33 -37.75 -77.39
C SER I 554 40.68 -37.38 -76.78
N VAL I 555 41.46 -38.39 -76.42
CA VAL I 555 42.79 -38.21 -75.84
C VAL I 555 43.83 -38.44 -76.92
N PRO I 556 44.82 -37.57 -77.07
CA PRO I 556 45.85 -37.78 -78.09
C PRO I 556 46.66 -39.04 -77.80
N VAL I 557 47.02 -39.75 -78.88
CA VAL I 557 47.72 -41.02 -78.77
C VAL I 557 48.99 -41.06 -79.61
N GLY I 558 49.30 -40.02 -80.36
CA GLY I 558 50.50 -40.01 -81.17
C GLY I 558 50.30 -39.16 -82.40
N TYR I 559 51.20 -39.35 -83.37
CA TYR I 559 51.24 -38.55 -84.58
C TYR I 559 51.43 -39.45 -85.79
N ASP I 560 50.89 -39.02 -86.92
CA ASP I 560 50.93 -39.82 -88.15
C ASP I 560 52.27 -39.69 -88.86
N LYS I 561 52.29 -39.96 -90.17
CA LYS I 561 53.51 -39.84 -90.94
C LYS I 561 53.96 -38.39 -91.06
N GLU I 562 53.03 -37.50 -91.45
CA GLU I 562 53.34 -36.09 -91.63
C GLU I 562 53.33 -35.30 -90.33
N GLY I 563 53.38 -35.97 -89.18
CA GLY I 563 53.44 -35.28 -87.91
C GLY I 563 52.14 -34.68 -87.42
N LEU I 564 51.02 -35.02 -88.05
CA LEU I 564 49.74 -34.49 -87.59
C LEU I 564 49.23 -35.30 -86.41
N PRO I 565 48.56 -34.66 -85.45
CA PRO I 565 48.12 -35.38 -84.26
C PRO I 565 47.08 -36.45 -84.57
N ILE I 566 46.93 -37.38 -83.62
CA ILE I 566 45.96 -38.47 -83.71
C ILE I 566 45.28 -38.60 -82.36
N GLY I 567 43.96 -38.71 -82.37
CA GLY I 567 43.19 -38.84 -81.14
C GLY I 567 42.42 -40.14 -81.10
N LEU I 568 42.15 -40.61 -79.88
CA LEU I 568 41.38 -41.82 -79.64
C LEU I 568 40.17 -41.49 -78.80
N GLN I 569 38.99 -41.91 -79.26
CA GLN I 569 37.75 -41.66 -78.55
C GLN I 569 37.48 -42.80 -77.56
N ILE I 570 37.11 -42.44 -76.34
CA ILE I 570 36.76 -43.40 -75.30
C ILE I 570 35.35 -43.08 -74.86
N MET I 571 34.37 -43.85 -75.34
CA MET I 571 32.97 -43.65 -75.03
C MET I 571 32.54 -44.68 -73.99
N GLY I 572 32.03 -44.21 -72.86
CA GLY I 572 31.68 -45.06 -71.75
C GLY I 572 30.18 -45.09 -71.47
N ARG I 573 29.85 -45.72 -70.34
CA ARG I 573 28.46 -45.86 -69.92
C ARG I 573 27.87 -44.50 -69.53
N PRO I 574 26.54 -44.42 -69.45
CA PRO I 574 25.91 -43.17 -69.00
C PRO I 574 26.40 -42.76 -67.62
N TRP I 575 26.62 -41.46 -67.45
CA TRP I 575 27.09 -40.86 -66.20
C TRP I 575 28.42 -41.45 -65.73
N ALA I 576 29.21 -42.00 -66.65
CA ALA I 576 30.50 -42.56 -66.30
C ALA I 576 31.63 -41.65 -66.75
N GLU I 577 31.56 -40.37 -66.37
CA GLU I 577 32.64 -39.45 -66.70
C GLU I 577 33.94 -39.86 -66.03
N ALA I 578 33.85 -40.36 -64.79
CA ALA I 578 35.04 -40.81 -64.08
C ALA I 578 35.65 -42.03 -64.74
N THR I 579 34.84 -42.85 -65.43
CA THR I 579 35.37 -44.03 -66.09
C THR I 579 36.22 -43.66 -67.30
N VAL I 580 35.70 -42.76 -68.14
CA VAL I 580 36.44 -42.39 -69.35
C VAL I 580 37.61 -41.48 -69.02
N LEU I 581 37.52 -40.72 -67.93
CA LEU I 581 38.62 -39.85 -67.54
C LEU I 581 39.78 -40.66 -66.97
N GLY I 582 39.49 -41.71 -66.21
CA GLY I 582 40.55 -42.53 -65.64
C GLY I 582 41.25 -43.36 -66.69
N LEU I 583 40.51 -43.87 -67.68
CA LEU I 583 41.13 -44.65 -68.74
C LEU I 583 41.93 -43.76 -69.69
N ALA I 584 41.37 -42.61 -70.08
CA ALA I 584 42.10 -41.68 -70.92
C ALA I 584 43.35 -41.13 -70.23
N ALA I 585 43.36 -41.13 -68.89
CA ALA I 585 44.58 -40.75 -68.17
C ALA I 585 45.67 -41.78 -68.35
N ALA I 586 45.34 -43.07 -68.26
CA ALA I 586 46.31 -44.12 -68.53
C ALA I 586 46.75 -44.11 -69.99
N VAL I 587 45.89 -43.61 -70.88
CA VAL I 587 46.29 -43.48 -72.28
C VAL I 587 47.27 -42.32 -72.44
N GLU I 588 47.01 -41.19 -71.78
CA GLU I 588 47.93 -40.07 -71.84
C GLU I 588 49.27 -40.43 -71.21
N GLU I 589 49.25 -41.21 -70.12
CA GLU I 589 50.48 -41.66 -69.49
C GLU I 589 51.27 -42.60 -70.40
N LEU I 590 50.57 -43.31 -71.29
CA LEU I 590 51.23 -44.28 -72.17
C LEU I 590 51.72 -43.67 -73.47
N ALA I 591 51.14 -42.56 -73.91
CA ALA I 591 51.59 -41.86 -75.13
C ALA I 591 51.41 -40.36 -74.94
N PRO I 592 52.26 -39.74 -74.13
CA PRO I 592 52.10 -38.32 -73.82
C PRO I 592 52.43 -37.44 -75.03
N VAL I 593 51.83 -36.26 -75.05
CA VAL I 593 52.10 -35.30 -76.12
C VAL I 593 53.54 -34.85 -76.04
N THR I 594 54.27 -34.96 -77.15
CA THR I 594 55.70 -34.65 -77.16
C THR I 594 56.16 -33.94 -78.42
N LYS I 595 55.24 -33.36 -79.20
CA LYS I 595 55.60 -32.57 -80.38
C LYS I 595 55.17 -31.13 -80.15
N LYS I 596 56.15 -30.24 -80.03
CA LYS I 596 55.86 -28.82 -79.99
C LYS I 596 55.26 -28.39 -81.32
N PRO I 597 54.07 -27.80 -81.34
CA PRO I 597 53.45 -27.45 -82.62
C PRO I 597 54.22 -26.37 -83.39
N ALA I 598 53.77 -26.07 -84.60
CA ALA I 598 54.36 -24.98 -85.36
C ALA I 598 54.10 -23.64 -84.67
N ILE I 599 52.83 -23.28 -84.52
CA ILE I 599 52.44 -22.06 -83.84
C ILE I 599 52.26 -22.38 -82.36
N PHE I 600 53.22 -21.93 -81.54
CA PHE I 600 53.15 -22.14 -80.10
C PHE I 600 53.83 -20.97 -79.41
N TYR I 601 53.14 -20.42 -78.40
CA TYR I 601 53.69 -19.35 -77.56
C TYR I 601 53.76 -19.86 -76.14
N ASP I 602 54.99 -20.02 -75.63
CA ASP I 602 55.22 -20.56 -74.29
C ASP I 602 55.07 -19.42 -73.28
N ILE I 603 54.03 -19.49 -72.45
CA ILE I 603 53.82 -18.51 -71.39
C ILE I 603 54.80 -18.80 -70.25
N LEU I 604 54.97 -17.83 -69.35
CA LEU I 604 55.83 -17.96 -68.17
C LEU I 604 57.31 -18.00 -68.52
N ASN I 605 57.71 -17.36 -69.61
CA ASN I 605 59.12 -17.30 -69.99
C ASN I 605 59.42 -16.06 -70.81
N MET J 1 5.39 -7.10 -80.02
CA MET J 1 6.53 -7.66 -80.74
C MET J 1 6.13 -8.15 -82.13
N GLY J 2 4.84 -7.99 -82.46
CA GLY J 2 4.33 -8.47 -83.72
C GLY J 2 4.61 -7.52 -84.89
N LYS J 3 5.86 -7.49 -85.35
CA LYS J 3 6.23 -6.63 -86.47
C LYS J 3 7.02 -7.43 -87.50
N TYR J 4 8.31 -7.65 -87.25
CA TYR J 4 9.12 -8.46 -88.17
C TYR J 4 9.11 -9.93 -87.75
N GLN J 5 9.35 -10.20 -86.48
CA GLN J 5 9.22 -11.54 -85.91
C GLN J 5 8.67 -11.41 -84.50
N VAL J 6 7.90 -12.41 -84.09
CA VAL J 6 7.20 -12.38 -82.81
C VAL J 6 7.95 -13.24 -81.82
N MET J 7 7.82 -12.91 -80.53
CA MET J 7 8.41 -13.71 -79.47
C MET J 7 7.54 -13.60 -78.23
N LYS J 8 7.77 -14.52 -77.29
CA LYS J 8 6.90 -14.69 -76.14
C LYS J 8 7.72 -15.22 -74.97
N ARG J 9 7.04 -15.43 -73.84
CA ARG J 9 7.66 -16.05 -72.66
C ARG J 9 6.52 -16.46 -71.73
N ALA J 10 6.38 -17.78 -71.53
CA ALA J 10 5.21 -18.31 -70.81
C ALA J 10 5.34 -18.12 -69.30
N SER J 11 6.52 -18.37 -68.74
CA SER J 11 6.70 -18.34 -67.30
C SER J 11 6.62 -16.94 -66.70
N GLU J 12 6.30 -15.92 -67.50
CA GLU J 12 6.20 -14.55 -66.99
C GLU J 12 4.95 -13.84 -67.50
N VAL J 13 3.97 -14.59 -68.00
CA VAL J 13 2.77 -13.99 -68.59
C VAL J 13 1.94 -13.34 -67.49
N ASP J 14 1.68 -12.05 -67.62
CA ASP J 14 0.73 -11.36 -66.76
C ASP J 14 -0.67 -11.89 -67.08
N LEU J 15 -1.17 -12.79 -66.24
CA LEU J 15 -2.44 -13.47 -66.52
C LEU J 15 -3.62 -12.53 -66.56
N SER J 16 -3.47 -11.28 -66.12
CA SER J 16 -4.56 -10.31 -66.19
C SER J 16 -4.76 -9.77 -67.60
N THR J 17 -3.68 -9.65 -68.37
CA THR J 17 -3.75 -9.09 -69.73
C THR J 17 -4.00 -10.16 -70.78
N VAL J 18 -4.42 -11.36 -70.39
CA VAL J 18 -4.67 -12.43 -71.34
C VAL J 18 -6.06 -12.26 -71.94
N LYS J 19 -6.13 -12.33 -73.27
CA LYS J 19 -7.37 -12.16 -74.01
C LYS J 19 -7.74 -13.47 -74.70
N TYR J 20 -8.99 -13.53 -75.18
CA TYR J 20 -9.53 -14.75 -75.74
C TYR J 20 -9.36 -14.77 -77.26
N LYS J 21 -8.73 -15.84 -77.77
CA LYS J 21 -8.57 -16.04 -79.20
C LYS J 21 -9.78 -16.79 -79.73
N ALA J 22 -10.67 -16.08 -80.41
CA ALA J 22 -11.80 -16.72 -81.05
C ALA J 22 -11.34 -17.62 -82.19
N GLU J 23 -12.25 -18.44 -82.69
CA GLU J 23 -11.91 -19.40 -83.72
C GLU J 23 -11.51 -18.68 -85.01
N THR J 24 -10.35 -19.06 -85.55
CA THR J 24 -9.86 -18.57 -86.83
C THR J 24 -9.71 -19.72 -87.81
N MET J 25 -10.65 -20.68 -87.75
CA MET J 25 -10.59 -21.89 -88.56
C MET J 25 -11.48 -21.71 -89.79
N LYS J 26 -10.95 -20.99 -90.78
CA LYS J 26 -11.63 -20.79 -92.05
C LYS J 26 -11.06 -21.77 -93.06
N ALA J 27 -11.90 -22.69 -93.52
CA ALA J 27 -11.50 -23.69 -94.51
C ALA J 27 -12.74 -24.10 -95.30
N PRO J 28 -12.64 -24.20 -96.63
CA PRO J 28 -13.82 -24.53 -97.44
C PRO J 28 -14.37 -25.91 -97.11
N HIS J 29 -15.67 -26.07 -97.35
CA HIS J 29 -16.39 -27.30 -97.09
C HIS J 29 -16.87 -27.86 -98.42
N LEU J 30 -16.37 -29.04 -98.79
CA LEU J 30 -16.66 -29.65 -100.07
C LEU J 30 -17.27 -31.03 -99.88
N THR J 31 -18.23 -31.36 -100.74
CA THR J 31 -18.93 -32.64 -100.67
C THR J 31 -19.10 -33.19 -102.07
N GLY J 32 -19.00 -34.52 -102.19
CA GLY J 32 -19.34 -35.15 -103.45
C GLY J 32 -18.17 -35.08 -104.41
N LEU J 33 -18.46 -34.74 -105.67
CA LEU J 33 -17.43 -34.70 -106.70
C LEU J 33 -16.48 -33.52 -106.50
N SER J 34 -16.97 -32.41 -105.97
CA SER J 34 -16.09 -31.28 -105.67
C SER J 34 -15.03 -31.66 -104.64
N PHE J 35 -15.36 -32.60 -103.75
CA PHE J 35 -14.37 -33.12 -102.82
C PHE J 35 -13.36 -34.02 -103.52
N LYS J 36 -13.82 -34.79 -104.51
CA LYS J 36 -12.93 -35.73 -105.20
C LYS J 36 -11.85 -35.00 -105.98
N LEU J 37 -12.24 -34.06 -106.83
CA LEU J 37 -11.26 -33.32 -107.62
C LEU J 37 -10.37 -32.46 -106.73
N PHE J 38 -10.89 -31.97 -105.60
CA PHE J 38 -10.08 -31.20 -104.67
C PHE J 38 -8.96 -32.04 -104.09
N VAL J 39 -9.24 -33.31 -103.79
CA VAL J 39 -8.22 -34.18 -103.21
C VAL J 39 -7.16 -34.51 -104.26
N ASN J 40 -7.56 -34.70 -105.51
CA ASN J 40 -6.59 -34.88 -106.58
C ASN J 40 -5.74 -33.63 -106.78
N LEU J 41 -6.31 -32.45 -106.53
CA LEU J 41 -5.52 -31.22 -106.56
C LEU J 41 -4.53 -31.18 -105.41
N LEU J 42 -4.81 -31.89 -104.31
CA LEU J 42 -3.90 -31.89 -103.17
C LEU J 42 -2.77 -32.90 -103.35
N GLU J 43 -3.10 -34.13 -103.76
CA GLU J 43 -2.07 -35.08 -104.16
C GLU J 43 -1.69 -34.80 -105.61
N ALA J 44 -0.97 -33.70 -105.80
CA ALA J 44 -0.52 -33.27 -107.10
C ALA J 44 0.91 -32.77 -107.00
N PRO J 45 1.76 -33.14 -107.96
CA PRO J 45 3.19 -32.80 -107.86
C PRO J 45 3.49 -31.34 -107.56
N LEU J 46 2.86 -30.41 -108.26
CA LEU J 46 3.23 -29.00 -108.15
C LEU J 46 2.16 -28.10 -107.58
N ILE J 47 0.87 -28.38 -107.83
CA ILE J 47 -0.19 -27.55 -107.28
C ILE J 47 -0.61 -28.00 -105.88
N GLY J 48 -0.38 -29.27 -105.54
CA GLY J 48 -0.78 -29.76 -104.23
C GLY J 48 -0.10 -29.02 -103.09
N SER J 49 1.22 -28.82 -103.20
CA SER J 49 1.94 -28.08 -102.17
C SER J 49 1.58 -26.61 -102.16
N LEU J 50 1.04 -26.08 -103.26
CA LEU J 50 0.65 -24.68 -103.31
C LEU J 50 -0.70 -24.43 -102.66
N ILE J 51 -1.56 -25.46 -102.61
CA ILE J 51 -2.87 -25.31 -101.99
C ILE J 51 -2.77 -25.52 -100.48
N VAL J 52 -2.05 -26.55 -100.06
CA VAL J 52 -1.96 -26.88 -98.63
C VAL J 52 -1.28 -25.75 -97.86
N ASP J 53 -0.20 -25.20 -98.42
CA ASP J 53 0.54 -24.14 -97.74
C ASP J 53 -0.28 -22.86 -97.62
N TYR J 54 -1.29 -22.67 -98.46
CA TYR J 54 -2.18 -21.53 -98.31
C TYR J 54 -3.02 -21.66 -97.05
N LEU J 55 -3.65 -22.83 -96.87
CA LEU J 55 -4.45 -23.07 -95.66
C LEU J 55 -3.60 -22.94 -94.40
N LYS J 56 -2.34 -23.38 -94.46
CA LYS J 56 -1.46 -23.25 -93.31
C LYS J 56 -1.20 -21.79 -92.97
N LYS J 57 -0.94 -20.96 -93.98
CA LYS J 57 -0.70 -19.54 -93.75
C LYS J 57 -1.97 -18.78 -93.42
N ASP J 58 -3.14 -19.31 -93.81
CA ASP J 58 -4.39 -18.61 -93.56
C ASP J 58 -4.87 -18.76 -92.13
N ASN J 59 -4.63 -19.92 -91.51
CA ASN J 59 -5.08 -20.19 -90.16
C ASN J 59 -4.05 -19.81 -89.10
N GLY J 60 -3.02 -19.05 -89.47
CA GLY J 60 -1.98 -18.67 -88.55
C GLY J 60 -0.92 -19.72 -88.31
N MET J 61 -1.09 -20.93 -88.84
CA MET J 61 -0.12 -22.01 -88.62
C MET J 61 1.23 -21.72 -89.24
N THR J 62 1.34 -20.70 -90.09
CA THR J 62 2.64 -20.28 -90.60
C THR J 62 3.28 -19.22 -89.71
N LYS J 63 2.50 -18.23 -89.27
CA LYS J 63 3.00 -17.23 -88.34
C LYS J 63 3.46 -17.86 -87.03
N ILE J 64 2.76 -18.90 -86.58
CA ILE J 64 3.09 -19.53 -85.31
C ILE J 64 4.37 -20.35 -85.44
N PHE J 65 4.45 -21.19 -86.47
CA PHE J 65 5.57 -22.12 -86.59
C PHE J 65 6.80 -21.52 -87.26
N ARG J 66 6.64 -20.43 -88.01
CA ARG J 66 7.74 -19.87 -88.79
C ARG J 66 8.12 -18.44 -88.41
N ASN J 67 7.26 -17.70 -87.72
CA ASN J 67 7.53 -16.30 -87.42
C ASN J 67 7.35 -16.00 -85.93
N THR J 68 7.66 -16.96 -85.06
CA THR J 68 7.46 -16.79 -83.63
C THR J 68 8.61 -17.44 -82.88
N VAL J 69 9.35 -16.64 -82.11
CA VAL J 69 10.42 -17.15 -81.27
C VAL J 69 9.83 -17.66 -79.97
N ILE J 70 10.18 -18.89 -79.59
CA ILE J 70 9.66 -19.54 -78.40
C ILE J 70 10.83 -19.81 -77.46
N PRO J 71 10.79 -19.36 -76.21
CA PRO J 71 11.93 -19.56 -75.32
C PRO J 71 11.90 -20.91 -74.60
N GLU J 72 10.71 -21.49 -74.46
CA GLU J 72 10.59 -22.75 -73.73
C GLU J 72 11.32 -23.87 -74.47
N GLU J 73 11.76 -24.86 -73.70
CA GLU J 73 12.39 -26.03 -74.28
C GLU J 73 11.33 -27.02 -74.77
N PRO J 74 11.64 -27.81 -75.79
CA PRO J 74 10.64 -28.74 -76.34
C PRO J 74 10.26 -29.80 -75.33
N MET J 75 8.94 -30.00 -75.17
CA MET J 75 8.39 -31.06 -74.33
C MET J 75 7.73 -32.06 -75.26
N PHE J 76 8.38 -33.19 -75.49
CA PHE J 76 7.90 -34.15 -76.48
C PHE J 76 6.75 -35.00 -75.94
N ARG J 77 6.85 -35.41 -74.67
CA ARG J 77 5.80 -36.18 -74.02
C ARG J 77 5.40 -35.48 -72.74
N PRO J 78 4.16 -35.67 -72.28
CA PRO J 78 3.71 -35.02 -71.05
C PRO J 78 4.55 -35.45 -69.85
N GLU J 79 5.21 -34.46 -69.23
CA GLU J 79 6.04 -34.68 -68.05
C GLU J 79 5.28 -34.15 -66.84
N PHE J 80 4.90 -35.06 -65.93
CA PHE J 80 4.10 -34.68 -64.78
C PHE J 80 4.97 -34.63 -63.53
N PRO J 81 4.86 -33.58 -62.72
CA PRO J 81 5.60 -33.52 -61.46
C PRO J 81 4.93 -34.36 -60.38
N SER J 82 5.52 -34.35 -59.19
CA SER J 82 4.95 -35.08 -58.07
C SER J 82 3.65 -34.42 -57.62
N GLN J 83 2.54 -35.14 -57.75
CA GLN J 83 1.23 -34.60 -57.45
C GLN J 83 0.85 -34.89 -56.00
N GLU J 84 -0.02 -34.04 -55.46
CA GLU J 84 -0.53 -34.25 -54.11
C GLU J 84 -1.45 -35.48 -54.09
N PRO J 85 -1.43 -36.26 -53.01
CA PRO J 85 -2.31 -37.44 -52.96
C PRO J 85 -3.77 -37.04 -52.92
N GLU J 86 -4.60 -37.84 -53.58
CA GLU J 86 -6.02 -37.55 -53.66
C GLU J 86 -6.70 -37.77 -52.31
N HIS J 87 -7.74 -36.99 -52.06
CA HIS J 87 -8.44 -37.00 -50.79
C HIS J 87 -9.59 -38.00 -50.83
N ASP J 88 -9.66 -38.87 -49.83
CA ASP J 88 -10.77 -39.81 -49.63
C ASP J 88 -10.90 -40.76 -50.84
N VAL J 89 -9.85 -41.55 -51.05
CA VAL J 89 -9.82 -42.55 -52.11
C VAL J 89 -9.37 -43.89 -51.51
N VAL J 90 -9.36 -44.92 -52.35
CA VAL J 90 -8.95 -46.26 -51.96
C VAL J 90 -7.81 -46.68 -52.86
N ILE J 91 -6.59 -46.73 -52.30
CA ILE J 91 -5.42 -47.09 -53.09
C ILE J 91 -5.53 -48.53 -53.55
N VAL J 92 -5.37 -48.75 -54.86
CA VAL J 92 -5.42 -50.07 -55.46
C VAL J 92 -4.07 -50.37 -56.09
N GLY J 93 -3.60 -51.61 -55.93
CA GLY J 93 -2.36 -52.03 -56.55
C GLY J 93 -2.44 -52.01 -58.06
N GLU J 94 -1.44 -51.38 -58.71
CA GLU J 94 -1.43 -51.31 -60.16
C GLU J 94 -1.15 -52.66 -60.81
N ASP J 95 -0.75 -53.66 -60.05
CA ASP J 95 -0.49 -55.00 -60.57
C ASP J 95 -1.50 -56.02 -60.08
N GLU J 96 -2.56 -55.58 -59.42
CA GLU J 96 -3.63 -56.50 -59.03
C GLU J 96 -4.34 -57.04 -60.27
N SER J 97 -4.78 -58.29 -60.18
CA SER J 97 -5.56 -58.87 -61.26
C SER J 97 -6.87 -58.11 -61.39
N PRO J 98 -7.34 -57.83 -62.62
CA PRO J 98 -8.58 -57.06 -62.78
C PRO J 98 -9.76 -57.63 -62.02
N ILE J 99 -9.79 -58.94 -61.80
CA ILE J 99 -10.84 -59.54 -60.98
C ILE J 99 -10.79 -58.98 -59.56
N ASP J 100 -9.58 -58.93 -58.99
CA ASP J 100 -9.42 -58.39 -57.65
C ASP J 100 -9.71 -56.89 -57.61
N ARG J 101 -9.45 -56.19 -58.72
CA ARG J 101 -9.74 -54.75 -58.77
C ARG J 101 -11.23 -54.49 -58.74
N LEU J 102 -12.01 -55.26 -59.51
CA LEU J 102 -13.45 -55.07 -59.50
C LEU J 102 -14.06 -55.45 -58.16
N GLU J 103 -13.46 -56.42 -57.46
CA GLU J 103 -13.89 -56.71 -56.10
C GLU J 103 -13.67 -55.51 -55.19
N THR J 104 -12.55 -54.81 -55.39
CA THR J 104 -12.30 -53.58 -54.65
C THR J 104 -13.20 -52.45 -55.14
N ALA J 105 -13.39 -52.36 -56.47
CA ALA J 105 -14.23 -51.31 -57.02
C ALA J 105 -15.69 -51.48 -56.62
N LEU J 106 -16.14 -52.72 -56.40
CA LEU J 106 -17.52 -52.94 -55.98
C LEU J 106 -17.75 -52.46 -54.56
N LYS J 107 -16.73 -52.52 -53.70
CA LYS J 107 -16.88 -52.00 -52.34
C LYS J 107 -17.07 -50.50 -52.35
N CYS J 108 -16.52 -49.81 -53.35
CA CYS J 108 -16.66 -48.36 -53.43
C CYS J 108 -18.02 -47.92 -53.97
N LEU J 109 -18.79 -48.85 -54.56
CA LEU J 109 -20.08 -48.52 -55.12
C LEU J 109 -21.17 -48.58 -54.04
N PRO J 110 -22.21 -47.75 -54.15
CA PRO J 110 -23.33 -47.85 -53.22
C PRO J 110 -24.01 -49.21 -53.36
N GLN J 111 -24.63 -49.66 -52.25
CA GLN J 111 -25.23 -50.98 -52.23
C GLN J 111 -26.32 -51.09 -53.29
N TYR J 112 -26.28 -52.18 -54.06
CA TYR J 112 -27.18 -52.36 -55.18
C TYR J 112 -28.61 -52.57 -54.68
N ASP J 113 -29.53 -51.75 -55.16
CA ASP J 113 -30.94 -51.89 -54.81
C ASP J 113 -31.62 -52.77 -55.85
N PRO J 114 -32.16 -53.93 -55.46
CA PRO J 114 -32.80 -54.81 -56.46
C PRO J 114 -34.06 -54.21 -57.09
N SER J 115 -34.58 -53.11 -56.57
CA SER J 115 -35.76 -52.47 -57.14
C SER J 115 -35.52 -51.90 -58.53
N ARG J 116 -34.26 -51.81 -58.97
CA ARG J 116 -33.97 -51.28 -60.30
C ARG J 116 -34.22 -52.34 -61.38
N SER J 117 -33.69 -53.56 -61.17
CA SER J 117 -33.88 -54.62 -62.15
C SER J 117 -35.30 -55.19 -62.08
N LEU J 118 -35.57 -55.99 -61.06
CA LEU J 118 -36.89 -56.57 -60.86
C LEU J 118 -37.69 -55.71 -59.88
N HIS J 119 -39.00 -55.96 -59.82
CA HIS J 119 -39.93 -55.13 -59.06
C HIS J 119 -39.87 -53.67 -59.49
N ALA J 120 -39.57 -53.44 -60.77
CA ALA J 120 -39.48 -52.08 -61.29
C ALA J 120 -40.86 -51.43 -61.32
N ASP J 121 -40.95 -50.22 -60.80
CA ASP J 121 -42.24 -49.53 -60.75
C ASP J 121 -42.70 -49.20 -62.17
N PRO J 122 -43.94 -49.54 -62.53
CA PRO J 122 -44.37 -49.32 -63.92
C PRO J 122 -44.44 -47.85 -64.32
N VAL J 123 -44.70 -46.94 -63.38
CA VAL J 123 -44.83 -45.53 -63.70
C VAL J 123 -43.59 -44.78 -63.26
N SER J 124 -42.44 -45.10 -63.85
CA SER J 124 -41.18 -44.42 -63.59
C SER J 124 -40.61 -43.89 -64.90
N SER J 125 -39.51 -43.15 -64.79
CA SER J 125 -38.88 -42.54 -65.94
C SER J 125 -37.98 -43.53 -66.66
N PHE J 126 -37.29 -43.05 -67.68
CA PHE J 126 -36.38 -43.89 -68.46
C PHE J 126 -35.05 -44.05 -67.75
N ARG J 127 -34.39 -45.18 -68.00
CA ARG J 127 -33.12 -45.47 -67.38
C ARG J 127 -32.35 -46.47 -68.24
N TYR J 128 -31.03 -46.41 -68.16
CA TYR J 128 -30.17 -47.37 -68.83
C TYR J 128 -29.93 -48.57 -67.93
N TRP J 129 -29.62 -49.71 -68.56
CA TRP J 129 -29.24 -50.90 -67.82
C TRP J 129 -27.76 -50.82 -67.44
N LYS J 130 -27.46 -51.08 -66.17
CA LYS J 130 -26.10 -50.98 -65.67
C LYS J 130 -25.43 -52.35 -65.66
N ILE J 131 -24.12 -52.34 -65.43
CA ILE J 131 -23.36 -53.58 -65.36
C ILE J 131 -23.81 -54.43 -64.18
N ARG J 132 -24.10 -53.79 -63.05
CA ARG J 132 -24.58 -54.53 -61.89
C ARG J 132 -25.98 -55.08 -62.12
N ASP J 133 -26.76 -54.46 -63.00
CA ASP J 133 -28.08 -55.00 -63.34
C ASP J 133 -27.95 -56.34 -64.05
N TYR J 134 -27.01 -56.45 -64.98
CA TYR J 134 -26.79 -57.73 -65.66
C TYR J 134 -26.19 -58.76 -64.71
N ALA J 135 -25.19 -58.35 -63.93
CA ALA J 135 -24.54 -59.29 -63.00
C ALA J 135 -25.52 -59.81 -61.96
N TYR J 136 -26.58 -59.04 -61.67
CA TYR J 136 -27.60 -59.51 -60.73
C TYR J 136 -28.54 -60.51 -61.39
N ALA J 137 -29.04 -60.19 -62.59
CA ALA J 137 -29.94 -61.09 -63.30
C ALA J 137 -29.27 -62.40 -63.70
N TYR J 138 -27.94 -62.40 -63.83
CA TYR J 138 -27.24 -63.65 -64.14
C TYR J 138 -27.12 -64.53 -62.90
N ARG J 139 -26.75 -63.95 -61.76
CA ARG J 139 -26.63 -64.71 -60.54
C ARG J 139 -27.98 -65.09 -59.95
N SER J 140 -29.02 -64.33 -60.26
CA SER J 140 -30.38 -64.67 -59.83
C SER J 140 -31.06 -65.64 -60.79
N LYS J 141 -30.39 -66.02 -61.88
CA LYS J 141 -30.92 -66.98 -62.86
C LYS J 141 -32.23 -66.50 -63.47
N LEU J 142 -32.43 -65.18 -63.53
CA LEU J 142 -33.55 -64.65 -64.29
C LEU J 142 -33.31 -64.77 -65.80
N THR J 143 -32.05 -64.60 -66.22
CA THR J 143 -31.67 -64.76 -67.62
C THR J 143 -30.29 -65.40 -67.64
N THR J 144 -29.54 -65.17 -68.72
CA THR J 144 -28.22 -65.74 -68.89
C THR J 144 -27.51 -64.99 -70.01
N PRO J 145 -26.17 -64.94 -69.99
CA PRO J 145 -25.45 -64.32 -71.11
C PRO J 145 -25.75 -64.96 -72.45
N LEU J 146 -26.23 -66.20 -72.48
CA LEU J 146 -26.60 -66.83 -73.74
C LEU J 146 -27.92 -66.28 -74.26
N GLN J 147 -28.89 -66.03 -73.37
CA GLN J 147 -30.13 -65.40 -73.78
C GLN J 147 -29.89 -63.97 -74.26
N VAL J 148 -29.04 -63.23 -73.56
CA VAL J 148 -28.72 -61.87 -73.97
C VAL J 148 -27.97 -61.86 -75.30
N ALA J 149 -27.15 -62.88 -75.53
CA ALA J 149 -26.42 -62.95 -76.80
C ALA J 149 -27.36 -63.19 -77.97
N LYS J 150 -28.32 -64.11 -77.81
CA LYS J 150 -29.29 -64.38 -78.87
C LYS J 150 -30.20 -63.18 -79.13
N ARG J 151 -30.31 -62.26 -78.17
CA ARG J 151 -31.12 -61.06 -78.39
C ARG J 151 -30.32 -59.98 -79.12
N ILE J 152 -29.05 -59.81 -78.76
CA ILE J 152 -28.22 -58.80 -79.41
C ILE J 152 -27.88 -59.21 -80.84
N ILE J 153 -27.59 -60.49 -81.05
CA ILE J 153 -27.30 -60.98 -82.40
C ILE J 153 -28.52 -60.84 -83.29
N SER J 154 -29.72 -61.02 -82.74
CA SER J 154 -30.95 -60.89 -83.53
C SER J 154 -31.16 -59.45 -83.99
N ILE J 155 -30.97 -58.49 -83.10
CA ILE J 155 -31.21 -57.09 -83.44
C ILE J 155 -30.23 -56.61 -84.51
N ILE J 156 -28.97 -57.01 -84.39
CA ILE J 156 -27.96 -56.56 -85.35
C ILE J 156 -28.20 -57.16 -86.73
N GLU J 157 -28.65 -58.42 -86.78
CA GLU J 157 -28.93 -59.04 -88.07
C GLU J 157 -30.24 -58.56 -88.66
N GLU J 158 -31.22 -58.21 -87.82
CA GLU J 158 -32.51 -57.76 -88.34
C GLU J 158 -32.43 -56.35 -88.91
N PHE J 159 -31.85 -55.43 -88.14
CA PHE J 159 -31.73 -54.04 -88.56
C PHE J 159 -30.48 -53.79 -89.41
N GLY J 160 -29.68 -54.82 -89.66
CA GLY J 160 -28.48 -54.67 -90.48
C GLY J 160 -27.46 -53.71 -89.87
N TYR J 161 -27.00 -54.02 -88.66
CA TYR J 161 -26.03 -53.18 -87.97
C TYR J 161 -24.60 -53.67 -88.14
N ASP J 162 -24.39 -54.77 -88.86
CA ASP J 162 -23.07 -55.20 -89.27
C ASP J 162 -22.84 -55.02 -90.76
N LYS J 163 -23.82 -54.47 -91.48
CA LYS J 163 -23.76 -54.22 -92.90
C LYS J 163 -23.94 -52.73 -93.19
N PRO J 164 -23.43 -52.25 -94.32
CA PRO J 164 -23.70 -50.87 -94.73
C PRO J 164 -25.18 -50.66 -94.97
N PRO J 165 -25.65 -49.40 -95.04
CA PRO J 165 -24.91 -48.13 -94.94
C PRO J 165 -24.89 -47.55 -93.53
N THR J 166 -25.61 -48.15 -92.59
CA THR J 166 -25.68 -47.68 -91.20
C THR J 166 -25.32 -48.81 -90.25
N PRO J 167 -24.04 -49.18 -90.20
CA PRO J 167 -23.63 -50.26 -89.28
C PRO J 167 -23.11 -49.72 -87.95
N PHE J 168 -23.41 -50.49 -86.90
CA PHE J 168 -22.79 -50.22 -85.61
C PHE J 168 -21.41 -50.86 -85.51
N LEU J 169 -21.25 -52.05 -86.11
CA LEU J 169 -19.99 -52.78 -86.09
C LEU J 169 -19.55 -53.06 -87.52
N ILE J 170 -18.23 -53.09 -87.71
CA ILE J 170 -17.64 -53.40 -89.01
C ILE J 170 -16.94 -54.76 -89.03
N ARG J 171 -17.01 -55.51 -87.92
CA ARG J 171 -16.46 -56.86 -87.87
C ARG J 171 -17.24 -57.61 -86.79
N PHE J 172 -18.18 -58.44 -87.22
CA PHE J 172 -19.10 -59.13 -86.31
C PHE J 172 -19.11 -60.61 -86.64
N ASP J 173 -18.63 -61.43 -85.72
CA ASP J 173 -18.67 -62.88 -85.84
C ASP J 173 -19.70 -63.40 -84.83
N ALA J 174 -20.88 -63.76 -85.34
CA ALA J 174 -21.95 -64.22 -84.45
C ALA J 174 -21.61 -65.55 -83.81
N ASN J 175 -20.89 -66.42 -84.51
CA ASN J 175 -20.54 -67.73 -83.97
C ASN J 175 -19.53 -67.63 -82.83
N GLU J 176 -18.80 -66.51 -82.73
CA GLU J 176 -17.87 -66.30 -81.64
C GLU J 176 -18.53 -65.71 -80.41
N VAL J 177 -19.52 -64.83 -80.60
CA VAL J 177 -20.23 -64.24 -79.46
C VAL J 177 -20.96 -65.31 -78.67
N ILE J 178 -21.48 -66.34 -79.35
CA ILE J 178 -22.17 -67.42 -78.64
C ILE J 178 -21.15 -68.29 -77.90
N LYS J 179 -19.99 -68.53 -78.51
CA LYS J 179 -18.97 -69.35 -77.86
C LYS J 179 -18.48 -68.71 -76.57
N GLN J 180 -18.51 -67.38 -76.47
CA GLN J 180 -18.15 -66.71 -75.22
C GLN J 180 -19.33 -66.68 -74.25
N ALA J 181 -20.56 -66.64 -74.77
CA ALA J 181 -21.72 -66.57 -73.90
C ALA J 181 -22.02 -67.93 -73.27
N GLU J 182 -21.79 -69.01 -74.01
CA GLU J 182 -22.02 -70.34 -73.45
C GLU J 182 -20.98 -70.68 -72.39
N ALA J 183 -19.73 -70.28 -72.60
CA ALA J 183 -18.71 -70.49 -71.58
C ALA J 183 -19.00 -69.65 -70.34
N SER J 184 -19.54 -68.43 -70.53
CA SER J 184 -19.96 -67.63 -69.39
C SER J 184 -21.16 -68.26 -68.70
N THR J 185 -22.10 -68.80 -69.47
CA THR J 185 -23.26 -69.47 -68.89
C THR J 185 -22.85 -70.66 -68.02
N ARG J 186 -21.91 -71.47 -68.51
CA ARG J 186 -21.48 -72.65 -67.76
C ARG J 186 -20.89 -72.25 -66.41
N ARG J 187 -20.14 -71.14 -66.37
CA ARG J 187 -19.65 -70.63 -65.09
C ARG J 187 -20.79 -70.13 -64.22
N PHE J 188 -21.83 -69.56 -64.83
CA PHE J 188 -23.03 -69.23 -64.07
C PHE J 188 -23.83 -70.48 -63.72
N GLU J 189 -23.92 -71.43 -64.66
CA GLU J 189 -24.64 -72.67 -64.40
C GLU J 189 -23.97 -73.47 -63.29
N GLN J 190 -22.64 -73.58 -63.33
CA GLN J 190 -21.91 -74.24 -62.25
C GLN J 190 -22.10 -73.47 -60.94
N GLY J 191 -21.79 -72.17 -60.95
CA GLY J 191 -21.97 -71.35 -59.78
C GLY J 191 -20.74 -70.57 -59.39
N ASN J 192 -19.84 -70.35 -60.34
CA ASN J 192 -18.60 -69.62 -60.11
C ASN J 192 -18.34 -68.66 -61.26
N PRO J 193 -18.99 -67.50 -61.26
CA PRO J 193 -18.63 -66.46 -62.22
C PRO J 193 -17.32 -65.81 -61.84
N ILE J 194 -16.58 -65.35 -62.86
CA ILE J 194 -15.25 -64.80 -62.62
C ILE J 194 -15.35 -63.51 -61.81
N SER J 195 -16.02 -62.51 -62.37
CA SER J 195 -16.13 -61.21 -61.71
C SER J 195 -17.52 -60.66 -61.97
N VAL J 196 -17.73 -59.40 -61.56
CA VAL J 196 -18.97 -58.71 -61.87
C VAL J 196 -19.11 -58.50 -63.36
N LEU J 197 -17.99 -58.42 -64.08
CA LEU J 197 -17.98 -58.20 -65.52
C LEU J 197 -18.09 -59.48 -66.34
N ASP J 198 -18.63 -60.56 -65.75
CA ASP J 198 -18.81 -61.80 -66.48
C ASP J 198 -20.19 -61.80 -67.13
N GLY J 199 -20.23 -62.21 -68.40
CA GLY J 199 -21.47 -62.14 -69.16
C GLY J 199 -21.86 -60.76 -69.61
N ILE J 200 -20.95 -59.80 -69.53
CA ILE J 200 -21.21 -58.40 -69.90
C ILE J 200 -20.70 -58.18 -71.31
N PHE J 201 -21.56 -57.64 -72.17
CA PHE J 201 -21.22 -57.40 -73.56
C PHE J 201 -20.55 -56.04 -73.70
N VAL J 202 -19.36 -56.04 -74.31
CA VAL J 202 -18.56 -54.83 -74.48
C VAL J 202 -17.99 -54.82 -75.89
N THR J 203 -18.11 -53.68 -76.56
CA THR J 203 -17.59 -53.51 -77.91
C THR J 203 -16.17 -52.93 -77.86
N ILE J 204 -15.40 -53.20 -78.91
CA ILE J 204 -14.03 -52.71 -79.04
C ILE J 204 -13.92 -51.90 -80.31
N LYS J 205 -13.30 -50.72 -80.21
CA LYS J 205 -13.10 -49.85 -81.34
C LYS J 205 -12.07 -50.46 -82.30
N ASP J 206 -12.26 -50.22 -83.59
CA ASP J 206 -11.51 -50.93 -84.63
C ASP J 206 -10.02 -50.63 -84.63
N ASP J 207 -9.55 -49.67 -83.81
CA ASP J 207 -8.13 -49.37 -83.73
C ASP J 207 -7.45 -50.07 -82.56
N ILE J 208 -8.10 -51.06 -81.95
CA ILE J 208 -7.56 -51.82 -80.84
C ILE J 208 -7.62 -53.30 -81.20
N ASP J 209 -6.54 -54.03 -80.95
CA ASP J 209 -6.49 -55.44 -81.31
C ASP J 209 -7.46 -56.25 -80.44
N CYS J 210 -8.30 -57.04 -81.10
CA CYS J 210 -9.26 -57.89 -80.39
C CYS J 210 -9.43 -59.17 -81.20
N LEU J 211 -8.95 -60.29 -80.64
CA LEU J 211 -9.04 -61.57 -81.33
C LEU J 211 -10.50 -62.01 -81.46
N PRO J 212 -10.84 -62.72 -82.54
CA PRO J 212 -9.95 -63.05 -83.65
C PRO J 212 -10.06 -62.06 -84.81
N HIS J 213 -10.76 -60.95 -84.56
CA HIS J 213 -11.01 -59.99 -85.63
C HIS J 213 -9.72 -59.24 -85.97
N PRO J 214 -9.44 -59.02 -87.26
CA PRO J 214 -8.28 -58.22 -87.64
C PRO J 214 -8.51 -56.75 -87.33
N THR J 215 -7.40 -56.02 -87.19
CA THR J 215 -7.42 -54.60 -86.85
C THR J 215 -7.20 -53.81 -88.14
N ASN J 216 -8.29 -53.35 -88.75
CA ASN J 216 -8.22 -52.57 -89.98
C ASN J 216 -8.19 -51.06 -89.75
N GLY J 217 -8.64 -50.60 -88.59
CA GLY J 217 -8.65 -49.18 -88.30
C GLY J 217 -9.51 -48.38 -89.25
N GLY J 218 -10.74 -48.83 -89.48
CA GLY J 218 -11.65 -48.15 -90.38
C GLY J 218 -11.30 -48.25 -91.85
N THR J 219 -10.10 -48.70 -92.18
CA THR J 219 -9.70 -48.84 -93.57
C THR J 219 -10.18 -50.18 -94.12
N THR J 220 -9.88 -50.43 -95.39
CA THR J 220 -10.24 -51.68 -96.04
C THR J 220 -9.02 -52.52 -96.40
N TRP J 221 -7.84 -52.19 -95.88
CA TRP J 221 -6.62 -52.85 -96.32
C TRP J 221 -5.57 -52.97 -95.22
N LEU J 222 -5.81 -52.38 -94.05
CA LEU J 222 -4.81 -52.45 -93.00
C LEU J 222 -4.62 -53.89 -92.50
N HIS J 223 -5.68 -54.71 -92.58
CA HIS J 223 -5.55 -56.12 -92.22
C HIS J 223 -4.61 -56.87 -93.15
N GLU J 224 -4.31 -56.32 -94.33
CA GLU J 224 -3.41 -56.99 -95.25
C GLU J 224 -1.97 -56.96 -94.74
N ASP J 225 -1.60 -55.93 -93.98
CA ASP J 225 -0.25 -55.80 -93.45
C ASP J 225 -0.17 -55.87 -91.94
N ARG J 226 -1.28 -55.73 -91.22
CA ARG J 226 -1.28 -55.75 -89.76
C ARG J 226 -1.80 -57.10 -89.29
N SER J 227 -0.88 -58.04 -89.10
CA SER J 227 -1.23 -59.33 -88.52
C SER J 227 -1.60 -59.15 -87.05
N VAL J 228 -2.70 -59.75 -86.64
CA VAL J 228 -3.14 -59.66 -85.24
C VAL J 228 -3.02 -61.04 -84.61
N GLU J 229 -1.82 -61.37 -84.13
CA GLU J 229 -1.59 -62.65 -83.49
C GLU J 229 -2.33 -62.76 -82.16
N LYS J 230 -2.00 -61.87 -81.23
CA LYS J 230 -2.55 -61.89 -79.88
C LYS J 230 -3.45 -60.69 -79.64
N ASP J 231 -4.11 -60.70 -78.49
CA ASP J 231 -5.02 -59.63 -78.12
C ASP J 231 -4.25 -58.37 -77.74
N SER J 232 -4.99 -57.32 -77.42
CA SER J 232 -4.41 -56.08 -76.93
C SER J 232 -4.21 -56.18 -75.41
N ALA J 233 -3.67 -55.11 -74.82
CA ALA J 233 -3.51 -55.08 -73.38
C ALA J 233 -4.86 -54.98 -72.68
N VAL J 234 -5.67 -53.99 -73.08
CA VAL J 234 -6.93 -53.74 -72.39
C VAL J 234 -7.93 -54.87 -72.60
N VAL J 235 -7.86 -55.56 -73.74
CA VAL J 235 -8.82 -56.62 -74.02
C VAL J 235 -8.52 -57.85 -73.16
N SER J 236 -7.23 -58.18 -73.00
CA SER J 236 -6.86 -59.29 -72.13
C SER J 236 -7.34 -59.04 -70.70
N LYS J 237 -7.23 -57.80 -70.24
CA LYS J 237 -7.75 -57.46 -68.91
C LYS J 237 -9.27 -57.61 -68.87
N LEU J 238 -9.95 -57.15 -69.93
CA LEU J 238 -11.41 -57.22 -69.96
C LEU J 238 -11.90 -58.65 -70.07
N ARG J 239 -11.25 -59.46 -70.91
CA ARG J 239 -11.72 -60.83 -71.13
C ARG J 239 -11.46 -61.73 -69.94
N SER J 240 -10.36 -61.49 -69.22
CA SER J 240 -10.07 -62.30 -68.03
C SER J 240 -11.18 -62.18 -66.99
N CYS J 241 -11.85 -61.03 -66.94
CA CYS J 241 -12.95 -60.82 -66.01
C CYS J 241 -14.20 -61.60 -66.39
N GLY J 242 -14.24 -62.20 -67.58
CA GLY J 242 -15.43 -62.86 -68.07
C GLY J 242 -16.26 -62.04 -69.02
N ALA J 243 -15.76 -60.89 -69.47
CA ALA J 243 -16.53 -60.03 -70.35
C ALA J 243 -16.66 -60.64 -71.73
N ILE J 244 -17.82 -60.45 -72.35
CA ILE J 244 -18.08 -60.93 -73.70
C ILE J 244 -17.77 -59.81 -74.68
N LEU J 245 -16.79 -60.04 -75.55
CA LEU J 245 -16.38 -59.06 -76.53
C LEU J 245 -17.25 -59.19 -77.77
N LEU J 246 -17.87 -58.08 -78.17
CA LEU J 246 -18.86 -58.10 -79.24
C LEU J 246 -18.21 -58.16 -80.61
N GLY J 247 -17.46 -57.12 -80.96
CA GLY J 247 -16.79 -57.09 -82.25
C GLY J 247 -16.13 -55.75 -82.46
N LYS J 248 -15.49 -55.62 -83.62
CA LYS J 248 -14.83 -54.37 -83.98
C LYS J 248 -15.85 -53.33 -84.38
N ALA J 249 -15.77 -52.15 -83.74
CA ALA J 249 -16.80 -51.13 -83.90
C ALA J 249 -16.48 -50.20 -85.06
N ASN J 250 -17.52 -49.50 -85.52
CA ASN J 250 -17.36 -48.46 -86.52
C ASN J 250 -16.63 -47.27 -85.94
N MET J 251 -15.92 -46.54 -86.80
CA MET J 251 -15.21 -45.35 -86.35
C MET J 251 -14.70 -44.59 -87.57
N HIS J 252 -14.36 -43.33 -87.35
CA HIS J 252 -13.71 -42.53 -88.39
C HIS J 252 -12.35 -43.14 -88.72
N GLU J 253 -12.01 -43.13 -90.01
CA GLU J 253 -10.82 -43.83 -90.49
C GLU J 253 -9.55 -43.32 -89.82
N LEU J 254 -8.91 -44.17 -89.01
CA LEU J 254 -7.61 -43.89 -88.39
C LEU J 254 -7.66 -42.66 -87.51
N GLY J 255 -8.81 -42.41 -86.88
CA GLY J 255 -8.92 -41.32 -85.92
C GLY J 255 -8.78 -39.94 -86.52
N MET J 256 -8.93 -39.80 -87.84
CA MET J 256 -8.78 -38.51 -88.50
C MET J 256 -10.16 -37.97 -88.88
N GLY J 257 -10.86 -37.49 -87.84
CA GLY J 257 -12.19 -36.93 -88.01
C GLY J 257 -13.02 -37.04 -86.75
N THR J 258 -13.67 -35.93 -86.37
CA THR J 258 -14.47 -35.89 -85.15
C THR J 258 -15.97 -35.90 -85.43
N THR J 259 -16.37 -36.28 -86.64
CA THR J 259 -17.78 -36.41 -86.99
C THR J 259 -18.25 -37.85 -87.05
N GLY J 260 -17.39 -38.76 -87.49
CA GLY J 260 -17.75 -40.16 -87.67
C GLY J 260 -18.08 -40.56 -89.09
N ASN J 261 -17.90 -39.66 -90.05
CA ASN J 261 -18.20 -39.96 -91.45
C ASN J 261 -17.20 -40.98 -91.98
N ASN J 262 -17.68 -42.19 -92.26
CA ASN J 262 -16.85 -43.26 -92.81
C ASN J 262 -17.47 -43.69 -94.14
N SER J 263 -16.97 -43.14 -95.24
CA SER J 263 -17.46 -43.49 -96.57
C SER J 263 -17.05 -44.90 -96.99
N ASN J 264 -16.24 -45.59 -96.20
CA ASN J 264 -15.81 -46.94 -96.56
C ASN J 264 -16.87 -47.98 -96.17
N TYR J 265 -17.30 -47.97 -94.91
CA TYR J 265 -18.25 -48.94 -94.40
C TYR J 265 -19.62 -48.35 -94.10
N GLY J 266 -19.77 -47.04 -94.17
CA GLY J 266 -21.04 -46.41 -93.88
C GLY J 266 -20.96 -45.60 -92.59
N THR J 267 -21.61 -44.44 -92.58
CA THR J 267 -21.59 -43.56 -91.42
C THR J 267 -22.61 -44.03 -90.39
N THR J 268 -22.14 -44.23 -89.16
CA THR J 268 -23.04 -44.61 -88.07
C THR J 268 -23.95 -43.44 -87.71
N ARG J 269 -25.23 -43.71 -87.57
CA ARG J 269 -26.22 -42.67 -87.30
C ARG J 269 -26.44 -42.53 -85.79
N ASN J 270 -26.82 -41.33 -85.39
CA ASN J 270 -27.03 -41.04 -83.97
C ASN J 270 -28.27 -41.77 -83.48
N PRO J 271 -28.20 -42.49 -82.36
CA PRO J 271 -29.41 -43.14 -81.83
C PRO J 271 -30.50 -42.15 -81.45
N HIS J 272 -30.13 -40.94 -81.05
CA HIS J 272 -31.12 -39.91 -80.74
C HIS J 272 -31.76 -39.31 -81.98
N ASP J 273 -31.07 -39.36 -83.12
CA ASP J 273 -31.60 -38.86 -84.39
C ASP J 273 -30.83 -39.51 -85.54
N PRO J 274 -31.46 -40.43 -86.27
CA PRO J 274 -30.73 -41.15 -87.34
C PRO J 274 -30.25 -40.27 -88.47
N LYS J 275 -30.66 -39.00 -88.53
CA LYS J 275 -30.22 -38.08 -89.56
C LYS J 275 -29.09 -37.18 -89.10
N ARG J 276 -28.52 -37.44 -87.92
CA ARG J 276 -27.45 -36.62 -87.37
C ARG J 276 -26.21 -37.49 -87.11
N TYR J 277 -25.07 -36.81 -86.98
CA TYR J 277 -23.81 -37.50 -86.76
C TYR J 277 -23.75 -38.05 -85.33
N THR J 278 -22.82 -38.98 -85.13
CA THR J 278 -22.57 -39.56 -83.82
C THR J 278 -21.41 -38.89 -83.08
N GLY J 279 -20.47 -38.32 -83.80
CA GLY J 279 -19.26 -37.80 -83.19
C GLY J 279 -18.11 -38.76 -83.36
N GLY J 280 -16.90 -38.19 -83.53
CA GLY J 280 -15.72 -38.97 -83.82
C GLY J 280 -14.67 -38.85 -82.74
N SER J 281 -13.66 -39.71 -82.84
CA SER J 281 -13.60 -40.67 -83.94
C SER J 281 -14.18 -42.02 -83.52
N SER J 282 -14.53 -42.14 -82.24
CA SER J 282 -15.13 -43.38 -81.73
C SER J 282 -16.64 -43.37 -81.95
N SER J 283 -17.02 -43.33 -83.23
CA SER J 283 -18.43 -43.18 -83.59
C SER J 283 -19.23 -44.42 -83.26
N GLY J 284 -18.80 -45.58 -83.78
CA GLY J 284 -19.56 -46.80 -83.57
C GLY J 284 -19.50 -47.30 -82.13
N SER J 285 -18.42 -47.00 -81.41
CA SER J 285 -18.31 -47.45 -80.03
C SER J 285 -19.29 -46.71 -79.13
N ALA J 286 -19.54 -45.44 -79.43
CA ALA J 286 -20.43 -44.65 -78.58
C ALA J 286 -21.89 -44.84 -78.94
N ALA J 287 -22.20 -45.04 -80.23
CA ALA J 287 -23.60 -45.18 -80.64
C ALA J 287 -24.19 -46.51 -80.21
N ILE J 288 -23.37 -47.57 -80.17
CA ILE J 288 -23.87 -48.87 -79.74
C ILE J 288 -24.16 -48.88 -78.26
N VAL J 289 -23.48 -48.04 -77.48
CA VAL J 289 -23.75 -47.95 -76.06
C VAL J 289 -25.00 -47.12 -75.79
N ALA J 290 -25.15 -46.00 -76.51
CA ALA J 290 -26.33 -45.16 -76.33
C ALA J 290 -27.60 -45.87 -76.79
N ALA J 291 -27.49 -46.77 -77.77
CA ALA J 291 -28.64 -47.50 -78.27
C ALA J 291 -29.11 -48.60 -77.33
N GLY J 292 -28.33 -48.92 -76.29
CA GLY J 292 -28.72 -49.94 -75.35
C GLY J 292 -28.42 -51.35 -75.77
N LEU J 293 -27.52 -51.55 -76.73
CA LEU J 293 -27.18 -52.89 -77.19
C LEU J 293 -26.09 -53.53 -76.36
N CYS J 294 -25.20 -52.74 -75.77
CA CYS J 294 -24.13 -53.27 -74.93
C CYS J 294 -23.94 -52.34 -73.74
N SER J 295 -23.31 -52.89 -72.69
CA SER J 295 -23.12 -52.13 -71.46
C SER J 295 -22.14 -50.98 -71.66
N ALA J 296 -20.95 -51.29 -72.18
CA ALA J 296 -19.92 -50.27 -72.38
C ALA J 296 -19.14 -50.61 -73.65
N ALA J 297 -18.14 -49.77 -73.95
CA ALA J 297 -17.30 -49.99 -75.11
C ALA J 297 -15.99 -49.23 -74.91
N LEU J 298 -14.94 -49.73 -75.54
CA LEU J 298 -13.62 -49.13 -75.47
C LEU J 298 -13.31 -48.36 -76.75
N GLY J 299 -12.41 -47.39 -76.62
CA GLY J 299 -12.02 -46.58 -77.75
C GLY J 299 -10.87 -45.64 -77.44
N THR J 300 -10.09 -45.29 -78.46
CA THR J 300 -8.97 -44.38 -78.26
C THR J 300 -9.43 -42.93 -78.22
N ASP J 301 -8.56 -42.08 -77.68
CA ASP J 301 -8.86 -40.65 -77.57
C ASP J 301 -7.54 -39.90 -77.78
N GLY J 302 -7.34 -39.40 -79.00
CA GLY J 302 -6.16 -38.61 -79.30
C GLY J 302 -6.46 -37.14 -79.48
N GLY J 303 -7.74 -36.84 -79.71
CA GLY J 303 -8.19 -35.47 -79.85
C GLY J 303 -9.64 -35.32 -79.46
N GLY J 304 -10.04 -35.99 -78.38
CA GLY J 304 -11.42 -36.01 -77.97
C GLY J 304 -12.25 -37.08 -78.64
N ALA J 305 -11.61 -38.14 -79.12
CA ALA J 305 -12.32 -39.18 -79.85
C ALA J 305 -13.31 -39.93 -78.97
N VAL J 306 -13.11 -39.92 -77.65
CA VAL J 306 -14.01 -40.58 -76.72
C VAL J 306 -15.04 -39.62 -76.13
N ARG J 307 -14.62 -38.38 -75.85
CA ARG J 307 -15.50 -37.43 -75.19
C ARG J 307 -16.50 -36.80 -76.15
N ILE J 308 -16.08 -36.54 -77.39
CA ILE J 308 -16.96 -35.85 -78.35
C ILE J 308 -18.21 -36.67 -78.67
N PRO J 309 -18.11 -37.95 -79.09
CA PRO J 309 -19.34 -38.70 -79.35
C PRO J 309 -20.13 -39.03 -78.11
N SER J 310 -19.50 -39.04 -76.94
CA SER J 310 -20.24 -39.30 -75.71
C SER J 310 -21.13 -38.13 -75.31
N ALA J 311 -20.81 -36.92 -75.79
CA ALA J 311 -21.65 -35.77 -75.48
C ALA J 311 -22.79 -35.64 -76.49
N LEU J 312 -22.53 -35.99 -77.75
CA LEU J 312 -23.54 -35.89 -78.78
C LEU J 312 -24.56 -37.03 -78.72
N CYS J 313 -24.17 -38.17 -78.15
CA CYS J 313 -25.08 -39.32 -78.04
C CYS J 313 -25.69 -39.47 -76.66
N GLY J 314 -25.17 -38.77 -75.66
CA GLY J 314 -25.75 -38.81 -74.33
C GLY J 314 -25.33 -40.00 -73.50
N ILE J 315 -24.03 -40.25 -73.42
CA ILE J 315 -23.45 -41.30 -72.59
C ILE J 315 -22.24 -40.74 -71.86
N THR J 316 -21.62 -41.56 -71.02
CA THR J 316 -20.45 -41.17 -70.25
C THR J 316 -19.20 -41.68 -70.94
N GLY J 317 -18.28 -40.77 -71.25
CA GLY J 317 -17.02 -41.14 -71.86
C GLY J 317 -15.83 -40.69 -71.04
N LEU J 318 -14.94 -41.62 -70.71
CA LEU J 318 -13.81 -41.35 -69.83
C LEU J 318 -12.53 -41.29 -70.65
N LYS J 319 -11.83 -40.16 -70.57
CA LYS J 319 -10.52 -39.99 -71.18
C LYS J 319 -9.49 -40.05 -70.05
N THR J 320 -8.70 -41.13 -70.03
CA THR J 320 -7.77 -41.36 -68.93
C THR J 320 -6.50 -40.54 -69.12
N THR J 321 -5.70 -40.50 -68.05
CA THR J 321 -4.42 -39.82 -68.08
C THR J 321 -3.46 -40.53 -69.04
N TYR J 322 -2.58 -39.76 -69.66
CA TYR J 322 -1.59 -40.32 -70.56
C TYR J 322 -0.73 -41.35 -69.84
N GLY J 323 -0.70 -42.57 -70.38
CA GLY J 323 0.06 -43.64 -69.78
C GLY J 323 -0.64 -44.40 -68.68
N ARG J 324 -1.79 -43.90 -68.20
CA ARG J 324 -2.51 -44.60 -67.14
C ARG J 324 -3.03 -45.95 -67.63
N THR J 325 -3.73 -45.96 -68.75
CA THR J 325 -4.24 -47.19 -69.35
C THR J 325 -3.28 -47.66 -70.44
N ASP J 326 -2.89 -48.93 -70.36
CA ASP J 326 -1.94 -49.48 -71.33
C ASP J 326 -2.53 -49.46 -72.73
N MET J 327 -1.72 -49.05 -73.70
CA MET J 327 -2.12 -48.99 -75.09
C MET J 327 -1.44 -50.07 -75.94
N THR J 328 -0.77 -51.02 -75.32
CA THR J 328 -0.04 -52.05 -76.05
C THR J 328 -1.00 -52.90 -76.88
N GLY J 329 -0.83 -52.88 -78.20
CA GLY J 329 -1.67 -53.65 -79.08
C GLY J 329 -2.76 -52.82 -79.73
N SER J 330 -2.42 -51.61 -80.17
CA SER J 330 -3.37 -50.71 -80.82
C SER J 330 -2.67 -50.05 -82.00
N LEU J 331 -3.36 -49.10 -82.63
CA LEU J 331 -2.84 -48.37 -83.77
C LEU J 331 -2.16 -47.07 -83.37
N CYS J 332 -2.14 -46.73 -82.09
CA CYS J 332 -1.58 -45.47 -81.61
C CYS J 332 -0.58 -45.72 -80.49
N GLU J 333 0.18 -46.80 -80.58
CA GLU J 333 1.27 -47.03 -79.64
C GLU J 333 2.41 -46.07 -79.93
N GLY J 334 2.97 -45.48 -78.88
CA GLY J 334 4.02 -44.50 -79.02
C GLY J 334 3.56 -43.08 -79.23
N GLY J 335 2.26 -42.87 -79.43
CA GLY J 335 1.76 -41.51 -79.55
C GLY J 335 1.92 -40.73 -78.27
N THR J 336 1.79 -39.41 -78.39
CA THR J 336 1.99 -38.50 -77.27
C THR J 336 0.72 -37.81 -76.83
N VAL J 337 -0.43 -38.12 -77.42
CA VAL J 337 -1.67 -37.43 -77.10
C VAL J 337 -2.84 -38.40 -77.05
N GLU J 338 -2.55 -39.71 -77.09
CA GLU J 338 -3.58 -40.72 -77.20
C GLU J 338 -3.62 -41.61 -75.96
N ILE J 339 -4.82 -42.06 -75.61
CA ILE J 339 -5.03 -43.05 -74.55
C ILE J 339 -6.13 -44.01 -75.00
N ILE J 340 -6.58 -44.87 -74.09
CA ILE J 340 -7.70 -45.77 -74.33
C ILE J 340 -8.63 -45.68 -73.13
N GLY J 341 -9.85 -45.21 -73.35
CA GLY J 341 -10.81 -45.05 -72.29
C GLY J 341 -12.15 -45.70 -72.61
N PRO J 342 -12.92 -46.01 -71.57
CA PRO J 342 -14.22 -46.66 -71.78
C PRO J 342 -15.34 -45.67 -72.02
N LEU J 343 -16.33 -46.13 -72.78
CA LEU J 343 -17.56 -45.38 -73.05
C LEU J 343 -18.74 -46.23 -72.59
N ALA J 344 -19.45 -45.76 -71.57
CA ALA J 344 -20.54 -46.51 -70.98
C ALA J 344 -21.78 -45.64 -70.86
N SER J 345 -22.89 -46.28 -70.50
CA SER J 345 -24.17 -45.58 -70.41
C SER J 345 -24.28 -44.75 -69.12
N SER J 346 -23.76 -45.28 -68.02
CA SER J 346 -23.82 -44.59 -66.73
C SER J 346 -22.41 -44.48 -66.16
N LEU J 347 -22.27 -43.65 -65.12
CA LEU J 347 -20.96 -43.51 -64.47
C LEU J 347 -20.58 -44.81 -63.78
N GLU J 348 -21.55 -45.50 -63.17
CA GLU J 348 -21.23 -46.75 -62.48
C GLU J 348 -20.66 -47.78 -63.44
N ASP J 349 -21.10 -47.78 -64.70
CA ASP J 349 -20.58 -48.73 -65.68
C ASP J 349 -19.19 -48.32 -66.16
N ALA J 350 -18.98 -47.04 -66.46
CA ALA J 350 -17.68 -46.59 -66.93
C ALA J 350 -16.62 -46.70 -65.84
N PHE J 351 -17.03 -46.64 -64.58
CA PHE J 351 -16.07 -46.81 -63.49
C PHE J 351 -15.67 -48.27 -63.34
N LEU J 352 -16.59 -49.19 -63.59
CA LEU J 352 -16.28 -50.62 -63.47
C LEU J 352 -15.37 -51.07 -64.61
N VAL J 353 -15.59 -50.57 -65.82
CA VAL J 353 -14.76 -50.95 -66.95
C VAL J 353 -13.37 -50.37 -66.82
N TYR J 354 -13.27 -49.13 -66.32
CA TYR J 354 -11.96 -48.54 -66.08
C TYR J 354 -11.17 -49.35 -65.05
N ALA J 355 -11.86 -49.93 -64.06
CA ALA J 355 -11.17 -50.73 -63.05
C ALA J 355 -10.52 -51.96 -63.65
N ALA J 356 -11.08 -52.50 -64.73
CA ALA J 356 -10.51 -53.70 -65.34
C ALA J 356 -9.37 -53.36 -66.30
N ILE J 357 -9.54 -52.29 -67.09
CA ILE J 357 -8.58 -51.98 -68.15
C ILE J 357 -7.40 -51.13 -67.69
N LEU J 358 -7.44 -50.60 -66.47
CA LEU J 358 -6.36 -49.72 -66.03
C LEU J 358 -5.08 -50.52 -65.79
N GLY J 359 -3.96 -49.80 -65.79
CA GLY J 359 -2.66 -50.42 -65.61
C GLY J 359 -1.65 -49.93 -66.62
N SER J 360 -0.69 -49.13 -66.17
CA SER J 360 0.31 -48.58 -67.07
C SER J 360 1.21 -49.68 -67.63
N SER J 361 1.71 -49.46 -68.84
CA SER J 361 2.59 -50.42 -69.48
C SER J 361 3.95 -50.46 -68.78
N SER J 362 4.76 -51.44 -69.17
CA SER J 362 6.11 -51.54 -68.61
C SER J 362 6.99 -50.39 -69.06
N ALA J 363 6.81 -49.93 -70.29
CA ALA J 363 7.61 -48.81 -70.80
C ALA J 363 7.17 -47.49 -70.20
N ASP J 364 5.86 -47.28 -70.06
CA ASP J 364 5.35 -46.04 -69.49
C ASP J 364 5.49 -45.98 -67.98
N ARG J 365 5.71 -47.12 -67.31
CA ARG J 365 5.84 -47.12 -65.86
C ARG J 365 7.11 -46.40 -65.42
N TYR J 366 8.20 -46.57 -66.17
CA TYR J 366 9.47 -45.97 -65.80
C TYR J 366 9.68 -44.58 -66.40
N ASN J 367 9.04 -44.30 -67.55
CA ASN J 367 9.21 -43.00 -68.18
C ASN J 367 8.28 -41.95 -67.60
N LEU J 368 7.14 -42.36 -67.03
CA LEU J 368 6.19 -41.43 -66.48
C LEU J 368 6.04 -41.52 -64.96
N LYS J 369 6.36 -42.67 -64.37
CA LYS J 369 6.26 -42.91 -62.93
C LYS J 369 4.89 -42.49 -62.40
N PRO J 370 3.83 -43.21 -62.76
CA PRO J 370 2.50 -42.81 -62.30
C PRO J 370 2.25 -43.23 -60.86
N SER J 371 1.51 -42.39 -60.14
CA SER J 371 1.09 -42.75 -58.79
C SER J 371 0.17 -43.96 -58.86
N PRO J 372 0.15 -44.78 -57.81
CA PRO J 372 -0.70 -45.98 -57.82
C PRO J 372 -2.15 -45.62 -58.05
N PRO J 373 -2.88 -46.43 -58.81
CA PRO J 373 -4.28 -46.11 -59.09
C PRO J 373 -5.14 -46.23 -57.85
N CYS J 374 -6.25 -45.49 -57.85
CA CYS J 374 -7.16 -45.47 -56.72
C CYS J 374 -8.56 -45.17 -57.20
N PHE J 375 -9.54 -45.85 -56.60
CA PHE J 375 -10.95 -45.71 -56.93
C PHE J 375 -11.62 -44.73 -55.96
N PRO J 376 -12.56 -43.92 -56.44
CA PRO J 376 -13.26 -43.00 -55.54
C PRO J 376 -14.33 -43.71 -54.74
N LYS J 377 -14.45 -43.33 -53.47
CA LYS J 377 -15.48 -43.87 -52.59
C LYS J 377 -16.82 -43.27 -52.98
N LEU J 378 -17.58 -43.98 -53.80
CA LEU J 378 -18.93 -43.55 -54.18
C LEU J 378 -19.94 -43.81 -53.08
N LEU J 379 -19.54 -43.63 -51.82
CA LEU J 379 -20.40 -43.81 -50.66
C LEU J 379 -20.48 -42.46 -49.93
N SER J 380 -21.64 -41.81 -50.02
CA SER J 380 -21.88 -40.57 -49.30
C SER J 380 -22.37 -40.81 -47.88
N HIS J 381 -21.95 -41.90 -47.25
CA HIS J 381 -22.36 -42.26 -45.91
C HIS J 381 -21.27 -41.87 -44.92
N ASN J 382 -21.62 -41.01 -43.95
CA ASN J 382 -20.69 -40.56 -42.91
C ASN J 382 -19.44 -39.94 -43.52
N GLY J 383 -19.66 -38.84 -44.26
CA GLY J 383 -18.57 -38.14 -44.91
C GLY J 383 -19.00 -37.33 -46.11
N SER J 384 -18.53 -37.71 -47.29
CA SER J 384 -18.86 -37.03 -48.54
C SER J 384 -18.46 -35.55 -48.50
N ASN J 385 -17.35 -35.26 -47.82
CA ASN J 385 -16.83 -33.91 -47.72
C ASN J 385 -15.64 -33.67 -48.65
N ALA J 386 -15.39 -34.57 -49.59
CA ALA J 386 -14.34 -34.38 -50.59
C ALA J 386 -14.86 -33.77 -51.88
N ILE J 387 -16.16 -33.84 -52.13
CA ILE J 387 -16.74 -33.21 -53.31
C ILE J 387 -17.07 -31.73 -53.05
N GLY J 388 -17.23 -31.35 -51.78
CA GLY J 388 -17.42 -29.96 -51.43
C GLY J 388 -16.11 -29.21 -51.31
N SER J 389 -15.04 -29.94 -50.98
CA SER J 389 -13.70 -29.35 -50.96
C SER J 389 -13.17 -29.07 -52.36
N LEU J 390 -13.88 -29.50 -53.40
CA LEU J 390 -13.44 -29.28 -54.76
C LEU J 390 -13.61 -27.82 -55.16
N ARG J 391 -12.62 -27.28 -55.86
CA ARG J 391 -12.75 -26.01 -56.56
C ARG J 391 -12.92 -26.27 -58.04
N LEU J 392 -13.68 -25.39 -58.71
CA LEU J 392 -14.03 -25.56 -60.10
C LEU J 392 -13.42 -24.45 -60.94
N GLY J 393 -12.71 -24.84 -62.02
CA GLY J 393 -12.08 -23.89 -62.89
C GLY J 393 -12.93 -23.63 -64.11
N LYS J 394 -13.30 -22.36 -64.30
CA LYS J 394 -14.18 -21.95 -65.38
C LYS J 394 -13.59 -20.75 -66.09
N TYR J 395 -13.31 -20.90 -67.39
CA TYR J 395 -12.95 -19.78 -68.26
C TYR J 395 -14.23 -19.30 -68.92
N THR J 396 -14.80 -18.20 -68.41
CA THR J 396 -16.13 -17.76 -68.83
C THR J 396 -16.18 -17.51 -70.34
N LYS J 397 -15.17 -16.83 -70.89
CA LYS J 397 -15.15 -16.59 -72.33
C LYS J 397 -15.06 -17.89 -73.11
N TRP J 398 -14.18 -18.80 -72.66
CA TRP J 398 -14.09 -20.11 -73.30
C TRP J 398 -15.34 -20.95 -73.03
N PHE J 399 -15.96 -20.78 -71.86
CA PHE J 399 -17.13 -21.56 -71.51
C PHE J 399 -18.31 -21.26 -72.42
N ASN J 400 -18.51 -19.98 -72.76
CA ASN J 400 -19.68 -19.55 -73.50
C ASN J 400 -19.47 -19.54 -75.01
N ASP J 401 -18.26 -19.81 -75.49
CA ASP J 401 -17.99 -19.83 -76.93
C ASP J 401 -18.54 -21.12 -77.52
N VAL J 402 -19.87 -21.16 -77.65
CA VAL J 402 -20.57 -22.29 -78.25
C VAL J 402 -21.53 -21.76 -79.31
N SER J 403 -21.91 -22.64 -80.22
CA SER J 403 -22.82 -22.29 -81.30
C SER J 403 -24.29 -22.46 -80.93
N SER J 404 -24.58 -22.98 -79.75
CA SER J 404 -25.94 -23.14 -79.27
C SER J 404 -26.01 -22.62 -77.84
N SER J 405 -26.88 -21.64 -77.60
CA SER J 405 -26.98 -21.04 -76.27
C SER J 405 -27.50 -22.03 -75.23
N ASP J 406 -28.14 -23.12 -75.66
CA ASP J 406 -28.64 -24.11 -74.71
C ASP J 406 -27.50 -24.85 -74.02
N ILE J 407 -26.38 -25.06 -74.72
CA ILE J 407 -25.27 -25.79 -74.13
C ILE J 407 -24.59 -24.96 -73.05
N SER J 408 -24.35 -23.67 -73.32
CA SER J 408 -23.73 -22.81 -72.33
C SER J 408 -24.65 -22.52 -71.16
N ASP J 409 -25.97 -22.68 -71.32
CA ASP J 409 -26.91 -22.42 -70.25
C ASP J 409 -27.17 -23.66 -69.40
N LYS J 410 -27.37 -24.82 -70.03
CA LYS J 410 -27.67 -26.03 -69.28
C LYS J 410 -26.46 -26.48 -68.45
N CYS J 411 -25.25 -26.32 -68.99
CA CYS J 411 -24.06 -26.63 -68.22
C CYS J 411 -23.89 -25.67 -67.04
N GLU J 412 -24.28 -24.40 -67.23
CA GLU J 412 -24.16 -23.43 -66.15
C GLU J 412 -25.05 -23.80 -64.97
N ASP J 413 -26.25 -24.33 -65.24
CA ASP J 413 -27.11 -24.79 -64.15
C ASP J 413 -26.40 -25.83 -63.31
N ILE J 414 -25.74 -26.80 -63.95
CA ILE J 414 -25.00 -27.82 -63.20
C ILE J 414 -23.90 -27.18 -62.36
N LEU J 415 -23.25 -26.16 -62.91
CA LEU J 415 -22.27 -25.41 -62.11
C LEU J 415 -22.94 -24.70 -60.95
N LYS J 416 -24.13 -24.13 -61.18
CA LYS J 416 -24.90 -23.56 -60.10
C LYS J 416 -25.51 -24.65 -59.21
N LEU J 417 -25.87 -25.79 -59.80
CA LEU J 417 -26.41 -26.90 -59.00
C LEU J 417 -25.34 -27.54 -58.14
N LEU J 418 -24.13 -27.72 -58.69
CA LEU J 418 -23.04 -28.26 -57.90
C LEU J 418 -22.64 -27.29 -56.78
N SER J 419 -22.67 -25.99 -57.06
CA SER J 419 -22.34 -25.00 -56.05
C SER J 419 -23.45 -24.86 -55.01
N ASN J 420 -24.67 -25.30 -55.33
CA ASN J 420 -25.80 -25.18 -54.42
C ASN J 420 -26.14 -26.49 -53.71
N ASN J 421 -25.68 -27.63 -54.23
CA ASN J 421 -25.98 -28.93 -53.63
C ASN J 421 -24.79 -29.57 -52.95
N HIS J 422 -23.62 -28.93 -52.97
CA HIS J 422 -22.44 -29.47 -52.30
C HIS J 422 -21.56 -28.36 -51.74
N GLY J 423 -21.62 -27.18 -52.34
CA GLY J 423 -20.81 -26.06 -51.90
C GLY J 423 -19.54 -25.81 -52.68
N CYS J 424 -19.45 -26.29 -53.92
CA CYS J 424 -18.27 -26.04 -54.74
C CYS J 424 -18.20 -24.56 -55.10
N LYS J 425 -16.97 -24.08 -55.25
CA LYS J 425 -16.71 -22.69 -55.59
C LYS J 425 -16.25 -22.60 -57.04
N VAL J 426 -17.02 -21.92 -57.88
CA VAL J 426 -16.69 -21.73 -59.28
C VAL J 426 -15.65 -20.61 -59.35
N VAL J 427 -14.37 -21.00 -59.46
CA VAL J 427 -13.28 -20.04 -59.49
C VAL J 427 -12.98 -19.67 -60.93
N GLU J 428 -13.02 -18.38 -61.24
CA GLU J 428 -12.75 -17.91 -62.59
C GLU J 428 -11.29 -18.13 -62.94
N ILE J 429 -11.05 -18.80 -64.07
CA ILE J 429 -9.69 -19.07 -64.53
C ILE J 429 -9.50 -18.52 -65.94
N VAL J 430 -8.30 -18.65 -66.47
CA VAL J 430 -7.98 -18.20 -67.82
C VAL J 430 -6.97 -19.16 -68.43
N VAL J 431 -7.19 -19.53 -69.69
CA VAL J 431 -6.33 -20.46 -70.40
C VAL J 431 -5.70 -19.73 -71.57
N PRO J 432 -4.48 -19.22 -71.41
CA PRO J 432 -3.84 -18.47 -72.50
C PRO J 432 -3.42 -19.38 -73.64
N GLU J 433 -3.22 -18.76 -74.80
CA GLU J 433 -2.65 -19.42 -75.98
C GLU J 433 -3.48 -20.62 -76.41
N LEU J 434 -4.78 -20.40 -76.61
CA LEU J 434 -5.65 -21.47 -77.07
C LEU J 434 -5.46 -21.76 -78.55
N GLU J 435 -5.10 -20.75 -79.34
CA GLU J 435 -4.82 -20.98 -80.75
C GLU J 435 -3.54 -21.78 -80.94
N GLU J 436 -2.55 -21.58 -80.08
CA GLU J 436 -1.34 -22.40 -80.12
C GLU J 436 -1.65 -23.85 -79.79
N MET J 437 -2.57 -24.08 -78.84
CA MET J 437 -2.93 -25.43 -78.48
C MET J 437 -3.55 -26.18 -79.65
N ARG J 438 -4.32 -25.47 -80.49
CA ARG J 438 -4.83 -26.07 -81.71
C ARG J 438 -3.68 -26.47 -82.64
N ALA J 439 -2.79 -25.52 -82.93
CA ALA J 439 -1.69 -25.79 -83.85
C ALA J 439 -0.75 -26.84 -83.29
N ALA J 440 -0.45 -26.77 -81.98
CA ALA J 440 0.48 -27.73 -81.40
C ALA J 440 -0.11 -29.14 -81.35
N HIS J 441 -1.43 -29.26 -81.19
CA HIS J 441 -2.04 -30.58 -81.11
C HIS J 441 -2.11 -31.24 -82.48
N VAL J 442 -2.60 -30.51 -83.49
CA VAL J 442 -2.89 -31.12 -84.78
C VAL J 442 -1.63 -31.70 -85.42
N ILE J 443 -0.46 -31.10 -85.16
CA ILE J 443 0.77 -31.62 -85.73
C ILE J 443 1.28 -32.81 -84.93
N SER J 444 1.12 -32.79 -83.61
CA SER J 444 1.61 -33.86 -82.76
C SER J 444 0.74 -35.12 -82.83
N ILE J 445 -0.46 -35.03 -83.41
CA ILE J 445 -1.32 -36.20 -83.54
C ILE J 445 -1.17 -36.78 -84.95
N GLY J 446 -0.95 -35.92 -85.92
CA GLY J 446 -0.89 -36.34 -87.31
C GLY J 446 0.49 -36.77 -87.77
N SER J 447 1.54 -36.23 -87.13
CA SER J 447 2.90 -36.57 -87.56
C SER J 447 3.27 -38.02 -87.22
N PRO J 448 3.06 -38.53 -86.00
CA PRO J 448 3.39 -39.94 -85.76
C PRO J 448 2.46 -40.90 -86.50
N THR J 449 1.20 -40.52 -86.74
CA THR J 449 0.30 -41.38 -87.49
C THR J 449 0.72 -41.45 -88.95
N LEU J 450 1.11 -40.33 -89.54
CA LEU J 450 1.56 -40.32 -90.93
C LEU J 450 2.86 -41.11 -91.09
N SER J 451 3.74 -41.04 -90.09
CA SER J 451 5.01 -41.76 -90.18
C SER J 451 4.79 -43.27 -90.07
N SER J 452 3.83 -43.70 -89.27
CA SER J 452 3.55 -45.12 -89.12
C SER J 452 2.87 -45.71 -90.35
N LEU J 453 2.31 -44.87 -91.21
CA LEU J 453 1.60 -45.32 -92.40
C LEU J 453 2.33 -44.99 -93.69
N THR J 454 3.48 -44.32 -93.62
CA THR J 454 4.17 -43.89 -94.84
C THR J 454 4.70 -45.07 -95.65
N PRO J 455 5.39 -46.06 -95.08
CA PRO J 455 5.85 -47.19 -95.91
C PRO J 455 4.74 -47.91 -96.63
N TYR J 456 3.52 -47.91 -96.08
CA TYR J 456 2.39 -48.52 -96.78
C TYR J 456 1.87 -47.63 -97.89
N CYS J 457 1.81 -46.31 -97.64
CA CYS J 457 1.33 -45.39 -98.65
C CYS J 457 2.29 -45.31 -99.83
N GLU J 458 3.60 -45.40 -99.56
CA GLU J 458 4.58 -45.36 -100.64
C GLU J 458 4.50 -46.58 -101.54
N ALA J 459 3.97 -47.70 -101.03
CA ALA J 459 3.81 -48.92 -101.82
C ALA J 459 2.52 -48.95 -102.62
N GLY J 460 1.90 -47.78 -102.84
CA GLY J 460 0.69 -47.70 -103.62
C GLY J 460 -0.60 -47.78 -102.83
N LYS J 461 -0.53 -48.16 -101.56
CA LYS J 461 -1.74 -48.29 -100.74
C LYS J 461 -2.32 -46.94 -100.32
N ASN J 462 -1.73 -45.83 -100.75
CA ASN J 462 -2.29 -44.53 -100.41
C ASN J 462 -3.61 -44.26 -101.12
N SER J 463 -3.76 -44.78 -102.34
CA SER J 463 -5.01 -44.62 -103.06
C SER J 463 -6.14 -45.42 -102.43
N LYS J 464 -5.82 -46.41 -101.61
CA LYS J 464 -6.81 -47.22 -100.90
C LYS J 464 -7.32 -46.54 -99.63
N LEU J 465 -7.09 -45.25 -99.48
CA LEU J 465 -7.53 -44.50 -98.31
C LEU J 465 -8.67 -43.55 -98.69
N SER J 466 -9.42 -43.14 -97.68
CA SER J 466 -10.57 -42.28 -97.91
C SER J 466 -10.11 -40.86 -98.29
N TYR J 467 -11.07 -40.05 -98.71
CA TYR J 467 -10.78 -38.67 -99.11
C TYR J 467 -10.69 -37.76 -97.88
N ASP J 468 -11.44 -38.06 -96.83
CA ASP J 468 -11.31 -37.31 -95.58
C ASP J 468 -9.93 -37.50 -94.97
N THR J 469 -9.35 -38.70 -95.12
CA THR J 469 -8.02 -38.97 -94.58
C THR J 469 -6.92 -38.41 -95.47
N ARG J 470 -7.03 -38.64 -96.78
CA ARG J 470 -6.02 -38.15 -97.71
C ARG J 470 -5.97 -36.63 -97.77
N THR J 471 -7.04 -35.95 -97.36
CA THR J 471 -6.98 -34.49 -97.22
C THR J 471 -6.12 -34.09 -96.03
N SER J 472 -6.28 -34.78 -94.90
CA SER J 472 -5.46 -34.49 -93.73
C SER J 472 -4.02 -34.96 -93.95
N PHE J 473 -3.84 -36.10 -94.60
CA PHE J 473 -2.48 -36.58 -94.88
C PHE J 473 -1.74 -35.65 -95.82
N ALA J 474 -2.45 -35.03 -96.77
CA ALA J 474 -1.81 -34.05 -97.63
C ALA J 474 -1.39 -32.81 -96.85
N ILE J 475 -2.11 -32.47 -95.78
CA ILE J 475 -1.71 -31.36 -94.93
C ILE J 475 -0.64 -31.79 -93.94
N PHE J 476 -0.70 -33.04 -93.46
CA PHE J 476 0.28 -33.53 -92.50
C PHE J 476 1.67 -33.62 -93.11
N ARG J 477 1.76 -33.93 -94.41
CA ARG J 477 3.07 -33.96 -95.07
C ARG J 477 3.70 -32.57 -95.15
N SER J 478 2.91 -31.51 -95.06
CA SER J 478 3.42 -30.15 -95.04
C SER J 478 4.00 -29.76 -93.69
N PHE J 479 3.91 -30.63 -92.69
CA PHE J 479 4.52 -30.37 -91.39
C PHE J 479 5.98 -30.78 -91.44
N SER J 480 6.87 -29.80 -91.35
CA SER J 480 8.30 -30.09 -91.40
C SER J 480 8.80 -30.53 -90.02
N ALA J 481 10.04 -31.00 -89.99
CA ALA J 481 10.66 -31.36 -88.72
C ALA J 481 10.90 -30.13 -87.86
N SER J 482 11.12 -28.97 -88.48
CA SER J 482 11.25 -27.74 -87.72
C SER J 482 9.91 -27.32 -87.12
N ASP J 483 8.81 -27.69 -87.77
CA ASP J 483 7.49 -27.35 -87.23
C ASP J 483 7.16 -28.19 -85.99
N TYR J 484 7.59 -29.45 -85.98
CA TYR J 484 7.31 -30.32 -84.84
C TYR J 484 8.06 -29.86 -83.60
N ILE J 485 9.35 -29.59 -83.74
CA ILE J 485 10.15 -29.15 -82.60
C ILE J 485 9.60 -27.84 -82.04
N ALA J 486 9.20 -26.92 -82.93
CA ALA J 486 8.63 -25.66 -82.47
C ALA J 486 7.31 -25.90 -81.74
N ALA J 487 6.50 -26.84 -82.23
CA ALA J 487 5.22 -27.11 -81.59
C ALA J 487 5.39 -27.80 -80.25
N GLN J 488 6.43 -28.65 -80.10
CA GLN J 488 6.67 -29.28 -78.81
C GLN J 488 7.09 -28.26 -77.77
N CYS J 489 7.71 -27.15 -78.19
CA CYS J 489 7.99 -26.08 -77.25
C CYS J 489 6.71 -25.41 -76.77
N LEU J 490 5.71 -25.32 -77.65
CA LEU J 490 4.41 -24.79 -77.25
C LEU J 490 3.71 -25.74 -76.29
N ARG J 491 3.97 -27.05 -76.40
CA ARG J 491 3.36 -28.00 -75.47
C ARG J 491 3.87 -27.78 -74.05
N ARG J 492 5.13 -27.39 -73.90
CA ARG J 492 5.65 -27.08 -72.57
C ARG J 492 5.02 -25.82 -72.01
N ARG J 493 4.82 -24.81 -72.86
CA ARG J 493 4.16 -23.58 -72.41
C ARG J 493 2.78 -23.88 -71.86
N LEU J 494 1.94 -24.56 -72.65
CA LEU J 494 0.59 -24.90 -72.22
C LEU J 494 0.60 -25.83 -71.02
N MET J 495 1.63 -26.67 -70.90
CA MET J 495 1.76 -27.51 -69.72
C MET J 495 1.99 -26.67 -68.47
N GLU J 496 2.78 -25.60 -68.59
CA GLU J 496 3.03 -24.74 -67.45
C GLU J 496 1.81 -23.88 -67.11
N TYR J 497 1.00 -23.53 -68.11
CA TYR J 497 -0.23 -22.79 -67.84
C TYR J 497 -1.21 -23.64 -67.05
N HIS J 498 -1.52 -24.84 -67.55
CA HIS J 498 -2.52 -25.68 -66.91
C HIS J 498 -2.09 -26.13 -65.52
N LEU J 499 -0.79 -26.41 -65.34
CA LEU J 499 -0.30 -26.77 -64.01
C LEU J 499 -0.45 -25.61 -63.04
N ASN J 500 -0.30 -24.37 -63.52
CA ASN J 500 -0.57 -23.21 -62.68
C ASN J 500 -2.06 -23.08 -62.38
N ILE J 501 -2.91 -23.50 -63.33
CA ILE J 501 -4.36 -23.46 -63.10
C ILE J 501 -4.75 -24.48 -62.03
N PHE J 502 -4.11 -25.65 -62.04
CA PHE J 502 -4.40 -26.69 -61.06
C PHE J 502 -3.87 -26.37 -59.67
N LYS J 503 -3.17 -25.25 -59.50
CA LYS J 503 -2.79 -24.78 -58.17
C LYS J 503 -3.90 -23.98 -57.50
N ASP J 504 -4.78 -23.36 -58.30
CA ASP J 504 -5.92 -22.63 -57.78
C ASP J 504 -7.17 -23.49 -57.70
N VAL J 505 -7.44 -24.27 -58.75
CA VAL J 505 -8.63 -25.13 -58.82
C VAL J 505 -8.18 -26.58 -58.86
N ASP J 506 -9.15 -27.49 -58.76
CA ASP J 506 -8.91 -28.92 -58.81
C ASP J 506 -9.25 -29.54 -60.16
N VAL J 507 -10.35 -29.08 -60.79
CA VAL J 507 -10.75 -29.55 -62.10
C VAL J 507 -11.17 -28.35 -62.95
N ILE J 508 -11.17 -28.55 -64.26
CA ILE J 508 -11.56 -27.53 -65.22
C ILE J 508 -12.85 -27.99 -65.89
N VAL J 509 -13.93 -27.25 -65.69
CA VAL J 509 -15.26 -27.60 -66.20
C VAL J 509 -15.52 -26.81 -67.45
N THR J 510 -15.88 -27.52 -68.52
CA THR J 510 -16.18 -26.92 -69.82
C THR J 510 -17.18 -27.82 -70.54
N PRO J 511 -18.01 -27.25 -71.41
CA PRO J 511 -18.86 -28.10 -72.26
C PRO J 511 -18.00 -28.92 -73.20
N THR J 512 -18.38 -30.19 -73.39
CA THR J 512 -17.55 -31.10 -74.19
C THR J 512 -17.47 -30.63 -75.64
N THR J 513 -18.61 -30.26 -76.23
CA THR J 513 -18.68 -29.82 -77.60
C THR J 513 -19.36 -28.46 -77.68
N GLY J 514 -18.88 -27.61 -78.58
CA GLY J 514 -19.49 -26.31 -78.82
C GLY J 514 -20.79 -26.35 -79.61
N MET J 515 -21.24 -27.54 -80.00
CA MET J 515 -22.48 -27.69 -80.72
C MET J 515 -23.10 -29.04 -80.34
N THR J 516 -24.41 -29.13 -80.51
CA THR J 516 -25.12 -30.39 -80.31
C THR J 516 -24.84 -31.31 -81.49
N ALA J 517 -25.57 -32.42 -81.57
CA ALA J 517 -25.38 -33.37 -82.65
C ALA J 517 -25.71 -32.72 -83.99
N PRO J 518 -24.72 -32.54 -84.86
CA PRO J 518 -24.98 -31.85 -86.14
C PRO J 518 -25.61 -32.79 -87.17
N VAL J 519 -26.40 -32.19 -88.05
CA VAL J 519 -27.07 -32.96 -89.10
C VAL J 519 -26.05 -33.37 -90.14
N ILE J 520 -26.19 -34.59 -90.64
CA ILE J 520 -25.27 -35.14 -91.65
C ILE J 520 -25.60 -34.56 -93.01
N PRO J 521 -24.64 -33.91 -93.68
CA PRO J 521 -24.87 -33.49 -95.07
C PRO J 521 -25.04 -34.70 -95.97
N PRO J 522 -26.20 -34.83 -96.61
CA PRO J 522 -26.45 -36.03 -97.43
C PRO J 522 -25.50 -36.15 -98.61
N ASP J 523 -24.99 -35.04 -99.14
CA ASP J 523 -24.08 -35.10 -100.28
C ASP J 523 -22.73 -35.70 -99.92
N ALA J 524 -22.40 -35.77 -98.63
CA ALA J 524 -21.11 -36.31 -98.19
C ALA J 524 -21.15 -37.80 -97.89
N LEU J 525 -22.33 -38.43 -97.95
CA LEU J 525 -22.46 -39.85 -97.62
C LEU J 525 -21.95 -40.76 -98.73
N LYS J 526 -21.40 -40.23 -99.81
CA LYS J 526 -20.88 -41.03 -100.90
C LYS J 526 -19.36 -41.16 -100.87
N ASN J 527 -18.64 -40.05 -100.70
CA ASN J 527 -17.19 -40.07 -100.68
C ASN J 527 -16.59 -39.34 -99.48
N GLY J 528 -17.40 -38.72 -98.65
CA GLY J 528 -16.92 -38.01 -97.48
C GLY J 528 -17.02 -36.50 -97.65
N GLU J 529 -16.57 -35.80 -96.62
CA GLU J 529 -16.57 -34.34 -96.60
C GLU J 529 -15.25 -33.85 -96.05
N THR J 530 -15.06 -32.53 -96.07
CA THR J 530 -13.86 -31.91 -95.53
C THR J 530 -14.22 -30.67 -94.70
N ASN J 531 -15.33 -30.72 -94.00
CA ASN J 531 -15.76 -29.60 -93.16
C ASN J 531 -14.80 -29.45 -91.99
N ILE J 532 -13.95 -28.43 -92.04
CA ILE J 532 -12.99 -28.19 -90.97
C ILE J 532 -13.56 -27.28 -89.89
N GLN J 533 -14.48 -26.39 -90.25
CA GLN J 533 -15.17 -25.58 -89.24
C GLN J 533 -16.00 -26.43 -88.31
N VAL J 534 -16.42 -27.62 -88.73
CA VAL J 534 -17.17 -28.52 -87.86
C VAL J 534 -16.26 -29.50 -87.15
N THR J 535 -15.28 -30.08 -87.85
CA THR J 535 -14.38 -31.04 -87.20
C THR J 535 -13.43 -30.39 -86.21
N THR J 536 -13.31 -29.06 -86.23
CA THR J 536 -12.46 -28.36 -85.27
C THR J 536 -13.24 -27.73 -84.13
N ASP J 537 -14.45 -27.23 -84.40
CA ASP J 537 -15.28 -26.68 -83.32
C ASP J 537 -15.60 -27.74 -82.28
N LEU J 538 -15.68 -29.01 -82.69
CA LEU J 538 -15.89 -30.08 -81.73
C LEU J 538 -14.67 -30.31 -80.86
N MET J 539 -13.48 -30.06 -81.40
CA MET J 539 -12.23 -30.21 -80.65
C MET J 539 -11.86 -28.97 -79.86
N ARG J 540 -12.77 -27.98 -79.78
CA ARG J 540 -12.42 -26.72 -79.13
C ARG J 540 -12.08 -26.93 -77.65
N PHE J 541 -12.76 -27.86 -76.99
CA PHE J 541 -12.61 -28.03 -75.55
C PHE J 541 -11.80 -29.25 -75.15
N VAL J 542 -11.62 -30.23 -76.05
CA VAL J 542 -11.04 -31.51 -75.68
C VAL J 542 -9.55 -31.60 -75.97
N LEU J 543 -8.96 -30.60 -76.62
CA LEU J 543 -7.54 -30.69 -76.98
C LEU J 543 -6.62 -30.53 -75.77
N ALA J 544 -7.11 -29.94 -74.67
CA ALA J 544 -6.26 -29.71 -73.52
C ALA J 544 -5.87 -31.01 -72.83
N ALA J 545 -6.78 -31.98 -72.79
CA ALA J 545 -6.50 -33.24 -72.11
C ALA J 545 -5.58 -34.13 -72.93
N ASN J 546 -5.60 -33.98 -74.26
CA ASN J 546 -4.76 -34.83 -75.11
C ASN J 546 -3.34 -34.29 -75.20
N LEU J 547 -3.19 -33.01 -75.51
CA LEU J 547 -1.87 -32.42 -75.68
C LEU J 547 -1.05 -32.47 -74.40
N LEU J 548 -1.70 -32.37 -73.24
CA LEU J 548 -1.03 -32.37 -71.95
C LEU J 548 -1.26 -33.65 -71.16
N GLY J 549 -1.90 -34.65 -71.77
CA GLY J 549 -2.08 -35.93 -71.11
C GLY J 549 -3.00 -35.91 -69.91
N PHE J 550 -3.83 -34.89 -69.77
CA PHE J 550 -4.70 -34.79 -68.61
C PHE J 550 -5.89 -35.74 -68.76
N PRO J 551 -6.45 -36.19 -67.63
CA PRO J 551 -7.69 -36.98 -67.69
C PRO J 551 -8.93 -36.09 -67.76
N ALA J 552 -9.86 -36.48 -68.61
CA ALA J 552 -11.12 -35.76 -68.77
C ALA J 552 -12.25 -36.76 -68.90
N ILE J 553 -13.47 -36.26 -68.76
CA ILE J 553 -14.66 -37.11 -68.82
C ILE J 553 -15.84 -36.26 -69.25
N SER J 554 -16.64 -36.79 -70.17
CA SER J 554 -17.84 -36.13 -70.67
C SER J 554 -19.05 -36.83 -70.08
N VAL J 555 -19.83 -36.09 -69.28
CA VAL J 555 -21.00 -36.61 -68.60
C VAL J 555 -22.21 -35.85 -69.12
N PRO J 556 -23.31 -36.52 -69.47
CA PRO J 556 -24.51 -35.80 -69.92
C PRO J 556 -25.09 -34.93 -68.81
N VAL J 557 -25.50 -33.72 -69.19
CA VAL J 557 -26.04 -32.74 -68.25
C VAL J 557 -27.45 -32.29 -68.65
N GLY J 558 -28.02 -32.89 -69.68
CA GLY J 558 -29.36 -32.55 -70.13
C GLY J 558 -29.42 -32.55 -71.64
N TYR J 559 -30.45 -31.88 -72.16
CA TYR J 559 -30.67 -31.80 -73.60
C TYR J 559 -30.93 -30.35 -73.99
N ASP J 560 -30.79 -30.07 -75.28
CA ASP J 560 -30.97 -28.73 -75.80
C ASP J 560 -32.43 -28.54 -76.23
N LYS J 561 -32.68 -27.61 -77.15
CA LYS J 561 -34.05 -27.33 -77.58
C LYS J 561 -34.61 -28.49 -78.40
N GLU J 562 -33.84 -29.00 -79.36
CA GLU J 562 -34.30 -30.07 -80.23
C GLU J 562 -34.12 -31.45 -79.62
N GLY J 563 -33.99 -31.55 -78.30
CA GLY J 563 -33.87 -32.85 -77.66
C GLY J 563 -32.57 -33.57 -77.90
N LEU J 564 -31.51 -32.85 -78.29
CA LEU J 564 -30.23 -33.49 -78.52
C LEU J 564 -29.39 -33.47 -77.24
N PRO J 565 -28.60 -34.52 -77.01
CA PRO J 565 -27.83 -34.61 -75.77
C PRO J 565 -26.77 -33.52 -75.66
N ILE J 566 -26.45 -33.17 -74.42
CA ILE J 566 -25.43 -32.18 -74.10
C ILE J 566 -24.51 -32.76 -73.04
N GLY J 567 -23.21 -32.64 -73.25
CA GLY J 567 -22.23 -33.19 -72.33
C GLY J 567 -21.34 -32.11 -71.74
N LEU J 568 -20.88 -32.35 -70.51
CA LEU J 568 -19.97 -31.46 -69.82
C LEU J 568 -18.66 -32.18 -69.56
N GLN J 569 -17.55 -31.53 -69.90
CA GLN J 569 -16.23 -32.12 -69.75
C GLN J 569 -15.62 -31.70 -68.42
N ILE J 570 -15.12 -32.67 -67.66
CA ILE J 570 -14.48 -32.43 -66.37
C ILE J 570 -13.05 -32.95 -66.48
N MET J 571 -12.08 -32.04 -66.55
CA MET J 571 -10.67 -32.38 -66.69
C MET J 571 -9.95 -32.10 -65.39
N GLY J 572 -9.14 -33.07 -64.95
CA GLY J 572 -8.46 -32.95 -63.67
C GLY J 572 -6.95 -33.05 -63.73
N ARG J 573 -6.32 -33.14 -62.56
CA ARG J 573 -4.87 -33.19 -62.45
C ARG J 573 -4.35 -34.52 -63.00
N PRO J 574 -3.04 -34.63 -63.25
CA PRO J 574 -2.48 -35.91 -63.68
C PRO J 574 -2.74 -37.00 -62.66
N TRP J 575 -3.07 -38.20 -63.17
CA TRP J 575 -3.38 -39.37 -62.36
C TRP J 575 -4.55 -39.14 -61.41
N ALA J 576 -5.41 -38.17 -61.71
CA ALA J 576 -6.57 -37.91 -60.87
C ALA J 576 -7.85 -38.48 -61.48
N GLU J 577 -7.89 -39.80 -61.66
CA GLU J 577 -9.08 -40.43 -62.21
C GLU J 577 -10.21 -40.45 -61.20
N ALA J 578 -9.89 -40.73 -59.93
CA ALA J 578 -10.90 -40.78 -58.89
C ALA J 578 -11.53 -39.40 -58.62
N THR J 579 -10.84 -38.32 -58.97
CA THR J 579 -11.39 -36.99 -58.75
C THR J 579 -12.47 -36.67 -59.77
N VAL J 580 -12.19 -36.89 -61.05
CA VAL J 580 -13.17 -36.55 -62.09
C VAL J 580 -14.31 -37.57 -62.11
N LEU J 581 -14.06 -38.80 -61.68
CA LEU J 581 -15.13 -39.79 -61.63
C LEU J 581 -16.13 -39.47 -60.52
N GLY J 582 -15.64 -38.99 -59.38
CA GLY J 582 -16.54 -38.67 -58.29
C GLY J 582 -17.38 -37.43 -58.56
N LEU J 583 -16.77 -36.41 -59.17
CA LEU J 583 -17.52 -35.20 -59.50
C LEU J 583 -18.54 -35.47 -60.60
N ALA J 584 -18.17 -36.28 -61.60
CA ALA J 584 -19.12 -36.64 -62.64
C ALA J 584 -20.25 -37.50 -62.10
N ALA J 585 -20.01 -38.22 -61.00
CA ALA J 585 -21.07 -38.98 -60.37
C ALA J 585 -22.08 -38.06 -59.70
N ALA J 586 -21.60 -36.97 -59.08
CA ALA J 586 -22.51 -35.98 -58.51
C ALA J 586 -23.26 -35.22 -59.60
N VAL J 587 -22.64 -35.05 -60.78
CA VAL J 587 -23.33 -34.42 -61.90
C VAL J 587 -24.41 -35.36 -62.45
N GLU J 588 -24.10 -36.65 -62.55
CA GLU J 588 -25.08 -37.61 -63.04
C GLU J 588 -26.26 -37.73 -62.08
N GLU J 589 -25.99 -37.67 -60.77
CA GLU J 589 -27.08 -37.70 -59.79
C GLU J 589 -27.92 -36.43 -59.86
N LEU J 590 -27.31 -35.31 -60.25
CA LEU J 590 -28.04 -34.05 -60.34
C LEU J 590 -28.82 -33.93 -61.63
N ALA J 591 -28.40 -34.61 -62.69
CA ALA J 591 -29.08 -34.56 -63.99
C ALA J 591 -28.91 -35.91 -64.68
N PRO J 592 -29.74 -36.88 -64.33
CA PRO J 592 -29.63 -38.22 -64.91
C PRO J 592 -30.15 -38.25 -66.35
N VAL J 593 -29.89 -39.37 -67.01
CA VAL J 593 -30.40 -39.61 -68.35
C VAL J 593 -31.87 -40.03 -68.24
N THR J 594 -32.76 -39.29 -68.90
CA THR J 594 -34.19 -39.52 -68.77
C THR J 594 -34.94 -39.60 -70.10
N LYS J 595 -34.29 -39.30 -71.22
CA LYS J 595 -34.94 -39.34 -72.53
C LYS J 595 -34.48 -40.57 -73.29
N LYS J 596 -35.43 -41.37 -73.75
CA LYS J 596 -35.11 -42.55 -74.56
C LYS J 596 -34.77 -42.11 -75.98
N PRO J 597 -33.65 -42.58 -76.54
CA PRO J 597 -33.31 -42.22 -77.91
C PRO J 597 -34.29 -42.81 -78.90
N ALA J 598 -34.23 -42.30 -80.14
CA ALA J 598 -35.09 -42.80 -81.20
C ALA J 598 -34.77 -44.27 -81.50
N ILE J 599 -33.50 -44.58 -81.69
CA ILE J 599 -33.05 -45.96 -81.92
C ILE J 599 -32.58 -46.49 -80.58
N PHE J 600 -33.41 -47.32 -79.94
CA PHE J 600 -33.08 -47.90 -78.65
C PHE J 600 -33.70 -49.28 -78.56
N TYR J 601 -32.99 -50.21 -77.93
CA TYR J 601 -33.44 -51.59 -77.79
C TYR J 601 -33.31 -51.99 -76.32
N ASP J 602 -34.41 -52.44 -75.73
CA ASP J 602 -34.44 -52.80 -74.31
C ASP J 602 -34.13 -54.29 -74.19
N ILE J 603 -32.86 -54.60 -73.98
CA ILE J 603 -32.43 -55.98 -73.76
C ILE J 603 -32.95 -56.46 -72.42
N LEU J 604 -33.13 -57.78 -72.30
CA LEU J 604 -33.62 -58.50 -71.12
C LEU J 604 -35.14 -58.44 -71.05
N ASN J 605 -35.80 -58.69 -72.17
CA ASN J 605 -37.26 -58.72 -72.20
C ASN J 605 -37.75 -59.64 -73.33
N TYR K 4 -43.80 -20.29 -57.94
CA TYR K 4 -44.79 -19.29 -57.59
C TYR K 4 -44.70 -18.92 -56.10
N GLN K 5 -43.99 -19.75 -55.34
CA GLN K 5 -43.71 -19.55 -53.92
C GLN K 5 -42.89 -20.73 -53.42
N VAL K 6 -42.19 -20.52 -52.31
CA VAL K 6 -41.45 -21.57 -51.62
C VAL K 6 -41.56 -21.34 -50.12
N MET K 7 -41.16 -22.36 -49.36
CA MET K 7 -41.22 -22.33 -47.91
C MET K 7 -39.87 -22.73 -47.34
N LYS K 8 -39.78 -22.73 -46.01
CA LYS K 8 -38.60 -23.16 -45.28
C LYS K 8 -39.00 -23.33 -43.82
N ARG K 9 -38.04 -23.75 -42.99
CA ARG K 9 -38.29 -23.93 -41.57
C ARG K 9 -36.94 -23.99 -40.86
N ALA K 10 -36.71 -23.13 -39.85
CA ALA K 10 -35.37 -22.95 -39.32
C ALA K 10 -34.95 -24.04 -38.34
N SER K 11 -35.83 -24.43 -37.41
CA SER K 11 -35.48 -25.45 -36.43
C SER K 11 -36.12 -26.80 -36.71
N GLU K 12 -36.81 -26.95 -37.84
CA GLU K 12 -37.21 -28.26 -38.34
C GLU K 12 -36.24 -28.80 -39.38
N VAL K 13 -35.27 -28.00 -39.79
CA VAL K 13 -34.32 -28.42 -40.82
C VAL K 13 -33.21 -29.24 -40.19
N ASP K 14 -32.89 -30.37 -40.83
CA ASP K 14 -31.68 -31.09 -40.48
C ASP K 14 -30.49 -30.34 -41.06
N LEU K 15 -29.54 -29.96 -40.20
CA LEU K 15 -28.45 -29.09 -40.60
C LEU K 15 -27.32 -29.81 -41.30
N SER K 16 -27.50 -31.08 -41.66
CA SER K 16 -26.52 -31.80 -42.47
C SER K 16 -26.67 -31.52 -43.95
N THR K 17 -27.78 -30.89 -44.37
CA THR K 17 -28.06 -30.61 -45.77
C THR K 17 -27.82 -29.16 -46.14
N VAL K 18 -27.07 -28.43 -45.32
CA VAL K 18 -26.79 -27.02 -45.57
C VAL K 18 -25.43 -26.89 -46.24
N LYS K 19 -25.31 -25.88 -47.10
CA LYS K 19 -24.12 -25.67 -47.91
C LYS K 19 -23.78 -24.18 -47.89
N TYR K 20 -22.78 -23.80 -48.69
CA TYR K 20 -22.23 -22.45 -48.68
C TYR K 20 -22.77 -21.65 -49.87
N LYS K 21 -23.10 -20.39 -49.61
CA LYS K 21 -23.59 -19.46 -50.63
C LYS K 21 -22.48 -18.45 -50.89
N ALA K 22 -21.58 -18.78 -51.81
CA ALA K 22 -20.43 -17.96 -52.13
C ALA K 22 -20.67 -17.06 -53.35
N GLU K 23 -21.90 -16.60 -53.54
CA GLU K 23 -22.24 -15.71 -54.65
C GLU K 23 -22.05 -14.27 -54.19
N THR K 24 -21.08 -13.59 -54.76
CA THR K 24 -20.79 -12.22 -54.39
C THR K 24 -21.81 -11.27 -55.00
N MET K 25 -22.13 -10.21 -54.26
CA MET K 25 -22.94 -9.12 -54.81
C MET K 25 -22.17 -8.43 -55.91
N LYS K 26 -22.84 -8.18 -57.03
CA LYS K 26 -22.25 -7.40 -58.11
C LYS K 26 -23.25 -6.36 -58.58
N ALA K 27 -22.73 -5.17 -58.85
CA ALA K 27 -23.52 -3.97 -59.09
C ALA K 27 -22.62 -2.93 -59.75
N PRO K 28 -23.19 -1.91 -60.37
CA PRO K 28 -22.34 -0.94 -61.09
C PRO K 28 -21.38 -0.21 -60.17
N HIS K 29 -20.09 -0.34 -60.48
CA HIS K 29 -19.01 0.35 -59.78
C HIS K 29 -18.70 1.61 -60.57
N LEU K 30 -19.33 2.72 -60.19
CA LEU K 30 -19.30 3.94 -60.95
C LEU K 30 -18.43 4.99 -60.26
N THR K 31 -18.03 6.00 -61.06
CA THR K 31 -17.17 7.07 -60.58
C THR K 31 -17.50 8.35 -61.33
N GLY K 32 -17.35 9.47 -60.63
CA GLY K 32 -17.45 10.77 -61.29
C GLY K 32 -18.80 11.00 -61.93
N LEU K 33 -18.78 11.51 -63.17
CA LEU K 33 -20.01 11.82 -63.88
C LEU K 33 -20.89 10.60 -64.07
N SER K 34 -20.26 9.45 -64.36
CA SER K 34 -21.02 8.20 -64.44
C SER K 34 -21.78 7.95 -63.15
N PHE K 35 -21.08 8.04 -62.01
CA PHE K 35 -21.75 7.93 -60.72
C PHE K 35 -22.70 9.09 -60.48
N LYS K 36 -22.40 10.27 -61.04
CA LYS K 36 -23.26 11.42 -60.86
C LYS K 36 -24.59 11.24 -61.57
N LEU K 37 -24.55 10.86 -62.85
CA LEU K 37 -25.79 10.70 -63.63
C LEU K 37 -26.65 9.57 -63.09
N PHE K 38 -26.01 8.51 -62.56
CA PHE K 38 -26.73 7.39 -61.96
C PHE K 38 -27.84 7.87 -61.04
N VAL K 39 -27.50 8.76 -60.10
CA VAL K 39 -28.46 9.20 -59.10
C VAL K 39 -29.67 9.84 -59.75
N ASN K 40 -29.45 10.62 -60.81
CA ASN K 40 -30.56 11.35 -61.44
C ASN K 40 -31.59 10.40 -62.04
N LEU K 41 -31.14 9.26 -62.56
CA LEU K 41 -32.08 8.22 -62.98
C LEU K 41 -32.92 7.76 -61.80
N LEU K 42 -32.28 7.45 -60.67
CA LEU K 42 -32.98 6.93 -59.51
C LEU K 42 -33.91 7.97 -58.89
N GLU K 43 -33.55 9.25 -58.95
CA GLU K 43 -34.36 10.30 -58.36
C GLU K 43 -35.45 10.81 -59.29
N ALA K 44 -35.70 10.10 -60.39
CA ALA K 44 -36.81 10.45 -61.26
C ALA K 44 -38.11 9.83 -60.75
N PRO K 45 -39.24 10.51 -60.92
CA PRO K 45 -40.50 9.98 -60.37
C PRO K 45 -40.93 8.66 -61.00
N LEU K 46 -40.68 8.47 -62.29
CA LEU K 46 -41.10 7.28 -63.01
C LEU K 46 -39.95 6.33 -63.34
N ILE K 47 -38.80 6.86 -63.75
CA ILE K 47 -37.69 5.99 -64.13
C ILE K 47 -37.06 5.36 -62.90
N GLY K 48 -36.93 6.13 -61.81
CA GLY K 48 -36.12 5.68 -60.69
C GLY K 48 -36.58 4.36 -60.09
N SER K 49 -37.88 4.25 -59.81
CA SER K 49 -38.40 3.02 -59.23
C SER K 49 -38.21 1.84 -60.16
N LEU K 50 -38.26 2.07 -61.47
CA LEU K 50 -38.11 0.99 -62.43
C LEU K 50 -36.67 0.47 -62.46
N ILE K 51 -35.70 1.36 -62.29
CA ILE K 51 -34.30 0.92 -62.23
C ILE K 51 -34.05 0.13 -60.95
N VAL K 52 -34.64 0.57 -59.84
CA VAL K 52 -34.31 0.00 -58.53
C VAL K 52 -34.74 -1.47 -58.48
N ASP K 53 -35.85 -1.81 -59.13
CA ASP K 53 -36.36 -3.17 -59.04
C ASP K 53 -35.41 -4.19 -59.65
N TYR K 54 -34.68 -3.80 -60.70
CA TYR K 54 -33.66 -4.69 -61.27
C TYR K 54 -32.63 -5.06 -60.21
N LEU K 55 -32.08 -4.06 -59.52
CA LEU K 55 -31.04 -4.31 -58.53
C LEU K 55 -31.51 -5.29 -57.46
N LYS K 56 -32.78 -5.20 -57.07
CA LYS K 56 -33.31 -6.14 -56.08
C LYS K 56 -33.53 -7.53 -56.69
N LYS K 57 -34.03 -7.59 -57.93
CA LYS K 57 -34.32 -8.88 -58.54
C LYS K 57 -33.04 -9.58 -58.96
N ASP K 58 -32.06 -8.82 -59.47
CA ASP K 58 -30.78 -9.42 -59.83
C ASP K 58 -30.10 -10.03 -58.61
N ASN K 59 -29.98 -9.24 -57.53
CA ASN K 59 -29.34 -9.72 -56.32
C ASN K 59 -30.19 -10.75 -55.57
N GLY K 60 -31.49 -10.75 -55.80
CA GLY K 60 -32.38 -11.65 -55.10
C GLY K 60 -33.12 -11.03 -53.93
N MET K 61 -33.15 -9.69 -53.82
CA MET K 61 -33.84 -9.06 -52.70
C MET K 61 -35.35 -9.20 -52.82
N THR K 62 -35.87 -9.26 -54.04
CA THR K 62 -37.29 -9.48 -54.26
C THR K 62 -37.65 -10.96 -54.42
N LYS K 63 -36.68 -11.85 -54.24
CA LYS K 63 -36.91 -13.29 -54.35
C LYS K 63 -37.36 -13.89 -53.02
N ILE K 64 -36.52 -13.79 -51.99
CA ILE K 64 -36.87 -14.39 -50.70
C ILE K 64 -37.77 -13.49 -49.86
N PHE K 65 -37.88 -12.21 -50.22
CA PHE K 65 -38.79 -11.31 -49.52
C PHE K 65 -40.20 -11.33 -50.07
N ARG K 66 -40.40 -11.87 -51.27
CA ARG K 66 -41.71 -11.90 -51.91
C ARG K 66 -42.18 -13.30 -52.28
N ASN K 67 -41.27 -14.19 -52.69
CA ASN K 67 -41.65 -15.51 -53.17
C ASN K 67 -41.27 -16.63 -52.21
N THR K 68 -41.00 -16.30 -50.95
CA THR K 68 -40.61 -17.29 -49.95
C THR K 68 -41.47 -17.13 -48.71
N VAL K 69 -42.06 -18.23 -48.25
CA VAL K 69 -42.91 -18.24 -47.07
C VAL K 69 -42.06 -18.59 -45.85
N ILE K 70 -42.33 -17.93 -44.74
CA ILE K 70 -41.57 -18.14 -43.50
C ILE K 70 -42.54 -18.14 -42.32
N PRO K 71 -42.69 -19.27 -41.62
CA PRO K 71 -43.59 -19.31 -40.46
C PRO K 71 -42.99 -18.77 -39.17
N GLU K 72 -41.72 -18.40 -39.19
CA GLU K 72 -41.06 -17.94 -37.97
C GLU K 72 -41.69 -16.63 -37.49
N GLU K 73 -41.80 -16.50 -36.17
CA GLU K 73 -42.43 -15.32 -35.59
C GLU K 73 -41.53 -14.09 -35.79
N PRO K 74 -42.13 -12.92 -35.97
CA PRO K 74 -41.32 -11.70 -36.18
C PRO K 74 -40.44 -11.40 -34.98
N MET K 75 -39.12 -11.41 -35.21
CA MET K 75 -38.15 -11.06 -34.19
C MET K 75 -37.58 -9.68 -34.55
N PHE K 76 -38.18 -8.65 -33.96
CA PHE K 76 -37.76 -7.28 -34.27
C PHE K 76 -36.39 -6.98 -33.66
N ARG K 77 -36.29 -7.03 -32.33
CA ARG K 77 -35.03 -6.79 -31.66
C ARG K 77 -34.41 -8.10 -31.19
N PRO K 78 -33.08 -8.15 -31.04
CA PRO K 78 -32.45 -9.36 -30.53
C PRO K 78 -32.95 -9.71 -29.13
N GLU K 79 -33.40 -10.95 -28.97
CA GLU K 79 -33.93 -11.45 -27.70
C GLU K 79 -33.00 -12.55 -27.20
N PHE K 80 -32.25 -12.24 -26.14
CA PHE K 80 -31.23 -13.14 -25.61
C PHE K 80 -31.81 -13.99 -24.49
N PRO K 81 -31.57 -15.29 -24.48
CA PRO K 81 -32.01 -16.13 -23.37
C PRO K 81 -31.09 -15.97 -22.17
N SER K 82 -31.46 -16.64 -21.08
CA SER K 82 -30.66 -16.59 -19.85
C SER K 82 -29.32 -17.27 -20.09
N GLN K 83 -28.26 -16.48 -20.11
CA GLN K 83 -26.93 -17.00 -20.42
C GLN K 83 -26.25 -17.54 -19.17
N GLU K 84 -25.44 -18.57 -19.38
CA GLU K 84 -24.65 -19.13 -18.29
C GLU K 84 -23.57 -18.13 -17.85
N PRO K 85 -23.23 -18.11 -16.56
CA PRO K 85 -22.25 -17.13 -16.08
C PRO K 85 -20.87 -17.41 -16.61
N GLU K 86 -20.15 -16.33 -16.95
CA GLU K 86 -18.77 -16.47 -17.39
C GLU K 86 -17.88 -16.94 -16.25
N HIS K 87 -16.85 -17.70 -16.61
CA HIS K 87 -16.03 -18.41 -15.63
C HIS K 87 -14.87 -17.53 -15.17
N ASP K 88 -14.83 -17.26 -13.87
CA ASP K 88 -13.69 -16.60 -13.21
C ASP K 88 -13.41 -15.22 -13.82
N VAL K 89 -14.28 -14.28 -13.47
CA VAL K 89 -14.14 -12.88 -13.86
C VAL K 89 -14.52 -12.02 -12.66
N VAL K 90 -14.25 -10.71 -12.78
CA VAL K 90 -14.59 -9.74 -11.75
C VAL K 90 -15.90 -9.07 -12.14
N ILE K 91 -16.85 -9.02 -11.21
CA ILE K 91 -18.19 -8.53 -11.45
C ILE K 91 -18.27 -7.05 -11.06
N VAL K 92 -18.82 -6.24 -11.94
CA VAL K 92 -19.04 -4.82 -11.70
C VAL K 92 -20.52 -4.52 -11.88
N GLY K 93 -21.04 -3.57 -11.12
CA GLY K 93 -22.42 -3.16 -11.26
C GLY K 93 -22.63 -2.24 -12.45
N GLU K 94 -23.84 -2.25 -12.98
CA GLU K 94 -24.18 -1.41 -14.13
C GLU K 94 -24.36 0.05 -13.77
N ASP K 95 -24.31 0.40 -12.49
CA ASP K 95 -24.52 1.78 -12.05
C ASP K 95 -23.33 2.35 -11.29
N GLU K 96 -22.23 1.61 -11.21
CA GLU K 96 -21.00 2.17 -10.64
C GLU K 96 -20.49 3.30 -11.53
N SER K 97 -19.92 4.32 -10.90
CA SER K 97 -19.33 5.40 -11.65
C SER K 97 -18.17 4.87 -12.49
N PRO K 98 -17.98 5.36 -13.72
CA PRO K 98 -16.85 4.89 -14.53
C PRO K 98 -15.50 5.09 -13.87
N ILE K 99 -15.40 6.02 -12.92
CA ILE K 99 -14.18 6.15 -12.13
C ILE K 99 -13.98 4.92 -11.24
N ASP K 100 -15.06 4.48 -10.58
CA ASP K 100 -14.97 3.29 -9.74
C ASP K 100 -14.83 2.02 -10.58
N ARG K 101 -15.34 2.04 -11.81
CA ARG K 101 -15.18 0.89 -12.69
C ARG K 101 -13.75 0.76 -13.21
N LEU K 102 -13.06 1.89 -13.38
CA LEU K 102 -11.68 1.85 -13.84
C LEU K 102 -10.75 1.26 -12.79
N GLU K 103 -11.00 1.57 -11.52
CA GLU K 103 -10.15 1.05 -10.46
C GLU K 103 -10.25 -0.47 -10.35
N THR K 104 -11.46 -1.00 -10.47
CA THR K 104 -11.63 -2.44 -10.52
C THR K 104 -10.97 -3.03 -11.77
N ALA K 105 -11.01 -2.29 -12.88
CA ALA K 105 -10.37 -2.76 -14.10
C ALA K 105 -8.85 -2.72 -13.98
N LEU K 106 -8.31 -1.77 -13.22
CA LEU K 106 -6.87 -1.72 -13.01
C LEU K 106 -6.38 -2.91 -12.21
N LYS K 107 -7.21 -3.46 -11.33
CA LYS K 107 -6.86 -4.66 -10.60
C LYS K 107 -6.81 -5.89 -11.51
N CYS K 108 -7.47 -5.83 -12.66
CA CYS K 108 -7.49 -6.95 -13.59
C CYS K 108 -6.30 -6.95 -14.55
N LEU K 109 -5.59 -5.83 -14.66
CA LEU K 109 -4.46 -5.75 -15.58
C LEU K 109 -3.18 -6.24 -14.90
N PRO K 110 -2.24 -6.77 -15.68
CA PRO K 110 -0.94 -7.15 -15.11
C PRO K 110 -0.22 -5.93 -14.55
N GLN K 111 0.68 -6.18 -13.61
CA GLN K 111 1.37 -5.07 -12.95
C GLN K 111 2.22 -4.31 -13.94
N TYR K 112 2.16 -2.99 -13.86
CA TYR K 112 2.79 -2.12 -14.85
C TYR K 112 4.31 -2.14 -14.66
N ASP K 113 5.02 -2.53 -15.72
CA ASP K 113 6.49 -2.54 -15.69
C ASP K 113 7.02 -1.23 -16.24
N PRO K 114 7.71 -0.42 -15.45
CA PRO K 114 8.21 0.87 -15.96
C PRO K 114 9.25 0.75 -17.06
N SER K 115 9.74 -0.46 -17.35
CA SER K 115 10.71 -0.64 -18.43
C SER K 115 10.12 -0.37 -19.81
N ARG K 116 8.80 -0.21 -19.91
CA ARG K 116 8.17 0.09 -21.20
C ARG K 116 8.19 1.58 -21.49
N SER K 117 7.92 2.41 -20.49
CA SER K 117 7.84 3.86 -20.71
C SER K 117 9.24 4.47 -20.72
N LEU K 118 9.90 4.50 -19.57
CA LEU K 118 11.24 5.04 -19.44
C LEU K 118 12.25 3.91 -19.31
N HIS K 119 13.50 4.22 -19.64
CA HIS K 119 14.58 3.22 -19.69
C HIS K 119 14.25 2.09 -20.67
N ALA K 120 13.55 2.41 -21.75
CA ALA K 120 13.26 1.43 -22.77
C ALA K 120 14.53 1.04 -23.52
N ASP K 121 14.64 -0.23 -23.86
CA ASP K 121 15.85 -0.71 -24.51
C ASP K 121 15.97 -0.10 -25.89
N PRO K 122 17.13 0.50 -26.23
CA PRO K 122 17.26 1.17 -27.53
C PRO K 122 17.14 0.24 -28.73
N VAL K 123 17.42 -1.06 -28.56
CA VAL K 123 17.34 -2.00 -29.67
C VAL K 123 16.21 -3.00 -29.44
N SER K 124 14.98 -2.53 -29.59
CA SER K 124 13.78 -3.37 -29.46
C SER K 124 12.89 -3.14 -30.68
N SER K 125 11.78 -3.87 -30.73
CA SER K 125 10.86 -3.79 -31.85
C SER K 125 9.93 -2.60 -31.68
N PHE K 126 8.88 -2.54 -32.50
CA PHE K 126 7.93 -1.44 -32.48
C PHE K 126 6.76 -1.76 -31.55
N ARG K 127 6.22 -0.72 -30.92
CA ARG K 127 5.12 -0.88 -29.98
C ARG K 127 4.31 0.41 -29.92
N TYR K 128 3.05 0.28 -29.57
CA TYR K 128 2.17 1.43 -29.37
C TYR K 128 2.20 1.89 -27.92
N TRP K 129 1.98 3.18 -27.72
CA TRP K 129 1.85 3.71 -26.37
C TRP K 129 0.50 3.32 -25.79
N LYS K 130 0.49 2.85 -24.55
CA LYS K 130 -0.73 2.41 -23.89
C LYS K 130 -1.27 3.52 -22.98
N ILE K 131 -2.49 3.31 -22.49
CA ILE K 131 -3.12 4.29 -21.61
C ILE K 131 -2.36 4.37 -20.29
N ARG K 132 -1.93 3.22 -19.75
CA ARG K 132 -1.14 3.23 -18.53
C ARG K 132 0.24 3.84 -18.74
N ASP K 133 0.73 3.87 -19.98
CA ASP K 133 1.99 4.56 -20.26
C ASP K 133 1.82 6.07 -20.08
N TYR K 134 0.68 6.61 -20.48
CA TYR K 134 0.41 8.03 -20.27
C TYR K 134 0.08 8.34 -18.81
N ALA K 135 -0.71 7.45 -18.17
CA ALA K 135 -1.07 7.66 -16.77
C ALA K 135 0.13 7.59 -15.84
N TYR K 136 1.20 6.90 -16.25
CA TYR K 136 2.40 6.83 -15.42
C TYR K 136 3.26 8.07 -15.59
N ALA K 137 3.46 8.52 -16.84
CA ALA K 137 4.29 9.70 -17.08
C ALA K 137 3.65 10.97 -16.52
N TYR K 138 2.32 10.98 -16.41
CA TYR K 138 1.65 12.15 -15.82
C TYR K 138 1.91 12.22 -14.31
N ARG K 139 1.88 11.07 -13.64
CA ARG K 139 2.10 11.04 -12.19
C ARG K 139 3.57 11.05 -11.83
N SER K 140 4.46 10.63 -12.73
CA SER K 140 5.89 10.69 -12.51
C SER K 140 6.51 12.00 -12.99
N LYS K 141 5.68 13.05 -13.14
CA LYS K 141 6.08 14.39 -13.56
C LYS K 141 7.05 14.40 -14.74
N LEU K 142 7.03 13.34 -15.56
CA LEU K 142 7.88 13.31 -16.74
C LEU K 142 7.32 14.22 -17.83
N THR K 143 6.01 14.14 -18.07
CA THR K 143 5.30 15.05 -18.95
C THR K 143 3.92 15.28 -18.37
N THR K 144 3.21 16.27 -18.92
CA THR K 144 1.92 16.68 -18.38
C THR K 144 0.94 16.92 -19.52
N PRO K 145 -0.36 16.74 -19.27
CA PRO K 145 -1.35 16.84 -20.36
C PRO K 145 -1.29 18.12 -21.19
N LEU K 146 -0.87 19.24 -20.60
CA LEU K 146 -0.80 20.48 -21.38
C LEU K 146 0.26 20.36 -22.47
N GLN K 147 1.43 19.82 -22.14
CA GLN K 147 2.46 19.60 -23.16
C GLN K 147 2.05 18.55 -24.17
N VAL K 148 1.21 17.59 -23.77
CA VAL K 148 0.73 16.58 -24.71
C VAL K 148 -0.21 17.21 -25.73
N ALA K 149 -1.13 18.07 -25.26
CA ALA K 149 -2.09 18.69 -26.18
C ALA K 149 -1.40 19.61 -27.17
N LYS K 150 -0.40 20.37 -26.71
CA LYS K 150 0.33 21.27 -27.60
C LYS K 150 1.07 20.49 -28.69
N ARG K 151 1.55 19.29 -28.38
CA ARG K 151 2.20 18.47 -29.39
C ARG K 151 1.20 17.89 -30.37
N ILE K 152 -0.03 17.61 -29.91
CA ILE K 152 -1.05 17.08 -30.81
C ILE K 152 -1.64 18.18 -31.67
N ILE K 153 -1.87 19.36 -31.08
CA ILE K 153 -2.43 20.48 -31.85
C ILE K 153 -1.48 20.90 -32.96
N SER K 154 -0.17 20.89 -32.69
CA SER K 154 0.79 21.26 -33.71
C SER K 154 0.79 20.26 -34.87
N ILE K 155 0.60 18.98 -34.57
CA ILE K 155 0.57 17.96 -35.61
C ILE K 155 -0.62 18.19 -36.54
N ILE K 156 -1.80 18.42 -35.96
CA ILE K 156 -3.01 18.56 -36.75
C ILE K 156 -2.93 19.81 -37.63
N GLU K 157 -2.38 20.90 -37.09
CA GLU K 157 -2.29 22.15 -37.84
C GLU K 157 -1.16 22.14 -38.86
N GLU K 158 -0.14 21.31 -38.67
CA GLU K 158 0.99 21.29 -39.60
C GLU K 158 0.65 20.51 -40.87
N PHE K 159 0.13 19.31 -40.71
CA PHE K 159 -0.17 18.44 -41.85
C PHE K 159 -1.59 18.60 -42.37
N GLY K 160 -2.38 19.49 -41.79
CA GLY K 160 -3.74 19.71 -42.25
C GLY K 160 -4.67 18.55 -41.94
N TYR K 161 -4.63 18.06 -40.70
CA TYR K 161 -5.49 16.97 -40.27
C TYR K 161 -6.88 17.46 -39.85
N ASP K 162 -7.20 18.72 -40.15
CA ASP K 162 -8.55 19.24 -39.93
C ASP K 162 -9.01 20.13 -41.09
N LYS K 163 -8.33 20.09 -42.23
CA LYS K 163 -8.65 20.82 -43.44
C LYS K 163 -8.86 19.82 -44.58
N PRO K 164 -9.54 20.21 -45.66
CA PRO K 164 -10.11 19.21 -46.58
C PRO K 164 -9.17 18.81 -47.70
N PRO K 165 -8.24 17.89 -47.47
CA PRO K 165 -8.05 16.80 -48.43
C PRO K 165 -7.91 15.43 -47.78
N THR K 166 -7.39 15.39 -46.54
CA THR K 166 -7.09 14.17 -45.81
C THR K 166 -7.34 14.35 -44.31
N PRO K 167 -8.51 14.86 -43.91
CA PRO K 167 -8.67 15.25 -42.50
C PRO K 167 -9.00 14.09 -41.59
N PHE K 168 -8.41 14.11 -40.40
CA PHE K 168 -8.78 13.15 -39.37
C PHE K 168 -10.07 13.57 -38.66
N LEU K 169 -10.17 14.84 -38.30
CA LEU K 169 -11.33 15.39 -37.62
C LEU K 169 -12.00 16.42 -38.50
N ILE K 170 -13.33 16.48 -38.44
CA ILE K 170 -14.11 17.42 -39.22
C ILE K 170 -14.67 18.54 -38.36
N ARG K 171 -14.25 18.61 -37.10
CA ARG K 171 -14.57 19.73 -36.21
C ARG K 171 -13.59 19.67 -35.05
N PHE K 172 -12.74 20.68 -34.92
CA PHE K 172 -11.65 20.63 -33.95
C PHE K 172 -11.42 22.02 -33.39
N ASP K 173 -11.44 22.13 -32.06
CA ASP K 173 -11.29 23.39 -31.35
C ASP K 173 -9.99 23.31 -30.54
N ALA K 174 -8.92 23.89 -31.09
CA ALA K 174 -7.64 23.88 -30.38
C ALA K 174 -7.73 24.65 -29.07
N ASN K 175 -8.53 25.71 -29.02
CA ASN K 175 -8.68 26.49 -27.79
C ASN K 175 -9.48 25.74 -26.74
N GLU K 176 -10.20 24.68 -27.13
CA GLU K 176 -10.91 23.85 -26.17
C GLU K 176 -10.04 22.72 -25.63
N VAL K 177 -9.19 22.15 -26.48
CA VAL K 177 -8.28 21.09 -26.03
C VAL K 177 -7.32 21.62 -24.98
N ILE K 178 -6.86 22.86 -25.14
CA ILE K 178 -6.00 23.47 -24.14
C ILE K 178 -6.77 23.72 -22.85
N LYS K 179 -8.05 24.08 -22.97
CA LYS K 179 -8.86 24.31 -21.78
C LYS K 179 -9.04 23.04 -20.97
N GLN K 180 -9.17 21.90 -21.65
CA GLN K 180 -9.33 20.63 -20.94
C GLN K 180 -8.00 20.11 -20.40
N ALA K 181 -6.93 20.26 -21.19
CA ALA K 181 -5.63 19.78 -20.74
C ALA K 181 -5.09 20.60 -19.57
N GLU K 182 -5.51 21.88 -19.47
CA GLU K 182 -5.08 22.70 -18.35
C GLU K 182 -5.72 22.22 -17.05
N ALA K 183 -7.01 21.89 -17.07
CA ALA K 183 -7.67 21.41 -15.87
C ALA K 183 -7.10 20.06 -15.45
N SER K 184 -6.79 19.19 -16.40
CA SER K 184 -6.18 17.91 -16.07
C SER K 184 -4.78 18.10 -15.51
N THR K 185 -4.00 19.00 -16.10
CA THR K 185 -2.66 19.29 -15.58
C THR K 185 -2.73 19.84 -14.17
N ARG K 186 -3.69 20.75 -13.93
CA ARG K 186 -3.86 21.31 -12.58
C ARG K 186 -4.19 20.24 -11.57
N ARG K 187 -5.02 19.26 -11.96
CA ARG K 187 -5.38 18.18 -11.04
C ARG K 187 -4.18 17.27 -10.76
N PHE K 188 -3.29 17.09 -11.75
CA PHE K 188 -2.10 16.29 -11.52
C PHE K 188 -1.11 17.02 -10.61
N GLU K 189 -1.02 18.35 -10.75
CA GLU K 189 -0.14 19.12 -9.87
C GLU K 189 -0.69 19.14 -8.44
N GLN K 190 -2.02 19.18 -8.30
CA GLN K 190 -2.61 19.12 -6.97
C GLN K 190 -2.44 17.75 -6.31
N GLY K 191 -2.09 16.73 -7.09
CA GLY K 191 -1.88 15.41 -6.54
C GLY K 191 -3.12 14.56 -6.40
N ASN K 192 -4.22 14.92 -7.08
CA ASN K 192 -5.46 14.17 -7.01
C ASN K 192 -6.01 13.97 -8.42
N PRO K 193 -5.43 13.05 -9.19
CA PRO K 193 -6.00 12.73 -10.50
C PRO K 193 -7.31 11.98 -10.35
N ILE K 194 -8.21 12.20 -11.30
CA ILE K 194 -9.54 11.60 -11.21
C ILE K 194 -9.46 10.09 -11.32
N SER K 195 -8.80 9.58 -12.35
CA SER K 195 -8.68 8.15 -12.56
C SER K 195 -7.46 7.89 -13.45
N VAL K 196 -7.32 6.64 -13.89
CA VAL K 196 -6.26 6.31 -14.84
C VAL K 196 -6.50 7.00 -16.18
N LEU K 197 -7.77 7.22 -16.53
CA LEU K 197 -8.12 7.88 -17.77
C LEU K 197 -8.03 9.41 -17.71
N ASP K 198 -7.52 9.95 -16.60
CA ASP K 198 -7.35 11.40 -16.50
C ASP K 198 -6.16 11.84 -17.35
N GLY K 199 -6.40 12.75 -18.30
CA GLY K 199 -5.38 13.20 -19.21
C GLY K 199 -5.25 12.38 -20.48
N ILE K 200 -6.09 11.36 -20.66
CA ILE K 200 -6.03 10.52 -21.85
C ILE K 200 -6.83 11.19 -22.96
N PHE K 201 -6.25 11.23 -24.16
CA PHE K 201 -6.89 11.86 -25.31
C PHE K 201 -7.75 10.81 -26.02
N VAL K 202 -9.05 11.11 -26.18
CA VAL K 202 -10.01 10.23 -26.81
C VAL K 202 -10.73 11.00 -27.91
N THR K 203 -10.80 10.41 -29.10
CA THR K 203 -11.46 11.02 -30.25
C THR K 203 -12.86 10.45 -30.36
N ILE K 204 -13.84 11.34 -30.58
CA ILE K 204 -15.25 10.95 -30.68
C ILE K 204 -15.67 10.99 -32.15
N LYS K 205 -16.40 9.97 -32.58
CA LYS K 205 -16.92 9.94 -33.94
C LYS K 205 -18.02 10.97 -34.10
N ASP K 206 -18.19 11.44 -35.35
CA ASP K 206 -19.09 12.55 -35.62
C ASP K 206 -20.57 12.15 -35.66
N ASP K 207 -20.91 10.91 -35.27
CA ASP K 207 -22.29 10.52 -35.09
C ASP K 207 -22.66 10.38 -33.62
N ILE K 208 -21.77 10.78 -32.72
CA ILE K 208 -22.02 10.77 -31.28
C ILE K 208 -21.87 12.20 -30.77
N ASP K 209 -22.82 12.62 -29.93
CA ASP K 209 -22.81 13.99 -29.44
C ASP K 209 -21.68 14.20 -28.44
N CYS K 210 -20.90 15.27 -28.65
CA CYS K 210 -19.78 15.59 -27.78
C CYS K 210 -19.67 17.10 -27.68
N LEU K 211 -19.91 17.65 -26.49
CA LEU K 211 -19.87 19.08 -26.30
C LEU K 211 -18.44 19.61 -26.48
N PRO K 212 -18.29 20.83 -27.03
CA PRO K 212 -19.39 21.65 -27.57
C PRO K 212 -19.59 21.48 -29.06
N HIS K 213 -18.81 20.61 -29.69
CA HIS K 213 -18.91 20.43 -31.13
C HIS K 213 -20.26 19.81 -31.49
N PRO K 214 -20.92 20.30 -32.52
CA PRO K 214 -22.23 19.75 -32.89
C PRO K 214 -22.09 18.50 -33.74
N THR K 215 -23.06 17.60 -33.57
CA THR K 215 -23.09 16.36 -34.34
C THR K 215 -23.51 16.65 -35.77
N ASN K 216 -22.62 16.39 -36.72
CA ASN K 216 -22.88 16.65 -38.13
C ASN K 216 -23.09 15.38 -38.95
N GLY K 217 -22.72 14.22 -38.44
CA GLY K 217 -22.99 12.97 -39.12
C GLY K 217 -22.35 12.80 -40.47
N GLY K 218 -21.27 13.54 -40.74
CA GLY K 218 -20.60 13.48 -42.02
C GLY K 218 -21.16 14.39 -43.08
N THR K 219 -22.25 15.09 -42.81
CA THR K 219 -22.84 16.04 -43.75
C THR K 219 -22.49 17.47 -43.33
N THR K 220 -22.73 18.40 -44.26
CA THR K 220 -22.53 19.82 -43.99
C THR K 220 -23.82 20.53 -43.61
N TRP K 221 -24.93 19.81 -43.49
CA TRP K 221 -26.22 20.42 -43.24
C TRP K 221 -26.92 19.92 -41.98
N LEU K 222 -26.47 18.80 -41.39
CA LEU K 222 -27.15 18.26 -40.22
C LEU K 222 -27.03 19.18 -39.02
N HIS K 223 -25.94 19.94 -38.92
CA HIS K 223 -25.74 20.81 -37.76
C HIS K 223 -26.81 21.90 -37.67
N GLU K 224 -27.39 22.29 -38.81
CA GLU K 224 -28.43 23.31 -38.80
C GLU K 224 -29.78 22.77 -38.32
N ASP K 225 -30.00 21.47 -38.45
CA ASP K 225 -31.28 20.85 -38.09
C ASP K 225 -31.26 20.17 -36.73
N ARG K 226 -30.14 19.54 -36.37
CA ARG K 226 -30.02 18.80 -35.12
C ARG K 226 -29.08 19.58 -34.20
N SER K 227 -29.66 20.43 -33.36
CA SER K 227 -28.88 21.14 -32.36
C SER K 227 -28.49 20.18 -31.24
N VAL K 228 -27.27 20.35 -30.72
CA VAL K 228 -26.79 19.55 -29.59
C VAL K 228 -26.88 20.41 -28.33
N GLU K 229 -27.43 19.82 -27.27
CA GLU K 229 -27.68 20.54 -26.03
C GLU K 229 -26.84 20.06 -24.85
N LYS K 230 -26.47 18.79 -24.83
CA LYS K 230 -25.68 18.23 -23.74
C LYS K 230 -24.84 17.08 -24.28
N ASP K 231 -24.03 16.51 -23.40
CA ASP K 231 -23.16 15.41 -23.78
C ASP K 231 -23.97 14.13 -23.98
N SER K 232 -23.31 13.13 -24.57
CA SER K 232 -23.92 11.82 -24.75
C SER K 232 -23.64 10.95 -23.53
N ALA K 233 -24.15 9.72 -23.56
CA ALA K 233 -23.93 8.81 -22.45
C ALA K 233 -22.47 8.41 -22.34
N VAL K 234 -21.84 8.08 -23.48
CA VAL K 234 -20.46 7.62 -23.44
C VAL K 234 -19.48 8.76 -23.22
N VAL K 235 -19.79 9.96 -23.74
CA VAL K 235 -18.86 11.07 -23.61
C VAL K 235 -18.87 11.60 -22.17
N SER K 236 -20.06 11.70 -21.56
CA SER K 236 -20.14 12.16 -20.18
C SER K 236 -19.45 11.18 -19.24
N LYS K 237 -19.46 9.88 -19.57
CA LYS K 237 -18.75 8.90 -18.76
C LYS K 237 -17.23 9.10 -18.86
N LEU K 238 -16.73 9.36 -20.08
CA LEU K 238 -15.31 9.61 -20.25
C LEU K 238 -14.90 10.93 -19.62
N ARG K 239 -15.77 11.95 -19.71
CA ARG K 239 -15.46 13.24 -19.10
C ARG K 239 -15.46 13.16 -17.58
N SER K 240 -16.27 12.25 -17.01
CA SER K 240 -16.26 12.07 -15.57
C SER K 240 -14.95 11.46 -15.08
N CYS K 241 -14.29 10.67 -15.93
CA CYS K 241 -13.01 10.07 -15.58
C CYS K 241 -11.84 11.03 -15.77
N GLY K 242 -12.05 12.17 -16.42
CA GLY K 242 -10.98 13.11 -16.68
C GLY K 242 -10.34 12.98 -18.04
N ALA K 243 -10.94 12.24 -18.97
CA ALA K 243 -10.37 12.09 -20.30
C ALA K 243 -10.46 13.41 -21.07
N ILE K 244 -9.52 13.59 -21.99
CA ILE K 244 -9.45 14.78 -22.83
C ILE K 244 -10.11 14.45 -24.16
N LEU K 245 -11.26 15.05 -24.42
CA LEU K 245 -11.98 14.83 -25.67
C LEU K 245 -11.35 15.67 -26.77
N LEU K 246 -10.81 15.02 -27.80
CA LEU K 246 -10.07 15.74 -28.85
C LEU K 246 -11.03 16.47 -29.79
N GLY K 247 -11.82 15.72 -30.55
CA GLY K 247 -12.73 16.35 -31.49
C GLY K 247 -13.59 15.31 -32.18
N LYS K 248 -14.29 15.77 -33.22
CA LYS K 248 -15.20 14.92 -33.98
C LYS K 248 -14.48 14.35 -35.19
N ALA K 249 -14.37 13.02 -35.25
CA ALA K 249 -13.59 12.36 -36.28
C ALA K 249 -14.35 12.30 -37.60
N ASN K 250 -13.60 12.08 -38.67
CA ASN K 250 -14.19 11.86 -39.98
C ASN K 250 -14.86 10.49 -40.04
N MET K 251 -15.80 10.36 -40.98
CA MET K 251 -16.57 9.13 -41.11
C MET K 251 -17.23 9.10 -42.47
N HIS K 252 -17.58 7.90 -42.91
CA HIS K 252 -18.45 7.76 -44.07
C HIS K 252 -19.83 8.34 -43.72
N GLU K 253 -20.37 9.13 -44.66
CA GLU K 253 -21.57 9.91 -44.38
C GLU K 253 -22.71 9.06 -43.84
N LEU K 254 -23.06 9.27 -42.58
CA LEU K 254 -24.20 8.61 -41.93
C LEU K 254 -24.05 7.09 -41.89
N GLY K 255 -22.81 6.62 -41.88
CA GLY K 255 -22.56 5.19 -41.75
C GLY K 255 -23.01 4.34 -42.92
N MET K 256 -23.21 4.94 -44.09
CA MET K 256 -23.69 4.20 -45.26
C MET K 256 -22.55 3.91 -46.22
N GLY K 257 -21.59 3.15 -45.73
CA GLY K 257 -20.43 2.76 -46.51
C GLY K 257 -19.30 2.24 -45.66
N THR K 258 -18.57 1.24 -46.15
CA THR K 258 -17.44 0.67 -45.42
C THR K 258 -16.11 1.02 -46.08
N THR K 259 -16.09 1.96 -47.02
CA THR K 259 -14.83 2.49 -47.55
C THR K 259 -14.44 3.74 -46.77
N GLY K 260 -15.17 4.83 -46.97
CA GLY K 260 -14.94 6.04 -46.21
C GLY K 260 -14.85 7.29 -47.08
N ASN K 261 -15.40 7.22 -48.28
CA ASN K 261 -15.28 8.31 -49.26
C ASN K 261 -16.30 9.40 -48.94
N ASN K 262 -15.98 10.20 -47.92
CA ASN K 262 -16.79 11.36 -47.56
C ASN K 262 -16.46 12.48 -48.55
N SER K 263 -17.08 12.40 -49.72
CA SER K 263 -16.88 13.40 -50.77
C SER K 263 -17.05 14.83 -50.27
N ASN K 264 -17.83 14.99 -49.21
CA ASN K 264 -18.06 16.31 -48.63
C ASN K 264 -17.01 17.08 -47.85
N TYR K 265 -16.35 16.40 -46.92
CA TYR K 265 -15.29 17.00 -46.12
C TYR K 265 -13.86 16.54 -46.40
N GLY K 266 -13.86 15.39 -47.07
CA GLY K 266 -12.63 14.77 -47.52
C GLY K 266 -12.54 13.32 -47.08
N THR K 267 -11.67 12.55 -47.73
CA THR K 267 -11.46 11.15 -47.41
C THR K 267 -10.22 11.01 -46.53
N THR K 268 -10.35 10.27 -45.43
CA THR K 268 -9.24 10.03 -44.51
C THR K 268 -8.48 8.81 -45.00
N ARG K 269 -7.28 9.02 -45.53
CA ARG K 269 -6.50 7.94 -46.11
C ARG K 269 -5.88 7.08 -45.01
N ASN K 270 -5.47 5.88 -45.39
CA ASN K 270 -5.02 4.89 -44.42
C ASN K 270 -3.59 5.21 -43.97
N PRO K 271 -3.34 5.33 -42.67
CA PRO K 271 -1.99 5.64 -42.20
C PRO K 271 -0.92 4.69 -42.70
N HIS K 272 -1.26 3.40 -42.83
CA HIS K 272 -0.28 2.42 -43.32
C HIS K 272 0.05 2.63 -44.79
N ASP K 273 -0.89 3.18 -45.56
CA ASP K 273 -0.68 3.41 -46.98
C ASP K 273 -1.66 4.46 -47.47
N PRO K 274 -1.21 5.72 -47.59
CA PRO K 274 -2.16 6.82 -47.89
C PRO K 274 -2.90 6.68 -49.21
N LYS K 275 -2.48 5.78 -50.11
CA LYS K 275 -3.23 5.56 -51.34
C LYS K 275 -4.26 4.44 -51.19
N ARG K 276 -4.59 4.07 -49.95
CA ARG K 276 -5.57 3.01 -49.68
C ARG K 276 -6.62 3.52 -48.71
N TYR K 277 -7.73 2.78 -48.64
CA TYR K 277 -8.84 3.13 -47.78
C TYR K 277 -8.56 2.74 -46.34
N THR K 278 -9.23 3.43 -45.41
CA THR K 278 -9.16 3.08 -44.00
C THR K 278 -10.15 1.99 -43.63
N GLY K 279 -11.27 1.93 -44.31
CA GLY K 279 -12.39 1.12 -43.88
C GLY K 279 -13.43 1.95 -43.15
N GLY K 280 -14.69 1.58 -43.33
CA GLY K 280 -15.80 2.34 -42.80
C GLY K 280 -16.58 1.60 -41.72
N SER K 281 -17.50 2.33 -41.10
CA SER K 281 -17.72 3.73 -41.44
C SER K 281 -17.01 4.66 -40.47
N SER K 282 -16.31 4.08 -39.50
CA SER K 282 -15.50 4.86 -38.56
C SER K 282 -14.09 5.06 -39.13
N SER K 283 -14.06 5.71 -40.28
CA SER K 283 -12.80 5.89 -41.02
C SER K 283 -11.83 6.77 -40.25
N GLY K 284 -12.27 7.99 -39.90
CA GLY K 284 -11.38 8.90 -39.19
C GLY K 284 -11.11 8.49 -37.76
N SER K 285 -12.04 7.75 -37.14
CA SER K 285 -11.88 7.34 -35.75
C SER K 285 -10.86 6.22 -35.57
N ALA K 286 -10.58 5.45 -36.62
CA ALA K 286 -9.62 4.37 -36.52
C ALA K 286 -8.24 4.78 -37.01
N ALA K 287 -8.19 5.65 -38.02
CA ALA K 287 -6.90 6.08 -38.58
C ALA K 287 -6.09 6.88 -37.57
N ILE K 288 -6.74 7.84 -36.90
CA ILE K 288 -6.05 8.69 -35.94
C ILE K 288 -5.53 7.87 -34.76
N VAL K 289 -6.23 6.78 -34.42
CA VAL K 289 -5.73 5.88 -33.38
C VAL K 289 -4.62 5.00 -33.91
N ALA K 290 -4.75 4.53 -35.15
CA ALA K 290 -3.69 3.73 -35.75
C ALA K 290 -2.43 4.56 -35.97
N ALA K 291 -2.58 5.87 -36.18
CA ALA K 291 -1.45 6.76 -36.41
C ALA K 291 -0.89 7.35 -35.12
N GLY K 292 -1.23 6.77 -33.97
CA GLY K 292 -0.59 7.11 -32.72
C GLY K 292 -0.85 8.50 -32.17
N LEU K 293 -1.84 9.22 -32.68
CA LEU K 293 -2.12 10.55 -32.16
C LEU K 293 -2.83 10.48 -30.82
N CYS K 294 -3.97 9.80 -30.76
CA CYS K 294 -4.72 9.63 -29.53
C CYS K 294 -4.69 8.17 -29.09
N SER K 295 -4.98 7.96 -27.80
CA SER K 295 -4.93 6.61 -27.24
C SER K 295 -6.03 5.73 -27.82
N ALA K 296 -7.28 6.15 -27.67
CA ALA K 296 -8.42 5.37 -28.15
C ALA K 296 -9.47 6.31 -28.72
N ALA K 297 -10.48 5.72 -29.34
CA ALA K 297 -11.57 6.48 -29.93
C ALA K 297 -12.87 5.69 -29.82
N LEU K 298 -13.98 6.41 -29.86
CA LEU K 298 -15.31 5.82 -29.81
C LEU K 298 -15.99 5.94 -31.16
N GLY K 299 -16.71 4.89 -31.55
CA GLY K 299 -17.43 4.90 -32.80
C GLY K 299 -18.57 3.89 -32.77
N THR K 300 -19.57 4.16 -33.61
CA THR K 300 -20.72 3.27 -33.69
C THR K 300 -20.40 2.08 -34.61
N ASP K 301 -21.14 0.99 -34.40
CA ASP K 301 -20.96 -0.23 -35.18
C ASP K 301 -22.35 -0.81 -35.46
N GLY K 302 -22.90 -0.48 -36.63
CA GLY K 302 -24.17 -1.02 -37.04
C GLY K 302 -24.03 -2.05 -38.14
N GLY K 303 -22.89 -2.01 -38.84
CA GLY K 303 -22.59 -2.97 -39.87
C GLY K 303 -21.10 -3.23 -39.96
N GLY K 304 -20.46 -3.45 -38.82
CA GLY K 304 -19.02 -3.61 -38.78
C GLY K 304 -18.24 -2.32 -38.89
N ALA K 305 -18.86 -1.19 -38.52
CA ALA K 305 -18.20 0.10 -38.70
C ALA K 305 -17.00 0.29 -37.78
N VAL K 306 -16.87 -0.53 -36.75
CA VAL K 306 -15.74 -0.45 -35.84
C VAL K 306 -14.70 -1.53 -36.13
N ARG K 307 -15.16 -2.75 -36.43
CA ARG K 307 -14.24 -3.86 -36.65
C ARG K 307 -13.55 -3.79 -38.00
N ILE K 308 -14.26 -3.34 -39.04
CA ILE K 308 -13.67 -3.29 -40.37
C ILE K 308 -12.47 -2.35 -40.45
N PRO K 309 -12.58 -1.07 -40.03
CA PRO K 309 -11.38 -0.22 -40.08
C PRO K 309 -10.32 -0.61 -39.07
N SER K 310 -10.69 -1.35 -38.01
CA SER K 310 -9.69 -1.81 -37.05
C SER K 310 -8.80 -2.89 -37.63
N ALA K 311 -9.34 -3.72 -38.53
CA ALA K 311 -8.53 -4.74 -39.17
C ALA K 311 -7.71 -4.19 -40.33
N LEU K 312 -8.25 -3.20 -41.06
CA LEU K 312 -7.51 -2.63 -42.17
C LEU K 312 -6.41 -1.68 -41.70
N CYS K 313 -6.58 -1.05 -40.54
CA CYS K 313 -5.57 -0.16 -39.99
C CYS K 313 -4.68 -0.82 -38.94
N GLY K 314 -5.03 -2.02 -38.48
CA GLY K 314 -4.19 -2.75 -37.56
C GLY K 314 -4.30 -2.30 -36.12
N ILE K 315 -5.52 -2.17 -35.61
CA ILE K 315 -5.78 -1.82 -34.23
C ILE K 315 -6.84 -2.76 -33.67
N THR K 316 -7.15 -2.60 -32.39
CA THR K 316 -8.11 -3.44 -31.70
C THR K 316 -9.45 -2.73 -31.64
N GLY K 317 -10.46 -3.30 -32.30
CA GLY K 317 -11.79 -2.75 -32.29
C GLY K 317 -12.79 -3.64 -31.59
N LEU K 318 -13.39 -3.14 -30.51
CA LEU K 318 -14.33 -3.91 -29.70
C LEU K 318 -15.75 -3.55 -30.11
N LYS K 319 -16.53 -4.56 -30.48
CA LYS K 319 -17.95 -4.42 -30.80
C LYS K 319 -18.72 -5.04 -29.63
N THR K 320 -19.33 -4.21 -28.80
CA THR K 320 -19.99 -4.68 -27.60
C THR K 320 -21.35 -5.28 -27.94
N THR K 321 -21.94 -5.93 -26.94
CA THR K 321 -23.25 -6.55 -27.09
C THR K 321 -24.33 -5.50 -27.28
N TYR K 322 -25.39 -5.87 -27.99
CA TYR K 322 -26.51 -4.98 -28.21
C TYR K 322 -27.10 -4.51 -26.89
N GLY K 323 -27.12 -3.19 -26.69
CA GLY K 323 -27.64 -2.61 -25.47
C GLY K 323 -26.67 -2.58 -24.31
N ARG K 324 -25.51 -3.24 -24.42
CA ARG K 324 -24.54 -3.22 -23.33
C ARG K 324 -24.07 -1.80 -23.04
N THR K 325 -23.56 -1.11 -24.05
CA THR K 325 -23.10 0.26 -23.91
C THR K 325 -24.23 1.22 -24.28
N ASP K 326 -24.50 2.18 -23.40
CA ASP K 326 -25.57 3.13 -23.65
C ASP K 326 -25.28 3.98 -24.87
N MET K 327 -26.30 4.20 -25.69
CA MET K 327 -26.19 4.98 -26.91
C MET K 327 -26.94 6.30 -26.83
N THR K 328 -27.42 6.68 -25.65
CA THR K 328 -28.18 7.91 -25.48
C THR K 328 -27.35 9.13 -25.88
N GLY K 329 -27.70 9.75 -27.00
CA GLY K 329 -26.99 10.92 -27.47
C GLY K 329 -26.17 10.67 -28.72
N SER K 330 -26.68 9.82 -29.62
CA SER K 330 -26.01 9.56 -30.88
C SER K 330 -27.00 9.60 -32.03
N LEU K 331 -26.57 9.26 -33.24
CA LEU K 331 -27.42 9.30 -34.41
C LEU K 331 -28.09 7.96 -34.69
N CYS K 332 -27.92 6.97 -33.82
CA CYS K 332 -28.49 5.64 -34.02
C CYS K 332 -29.19 5.16 -32.74
N GLU K 333 -29.89 6.06 -32.06
CA GLU K 333 -30.69 5.66 -30.91
C GLU K 333 -31.89 4.83 -31.36
N GLY K 334 -32.27 3.87 -30.52
CA GLY K 334 -33.38 3.00 -30.82
C GLY K 334 -33.12 2.01 -31.95
N GLY K 335 -31.92 1.98 -32.51
CA GLY K 335 -31.61 1.02 -33.54
C GLY K 335 -31.63 -0.41 -33.04
N THR K 336 -31.61 -1.34 -33.99
CA THR K 336 -31.69 -2.76 -33.68
C THR K 336 -30.42 -3.51 -34.04
N VAL K 337 -29.37 -2.82 -34.49
CA VAL K 337 -28.17 -3.49 -34.96
C VAL K 337 -26.92 -2.69 -34.60
N GLU K 338 -27.10 -1.59 -33.88
CA GLU K 338 -26.03 -0.63 -33.63
C GLU K 338 -25.66 -0.58 -32.16
N ILE K 339 -24.36 -0.41 -31.89
CA ILE K 339 -23.82 -0.15 -30.56
C ILE K 339 -22.68 0.84 -30.69
N ILE K 340 -22.03 1.13 -29.57
CA ILE K 340 -20.89 2.05 -29.52
C ILE K 340 -19.74 1.33 -28.83
N GLY K 341 -18.67 1.06 -29.58
CA GLY K 341 -17.53 0.37 -29.04
C GLY K 341 -16.25 1.17 -29.15
N PRO K 342 -15.25 0.83 -28.34
CA PRO K 342 -13.98 1.57 -28.37
C PRO K 342 -12.99 1.00 -29.37
N LEU K 343 -12.25 1.89 -30.01
CA LEU K 343 -11.17 1.55 -30.93
C LEU K 343 -9.86 2.05 -30.33
N ALA K 344 -8.94 1.12 -30.05
CA ALA K 344 -7.68 1.47 -29.41
C ALA K 344 -6.55 0.71 -30.09
N SER K 345 -5.32 1.05 -29.69
CA SER K 345 -4.13 0.45 -30.30
C SER K 345 -3.85 -0.94 -29.76
N SER K 346 -4.07 -1.15 -28.46
CA SER K 346 -3.80 -2.42 -27.82
C SER K 346 -5.05 -2.92 -27.11
N LEU K 347 -4.99 -4.18 -26.67
CA LEU K 347 -6.12 -4.76 -25.94
C LEU K 347 -6.29 -4.12 -24.57
N GLU K 348 -5.17 -3.79 -23.93
CA GLU K 348 -5.23 -3.14 -22.62
C GLU K 348 -5.92 -1.77 -22.71
N ASP K 349 -5.69 -1.06 -23.81
CA ASP K 349 -6.30 0.26 -23.97
C ASP K 349 -7.79 0.14 -24.28
N ALA K 350 -8.15 -0.76 -25.19
CA ALA K 350 -9.57 -0.92 -25.54
C ALA K 350 -10.38 -1.48 -24.38
N PHE K 351 -9.76 -2.27 -23.52
CA PHE K 351 -10.47 -2.79 -22.35
C PHE K 351 -10.72 -1.71 -21.32
N LEU K 352 -9.75 -0.81 -21.12
CA LEU K 352 -9.92 0.27 -20.15
C LEU K 352 -11.04 1.21 -20.57
N VAL K 353 -11.09 1.57 -21.86
CA VAL K 353 -12.13 2.48 -22.33
C VAL K 353 -13.50 1.84 -22.22
N TYR K 354 -13.59 0.53 -22.47
CA TYR K 354 -14.85 -0.18 -22.30
C TYR K 354 -15.31 -0.13 -20.83
N ALA K 355 -14.37 -0.17 -19.89
CA ALA K 355 -14.72 -0.10 -18.48
C ALA K 355 -15.39 1.21 -18.11
N ALA K 356 -15.15 2.29 -18.86
CA ALA K 356 -15.71 3.60 -18.54
C ALA K 356 -17.02 3.86 -19.27
N ILE K 357 -17.14 3.48 -20.54
CA ILE K 357 -18.32 3.82 -21.33
C ILE K 357 -19.46 2.84 -21.16
N LEU K 358 -19.23 1.69 -20.51
CA LEU K 358 -20.27 0.69 -20.40
C LEU K 358 -21.39 1.17 -19.48
N GLY K 359 -22.48 0.40 -19.46
CA GLY K 359 -23.64 0.75 -18.67
C GLY K 359 -24.87 0.92 -19.55
N SER K 360 -25.77 -0.06 -19.52
CA SER K 360 -26.94 -0.02 -20.37
C SER K 360 -27.86 1.14 -20.01
N SER K 361 -28.62 1.61 -20.99
CA SER K 361 -29.58 2.66 -20.75
C SER K 361 -30.73 2.14 -19.88
N SER K 362 -31.49 3.09 -19.31
CA SER K 362 -32.62 2.71 -18.48
C SER K 362 -33.67 1.95 -19.27
N ALA K 363 -33.89 2.35 -20.53
CA ALA K 363 -34.86 1.65 -21.36
C ALA K 363 -34.38 0.24 -21.72
N ASP K 364 -33.11 0.11 -22.10
CA ASP K 364 -32.56 -1.20 -22.42
C ASP K 364 -32.35 -2.05 -21.18
N ARG K 365 -32.34 -1.44 -19.99
CA ARG K 365 -32.17 -2.22 -18.76
C ARG K 365 -33.36 -3.13 -18.51
N TYR K 366 -34.58 -2.63 -18.72
CA TYR K 366 -35.77 -3.43 -18.45
C TYR K 366 -36.13 -4.33 -19.63
N ASN K 367 -35.81 -3.91 -20.86
CA ASN K 367 -36.20 -4.67 -22.03
C ASN K 367 -35.24 -5.81 -22.31
N LEU K 368 -33.93 -5.54 -22.26
CA LEU K 368 -32.94 -6.55 -22.57
C LEU K 368 -32.52 -7.35 -21.35
N LYS K 369 -32.61 -6.75 -20.15
CA LYS K 369 -32.21 -7.38 -18.89
C LYS K 369 -30.80 -7.95 -19.00
N PRO K 370 -29.78 -7.12 -19.16
CA PRO K 370 -28.42 -7.63 -19.34
C PRO K 370 -27.82 -8.11 -18.03
N SER K 371 -27.01 -9.16 -18.13
CA SER K 371 -26.27 -9.64 -16.99
C SER K 371 -25.29 -8.55 -16.53
N PRO K 372 -24.89 -8.56 -15.26
CA PRO K 372 -23.96 -7.55 -14.75
C PRO K 372 -22.67 -7.55 -15.56
N PRO K 373 -22.14 -6.37 -15.89
CA PRO K 373 -20.91 -6.31 -16.68
C PRO K 373 -19.73 -6.82 -15.88
N CYS K 374 -18.85 -7.55 -16.55
CA CYS K 374 -17.73 -8.19 -15.88
C CYS K 374 -16.48 -8.06 -16.72
N PHE K 375 -15.37 -7.77 -16.05
CA PHE K 375 -14.05 -7.62 -16.65
C PHE K 375 -13.26 -8.91 -16.56
N PRO K 376 -12.54 -9.28 -17.61
CA PRO K 376 -11.74 -10.50 -17.56
C PRO K 376 -10.50 -10.31 -16.72
N LYS K 377 -10.17 -11.33 -15.94
CA LYS K 377 -8.95 -11.29 -15.13
C LYS K 377 -7.73 -11.44 -16.02
N LEU K 378 -7.23 -10.32 -16.57
CA LEU K 378 -6.06 -10.33 -17.43
C LEU K 378 -4.76 -10.56 -16.67
N LEU K 379 -4.79 -11.43 -15.66
CA LEU K 379 -3.60 -11.82 -14.91
C LEU K 379 -3.12 -13.19 -15.37
N SER K 380 -1.80 -13.39 -15.34
CA SER K 380 -1.21 -14.66 -15.72
C SER K 380 -0.82 -15.52 -14.52
N HIS K 381 -0.91 -14.97 -13.31
CA HIS K 381 -0.57 -15.73 -12.10
C HIS K 381 -1.32 -15.08 -10.93
N ASN K 382 -2.50 -15.62 -10.63
CA ASN K 382 -3.05 -16.76 -11.34
C ASN K 382 -3.94 -16.31 -12.50
N GLY K 383 -4.11 -17.20 -13.47
CA GLY K 383 -4.96 -16.89 -14.61
C GLY K 383 -4.72 -17.87 -15.73
N SER K 384 -5.60 -17.79 -16.74
CA SER K 384 -5.58 -18.58 -17.96
C SER K 384 -5.81 -20.07 -17.71
N ASN K 385 -6.32 -20.45 -16.54
CA ASN K 385 -6.68 -21.85 -16.32
C ASN K 385 -7.84 -22.26 -17.20
N ALA K 386 -8.87 -21.41 -17.28
CA ALA K 386 -10.02 -21.65 -18.12
C ALA K 386 -9.97 -20.87 -19.43
N ILE K 387 -8.87 -20.15 -19.69
CA ILE K 387 -8.73 -19.47 -20.98
C ILE K 387 -8.39 -20.50 -22.07
N GLY K 388 -7.63 -21.53 -21.72
CA GLY K 388 -7.30 -22.60 -22.65
C GLY K 388 -8.35 -23.65 -22.84
N SER K 389 -9.46 -23.58 -22.11
CA SER K 389 -10.57 -24.52 -22.28
C SER K 389 -11.66 -23.94 -23.16
N LEU K 390 -11.28 -23.22 -24.21
CA LEU K 390 -12.21 -22.56 -25.10
C LEU K 390 -12.40 -23.39 -26.37
N ARG K 391 -13.65 -23.53 -26.80
CA ARG K 391 -13.98 -24.21 -28.04
C ARG K 391 -14.21 -23.15 -29.12
N LEU K 392 -13.34 -23.14 -30.13
CA LEU K 392 -13.36 -22.13 -31.17
C LEU K 392 -14.18 -22.63 -32.36
N GLY K 393 -15.24 -21.90 -32.69
CA GLY K 393 -16.08 -22.28 -33.82
C GLY K 393 -15.54 -21.76 -35.14
N LYS K 394 -15.26 -22.66 -36.07
CA LYS K 394 -14.69 -22.31 -37.37
C LYS K 394 -15.55 -22.91 -38.47
N TYR K 395 -16.11 -22.05 -39.30
CA TYR K 395 -16.81 -22.47 -40.52
C TYR K 395 -15.79 -22.43 -41.65
N THR K 396 -15.22 -23.60 -41.97
CA THR K 396 -14.08 -23.67 -42.88
C THR K 396 -14.41 -23.06 -44.25
N LYS K 397 -15.57 -23.39 -44.80
CA LYS K 397 -15.96 -22.81 -46.08
C LYS K 397 -16.14 -21.30 -45.97
N TRP K 398 -16.71 -20.84 -44.85
CA TRP K 398 -16.78 -19.39 -44.61
C TRP K 398 -15.42 -18.82 -44.23
N PHE K 399 -14.56 -19.64 -43.63
CA PHE K 399 -13.27 -19.14 -43.14
C PHE K 399 -12.32 -18.83 -44.29
N ASN K 400 -12.43 -19.55 -45.41
CA ASN K 400 -11.48 -19.43 -46.51
C ASN K 400 -12.05 -18.68 -47.71
N ASP K 401 -13.24 -18.10 -47.59
CA ASP K 401 -13.82 -17.31 -48.68
C ASP K 401 -13.34 -15.87 -48.57
N VAL K 402 -12.06 -15.69 -48.89
CA VAL K 402 -11.41 -14.38 -48.87
C VAL K 402 -10.71 -14.18 -50.21
N SER K 403 -10.58 -12.91 -50.60
CA SER K 403 -9.92 -12.58 -51.86
C SER K 403 -8.40 -12.57 -51.75
N SER K 404 -7.84 -12.91 -50.59
CA SER K 404 -6.40 -12.94 -50.39
C SER K 404 -6.06 -14.17 -49.56
N SER K 405 -5.18 -15.02 -50.09
CA SER K 405 -4.80 -16.25 -49.40
C SER K 405 -4.01 -15.98 -48.11
N ASP K 406 -3.41 -14.81 -47.98
CA ASP K 406 -2.63 -14.50 -46.79
C ASP K 406 -3.53 -14.32 -45.57
N ILE K 407 -4.74 -13.79 -45.76
CA ILE K 407 -5.66 -13.59 -44.65
C ILE K 407 -6.10 -14.93 -44.08
N SER K 408 -6.52 -15.85 -44.95
CA SER K 408 -6.94 -17.17 -44.50
C SER K 408 -5.78 -18.00 -43.98
N ASP K 409 -4.54 -17.65 -44.33
CA ASP K 409 -3.39 -18.41 -43.85
C ASP K 409 -2.93 -17.91 -42.48
N LYS K 410 -2.87 -16.59 -42.29
CA LYS K 410 -2.46 -16.06 -41.00
C LYS K 410 -3.50 -16.35 -39.92
N CYS K 411 -4.79 -16.20 -40.25
CA CYS K 411 -5.83 -16.51 -39.28
C CYS K 411 -5.86 -18.00 -38.94
N GLU K 412 -5.66 -18.85 -39.93
CA GLU K 412 -5.62 -20.29 -39.67
C GLU K 412 -4.42 -20.66 -38.81
N ASP K 413 -3.26 -20.07 -39.09
CA ASP K 413 -2.07 -20.33 -38.28
C ASP K 413 -2.22 -19.73 -36.89
N ILE K 414 -2.99 -18.64 -36.75
CA ILE K 414 -3.27 -18.10 -35.43
C ILE K 414 -4.08 -19.10 -34.60
N LEU K 415 -5.06 -19.75 -35.24
CA LEU K 415 -5.81 -20.79 -34.55
C LEU K 415 -4.91 -21.97 -34.20
N LYS K 416 -3.95 -22.29 -35.08
CA LYS K 416 -2.94 -23.28 -34.74
C LYS K 416 -2.09 -22.83 -33.56
N LEU K 417 -1.85 -21.52 -33.44
CA LEU K 417 -1.09 -21.00 -32.31
C LEU K 417 -1.90 -21.04 -31.03
N LEU K 418 -3.18 -20.66 -31.11
CA LEU K 418 -4.05 -20.72 -29.93
C LEU K 418 -4.28 -22.16 -29.48
N SER K 419 -4.35 -23.10 -30.42
CA SER K 419 -4.53 -24.51 -30.08
C SER K 419 -3.26 -25.15 -29.54
N ASN K 420 -2.10 -24.58 -29.83
CA ASN K 420 -0.83 -25.15 -29.40
C ASN K 420 -0.32 -24.55 -28.09
N ASN K 421 -0.68 -23.30 -27.79
CA ASN K 421 -0.17 -22.61 -26.61
C ASN K 421 -1.13 -22.64 -25.43
N HIS K 422 -2.39 -22.98 -25.65
CA HIS K 422 -3.36 -23.04 -24.56
C HIS K 422 -4.22 -24.30 -24.55
N GLY K 423 -4.50 -24.91 -25.69
CA GLY K 423 -5.35 -26.09 -25.73
C GLY K 423 -6.75 -25.88 -26.27
N CYS K 424 -6.99 -24.78 -26.96
CA CYS K 424 -8.32 -24.53 -27.51
C CYS K 424 -8.62 -25.50 -28.64
N LYS K 425 -9.84 -26.02 -28.65
CA LYS K 425 -10.29 -26.97 -29.65
C LYS K 425 -11.05 -26.23 -30.73
N VAL K 426 -10.53 -26.27 -31.96
CA VAL K 426 -11.17 -25.62 -33.10
C VAL K 426 -12.27 -26.55 -33.60
N VAL K 427 -13.49 -26.30 -33.17
CA VAL K 427 -14.63 -27.14 -33.54
C VAL K 427 -15.22 -26.64 -34.85
N GLU K 428 -15.38 -27.54 -35.81
CA GLU K 428 -15.96 -27.19 -37.09
C GLU K 428 -17.46 -26.92 -36.93
N ILE K 429 -17.90 -25.74 -37.35
CA ILE K 429 -19.29 -25.35 -37.24
C ILE K 429 -19.86 -25.04 -38.61
N VAL K 430 -21.15 -24.69 -38.66
CA VAL K 430 -21.82 -24.35 -39.92
C VAL K 430 -22.83 -23.24 -39.63
N VAL K 431 -22.78 -22.18 -40.43
CA VAL K 431 -23.69 -21.05 -40.27
C VAL K 431 -24.68 -21.06 -41.43
N PRO K 432 -25.88 -21.61 -41.24
CA PRO K 432 -26.83 -21.69 -42.35
C PRO K 432 -27.43 -20.34 -42.70
N GLU K 433 -27.86 -20.23 -43.96
CA GLU K 433 -28.60 -19.07 -44.46
C GLU K 433 -27.78 -17.78 -44.33
N LEU K 434 -26.60 -17.79 -44.94
CA LEU K 434 -25.73 -16.62 -44.91
C LEU K 434 -26.21 -15.53 -45.85
N GLU K 435 -26.74 -15.91 -47.02
CA GLU K 435 -27.28 -14.93 -47.95
C GLU K 435 -28.49 -14.22 -47.35
N GLU K 436 -29.26 -14.91 -46.51
CA GLU K 436 -30.38 -14.27 -45.82
C GLU K 436 -29.88 -13.25 -44.80
N MET K 437 -28.76 -13.53 -44.15
CA MET K 437 -28.20 -12.57 -43.19
C MET K 437 -27.78 -11.29 -43.87
N ARG K 438 -27.39 -11.37 -45.15
CA ARG K 438 -27.10 -10.16 -45.91
C ARG K 438 -28.37 -9.35 -46.15
N ALA K 439 -29.43 -10.01 -46.64
CA ALA K 439 -30.66 -9.29 -46.97
C ALA K 439 -31.41 -8.86 -45.72
N ALA K 440 -31.43 -9.71 -44.67
CA ALA K 440 -32.13 -9.35 -43.46
C ALA K 440 -31.48 -8.17 -42.75
N HIS K 441 -30.17 -7.99 -42.91
CA HIS K 441 -29.49 -6.87 -42.27
C HIS K 441 -29.68 -5.59 -43.06
N VAL K 442 -29.40 -5.61 -44.37
CA VAL K 442 -29.37 -4.39 -45.17
C VAL K 442 -30.67 -3.62 -45.08
N ILE K 443 -31.78 -4.30 -44.76
CA ILE K 443 -33.05 -3.61 -44.58
C ILE K 443 -33.24 -3.16 -43.13
N SER K 444 -32.73 -3.93 -42.16
CA SER K 444 -32.95 -3.58 -40.76
C SER K 444 -32.07 -2.44 -40.31
N ILE K 445 -31.04 -2.09 -41.09
CA ILE K 445 -30.19 -0.94 -40.78
C ILE K 445 -30.62 0.30 -41.54
N GLY K 446 -31.08 0.14 -42.79
CA GLY K 446 -31.45 1.29 -43.59
C GLY K 446 -32.85 1.79 -43.32
N SER K 447 -33.73 0.92 -42.83
CA SER K 447 -35.11 1.34 -42.55
C SER K 447 -35.19 2.37 -41.44
N PRO K 448 -34.55 2.19 -40.26
CA PRO K 448 -34.64 3.24 -39.24
C PRO K 448 -33.86 4.50 -39.60
N THR K 449 -32.80 4.39 -40.39
CA THR K 449 -32.01 5.57 -40.73
C THR K 449 -32.72 6.42 -41.76
N LEU K 450 -33.30 5.79 -42.78
CA LEU K 450 -34.08 6.54 -43.79
C LEU K 450 -35.28 7.21 -43.15
N SER K 451 -35.92 6.54 -42.17
CA SER K 451 -37.07 7.12 -41.50
C SER K 451 -36.67 8.34 -40.68
N SER K 452 -35.56 8.25 -39.93
CA SER K 452 -35.12 9.37 -39.10
C SER K 452 -34.64 10.55 -39.93
N LEU K 453 -34.28 10.32 -41.20
CA LEU K 453 -33.85 11.39 -42.09
C LEU K 453 -34.93 11.79 -43.08
N THR K 454 -36.13 11.21 -42.98
CA THR K 454 -37.17 11.52 -43.96
C THR K 454 -37.69 12.95 -43.82
N PRO K 455 -38.07 13.44 -42.63
CA PRO K 455 -38.56 14.82 -42.54
C PRO K 455 -37.55 15.87 -42.96
N TYR K 456 -36.28 15.52 -43.07
CA TYR K 456 -35.25 16.44 -43.55
C TYR K 456 -35.01 16.31 -45.04
N CYS K 457 -34.98 15.08 -45.56
CA CYS K 457 -34.82 14.88 -47.00
C CYS K 457 -36.04 15.38 -47.76
N GLU K 458 -37.24 15.16 -47.20
CA GLU K 458 -38.45 15.76 -47.75
C GLU K 458 -38.46 17.28 -47.61
N ALA K 459 -37.59 17.84 -46.77
CA ALA K 459 -37.53 19.27 -46.53
C ALA K 459 -36.58 20.00 -47.49
N GLY K 460 -36.45 19.50 -48.72
CA GLY K 460 -35.57 20.11 -49.70
C GLY K 460 -34.09 20.06 -49.38
N LYS K 461 -33.70 19.41 -48.29
CA LYS K 461 -32.29 19.28 -47.92
C LYS K 461 -31.69 17.96 -48.35
N ASN K 462 -32.39 17.19 -49.19
CA ASN K 462 -31.82 15.96 -49.72
C ASN K 462 -30.70 16.22 -50.71
N SER K 463 -30.69 17.40 -51.35
CA SER K 463 -29.63 17.72 -52.30
C SER K 463 -28.28 17.85 -51.61
N LYS K 464 -28.26 18.34 -50.37
CA LYS K 464 -27.01 18.49 -49.62
C LYS K 464 -26.35 17.17 -49.27
N LEU K 465 -26.99 16.04 -49.57
CA LEU K 465 -26.42 14.74 -49.31
C LEU K 465 -25.35 14.42 -50.35
N SER K 466 -24.45 13.50 -49.99
CA SER K 466 -23.48 13.02 -50.96
C SER K 466 -24.17 12.14 -52.00
N TYR K 467 -23.46 11.88 -53.08
CA TYR K 467 -24.01 11.01 -54.12
C TYR K 467 -23.93 9.54 -53.75
N ASP K 468 -23.02 9.18 -52.83
CA ASP K 468 -22.95 7.80 -52.34
C ASP K 468 -24.16 7.46 -51.49
N THR K 469 -24.49 8.33 -50.52
CA THR K 469 -25.61 8.05 -49.62
C THR K 469 -26.92 8.00 -50.38
N ARG K 470 -27.11 8.91 -51.35
CA ARG K 470 -28.35 8.93 -52.12
C ARG K 470 -28.51 7.67 -52.97
N THR K 471 -27.40 7.01 -53.31
CA THR K 471 -27.50 5.74 -54.03
C THR K 471 -28.10 4.65 -53.13
N SER K 472 -27.66 4.59 -51.87
CA SER K 472 -28.23 3.63 -50.94
C SER K 472 -29.63 4.05 -50.49
N PHE K 473 -29.87 5.36 -50.37
CA PHE K 473 -31.20 5.83 -49.99
C PHE K 473 -32.24 5.53 -51.06
N ALA K 474 -31.85 5.53 -52.33
CA ALA K 474 -32.78 5.18 -53.40
C ALA K 474 -33.16 3.70 -53.33
N ILE K 475 -32.25 2.85 -52.89
CA ILE K 475 -32.56 1.44 -52.72
C ILE K 475 -33.37 1.22 -51.44
N PHE K 476 -33.08 2.00 -50.39
CA PHE K 476 -33.78 1.82 -49.12
C PHE K 476 -35.25 2.18 -49.22
N ARG K 477 -35.59 3.17 -50.07
CA ARG K 477 -37.00 3.55 -50.24
C ARG K 477 -37.82 2.45 -50.90
N SER K 478 -37.16 1.52 -51.60
CA SER K 478 -37.87 0.38 -52.19
C SER K 478 -38.25 -0.68 -51.16
N PHE K 479 -37.80 -0.53 -49.92
CA PHE K 479 -38.13 -1.50 -48.87
C PHE K 479 -39.49 -1.14 -48.29
N SER K 480 -40.48 -1.98 -48.52
CA SER K 480 -41.82 -1.76 -48.03
C SER K 480 -41.96 -2.28 -46.60
N ALA K 481 -43.09 -1.95 -45.96
CA ALA K 481 -43.34 -2.43 -44.62
C ALA K 481 -43.49 -3.94 -44.58
N SER K 482 -44.03 -4.54 -45.64
CA SER K 482 -44.13 -6.00 -45.71
C SER K 482 -42.75 -6.63 -45.84
N ASP K 483 -41.80 -5.94 -46.46
CA ASP K 483 -40.45 -6.47 -46.57
C ASP K 483 -39.74 -6.45 -45.22
N TYR K 484 -40.03 -5.46 -44.37
CA TYR K 484 -39.40 -5.38 -43.06
C TYR K 484 -39.89 -6.50 -42.15
N ILE K 485 -41.20 -6.77 -42.14
CA ILE K 485 -41.74 -7.82 -41.28
C ILE K 485 -41.20 -9.18 -41.70
N ALA K 486 -41.11 -9.42 -43.01
CA ALA K 486 -40.54 -10.68 -43.48
C ALA K 486 -39.05 -10.79 -43.14
N ALA K 487 -38.35 -9.67 -43.06
CA ALA K 487 -36.93 -9.69 -42.74
C ALA K 487 -36.70 -9.99 -41.25
N GLN K 488 -37.53 -9.42 -40.37
CA GLN K 488 -37.38 -9.68 -38.95
C GLN K 488 -37.64 -11.15 -38.63
N CYS K 489 -38.47 -11.82 -39.42
CA CYS K 489 -38.64 -13.27 -39.26
C CYS K 489 -37.36 -14.01 -39.60
N LEU K 490 -36.59 -13.50 -40.58
CA LEU K 490 -35.29 -14.09 -40.88
C LEU K 490 -34.31 -13.84 -39.74
N ARG K 491 -34.50 -12.76 -38.97
CA ARG K 491 -33.65 -12.53 -37.81
C ARG K 491 -33.90 -13.56 -36.72
N ARG K 492 -35.12 -14.07 -36.60
CA ARG K 492 -35.38 -15.15 -35.66
C ARG K 492 -34.71 -16.45 -36.09
N ARG K 493 -34.69 -16.70 -37.40
CA ARG K 493 -34.03 -17.90 -37.92
C ARG K 493 -32.55 -17.90 -37.54
N LEU K 494 -31.82 -16.86 -37.96
CA LEU K 494 -30.40 -16.79 -37.70
C LEU K 494 -30.09 -16.72 -36.21
N MET K 495 -31.02 -16.15 -35.42
CA MET K 495 -30.84 -16.15 -33.97
C MET K 495 -30.83 -17.57 -33.42
N GLU K 496 -31.71 -18.43 -33.94
CA GLU K 496 -31.78 -19.80 -33.45
C GLU K 496 -30.61 -20.64 -33.95
N TYR K 497 -30.04 -20.29 -35.11
CA TYR K 497 -28.85 -20.99 -35.58
C TYR K 497 -27.64 -20.66 -34.73
N HIS K 498 -27.35 -19.38 -34.56
CA HIS K 498 -26.16 -18.97 -33.80
C HIS K 498 -26.26 -19.40 -32.34
N LEU K 499 -27.46 -19.35 -31.77
CA LEU K 499 -27.63 -19.81 -30.40
C LEU K 499 -27.37 -21.30 -30.28
N ASN K 500 -27.66 -22.06 -31.33
CA ASN K 500 -27.30 -23.47 -31.35
C ASN K 500 -25.80 -23.67 -31.52
N ILE K 501 -25.13 -22.74 -32.22
CA ILE K 501 -23.69 -22.83 -32.40
C ILE K 501 -22.98 -22.62 -31.06
N PHE K 502 -23.47 -21.69 -30.25
CA PHE K 502 -22.86 -21.38 -28.97
C PHE K 502 -23.18 -22.42 -27.89
N LYS K 503 -23.96 -23.44 -28.22
CA LYS K 503 -24.10 -24.59 -27.33
C LYS K 503 -22.94 -25.56 -27.48
N ASP K 504 -22.30 -25.57 -28.64
CA ASP K 504 -21.14 -26.43 -28.92
C ASP K 504 -19.82 -25.70 -28.73
N VAL K 505 -19.74 -24.44 -29.13
CA VAL K 505 -18.52 -23.65 -29.01
C VAL K 505 -18.79 -22.44 -28.11
N ASP K 506 -17.72 -21.73 -27.77
CA ASP K 506 -17.81 -20.53 -26.94
C ASP K 506 -17.71 -19.25 -27.74
N VAL K 507 -16.87 -19.23 -28.78
CA VAL K 507 -16.74 -18.08 -29.66
C VAL K 507 -16.69 -18.57 -31.11
N ILE K 508 -16.95 -17.66 -32.03
CA ILE K 508 -16.92 -17.93 -33.46
C ILE K 508 -15.78 -17.11 -34.05
N VAL K 509 -14.70 -17.79 -34.43
CA VAL K 509 -13.52 -17.13 -34.97
C VAL K 509 -13.61 -17.09 -36.49
N THR K 510 -13.56 -15.89 -37.05
CA THR K 510 -13.58 -15.66 -38.49
C THR K 510 -12.72 -14.45 -38.79
N PRO K 511 -12.13 -14.37 -39.99
CA PRO K 511 -11.43 -13.15 -40.37
C PRO K 511 -12.39 -11.97 -40.42
N THR K 512 -11.88 -10.79 -40.06
CA THR K 512 -12.74 -9.62 -39.99
C THR K 512 -13.27 -9.23 -41.36
N THR K 513 -12.39 -9.08 -42.34
CA THR K 513 -12.77 -8.69 -43.69
C THR K 513 -12.27 -9.73 -44.69
N GLY K 514 -12.95 -9.79 -45.84
CA GLY K 514 -12.55 -10.66 -46.92
C GLY K 514 -11.43 -10.13 -47.79
N MET K 515 -10.81 -9.02 -47.40
CA MET K 515 -9.73 -8.42 -48.16
C MET K 515 -8.95 -7.49 -47.24
N THR K 516 -7.72 -7.18 -47.66
CA THR K 516 -6.90 -6.22 -46.94
C THR K 516 -7.36 -4.81 -47.29
N ALA K 517 -6.55 -3.81 -46.96
CA ALA K 517 -6.90 -2.42 -47.27
C ALA K 517 -6.90 -2.22 -48.78
N PRO K 518 -8.03 -1.85 -49.38
CA PRO K 518 -8.06 -1.68 -50.84
C PRO K 518 -7.61 -0.29 -51.28
N VAL K 519 -7.05 -0.25 -52.49
CA VAL K 519 -6.57 1.02 -53.05
C VAL K 519 -7.77 1.89 -53.42
N ILE K 520 -7.64 3.18 -53.17
CA ILE K 520 -8.70 4.14 -53.47
C ILE K 520 -8.67 4.46 -54.96
N PRO K 521 -9.77 4.27 -55.68
CA PRO K 521 -9.83 4.71 -57.08
C PRO K 521 -9.72 6.23 -57.16
N PRO K 522 -8.69 6.75 -57.83
CA PRO K 522 -8.51 8.20 -57.88
C PRO K 522 -9.67 8.94 -58.53
N ASP K 523 -10.47 8.27 -59.35
CA ASP K 523 -11.63 8.90 -59.97
C ASP K 523 -12.82 9.02 -59.03
N ALA K 524 -12.77 8.36 -57.87
CA ALA K 524 -13.87 8.40 -56.91
C ALA K 524 -13.72 9.51 -55.89
N LEU K 525 -12.56 10.15 -55.79
CA LEU K 525 -12.33 11.18 -54.79
C LEU K 525 -13.04 12.50 -55.11
N LYS K 526 -13.66 12.61 -56.29
CA LYS K 526 -14.34 13.85 -56.66
C LYS K 526 -15.73 13.92 -56.04
N ASN K 527 -16.54 12.89 -56.24
CA ASN K 527 -17.90 12.87 -55.73
C ASN K 527 -18.30 11.57 -55.06
N GLY K 528 -17.44 10.56 -55.05
CA GLY K 528 -17.72 9.28 -54.44
C GLY K 528 -17.78 8.17 -55.46
N GLU K 529 -18.06 6.96 -54.95
CA GLU K 529 -18.20 5.77 -55.77
C GLU K 529 -19.39 4.97 -55.27
N THR K 530 -19.65 3.85 -55.91
CA THR K 530 -20.76 2.96 -55.54
C THR K 530 -20.36 1.51 -55.73
N ASN K 531 -19.11 1.19 -55.43
CA ASN K 531 -18.59 -0.18 -55.58
C ASN K 531 -19.26 -1.07 -54.55
N ILE K 532 -20.28 -1.82 -54.97
CA ILE K 532 -20.97 -2.70 -54.04
C ILE K 532 -20.24 -4.03 -53.90
N GLN K 533 -19.50 -4.45 -54.92
CA GLN K 533 -18.68 -5.66 -54.79
C GLN K 533 -17.63 -5.50 -53.72
N VAL K 534 -17.16 -4.28 -53.48
CA VAL K 534 -16.19 -4.01 -52.42
C VAL K 534 -16.88 -3.71 -51.10
N THR K 535 -17.93 -2.89 -51.11
CA THR K 535 -18.60 -2.53 -49.86
C THR K 535 -19.36 -3.70 -49.24
N THR K 536 -19.59 -4.78 -49.99
CA THR K 536 -20.20 -5.97 -49.42
C THR K 536 -19.18 -7.02 -49.01
N ASP K 537 -18.06 -7.12 -49.72
CA ASP K 537 -17.02 -8.08 -49.37
C ASP K 537 -16.42 -7.78 -48.00
N LEU K 538 -16.42 -6.51 -47.60
CA LEU K 538 -15.93 -6.14 -46.27
C LEU K 538 -16.90 -6.53 -45.17
N MET K 539 -18.20 -6.45 -45.44
CA MET K 539 -19.23 -6.82 -44.46
C MET K 539 -19.53 -8.32 -44.46
N ARG K 540 -18.68 -9.14 -45.07
CA ARG K 540 -19.00 -10.56 -45.20
C ARG K 540 -19.05 -11.26 -43.85
N PHE K 541 -18.25 -10.85 -42.88
CA PHE K 541 -18.13 -11.56 -41.62
C PHE K 541 -18.70 -10.82 -40.42
N VAL K 542 -18.97 -9.52 -40.53
CA VAL K 542 -19.35 -8.71 -39.38
C VAL K 542 -20.85 -8.57 -39.22
N LEU K 543 -21.65 -9.09 -40.17
CA LEU K 543 -23.10 -8.91 -40.07
C LEU K 543 -23.72 -9.79 -38.99
N ALA K 544 -23.02 -10.84 -38.55
CA ALA K 544 -23.58 -11.73 -37.55
C ALA K 544 -23.69 -11.05 -36.19
N ALA K 545 -22.71 -10.21 -35.86
CA ALA K 545 -22.72 -9.53 -34.57
C ALA K 545 -23.67 -8.34 -34.53
N ASN K 546 -24.06 -7.81 -35.69
CA ASN K 546 -24.97 -6.66 -35.74
C ASN K 546 -26.42 -7.10 -35.76
N LEU K 547 -26.79 -7.95 -36.73
CA LEU K 547 -28.18 -8.37 -36.88
C LEU K 547 -28.69 -9.09 -35.63
N LEU K 548 -27.81 -9.85 -34.98
CA LEU K 548 -28.19 -10.62 -33.80
C LEU K 548 -27.67 -10.01 -32.50
N GLY K 549 -26.88 -8.93 -32.58
CA GLY K 549 -26.49 -8.20 -31.39
C GLY K 549 -25.41 -8.87 -30.55
N PHE K 550 -24.55 -9.68 -31.14
CA PHE K 550 -23.53 -10.36 -30.37
C PHE K 550 -22.28 -9.51 -30.24
N PRO K 551 -21.48 -9.74 -29.19
CA PRO K 551 -20.23 -8.98 -29.04
C PRO K 551 -19.11 -9.59 -29.88
N ALA K 552 -18.48 -8.74 -30.69
CA ALA K 552 -17.38 -9.17 -31.54
C ALA K 552 -16.18 -8.28 -31.28
N ILE K 553 -15.03 -8.72 -31.78
CA ILE K 553 -13.77 -7.97 -31.63
C ILE K 553 -12.87 -8.33 -32.80
N SER K 554 -12.22 -7.32 -33.38
CA SER K 554 -11.38 -7.52 -34.56
C SER K 554 -9.92 -7.26 -34.19
N VAL K 555 -9.39 -8.13 -33.34
CA VAL K 555 -7.99 -8.01 -32.91
C VAL K 555 -7.08 -8.24 -34.12
N PRO K 556 -5.94 -7.55 -34.22
CA PRO K 556 -5.03 -7.82 -35.33
C PRO K 556 -4.25 -9.10 -35.13
N VAL K 557 -3.81 -9.67 -36.25
CA VAL K 557 -3.08 -10.93 -36.24
C VAL K 557 -1.76 -10.88 -36.98
N GLY K 558 -1.51 -9.88 -37.80
CA GLY K 558 -0.28 -9.83 -38.58
C GLY K 558 -0.48 -8.99 -39.83
N TYR K 559 0.33 -9.28 -40.85
CA TYR K 559 0.30 -8.53 -42.08
C TYR K 559 0.37 -9.49 -43.27
N ASP K 560 -0.06 -9.00 -44.42
CA ASP K 560 -0.13 -9.81 -45.64
C ASP K 560 1.19 -9.68 -46.40
N LYS K 561 1.15 -9.95 -47.71
CA LYS K 561 2.36 -9.83 -48.53
C LYS K 561 2.81 -8.38 -48.64
N GLU K 562 1.89 -7.48 -48.98
CA GLU K 562 2.22 -6.07 -49.15
C GLU K 562 2.28 -5.31 -47.82
N GLY K 563 2.35 -6.01 -46.70
CA GLY K 563 2.46 -5.37 -45.40
C GLY K 563 1.20 -4.73 -44.87
N LEU K 564 0.04 -5.01 -45.47
CA LEU K 564 -1.20 -4.45 -44.98
C LEU K 564 -1.70 -5.25 -43.77
N PRO K 565 -2.31 -4.60 -42.80
CA PRO K 565 -2.73 -5.29 -41.58
C PRO K 565 -3.82 -6.32 -41.85
N ILE K 566 -3.91 -7.29 -40.95
CA ILE K 566 -4.93 -8.33 -41.00
C ILE K 566 -5.51 -8.48 -39.60
N GLY K 567 -6.82 -8.65 -39.51
CA GLY K 567 -7.49 -8.78 -38.23
C GLY K 567 -8.41 -9.98 -38.20
N LEU K 568 -8.53 -10.57 -37.01
CA LEU K 568 -9.39 -11.72 -36.77
C LEU K 568 -10.57 -11.31 -35.90
N GLN K 569 -11.75 -11.77 -36.25
CA GLN K 569 -12.96 -11.46 -35.49
C GLN K 569 -13.23 -12.58 -34.49
N ILE K 570 -13.50 -12.20 -33.24
CA ILE K 570 -13.85 -13.13 -32.17
C ILE K 570 -15.22 -12.73 -31.66
N MET K 571 -16.26 -13.42 -32.11
CA MET K 571 -17.63 -13.15 -31.70
C MET K 571 -18.06 -14.17 -30.67
N GLY K 572 -18.52 -13.70 -29.51
CA GLY K 572 -18.89 -14.59 -28.43
C GLY K 572 -20.36 -14.52 -28.04
N ARG K 573 -20.70 -15.15 -26.92
CA ARG K 573 -22.08 -15.18 -26.45
C ARG K 573 -22.53 -13.79 -26.01
N PRO K 574 -23.84 -13.56 -25.94
CA PRO K 574 -24.33 -12.24 -25.48
C PRO K 574 -23.81 -11.92 -24.08
N TRP K 575 -23.46 -10.65 -23.89
CA TRP K 575 -22.94 -10.11 -22.64
C TRP K 575 -21.59 -10.70 -22.24
N ALA K 576 -20.94 -11.46 -23.13
CA ALA K 576 -19.66 -12.08 -22.83
C ALA K 576 -18.50 -11.20 -23.29
N GLU K 577 -18.51 -9.96 -22.80
CA GLU K 577 -17.42 -9.04 -23.11
C GLU K 577 -16.10 -9.54 -22.55
N ALA K 578 -16.12 -10.13 -21.35
CA ALA K 578 -14.89 -10.61 -20.73
C ALA K 578 -14.33 -11.81 -21.48
N THR K 579 -15.18 -12.58 -22.17
CA THR K 579 -14.71 -13.78 -22.86
C THR K 579 -13.94 -13.42 -24.13
N VAL K 580 -14.49 -12.53 -24.95
CA VAL K 580 -13.82 -12.17 -26.19
C VAL K 580 -12.61 -11.30 -25.93
N LEU K 581 -12.63 -10.52 -24.83
CA LEU K 581 -11.47 -9.70 -24.51
C LEU K 581 -10.31 -10.55 -24.00
N GLY K 582 -10.61 -11.57 -23.20
CA GLY K 582 -9.54 -12.42 -22.68
C GLY K 582 -8.91 -13.28 -23.77
N LEU K 583 -9.72 -13.72 -24.73
CA LEU K 583 -9.17 -14.51 -25.83
C LEU K 583 -8.38 -13.62 -26.80
N ALA K 584 -8.90 -12.43 -27.11
CA ALA K 584 -8.18 -11.52 -27.98
C ALA K 584 -6.87 -11.06 -27.35
N ALA K 585 -6.80 -11.02 -26.02
CA ALA K 585 -5.55 -10.68 -25.36
C ALA K 585 -4.50 -11.76 -25.59
N ALA K 586 -4.92 -13.03 -25.55
CA ALA K 586 -3.99 -14.12 -25.86
C ALA K 586 -3.59 -14.10 -27.32
N VAL K 587 -4.44 -13.56 -28.20
CA VAL K 587 -4.07 -13.43 -29.60
C VAL K 587 -3.08 -12.29 -29.78
N GLU K 588 -3.30 -11.17 -29.08
CA GLU K 588 -2.33 -10.08 -29.11
C GLU K 588 -0.99 -10.53 -28.54
N GLU K 589 -1.01 -11.35 -27.48
CA GLU K 589 0.22 -11.89 -26.94
C GLU K 589 0.88 -12.86 -27.92
N LEU K 590 0.09 -13.56 -28.73
CA LEU K 590 0.64 -14.49 -29.70
C LEU K 590 1.07 -13.81 -30.99
N ALA K 591 0.55 -12.61 -31.27
CA ALA K 591 0.92 -11.86 -32.48
C ALA K 591 0.81 -10.37 -32.18
N PRO K 592 1.82 -9.81 -31.53
CA PRO K 592 1.79 -8.39 -31.19
C PRO K 592 2.04 -7.51 -32.41
N VAL K 593 1.58 -6.27 -32.31
CA VAL K 593 1.82 -5.29 -33.36
C VAL K 593 3.29 -4.96 -33.42
N THR K 594 3.87 -5.01 -34.62
CA THR K 594 5.31 -4.82 -34.78
C THR K 594 5.71 -3.95 -35.96
N LYS K 595 4.80 -3.59 -36.86
CA LYS K 595 5.13 -2.77 -38.02
C LYS K 595 4.65 -1.34 -37.78
N LYS K 596 5.58 -0.40 -37.82
CA LYS K 596 5.23 1.00 -37.65
C LYS K 596 4.53 1.51 -38.91
N PRO K 597 3.41 2.21 -38.80
CA PRO K 597 2.72 2.71 -39.99
C PRO K 597 3.57 3.71 -40.75
N ALA K 598 3.21 3.90 -42.02
CA ALA K 598 3.86 4.94 -42.83
C ALA K 598 3.60 6.32 -42.23
N ILE K 599 2.34 6.65 -41.99
CA ILE K 599 1.97 7.86 -41.27
C ILE K 599 1.81 7.48 -39.81
N PHE K 600 2.79 7.83 -38.99
CA PHE K 600 2.75 7.52 -37.57
C PHE K 600 3.45 8.64 -36.80
N TYR K 601 2.76 9.17 -35.80
CA TYR K 601 3.31 10.19 -34.91
C TYR K 601 3.48 9.61 -33.52
N ASP K 602 4.59 9.96 -32.87
CA ASP K 602 4.91 9.47 -31.54
C ASP K 602 5.07 10.67 -30.61
N ILE K 603 4.33 10.64 -29.49
CA ILE K 603 4.36 11.73 -28.52
C ILE K 603 5.43 11.40 -27.48
N LEU K 604 5.44 12.13 -26.37
CA LEU K 604 6.33 11.90 -25.23
C LEU K 604 7.81 12.06 -25.60
N ASN K 605 8.12 12.74 -26.68
CA ASN K 605 9.50 12.96 -27.09
C ASN K 605 9.77 14.44 -27.39
N MET L 1 -43.95 24.97 -34.61
CA MET L 1 -43.02 24.15 -35.37
C MET L 1 -43.73 23.44 -36.52
N GLY L 2 -44.70 24.11 -37.14
CA GLY L 2 -45.46 23.51 -38.22
C GLY L 2 -45.34 24.27 -39.53
N LYS L 3 -44.10 24.51 -39.97
CA LYS L 3 -43.85 25.26 -41.20
C LYS L 3 -43.16 24.40 -42.25
N TYR L 4 -41.95 23.92 -41.98
CA TYR L 4 -41.23 23.09 -42.94
C TYR L 4 -41.28 21.63 -42.50
N GLN L 5 -40.64 21.31 -41.37
CA GLN L 5 -40.77 20.01 -40.74
C GLN L 5 -41.23 20.20 -39.30
N VAL L 6 -41.94 19.20 -38.78
CA VAL L 6 -42.54 19.28 -37.46
C VAL L 6 -41.80 18.35 -36.51
N MET L 7 -41.78 18.74 -35.23
CA MET L 7 -41.17 17.93 -34.18
C MET L 7 -42.06 17.96 -32.94
N LYS L 8 -41.93 16.93 -32.11
CA LYS L 8 -42.64 16.86 -30.85
C LYS L 8 -41.74 16.18 -29.82
N ARG L 9 -42.35 15.79 -28.69
CA ARG L 9 -41.68 15.06 -27.62
C ARG L 9 -42.73 14.65 -26.59
N ALA L 10 -42.96 13.34 -26.42
CA ALA L 10 -44.09 12.87 -25.64
C ALA L 10 -43.85 13.02 -24.14
N SER L 11 -42.66 12.67 -23.66
CA SER L 11 -42.40 12.66 -22.22
C SER L 11 -42.41 14.06 -21.60
N GLU L 12 -42.56 15.12 -22.39
CA GLU L 12 -42.57 16.48 -21.87
C GLU L 12 -43.78 17.27 -22.36
N VAL L 13 -44.86 16.60 -22.74
CA VAL L 13 -46.07 17.29 -23.18
C VAL L 13 -46.80 17.86 -21.98
N ASP L 14 -47.14 19.15 -22.05
CA ASP L 14 -48.03 19.76 -21.08
C ASP L 14 -49.44 19.25 -21.34
N LEU L 15 -49.94 18.36 -20.48
CA LEU L 15 -51.22 17.72 -20.72
C LEU L 15 -52.42 18.63 -20.47
N SER L 16 -52.20 19.81 -19.88
CA SER L 16 -53.30 20.73 -19.63
C SER L 16 -53.60 21.62 -20.82
N THR L 17 -52.79 21.57 -21.89
CA THR L 17 -53.01 22.40 -23.07
C THR L 17 -53.05 21.57 -24.34
N VAL L 18 -53.53 20.33 -24.25
CA VAL L 18 -53.73 19.49 -25.42
C VAL L 18 -55.11 19.77 -26.00
N LYS L 19 -55.30 19.39 -27.26
CA LYS L 19 -56.56 19.61 -27.95
C LYS L 19 -57.00 18.33 -28.64
N TYR L 20 -58.28 18.31 -29.03
CA TYR L 20 -58.90 17.13 -29.61
C TYR L 20 -58.82 17.19 -31.14
N LYS L 21 -58.30 16.11 -31.74
CA LYS L 21 -58.25 15.99 -33.20
C LYS L 21 -59.52 15.30 -33.67
N ALA L 22 -60.45 16.07 -34.21
CA ALA L 22 -61.68 15.52 -34.73
C ALA L 22 -61.39 14.64 -35.96
N GLU L 23 -62.42 13.91 -36.38
CA GLU L 23 -62.25 12.98 -37.49
C GLU L 23 -61.93 13.70 -38.78
N THR L 24 -60.86 13.27 -39.44
CA THR L 24 -60.44 13.81 -40.73
C THR L 24 -60.28 12.71 -41.76
N MET L 25 -61.00 11.60 -41.58
CA MET L 25 -60.89 10.45 -42.48
C MET L 25 -61.80 10.65 -43.70
N LYS L 26 -61.49 11.69 -44.46
CA LYS L 26 -62.25 12.01 -45.66
C LYS L 26 -61.81 11.08 -46.79
N ALA L 27 -62.67 10.13 -47.15
CA ALA L 27 -62.38 9.19 -48.23
C ALA L 27 -63.68 8.80 -48.91
N PRO L 28 -63.68 8.64 -50.23
CA PRO L 28 -64.92 8.33 -50.94
C PRO L 28 -65.46 6.95 -50.59
N HIS L 29 -66.75 6.77 -50.87
CA HIS L 29 -67.45 5.50 -50.65
C HIS L 29 -68.11 5.07 -51.94
N LEU L 30 -67.67 3.94 -52.49
CA LEU L 30 -68.14 3.46 -53.78
C LEU L 30 -68.79 2.09 -53.61
N THR L 31 -69.81 1.83 -54.42
CA THR L 31 -70.54 0.58 -54.38
C THR L 31 -70.83 0.10 -55.80
N GLY L 32 -70.91 -1.21 -55.97
CA GLY L 32 -71.39 -1.74 -57.23
C GLY L 32 -70.27 -1.71 -58.26
N LEU L 33 -70.63 -1.37 -59.51
CA LEU L 33 -69.64 -1.33 -60.59
C LEU L 33 -68.60 -0.24 -60.35
N SER L 34 -68.99 0.88 -59.73
CA SER L 34 -68.02 1.93 -59.46
C SER L 34 -66.90 1.43 -58.54
N PHE L 35 -67.20 0.48 -57.67
CA PHE L 35 -66.16 -0.08 -56.80
C PHE L 35 -65.22 -1.00 -57.59
N LYS L 36 -65.76 -1.76 -58.54
CA LYS L 36 -64.91 -2.58 -59.38
C LYS L 36 -63.98 -1.73 -60.23
N LEU L 37 -64.38 -0.48 -60.51
CA LEU L 37 -63.54 0.41 -61.29
C LEU L 37 -62.55 1.16 -60.40
N PHE L 38 -63.01 1.58 -59.22
CA PHE L 38 -62.11 2.21 -58.24
C PHE L 38 -60.94 1.28 -57.92
N VAL L 39 -61.25 0.01 -57.61
CA VAL L 39 -60.20 -0.97 -57.33
C VAL L 39 -59.28 -1.12 -58.53
N ASN L 40 -59.85 -1.07 -59.74
CA ASN L 40 -59.04 -1.26 -60.94
C ASN L 40 -58.13 -0.06 -61.20
N LEU L 41 -58.54 1.14 -60.78
CA LEU L 41 -57.65 2.29 -60.92
C LEU L 41 -56.45 2.19 -59.99
N LEU L 42 -56.66 1.68 -58.77
CA LEU L 42 -55.56 1.49 -57.83
C LEU L 42 -54.77 0.23 -58.11
N GLU L 43 -55.36 -0.75 -58.80
CA GLU L 43 -54.66 -1.97 -59.20
C GLU L 43 -53.86 -1.77 -60.48
N ALA L 44 -53.70 -0.53 -60.94
CA ALA L 44 -52.92 -0.21 -62.13
C ALA L 44 -51.54 0.28 -61.74
N PRO L 45 -50.48 -0.23 -62.36
CA PRO L 45 -49.12 0.13 -61.93
C PRO L 45 -48.84 1.63 -61.86
N LEU L 46 -49.22 2.39 -62.90
CA LEU L 46 -48.80 3.78 -62.99
C LEU L 46 -49.78 4.72 -62.27
N ILE L 47 -51.06 4.65 -62.61
CA ILE L 47 -52.03 5.61 -62.08
C ILE L 47 -52.45 5.28 -60.64
N GLY L 48 -52.26 4.03 -60.21
CA GLY L 48 -52.76 3.64 -58.89
C GLY L 48 -52.05 4.36 -57.75
N SER L 49 -50.75 4.59 -57.89
CA SER L 49 -49.99 5.20 -56.81
C SER L 49 -50.38 6.66 -56.60
N LEU L 50 -50.79 7.37 -57.66
CA LEU L 50 -51.16 8.78 -57.52
C LEU L 50 -52.39 8.93 -56.63
N ILE L 51 -53.42 8.13 -56.86
CA ILE L 51 -54.61 8.19 -56.02
C ILE L 51 -54.30 7.68 -54.62
N VAL L 52 -53.50 6.62 -54.51
CA VAL L 52 -53.13 6.08 -53.21
C VAL L 52 -52.36 7.12 -52.41
N ASP L 53 -51.38 7.76 -53.04
CA ASP L 53 -50.58 8.77 -52.33
C ASP L 53 -51.40 9.98 -51.95
N TYR L 54 -52.28 10.45 -52.85
CA TYR L 54 -53.14 11.57 -52.51
C TYR L 54 -54.12 11.19 -51.39
N LEU L 55 -54.68 9.98 -51.46
CA LEU L 55 -55.55 9.51 -50.40
C LEU L 55 -54.79 9.43 -49.08
N LYS L 56 -53.52 9.04 -49.12
CA LYS L 56 -52.67 9.13 -47.94
C LYS L 56 -52.43 10.57 -47.53
N LYS L 57 -51.98 11.40 -48.48
CA LYS L 57 -51.51 12.74 -48.17
C LYS L 57 -52.64 13.69 -47.78
N ASP L 58 -53.87 13.43 -48.21
CA ASP L 58 -54.98 14.32 -47.91
C ASP L 58 -55.22 14.41 -46.40
N ASN L 59 -55.61 13.30 -45.78
CA ASN L 59 -55.92 13.32 -44.35
C ASN L 59 -54.71 13.71 -43.51
N GLY L 60 -53.52 13.31 -43.93
CA GLY L 60 -52.32 13.70 -43.22
C GLY L 60 -51.34 12.58 -42.98
N MET L 61 -51.69 11.36 -43.39
CA MET L 61 -50.79 10.23 -43.17
C MET L 61 -49.44 10.42 -43.85
N THR L 62 -49.36 11.29 -44.85
CA THR L 62 -48.05 11.69 -45.37
C THR L 62 -47.36 12.65 -44.41
N LYS L 63 -48.14 13.52 -43.76
CA LYS L 63 -47.55 14.56 -42.90
C LYS L 63 -46.86 13.96 -41.69
N ILE L 64 -47.48 12.98 -41.03
CA ILE L 64 -46.89 12.42 -39.81
C ILE L 64 -45.67 11.57 -40.14
N PHE L 65 -45.73 10.78 -41.22
CA PHE L 65 -44.68 9.82 -41.53
C PHE L 65 -43.60 10.37 -42.45
N ARG L 66 -43.81 11.53 -43.06
CA ARG L 66 -42.82 12.10 -43.96
C ARG L 66 -42.44 13.55 -43.66
N ASN L 67 -43.16 14.24 -42.76
CA ASN L 67 -42.88 15.64 -42.48
C ASN L 67 -42.71 15.91 -41.00
N THR L 68 -42.51 14.88 -40.18
CA THR L 68 -42.46 15.04 -38.73
C THR L 68 -41.41 14.10 -38.16
N VAL L 69 -40.44 14.67 -37.44
CA VAL L 69 -39.41 13.87 -36.78
C VAL L 69 -39.97 13.32 -35.47
N ILE L 70 -39.49 12.15 -35.08
CA ILE L 70 -39.97 11.47 -33.88
C ILE L 70 -38.83 11.19 -32.90
N PRO L 71 -38.81 11.85 -31.73
CA PRO L 71 -37.70 11.63 -30.80
C PRO L 71 -37.75 10.27 -30.11
N GLU L 72 -38.94 9.71 -29.89
CA GLU L 72 -39.05 8.47 -29.16
C GLU L 72 -38.43 7.31 -29.94
N GLU L 73 -37.72 6.45 -29.23
CA GLU L 73 -37.18 5.24 -29.84
C GLU L 73 -38.32 4.34 -30.27
N PRO L 74 -38.11 3.49 -31.28
CA PRO L 74 -39.21 2.66 -31.79
C PRO L 74 -39.68 1.64 -30.77
N MET L 75 -40.91 1.19 -30.96
CA MET L 75 -41.55 0.23 -30.07
C MET L 75 -42.50 -0.62 -30.91
N PHE L 76 -42.12 -1.87 -31.15
CA PHE L 76 -42.87 -2.76 -32.01
C PHE L 76 -43.85 -3.63 -31.21
N ARG L 77 -43.37 -4.32 -30.21
CA ARG L 77 -44.23 -5.06 -29.31
C ARG L 77 -44.51 -4.26 -28.05
N PRO L 78 -45.63 -4.51 -27.37
CA PRO L 78 -45.97 -3.72 -26.17
C PRO L 78 -44.93 -3.88 -25.08
N GLU L 79 -44.48 -2.75 -24.55
CA GLU L 79 -43.48 -2.68 -23.48
C GLU L 79 -44.23 -2.58 -22.15
N PHE L 80 -44.69 -3.72 -21.68
CA PHE L 80 -45.57 -3.74 -20.52
C PHE L 80 -44.75 -3.71 -19.24
N PRO L 81 -44.96 -2.76 -18.35
CA PRO L 81 -44.15 -2.65 -17.13
C PRO L 81 -44.58 -3.66 -16.08
N SER L 82 -43.95 -3.57 -14.91
CA SER L 82 -44.34 -4.37 -13.76
C SER L 82 -45.58 -3.75 -13.12
N GLN L 83 -46.58 -4.57 -12.87
CA GLN L 83 -47.91 -4.09 -12.51
C GLN L 83 -48.19 -4.28 -11.02
N GLU L 84 -48.88 -3.30 -10.44
CA GLU L 84 -49.36 -3.44 -9.08
C GLU L 84 -50.32 -4.62 -9.01
N PRO L 85 -50.22 -5.46 -7.98
CA PRO L 85 -51.12 -6.62 -7.87
C PRO L 85 -52.56 -6.17 -7.73
N GLU L 86 -53.43 -6.82 -8.51
CA GLU L 86 -54.85 -6.47 -8.48
C GLU L 86 -55.44 -6.76 -7.10
N HIS L 87 -56.44 -5.97 -6.74
CA HIS L 87 -57.04 -6.04 -5.41
C HIS L 87 -58.24 -6.97 -5.42
N ASP L 88 -58.26 -7.91 -4.48
CA ASP L 88 -59.37 -8.84 -4.26
C ASP L 88 -59.61 -9.70 -5.50
N VAL L 89 -58.63 -10.57 -5.77
CA VAL L 89 -58.67 -11.50 -6.89
C VAL L 89 -58.29 -12.89 -6.38
N VAL L 90 -58.29 -13.86 -7.30
CA VAL L 90 -57.94 -15.23 -7.00
C VAL L 90 -56.83 -15.64 -7.98
N ILE L 91 -55.60 -15.73 -7.48
CA ILE L 91 -54.46 -16.09 -8.32
C ILE L 91 -54.66 -17.51 -8.86
N VAL L 92 -54.57 -17.66 -10.18
CA VAL L 92 -54.72 -18.94 -10.85
C VAL L 92 -53.41 -19.26 -11.57
N GLY L 93 -52.99 -20.51 -11.48
CA GLY L 93 -51.77 -20.92 -12.16
C GLY L 93 -51.92 -20.83 -13.67
N GLU L 94 -50.88 -20.31 -14.32
CA GLU L 94 -50.92 -20.15 -15.78
C GLU L 94 -50.81 -21.47 -16.51
N ASP L 95 -50.25 -22.50 -15.87
CA ASP L 95 -50.10 -23.81 -16.48
C ASP L 95 -51.14 -24.81 -16.00
N GLU L 96 -52.12 -24.36 -15.23
CA GLU L 96 -53.19 -25.25 -14.79
C GLU L 96 -54.05 -25.66 -15.98
N SER L 97 -54.56 -26.89 -15.91
CA SER L 97 -55.43 -27.38 -16.97
C SER L 97 -56.73 -26.57 -17.00
N PRO L 98 -57.31 -26.36 -18.19
CA PRO L 98 -58.55 -25.59 -18.27
C PRO L 98 -59.70 -26.21 -17.47
N ILE L 99 -59.65 -27.52 -17.21
CA ILE L 99 -60.66 -28.12 -16.34
C ILE L 99 -60.48 -27.67 -14.90
N ASP L 100 -59.22 -27.58 -14.45
CA ASP L 100 -58.96 -27.10 -13.10
C ASP L 100 -59.22 -25.60 -12.98
N ARG L 101 -59.03 -24.85 -14.08
CA ARG L 101 -59.32 -23.42 -14.05
C ARG L 101 -60.81 -23.15 -13.98
N LEU L 102 -61.63 -24.02 -14.58
CA LEU L 102 -63.07 -23.84 -14.51
C LEU L 102 -63.62 -24.16 -13.13
N GLU L 103 -63.03 -25.13 -12.43
CA GLU L 103 -63.45 -25.41 -11.06
C GLU L 103 -63.16 -24.24 -10.14
N THR L 104 -62.06 -23.52 -10.39
CA THR L 104 -61.76 -22.33 -9.60
C THR L 104 -62.69 -21.18 -9.98
N ALA L 105 -62.96 -21.02 -11.28
CA ALA L 105 -63.83 -19.95 -11.72
C ALA L 105 -65.27 -20.13 -11.23
N LEU L 106 -65.71 -21.38 -11.07
CA LEU L 106 -67.05 -21.63 -10.53
C LEU L 106 -67.16 -21.18 -9.08
N LYS L 107 -66.06 -21.24 -8.33
CA LYS L 107 -66.08 -20.73 -6.96
C LYS L 107 -66.19 -19.21 -6.93
N CYS L 108 -65.68 -18.53 -7.95
CA CYS L 108 -65.76 -17.08 -8.03
C CYS L 108 -67.14 -16.58 -8.43
N LEU L 109 -68.05 -17.48 -8.83
CA LEU L 109 -69.38 -17.09 -9.27
C LEU L 109 -70.37 -17.12 -8.11
N PRO L 110 -71.42 -16.30 -8.17
CA PRO L 110 -72.48 -16.41 -7.17
C PRO L 110 -73.19 -17.75 -7.29
N GLN L 111 -73.76 -18.21 -6.17
CA GLN L 111 -74.41 -19.51 -6.16
C GLN L 111 -75.57 -19.55 -7.14
N TYR L 112 -75.59 -20.56 -7.99
CA TYR L 112 -76.59 -20.64 -9.05
C TYR L 112 -77.98 -20.82 -8.47
N ASP L 113 -78.92 -20.01 -8.94
CA ASP L 113 -80.30 -20.08 -8.50
C ASP L 113 -81.11 -20.88 -9.52
N PRO L 114 -81.67 -22.04 -9.16
CA PRO L 114 -82.44 -22.82 -10.13
C PRO L 114 -83.69 -22.15 -10.62
N SER L 115 -84.12 -21.04 -10.00
CA SER L 115 -85.31 -20.33 -10.46
C SER L 115 -85.14 -19.71 -11.84
N ARG L 116 -83.92 -19.63 -12.35
CA ARG L 116 -83.68 -19.09 -13.68
C ARG L 116 -83.96 -20.14 -14.76
N SER L 117 -83.51 -21.38 -14.55
CA SER L 117 -83.72 -22.44 -15.52
C SER L 117 -85.15 -22.95 -15.46
N LEU L 118 -85.46 -23.78 -14.47
CA LEU L 118 -86.80 -24.32 -14.28
C LEU L 118 -87.56 -23.49 -13.25
N HIS L 119 -88.88 -23.59 -13.32
CA HIS L 119 -89.78 -22.81 -12.47
C HIS L 119 -89.57 -21.31 -12.63
N ALA L 120 -89.24 -20.89 -13.85
CA ALA L 120 -89.11 -19.46 -14.13
C ALA L 120 -90.48 -18.80 -14.12
N ASP L 121 -90.52 -17.57 -13.63
CA ASP L 121 -91.79 -16.86 -13.50
C ASP L 121 -92.37 -16.57 -14.88
N PRO L 122 -93.63 -16.90 -15.13
CA PRO L 122 -94.20 -16.68 -16.48
C PRO L 122 -94.28 -15.21 -16.88
N VAL L 123 -94.37 -14.30 -15.92
CA VAL L 123 -94.47 -12.88 -16.23
C VAL L 123 -93.21 -12.16 -15.77
N SER L 124 -92.12 -12.36 -16.49
CA SER L 124 -90.84 -11.71 -16.22
C SER L 124 -90.31 -11.09 -17.51
N SER L 125 -89.16 -10.42 -17.39
CA SER L 125 -88.55 -9.75 -18.53
C SER L 125 -87.75 -10.76 -19.35
N PHE L 126 -86.99 -10.25 -20.32
CA PHE L 126 -86.22 -11.10 -21.22
C PHE L 126 -84.83 -11.37 -20.65
N ARG L 127 -84.28 -12.53 -21.01
CA ARG L 127 -82.96 -12.93 -20.53
C ARG L 127 -82.35 -13.91 -21.52
N TYR L 128 -81.02 -13.97 -21.52
CA TYR L 128 -80.29 -14.93 -22.32
C TYR L 128 -80.01 -16.18 -21.50
N TRP L 129 -79.71 -17.28 -22.20
CA TRP L 129 -79.32 -18.51 -21.54
C TRP L 129 -77.83 -18.49 -21.24
N LYS L 130 -77.46 -18.82 -20.00
CA LYS L 130 -76.09 -18.79 -19.56
C LYS L 130 -75.47 -20.19 -19.63
N ILE L 131 -74.16 -20.24 -19.47
CA ILE L 131 -73.44 -21.52 -19.53
C ILE L 131 -73.85 -22.41 -18.35
N ARG L 132 -74.04 -21.81 -17.18
CA ARG L 132 -74.50 -22.59 -16.02
C ARG L 132 -75.93 -23.06 -16.18
N ASP L 133 -76.72 -22.44 -17.06
CA ASP L 133 -78.07 -22.90 -17.32
C ASP L 133 -78.05 -24.22 -18.10
N TYR L 134 -77.19 -24.32 -19.11
CA TYR L 134 -77.05 -25.57 -19.85
C TYR L 134 -76.45 -26.65 -18.95
N ALA L 135 -75.37 -26.32 -18.25
CA ALA L 135 -74.71 -27.30 -17.37
C ALA L 135 -75.62 -27.79 -16.26
N TYR L 136 -76.62 -26.99 -15.88
CA TYR L 136 -77.58 -27.45 -14.88
C TYR L 136 -78.59 -28.41 -15.48
N ALA L 137 -79.10 -28.10 -16.68
CA ALA L 137 -80.08 -28.97 -17.31
C ALA L 137 -79.44 -30.27 -17.80
N TYR L 138 -78.14 -30.25 -18.08
CA TYR L 138 -77.46 -31.47 -18.50
C TYR L 138 -77.29 -32.45 -17.33
N ARG L 139 -76.90 -31.93 -16.16
CA ARG L 139 -76.73 -32.80 -15.00
C ARG L 139 -78.05 -33.15 -14.34
N SER L 140 -79.06 -32.30 -14.47
CA SER L 140 -80.39 -32.59 -13.94
C SER L 140 -81.19 -33.51 -14.86
N LYS L 141 -80.60 -33.95 -15.98
CA LYS L 141 -81.24 -34.82 -16.95
C LYS L 141 -82.50 -34.21 -17.55
N LEU L 142 -82.65 -32.88 -17.47
CA LEU L 142 -83.76 -32.22 -18.14
C LEU L 142 -83.59 -32.29 -19.65
N THR L 143 -82.35 -32.21 -20.13
CA THR L 143 -82.04 -32.33 -21.54
C THR L 143 -80.70 -33.03 -21.67
N THR L 144 -80.20 -33.11 -22.90
CA THR L 144 -78.92 -33.74 -23.20
C THR L 144 -78.24 -32.97 -24.32
N PRO L 145 -76.91 -32.93 -24.34
CA PRO L 145 -76.21 -32.25 -25.45
C PRO L 145 -76.59 -32.77 -26.82
N LEU L 146 -77.09 -34.00 -26.92
CA LEU L 146 -77.57 -34.50 -28.21
C LEU L 146 -78.91 -33.87 -28.58
N GLN L 147 -79.76 -33.59 -27.60
CA GLN L 147 -81.04 -32.94 -27.87
C GLN L 147 -80.85 -31.47 -28.26
N VAL L 148 -79.87 -30.80 -27.66
CA VAL L 148 -79.61 -29.41 -28.00
C VAL L 148 -79.00 -29.31 -29.39
N ALA L 149 -78.17 -30.27 -29.77
CA ALA L 149 -77.52 -30.23 -31.08
C ALA L 149 -78.54 -30.42 -32.21
N LYS L 150 -79.48 -31.33 -32.05
CA LYS L 150 -80.50 -31.55 -33.08
C LYS L 150 -81.38 -30.32 -33.28
N ARG L 151 -81.58 -29.53 -32.21
CA ARG L 151 -82.36 -28.32 -32.34
C ARG L 151 -81.58 -27.21 -33.02
N ILE L 152 -80.27 -27.14 -32.78
CA ILE L 152 -79.44 -26.12 -33.43
C ILE L 152 -79.24 -26.47 -34.90
N ILE L 153 -78.98 -27.75 -35.20
CA ILE L 153 -78.77 -28.16 -36.58
C ILE L 153 -80.03 -27.94 -37.40
N SER L 154 -81.20 -28.12 -36.79
CA SER L 154 -82.45 -27.92 -37.51
C SER L 154 -82.64 -26.45 -37.87
N ILE L 155 -82.25 -25.54 -36.98
CA ILE L 155 -82.41 -24.12 -37.24
C ILE L 155 -81.49 -23.67 -38.37
N ILE L 156 -80.24 -24.15 -38.37
CA ILE L 156 -79.28 -23.74 -39.40
C ILE L 156 -79.74 -24.23 -40.77
N GLU L 157 -80.24 -25.46 -40.85
CA GLU L 157 -80.65 -26.00 -42.13
C GLU L 157 -81.99 -25.43 -42.60
N GLU L 158 -82.89 -25.08 -41.68
CA GLU L 158 -84.18 -24.55 -42.07
C GLU L 158 -84.07 -23.12 -42.56
N PHE L 159 -83.34 -22.27 -41.83
CA PHE L 159 -83.18 -20.87 -42.19
C PHE L 159 -81.98 -20.62 -43.10
N GLY L 160 -81.19 -21.65 -43.39
CA GLY L 160 -80.04 -21.50 -44.26
C GLY L 160 -78.96 -20.60 -43.66
N TYR L 161 -78.41 -21.00 -42.51
CA TYR L 161 -77.38 -20.23 -41.84
C TYR L 161 -75.97 -20.76 -42.12
N ASP L 162 -75.86 -21.86 -42.85
CA ASP L 162 -74.58 -22.31 -43.40
C ASP L 162 -74.47 -22.04 -44.89
N LYS L 163 -75.53 -21.53 -45.51
CA LYS L 163 -75.65 -21.21 -46.92
C LYS L 163 -75.81 -19.71 -47.11
N PRO L 164 -75.41 -19.17 -48.26
CA PRO L 164 -75.67 -17.76 -48.58
C PRO L 164 -77.17 -17.51 -48.66
N PRO L 165 -77.61 -16.24 -48.65
CA PRO L 165 -76.83 -14.99 -48.61
C PRO L 165 -76.59 -14.44 -47.21
N THR L 166 -77.25 -15.00 -46.21
CA THR L 166 -77.13 -14.55 -44.82
C THR L 166 -76.75 -15.73 -43.93
N PRO L 167 -75.51 -16.20 -44.00
CA PRO L 167 -75.10 -17.33 -43.18
C PRO L 167 -74.44 -16.91 -41.87
N PHE L 168 -74.74 -17.66 -40.81
CA PHE L 168 -74.02 -17.49 -39.55
C PHE L 168 -72.70 -18.22 -39.57
N LEU L 169 -72.62 -19.33 -40.31
CA LEU L 169 -71.41 -20.13 -40.42
C LEU L 169 -71.05 -20.30 -41.88
N ILE L 170 -69.75 -20.49 -42.15
CA ILE L 170 -69.25 -20.75 -43.49
C ILE L 170 -68.58 -22.13 -43.58
N ARG L 171 -68.68 -22.93 -42.53
CA ARG L 171 -68.15 -24.30 -42.56
C ARG L 171 -68.86 -25.07 -41.44
N PHE L 172 -69.91 -25.80 -41.82
CA PHE L 172 -70.76 -26.51 -40.87
C PHE L 172 -70.83 -27.97 -41.24
N ASP L 173 -70.38 -28.84 -40.33
CA ASP L 173 -70.44 -30.28 -40.52
C ASP L 173 -71.43 -30.84 -39.50
N ALA L 174 -72.68 -31.03 -39.94
CA ALA L 174 -73.72 -31.53 -39.03
C ALA L 174 -73.42 -32.93 -38.53
N ASN L 175 -72.71 -33.74 -39.33
CA ASN L 175 -72.34 -35.07 -38.89
C ASN L 175 -71.24 -35.03 -37.83
N GLU L 176 -70.50 -33.93 -37.74
CA GLU L 176 -69.46 -33.81 -36.73
C GLU L 176 -70.03 -33.28 -35.42
N VAL L 177 -70.98 -32.36 -35.48
CA VAL L 177 -71.57 -31.81 -34.27
C VAL L 177 -72.31 -32.89 -33.48
N ILE L 178 -72.94 -33.83 -34.19
CA ILE L 178 -73.61 -34.94 -33.52
C ILE L 178 -72.59 -35.88 -32.89
N LYS L 179 -71.43 -36.06 -33.54
CA LYS L 179 -70.41 -36.96 -33.01
C LYS L 179 -69.85 -36.44 -31.69
N GLN L 180 -69.83 -35.13 -31.49
CA GLN L 180 -69.37 -34.55 -30.23
C GLN L 180 -70.48 -34.46 -29.18
N ALA L 181 -71.74 -34.41 -29.60
CA ALA L 181 -72.84 -34.31 -28.65
C ALA L 181 -73.15 -35.66 -28.01
N GLU L 182 -73.02 -36.76 -28.77
CA GLU L 182 -73.28 -38.07 -28.22
C GLU L 182 -72.20 -38.49 -27.24
N ALA L 183 -70.94 -38.09 -27.48
CA ALA L 183 -69.87 -38.40 -26.54
C ALA L 183 -70.03 -37.63 -25.24
N SER L 184 -70.50 -36.38 -25.32
CA SER L 184 -70.78 -35.62 -24.11
C SER L 184 -72.00 -36.17 -23.39
N THR L 185 -73.01 -36.63 -24.15
CA THR L 185 -74.17 -37.26 -23.55
C THR L 185 -73.79 -38.53 -22.79
N ARG L 186 -72.91 -39.34 -23.39
CA ARG L 186 -72.47 -40.57 -22.73
C ARG L 186 -71.76 -40.27 -21.42
N ARG L 187 -70.99 -39.17 -21.37
CA ARG L 187 -70.33 -38.79 -20.12
C ARG L 187 -71.34 -38.33 -19.08
N PHE L 188 -72.44 -37.69 -19.50
CA PHE L 188 -73.45 -37.27 -18.54
C PHE L 188 -74.27 -38.45 -18.04
N GLU L 189 -74.41 -39.50 -18.86
CA GLU L 189 -75.12 -40.69 -18.41
C GLU L 189 -74.26 -41.56 -17.51
N GLN L 190 -72.96 -41.61 -17.75
CA GLN L 190 -72.06 -42.35 -16.87
C GLN L 190 -71.88 -41.67 -15.52
N GLY L 191 -72.20 -40.38 -15.42
CA GLY L 191 -72.08 -39.66 -14.17
C GLY L 191 -70.76 -38.97 -13.95
N ASN L 192 -69.95 -38.79 -15.00
CA ASN L 192 -68.64 -38.16 -14.90
C ASN L 192 -68.48 -37.11 -15.99
N PRO L 193 -69.10 -35.93 -15.82
CA PRO L 193 -68.87 -34.84 -16.77
C PRO L 193 -67.47 -34.27 -16.60
N ILE L 194 -66.93 -33.75 -17.70
CA ILE L 194 -65.57 -33.21 -17.68
C ILE L 194 -65.52 -31.96 -16.81
N SER L 195 -66.29 -30.94 -17.18
CA SER L 195 -66.30 -29.69 -16.43
C SER L 195 -67.65 -29.00 -16.68
N VAL L 196 -67.73 -27.72 -16.35
CA VAL L 196 -68.96 -26.96 -16.58
C VAL L 196 -69.16 -26.73 -18.08
N LEU L 197 -68.08 -26.57 -18.83
CA LEU L 197 -68.16 -26.36 -20.27
C LEU L 197 -68.44 -27.64 -21.05
N ASP L 198 -68.65 -28.77 -20.37
CA ASP L 198 -68.94 -30.02 -21.04
C ASP L 198 -70.35 -29.97 -21.62
N GLY L 199 -70.44 -30.01 -22.95
CA GLY L 199 -71.72 -29.93 -23.64
C GLY L 199 -72.12 -28.55 -24.08
N ILE L 200 -71.28 -27.54 -23.87
CA ILE L 200 -71.59 -26.16 -24.25
C ILE L 200 -71.18 -25.96 -25.70
N PHE L 201 -72.01 -25.25 -26.45
CA PHE L 201 -71.76 -25.00 -27.87
C PHE L 201 -71.00 -23.69 -28.04
N VAL L 202 -69.85 -23.76 -28.72
CA VAL L 202 -68.99 -22.61 -28.95
C VAL L 202 -68.67 -22.54 -30.43
N THR L 203 -68.87 -21.37 -31.03
CA THR L 203 -68.62 -21.15 -32.45
C THR L 203 -67.26 -20.47 -32.63
N ILE L 204 -66.45 -21.01 -33.53
CA ILE L 204 -65.09 -20.54 -33.75
C ILE L 204 -65.05 -19.66 -34.99
N LYS L 205 -64.33 -18.54 -34.90
CA LYS L 205 -64.15 -17.66 -36.04
C LYS L 205 -63.28 -18.34 -37.09
N ASP L 206 -63.49 -17.96 -38.36
CA ASP L 206 -62.86 -18.66 -39.47
C ASP L 206 -61.36 -18.42 -39.57
N ASP L 207 -60.81 -17.48 -38.80
CA ASP L 207 -59.38 -17.22 -38.82
C ASP L 207 -58.62 -18.01 -37.75
N ILE L 208 -59.30 -18.93 -37.05
CA ILE L 208 -58.69 -19.77 -36.03
C ILE L 208 -58.84 -21.22 -36.46
N ASP L 209 -57.76 -21.99 -36.33
CA ASP L 209 -57.78 -23.38 -36.76
C ASP L 209 -58.68 -24.21 -35.84
N CYS L 210 -59.61 -24.93 -36.45
CA CYS L 210 -60.56 -25.77 -35.72
C CYS L 210 -60.78 -27.05 -36.51
N LEU L 211 -60.30 -28.17 -35.99
CA LEU L 211 -60.46 -29.44 -36.68
C LEU L 211 -61.93 -29.86 -36.68
N PRO L 212 -62.38 -30.55 -37.75
CA PRO L 212 -61.59 -30.87 -38.94
C PRO L 212 -61.77 -29.85 -40.06
N HIS L 213 -62.41 -28.73 -39.75
CA HIS L 213 -62.69 -27.73 -40.76
C HIS L 213 -61.42 -26.99 -41.16
N PRO L 214 -61.23 -26.72 -42.45
CA PRO L 214 -60.06 -25.93 -42.86
C PRO L 214 -60.20 -24.47 -42.49
N THR L 215 -59.08 -23.77 -42.50
CA THR L 215 -59.01 -22.36 -42.13
C THR L 215 -58.85 -21.53 -43.40
N ASN L 216 -59.92 -20.81 -43.78
CA ASN L 216 -59.89 -19.95 -44.94
C ASN L 216 -59.92 -18.46 -44.60
N GLY L 217 -60.34 -18.11 -43.38
CA GLY L 217 -60.35 -16.71 -42.98
C GLY L 217 -61.36 -15.84 -43.70
N GLY L 218 -62.37 -16.44 -44.34
CA GLY L 218 -63.34 -15.70 -45.11
C GLY L 218 -63.10 -15.71 -46.60
N THR L 219 -61.95 -16.21 -47.06
CA THR L 219 -61.65 -16.32 -48.47
C THR L 219 -62.17 -17.65 -49.00
N THR L 220 -61.89 -17.92 -50.28
CA THR L 220 -62.31 -19.15 -50.93
C THR L 220 -61.13 -20.00 -51.39
N TRP L 221 -59.90 -19.62 -51.07
CA TRP L 221 -58.73 -20.30 -51.60
C TRP L 221 -57.63 -20.53 -50.57
N LEU L 222 -57.78 -20.04 -49.34
CA LEU L 222 -56.71 -20.16 -48.37
C LEU L 222 -56.46 -21.62 -47.97
N HIS L 223 -57.50 -22.46 -48.07
CA HIS L 223 -57.31 -23.88 -47.79
C HIS L 223 -56.41 -24.55 -48.82
N GLU L 224 -56.35 -24.00 -50.04
CA GLU L 224 -55.51 -24.57 -51.08
C GLU L 224 -54.04 -24.40 -50.77
N ASP L 225 -53.67 -23.37 -50.02
CA ASP L 225 -52.29 -23.09 -49.68
C ASP L 225 -51.97 -23.28 -48.20
N ARG L 226 -52.97 -23.26 -47.33
CA ARG L 226 -52.77 -23.43 -45.90
C ARG L 226 -53.50 -24.69 -45.44
N SER L 227 -52.74 -25.70 -45.03
CA SER L 227 -53.30 -26.95 -44.55
C SER L 227 -53.42 -26.92 -43.03
N VAL L 228 -54.56 -27.37 -42.53
CA VAL L 228 -54.84 -27.41 -41.10
C VAL L 228 -54.71 -28.87 -40.66
N GLU L 229 -53.58 -29.21 -40.06
CA GLU L 229 -53.31 -30.59 -39.66
C GLU L 229 -53.65 -30.86 -38.19
N LYS L 230 -53.74 -29.82 -37.36
CA LYS L 230 -54.05 -30.01 -35.95
C LYS L 230 -54.84 -28.81 -35.45
N ASP L 231 -55.31 -28.92 -34.21
CA ASP L 231 -56.11 -27.86 -33.60
C ASP L 231 -55.23 -26.65 -33.26
N SER L 232 -55.88 -25.60 -32.79
CA SER L 232 -55.21 -24.40 -32.33
C SER L 232 -55.06 -24.45 -30.82
N ALA L 233 -54.64 -23.34 -30.22
CA ALA L 233 -54.44 -23.30 -28.77
C ALA L 233 -55.75 -23.04 -28.03
N VAL L 234 -56.59 -22.14 -28.55
CA VAL L 234 -57.83 -21.81 -27.86
C VAL L 234 -58.89 -22.88 -28.07
N VAL L 235 -58.81 -23.63 -29.18
CA VAL L 235 -59.80 -24.66 -29.45
C VAL L 235 -59.48 -25.93 -28.66
N SER L 236 -58.19 -26.30 -28.60
CA SER L 236 -57.80 -27.49 -27.84
C SER L 236 -58.08 -27.32 -26.35
N LYS L 237 -58.04 -26.09 -25.85
CA LYS L 237 -58.35 -25.86 -24.44
C LYS L 237 -59.84 -26.00 -24.18
N LEU L 238 -60.67 -25.60 -25.14
CA LEU L 238 -62.12 -25.75 -24.97
C LEU L 238 -62.55 -27.20 -25.14
N ARG L 239 -61.92 -27.92 -26.07
CA ARG L 239 -62.26 -29.32 -26.28
C ARG L 239 -61.86 -30.18 -25.08
N SER L 240 -60.81 -29.79 -24.36
CA SER L 240 -60.41 -30.53 -23.17
C SER L 240 -61.43 -30.37 -22.04
N CYS L 241 -62.25 -29.32 -22.08
CA CYS L 241 -63.30 -29.11 -21.09
C CYS L 241 -64.59 -29.84 -21.44
N GLY L 242 -64.71 -30.35 -22.66
CA GLY L 242 -65.93 -30.99 -23.11
C GLY L 242 -66.83 -30.14 -23.96
N ALA L 243 -66.34 -29.02 -24.48
CA ALA L 243 -67.16 -28.13 -25.29
C ALA L 243 -67.44 -28.74 -26.66
N ILE L 244 -68.53 -28.29 -27.27
CA ILE L 244 -68.97 -28.77 -28.58
C ILE L 244 -68.69 -27.66 -29.59
N LEU L 245 -67.66 -27.86 -30.42
CA LEU L 245 -67.31 -26.87 -31.43
C LEU L 245 -68.34 -26.91 -32.55
N LEU L 246 -69.08 -25.82 -32.73
CA LEU L 246 -70.16 -25.77 -33.70
C LEU L 246 -69.63 -25.74 -35.13
N GLY L 247 -68.98 -24.64 -35.50
CA GLY L 247 -68.44 -24.51 -36.84
C GLY L 247 -67.71 -23.20 -37.00
N LYS L 248 -67.18 -23.00 -38.21
CA LYS L 248 -66.42 -21.79 -38.53
C LYS L 248 -67.40 -20.66 -38.85
N ALA L 249 -67.32 -19.59 -38.06
CA ALA L 249 -68.24 -18.47 -38.22
C ALA L 249 -67.87 -17.60 -39.41
N ASN L 250 -68.85 -16.85 -39.88
CA ASN L 250 -68.61 -15.85 -40.91
C ASN L 250 -67.79 -14.69 -40.34
N MET L 251 -67.13 -13.96 -41.24
CA MET L 251 -66.27 -12.86 -40.81
C MET L 251 -65.94 -12.00 -42.01
N HIS L 252 -65.57 -10.75 -41.74
CA HIS L 252 -65.01 -9.90 -42.77
C HIS L 252 -63.65 -10.44 -43.18
N GLU L 253 -63.33 -10.30 -44.47
CA GLU L 253 -62.16 -10.96 -45.05
C GLU L 253 -60.87 -10.63 -44.31
N LEU L 254 -60.35 -11.59 -43.54
CA LEU L 254 -59.03 -11.49 -42.91
C LEU L 254 -58.90 -10.27 -42.02
N GLY L 255 -60.00 -9.86 -41.38
CA GLY L 255 -59.95 -8.71 -40.48
C GLY L 255 -59.63 -7.41 -41.17
N MET L 256 -60.12 -7.22 -42.39
CA MET L 256 -59.91 -5.99 -43.15
C MET L 256 -61.27 -5.34 -43.39
N GLY L 257 -61.82 -4.74 -42.34
CA GLY L 257 -63.13 -4.13 -42.40
C GLY L 257 -63.87 -4.27 -41.08
N THR L 258 -64.56 -3.21 -40.66
CA THR L 258 -65.29 -3.22 -39.41
C THR L 258 -66.80 -3.18 -39.60
N THR L 259 -67.28 -3.39 -40.82
CA THR L 259 -68.71 -3.51 -41.09
C THR L 259 -69.19 -4.95 -41.17
N GLY L 260 -68.34 -5.87 -41.61
CA GLY L 260 -68.76 -7.22 -41.89
C GLY L 260 -69.57 -7.34 -43.17
N ASN L 261 -68.90 -7.21 -44.31
CA ASN L 261 -69.54 -7.07 -45.61
C ASN L 261 -68.93 -8.06 -46.60
N ASN L 262 -68.79 -9.32 -46.18
CA ASN L 262 -68.19 -10.34 -47.02
C ASN L 262 -68.98 -10.51 -48.31
N SER L 263 -68.39 -10.06 -49.42
CA SER L 263 -69.09 -10.09 -50.71
C SER L 263 -69.32 -11.52 -51.17
N ASN L 264 -68.42 -12.44 -50.83
CA ASN L 264 -68.55 -13.83 -51.27
C ASN L 264 -69.59 -14.58 -50.44
N TYR L 265 -69.30 -14.78 -49.15
CA TYR L 265 -70.12 -15.64 -48.32
C TYR L 265 -71.39 -14.97 -47.83
N GLY L 266 -71.44 -13.65 -47.84
CA GLY L 266 -72.67 -12.96 -47.51
C GLY L 266 -72.52 -12.11 -46.25
N THR L 267 -73.18 -10.96 -46.26
CA THR L 267 -73.15 -10.03 -45.13
C THR L 267 -74.08 -10.56 -44.04
N THR L 268 -73.50 -10.95 -42.90
CA THR L 268 -74.29 -11.51 -41.80
C THR L 268 -75.21 -10.44 -41.23
N ARG L 269 -76.48 -10.78 -41.08
CA ARG L 269 -77.52 -9.81 -40.75
C ARG L 269 -77.70 -9.67 -39.24
N ASN L 270 -78.01 -8.45 -38.82
CA ASN L 270 -78.15 -8.13 -37.40
C ASN L 270 -79.35 -8.85 -36.79
N PRO L 271 -79.37 -9.01 -35.46
CA PRO L 271 -80.55 -9.60 -34.82
C PRO L 271 -81.59 -8.58 -34.37
N HIS L 272 -81.17 -7.37 -33.99
CA HIS L 272 -82.13 -6.39 -33.51
C HIS L 272 -82.82 -5.66 -34.66
N ASP L 273 -82.04 -5.23 -35.66
CA ASP L 273 -82.58 -4.62 -36.87
C ASP L 273 -81.82 -5.19 -38.05
N PRO L 274 -82.41 -6.12 -38.80
CA PRO L 274 -81.68 -6.76 -39.91
C PRO L 274 -80.99 -5.78 -40.84
N LYS L 275 -81.70 -4.75 -41.30
CA LYS L 275 -81.17 -3.68 -42.15
C LYS L 275 -79.74 -3.27 -41.83
N ARG L 276 -79.34 -3.42 -40.57
CA ARG L 276 -78.14 -2.78 -40.06
C ARG L 276 -77.04 -3.81 -39.84
N TYR L 277 -75.80 -3.33 -39.84
CA TYR L 277 -74.63 -4.20 -39.84
C TYR L 277 -74.47 -4.90 -38.49
N THR L 278 -73.77 -6.05 -38.54
CA THR L 278 -73.43 -6.77 -37.32
C THR L 278 -72.19 -6.16 -36.66
N GLY L 279 -71.19 -5.79 -37.45
CA GLY L 279 -69.94 -5.28 -36.93
C GLY L 279 -68.78 -6.20 -37.30
N GLY L 280 -67.62 -5.61 -37.56
CA GLY L 280 -66.47 -6.39 -37.98
C GLY L 280 -65.37 -6.48 -36.94
N SER L 281 -64.46 -7.44 -37.11
CA SER L 281 -64.52 -8.36 -38.25
C SER L 281 -65.10 -9.70 -37.84
N SER L 282 -65.39 -9.86 -36.55
CA SER L 282 -66.04 -11.07 -36.04
C SER L 282 -67.56 -10.95 -36.17
N SER L 283 -68.00 -10.87 -37.42
CA SER L 283 -69.41 -10.66 -37.71
C SER L 283 -70.23 -11.92 -37.40
N GLY L 284 -69.87 -13.04 -38.03
CA GLY L 284 -70.62 -14.26 -37.81
C GLY L 284 -70.49 -14.82 -36.40
N SER L 285 -69.37 -14.54 -35.74
CA SER L 285 -69.18 -15.03 -34.38
C SER L 285 -70.08 -14.29 -33.39
N ALA L 286 -70.25 -12.98 -33.57
CA ALA L 286 -71.04 -12.19 -32.64
C ALA L 286 -72.53 -12.29 -32.92
N ALA L 287 -72.92 -12.55 -34.17
CA ALA L 287 -74.34 -12.60 -34.49
C ALA L 287 -74.96 -13.93 -34.08
N ILE L 288 -74.21 -15.03 -34.18
CA ILE L 288 -74.74 -16.32 -33.76
C ILE L 288 -74.90 -16.37 -32.24
N VAL L 289 -74.16 -15.56 -31.50
CA VAL L 289 -74.35 -15.48 -30.06
C VAL L 289 -75.55 -14.61 -29.72
N ALA L 290 -75.68 -13.46 -30.38
CA ALA L 290 -76.83 -12.59 -30.14
C ALA L 290 -78.13 -13.24 -30.58
N ALA L 291 -78.08 -14.18 -31.53
CA ALA L 291 -79.27 -14.89 -31.96
C ALA L 291 -79.69 -16.00 -31.01
N GLY L 292 -78.86 -16.32 -30.02
CA GLY L 292 -79.19 -17.35 -29.07
C GLY L 292 -78.99 -18.78 -29.53
N LEU L 293 -78.28 -18.98 -30.65
CA LEU L 293 -78.04 -20.34 -31.14
C LEU L 293 -77.01 -21.06 -30.27
N CYS L 294 -75.90 -20.38 -29.98
CA CYS L 294 -74.84 -20.95 -29.16
C CYS L 294 -74.59 -20.04 -27.96
N SER L 295 -73.89 -20.58 -26.97
CA SER L 295 -73.64 -19.84 -25.73
C SER L 295 -72.63 -18.73 -25.95
N ALA L 296 -71.46 -19.07 -26.46
CA ALA L 296 -70.39 -18.10 -26.67
C ALA L 296 -69.69 -18.39 -27.99
N ALA L 297 -68.72 -17.54 -28.33
CA ALA L 297 -67.98 -17.68 -29.57
C ALA L 297 -66.62 -17.00 -29.42
N LEU L 298 -65.63 -17.53 -30.12
CA LEU L 298 -64.29 -16.98 -30.13
C LEU L 298 -64.04 -16.18 -31.40
N GLY L 299 -63.04 -15.31 -31.34
CA GLY L 299 -62.67 -14.49 -32.48
C GLY L 299 -61.49 -13.58 -32.18
N THR L 300 -60.72 -13.25 -33.22
CA THR L 300 -59.57 -12.39 -33.03
C THR L 300 -60.00 -10.93 -32.89
N ASP L 301 -59.06 -10.09 -32.50
CA ASP L 301 -59.31 -8.65 -32.31
C ASP L 301 -58.00 -7.92 -32.57
N GLY L 302 -57.81 -7.51 -33.82
CA GLY L 302 -56.63 -6.75 -34.20
C GLY L 302 -56.91 -5.26 -34.27
N GLY L 303 -58.18 -4.90 -34.42
CA GLY L 303 -58.59 -3.51 -34.48
C GLY L 303 -60.00 -3.30 -33.99
N GLY L 304 -60.36 -3.98 -32.91
CA GLY L 304 -61.72 -3.96 -32.42
C GLY L 304 -62.63 -4.99 -33.05
N ALA L 305 -62.08 -6.09 -33.54
CA ALA L 305 -62.88 -7.09 -34.23
C ALA L 305 -63.84 -7.82 -33.30
N VAL L 306 -63.59 -7.80 -31.99
CA VAL L 306 -64.47 -8.45 -31.03
C VAL L 306 -65.40 -7.46 -30.36
N ARG L 307 -64.89 -6.27 -30.01
CA ARG L 307 -65.69 -5.31 -29.26
C ARG L 307 -66.74 -4.63 -30.13
N ILE L 308 -66.38 -4.30 -31.38
CA ILE L 308 -67.29 -3.57 -32.25
C ILE L 308 -68.57 -4.36 -32.55
N PRO L 309 -68.52 -5.62 -33.02
CA PRO L 309 -69.77 -6.34 -33.28
C PRO L 309 -70.52 -6.71 -32.01
N SER L 310 -69.84 -6.82 -30.86
CA SER L 310 -70.52 -7.10 -29.60
C SER L 310 -71.36 -5.92 -29.12
N ALA L 311 -71.01 -4.70 -29.51
CA ALA L 311 -71.80 -3.52 -29.18
C ALA L 311 -72.96 -3.30 -30.15
N LEU L 312 -72.74 -3.56 -31.43
CA LEU L 312 -73.79 -3.39 -32.42
C LEU L 312 -74.86 -4.48 -32.31
N CYS L 313 -74.47 -5.66 -31.83
CA CYS L 313 -75.41 -6.76 -31.67
C CYS L 313 -75.94 -6.88 -30.24
N GLY L 314 -75.25 -6.30 -29.26
CA GLY L 314 -75.75 -6.29 -27.89
C GLY L 314 -75.33 -7.48 -27.06
N ILE L 315 -74.09 -7.94 -27.24
CA ILE L 315 -73.56 -9.03 -26.42
C ILE L 315 -72.29 -8.53 -25.72
N THR L 316 -71.62 -9.44 -25.02
CA THR L 316 -70.42 -9.11 -24.26
C THR L 316 -69.21 -9.69 -25.00
N GLY L 317 -68.28 -8.83 -25.40
CA GLY L 317 -67.07 -9.26 -26.04
C GLY L 317 -65.83 -8.84 -25.27
N LEU L 318 -64.98 -9.80 -24.93
CA LEU L 318 -63.78 -9.55 -24.14
C LEU L 318 -62.56 -9.50 -25.05
N LYS L 319 -61.84 -8.38 -25.01
CA LYS L 319 -60.56 -8.24 -25.71
C LYS L 319 -59.46 -8.41 -24.67
N THR L 320 -58.75 -9.54 -24.75
CA THR L 320 -57.76 -9.87 -23.75
C THR L 320 -56.47 -9.09 -23.99
N THR L 321 -55.60 -9.10 -22.99
CA THR L 321 -54.30 -8.44 -23.08
C THR L 321 -53.44 -9.12 -24.15
N TYR L 322 -52.58 -8.33 -24.79
CA TYR L 322 -51.66 -8.85 -25.79
C TYR L 322 -50.78 -9.94 -25.17
N GLY L 323 -50.84 -11.14 -25.75
CA GLY L 323 -50.08 -12.27 -25.27
C GLY L 323 -50.71 -13.03 -24.13
N ARG L 324 -51.80 -12.52 -23.52
CA ARG L 324 -52.45 -13.24 -22.44
C ARG L 324 -53.04 -14.56 -22.93
N THR L 325 -53.87 -14.50 -23.97
CA THR L 325 -54.44 -15.69 -24.57
C THR L 325 -53.55 -16.16 -25.72
N ASP L 326 -53.24 -17.46 -25.73
CA ASP L 326 -52.37 -18.00 -26.75
C ASP L 326 -53.03 -17.92 -28.13
N MET L 327 -52.23 -17.50 -29.11
CA MET L 327 -52.71 -17.37 -30.50
C MET L 327 -52.13 -18.44 -31.41
N THR L 328 -51.48 -19.46 -30.85
CA THR L 328 -50.83 -20.48 -31.68
C THR L 328 -51.87 -21.26 -32.47
N GLY L 329 -51.80 -21.13 -33.81
CA GLY L 329 -52.70 -21.85 -34.68
C GLY L 329 -53.80 -20.96 -35.26
N SER L 330 -53.45 -19.75 -35.66
CA SER L 330 -54.41 -18.82 -36.24
C SER L 330 -53.73 -18.10 -37.42
N LEU L 331 -54.41 -17.09 -37.94
CA LEU L 331 -53.91 -16.33 -39.08
C LEU L 331 -53.15 -15.08 -38.69
N CYS L 332 -53.04 -14.79 -37.39
CA CYS L 332 -52.35 -13.61 -36.90
C CYS L 332 -51.34 -13.98 -35.83
N GLU L 333 -50.63 -15.08 -36.02
CA GLU L 333 -49.57 -15.48 -35.10
C GLU L 333 -48.38 -14.54 -35.26
N GLY L 334 -47.81 -14.11 -34.13
CA GLY L 334 -46.70 -13.18 -34.16
C GLY L 334 -47.07 -11.74 -34.39
N GLY L 335 -48.35 -11.44 -34.61
CA GLY L 335 -48.77 -10.06 -34.77
C GLY L 335 -48.52 -9.23 -33.53
N THR L 336 -48.66 -7.92 -33.69
CA THR L 336 -48.35 -6.98 -32.62
C THR L 336 -49.58 -6.22 -32.13
N VAL L 337 -50.79 -6.59 -32.57
CA VAL L 337 -51.99 -5.84 -32.20
C VAL L 337 -53.16 -6.79 -32.00
N GLU L 338 -52.98 -8.06 -32.35
CA GLU L 338 -54.08 -9.02 -32.38
C GLU L 338 -54.05 -9.94 -31.16
N ILE L 339 -55.24 -10.35 -30.73
CA ILE L 339 -55.41 -11.33 -29.66
C ILE L 339 -56.52 -12.28 -30.04
N ILE L 340 -57.01 -13.07 -29.08
CA ILE L 340 -58.15 -13.94 -29.27
C ILE L 340 -59.02 -13.84 -28.01
N GLY L 341 -60.22 -13.30 -28.16
CA GLY L 341 -61.11 -13.13 -27.03
C GLY L 341 -62.50 -13.70 -27.29
N PRO L 342 -63.21 -14.03 -26.22
CA PRO L 342 -64.54 -14.64 -26.36
C PRO L 342 -65.65 -13.61 -26.52
N LEU L 343 -66.69 -14.03 -27.24
CA LEU L 343 -67.90 -13.24 -27.44
C LEU L 343 -69.07 -14.06 -26.92
N ALA L 344 -69.68 -13.58 -25.83
CA ALA L 344 -70.77 -14.30 -25.17
C ALA L 344 -71.93 -13.35 -24.90
N SER L 345 -73.05 -13.93 -24.49
CA SER L 345 -74.27 -13.15 -24.26
C SER L 345 -74.24 -12.45 -22.90
N SER L 346 -73.72 -13.11 -21.87
CA SER L 346 -73.65 -12.56 -20.53
C SER L 346 -72.21 -12.55 -20.05
N LEU L 347 -71.96 -11.72 -19.03
CA LEU L 347 -70.61 -11.65 -18.45
C LEU L 347 -70.22 -12.98 -17.83
N GLU L 348 -71.18 -13.68 -17.22
CA GLU L 348 -70.88 -14.98 -16.63
C GLU L 348 -70.43 -15.98 -17.68
N ASP L 349 -70.97 -15.88 -18.91
CA ASP L 349 -70.58 -16.81 -19.96
C ASP L 349 -69.19 -16.47 -20.50
N ALA L 350 -68.93 -15.19 -20.76
CA ALA L 350 -67.63 -14.79 -21.28
C ALA L 350 -66.52 -15.04 -20.27
N PHE L 351 -66.83 -14.91 -18.97
CA PHE L 351 -65.84 -15.17 -17.95
C PHE L 351 -65.49 -16.65 -17.87
N LEU L 352 -66.45 -17.53 -18.16
CA LEU L 352 -66.18 -18.97 -18.14
C LEU L 352 -65.39 -19.42 -19.36
N VAL L 353 -65.58 -18.76 -20.50
CA VAL L 353 -64.83 -19.13 -21.70
C VAL L 353 -63.40 -18.62 -21.61
N TYR L 354 -63.19 -17.42 -21.05
CA TYR L 354 -61.85 -16.90 -20.88
C TYR L 354 -61.03 -17.76 -19.91
N ALA L 355 -61.68 -18.29 -18.87
CA ALA L 355 -60.99 -19.16 -17.92
C ALA L 355 -60.43 -20.43 -18.55
N ALA L 356 -61.03 -20.88 -19.66
CA ALA L 356 -60.56 -22.10 -20.33
C ALA L 356 -59.53 -21.79 -21.41
N ILE L 357 -59.68 -20.68 -22.13
CA ILE L 357 -58.81 -20.38 -23.27
C ILE L 357 -57.57 -19.58 -22.90
N LEU L 358 -57.48 -19.08 -21.67
CA LEU L 358 -56.32 -18.27 -21.30
C LEU L 358 -55.07 -19.12 -21.21
N GLY L 359 -53.92 -18.46 -21.13
CA GLY L 359 -52.65 -19.13 -21.08
C GLY L 359 -51.68 -18.61 -22.12
N SER L 360 -50.68 -17.84 -21.67
CA SER L 360 -49.72 -17.27 -22.60
C SER L 360 -48.86 -18.36 -23.23
N SER L 361 -48.52 -18.17 -24.50
CA SER L 361 -47.69 -19.13 -25.21
C SER L 361 -46.29 -19.18 -24.60
N SER L 362 -45.58 -20.26 -24.92
CA SER L 362 -44.21 -20.42 -24.41
C SER L 362 -43.30 -19.32 -24.93
N ALA L 363 -43.51 -18.88 -26.17
CA ALA L 363 -42.71 -17.79 -26.72
C ALA L 363 -43.07 -16.47 -26.06
N ASP L 364 -44.36 -16.18 -25.91
CA ASP L 364 -44.80 -14.94 -25.29
C ASP L 364 -44.60 -14.95 -23.78
N ARG L 365 -44.39 -16.12 -23.18
CA ARG L 365 -44.20 -16.19 -21.74
C ARG L 365 -42.90 -15.51 -21.31
N TYR L 366 -41.87 -15.61 -22.14
CA TYR L 366 -40.58 -15.01 -21.81
C TYR L 366 -40.43 -13.61 -22.37
N ASN L 367 -40.94 -13.36 -23.59
CA ASN L 367 -40.78 -12.05 -24.21
C ASN L 367 -41.69 -11.00 -23.58
N LEU L 368 -42.76 -11.40 -22.89
CA LEU L 368 -43.67 -10.47 -22.26
C LEU L 368 -43.71 -10.58 -20.75
N LYS L 369 -43.40 -11.75 -20.18
CA LYS L 369 -43.41 -12.00 -18.74
C LYS L 369 -44.74 -11.59 -18.13
N PRO L 370 -45.84 -12.28 -18.45
CA PRO L 370 -47.14 -11.89 -17.90
C PRO L 370 -47.29 -12.32 -16.46
N SER L 371 -47.92 -11.47 -15.67
CA SER L 371 -48.25 -11.83 -14.30
C SER L 371 -49.25 -12.99 -14.31
N PRO L 372 -49.26 -13.82 -13.27
CA PRO L 372 -50.16 -14.99 -13.25
C PRO L 372 -51.61 -14.57 -13.42
N PRO L 373 -52.37 -15.32 -14.22
CA PRO L 373 -53.78 -14.97 -14.42
C PRO L 373 -54.60 -15.13 -13.15
N CYS L 374 -55.60 -14.27 -13.01
CA CYS L 374 -56.43 -14.28 -11.82
C CYS L 374 -57.86 -13.91 -12.20
N PHE L 375 -58.82 -14.52 -11.50
CA PHE L 375 -60.25 -14.33 -11.68
C PHE L 375 -60.82 -13.38 -10.63
N PRO L 376 -61.79 -12.56 -10.99
CA PRO L 376 -62.41 -11.68 -9.99
C PRO L 376 -63.46 -12.42 -9.17
N LYS L 377 -63.55 -12.05 -7.89
CA LYS L 377 -64.51 -12.67 -6.97
C LYS L 377 -65.87 -12.03 -7.21
N LEU L 378 -66.65 -12.65 -8.10
CA LEU L 378 -68.00 -12.17 -8.40
C LEU L 378 -68.92 -12.64 -7.29
N LEU L 379 -69.10 -11.78 -6.29
CA LEU L 379 -69.94 -12.07 -5.13
C LEU L 379 -70.83 -10.88 -4.85
N SER L 380 -71.99 -11.16 -4.24
CA SER L 380 -72.99 -10.13 -3.96
C SER L 380 -72.76 -9.45 -2.61
N HIS L 381 -72.34 -10.21 -1.60
CA HIS L 381 -72.15 -9.68 -0.26
C HIS L 381 -70.75 -10.03 0.23
N ASN L 382 -70.30 -9.31 1.25
CA ASN L 382 -69.00 -9.50 1.88
C ASN L 382 -67.87 -9.37 0.85
N GLY L 383 -67.86 -8.21 0.19
CA GLY L 383 -66.84 -7.96 -0.81
C GLY L 383 -67.17 -6.72 -1.62
N SER L 384 -66.64 -6.69 -2.85
CA SER L 384 -66.85 -5.58 -3.78
C SER L 384 -66.39 -4.26 -3.17
N ASN L 385 -65.29 -4.31 -2.43
CA ASN L 385 -64.74 -3.09 -1.84
C ASN L 385 -64.00 -2.25 -2.87
N ALA L 386 -63.26 -2.90 -3.78
CA ALA L 386 -62.52 -2.18 -4.80
C ALA L 386 -63.41 -1.69 -5.94
N ILE L 387 -64.61 -2.25 -6.09
CA ILE L 387 -65.51 -1.82 -7.16
C ILE L 387 -65.96 -0.38 -6.94
N GLY L 388 -66.06 0.05 -5.68
CA GLY L 388 -66.46 1.41 -5.39
C GLY L 388 -65.29 2.38 -5.35
N SER L 389 -64.08 1.86 -5.18
CA SER L 389 -62.88 2.67 -5.12
C SER L 389 -62.22 2.86 -6.48
N LEU L 390 -62.80 2.32 -7.55
CA LEU L 390 -62.23 2.46 -8.88
C LEU L 390 -62.32 3.90 -9.36
N ARG L 391 -61.29 4.37 -10.05
CA ARG L 391 -61.27 5.68 -10.66
C ARG L 391 -61.49 5.52 -12.16
N LEU L 392 -62.57 6.11 -12.67
CA LEU L 392 -62.97 5.95 -14.06
C LEU L 392 -62.41 7.10 -14.88
N GLY L 393 -61.54 6.78 -15.84
CA GLY L 393 -60.97 7.78 -16.71
C GLY L 393 -61.87 8.13 -17.89
N LYS L 394 -62.25 9.39 -18.02
CA LYS L 394 -63.17 9.83 -19.04
C LYS L 394 -62.60 11.05 -19.75
N TYR L 395 -62.35 10.92 -21.05
CA TYR L 395 -61.98 12.05 -21.90
C TYR L 395 -63.29 12.60 -22.48
N THR L 396 -63.74 13.73 -21.94
CA THR L 396 -65.07 14.23 -22.25
C THR L 396 -65.23 14.53 -23.74
N LYS L 397 -64.25 15.19 -24.34
CA LYS L 397 -64.33 15.49 -25.77
C LYS L 397 -64.35 14.23 -26.60
N TRP L 398 -63.50 13.25 -26.26
CA TRP L 398 -63.51 11.98 -26.97
C TRP L 398 -64.76 11.16 -26.65
N PHE L 399 -65.33 11.36 -25.47
CA PHE L 399 -66.49 10.56 -25.06
C PHE L 399 -67.73 10.91 -25.88
N ASN L 400 -67.89 12.18 -26.25
CA ASN L 400 -69.10 12.65 -26.90
C ASN L 400 -68.97 12.77 -28.41
N ASP L 401 -67.85 12.32 -28.98
CA ASP L 401 -67.67 12.37 -30.43
C ASP L 401 -68.31 11.15 -31.10
N VAL L 402 -69.63 11.07 -30.96
CA VAL L 402 -70.42 10.01 -31.56
C VAL L 402 -71.44 10.64 -32.50
N SER L 403 -71.90 9.83 -33.46
CA SER L 403 -72.86 10.29 -34.45
C SER L 403 -74.31 10.13 -34.01
N SER L 404 -74.54 9.58 -32.82
CA SER L 404 -75.88 9.43 -32.27
C SER L 404 -75.88 9.94 -30.83
N SER L 405 -76.77 10.88 -30.53
CA SER L 405 -76.82 11.46 -29.20
C SER L 405 -77.24 10.46 -28.13
N ASP L 406 -77.84 9.34 -28.54
CA ASP L 406 -78.28 8.34 -27.56
C ASP L 406 -77.11 7.56 -26.99
N ILE L 407 -76.06 7.33 -27.79
CA ILE L 407 -74.92 6.58 -27.31
C ILE L 407 -74.15 7.35 -26.25
N SER L 408 -73.96 8.66 -26.48
CA SER L 408 -73.29 9.49 -25.48
C SER L 408 -74.15 9.73 -24.25
N ASP L 409 -75.47 9.56 -24.36
CA ASP L 409 -76.36 9.74 -23.23
C ASP L 409 -76.53 8.46 -22.42
N LYS L 410 -76.69 7.32 -23.09
CA LYS L 410 -76.84 6.06 -22.37
C LYS L 410 -75.53 5.63 -21.71
N CYS L 411 -74.40 5.93 -22.33
CA CYS L 411 -73.12 5.60 -21.72
C CYS L 411 -72.83 6.51 -20.53
N GLU L 412 -73.24 7.78 -20.61
CA GLU L 412 -73.11 8.67 -19.47
C GLU L 412 -74.01 8.23 -18.32
N ASP L 413 -75.19 7.69 -18.63
CA ASP L 413 -76.10 7.23 -17.59
C ASP L 413 -75.47 6.11 -16.77
N ILE L 414 -74.76 5.19 -17.42
CA ILE L 414 -74.08 4.14 -16.70
C ILE L 414 -72.92 4.71 -15.87
N LEU L 415 -72.28 5.77 -16.36
CA LEU L 415 -71.25 6.44 -15.58
C LEU L 415 -71.86 7.09 -14.33
N LYS L 416 -73.03 7.70 -14.47
CA LYS L 416 -73.73 8.23 -13.31
C LYS L 416 -74.25 7.10 -12.42
N LEU L 417 -74.70 6.01 -13.04
CA LEU L 417 -75.22 4.88 -12.26
C LEU L 417 -74.10 4.17 -11.50
N LEU L 418 -72.94 3.98 -12.14
CA LEU L 418 -71.81 3.37 -11.46
C LEU L 418 -71.29 4.27 -10.34
N SER L 419 -71.19 5.57 -10.61
CA SER L 419 -70.76 6.52 -9.58
C SER L 419 -71.77 6.65 -8.46
N ASN L 420 -73.01 6.22 -8.68
CA ASN L 420 -74.05 6.30 -7.66
C ASN L 420 -74.14 5.01 -6.84
N ASN L 421 -74.26 3.87 -7.52
CA ASN L 421 -74.53 2.61 -6.83
C ASN L 421 -73.32 2.08 -6.08
N HIS L 422 -72.10 2.53 -6.40
CA HIS L 422 -70.91 1.99 -5.76
C HIS L 422 -70.01 3.10 -5.24
N GLY L 423 -70.04 4.27 -5.87
CA GLY L 423 -69.22 5.38 -5.48
C GLY L 423 -67.98 5.59 -6.31
N CYS L 424 -67.98 5.19 -7.59
CA CYS L 424 -66.83 5.41 -8.45
C CYS L 424 -66.66 6.89 -8.75
N LYS L 425 -65.42 7.29 -9.03
CA LYS L 425 -65.07 8.67 -9.33
C LYS L 425 -64.75 8.80 -10.81
N VAL L 426 -65.56 9.56 -11.53
CA VAL L 426 -65.33 9.79 -12.95
C VAL L 426 -64.28 10.88 -13.12
N VAL L 427 -63.03 10.48 -13.25
CA VAL L 427 -61.91 11.42 -13.35
C VAL L 427 -61.74 11.83 -14.80
N GLU L 428 -61.63 13.14 -15.03
CA GLU L 428 -61.45 13.67 -16.38
C GLU L 428 -60.00 13.44 -16.81
N ILE L 429 -59.83 12.77 -17.96
CA ILE L 429 -58.51 12.48 -18.49
C ILE L 429 -58.36 13.10 -19.88
N VAL L 430 -57.21 12.88 -20.50
CA VAL L 430 -56.93 13.40 -21.83
C VAL L 430 -56.07 12.39 -22.58
N VAL L 431 -56.46 12.06 -23.80
CA VAL L 431 -55.72 11.12 -24.64
C VAL L 431 -55.11 11.87 -25.80
N PRO L 432 -53.83 12.23 -25.75
CA PRO L 432 -53.22 13.00 -26.83
C PRO L 432 -52.92 12.13 -28.05
N GLU L 433 -52.68 12.81 -29.16
CA GLU L 433 -52.25 12.18 -30.41
C GLU L 433 -53.22 11.08 -30.84
N LEU L 434 -54.50 11.43 -30.88
CA LEU L 434 -55.50 10.50 -31.39
C LEU L 434 -55.40 10.36 -32.91
N GLU L 435 -54.99 11.44 -33.60
CA GLU L 435 -54.75 11.35 -35.03
C GLU L 435 -53.62 10.37 -35.33
N GLU L 436 -52.53 10.43 -34.56
CA GLU L 436 -51.44 9.48 -34.74
C GLU L 436 -51.81 8.08 -34.29
N MET L 437 -52.73 7.98 -33.32
CA MET L 437 -53.17 6.65 -32.88
C MET L 437 -53.90 5.90 -33.99
N ARG L 438 -54.75 6.61 -34.74
CA ARG L 438 -55.31 6.02 -35.96
C ARG L 438 -54.21 5.70 -36.96
N ALA L 439 -53.26 6.63 -37.15
CA ALA L 439 -52.23 6.45 -38.16
C ALA L 439 -51.26 5.33 -37.80
N ALA L 440 -50.88 5.25 -36.52
CA ALA L 440 -49.91 4.23 -36.11
C ALA L 440 -50.49 2.83 -36.19
N HIS L 441 -51.81 2.69 -36.00
CA HIS L 441 -52.43 1.36 -35.99
C HIS L 441 -52.46 0.76 -37.39
N VAL L 442 -53.12 1.43 -38.33
CA VAL L 442 -53.36 0.87 -39.66
C VAL L 442 -52.07 0.39 -40.30
N ILE L 443 -50.98 1.11 -40.05
CA ILE L 443 -49.68 0.75 -40.60
C ILE L 443 -48.95 -0.30 -39.77
N SER L 444 -49.46 -0.63 -38.58
CA SER L 444 -48.87 -1.68 -37.76
C SER L 444 -49.72 -2.95 -37.74
N ILE L 445 -50.85 -2.97 -38.45
CA ILE L 445 -51.72 -4.13 -38.49
C ILE L 445 -51.80 -4.66 -39.92
N GLY L 446 -51.63 -3.78 -40.90
CA GLY L 446 -51.69 -4.20 -42.29
C GLY L 446 -50.35 -4.67 -42.81
N SER L 447 -49.27 -4.16 -42.22
CA SER L 447 -47.94 -4.57 -42.65
C SER L 447 -47.65 -6.04 -42.39
N PRO L 448 -47.94 -6.61 -41.21
CA PRO L 448 -47.70 -8.06 -41.04
C PRO L 448 -48.66 -8.92 -41.83
N THR L 449 -49.89 -8.46 -42.05
CA THR L 449 -50.85 -9.26 -42.80
C THR L 449 -50.51 -9.31 -44.28
N LEU L 450 -50.11 -8.16 -44.85
CA LEU L 450 -49.73 -8.13 -46.26
C LEU L 450 -48.48 -8.97 -46.51
N SER L 451 -47.58 -9.07 -45.52
CA SER L 451 -46.35 -9.83 -45.69
C SER L 451 -46.62 -11.33 -45.65
N SER L 452 -47.52 -11.77 -44.76
CA SER L 452 -47.84 -13.20 -44.66
C SER L 452 -48.65 -13.70 -45.85
N LEU L 453 -49.20 -12.81 -46.66
CA LEU L 453 -49.97 -13.19 -47.84
C LEU L 453 -49.25 -12.87 -49.14
N THR L 454 -48.03 -12.32 -49.08
CA THR L 454 -47.37 -11.88 -50.32
C THR L 454 -47.00 -13.04 -51.23
N PRO L 455 -46.36 -14.12 -50.76
CA PRO L 455 -46.04 -15.22 -51.70
C PRO L 455 -47.26 -15.85 -52.33
N TYR L 456 -48.42 -15.80 -51.67
CA TYR L 456 -49.64 -16.32 -52.26
C TYR L 456 -50.22 -15.36 -53.30
N CYS L 457 -50.11 -14.05 -53.05
CA CYS L 457 -50.63 -13.08 -54.00
C CYS L 457 -49.75 -13.00 -55.25
N GLU L 458 -48.43 -13.09 -55.07
CA GLU L 458 -47.51 -13.14 -56.21
C GLU L 458 -47.71 -14.40 -57.04
N ALA L 459 -48.44 -15.39 -56.52
CA ALA L 459 -48.67 -16.65 -57.20
C ALA L 459 -49.91 -16.63 -58.08
N GLY L 460 -50.52 -15.47 -58.30
CA GLY L 460 -51.75 -15.36 -59.06
C GLY L 460 -53.01 -15.45 -58.23
N LYS L 461 -52.90 -15.81 -56.95
CA LYS L 461 -54.05 -15.92 -56.07
C LYS L 461 -54.51 -14.56 -55.54
N ASN L 462 -53.93 -13.46 -56.01
CA ASN L 462 -54.38 -12.15 -55.57
C ASN L 462 -55.74 -11.80 -56.16
N SER L 463 -56.00 -12.23 -57.39
CA SER L 463 -57.30 -11.99 -58.03
C SER L 463 -58.43 -12.75 -57.34
N LYS L 464 -58.11 -13.72 -56.48
CA LYS L 464 -59.10 -14.48 -55.75
C LYS L 464 -59.49 -13.83 -54.42
N LEU L 465 -59.18 -12.56 -54.24
CA LEU L 465 -59.56 -11.81 -53.06
C LEU L 465 -60.68 -10.84 -53.40
N SER L 466 -61.43 -10.44 -52.37
CA SER L 466 -62.57 -9.56 -52.58
C SER L 466 -62.11 -8.14 -52.83
N TYR L 467 -63.06 -7.25 -53.12
CA TYR L 467 -62.73 -5.88 -53.46
C TYR L 467 -62.54 -5.01 -52.22
N ASP L 468 -63.16 -5.39 -51.10
CA ASP L 468 -62.92 -4.67 -49.86
C ASP L 468 -61.51 -4.91 -49.34
N THR L 469 -60.95 -6.10 -49.59
CA THR L 469 -59.60 -6.39 -49.14
C THR L 469 -58.55 -5.80 -50.08
N ARG L 470 -58.75 -5.96 -51.40
CA ARG L 470 -57.79 -5.46 -52.37
C ARG L 470 -57.70 -3.94 -52.36
N THR L 471 -58.69 -3.25 -51.78
CA THR L 471 -58.57 -1.81 -51.60
C THR L 471 -57.57 -1.47 -50.51
N SER L 472 -57.63 -2.18 -49.38
CA SER L 472 -56.67 -1.96 -48.32
C SER L 472 -55.30 -2.54 -48.66
N PHE L 473 -55.27 -3.63 -49.42
CA PHE L 473 -53.99 -4.21 -49.83
C PHE L 473 -53.22 -3.27 -50.74
N ALA L 474 -53.93 -2.53 -51.61
CA ALA L 474 -53.27 -1.55 -52.45
C ALA L 474 -52.69 -0.40 -51.64
N ILE L 475 -53.33 -0.06 -50.51
CA ILE L 475 -52.81 0.98 -49.64
C ILE L 475 -51.69 0.45 -48.77
N PHE L 476 -51.79 -0.81 -48.33
CA PHE L 476 -50.77 -1.38 -47.46
C PHE L 476 -49.43 -1.51 -48.17
N ARG L 477 -49.44 -1.78 -49.48
CA ARG L 477 -48.19 -1.86 -50.23
C ARG L 477 -47.49 -0.50 -50.34
N SER L 478 -48.23 0.59 -50.14
CA SER L 478 -47.62 1.92 -50.12
C SER L 478 -46.89 2.22 -48.82
N PHE L 479 -47.02 1.35 -47.82
CA PHE L 479 -46.33 1.53 -46.55
C PHE L 479 -44.91 1.03 -46.68
N SER L 480 -43.94 1.95 -46.63
CA SER L 480 -42.54 1.58 -46.76
C SER L 480 -42.00 1.08 -45.42
N ALA L 481 -40.77 0.56 -45.47
CA ALA L 481 -40.11 0.13 -44.25
C ALA L 481 -39.80 1.32 -43.34
N SER L 482 -39.46 2.47 -43.94
CA SER L 482 -39.26 3.68 -43.14
C SER L 482 -40.57 4.16 -42.53
N ASP L 483 -41.69 3.89 -43.18
CA ASP L 483 -42.99 4.27 -42.62
C ASP L 483 -43.36 3.39 -41.43
N TYR L 484 -42.93 2.13 -41.43
CA TYR L 484 -43.23 1.24 -40.31
C TYR L 484 -42.42 1.63 -39.07
N ILE L 485 -41.13 1.93 -39.24
CA ILE L 485 -40.29 2.29 -38.10
C ILE L 485 -40.76 3.59 -37.48
N ALA L 486 -41.12 4.57 -38.32
CA ALA L 486 -41.55 5.87 -37.80
C ALA L 486 -42.82 5.75 -36.97
N ALA L 487 -43.67 4.77 -37.27
CA ALA L 487 -44.92 4.59 -36.54
C ALA L 487 -44.75 3.76 -35.29
N GLN L 488 -43.82 2.80 -35.28
CA GLN L 488 -43.51 2.09 -34.05
C GLN L 488 -42.97 3.04 -33.00
N CYS L 489 -42.35 4.15 -33.44
CA CYS L 489 -41.98 5.21 -32.52
C CYS L 489 -43.22 5.88 -31.94
N LEU L 490 -44.26 6.05 -32.75
CA LEU L 490 -45.51 6.62 -32.25
C LEU L 490 -46.19 5.69 -31.26
N ARG L 491 -45.99 4.38 -31.40
CA ARG L 491 -46.55 3.43 -30.44
C ARG L 491 -45.93 3.61 -29.06
N ARG L 492 -44.64 3.95 -28.99
CA ARG L 492 -44.02 4.24 -27.71
C ARG L 492 -44.59 5.50 -27.08
N ARG L 493 -44.86 6.51 -27.91
CA ARG L 493 -45.44 7.75 -27.39
C ARG L 493 -46.79 7.48 -26.76
N LEU L 494 -47.71 6.85 -27.50
CA LEU L 494 -49.05 6.60 -27.00
C LEU L 494 -49.04 5.65 -25.81
N MET L 495 -48.10 4.70 -25.77
CA MET L 495 -47.98 3.83 -24.61
C MET L 495 -47.60 4.61 -23.37
N GLU L 496 -46.71 5.59 -23.52
CA GLU L 496 -46.33 6.42 -22.37
C GLU L 496 -47.46 7.34 -21.94
N TYR L 497 -48.34 7.73 -22.86
CA TYR L 497 -49.51 8.51 -22.48
C TYR L 497 -50.48 7.68 -21.66
N HIS L 498 -50.84 6.50 -22.16
CA HIS L 498 -51.85 5.68 -21.50
C HIS L 498 -51.35 5.16 -20.16
N LEU L 499 -50.08 4.77 -20.08
CA LEU L 499 -49.52 4.32 -18.80
C LEU L 499 -49.56 5.43 -17.77
N ASN L 500 -49.35 6.68 -18.21
CA ASN L 500 -49.49 7.81 -17.30
C ASN L 500 -50.95 8.03 -16.91
N ILE L 501 -51.88 7.74 -17.82
CA ILE L 501 -53.30 7.83 -17.49
C ILE L 501 -53.66 6.78 -16.44
N PHE L 502 -53.07 5.59 -16.53
CA PHE L 502 -53.33 4.53 -15.57
C PHE L 502 -52.68 4.77 -14.21
N LYS L 503 -51.89 5.85 -14.07
CA LYS L 503 -51.40 6.26 -12.76
C LYS L 503 -52.40 7.16 -12.03
N ASP L 504 -53.29 7.81 -12.76
CA ASP L 504 -54.35 8.62 -12.16
C ASP L 504 -55.67 7.88 -12.03
N VAL L 505 -55.97 6.99 -12.97
CA VAL L 505 -57.20 6.22 -12.98
C VAL L 505 -56.86 4.73 -13.06
N ASP L 506 -57.90 3.90 -12.99
CA ASP L 506 -57.76 2.45 -13.10
C ASP L 506 -58.24 1.91 -14.44
N VAL L 507 -59.33 2.45 -14.97
CA VAL L 507 -59.88 2.03 -16.26
C VAL L 507 -60.28 3.26 -17.05
N ILE L 508 -60.35 3.11 -18.36
CA ILE L 508 -60.80 4.15 -19.28
C ILE L 508 -62.12 3.72 -19.88
N VAL L 509 -63.16 4.52 -19.67
CA VAL L 509 -64.51 4.20 -20.09
C VAL L 509 -64.87 5.04 -21.32
N THR L 510 -65.30 4.38 -22.38
CA THR L 510 -65.67 5.02 -23.63
C THR L 510 -66.74 4.17 -24.31
N PRO L 511 -67.62 4.78 -25.10
CA PRO L 511 -68.54 3.98 -25.91
C PRO L 511 -67.77 3.16 -26.93
N THR L 512 -68.19 1.91 -27.11
CA THR L 512 -67.44 1.00 -27.98
C THR L 512 -67.40 1.50 -29.41
N THR L 513 -68.54 1.96 -29.93
CA THR L 513 -68.64 2.45 -31.29
C THR L 513 -69.20 3.87 -31.29
N GLY L 514 -68.73 4.68 -32.24
CA GLY L 514 -69.25 6.02 -32.44
C GLY L 514 -70.57 6.09 -33.14
N MET L 515 -71.17 4.93 -33.46
CA MET L 515 -72.46 4.87 -34.10
C MET L 515 -73.12 3.55 -33.73
N THR L 516 -74.45 3.54 -33.76
CA THR L 516 -75.19 2.30 -33.55
C THR L 516 -75.01 1.41 -34.79
N ALA L 517 -75.77 0.34 -34.86
CA ALA L 517 -75.70 -0.54 -36.01
C ALA L 517 -76.09 0.21 -37.27
N PRO L 518 -75.23 0.30 -38.28
CA PRO L 518 -75.55 1.09 -39.47
C PRO L 518 -76.21 0.26 -40.56
N VAL L 519 -77.20 0.88 -41.22
CA VAL L 519 -77.96 0.18 -42.25
C VAL L 519 -77.04 -0.23 -43.41
N ILE L 520 -77.28 -1.43 -43.93
CA ILE L 520 -76.48 -1.98 -45.02
C ILE L 520 -76.91 -1.34 -46.33
N PRO L 521 -76.00 -0.69 -47.06
CA PRO L 521 -76.34 -0.22 -48.40
C PRO L 521 -76.65 -1.37 -49.33
N PRO L 522 -77.85 -1.40 -49.91
CA PRO L 522 -78.22 -2.52 -50.79
C PRO L 522 -77.32 -2.65 -52.01
N ASP L 523 -76.71 -1.54 -52.48
CA ASP L 523 -75.80 -1.62 -53.60
C ASP L 523 -74.45 -2.20 -53.21
N ALA L 524 -74.13 -2.25 -51.91
CA ALA L 524 -72.88 -2.82 -51.44
C ALA L 524 -72.95 -4.33 -51.26
N LEU L 525 -74.15 -4.94 -51.37
CA LEU L 525 -74.34 -6.38 -51.21
C LEU L 525 -74.00 -7.15 -52.48
N LYS L 526 -73.09 -6.63 -53.31
CA LYS L 526 -72.69 -7.33 -54.53
C LYS L 526 -71.21 -7.68 -54.49
N ASN L 527 -70.35 -6.70 -54.77
CA ASN L 527 -68.90 -6.90 -54.72
C ASN L 527 -68.27 -6.23 -53.50
N GLY L 528 -69.04 -5.54 -52.68
CA GLY L 528 -68.53 -4.90 -51.48
C GLY L 528 -68.61 -3.40 -51.57
N GLU L 529 -68.05 -2.75 -50.55
CA GLU L 529 -68.00 -1.29 -50.48
C GLU L 529 -66.65 -0.87 -49.92
N THR L 530 -66.40 0.44 -49.94
CA THR L 530 -65.13 1.00 -49.46
C THR L 530 -65.39 2.24 -48.62
N ASN L 531 -66.47 2.23 -47.84
CA ASN L 531 -66.78 3.36 -46.96
C ASN L 531 -65.74 3.42 -45.84
N ILE L 532 -64.93 4.48 -45.83
CA ILE L 532 -63.87 4.61 -44.85
C ILE L 532 -64.34 5.50 -43.70
N GLN L 533 -65.29 6.40 -43.96
CA GLN L 533 -65.91 7.16 -42.90
C GLN L 533 -66.83 6.32 -42.02
N VAL L 534 -67.09 5.07 -42.40
CA VAL L 534 -67.85 4.14 -41.57
C VAL L 534 -66.94 3.06 -40.97
N THR L 535 -66.01 2.53 -41.77
CA THR L 535 -65.10 1.52 -41.26
C THR L 535 -64.13 2.07 -40.22
N THR L 536 -63.85 3.38 -40.26
CA THR L 536 -62.97 4.02 -39.28
C THR L 536 -63.74 4.63 -38.12
N ASP L 537 -64.95 5.15 -38.36
CA ASP L 537 -65.75 5.70 -37.29
C ASP L 537 -66.06 4.64 -36.22
N LEU L 538 -66.19 3.38 -36.63
CA LEU L 538 -66.36 2.31 -35.66
C LEU L 538 -65.06 2.03 -34.90
N MET L 539 -63.92 2.31 -35.52
CA MET L 539 -62.62 2.10 -34.91
C MET L 539 -62.13 3.31 -34.11
N ARG L 540 -63.02 4.25 -33.79
CA ARG L 540 -62.58 5.47 -33.11
C ARG L 540 -62.14 5.19 -31.69
N PHE L 541 -62.73 4.19 -31.03
CA PHE L 541 -62.48 3.94 -29.61
C PHE L 541 -61.73 2.65 -29.33
N VAL L 542 -61.56 1.76 -30.33
CA VAL L 542 -61.03 0.43 -30.08
C VAL L 542 -59.56 0.30 -30.45
N LEU L 543 -58.93 1.37 -30.97
CA LEU L 543 -57.55 1.26 -31.40
C LEU L 543 -56.56 1.30 -30.25
N ALA L 544 -56.99 1.75 -29.06
CA ALA L 544 -56.06 1.86 -27.94
C ALA L 544 -55.70 0.50 -27.38
N ALA L 545 -56.68 -0.40 -27.28
CA ALA L 545 -56.43 -1.72 -26.71
C ALA L 545 -55.63 -2.62 -27.65
N ASN L 546 -55.66 -2.36 -28.95
CA ASN L 546 -54.93 -3.18 -29.91
C ASN L 546 -53.50 -2.70 -30.11
N LEU L 547 -53.32 -1.41 -30.39
CA LEU L 547 -51.98 -0.89 -30.65
C LEU L 547 -51.08 -1.02 -29.43
N LEU L 548 -51.64 -0.85 -28.24
CA LEU L 548 -50.88 -0.90 -27.01
C LEU L 548 -51.05 -2.22 -26.26
N GLY L 549 -51.92 -3.11 -26.73
CA GLY L 549 -52.09 -4.41 -26.11
C GLY L 549 -52.90 -4.42 -24.84
N PHE L 550 -53.71 -3.40 -24.60
CA PHE L 550 -54.50 -3.33 -23.39
C PHE L 550 -55.68 -4.30 -23.44
N PRO L 551 -56.17 -4.73 -22.28
CA PRO L 551 -57.42 -5.51 -22.26
C PRO L 551 -58.65 -4.63 -22.21
N ALA L 552 -59.62 -4.89 -23.08
CA ALA L 552 -60.86 -4.14 -23.14
C ALA L 552 -62.03 -5.09 -23.22
N ILE L 553 -63.23 -4.57 -23.02
CA ILE L 553 -64.45 -5.37 -23.05
C ILE L 553 -65.63 -4.46 -23.37
N SER L 554 -66.49 -4.92 -24.26
CA SER L 554 -67.67 -4.18 -24.68
C SER L 554 -68.90 -4.84 -24.07
N VAL L 555 -69.55 -4.14 -23.14
CA VAL L 555 -70.72 -4.67 -22.46
C VAL L 555 -71.94 -3.83 -22.85
N PRO L 556 -73.08 -4.45 -23.15
CA PRO L 556 -74.27 -3.66 -23.50
C PRO L 556 -74.72 -2.80 -22.31
N VAL L 557 -75.17 -1.58 -22.63
CA VAL L 557 -75.59 -0.62 -21.60
C VAL L 557 -76.97 -0.06 -21.87
N GLY L 558 -77.68 -0.55 -22.87
CA GLY L 558 -78.99 -0.06 -23.18
C GLY L 558 -79.20 0.00 -24.68
N TYR L 559 -80.22 0.75 -25.10
CA TYR L 559 -80.58 0.86 -26.51
C TYR L 559 -80.84 2.32 -26.87
N ASP L 560 -80.73 2.62 -28.15
CA ASP L 560 -80.88 3.98 -28.65
C ASP L 560 -82.36 4.23 -28.97
N LYS L 561 -82.64 5.19 -29.86
CA LYS L 561 -84.02 5.50 -30.19
C LYS L 561 -84.67 4.38 -31.00
N GLU L 562 -83.99 3.88 -32.02
CA GLU L 562 -84.53 2.85 -32.89
C GLU L 562 -84.39 1.44 -32.32
N GLY L 563 -84.08 1.31 -31.03
CA GLY L 563 -83.96 0.01 -30.41
C GLY L 563 -82.67 -0.72 -30.66
N LEU L 564 -81.64 -0.04 -31.15
CA LEU L 564 -80.39 -0.68 -31.46
C LEU L 564 -79.52 -0.81 -30.20
N PRO L 565 -78.72 -1.87 -30.10
CA PRO L 565 -77.86 -2.03 -28.93
C PRO L 565 -76.82 -0.91 -28.84
N ILE L 566 -76.42 -0.61 -27.61
CA ILE L 566 -75.39 0.36 -27.33
C ILE L 566 -74.39 -0.27 -26.37
N GLY L 567 -73.11 -0.24 -26.73
CA GLY L 567 -72.07 -0.89 -25.95
C GLY L 567 -71.09 0.10 -25.38
N LEU L 568 -70.60 -0.20 -24.18
CA LEU L 568 -69.58 0.60 -23.51
C LEU L 568 -68.31 -0.21 -23.38
N GLN L 569 -67.17 0.43 -23.66
CA GLN L 569 -65.88 -0.22 -23.64
C GLN L 569 -65.12 0.14 -22.36
N ILE L 570 -64.67 -0.87 -21.63
CA ILE L 570 -63.90 -0.69 -20.41
C ILE L 570 -62.51 -1.25 -20.66
N MET L 571 -61.53 -0.36 -20.78
CA MET L 571 -60.15 -0.74 -21.04
C MET L 571 -59.34 -0.56 -19.76
N GLY L 572 -58.52 -1.56 -19.43
CA GLY L 572 -57.79 -1.53 -18.19
C GLY L 572 -56.28 -1.67 -18.33
N ARG L 573 -55.60 -1.84 -17.21
CA ARG L 573 -54.15 -1.96 -17.21
C ARG L 573 -53.73 -3.32 -17.80
N PRO L 574 -52.47 -3.42 -18.24
CA PRO L 574 -51.96 -4.71 -18.70
C PRO L 574 -52.22 -5.83 -17.70
N TRP L 575 -52.60 -7.00 -18.21
CA TRP L 575 -52.88 -8.20 -17.45
C TRP L 575 -54.01 -8.03 -16.43
N ALA L 576 -54.77 -6.94 -16.53
CA ALA L 576 -55.88 -6.69 -15.60
C ALA L 576 -57.19 -7.20 -16.18
N GLU L 577 -57.22 -8.49 -16.47
CA GLU L 577 -58.46 -9.11 -16.93
C GLU L 577 -59.53 -9.11 -15.84
N ALA L 578 -59.13 -9.42 -14.60
CA ALA L 578 -60.08 -9.45 -13.49
C ALA L 578 -60.64 -8.07 -13.18
N THR L 579 -59.93 -7.00 -13.53
CA THR L 579 -60.43 -5.66 -13.24
C THR L 579 -61.50 -5.24 -14.24
N VAL L 580 -61.27 -5.47 -15.53
CA VAL L 580 -62.26 -5.08 -16.54
C VAL L 580 -63.45 -6.03 -16.52
N LEU L 581 -63.24 -7.28 -16.07
CA LEU L 581 -64.35 -8.22 -15.97
C LEU L 581 -65.22 -7.92 -14.76
N GLY L 582 -64.62 -7.46 -13.66
CA GLY L 582 -65.40 -7.15 -12.47
C GLY L 582 -66.25 -5.91 -12.63
N LEU L 583 -65.72 -4.89 -13.30
CA LEU L 583 -66.49 -3.66 -13.50
C LEU L 583 -67.59 -3.88 -14.54
N ALA L 584 -67.30 -4.66 -15.59
CA ALA L 584 -68.30 -4.91 -16.61
C ALA L 584 -69.47 -5.72 -16.07
N ALA L 585 -69.23 -6.54 -15.05
CA ALA L 585 -70.33 -7.29 -14.43
C ALA L 585 -71.23 -6.38 -13.64
N ALA L 586 -70.68 -5.33 -13.00
CA ALA L 586 -71.51 -4.36 -12.31
C ALA L 586 -72.30 -3.52 -13.30
N VAL L 587 -71.78 -3.34 -14.52
CA VAL L 587 -72.55 -2.64 -15.55
C VAL L 587 -73.71 -3.49 -16.03
N GLU L 588 -73.48 -4.78 -16.21
CA GLU L 588 -74.57 -5.68 -16.61
C GLU L 588 -75.64 -5.76 -15.53
N GLU L 589 -75.24 -5.73 -14.27
CA GLU L 589 -76.21 -5.74 -13.18
C GLU L 589 -77.00 -4.42 -13.14
N LEU L 590 -76.40 -3.33 -13.59
CA LEU L 590 -77.07 -2.03 -13.61
C LEU L 590 -77.89 -1.81 -14.87
N ALA L 591 -77.56 -2.48 -15.97
CA ALA L 591 -78.29 -2.35 -17.23
C ALA L 591 -78.24 -3.67 -17.98
N PRO L 592 -79.07 -4.63 -17.58
CA PRO L 592 -79.05 -5.95 -18.22
C PRO L 592 -79.70 -5.90 -19.60
N VAL L 593 -79.47 -6.97 -20.36
CA VAL L 593 -80.10 -7.14 -21.67
C VAL L 593 -81.57 -7.51 -21.46
N THR L 594 -82.47 -6.63 -21.89
CA THR L 594 -83.89 -6.82 -21.66
C THR L 594 -84.73 -6.84 -22.93
N LYS L 595 -84.16 -6.53 -24.09
CA LYS L 595 -84.90 -6.51 -25.35
C LYS L 595 -84.55 -7.75 -26.16
N LYS L 596 -85.59 -8.41 -26.69
CA LYS L 596 -85.36 -9.59 -27.52
C LYS L 596 -85.12 -9.17 -28.96
N PRO L 597 -84.04 -9.65 -29.58
CA PRO L 597 -83.79 -9.32 -30.99
C PRO L 597 -84.89 -9.87 -31.90
N ALA L 598 -84.93 -9.34 -33.12
CA ALA L 598 -85.89 -9.83 -34.09
C ALA L 598 -85.61 -11.29 -34.46
N ILE L 599 -84.39 -11.58 -34.90
CA ILE L 599 -83.96 -12.95 -35.17
C ILE L 599 -83.42 -13.50 -33.86
N PHE L 600 -84.29 -14.19 -33.11
CA PHE L 600 -83.91 -14.81 -31.86
C PHE L 600 -84.57 -16.17 -31.76
N TYR L 601 -83.84 -17.13 -31.20
CA TYR L 601 -84.29 -18.51 -31.07
C TYR L 601 -84.19 -18.92 -29.60
N ASP L 602 -85.35 -19.08 -28.96
CA ASP L 602 -85.42 -19.51 -27.56
C ASP L 602 -85.15 -21.01 -27.53
N ILE L 603 -83.91 -21.38 -27.23
CA ILE L 603 -83.48 -22.78 -27.23
C ILE L 603 -84.07 -23.48 -26.01
N LEU L 604 -83.98 -24.82 -25.99
CA LEU L 604 -84.44 -25.66 -24.89
C LEU L 604 -85.96 -25.50 -24.70
N ASN L 605 -86.69 -26.07 -25.65
CA ASN L 605 -88.15 -26.07 -25.61
C ASN L 605 -88.70 -27.46 -25.87
C10 X4X M . -38.19 36.51 53.13
C11 X4X M . -31.16 26.51 62.57
C12 X4X M . -37.33 35.02 55.01
C13 X4X M . -39.66 36.75 53.46
C14 X4X M . -35.99 34.81 58.97
C15 X4X M . -36.40 34.78 57.72
C16 X4X M . -38.33 34.93 56.17
C17 X4X M . -37.89 34.83 57.41
C18 X4X M . -39.88 37.72 54.61
C19 X4X M . -32.06 26.50 64.94
C20 X4X M . -32.24 25.52 66.09
C01 X4X M . -33.64 30.23 61.37
C02 X4X M . -33.68 31.04 60.08
C03 X4X M . -33.32 28.76 61.11
C04 X4X M . -34.18 32.47 60.30
C05 X4X M . -31.82 28.49 61.12
C06 X4X M . -33.99 33.36 59.07
C07 X4X M . -31.31 28.04 62.48
C08 X4X M . -34.49 34.78 59.28
C09 X4X M . -37.31 36.43 54.39
N01 X4X M . -31.54 25.80 63.78
O01 X4X M . -30.75 25.92 61.65
O02 X4X M . -33.82 35.65 58.43
O03 X4X M . -33.34 25.64 66.95
C10 X4X N . 33.02 -23.59 -18.30
C11 X4X N . 28.43 -36.67 -25.44
C12 X4X N . 32.43 -25.58 -19.77
C13 X4X N . 34.48 -23.26 -18.61
C14 X4X N . 31.59 -27.13 -23.55
C15 X4X N . 31.87 -26.76 -22.32
C16 X4X N . 33.56 -25.86 -20.77
C17 X4X N . 33.30 -26.40 -21.93
C18 X4X N . 34.67 -22.59 -19.98
C19 X4X N . 29.56 -37.13 -27.66
C20 X4X N . 30.02 -38.32 -28.50
C01 X4X N . 30.32 -32.47 -24.91
C02 X4X N . 30.11 -31.39 -23.86
C03 X4X N . 30.11 -33.88 -24.35
C04 X4X N . 30.32 -29.98 -24.42
C05 X4X N . 28.66 -34.33 -24.48
C06 X4X N . 29.86 -28.90 -23.43
C07 X4X N . 28.41 -35.17 -25.73
C08 X4X N . 30.16 -27.49 -23.93
C09 X4X N . 32.24 -24.09 -19.52
N01 X4X N . 29.00 -37.59 -26.41
O01 X4X N . 27.98 -37.08 -24.43
O02 X4X N . 29.28 -26.59 -23.33
O03 X4X N . 30.88 -38.13 -29.58
C10 X4X O . 60.28 -22.27 -33.81
C11 X4X O . 67.43 -32.29 -24.43
C12 X4X O . 61.10 -23.72 -31.89
C13 X4X O . 58.76 -22.19 -33.62
C14 X4X O . 62.18 -24.22 -27.92
C15 X4X O . 61.82 -24.09 -29.19
C16 X4X O . 60.01 -23.96 -30.85
C17 X4X O . 60.34 -24.13 -29.58
C18 X4X O . 58.35 -21.25 -32.49
C19 X4X O . 66.24 -32.54 -22.21
C20 X4X O . 66.26 -33.53 -21.04
C01 X4X O . 64.76 -28.75 -25.68
C02 X4X O . 64.80 -27.83 -26.90
C03 X4X O . 65.24 -30.16 -26.00
C04 X4X O . 64.24 -26.45 -26.61
C05 X4X O . 66.76 -30.29 -25.85
C06 X4X O . 64.29 -25.53 -27.83
C07 X4X O . 67.16 -30.78 -24.45
C08 X4X O . 63.66 -24.17 -27.56
C09 X4X O . 61.02 -22.31 -32.47
N01 X4X O . 66.97 -33.11 -23.33
O01 X4X O . 68.02 -32.78 -25.33
O02 X4X O . 64.29 -23.19 -28.33
O03 X4X O . 65.30 -33.43 -20.02
C10 X4X P . 44.20 72.19 31.62
C11 X4X P . 49.65 78.07 44.85
C12 X4X P . 44.58 72.93 34.03
C13 X4X P . 42.73 72.42 31.33
C14 X4X P . 44.85 76.68 35.86
C15 X4X P . 44.73 75.61 35.12
C16 X4X P . 43.33 73.63 34.59
C17 X4X P . 43.41 74.86 35.08
C18 X4X P . 42.36 73.89 31.17
C19 X4X P . 47.91 78.96 46.47
C20 X4X P . 47.95 80.18 47.37
C01 X4X P . 47.21 77.48 40.87
C02 X4X P . 47.59 76.92 39.50
C03 X4X P . 47.58 76.52 42.00
C04 X4X P . 46.62 77.37 38.40
C05 X4X P . 48.86 76.92 42.73
C06 X4X P . 47.04 76.86 37.02
C07 X4X P . 48.62 78.06 43.73
C08 X4X P . 46.18 77.44 35.91
C09 X4X P . 44.80 73.25 32.55
N01 X4X P . 49.26 78.51 46.18
O01 X4X P . 50.76 77.73 44.64
O02 X4X P . 46.84 77.30 34.67
O03 X4X P . 46.77 80.85 47.71
C10 X4X Q . 14.90 82.30 38.47
C11 X4X Q . 11.17 69.42 46.24
C12 X4X Q . 14.82 80.08 39.68
C13 X4X Q . 16.32 82.41 37.92
C14 X4X Q . 14.30 76.12 39.14
C15 X4X Q . 14.52 77.36 38.75
C16 X4X Q . 16.04 79.22 39.37
C17 X4X Q . 15.90 77.99 38.94
C18 X4X Q . 16.56 81.51 36.72
C19 X4X Q . 12.90 67.58 46.35
C20 X4X Q . 12.98 66.12 46.80
C01 X4X Q . 13.02 72.66 43.14
C02 X4X Q . 12.25 73.71 42.34
C03 X4X Q . 12.63 72.65 44.62
C04 X4X Q . 13.06 74.24 41.16
C05 X4X Q . 11.62 71.55 44.94
C06 X4X Q . 12.29 75.26 40.33
C07 X4X Q . 12.21 70.44 45.82
C08 X4X Q . 12.92 75.49 38.95
C09 X4X Q . 14.36 80.88 38.47
N01 X4X Q . 11.54 68.04 46.47
O01 X4X Q . 10.03 69.76 46.35
O02 X4X Q . 12.12 76.34 38.20
O03 X4X Q . 14.20 65.43 46.79
C10 X4X R . 22.38 -34.82 -98.09
C11 X4X R . 28.79 -30.07 -84.03
C12 X4X R . 24.28 -34.17 -96.52
C13 X4X R . 21.63 -36.11 -97.86
C14 X4X R . 24.29 -31.62 -93.16
C15 X4X R . 24.24 -32.30 -94.29
C16 X4X R . 23.20 -34.24 -95.45
C17 X4X R . 23.18 -33.39 -94.44
C18 X4X R . 20.42 -35.92 -96.94
C19 X4X R . 26.86 -29.42 -82.57
C20 X4X R . 26.20 -28.04 -82.57
C01 X4X R . 26.50 -31.10 -88.07
C02 X4X R . 26.98 -31.24 -89.51
C03 X4X R . 27.30 -31.94 -87.10
C04 X4X R . 25.87 -31.02 -90.52
C05 X4X R . 28.32 -31.14 -86.29
C06 X4X R . 26.39 -31.03 -91.96
C07 X4X R . 27.84 -30.94 -84.86
C08 X4X R . 25.33 -30.54 -92.95
C09 X4X R . 23.88 -34.94 -97.78
N01 X4X R . 28.28 -29.32 -82.90
O01 X4X R . 29.93 -30.02 -84.33
O02 X4X R . 25.94 -30.23 -94.17
O03 X4X R . 24.81 -27.96 -82.54
#